data_8BTP
#
_entry.id   8BTP
#
_cell.length_a   1.00
_cell.length_b   1.00
_cell.length_c   1.00
_cell.angle_alpha   90.00
_cell.angle_beta   90.00
_cell.angle_gamma   90.00
#
_symmetry.space_group_name_H-M   'P 1'
#
loop_
_entity.id
_entity.type
_entity.pdbx_description
1 polymer 'NAD(+) hydrolase ThsA'
2 non-polymer (1S,3S,4R,5R,7R,15R,16S,17R)-5-imidazo[2,1-f]purin-3-yl-10,12-bis(oxidanyl)-10,12-bis(oxidanylidene)-2,6,9,11,13,18-hexaoxa-10$l^{5},12$l^{5}-diphosphatricyclo[13.2.1.0^{3,7}]octadecane-4,16,17-triol
3 non-polymer ETHENO-NAD
#
_entity_poly.entity_id   1
_entity_poly.type   'polypeptide(L)'
_entity_poly.pdbx_seq_one_letter_code
;SGGMKMNPIVELFIKDFTKEVMEENAAIFAGAGLSMSVGYVSWAKLLEPIAQEIGLDVNKENDLVSLAQYYCNENQGNRG
RINQIILDEFSRKVDLTENHKILARLPIHTYWTTAYDRLIEKALEEENKIADVKYTVKQLATTKVKRDAVVYKMHGDVEH
PSEAVLIKDDYEKYSIKMDPYIKALSGDLVSKTFLFVGFSFTDPNLDYILSRVRSAYERDQRRHYCLIKKEERRPDELEA
DFEYRVRKQELFISDLSRFNIKTIVLNNYNEITEILQRIENNIKTKTVFLSGSAVEYNHWETEHAEQFIHQLSKELIRKD
FNIVSGFGLGVGSFVINGVLEELYMNQGTIDDDRLILRPFPQGKKGEEQWDKYRRDMITRTGVSIFLYGNKIDKGQVVKA
KGVQSEFNISFEQNNYVVPVGATGYIAKDLWNKVNEEFETYYPGADARMKKLFGELNNEALSIEELINTIIEFVEILSN
;
_entity_poly.pdbx_strand_id   A,B,C,D,E,F,G,H,I,J,K,L
#
# COMPACT_ATOMS: atom_id res chain seq x y z
N LYS A 5 27.30 31.06 26.98
CA LYS A 5 27.04 29.64 27.16
C LYS A 5 25.57 29.39 27.50
N MET A 6 25.07 28.23 27.10
CA MET A 6 23.70 27.82 27.33
C MET A 6 23.68 26.52 28.14
N ASN A 7 22.50 25.93 28.28
CA ASN A 7 22.33 24.74 29.09
C ASN A 7 23.19 23.60 28.54
N PRO A 8 23.68 22.71 29.41
CA PRO A 8 24.50 21.59 28.93
C PRO A 8 23.81 20.72 27.90
N ILE A 9 22.49 20.54 28.03
CA ILE A 9 21.74 19.82 26.99
C ILE A 9 21.81 20.58 25.68
N VAL A 10 21.65 21.91 25.73
CA VAL A 10 21.74 22.72 24.53
C VAL A 10 23.15 22.66 23.95
N GLU A 11 24.16 22.65 24.81
CA GLU A 11 25.54 22.57 24.32
C GLU A 11 25.81 21.23 23.63
N LEU A 12 25.34 20.13 24.22
CA LEU A 12 25.50 18.83 23.59
C LEU A 12 24.77 18.77 22.25
N PHE A 13 23.56 19.33 22.19
CA PHE A 13 22.83 19.36 20.93
C PHE A 13 23.56 20.20 19.89
N ILE A 14 24.13 21.33 20.32
CA ILE A 14 24.86 22.19 19.38
C ILE A 14 26.07 21.45 18.83
N LYS A 15 26.82 20.77 19.69
CA LYS A 15 27.98 20.01 19.22
C LYS A 15 27.56 18.93 18.24
N ASP A 16 26.54 18.13 18.60
CA ASP A 16 26.13 17.02 17.75
C ASP A 16 25.59 17.52 16.42
N PHE A 17 24.79 18.58 16.43
CA PHE A 17 24.20 19.06 15.18
C PHE A 17 25.22 19.80 14.32
N THR A 18 26.18 20.48 14.93
CA THR A 18 27.28 21.04 14.14
C THR A 18 28.07 19.93 13.47
N LYS A 19 28.31 18.84 14.19
CA LYS A 19 28.97 17.68 13.59
C LYS A 19 28.16 17.13 12.43
N GLU A 20 26.84 17.05 12.59
CA GLU A 20 25.98 16.54 11.52
C GLU A 20 25.99 17.46 10.30
N VAL A 21 25.93 18.78 10.52
CA VAL A 21 25.85 19.71 9.40
C VAL A 21 27.18 19.78 8.66
N MET A 22 28.30 19.74 9.39
CA MET A 22 29.60 19.77 8.73
C MET A 22 29.82 18.57 7.82
N GLU A 23 29.14 17.46 8.08
CA GLU A 23 29.15 16.30 7.19
C GLU A 23 28.15 16.41 6.05
N GLU A 24 27.35 17.49 6.04
CA GLU A 24 26.35 17.72 4.99
C GLU A 24 25.34 16.57 4.93
N ASN A 25 24.95 16.05 6.10
CA ASN A 25 23.94 15.01 6.21
C ASN A 25 22.81 15.44 7.13
N ALA A 26 22.56 16.75 7.21
CA ALA A 26 21.54 17.31 8.07
C ALA A 26 20.45 17.97 7.24
N ALA A 27 19.21 17.84 7.68
CA ALA A 27 18.06 18.44 7.04
C ALA A 27 17.29 19.26 8.05
N ILE A 28 16.56 20.26 7.58
CA ILE A 28 15.77 21.14 8.42
C ILE A 28 14.30 20.94 8.11
N PHE A 29 13.51 20.62 9.12
CA PHE A 29 12.06 20.53 8.99
C PHE A 29 11.46 21.76 9.69
N ALA A 30 10.97 22.69 8.89
CA ALA A 30 10.41 23.94 9.39
C ALA A 30 8.89 23.89 9.35
N GLY A 31 8.26 24.15 10.49
CA GLY A 31 6.83 24.27 10.57
C GLY A 31 6.36 25.69 10.31
N ALA A 32 5.06 25.89 10.48
CA ALA A 32 4.50 27.24 10.33
C ALA A 32 4.98 28.17 11.43
N GLY A 33 5.31 27.62 12.61
CA GLY A 33 5.73 28.45 13.72
C GLY A 33 7.01 29.23 13.44
N LEU A 34 7.85 28.71 12.55
CA LEU A 34 9.07 29.43 12.18
C LEU A 34 8.76 30.72 11.44
N SER A 35 7.56 30.85 10.86
CA SER A 35 7.17 32.04 10.12
C SER A 35 6.16 32.89 10.89
N MET A 36 5.88 32.57 12.15
CA MET A 36 4.91 33.33 12.92
C MET A 36 5.51 34.59 13.54
N SER A 37 6.83 34.70 13.60
CA SER A 37 7.49 35.90 14.10
C SER A 37 7.81 36.90 12.99
N VAL A 38 7.52 36.55 11.74
CA VAL A 38 7.90 37.41 10.62
C VAL A 38 6.91 38.56 10.45
N GLY A 39 5.62 38.30 10.69
CA GLY A 39 4.63 39.32 10.53
C GLY A 39 3.31 38.80 9.98
N TYR A 40 3.31 37.55 9.52
CA TYR A 40 2.08 36.92 9.07
C TYR A 40 1.12 36.73 10.25
N VAL A 41 -0.14 37.09 10.04
CA VAL A 41 -1.13 36.90 11.10
C VAL A 41 -1.39 35.41 11.30
N SER A 42 -1.88 35.07 12.49
CA SER A 42 -2.10 33.68 12.85
C SER A 42 -3.21 33.07 11.99
N TRP A 43 -3.07 31.77 11.73
CA TRP A 43 -4.07 31.06 10.93
C TRP A 43 -5.43 31.05 11.61
N ALA A 44 -5.46 31.01 12.94
CA ALA A 44 -6.73 31.13 13.65
C ALA A 44 -7.36 32.50 13.43
N LYS A 45 -6.55 33.55 13.38
CA LYS A 45 -7.08 34.87 13.09
C LYS A 45 -7.68 34.94 11.70
N LEU A 46 -7.03 34.29 10.73
CA LEU A 46 -7.59 34.23 9.38
C LEU A 46 -8.90 33.45 9.34
N LEU A 47 -8.97 32.35 10.10
CA LEU A 47 -10.17 31.53 10.12
C LEU A 47 -11.27 32.10 11.01
N GLU A 48 -10.99 33.16 11.77
CA GLU A 48 -12.02 33.73 12.64
C GLU A 48 -13.29 34.13 11.89
N PRO A 49 -13.23 34.88 10.78
CA PRO A 49 -14.47 35.08 10.01
C PRO A 49 -15.01 33.80 9.42
N ILE A 50 -14.13 32.86 9.05
CA ILE A 50 -14.58 31.57 8.54
C ILE A 50 -15.36 30.82 9.62
N ALA A 51 -14.84 30.83 10.85
CA ALA A 51 -15.56 30.20 11.96
C ALA A 51 -16.87 30.91 12.25
N GLN A 52 -16.88 32.24 12.18
CA GLN A 52 -18.11 33.00 12.45
C GLN A 52 -19.17 32.73 11.40
N GLU A 53 -18.82 32.43 10.17
CA GLU A 53 -19.78 32.17 9.13
C GLU A 53 -20.52 30.88 9.30
N ILE A 54 -19.94 29.90 9.95
CA ILE A 54 -20.61 28.63 10.19
C ILE A 54 -21.14 28.58 11.62
N GLY A 55 -21.09 29.71 12.31
CA GLY A 55 -21.65 29.81 13.66
C GLY A 55 -20.75 29.35 14.77
N LEU A 56 -19.48 29.05 14.48
CA LEU A 56 -18.53 28.63 15.50
C LEU A 56 -17.64 29.80 15.90
N ASP A 57 -16.74 29.54 16.86
CA ASP A 57 -15.81 30.55 17.34
C ASP A 57 -14.40 29.95 17.28
N VAL A 58 -13.50 30.62 16.56
CA VAL A 58 -12.18 30.05 16.34
C VAL A 58 -11.39 29.98 17.64
N ASN A 59 -11.69 30.85 18.60
CA ASN A 59 -10.99 30.80 19.88
C ASN A 59 -11.37 29.55 20.67
N LYS A 60 -12.61 29.08 20.52
CA LYS A 60 -13.06 27.87 21.20
C LYS A 60 -12.71 26.61 20.43
N GLU A 61 -12.05 26.75 19.31
CA GLU A 61 -11.71 25.65 18.46
C GLU A 61 -10.25 25.41 18.48
N ASN A 62 -9.84 24.16 18.61
CA ASN A 62 -8.43 23.83 18.56
C ASN A 62 -8.02 23.14 17.26
N ASP A 63 -8.90 22.32 16.69
CA ASP A 63 -8.63 21.64 15.42
C ASP A 63 -9.14 22.52 14.30
N LEU A 64 -8.24 23.35 13.75
CA LEU A 64 -8.63 24.25 12.67
C LEU A 64 -8.85 23.53 11.36
N VAL A 65 -8.25 22.34 11.19
CA VAL A 65 -8.49 21.55 9.99
C VAL A 65 -9.95 21.14 9.92
N SER A 66 -10.51 20.67 11.04
CA SER A 66 -11.93 20.33 11.08
C SER A 66 -12.80 21.57 10.91
N LEU A 67 -12.36 22.72 11.41
CA LEU A 67 -13.12 23.96 11.22
C LEU A 67 -13.20 24.32 9.74
N ALA A 68 -12.07 24.26 9.03
CA ALA A 68 -12.08 24.55 7.60
C ALA A 68 -12.90 23.51 6.85
N GLN A 69 -12.84 22.25 7.27
CA GLN A 69 -13.66 21.22 6.64
C GLN A 69 -15.14 21.49 6.84
N TYR A 70 -15.54 21.92 8.04
CA TYR A 70 -16.93 22.27 8.29
C TYR A 70 -17.35 23.45 7.41
N TYR A 71 -16.49 24.45 7.27
CA TYR A 71 -16.80 25.58 6.40
C TYR A 71 -17.00 25.12 4.96
N CYS A 72 -16.13 24.24 4.48
CA CYS A 72 -16.29 23.73 3.12
C CYS A 72 -17.57 22.91 2.98
N ASN A 73 -17.92 22.14 4.01
CA ASN A 73 -19.15 21.37 3.98
C ASN A 73 -20.37 22.29 3.90
N GLU A 74 -20.34 23.42 4.61
CA GLU A 74 -21.43 24.38 4.56
C GLU A 74 -21.53 25.09 3.22
N ASN A 75 -20.53 24.93 2.35
CA ASN A 75 -20.50 25.61 1.05
C ASN A 75 -20.34 24.62 -0.09
N GLN A 76 -20.87 23.41 0.07
CA GLN A 76 -20.85 22.37 -0.97
C GLN A 76 -19.43 22.00 -1.39
N GLY A 77 -18.48 22.09 -0.47
CA GLY A 77 -17.12 21.70 -0.78
C GLY A 77 -16.28 22.75 -1.48
N ASN A 78 -16.75 23.99 -1.55
CA ASN A 78 -16.01 25.03 -2.26
C ASN A 78 -14.95 25.65 -1.36
N ARG A 79 -13.75 25.83 -1.90
CA ARG A 79 -12.61 26.34 -1.16
C ARG A 79 -12.17 27.72 -1.62
N GLY A 80 -12.97 28.41 -2.44
CA GLY A 80 -12.53 29.69 -3.00
C GLY A 80 -12.20 30.72 -1.93
N ARG A 81 -13.02 30.79 -0.89
CA ARG A 81 -12.80 31.78 0.17
C ARG A 81 -11.49 31.50 0.92
N ILE A 82 -11.25 30.24 1.27
CA ILE A 82 -10.02 29.89 1.99
C ILE A 82 -8.80 30.09 1.11
N ASN A 83 -8.91 29.74 -0.17
CA ASN A 83 -7.81 29.96 -1.11
C ASN A 83 -7.49 31.44 -1.21
N GLN A 84 -8.51 32.29 -1.32
CA GLN A 84 -8.28 33.73 -1.37
C GLN A 84 -7.65 34.23 -0.09
N ILE A 85 -8.10 33.72 1.06
CA ILE A 85 -7.55 34.16 2.33
C ILE A 85 -6.07 33.84 2.43
N ILE A 86 -5.69 32.60 2.11
CA ILE A 86 -4.29 32.21 2.24
C ILE A 86 -3.43 32.93 1.20
N LEU A 87 -3.96 33.12 -0.01
CA LEU A 87 -3.20 33.87 -1.02
C LEU A 87 -2.99 35.31 -0.59
N ASP A 88 -4.02 35.95 -0.02
CA ASP A 88 -3.88 37.33 0.41
C ASP A 88 -2.92 37.45 1.59
N GLU A 89 -2.94 36.49 2.51
CA GLU A 89 -2.11 36.63 3.71
C GLU A 89 -0.66 36.23 3.47
N PHE A 90 -0.43 35.01 2.99
CA PHE A 90 0.93 34.48 2.99
C PHE A 90 1.75 34.90 1.78
N SER A 91 1.18 35.65 0.85
CA SER A 91 1.94 36.18 -0.28
C SER A 91 2.42 37.60 -0.06
N ARG A 92 2.17 38.18 1.11
CA ARG A 92 2.61 39.54 1.38
C ARG A 92 4.13 39.61 1.48
N LYS A 93 4.66 40.80 1.25
CA LYS A 93 6.09 41.06 1.30
C LYS A 93 6.46 41.39 2.75
N VAL A 94 7.26 40.53 3.36
CA VAL A 94 7.68 40.68 4.76
C VAL A 94 9.19 40.51 4.83
N ASP A 95 9.83 41.29 5.70
CA ASP A 95 11.26 41.17 5.88
C ASP A 95 11.62 39.85 6.55
N LEU A 96 12.68 39.22 6.06
CA LEU A 96 13.09 37.93 6.60
C LEU A 96 13.58 38.07 8.03
N THR A 97 13.26 37.07 8.84
CA THR A 97 13.76 37.02 10.20
C THR A 97 15.20 36.47 10.20
N GLU A 98 15.85 36.60 11.35
CA GLU A 98 17.24 36.17 11.46
C GLU A 98 17.37 34.66 11.32
N ASN A 99 16.36 33.90 11.77
CA ASN A 99 16.42 32.44 11.69
C ASN A 99 16.53 31.96 10.25
N HIS A 100 15.72 32.53 9.35
CA HIS A 100 15.77 32.14 7.95
C HIS A 100 17.12 32.45 7.33
N LYS A 101 17.68 33.62 7.64
CA LYS A 101 18.98 33.99 7.10
C LYS A 101 20.08 33.06 7.60
N ILE A 102 20.06 32.72 8.90
CA ILE A 102 21.06 31.81 9.43
C ILE A 102 20.93 30.43 8.80
N LEU A 103 19.70 29.94 8.66
CA LEU A 103 19.50 28.63 8.04
C LEU A 103 19.95 28.63 6.59
N ALA A 104 19.74 29.74 5.88
CA ALA A 104 20.24 29.85 4.51
C ALA A 104 21.76 29.84 4.49
N ARG A 105 22.40 30.50 5.46
CA ARG A 105 23.86 30.53 5.50
C ARG A 105 24.46 29.18 5.87
N LEU A 106 23.72 28.31 6.53
CA LEU A 106 24.24 27.02 6.93
C LEU A 106 24.32 26.08 5.72
N PRO A 107 25.30 25.16 5.71
CA PRO A 107 25.41 24.21 4.59
C PRO A 107 24.38 23.10 4.66
N ILE A 108 23.09 23.47 4.65
CA ILE A 108 21.99 22.51 4.72
C ILE A 108 21.38 22.42 3.34
N HIS A 109 21.31 21.20 2.80
CA HIS A 109 20.86 20.97 1.44
C HIS A 109 19.43 20.45 1.35
N THR A 110 18.76 20.25 2.47
CA THR A 110 17.41 19.68 2.47
C THR A 110 16.54 20.44 3.45
N TYR A 111 15.45 21.02 2.96
CA TYR A 111 14.44 21.64 3.79
C TYR A 111 13.09 20.98 3.50
N TRP A 112 12.34 20.69 4.55
CA TRP A 112 10.97 20.21 4.45
C TRP A 112 10.09 21.18 5.22
N THR A 113 9.11 21.77 4.53
CA THR A 113 8.29 22.82 5.12
C THR A 113 6.82 22.47 5.03
N THR A 114 6.09 22.75 6.12
CA THR A 114 4.64 22.70 6.11
C THR A 114 4.02 24.08 5.96
N ALA A 115 4.83 25.11 5.79
CA ALA A 115 4.34 26.47 5.60
C ALA A 115 4.22 26.77 4.11
N TYR A 116 3.21 27.58 3.77
CA TYR A 116 2.94 27.94 2.38
C TYR A 116 3.76 29.12 1.91
N ASP A 117 4.27 29.95 2.82
CA ASP A 117 5.03 31.13 2.44
C ASP A 117 6.36 30.73 1.79
N ARG A 118 7.01 31.71 1.18
CA ARG A 118 8.27 31.52 0.47
C ARG A 118 9.45 32.15 1.21
N LEU A 119 9.42 32.12 2.55
CA LEU A 119 10.48 32.76 3.32
C LEU A 119 11.80 32.01 3.21
N ILE A 120 11.76 30.67 3.23
CA ILE A 120 12.98 29.88 3.06
C ILE A 120 13.56 30.11 1.67
N GLU A 121 12.70 30.13 0.65
CA GLU A 121 13.17 30.37 -0.71
C GLU A 121 13.82 31.75 -0.84
N LYS A 122 13.21 32.78 -0.25
CA LYS A 122 13.78 34.11 -0.31
C LYS A 122 15.08 34.20 0.46
N ALA A 123 15.17 33.52 1.61
CA ALA A 123 16.41 33.51 2.38
C ALA A 123 17.53 32.83 1.61
N LEU A 124 17.21 31.74 0.90
CA LEU A 124 18.23 31.08 0.08
C LEU A 124 18.62 31.94 -1.11
N GLU A 125 17.66 32.66 -1.70
CA GLU A 125 17.97 33.54 -2.82
C GLU A 125 18.87 34.70 -2.40
N GLU A 126 18.61 35.29 -1.23
CA GLU A 126 19.42 36.42 -0.78
C GLU A 126 20.84 36.01 -0.38
N GLU A 127 21.11 34.71 -0.26
CA GLU A 127 22.45 34.22 -0.02
C GLU A 127 23.15 33.77 -1.30
N ASN A 128 22.59 34.12 -2.46
CA ASN A 128 23.13 33.72 -3.76
C ASN A 128 23.22 32.20 -3.87
N LYS A 129 22.23 31.51 -3.32
CA LYS A 129 22.14 30.05 -3.38
C LYS A 129 21.00 29.65 -4.31
N ILE A 130 21.22 28.58 -5.07
CA ILE A 130 20.21 28.07 -5.98
C ILE A 130 19.31 27.11 -5.19
N ALA A 131 18.02 27.44 -5.12
CA ALA A 131 17.05 26.65 -4.37
C ALA A 131 16.12 25.94 -5.34
N ASP A 132 15.97 24.63 -5.15
CA ASP A 132 15.08 23.81 -5.98
C ASP A 132 13.82 23.55 -5.16
N VAL A 133 12.79 24.36 -5.39
CA VAL A 133 11.57 24.31 -4.60
C VAL A 133 10.62 23.30 -5.22
N LYS A 134 10.10 22.40 -4.40
CA LYS A 134 9.24 21.32 -4.87
C LYS A 134 7.96 21.31 -4.04
N TYR A 135 6.82 21.46 -4.71
CA TYR A 135 5.52 21.29 -4.05
C TYR A 135 4.55 20.51 -4.94
N THR A 136 5.01 20.00 -6.07
CA THR A 136 4.19 19.20 -6.98
C THR A 136 4.90 17.88 -7.23
N VAL A 137 4.11 16.83 -7.46
CA VAL A 137 4.67 15.51 -7.72
C VAL A 137 5.54 15.53 -8.98
N LYS A 138 5.11 16.28 -9.99
CA LYS A 138 5.89 16.38 -11.23
C LYS A 138 7.25 17.01 -10.97
N GLN A 139 7.31 18.03 -10.11
CA GLN A 139 8.56 18.73 -9.85
C GLN A 139 9.63 17.82 -9.26
N LEU A 140 9.24 16.68 -8.69
CA LEU A 140 10.22 15.73 -8.17
C LEU A 140 11.05 15.09 -9.28
N ALA A 141 10.54 15.07 -10.51
CA ALA A 141 11.22 14.42 -11.62
C ALA A 141 12.29 15.29 -12.26
N THR A 142 12.38 16.56 -11.90
CA THR A 142 13.38 17.47 -12.45
C THR A 142 14.23 18.06 -11.32
N THR A 143 15.53 18.12 -11.55
CA THR A 143 16.48 18.65 -10.58
C THR A 143 17.18 19.86 -11.17
N LYS A 144 17.25 20.95 -10.41
CA LYS A 144 17.99 22.12 -10.84
C LYS A 144 19.49 21.82 -10.85
N VAL A 145 20.19 22.35 -11.85
CA VAL A 145 21.63 22.13 -11.97
C VAL A 145 22.35 23.06 -11.01
N LYS A 146 23.35 22.50 -10.31
CA LYS A 146 24.18 23.24 -9.35
C LYS A 146 23.34 23.84 -8.22
N ARG A 147 22.29 23.13 -7.80
CA ARG A 147 21.46 23.61 -6.71
C ARG A 147 22.18 23.46 -5.38
N ASP A 148 21.98 24.42 -4.48
CA ASP A 148 22.58 24.36 -3.16
C ASP A 148 21.70 23.61 -2.17
N ALA A 149 20.38 23.79 -2.24
CA ALA A 149 19.45 23.14 -1.36
C ALA A 149 18.16 22.84 -2.11
N VAL A 150 17.42 21.85 -1.63
CA VAL A 150 16.11 21.51 -2.17
C VAL A 150 15.07 21.72 -1.08
N VAL A 151 14.01 22.44 -1.41
CA VAL A 151 12.93 22.75 -0.48
C VAL A 151 11.70 21.97 -0.90
N TYR A 152 11.23 21.09 -0.03
CA TYR A 152 10.00 20.34 -0.26
C TYR A 152 8.88 21.02 0.54
N LYS A 153 8.02 21.75 -0.17
CA LYS A 153 6.84 22.34 0.44
C LYS A 153 5.76 21.29 0.37
N MET A 154 5.66 20.48 1.43
CA MET A 154 4.82 19.30 1.43
C MET A 154 3.34 19.62 1.67
N HIS A 155 3.00 20.86 2.02
CA HIS A 155 1.61 21.27 2.18
C HIS A 155 1.17 22.22 1.08
N GLY A 156 1.99 22.43 0.06
CA GLY A 156 1.65 23.29 -1.06
C GLY A 156 2.32 24.65 -0.96
N ASP A 157 2.14 25.42 -2.02
CA ASP A 157 2.70 26.75 -2.16
C ASP A 157 1.62 27.82 -1.98
N VAL A 158 2.06 29.02 -1.62
CA VAL A 158 1.12 30.13 -1.45
C VAL A 158 0.54 30.54 -2.80
N GLU A 159 1.33 30.50 -3.86
CA GLU A 159 0.86 30.91 -5.18
C GLU A 159 -0.07 29.89 -5.82
N HIS A 160 -0.24 28.72 -5.20
CA HIS A 160 -1.18 27.70 -5.65
C HIS A 160 -2.10 27.33 -4.49
N PRO A 161 -2.99 28.26 -4.10
CA PRO A 161 -3.81 28.02 -2.90
C PRO A 161 -4.73 26.81 -3.01
N SER A 162 -5.16 26.44 -4.22
CA SER A 162 -6.10 25.34 -4.37
C SER A 162 -5.49 23.99 -4.02
N GLU A 163 -4.17 23.88 -4.03
CA GLU A 163 -3.48 22.63 -3.73
C GLU A 163 -2.89 22.61 -2.32
N ALA A 164 -3.19 23.62 -1.51
CA ALA A 164 -2.72 23.65 -0.13
C ALA A 164 -3.49 22.66 0.73
N VAL A 165 -2.79 22.02 1.66
CA VAL A 165 -3.39 21.05 2.57
C VAL A 165 -3.94 21.82 3.76
N LEU A 166 -5.25 22.04 3.78
CA LEU A 166 -5.88 22.85 4.83
C LEU A 166 -7.03 22.12 5.51
N ILE A 167 -7.79 21.35 4.74
CA ILE A 167 -9.01 20.73 5.23
C ILE A 167 -8.79 19.24 5.41
N LYS A 168 -9.75 18.58 6.06
CA LYS A 168 -9.63 17.15 6.33
C LYS A 168 -9.61 16.33 5.04
N ASP A 169 -10.28 16.80 3.99
CA ASP A 169 -10.25 16.10 2.72
C ASP A 169 -8.83 16.04 2.16
N ASP A 170 -8.09 17.15 2.27
CA ASP A 170 -6.71 17.18 1.80
C ASP A 170 -5.84 16.19 2.56
N TYR A 171 -6.00 16.13 3.88
CA TYR A 171 -5.22 15.18 4.67
C TYR A 171 -5.61 13.74 4.35
N GLU A 172 -6.84 13.46 4.06
CA GLU A 172 -7.28 12.15 3.78
C GLU A 172 -6.87 11.69 2.42
N LYS A 173 -6.75 12.59 1.48
CA LYS A 173 -6.27 12.23 0.14
C LYS A 173 -4.79 12.47 -0.06
N TYR A 174 -4.08 12.95 0.97
CA TYR A 174 -2.65 13.18 0.84
C TYR A 174 -1.89 11.88 0.61
N SER A 175 -2.27 10.81 1.31
CA SER A 175 -1.55 9.55 1.20
C SER A 175 -1.62 8.95 -0.19
N ILE A 176 -2.62 9.33 -0.98
CA ILE A 176 -2.76 8.85 -2.35
C ILE A 176 -2.18 9.86 -3.34
N LYS A 177 -2.56 11.12 -3.23
CA LYS A 177 -2.13 12.14 -4.18
C LYS A 177 -0.64 12.43 -4.04
N MET A 178 -0.17 12.62 -2.80
CA MET A 178 1.20 13.04 -2.53
C MET A 178 2.03 11.90 -1.95
N ASP A 179 1.78 10.67 -2.41
CA ASP A 179 2.57 9.54 -1.96
C ASP A 179 4.06 9.66 -2.26
N PRO A 180 4.50 10.16 -3.43
CA PRO A 180 5.95 10.34 -3.64
C PRO A 180 6.60 11.24 -2.60
N TYR A 181 5.89 12.27 -2.13
CA TYR A 181 6.45 13.11 -1.08
C TYR A 181 6.56 12.36 0.24
N ILE A 182 5.60 11.47 0.52
CA ILE A 182 5.70 10.63 1.71
C ILE A 182 6.91 9.72 1.61
N LYS A 183 7.14 9.12 0.44
CA LYS A 183 8.30 8.26 0.27
C LYS A 183 9.60 9.04 0.41
N ALA A 184 9.65 10.25 -0.17
CA ALA A 184 10.84 11.08 -0.06
C ALA A 184 11.12 11.46 1.39
N LEU A 185 10.07 11.84 2.14
CA LEU A 185 10.26 12.22 3.53
C LEU A 185 10.68 11.03 4.38
N SER A 186 10.14 9.85 4.10
CA SER A 186 10.60 8.65 4.80
C SER A 186 12.06 8.37 4.52
N GLY A 187 12.47 8.49 3.25
CA GLY A 187 13.87 8.27 2.91
C GLY A 187 14.79 9.27 3.58
N ASP A 188 14.37 10.54 3.64
CA ASP A 188 15.17 11.55 4.32
C ASP A 188 15.24 11.29 5.82
N LEU A 189 14.12 10.88 6.42
CA LEU A 189 14.11 10.60 7.86
C LEU A 189 14.98 9.41 8.21
N VAL A 190 15.12 8.45 7.30
CA VAL A 190 15.99 7.31 7.57
C VAL A 190 17.43 7.54 7.14
N SER A 191 17.69 8.54 6.27
CA SER A 191 19.02 8.77 5.76
C SER A 191 19.64 10.09 6.20
N LYS A 192 18.86 11.00 6.79
CA LYS A 192 19.37 12.31 7.19
C LYS A 192 18.98 12.60 8.63
N THR A 193 19.76 13.47 9.26
CA THR A 193 19.49 13.91 10.62
C THR A 193 18.67 15.20 10.58
N PHE A 194 17.43 15.13 11.04
CA PHE A 194 16.50 16.24 10.95
C PHE A 194 16.54 17.09 12.20
N LEU A 195 16.28 18.39 12.01
CA LEU A 195 16.03 19.34 13.09
C LEU A 195 14.66 19.95 12.86
N PHE A 196 13.73 19.71 13.78
CA PHE A 196 12.38 20.23 13.67
C PHE A 196 12.32 21.58 14.40
N VAL A 197 12.04 22.63 13.64
CA VAL A 197 11.95 23.99 14.17
C VAL A 197 10.57 24.54 13.83
N GLY A 198 9.87 25.05 14.84
CA GLY A 198 8.55 25.62 14.63
C GLY A 198 7.47 24.61 14.37
N PHE A 199 7.71 23.33 14.65
CA PHE A 199 6.76 22.26 14.37
C PHE A 199 6.11 21.81 15.67
N SER A 200 4.78 21.74 15.67
CA SER A 200 4.02 21.35 16.86
C SER A 200 3.76 19.85 16.93
N PHE A 201 4.10 19.09 15.88
CA PHE A 201 3.90 17.64 15.85
C PHE A 201 2.45 17.25 16.05
N THR A 202 1.54 18.09 15.54
CA THR A 202 0.11 17.79 15.53
C THR A 202 -0.40 17.59 14.12
N ASP A 203 0.49 17.39 13.15
CA ASP A 203 0.11 17.22 11.76
C ASP A 203 -0.20 15.75 11.49
N PRO A 204 -1.39 15.40 11.00
CA PRO A 204 -1.68 13.99 10.74
C PRO A 204 -0.75 13.33 9.74
N ASN A 205 -0.31 14.06 8.72
CA ASN A 205 0.61 13.49 7.73
C ASN A 205 1.96 13.15 8.35
N LEU A 206 2.50 14.05 9.17
CA LEU A 206 3.77 13.78 9.83
C LEU A 206 3.65 12.65 10.84
N ASP A 207 2.52 12.59 11.56
CA ASP A 207 2.29 11.47 12.46
C ASP A 207 2.25 10.15 11.71
N TYR A 208 1.57 10.13 10.55
CA TYR A 208 1.49 8.93 9.74
C TYR A 208 2.88 8.50 9.25
N ILE A 209 3.66 9.46 8.75
CA ILE A 209 4.98 9.15 8.23
C ILE A 209 5.90 8.65 9.34
N LEU A 210 5.88 9.31 10.50
CA LEU A 210 6.71 8.88 11.62
C LEU A 210 6.30 7.50 12.12
N SER A 211 4.99 7.23 12.15
CA SER A 211 4.54 5.91 12.57
C SER A 211 4.99 4.83 11.59
N ARG A 212 4.95 5.13 10.29
CA ARG A 212 5.43 4.17 9.30
C ARG A 212 6.94 3.92 9.45
N VAL A 213 7.71 4.99 9.65
CA VAL A 213 9.15 4.83 9.83
C VAL A 213 9.46 4.03 11.09
N ARG A 214 8.72 4.30 12.17
CA ARG A 214 8.90 3.55 13.41
C ARG A 214 8.55 2.09 13.22
N SER A 215 7.43 1.80 12.56
CA SER A 215 7.06 0.41 12.29
C SER A 215 8.11 -0.29 11.45
N ALA A 216 8.75 0.44 10.53
CA ALA A 216 9.75 -0.17 9.67
C ALA A 216 11.08 -0.41 10.38
N TYR A 217 11.48 0.47 11.29
CA TYR A 217 12.84 0.43 11.82
C TYR A 217 12.95 0.08 13.30
N GLU A 218 11.83 -0.07 14.02
CA GLU A 218 11.81 -0.53 15.42
C GLU A 218 12.70 0.39 16.26
N ARG A 219 13.63 -0.15 17.03
CA ARG A 219 14.50 0.65 17.90
C ARG A 219 15.72 1.20 17.18
N ASP A 220 15.88 0.89 15.89
CA ASP A 220 17.04 1.31 15.12
C ASP A 220 16.75 2.58 14.31
N GLN A 221 15.76 3.35 14.75
CA GLN A 221 15.45 4.61 14.09
C GLN A 221 16.59 5.61 14.26
N ARG A 222 16.79 6.43 13.25
CA ARG A 222 17.80 7.47 13.29
C ARG A 222 17.39 8.57 14.26
N ARG A 223 18.30 9.10 15.02
CA ARG A 223 18.00 10.17 15.92
C ARG A 223 17.85 11.47 15.29
N HIS A 224 16.78 12.14 15.63
CA HIS A 224 16.46 13.46 15.13
C HIS A 224 16.31 14.42 16.30
N TYR A 225 16.26 15.71 15.99
CA TYR A 225 16.17 16.74 17.01
C TYR A 225 14.98 17.65 16.73
N CYS A 226 14.37 18.14 17.80
CA CYS A 226 13.31 19.13 17.73
C CYS A 226 13.59 20.22 18.76
N LEU A 227 13.12 21.42 18.47
CA LEU A 227 13.23 22.56 19.38
C LEU A 227 11.84 22.99 19.79
N ILE A 228 11.54 22.87 21.09
CA ILE A 228 10.21 23.19 21.60
C ILE A 228 10.36 24.16 22.78
N LYS A 229 9.55 25.21 22.79
CA LYS A 229 9.56 26.15 23.90
C LYS A 229 8.74 25.61 25.06
N LYS A 230 9.21 25.84 26.28
CA LYS A 230 8.51 25.38 27.46
C LYS A 230 7.21 26.17 27.65
N GLU A 231 6.29 25.56 28.40
CA GLU A 231 5.02 26.20 28.68
C GLU A 231 5.20 27.41 29.58
N GLU A 232 4.46 28.48 29.28
CA GLU A 232 4.52 29.72 30.04
C GLU A 232 3.19 29.93 30.77
N ARG A 233 3.28 30.45 31.99
CA ARG A 233 2.09 30.67 32.81
C ARG A 233 1.29 31.83 32.23
N ARG A 234 0.08 31.53 31.75
CA ARG A 234 -0.80 32.57 31.24
C ARG A 234 -1.31 33.44 32.39
N PRO A 235 -1.58 34.73 32.12
CA PRO A 235 -2.04 35.60 33.21
C PRO A 235 -3.33 35.13 33.87
N ASP A 236 -4.27 34.59 33.10
CA ASP A 236 -5.53 34.12 33.68
C ASP A 236 -5.38 32.79 34.39
N GLU A 237 -4.42 31.97 33.99
CA GLU A 237 -4.30 30.62 34.52
C GLU A 237 -3.81 30.62 35.96
N LEU A 238 -4.15 29.55 36.67
CA LEU A 238 -3.67 29.32 38.03
C LEU A 238 -2.41 28.47 38.01
N GLU A 239 -1.82 28.30 39.20
CA GLU A 239 -0.60 27.49 39.31
C GLU A 239 -0.87 26.03 38.96
N ALA A 240 -2.00 25.49 39.40
CA ALA A 240 -2.31 24.09 39.14
C ALA A 240 -2.47 23.82 37.65
N ASP A 241 -3.15 24.73 36.94
CA ASP A 241 -3.32 24.57 35.49
C ASP A 241 -1.97 24.66 34.78
N PHE A 242 -1.10 25.57 35.22
CA PHE A 242 0.22 25.68 34.63
C PHE A 242 1.03 24.40 34.84
N GLU A 243 0.99 23.84 36.06
CA GLU A 243 1.70 22.60 36.32
C GLU A 243 1.13 21.45 35.51
N TYR A 244 -0.20 21.42 35.34
CA TYR A 244 -0.81 20.39 34.50
C TYR A 244 -0.36 20.52 33.04
N ARG A 245 -0.27 21.76 32.54
CA ARG A 245 0.22 21.96 31.18
C ARG A 245 1.69 21.55 31.05
N VAL A 246 2.49 21.83 32.06
CA VAL A 246 3.89 21.42 32.04
C VAL A 246 4.01 19.90 31.99
N ARG A 247 3.22 19.21 32.83
CA ARG A 247 3.23 17.75 32.81
C ARG A 247 2.75 17.20 31.46
N LYS A 248 1.72 17.82 30.89
CA LYS A 248 1.24 17.41 29.58
C LYS A 248 2.31 17.57 28.52
N GLN A 249 3.06 18.67 28.57
CA GLN A 249 4.14 18.88 27.61
C GLN A 249 5.26 17.87 27.82
N GLU A 250 5.55 17.51 29.08
CA GLU A 250 6.56 16.49 29.33
C GLU A 250 6.15 15.15 28.74
N LEU A 251 4.88 14.77 28.92
CA LEU A 251 4.39 13.53 28.33
C LEU A 251 4.43 13.60 26.80
N PHE A 252 4.13 14.77 26.24
CA PHE A 252 4.24 14.96 24.80
C PHE A 252 5.67 14.78 24.33
N ILE A 253 6.66 15.25 25.03
CA ILE A 253 8.03 15.19 24.62
C ILE A 253 8.61 13.84 24.77
N SER A 254 8.08 13.02 25.63
CA SER A 254 8.56 11.71 25.85
C SER A 254 7.90 10.74 24.92
N ASP A 255 6.90 11.16 24.21
CA ASP A 255 6.26 10.36 23.25
C ASP A 255 6.74 10.70 21.89
N LEU A 256 7.50 11.75 21.77
CA LEU A 256 8.04 12.10 20.53
C LEU A 256 9.30 11.41 20.64
N SER A 257 9.85 11.33 21.83
CA SER A 257 11.04 10.49 21.92
C SER A 257 10.73 9.05 21.57
N ARG A 258 9.52 8.62 21.30
CA ARG A 258 9.17 7.25 20.92
C ARG A 258 9.49 7.10 19.54
N PHE A 259 9.56 8.23 18.90
CA PHE A 259 10.03 8.19 17.51
C PHE A 259 11.51 8.52 17.39
N ASN A 260 12.27 8.41 18.49
CA ASN A 260 13.70 8.71 18.53
C ASN A 260 13.98 10.16 18.14
N ILE A 261 13.06 11.06 18.51
CA ILE A 261 13.22 12.49 18.28
C ILE A 261 13.46 13.15 19.64
N LYS A 262 14.69 13.59 19.87
CA LYS A 262 15.05 14.25 21.11
C LYS A 262 14.63 15.71 21.06
N THR A 263 13.99 16.17 22.13
CA THR A 263 13.45 17.52 22.18
C THR A 263 14.31 18.39 23.07
N ILE A 264 14.68 19.57 22.57
CA ILE A 264 15.41 20.58 23.32
C ILE A 264 14.39 21.61 23.78
N VAL A 265 14.24 21.74 25.10
CA VAL A 265 13.27 22.65 25.69
C VAL A 265 13.93 24.02 25.84
N LEU A 266 13.31 25.04 25.27
CA LEU A 266 13.86 26.39 25.24
C LEU A 266 12.98 27.32 26.06
N ASN A 267 13.62 28.27 26.75
CA ASN A 267 12.88 29.21 27.58
C ASN A 267 12.03 30.15 26.72
N ASN A 268 12.57 30.59 25.59
CA ASN A 268 11.87 31.51 24.71
C ASN A 268 12.26 31.20 23.27
N TYR A 269 11.63 31.91 22.33
CA TYR A 269 11.85 31.65 20.91
C TYR A 269 13.11 32.30 20.38
N ASN A 270 13.70 33.25 21.12
CA ASN A 270 14.99 33.80 20.71
C ASN A 270 16.14 32.81 20.91
N GLU A 271 15.95 31.80 21.76
CA GLU A 271 16.95 30.77 21.91
C GLU A 271 17.13 29.95 20.64
N ILE A 272 16.10 29.88 19.79
CA ILE A 272 16.27 29.29 18.46
C ILE A 272 17.32 30.06 17.67
N THR A 273 17.21 31.39 17.68
CA THR A 273 18.20 32.22 16.99
C THR A 273 19.57 32.07 17.63
N GLU A 274 19.64 31.99 18.95
CA GLU A 274 20.92 31.83 19.62
C GLU A 274 21.57 30.50 19.24
N ILE A 275 20.79 29.42 19.20
CA ILE A 275 21.32 28.11 18.84
C ILE A 275 21.80 28.12 17.39
N LEU A 276 21.01 28.71 16.49
CA LEU A 276 21.41 28.78 15.10
C LEU A 276 22.68 29.59 14.92
N GLN A 277 22.80 30.71 15.64
CA GLN A 277 24.02 31.51 15.59
C GLN A 277 25.21 30.72 16.11
N ARG A 278 25.02 29.94 17.18
CA ARG A 278 26.11 29.15 17.72
C ARG A 278 26.57 28.08 16.73
N ILE A 279 25.61 27.42 16.07
CA ILE A 279 25.98 26.42 15.07
C ILE A 279 26.71 27.06 13.90
N GLU A 280 26.21 28.22 13.45
CA GLU A 280 26.87 28.92 12.35
C GLU A 280 28.28 29.34 12.73
N ASN A 281 28.46 29.81 13.96
CA ASN A 281 29.80 30.20 14.42
C ASN A 281 30.72 28.99 14.50
N ASN A 282 30.22 27.86 15.00
CA ASN A 282 31.05 26.65 15.08
C ASN A 282 31.47 26.19 13.69
N ILE A 283 30.57 26.30 12.71
CA ILE A 283 30.92 25.89 11.35
C ILE A 283 31.91 26.88 10.74
N LYS A 284 31.69 28.18 10.96
CA LYS A 284 32.49 29.20 10.29
C LYS A 284 33.90 29.31 10.86
N THR A 285 34.04 29.19 12.18
CA THR A 285 35.33 29.39 12.83
C THR A 285 36.28 28.20 12.64
N LYS A 286 35.81 27.09 12.07
CA LYS A 286 36.69 25.96 11.81
C LYS A 286 37.69 26.25 10.70
N THR A 287 37.52 27.34 9.95
CA THR A 287 38.47 27.77 8.94
C THR A 287 39.22 28.98 9.46
N VAL A 288 40.54 28.85 9.56
CA VAL A 288 41.40 29.90 10.11
C VAL A 288 42.21 30.53 8.98
N PHE A 289 42.25 31.86 8.97
CA PHE A 289 43.03 32.62 8.00
C PHE A 289 44.38 32.94 8.62
N LEU A 290 45.43 32.29 8.13
CA LEU A 290 46.78 32.53 8.61
C LEU A 290 47.41 33.64 7.80
N SER A 291 47.69 34.76 8.48
CA SER A 291 48.30 35.91 7.84
C SER A 291 49.64 36.30 8.39
N GLY A 292 50.44 36.95 7.58
CA GLY A 292 51.71 37.49 8.05
C GLY A 292 52.78 37.38 6.99
N SER A 293 53.79 38.24 7.15
CA SER A 293 55.00 38.24 6.34
C SER A 293 56.13 38.71 7.22
N ALA A 294 57.27 38.02 7.13
CA ALA A 294 58.35 38.26 8.09
C ALA A 294 59.69 38.09 7.39
N VAL A 295 60.50 39.16 7.38
CA VAL A 295 61.90 39.05 7.03
C VAL A 295 62.77 38.92 8.27
N GLU A 296 62.48 39.70 9.31
CA GLU A 296 63.12 39.58 10.60
C GLU A 296 62.09 39.09 11.61
N TYR A 297 62.40 38.01 12.31
CA TYR A 297 61.43 37.36 13.20
C TYR A 297 61.55 37.87 14.64
N ASN A 298 61.52 39.19 14.80
CA ASN A 298 61.50 39.87 16.11
C ASN A 298 62.65 39.32 16.97
N HIS A 299 62.40 38.90 18.21
CA HIS A 299 63.49 38.42 19.06
C HIS A 299 63.95 37.02 18.66
N TRP A 300 63.02 36.16 18.24
CA TRP A 300 63.37 34.79 17.90
C TRP A 300 64.26 34.74 16.66
N GLU A 301 65.10 33.71 16.60
CA GLU A 301 65.95 33.50 15.44
C GLU A 301 65.12 33.02 14.25
N THR A 302 65.76 32.99 13.08
CA THR A 302 65.06 32.59 11.87
C THR A 302 64.60 31.14 11.95
N GLU A 303 65.52 30.22 12.27
CA GLU A 303 65.16 28.81 12.33
C GLU A 303 64.14 28.53 13.42
N HIS A 304 64.30 29.18 14.57
CA HIS A 304 63.36 28.98 15.67
C HIS A 304 61.94 29.41 15.27
N ALA A 305 61.83 30.58 14.61
CA ALA A 305 60.52 31.05 14.19
C ALA A 305 59.93 30.18 13.08
N GLU A 306 60.78 29.69 12.18
CA GLU A 306 60.30 28.78 11.14
C GLU A 306 59.74 27.50 11.76
N GLN A 307 60.45 26.93 12.75
CA GLN A 307 59.96 25.75 13.43
C GLN A 307 58.66 26.05 14.17
N PHE A 308 58.58 27.23 14.79
CA PHE A 308 57.35 27.63 15.48
C PHE A 308 56.17 27.68 14.53
N ILE A 309 56.34 28.31 13.37
CA ILE A 309 55.26 28.41 12.39
C ILE A 309 54.88 27.02 11.86
N HIS A 310 55.89 26.19 11.58
CA HIS A 310 55.64 24.84 11.10
C HIS A 310 54.81 24.04 12.11
N GLN A 311 55.21 24.06 13.38
CA GLN A 311 54.48 23.30 14.38
C GLN A 311 53.11 23.90 14.66
N LEU A 312 52.97 25.22 14.58
CA LEU A 312 51.66 25.84 14.73
C LEU A 312 50.71 25.39 13.64
N SER A 313 51.18 25.36 12.40
CA SER A 313 50.33 24.89 11.30
C SER A 313 50.02 23.41 11.44
N LYS A 314 51.00 22.61 11.88
CA LYS A 314 50.75 21.19 12.10
C LYS A 314 49.67 20.98 13.17
N GLU A 315 49.74 21.76 14.26
CA GLU A 315 48.72 21.65 15.30
C GLU A 315 47.36 22.11 14.80
N LEU A 316 47.34 23.18 14.00
CA LEU A 316 46.06 23.64 13.44
C LEU A 316 45.43 22.58 12.56
N ILE A 317 46.23 21.92 11.71
CA ILE A 317 45.69 20.83 10.91
C ILE A 317 45.24 19.66 11.79
N ARG A 318 46.02 19.36 12.83
CA ARG A 318 45.69 18.25 13.71
C ARG A 318 44.41 18.50 14.50
N LYS A 319 44.12 19.76 14.83
CA LYS A 319 42.93 20.12 15.57
C LYS A 319 41.70 20.30 14.67
N ASP A 320 41.72 19.72 13.47
CA ASP A 320 40.60 19.75 12.54
C ASP A 320 40.24 21.18 12.13
N PHE A 321 41.26 21.97 11.81
CA PHE A 321 41.07 23.31 11.27
C PHE A 321 41.52 23.35 9.81
N ASN A 322 40.81 24.14 9.02
CA ASN A 322 41.13 24.34 7.61
C ASN A 322 41.88 25.67 7.48
N ILE A 323 43.11 25.61 6.98
CA ILE A 323 43.99 26.77 6.94
C ILE A 323 43.86 27.43 5.57
N VAL A 324 43.61 28.74 5.57
CA VAL A 324 43.64 29.56 4.36
C VAL A 324 44.77 30.56 4.51
N SER A 325 45.73 30.53 3.59
CA SER A 325 46.90 31.39 3.66
C SER A 325 47.08 32.14 2.35
N GLY A 326 47.56 33.37 2.46
CA GLY A 326 47.89 34.20 1.32
C GLY A 326 49.29 34.00 0.79
N PHE A 327 50.04 33.04 1.33
CA PHE A 327 51.42 32.78 0.92
C PHE A 327 52.29 34.03 1.04
N GLY A 328 52.26 34.63 2.23
CA GLY A 328 53.10 35.78 2.49
C GLY A 328 54.56 35.43 2.48
N LEU A 329 55.40 36.41 2.15
CA LEU A 329 56.83 36.19 2.07
C LEU A 329 57.40 35.92 3.45
N GLY A 330 57.97 34.73 3.63
CA GLY A 330 58.57 34.34 4.89
C GLY A 330 57.68 33.58 5.83
N VAL A 331 56.37 33.52 5.58
CA VAL A 331 55.47 32.77 6.45
C VAL A 331 54.78 31.66 5.67
N GLY A 332 54.56 31.88 4.37
CA GLY A 332 53.77 30.94 3.59
C GLY A 332 54.43 29.58 3.42
N SER A 333 55.74 29.58 3.16
CA SER A 333 56.42 28.31 2.92
C SER A 333 56.35 27.40 4.12
N PHE A 334 56.47 27.96 5.33
CA PHE A 334 56.55 27.14 6.53
C PHE A 334 55.18 26.65 6.99
N VAL A 335 54.12 27.45 6.80
CA VAL A 335 52.78 26.90 7.04
C VAL A 335 52.46 25.82 6.02
N ILE A 336 52.92 25.99 4.78
CA ILE A 336 52.76 24.93 3.78
C ILE A 336 53.48 23.67 4.22
N ASN A 337 54.71 23.81 4.73
CA ASN A 337 55.46 22.66 5.20
C ASN A 337 54.77 21.97 6.37
N GLY A 338 54.23 22.76 7.31
CA GLY A 338 53.50 22.17 8.43
C GLY A 338 52.28 21.40 7.98
N VAL A 339 51.50 21.98 7.06
CA VAL A 339 50.33 21.28 6.53
C VAL A 339 50.73 20.00 5.82
N LEU A 340 51.82 20.06 5.03
CA LEU A 340 52.27 18.87 4.32
C LEU A 340 52.71 17.79 5.28
N GLU A 341 53.44 18.15 6.35
CA GLU A 341 53.84 17.16 7.34
C GLU A 341 52.63 16.56 8.04
N GLU A 342 51.63 17.37 8.34
CA GLU A 342 50.45 16.87 9.04
C GLU A 342 49.63 15.95 8.13
N LEU A 343 49.59 16.25 6.84
CA LEU A 343 48.72 15.52 5.92
C LEU A 343 49.41 14.33 5.26
N TYR A 344 50.68 14.45 4.92
CA TYR A 344 51.41 13.36 4.27
C TYR A 344 51.74 12.30 5.31
N MET A 345 50.76 11.44 5.58
CA MET A 345 50.93 10.37 6.55
C MET A 345 50.17 9.12 6.12
N GLY A 348 49.81 10.20 1.36
CA GLY A 348 48.61 11.03 1.41
C GLY A 348 48.61 12.14 0.38
N THR A 349 47.46 12.80 0.22
CA THR A 349 47.30 13.89 -0.73
C THR A 349 46.80 15.13 0.00
N ILE A 350 46.94 16.28 -0.66
CA ILE A 350 46.51 17.55 -0.09
C ILE A 350 45.01 17.70 -0.36
N ASP A 351 44.19 17.57 0.68
CA ASP A 351 42.78 17.83 0.54
C ASP A 351 42.54 19.32 0.27
N ASP A 352 41.64 19.61 -0.66
CA ASP A 352 41.40 21.00 -1.05
C ASP A 352 40.80 21.80 0.10
N ASP A 353 40.05 21.16 0.98
CA ASP A 353 39.43 21.87 2.09
C ASP A 353 40.43 22.20 3.20
N ARG A 354 41.39 21.31 3.45
CA ARG A 354 42.30 21.50 4.57
C ARG A 354 43.22 22.70 4.35
N LEU A 355 43.72 22.89 3.15
CA LEU A 355 44.67 23.97 2.86
C LEU A 355 44.26 24.65 1.56
N ILE A 356 43.86 25.92 1.66
CA ILE A 356 43.58 26.75 0.49
C ILE A 356 44.69 27.78 0.38
N LEU A 357 45.44 27.71 -0.71
CA LEU A 357 46.57 28.61 -0.94
C LEU A 357 46.19 29.65 -1.99
N ARG A 358 46.38 30.92 -1.66
CA ARG A 358 46.02 32.04 -2.55
C ARG A 358 47.20 32.99 -2.65
N PRO A 359 48.26 32.61 -3.37
CA PRO A 359 49.37 33.55 -3.58
C PRO A 359 48.90 34.77 -4.37
N PHE A 360 49.41 35.93 -3.98
CA PHE A 360 49.00 37.16 -4.62
C PHE A 360 49.68 37.31 -5.98
N PRO A 361 48.93 37.73 -7.01
CA PRO A 361 49.55 38.01 -8.31
C PRO A 361 50.58 39.13 -8.18
N GLN A 362 51.67 38.99 -8.93
CA GLN A 362 52.77 39.93 -8.90
C GLN A 362 52.76 40.77 -10.16
N GLY A 363 52.83 42.09 -9.99
CA GLY A 363 52.83 43.04 -11.09
C GLY A 363 51.80 44.12 -10.89
N LYS A 364 51.73 45.01 -11.89
CA LYS A 364 50.78 46.12 -11.82
C LYS A 364 49.34 45.64 -11.99
N LYS A 365 49.14 44.63 -12.83
CA LYS A 365 47.79 44.12 -13.05
C LYS A 365 47.24 43.43 -11.79
N GLY A 366 48.10 42.72 -11.07
CA GLY A 366 47.64 42.02 -9.88
C GLY A 366 47.20 42.98 -8.77
N GLU A 367 47.96 44.05 -8.56
CA GLU A 367 47.65 44.98 -7.48
C GLU A 367 46.33 45.69 -7.68
N GLU A 368 45.82 45.76 -8.92
CA GLU A 368 44.52 46.36 -9.15
C GLU A 368 43.41 45.55 -8.49
N GLN A 369 43.48 44.22 -8.59
CA GLN A 369 42.49 43.34 -8.01
C GLN A 369 42.95 42.72 -6.68
N TRP A 370 44.08 43.18 -6.15
CA TRP A 370 44.59 42.67 -4.88
C TRP A 370 43.55 42.82 -3.76
N ASP A 371 42.82 43.93 -3.74
CA ASP A 371 41.86 44.15 -2.66
C ASP A 371 40.72 43.14 -2.71
N LYS A 372 40.14 42.94 -3.89
CA LYS A 372 39.07 41.96 -4.03
C LYS A 372 39.58 40.54 -3.79
N TYR A 373 40.82 40.27 -4.21
CA TYR A 373 41.43 38.96 -3.95
C TYR A 373 41.57 38.72 -2.45
N ARG A 374 42.02 39.74 -1.72
CA ARG A 374 42.15 39.63 -0.27
C ARG A 374 40.80 39.43 0.41
N ARG A 375 39.78 40.19 -0.03
CA ARG A 375 38.46 40.04 0.56
C ARG A 375 37.88 38.65 0.30
N ASP A 376 38.02 38.15 -0.93
CA ASP A 376 37.54 36.81 -1.24
C ASP A 376 38.28 35.76 -0.43
N MET A 377 39.59 35.93 -0.27
CA MET A 377 40.37 34.98 0.52
C MET A 377 39.93 34.96 1.97
N ILE A 378 39.67 36.14 2.55
CA ILE A 378 39.30 36.22 3.96
C ILE A 378 37.87 35.73 4.17
N THR A 379 36.99 35.92 3.19
CA THR A 379 35.58 35.54 3.36
C THR A 379 35.42 34.05 3.65
N ARG A 380 36.35 33.22 3.18
CA ARG A 380 36.28 31.79 3.40
C ARG A 380 36.51 31.40 4.85
N THR A 381 37.00 32.31 5.69
CA THR A 381 37.42 31.98 7.04
C THR A 381 36.53 32.69 8.06
N GLY A 382 36.67 32.27 9.32
CA GLY A 382 35.96 32.87 10.42
C GLY A 382 36.86 33.31 11.54
N VAL A 383 38.11 32.84 11.51
CA VAL A 383 39.13 33.20 12.49
C VAL A 383 40.37 33.66 11.74
N SER A 384 40.93 34.79 12.15
CA SER A 384 42.14 35.34 11.55
C SER A 384 43.27 35.33 12.56
N ILE A 385 44.39 34.74 12.17
CA ILE A 385 45.59 34.67 13.01
C ILE A 385 46.68 35.46 12.32
N PHE A 386 47.27 36.42 13.05
CA PHE A 386 48.28 37.31 12.50
C PHE A 386 49.62 37.02 13.15
N LEU A 387 50.66 36.91 12.34
CA LEU A 387 52.01 36.63 12.81
C LEU A 387 52.99 37.61 12.17
N TYR A 388 53.81 38.24 13.01
CA TYR A 388 54.88 39.16 12.57
C TYR A 388 54.24 40.29 11.78
N GLY A 389 54.58 40.48 10.51
CA GLY A 389 54.02 41.58 9.73
C GLY A 389 55.08 42.57 9.28
N ASN A 390 56.28 42.06 9.02
CA ASN A 390 57.41 42.90 8.63
C ASN A 390 57.91 42.48 7.25
N LYS A 391 58.17 43.47 6.40
CA LYS A 391 58.68 43.26 5.05
C LYS A 391 59.95 44.10 4.87
N ILE A 392 60.52 44.03 3.68
CA ILE A 392 61.68 44.83 3.31
C ILE A 392 61.31 45.67 2.10
N ASP A 393 61.50 46.99 2.22
CA ASP A 393 61.17 47.92 1.16
C ASP A 393 62.40 48.57 0.53
N LYS A 394 63.25 49.17 1.35
CA LYS A 394 64.48 49.83 0.88
C LYS A 394 65.71 49.31 1.62
N GLY A 395 65.76 48.02 1.88
CA GLY A 395 66.85 47.42 2.62
C GLY A 395 66.69 47.40 4.12
N GLN A 396 65.61 47.98 4.64
CA GLN A 396 65.36 48.02 6.08
C GLN A 396 64.03 47.35 6.38
N VAL A 397 63.96 46.73 7.56
CA VAL A 397 62.75 46.04 8.00
C VAL A 397 61.69 47.09 8.33
N VAL A 398 60.58 47.07 7.59
CA VAL A 398 59.47 48.00 7.79
C VAL A 398 58.21 47.18 8.02
N LYS A 399 57.41 47.58 9.01
CA LYS A 399 56.17 46.89 9.30
C LYS A 399 55.26 46.93 8.07
N ALA A 400 54.66 45.77 7.75
CA ALA A 400 53.91 45.63 6.51
C ALA A 400 52.57 46.37 6.60
N LYS A 401 51.98 46.60 5.42
CA LYS A 401 50.67 47.23 5.33
C LYS A 401 49.57 46.30 4.85
N GLY A 402 49.92 45.18 4.21
CA GLY A 402 48.91 44.23 3.81
C GLY A 402 48.25 43.55 4.99
N VAL A 403 49.02 43.29 6.05
CA VAL A 403 48.46 42.66 7.24
C VAL A 403 47.42 43.57 7.90
N GLN A 404 47.65 44.88 7.87
CA GLN A 404 46.67 45.82 8.40
C GLN A 404 45.38 45.77 7.61
N SER A 405 45.48 45.69 6.28
CA SER A 405 44.30 45.57 5.44
C SER A 405 43.57 44.26 5.71
N GLU A 406 44.32 43.20 5.94
CA GLU A 406 43.74 41.91 6.25
C GLU A 406 43.00 41.99 7.56
N PHE A 407 43.56 42.63 8.56
CA PHE A 407 42.89 42.82 9.85
C PHE A 407 41.61 43.63 9.69
N ASN A 408 41.66 44.70 8.89
CA ASN A 408 40.48 45.52 8.67
C ASN A 408 39.37 44.72 7.99
N ILE A 409 39.73 43.92 6.99
CA ILE A 409 38.73 43.10 6.29
C ILE A 409 38.15 42.06 7.25
N SER A 410 39.00 41.45 8.08
CA SER A 410 38.52 40.46 9.04
C SER A 410 37.54 41.08 10.02
N PHE A 411 37.85 42.28 10.51
CA PHE A 411 36.92 42.95 11.42
C PHE A 411 35.62 43.31 10.71
N GLU A 412 35.70 43.78 9.47
CA GLU A 412 34.49 44.14 8.73
C GLU A 412 33.59 42.93 8.49
N GLN A 413 34.17 41.73 8.41
CA GLN A 413 33.42 40.51 8.22
C GLN A 413 33.04 39.83 9.53
N ASN A 414 33.27 40.50 10.65
CA ASN A 414 32.95 39.97 11.99
C ASN A 414 33.73 38.70 12.30
N ASN A 415 34.91 38.55 11.71
CA ASN A 415 35.76 37.41 12.00
C ASN A 415 36.54 37.65 13.29
N TYR A 416 36.77 36.56 14.02
CA TYR A 416 37.61 36.63 15.22
C TYR A 416 39.05 36.89 14.81
N VAL A 417 39.69 37.82 15.50
CA VAL A 417 41.07 38.20 15.24
C VAL A 417 41.94 37.73 16.39
N VAL A 418 43.03 37.05 16.08
CA VAL A 418 43.94 36.53 17.09
C VAL A 418 45.35 37.04 16.78
N PRO A 419 45.66 38.30 17.07
CA PRO A 419 47.01 38.80 16.84
C PRO A 419 47.97 38.29 17.91
N VAL A 420 49.07 37.69 17.47
CA VAL A 420 50.08 37.17 18.39
C VAL A 420 51.11 38.28 18.59
N GLY A 421 51.05 38.94 19.74
CA GLY A 421 51.95 40.04 20.01
C GLY A 421 53.39 39.64 20.23
N ALA A 422 53.62 38.38 20.62
CA ALA A 422 54.99 37.90 20.81
C ALA A 422 55.78 37.95 19.50
N THR A 423 55.09 37.81 18.36
CA THR A 423 55.76 37.87 17.07
C THR A 423 56.16 39.29 16.69
N GLY A 424 55.49 40.30 17.25
CA GLY A 424 55.89 41.68 17.06
C GLY A 424 55.40 42.29 15.76
N TYR A 425 55.85 43.52 15.54
CA TYR A 425 55.59 44.29 14.31
C TYR A 425 54.08 44.55 14.22
N ILE A 426 53.46 44.35 13.06
CA ILE A 426 52.04 44.63 12.90
C ILE A 426 51.20 43.74 13.79
N ALA A 427 51.67 42.51 14.07
CA ALA A 427 50.96 41.65 15.00
C ALA A 427 50.91 42.26 16.39
N LYS A 428 52.05 42.81 16.86
CA LYS A 428 52.06 43.48 18.15
C LYS A 428 51.21 44.73 18.15
N ASP A 429 51.24 45.50 17.07
CA ASP A 429 50.39 46.69 16.98
C ASP A 429 48.92 46.32 17.03
N LEU A 430 48.54 45.26 16.33
CA LEU A 430 47.15 44.80 16.35
C LEU A 430 46.75 44.28 17.71
N TRP A 431 47.66 43.56 18.39
CA TRP A 431 47.37 43.10 19.74
C TRP A 431 47.15 44.26 20.68
N ASN A 432 47.99 45.30 20.58
CA ASN A 432 47.81 46.49 21.41
C ASN A 432 46.48 47.17 21.10
N LYS A 433 46.12 47.26 19.81
CA LYS A 433 44.85 47.87 19.44
C LYS A 433 43.67 47.08 19.99
N VAL A 434 43.73 45.76 19.93
CA VAL A 434 42.65 44.93 20.46
C VAL A 434 42.56 45.08 21.98
N ASN A 435 43.70 45.08 22.67
CA ASN A 435 43.68 45.25 24.11
C ASN A 435 43.22 46.65 24.51
N GLU A 436 43.37 47.64 23.62
CA GLU A 436 42.88 48.97 23.91
C GLU A 436 41.36 48.99 24.08
N GLU A 437 40.65 48.28 23.20
CA GLU A 437 39.20 48.12 23.28
C GLU A 437 38.90 46.64 23.16
N PHE A 438 38.96 45.93 24.29
CA PHE A 438 38.77 44.48 24.29
C PHE A 438 37.29 44.10 24.17
N GLU A 439 36.39 44.87 24.79
CA GLU A 439 34.98 44.54 24.73
C GLU A 439 34.40 44.73 23.34
N THR A 440 34.98 45.62 22.54
CA THR A 440 34.48 45.84 21.19
C THR A 440 34.71 44.61 20.31
N TYR A 441 35.85 43.95 20.47
CA TYR A 441 36.18 42.79 19.64
C TYR A 441 35.75 41.47 20.28
N TYR A 442 35.77 41.38 21.61
CA TYR A 442 35.38 40.17 22.33
C TYR A 442 34.37 40.52 23.41
N PRO A 443 33.13 40.84 23.02
CA PRO A 443 32.11 41.14 24.03
C PRO A 443 31.73 39.91 24.84
N GLY A 444 31.55 40.12 26.13
CA GLY A 444 31.19 39.03 27.03
C GLY A 444 32.25 37.95 27.12
N ALA A 445 33.52 38.33 27.15
CA ALA A 445 34.61 37.37 27.23
C ALA A 445 34.78 36.88 28.66
N ASP A 446 35.17 35.61 28.79
CA ASP A 446 35.40 35.01 30.09
C ASP A 446 36.80 35.35 30.60
N ALA A 447 37.06 34.92 31.83
CA ALA A 447 38.38 35.16 32.43
C ALA A 447 39.46 34.38 31.70
N ARG A 448 39.18 33.14 31.31
CA ARG A 448 40.17 32.34 30.60
C ARG A 448 40.51 32.95 29.24
N MET A 449 39.50 33.49 28.54
CA MET A 449 39.76 34.13 27.25
C MET A 449 40.65 35.36 27.43
N LYS A 450 40.38 36.18 28.45
CA LYS A 450 41.22 37.34 28.70
C LYS A 450 42.63 36.93 29.07
N LYS A 451 42.78 35.89 29.89
CA LYS A 451 44.10 35.41 30.26
C LYS A 451 44.88 34.92 29.05
N LEU A 452 44.22 34.17 28.16
CA LEU A 452 44.89 33.69 26.95
C LEU A 452 45.27 34.85 26.04
N PHE A 453 44.38 35.84 25.89
CA PHE A 453 44.72 36.98 25.05
C PHE A 453 45.90 37.76 25.61
N GLY A 454 45.95 37.93 26.93
CA GLY A 454 47.10 38.58 27.54
C GLY A 454 48.37 37.77 27.39
N GLU A 455 48.28 36.45 27.51
CA GLU A 455 49.44 35.58 27.35
C GLU A 455 49.92 35.53 25.91
N LEU A 456 49.06 35.88 24.95
CA LEU A 456 49.47 35.89 23.54
C LEU A 456 50.61 36.87 23.28
N ASN A 457 50.80 37.87 24.14
CA ASN A 457 51.86 38.87 23.99
C ASN A 457 53.00 38.64 24.97
N ASN A 458 53.33 37.38 25.25
CA ASN A 458 54.41 37.03 26.16
C ASN A 458 55.60 36.52 25.36
N GLU A 459 56.73 37.20 25.46
CA GLU A 459 57.94 36.79 24.78
C GLU A 459 58.72 35.72 25.54
N ALA A 460 58.35 35.45 26.80
CA ALA A 460 59.04 34.43 27.59
C ALA A 460 58.54 33.03 27.30
N LEU A 461 57.45 32.88 26.58
CA LEU A 461 56.92 31.55 26.26
C LEU A 461 57.79 30.88 25.20
N SER A 462 57.91 29.56 25.31
CA SER A 462 58.59 28.77 24.31
C SER A 462 57.70 28.58 23.08
N ILE A 463 58.19 27.79 22.12
CA ILE A 463 57.38 27.48 20.94
C ILE A 463 56.14 26.70 21.35
N GLU A 464 56.33 25.65 22.15
CA GLU A 464 55.21 24.79 22.54
C GLU A 464 54.18 25.57 23.35
N GLU A 465 54.64 26.40 24.30
CA GLU A 465 53.72 27.13 25.16
C GLU A 465 52.90 28.14 24.36
N LEU A 466 53.56 28.89 23.48
CA LEU A 466 52.86 29.87 22.66
C LEU A 466 51.88 29.19 21.70
N ILE A 467 52.29 28.08 21.10
CA ILE A 467 51.40 27.35 20.19
C ILE A 467 50.20 26.81 20.95
N ASN A 468 50.40 26.27 22.15
CA ASN A 468 49.29 25.77 22.94
C ASN A 468 48.35 26.89 23.33
N THR A 469 48.88 28.07 23.69
CA THR A 469 48.04 29.20 24.01
C THR A 469 47.19 29.60 22.81
N ILE A 470 47.81 29.69 21.63
CA ILE A 470 47.07 30.06 20.43
C ILE A 470 45.99 29.03 20.12
N ILE A 471 46.33 27.74 20.23
CA ILE A 471 45.39 26.68 19.92
C ILE A 471 44.21 26.72 20.89
N GLU A 472 44.48 26.91 22.17
CA GLU A 472 43.40 26.95 23.16
C GLU A 472 42.50 28.17 22.94
N PHE A 473 43.10 29.32 22.60
CA PHE A 473 42.29 30.50 22.32
C PHE A 473 41.39 30.27 21.11
N VAL A 474 41.94 29.70 20.04
CA VAL A 474 41.16 29.46 18.84
C VAL A 474 40.08 28.42 19.11
N GLU A 475 40.37 27.43 19.95
CA GLU A 475 39.39 26.39 20.24
C GLU A 475 38.25 26.92 21.09
N ILE A 476 38.54 27.77 22.08
CA ILE A 476 37.46 28.35 22.87
C ILE A 476 36.68 29.35 22.03
N LEU A 477 37.32 29.95 21.01
CA LEU A 477 36.56 30.75 20.05
C LEU A 477 35.62 29.89 19.22
N SER A 478 36.09 28.73 18.77
CA SER A 478 35.29 27.87 17.89
C SER A 478 34.30 27.02 18.68
N ASN A 479 34.82 26.17 19.57
CA ASN A 479 33.97 25.28 20.35
C ASN A 479 33.20 26.05 21.42
N LYS B 5 36.77 7.29 -32.17
CA LYS B 5 35.38 7.72 -32.23
C LYS B 5 34.44 6.53 -32.37
N MET B 6 33.23 6.68 -31.83
CA MET B 6 32.21 5.64 -31.87
C MET B 6 30.97 6.19 -32.57
N ASN B 7 29.88 5.42 -32.52
CA ASN B 7 28.66 5.79 -33.23
C ASN B 7 28.12 7.12 -32.70
N PRO B 8 27.47 7.91 -33.55
CA PRO B 8 26.93 9.20 -33.10
C PRO B 8 25.96 9.08 -31.94
N ILE B 9 25.16 8.00 -31.89
CA ILE B 9 24.32 7.75 -30.73
C ILE B 9 25.17 7.55 -29.49
N VAL B 10 26.25 6.78 -29.62
CA VAL B 10 27.16 6.55 -28.49
C VAL B 10 27.82 7.85 -28.08
N GLU B 11 28.18 8.70 -29.05
CA GLU B 11 28.81 9.97 -28.73
C GLU B 11 27.85 10.89 -27.98
N LEU B 12 26.60 10.95 -28.43
CA LEU B 12 25.61 11.76 -27.73
C LEU B 12 25.37 11.24 -26.32
N PHE B 13 25.30 9.92 -26.16
CA PHE B 13 25.14 9.35 -24.82
C PHE B 13 26.35 9.67 -23.94
N ILE B 14 27.56 9.60 -24.50
CA ILE B 14 28.75 9.90 -23.72
C ILE B 14 28.73 11.35 -23.27
N LYS B 15 28.39 12.28 -24.17
CA LYS B 15 28.31 13.68 -23.78
C LYS B 15 27.28 13.90 -22.69
N ASP B 16 26.07 13.37 -22.87
CA ASP B 16 25.01 13.59 -21.90
C ASP B 16 25.35 12.97 -20.55
N PHE B 17 25.90 11.77 -20.54
CA PHE B 17 26.20 11.11 -19.27
C PHE B 17 27.42 11.71 -18.59
N THR B 18 28.41 12.20 -19.35
CA THR B 18 29.50 12.94 -18.74
C THR B 18 28.97 14.21 -18.09
N LYS B 19 28.04 14.89 -18.76
CA LYS B 19 27.41 16.06 -18.16
C LYS B 19 26.68 15.69 -16.87
N GLU B 20 25.97 14.56 -16.87
CA GLU B 20 25.26 14.12 -15.67
C GLU B 20 26.22 13.78 -14.54
N VAL B 21 27.31 13.09 -14.84
CA VAL B 21 28.23 12.66 -13.78
C VAL B 21 28.99 13.84 -13.21
N MET B 22 29.40 14.80 -14.07
CA MET B 22 30.11 15.97 -13.57
C MET B 22 29.27 16.79 -12.61
N GLU B 23 27.94 16.70 -12.71
CA GLU B 23 27.04 17.33 -11.75
C GLU B 23 26.80 16.48 -10.51
N GLU B 24 27.38 15.27 -10.46
CA GLU B 24 27.24 14.35 -9.34
C GLU B 24 25.77 14.01 -9.07
N ASN B 25 25.00 13.84 -10.14
CA ASN B 25 23.60 13.44 -10.06
C ASN B 25 23.35 12.18 -10.87
N ALA B 26 24.36 11.34 -11.01
CA ALA B 26 24.28 10.11 -11.79
C ALA B 26 24.46 8.91 -10.88
N ALA B 27 23.70 7.84 -11.16
CA ALA B 27 23.78 6.60 -10.43
C ALA B 27 24.02 5.46 -11.41
N ILE B 28 24.60 4.38 -10.91
CA ILE B 28 24.91 3.21 -11.72
C ILE B 28 24.09 2.04 -11.21
N PHE B 29 23.31 1.43 -12.11
CA PHE B 29 22.59 0.20 -11.80
C PHE B 29 23.30 -0.95 -12.50
N ALA B 30 23.98 -1.78 -11.72
CA ALA B 30 24.76 -2.89 -12.24
C ALA B 30 24.00 -4.19 -12.02
N GLY B 31 23.81 -4.95 -13.10
CA GLY B 31 23.23 -6.28 -13.01
C GLY B 31 24.30 -7.33 -12.80
N ALA B 32 23.85 -8.59 -12.83
CA ALA B 32 24.78 -9.70 -12.71
C ALA B 32 25.69 -9.81 -13.92
N GLY B 33 25.23 -9.34 -15.08
CA GLY B 33 26.02 -9.45 -16.29
C GLY B 33 27.32 -8.67 -16.23
N LEU B 34 27.38 -7.63 -15.40
CA LEU B 34 28.62 -6.88 -15.24
C LEU B 34 29.69 -7.71 -14.55
N SER B 35 29.32 -8.77 -13.85
CA SER B 35 30.27 -9.64 -13.16
C SER B 35 30.45 -10.98 -13.85
N MET B 36 29.89 -11.16 -15.05
CA MET B 36 30.02 -12.44 -15.76
C MET B 36 31.32 -12.55 -16.53
N SER B 37 32.03 -11.44 -16.75
CA SER B 37 33.32 -11.47 -17.41
C SER B 37 34.48 -11.58 -16.43
N VAL B 38 34.20 -11.60 -15.13
CA VAL B 38 35.25 -11.58 -14.13
C VAL B 38 35.82 -12.98 -13.92
N GLY B 39 34.97 -14.00 -13.99
CA GLY B 39 35.42 -15.37 -13.78
C GLY B 39 34.42 -16.23 -13.04
N TYR B 40 33.37 -15.60 -12.51
CA TYR B 40 32.31 -16.34 -11.87
C TYR B 40 31.55 -17.18 -12.91
N VAL B 41 31.30 -18.44 -12.58
CA VAL B 41 30.55 -19.29 -13.49
C VAL B 41 29.10 -18.84 -13.55
N SER B 42 28.44 -19.19 -14.65
CA SER B 42 27.07 -18.74 -14.87
C SER B 42 26.11 -19.36 -13.85
N TRP B 43 25.07 -18.61 -13.52
CA TRP B 43 24.08 -19.09 -12.55
C TRP B 43 23.36 -20.33 -13.06
N ALA B 44 23.15 -20.42 -14.38
CA ALA B 44 22.57 -21.65 -14.94
C ALA B 44 23.51 -22.84 -14.74
N LYS B 45 24.82 -22.62 -14.87
CA LYS B 45 25.77 -23.70 -14.61
C LYS B 45 25.71 -24.15 -13.16
N LEU B 46 25.56 -23.20 -12.23
CA LEU B 46 25.40 -23.57 -10.83
C LEU B 46 24.12 -24.34 -10.58
N LEU B 47 23.03 -23.95 -11.24
CA LEU B 47 21.75 -24.61 -11.07
C LEU B 47 21.62 -25.90 -11.86
N GLU B 48 22.59 -26.21 -12.72
CA GLU B 48 22.52 -27.45 -13.50
C GLU B 48 22.37 -28.69 -12.63
N PRO B 49 23.18 -28.93 -11.59
CA PRO B 49 22.87 -30.05 -10.70
C PRO B 49 21.57 -29.88 -9.95
N ILE B 50 21.20 -28.64 -9.62
CA ILE B 50 19.92 -28.37 -8.98
C ILE B 50 18.77 -28.78 -9.90
N ALA B 51 18.87 -28.42 -11.18
CA ALA B 51 17.86 -28.82 -12.14
C ALA B 51 17.83 -30.34 -12.32
N GLN B 52 19.00 -30.97 -12.36
CA GLN B 52 19.06 -32.42 -12.53
C GLN B 52 18.46 -33.15 -11.34
N GLU B 53 18.50 -32.62 -10.16
CA GLU B 53 17.95 -33.30 -9.03
C GLU B 53 16.44 -33.38 -9.05
N ILE B 54 15.79 -32.38 -9.62
CA ILE B 54 14.34 -32.38 -9.69
C ILE B 54 13.88 -32.93 -11.03
N GLY B 55 14.81 -33.48 -11.81
CA GLY B 55 14.48 -34.11 -13.07
C GLY B 55 14.36 -33.17 -14.25
N LEU B 56 14.72 -31.90 -14.10
CA LEU B 56 14.67 -30.94 -15.19
C LEU B 56 16.07 -30.74 -15.78
N ASP B 57 16.14 -29.91 -16.80
CA ASP B 57 17.41 -29.59 -17.47
C ASP B 57 17.54 -28.08 -17.53
N VAL B 58 18.63 -27.55 -16.97
CA VAL B 58 18.79 -26.11 -16.88
C VAL B 58 18.93 -25.47 -18.25
N ASN B 59 19.44 -26.21 -19.23
CA ASN B 59 19.56 -25.66 -20.58
C ASN B 59 18.20 -25.45 -21.22
N LYS B 60 17.23 -26.32 -20.91
CA LYS B 60 15.88 -26.19 -21.42
C LYS B 60 15.02 -25.22 -20.62
N GLU B 61 15.58 -24.63 -19.59
CA GLU B 61 14.84 -23.73 -18.73
C GLU B 61 15.34 -22.35 -18.91
N ASN B 62 14.43 -21.42 -18.99
CA ASN B 62 14.80 -20.01 -19.08
C ASN B 62 14.54 -19.24 -17.79
N ASP B 63 13.48 -19.58 -17.07
CA ASP B 63 13.16 -18.92 -15.79
C ASP B 63 13.83 -19.72 -14.68
N LEU B 64 15.03 -19.28 -14.31
CA LEU B 64 15.78 -19.98 -13.26
C LEU B 64 15.20 -19.72 -11.88
N VAL B 65 14.46 -18.63 -11.69
CA VAL B 65 13.80 -18.38 -10.42
C VAL B 65 12.77 -19.47 -10.15
N SER B 66 11.96 -19.80 -11.15
CA SER B 66 11.00 -20.90 -11.00
C SER B 66 11.70 -22.23 -10.82
N LEU B 67 12.85 -22.43 -11.46
CA LEU B 67 13.61 -23.67 -11.27
C LEU B 67 14.06 -23.81 -9.81
N ALA B 68 14.62 -22.74 -9.25
CA ALA B 68 15.03 -22.78 -7.84
C ALA B 68 13.83 -22.96 -6.93
N GLN B 69 12.70 -22.33 -7.27
CA GLN B 69 11.50 -22.52 -6.46
C GLN B 69 11.02 -23.96 -6.50
N TYR B 70 11.07 -24.59 -7.68
CA TYR B 70 10.70 -26.00 -7.78
C TYR B 70 11.64 -26.87 -6.94
N TYR B 71 12.94 -26.58 -6.99
CA TYR B 71 13.89 -27.32 -6.18
C TYR B 71 13.57 -27.19 -4.69
N CYS B 72 13.25 -25.96 -4.25
CA CYS B 72 12.89 -25.76 -2.85
C CYS B 72 11.59 -26.49 -2.50
N ASN B 73 10.63 -26.50 -3.42
CA ASN B 73 9.39 -27.23 -3.19
C ASN B 73 9.63 -28.72 -3.03
N GLU B 74 10.56 -29.27 -3.83
CA GLU B 74 10.90 -30.69 -3.71
C GLU B 74 11.64 -31.02 -2.42
N ASN B 75 12.08 -30.01 -1.66
CA ASN B 75 12.84 -30.21 -0.43
C ASN B 75 12.18 -29.52 0.76
N GLN B 76 10.84 -29.41 0.74
CA GLN B 76 10.07 -28.83 1.85
C GLN B 76 10.45 -27.38 2.12
N GLY B 77 10.86 -26.66 1.09
CA GLY B 77 11.19 -25.25 1.25
C GLY B 77 12.58 -24.96 1.77
N ASN B 78 13.47 -25.97 1.81
CA ASN B 78 14.80 -25.76 2.36
C ASN B 78 15.73 -25.19 1.28
N ARG B 79 16.51 -24.18 1.68
CA ARG B 79 17.41 -23.48 0.77
C ARG B 79 18.89 -23.72 1.07
N GLY B 80 19.21 -24.68 1.93
CA GLY B 80 20.60 -24.85 2.34
C GLY B 80 21.53 -25.14 1.17
N ARG B 81 21.09 -25.98 0.23
CA ARG B 81 21.92 -26.32 -0.92
C ARG B 81 22.20 -25.09 -1.78
N ILE B 82 21.17 -24.30 -2.08
CA ILE B 82 21.35 -23.13 -2.91
C ILE B 82 22.20 -22.07 -2.20
N ASN B 83 21.99 -21.91 -0.89
CA ASN B 83 22.81 -21.00 -0.11
C ASN B 83 24.27 -21.40 -0.15
N GLN B 84 24.55 -22.70 0.02
CA GLN B 84 25.93 -23.17 -0.06
C GLN B 84 26.51 -22.95 -1.44
N ILE B 85 25.71 -23.17 -2.49
CA ILE B 85 26.20 -23.01 -3.86
C ILE B 85 26.59 -21.55 -4.10
N ILE B 86 25.72 -20.61 -3.73
CA ILE B 86 26.02 -19.21 -4.01
C ILE B 86 27.18 -18.72 -3.14
N LEU B 87 27.25 -19.19 -1.88
CA LEU B 87 28.37 -18.81 -1.03
C LEU B 87 29.69 -19.34 -1.57
N ASP B 88 29.70 -20.59 -2.06
CA ASP B 88 30.91 -21.15 -2.61
C ASP B 88 31.33 -20.44 -3.90
N GLU B 89 30.37 -20.07 -4.74
CA GLU B 89 30.73 -19.50 -6.03
C GLU B 89 31.09 -18.03 -5.94
N PHE B 90 30.19 -17.20 -5.41
CA PHE B 90 30.34 -15.76 -5.53
C PHE B 90 31.24 -15.16 -4.46
N SER B 91 31.75 -15.94 -3.52
CA SER B 91 32.70 -15.45 -2.53
C SER B 91 34.14 -15.73 -2.91
N ARG B 92 34.40 -16.29 -4.09
CA ARG B 92 35.76 -16.58 -4.50
C ARG B 92 36.51 -15.28 -4.78
N LYS B 93 37.84 -15.37 -4.70
CA LYS B 93 38.72 -14.23 -4.95
C LYS B 93 39.02 -14.17 -6.43
N VAL B 94 38.55 -13.10 -7.08
CA VAL B 94 38.72 -12.91 -8.51
C VAL B 94 39.26 -11.51 -8.77
N ASP B 95 40.14 -11.38 -9.76
CA ASP B 95 40.69 -10.07 -10.10
C ASP B 95 39.61 -9.19 -10.71
N LEU B 96 39.60 -7.93 -10.30
CA LEU B 96 38.60 -6.98 -10.79
C LEU B 96 38.78 -6.72 -12.28
N THR B 97 37.66 -6.59 -12.98
CA THR B 97 37.69 -6.22 -14.38
C THR B 97 37.88 -4.71 -14.51
N GLU B 98 38.16 -4.27 -15.74
CA GLU B 98 38.41 -2.85 -15.97
C GLU B 98 37.16 -2.01 -15.75
N ASN B 99 35.97 -2.57 -16.02
CA ASN B 99 34.73 -1.82 -15.84
C ASN B 99 34.55 -1.39 -14.39
N HIS B 100 34.77 -2.32 -13.45
CA HIS B 100 34.60 -1.98 -12.04
C HIS B 100 35.58 -0.90 -11.61
N LYS B 101 36.83 -0.99 -12.07
CA LYS B 101 37.83 0.02 -11.71
C LYS B 101 37.46 1.39 -12.28
N ILE B 102 37.00 1.43 -13.53
CA ILE B 102 36.61 2.71 -14.11
C ILE B 102 35.42 3.29 -13.36
N LEU B 103 34.43 2.46 -13.05
CA LEU B 103 33.26 2.94 -12.32
C LEU B 103 33.65 3.45 -10.94
N ALA B 104 34.60 2.78 -10.29
CA ALA B 104 35.10 3.27 -9.00
C ALA B 104 35.80 4.61 -9.15
N ARG B 105 36.56 4.79 -10.24
CA ARG B 105 37.26 6.05 -10.46
C ARG B 105 36.31 7.20 -10.79
N LEU B 106 35.12 6.90 -11.31
CA LEU B 106 34.18 7.95 -11.66
C LEU B 106 33.54 8.55 -10.41
N PRO B 107 33.19 9.84 -10.46
CA PRO B 107 32.54 10.47 -9.29
C PRO B 107 31.08 10.09 -9.16
N ILE B 108 30.81 8.80 -9.02
CA ILE B 108 29.45 8.27 -8.89
C ILE B 108 29.25 7.88 -7.44
N HIS B 109 28.21 8.43 -6.82
CA HIS B 109 27.96 8.25 -5.39
C HIS B 109 26.86 7.24 -5.10
N THR B 110 26.22 6.67 -6.12
CA THR B 110 25.10 5.76 -5.92
C THR B 110 25.24 4.56 -6.84
N TYR B 111 25.31 3.37 -6.26
CA TYR B 111 25.28 2.12 -7.01
C TYR B 111 24.11 1.29 -6.51
N TRP B 112 23.38 0.68 -7.44
CA TRP B 112 22.34 -0.28 -7.14
C TRP B 112 22.68 -1.57 -7.87
N THR B 113 22.83 -2.66 -7.12
CA THR B 113 23.30 -3.91 -7.68
C THR B 113 22.30 -5.03 -7.40
N THR B 114 22.09 -5.88 -8.40
CA THR B 114 21.37 -7.13 -8.22
C THR B 114 22.31 -8.33 -8.10
N ALA B 115 23.61 -8.09 -8.09
CA ALA B 115 24.61 -9.14 -7.94
C ALA B 115 24.99 -9.29 -6.48
N TYR B 116 25.27 -10.53 -6.09
CA TYR B 116 25.62 -10.84 -4.71
C TYR B 116 27.10 -10.66 -4.41
N ASP B 117 27.95 -10.67 -5.44
CA ASP B 117 29.39 -10.53 -5.23
C ASP B 117 29.74 -9.13 -4.72
N ARG B 118 30.97 -8.99 -4.27
CA ARG B 118 31.47 -7.73 -3.70
C ARG B 118 32.48 -7.05 -4.62
N LEU B 119 32.28 -7.15 -5.93
CA LEU B 119 33.25 -6.59 -6.87
C LEU B 119 33.21 -5.06 -6.86
N ILE B 120 32.02 -4.48 -6.79
CA ILE B 120 31.91 -3.02 -6.70
C ILE B 120 32.55 -2.52 -5.41
N GLU B 121 32.29 -3.21 -4.30
CA GLU B 121 32.89 -2.82 -3.03
C GLU B 121 34.41 -2.88 -3.08
N LYS B 122 34.95 -3.95 -3.66
CA LYS B 122 36.40 -4.08 -3.76
C LYS B 122 36.99 -3.03 -4.69
N ALA B 123 36.30 -2.72 -5.79
CA ALA B 123 36.78 -1.68 -6.70
C ALA B 123 36.80 -0.32 -6.02
N LEU B 124 35.78 -0.04 -5.21
CA LEU B 124 35.76 1.23 -4.47
C LEU B 124 36.84 1.25 -3.39
N GLU B 125 37.10 0.11 -2.75
CA GLU B 125 38.15 0.04 -1.73
C GLU B 125 39.53 0.26 -2.34
N GLU B 126 39.80 -0.33 -3.51
CA GLU B 126 41.10 -0.19 -4.14
C GLU B 126 41.36 1.21 -4.66
N GLU B 127 40.34 2.06 -4.73
CA GLU B 127 40.50 3.46 -5.09
C GLU B 127 40.59 4.37 -3.87
N ASN B 128 40.77 3.80 -2.68
CA ASN B 128 40.81 4.55 -1.43
C ASN B 128 39.54 5.37 -1.22
N LYS B 129 38.40 4.78 -1.60
CA LYS B 129 37.10 5.40 -1.43
C LYS B 129 36.32 4.65 -0.34
N ILE B 130 35.58 5.41 0.46
CA ILE B 130 34.76 4.83 1.52
C ILE B 130 33.42 4.45 0.91
N ALA B 131 33.10 3.15 0.96
CA ALA B 131 31.86 2.62 0.40
C ALA B 131 30.92 2.21 1.52
N ASP B 132 29.69 2.68 1.46
CA ASP B 132 28.65 2.36 2.43
C ASP B 132 27.74 1.31 1.79
N VAL B 133 27.99 0.05 2.09
CA VAL B 133 27.29 -1.06 1.45
C VAL B 133 26.03 -1.37 2.25
N LYS B 134 24.90 -1.45 1.56
CA LYS B 134 23.60 -1.68 2.21
C LYS B 134 22.91 -2.84 1.54
N TYR B 135 22.58 -3.87 2.32
CA TYR B 135 21.76 -4.97 1.85
C TYR B 135 20.73 -5.39 2.89
N THR B 136 20.62 -4.66 4.00
CA THR B 136 19.66 -4.94 5.05
C THR B 136 18.85 -3.66 5.30
N VAL B 137 17.59 -3.85 5.71
CA VAL B 137 16.73 -2.71 5.99
C VAL B 137 17.30 -1.87 7.13
N LYS B 138 17.88 -2.54 8.13
CA LYS B 138 18.47 -1.80 9.25
C LYS B 138 19.63 -0.92 8.80
N GLN B 139 20.44 -1.42 7.86
CA GLN B 139 21.61 -0.67 7.40
C GLN B 139 21.24 0.65 6.75
N LEU B 140 19.99 0.82 6.31
CA LEU B 140 19.56 2.09 5.76
C LEU B 140 19.50 3.19 6.80
N ALA B 141 19.41 2.84 8.08
CA ALA B 141 19.29 3.83 9.15
C ALA B 141 20.62 4.40 9.59
N THR B 142 21.74 3.85 9.13
CA THR B 142 23.06 4.33 9.49
C THR B 142 23.84 4.71 8.24
N THR B 143 24.52 5.85 8.30
CA THR B 143 25.32 6.35 7.19
C THR B 143 26.78 6.44 7.61
N LYS B 144 27.67 5.93 6.77
CA LYS B 144 29.10 6.07 7.03
C LYS B 144 29.53 7.52 6.87
N VAL B 145 30.43 7.95 7.74
CA VAL B 145 30.94 9.32 7.71
C VAL B 145 31.97 9.45 6.60
N LYS B 146 31.87 10.54 5.84
CA LYS B 146 32.78 10.85 4.73
C LYS B 146 32.78 9.74 3.67
N ARG B 147 31.63 9.13 3.43
CA ARG B 147 31.53 8.10 2.41
C ARG B 147 31.57 8.71 1.02
N ASP B 148 32.21 8.01 0.09
CA ASP B 148 32.28 8.47 -1.29
C ASP B 148 31.09 7.98 -2.11
N ALA B 149 30.66 6.74 -1.89
CA ALA B 149 29.54 6.18 -2.61
C ALA B 149 28.77 5.24 -1.69
N VAL B 150 27.50 5.02 -2.01
CA VAL B 150 26.65 4.08 -1.29
C VAL B 150 26.23 3.00 -2.27
N VAL B 151 26.40 1.75 -1.87
CA VAL B 151 26.06 0.59 -2.69
C VAL B 151 24.86 -0.10 -2.06
N TYR B 152 23.76 -0.16 -2.81
CA TYR B 152 22.55 -0.86 -2.38
C TYR B 152 22.54 -2.22 -3.09
N LYS B 153 22.86 -3.27 -2.33
CA LYS B 153 22.76 -4.63 -2.84
C LYS B 153 21.33 -5.07 -2.57
N MET B 154 20.46 -4.85 -3.55
CA MET B 154 19.03 -5.03 -3.36
C MET B 154 18.60 -6.49 -3.45
N HIS B 155 19.48 -7.41 -3.85
CA HIS B 155 19.18 -8.83 -3.86
C HIS B 155 19.94 -9.60 -2.79
N GLY B 156 20.62 -8.91 -1.89
CA GLY B 156 21.35 -9.54 -0.81
C GLY B 156 22.85 -9.59 -1.08
N ASP B 157 23.57 -10.05 -0.06
CA ASP B 157 25.01 -10.17 -0.09
C ASP B 157 25.42 -11.63 -0.22
N VAL B 158 26.64 -11.85 -0.71
CA VAL B 158 27.15 -13.21 -0.84
C VAL B 158 27.40 -13.83 0.53
N GLU B 159 27.87 -13.03 1.49
CA GLU B 159 28.16 -13.54 2.82
C GLU B 159 26.90 -13.83 3.64
N HIS B 160 25.74 -13.48 3.13
CA HIS B 160 24.45 -13.78 3.76
C HIS B 160 23.57 -14.49 2.74
N PRO B 161 23.91 -15.74 2.40
CA PRO B 161 23.18 -16.43 1.33
C PRO B 161 21.71 -16.66 1.63
N SER B 162 21.33 -16.77 2.90
CA SER B 162 19.94 -17.07 3.24
C SER B 162 19.00 -15.91 2.93
N GLU B 163 19.52 -14.70 2.79
CA GLU B 163 18.71 -13.53 2.49
C GLU B 163 18.80 -13.10 1.03
N ALA B 164 19.44 -13.90 0.19
CA ALA B 164 19.53 -13.60 -1.23
C ALA B 164 18.20 -13.87 -1.92
N VAL B 165 17.85 -13.01 -2.87
CA VAL B 165 16.61 -13.14 -3.64
C VAL B 165 16.89 -14.07 -4.81
N LEU B 166 16.47 -15.34 -4.70
CA LEU B 166 16.77 -16.33 -5.71
C LEU B 166 15.51 -17.05 -6.20
N ILE B 167 14.57 -17.29 -5.29
CA ILE B 167 13.41 -18.11 -5.59
C ILE B 167 12.17 -17.21 -5.68
N LYS B 168 11.07 -17.80 -6.16
CA LYS B 168 9.84 -17.02 -6.34
C LYS B 168 9.29 -16.53 -5.01
N ASP B 169 9.51 -17.27 -3.92
CA ASP B 169 9.06 -16.81 -2.62
C ASP B 169 9.74 -15.51 -2.23
N ASP B 170 11.04 -15.40 -2.51
CA ASP B 170 11.77 -14.16 -2.21
C ASP B 170 11.21 -12.98 -3.00
N TYR B 171 10.93 -13.19 -4.28
CA TYR B 171 10.36 -12.11 -5.09
C TYR B 171 8.97 -11.74 -4.62
N GLU B 172 8.18 -12.67 -4.15
CA GLU B 172 6.83 -12.45 -3.71
C GLU B 172 6.75 -11.82 -2.37
N LYS B 173 7.76 -11.98 -1.55
CA LYS B 173 7.82 -11.31 -0.27
C LYS B 173 8.74 -10.10 -0.26
N TYR B 174 9.38 -9.79 -1.39
CA TYR B 174 10.27 -8.62 -1.45
C TYR B 174 9.50 -7.33 -1.22
N SER B 175 8.31 -7.20 -1.80
CA SER B 175 7.55 -5.96 -1.69
C SER B 175 7.15 -5.65 -0.26
N ILE B 176 7.11 -6.64 0.62
CA ILE B 176 6.80 -6.44 2.03
C ILE B 176 8.06 -6.34 2.88
N LYS B 177 8.98 -7.29 2.71
CA LYS B 177 10.19 -7.32 3.53
C LYS B 177 11.12 -6.16 3.19
N MET B 178 11.36 -5.93 1.90
CA MET B 178 12.34 -4.95 1.44
C MET B 178 11.65 -3.72 0.84
N ASP B 179 10.52 -3.32 1.42
CA ASP B 179 9.83 -2.12 0.96
C ASP B 179 10.67 -0.85 1.07
N PRO B 180 11.44 -0.62 2.14
CA PRO B 180 12.31 0.58 2.16
C PRO B 180 13.27 0.65 1.00
N TYR B 181 13.79 -0.49 0.54
CA TYR B 181 14.67 -0.48 -0.63
C TYR B 181 13.89 -0.12 -1.89
N ILE B 182 12.64 -0.56 -2.00
CA ILE B 182 11.80 -0.16 -3.13
C ILE B 182 11.59 1.34 -3.11
N LYS B 183 11.29 1.91 -1.93
CA LYS B 183 11.10 3.35 -1.83
C LYS B 183 12.38 4.11 -2.18
N ALA B 184 13.53 3.62 -1.71
CA ALA B 184 14.80 4.26 -2.02
C ALA B 184 15.10 4.23 -3.51
N LEU B 185 14.85 3.07 -4.16
CA LEU B 185 15.11 2.96 -5.59
C LEU B 185 14.16 3.83 -6.39
N SER B 186 12.90 3.94 -5.96
CA SER B 186 11.98 4.86 -6.63
C SER B 186 12.45 6.29 -6.50
N GLY B 187 12.89 6.69 -5.30
CA GLY B 187 13.39 8.04 -5.12
C GLY B 187 14.62 8.32 -5.96
N ASP B 188 15.53 7.36 -6.05
CA ASP B 188 16.71 7.53 -6.90
C ASP B 188 16.33 7.61 -8.38
N LEU B 189 15.38 6.77 -8.82
CA LEU B 189 14.96 6.79 -10.21
C LEU B 189 14.28 8.10 -10.57
N VAL B 190 13.61 8.74 -9.62
CA VAL B 190 12.98 10.03 -9.92
C VAL B 190 13.91 11.21 -9.67
N SER B 191 15.00 11.03 -8.92
CA SER B 191 15.89 12.12 -8.58
C SER B 191 17.29 12.01 -9.20
N LYS B 192 17.66 10.86 -9.75
CA LYS B 192 18.98 10.65 -10.29
C LYS B 192 18.89 10.06 -11.70
N THR B 193 19.94 10.29 -12.48
CA THR B 193 20.04 9.74 -13.82
C THR B 193 20.79 8.42 -13.77
N PHE B 194 20.09 7.33 -14.08
CA PHE B 194 20.65 5.99 -13.95
C PHE B 194 21.27 5.52 -15.27
N LEU B 195 22.30 4.70 -15.13
CA LEU B 195 22.89 3.96 -16.25
C LEU B 195 22.82 2.49 -15.89
N PHE B 196 22.07 1.73 -16.67
CA PHE B 196 21.91 0.29 -16.46
C PHE B 196 22.97 -0.45 -17.25
N VAL B 197 23.87 -1.14 -16.55
CA VAL B 197 24.95 -1.91 -17.16
C VAL B 197 24.83 -3.36 -16.70
N GLY B 198 24.83 -4.28 -17.66
CA GLY B 198 24.74 -5.68 -17.33
C GLY B 198 23.37 -6.14 -16.87
N PHE B 199 22.33 -5.34 -17.09
CA PHE B 199 20.99 -5.66 -16.63
C PHE B 199 20.13 -6.10 -17.81
N SER B 200 19.44 -7.23 -17.64
CA SER B 200 18.61 -7.79 -18.70
C SER B 200 17.17 -7.31 -18.63
N PHE B 201 16.79 -6.59 -17.58
CA PHE B 201 15.44 -6.05 -17.41
C PHE B 201 14.40 -7.17 -17.42
N THR B 202 14.76 -8.33 -16.87
CA THR B 202 13.83 -9.43 -16.66
C THR B 202 13.59 -9.70 -15.18
N ASP B 203 13.95 -8.75 -14.32
CA ASP B 203 13.79 -8.91 -12.89
C ASP B 203 12.39 -8.45 -12.48
N PRO B 204 11.59 -9.30 -11.82
CA PRO B 204 10.24 -8.87 -11.43
C PRO B 204 10.22 -7.67 -10.51
N ASN B 205 11.20 -7.55 -9.60
CA ASN B 205 11.22 -6.40 -8.69
C ASN B 205 11.48 -5.11 -9.44
N LEU B 206 12.43 -5.12 -10.38
CA LEU B 206 12.71 -3.92 -11.16
C LEU B 206 11.53 -3.57 -12.07
N ASP B 207 10.88 -4.57 -12.64
CA ASP B 207 9.68 -4.31 -13.43
C ASP B 207 8.59 -3.67 -12.58
N TYR B 208 8.39 -4.17 -11.36
CA TYR B 208 7.40 -3.61 -10.45
C TYR B 208 7.72 -2.16 -10.11
N ILE B 209 9.00 -1.89 -9.78
CA ILE B 209 9.39 -0.54 -9.39
C ILE B 209 9.25 0.43 -10.56
N LEU B 210 9.68 0.00 -11.75
CA LEU B 210 9.56 0.86 -12.93
C LEU B 210 8.10 1.11 -13.28
N SER B 211 7.25 0.09 -13.13
CA SER B 211 5.83 0.29 -13.40
C SER B 211 5.21 1.27 -12.41
N ARG B 212 5.62 1.19 -11.13
CA ARG B 212 5.11 2.14 -10.15
C ARG B 212 5.57 3.56 -10.46
N VAL B 213 6.84 3.73 -10.83
CA VAL B 213 7.36 5.05 -11.16
C VAL B 213 6.65 5.61 -12.39
N ARG B 214 6.42 4.75 -13.39
CA ARG B 214 5.69 5.19 -14.59
C ARG B 214 4.26 5.60 -14.25
N SER B 215 3.57 4.78 -13.44
CA SER B 215 2.22 5.14 -13.04
C SER B 215 2.19 6.45 -12.28
N ALA B 216 3.24 6.73 -11.50
CA ALA B 216 3.27 7.96 -10.71
C ALA B 216 3.59 9.18 -11.56
N TYR B 217 4.44 9.05 -12.58
CA TYR B 217 4.97 10.23 -13.26
C TYR B 217 4.54 10.38 -14.71
N GLU B 218 3.80 9.43 -15.28
CA GLU B 218 3.22 9.52 -16.63
C GLU B 218 4.34 9.82 -17.63
N ARG B 219 4.22 10.84 -18.47
CA ARG B 219 5.21 11.15 -19.48
C ARG B 219 6.35 12.02 -18.96
N ASP B 220 6.31 12.39 -17.68
CA ASP B 220 7.31 13.26 -17.08
C ASP B 220 8.38 12.47 -16.34
N GLN B 221 8.55 11.20 -16.71
CA GLN B 221 9.59 10.37 -16.11
C GLN B 221 10.98 10.89 -16.49
N ARG B 222 11.90 10.75 -15.56
CA ARG B 222 13.29 11.13 -15.79
C ARG B 222 13.95 10.18 -16.79
N ARG B 223 14.70 10.66 -17.72
CA ARG B 223 15.37 9.82 -18.65
C ARG B 223 16.51 9.12 -18.05
N HIS B 224 16.63 7.86 -18.33
CA HIS B 224 17.69 6.98 -17.90
C HIS B 224 18.33 6.31 -19.10
N TYR B 225 19.47 5.68 -18.89
CA TYR B 225 20.21 5.03 -19.96
C TYR B 225 20.49 3.58 -19.61
N CYS B 226 20.52 2.74 -20.63
CA CYS B 226 20.89 1.35 -20.51
C CYS B 226 21.85 1.00 -21.63
N LEU B 227 22.73 0.03 -21.37
CA LEU B 227 23.67 -0.47 -22.37
C LEU B 227 23.34 -1.93 -22.65
N ILE B 228 22.95 -2.23 -23.88
CA ILE B 228 22.55 -3.58 -24.26
C ILE B 228 23.32 -3.98 -25.51
N LYS B 229 23.87 -5.20 -25.50
CA LYS B 229 24.57 -5.71 -26.66
C LYS B 229 23.58 -6.27 -27.67
N LYS B 230 23.86 -6.05 -28.96
CA LYS B 230 22.98 -6.53 -30.01
C LYS B 230 23.04 -8.05 -30.11
N GLU B 231 21.99 -8.62 -30.69
CA GLU B 231 21.93 -10.07 -30.87
C GLU B 231 22.97 -10.55 -31.87
N GLU B 232 23.60 -11.68 -31.56
CA GLU B 232 24.62 -12.27 -32.40
C GLU B 232 24.11 -13.58 -32.98
N ARG B 233 24.46 -13.84 -34.25
CA ARG B 233 24.00 -15.05 -34.93
C ARG B 233 24.71 -16.26 -34.34
N ARG B 234 23.94 -17.14 -33.70
CA ARG B 234 24.51 -18.37 -33.17
C ARG B 234 24.89 -19.31 -34.31
N PRO B 235 25.93 -20.14 -34.11
CA PRO B 235 26.35 -21.05 -35.18
C PRO B 235 25.26 -21.99 -35.66
N ASP B 236 24.44 -22.51 -34.74
CA ASP B 236 23.38 -23.44 -35.12
C ASP B 236 22.19 -22.72 -35.76
N GLU B 237 21.97 -21.46 -35.41
CA GLU B 237 20.78 -20.76 -35.86
C GLU B 237 20.83 -20.43 -37.34
N LEU B 238 19.65 -20.26 -37.93
CA LEU B 238 19.51 -19.84 -39.31
C LEU B 238 19.35 -18.32 -39.39
N GLU B 239 19.34 -17.80 -40.62
CA GLU B 239 19.19 -16.36 -40.82
C GLU B 239 17.82 -15.88 -40.34
N ALA B 240 16.76 -16.64 -40.60
CA ALA B 240 15.42 -16.23 -40.20
C ALA B 240 15.30 -16.15 -38.69
N ASP B 241 15.85 -17.12 -37.97
CA ASP B 241 15.81 -17.08 -36.51
C ASP B 241 16.60 -15.90 -35.96
N PHE B 242 17.75 -15.60 -36.58
CA PHE B 242 18.53 -14.45 -36.15
C PHE B 242 17.76 -13.15 -36.37
N GLU B 243 17.11 -13.01 -37.52
CA GLU B 243 16.32 -11.81 -37.79
C GLU B 243 15.14 -11.71 -36.82
N TYR B 244 14.52 -12.84 -36.49
CA TYR B 244 13.43 -12.83 -35.52
C TYR B 244 13.93 -12.39 -34.14
N ARG B 245 15.12 -12.86 -33.75
CA ARG B 245 15.69 -12.43 -32.47
C ARG B 245 16.02 -10.95 -32.48
N VAL B 246 16.53 -10.44 -33.61
CA VAL B 246 16.81 -9.02 -33.72
C VAL B 246 15.54 -8.19 -33.58
N ARG B 247 14.47 -8.61 -34.25
CA ARG B 247 13.19 -7.91 -34.14
C ARG B 247 12.65 -7.98 -32.71
N LYS B 248 12.79 -9.14 -32.06
CA LYS B 248 12.35 -9.27 -30.69
C LYS B 248 13.12 -8.33 -29.76
N GLN B 249 14.43 -8.20 -29.99
CA GLN B 249 15.23 -7.28 -29.19
C GLN B 249 14.84 -5.84 -29.45
N GLU B 250 14.51 -5.50 -30.70
CA GLU B 250 14.06 -4.14 -31.00
C GLU B 250 12.76 -3.82 -30.28
N LEU B 251 11.81 -4.77 -30.27
CA LEU B 251 10.57 -4.57 -29.53
C LEU B 251 10.83 -4.47 -28.04
N PHE B 252 11.78 -5.25 -27.52
CA PHE B 252 12.17 -5.14 -26.13
C PHE B 252 12.73 -3.76 -25.82
N ILE B 253 13.53 -3.15 -26.65
CA ILE B 253 14.13 -1.88 -26.42
C ILE B 253 13.12 -0.78 -26.50
N SER B 254 12.13 -0.90 -27.35
CA SER B 254 11.06 0.05 -27.43
C SER B 254 10.12 0.00 -26.24
N ASP B 255 9.91 -1.14 -25.61
CA ASP B 255 9.13 -1.21 -24.41
C ASP B 255 9.86 -0.69 -23.23
N LEU B 256 11.15 -0.59 -23.28
CA LEU B 256 11.91 -0.15 -22.18
C LEU B 256 11.86 1.28 -22.37
N SER B 257 11.96 1.72 -23.60
CA SER B 257 11.76 3.16 -23.76
C SER B 257 10.39 3.59 -23.28
N ARG B 258 9.46 2.73 -22.91
CA ARG B 258 8.14 3.13 -22.33
C ARG B 258 8.34 3.56 -20.99
N PHE B 259 9.45 3.15 -20.43
CA PHE B 259 9.80 3.68 -19.12
C PHE B 259 10.80 4.83 -19.20
N ASN B 260 10.91 5.48 -20.37
CA ASN B 260 11.84 6.58 -20.59
C ASN B 260 13.29 6.16 -20.35
N ILE B 261 13.61 4.91 -20.67
CA ILE B 261 14.96 4.37 -20.57
C ILE B 261 15.49 4.18 -21.98
N LYS B 262 16.43 5.04 -22.38
CA LYS B 262 17.02 4.95 -23.71
C LYS B 262 18.12 3.89 -23.71
N THR B 263 18.10 3.03 -24.73
CA THR B 263 19.02 1.91 -24.81
C THR B 263 20.08 2.20 -25.86
N ILE B 264 21.34 1.99 -25.48
CA ILE B 264 22.47 2.09 -26.39
C ILE B 264 22.85 0.68 -26.80
N VAL B 265 22.74 0.40 -28.09
CA VAL B 265 23.02 -0.93 -28.63
C VAL B 265 24.51 -1.00 -28.96
N LEU B 266 25.18 -2.00 -28.39
CA LEU B 266 26.62 -2.15 -28.52
C LEU B 266 26.93 -3.43 -29.30
N ASN B 267 27.98 -3.36 -30.12
CA ASN B 267 28.36 -4.52 -30.92
C ASN B 267 28.90 -5.65 -30.04
N ASN B 268 29.68 -5.31 -29.02
CA ASN B 268 30.26 -6.29 -28.13
C ASN B 268 30.34 -5.71 -26.72
N TYR B 269 30.76 -6.53 -25.78
CA TYR B 269 30.82 -6.12 -24.38
C TYR B 269 32.05 -5.27 -24.04
N ASN B 270 33.07 -5.26 -24.91
CA ASN B 270 34.19 -4.36 -24.70
C ASN B 270 33.83 -2.91 -24.96
N GLU B 271 32.76 -2.66 -25.71
CA GLU B 271 32.30 -1.28 -25.91
C GLU B 271 31.81 -0.66 -24.61
N ILE B 272 31.37 -1.47 -23.63
CA ILE B 272 31.09 -0.93 -22.31
C ILE B 272 32.35 -0.32 -21.71
N THR B 273 33.47 -1.06 -21.79
CA THR B 273 34.73 -0.54 -21.28
C THR B 273 35.17 0.70 -22.07
N GLU B 274 34.97 0.69 -23.39
CA GLU B 274 35.35 1.86 -24.18
C GLU B 274 34.53 3.09 -23.79
N ILE B 275 33.23 2.92 -23.59
CA ILE B 275 32.37 4.03 -23.19
C ILE B 275 32.77 4.55 -21.81
N LEU B 276 33.02 3.63 -20.88
CA LEU B 276 33.43 4.05 -19.54
C LEU B 276 34.76 4.79 -19.58
N GLN B 277 35.72 4.31 -20.39
CA GLN B 277 36.98 5.01 -20.54
C GLN B 277 36.79 6.39 -21.14
N ARG B 278 35.89 6.52 -22.12
CA ARG B 278 35.64 7.82 -22.74
C ARG B 278 35.03 8.79 -21.73
N ILE B 279 34.08 8.32 -20.92
CA ILE B 279 33.49 9.19 -19.89
C ILE B 279 34.54 9.60 -18.87
N GLU B 280 35.38 8.65 -18.44
CA GLU B 280 36.43 8.96 -17.49
C GLU B 280 37.40 9.98 -18.06
N ASN B 281 37.77 9.82 -19.33
CA ASN B 281 38.67 10.78 -19.97
C ASN B 281 38.03 12.16 -20.07
N ASN B 282 36.74 12.22 -20.43
CA ASN B 282 36.06 13.51 -20.52
C ASN B 282 36.02 14.20 -19.17
N ILE B 283 35.81 13.43 -18.09
CA ILE B 283 35.78 14.03 -16.76
C ILE B 283 37.18 14.47 -16.34
N LYS B 284 38.20 13.65 -16.63
CA LYS B 284 39.54 13.91 -16.13
C LYS B 284 40.22 15.06 -16.87
N THR B 285 40.03 15.13 -18.19
CA THR B 285 40.72 16.13 -18.99
C THR B 285 40.15 17.54 -18.84
N LYS B 286 39.03 17.69 -18.14
CA LYS B 286 38.48 19.03 -17.91
C LYS B 286 39.31 19.85 -16.95
N THR B 287 40.29 19.23 -16.27
CA THR B 287 41.22 19.94 -15.40
C THR B 287 42.58 19.98 -16.09
N VAL B 288 43.07 21.19 -16.35
CA VAL B 288 44.32 21.41 -17.06
C VAL B 288 45.38 21.90 -16.09
N PHE B 289 46.57 21.31 -16.17
CA PHE B 289 47.71 21.69 -15.36
C PHE B 289 48.55 22.68 -16.16
N LEU B 290 48.52 23.94 -15.75
CA LEU B 290 49.30 24.98 -16.40
C LEU B 290 50.68 25.06 -15.75
N SER B 291 51.72 24.80 -16.54
CA SER B 291 53.08 24.74 -16.03
C SER B 291 53.97 25.71 -16.80
N GLY B 292 55.01 26.17 -16.14
CA GLY B 292 56.02 26.99 -16.79
C GLY B 292 56.55 28.06 -15.86
N SER B 293 57.74 28.52 -16.20
CA SER B 293 58.41 29.64 -15.54
C SER B 293 59.25 30.35 -16.58
N ALA B 294 59.18 31.68 -16.58
CA ALA B 294 59.78 32.45 -17.67
C ALA B 294 60.34 33.75 -17.13
N VAL B 295 61.66 33.95 -17.30
CA VAL B 295 62.26 35.26 -17.10
C VAL B 295 62.39 36.00 -18.43
N GLU B 296 62.82 35.30 -19.47
CA GLU B 296 62.86 35.83 -20.83
C GLU B 296 61.84 35.08 -21.67
N TYR B 297 60.94 35.82 -22.32
CA TYR B 297 59.81 35.21 -23.03
C TYR B 297 60.14 34.96 -24.51
N ASN B 298 61.28 34.31 -24.76
CA ASN B 298 61.70 33.88 -26.10
C ASN B 298 61.66 35.09 -27.05
N HIS B 299 61.01 34.98 -28.22
CA HIS B 299 61.00 36.09 -29.16
C HIS B 299 60.04 37.20 -28.72
N TRP B 300 58.91 36.82 -28.13
CA TRP B 300 57.91 37.80 -27.74
C TRP B 300 58.42 38.69 -26.61
N GLU B 301 57.90 39.92 -26.57
CA GLU B 301 58.26 40.85 -25.52
C GLU B 301 57.61 40.44 -24.21
N THR B 302 58.02 41.09 -23.12
CA THR B 302 57.48 40.76 -21.80
C THR B 302 55.99 41.04 -21.72
N GLU B 303 55.57 42.25 -22.10
CA GLU B 303 54.15 42.61 -22.00
C GLU B 303 53.30 41.77 -22.95
N HIS B 304 53.80 41.51 -24.15
CA HIS B 304 53.07 40.70 -25.11
C HIS B 304 52.84 39.28 -24.58
N ALA B 305 53.88 38.69 -24.00
CA ALA B 305 53.74 37.34 -23.45
C ALA B 305 52.83 37.32 -22.23
N GLU B 306 52.90 38.36 -21.40
CA GLU B 306 52.00 38.45 -20.25
C GLU B 306 50.55 38.52 -20.71
N GLN B 307 50.27 39.33 -21.72
CA GLN B 307 48.92 39.42 -22.26
C GLN B 307 48.49 38.09 -22.87
N PHE B 308 49.41 37.40 -23.55
CA PHE B 308 49.11 36.09 -24.12
C PHE B 308 48.71 35.10 -23.04
N ILE B 309 49.49 35.03 -21.95
CA ILE B 309 49.18 34.11 -20.86
C ILE B 309 47.86 34.48 -20.20
N HIS B 310 47.63 35.78 -19.98
CA HIS B 310 46.39 36.23 -19.37
C HIS B 310 45.19 35.81 -20.21
N GLN B 311 45.23 36.06 -21.52
CA GLN B 311 44.10 35.72 -22.37
C GLN B 311 43.96 34.20 -22.53
N LEU B 312 45.07 33.47 -22.53
CA LEU B 312 44.98 32.01 -22.57
C LEU B 312 44.27 31.47 -21.34
N SER B 313 44.61 31.98 -20.16
CA SER B 313 43.95 31.54 -18.94
C SER B 313 42.48 31.96 -18.94
N LYS B 314 42.18 33.16 -19.44
CA LYS B 314 40.79 33.60 -19.53
C LYS B 314 39.99 32.69 -20.44
N GLU B 315 40.56 32.30 -21.58
CA GLU B 315 39.88 31.38 -22.48
C GLU B 315 39.71 30.00 -21.85
N LEU B 316 40.72 29.52 -21.13
CA LEU B 316 40.61 28.23 -20.45
C LEU B 316 39.48 28.25 -19.44
N ILE B 317 39.37 29.32 -18.65
CA ILE B 317 38.26 29.42 -17.71
C ILE B 317 36.93 29.53 -18.45
N ARG B 318 36.90 30.28 -19.55
CA ARG B 318 35.66 30.46 -20.30
C ARG B 318 35.20 29.15 -20.95
N LYS B 319 36.13 28.28 -21.33
CA LYS B 319 35.80 27.00 -21.95
C LYS B 319 35.49 25.91 -20.93
N ASP B 320 35.13 26.28 -19.70
CA ASP B 320 34.75 25.35 -18.65
C ASP B 320 35.89 24.39 -18.30
N PHE B 321 37.09 24.94 -18.15
CA PHE B 321 38.25 24.17 -17.70
C PHE B 321 38.66 24.65 -16.32
N ASN B 322 39.12 23.70 -15.50
CA ASN B 322 39.62 23.99 -14.17
C ASN B 322 41.14 24.02 -14.22
N ILE B 323 41.72 25.16 -13.86
CA ILE B 323 43.16 25.38 -14.00
C ILE B 323 43.85 25.06 -12.68
N VAL B 324 44.88 24.22 -12.74
CA VAL B 324 45.74 23.94 -11.61
C VAL B 324 47.13 24.44 -11.97
N SER B 325 47.66 25.36 -11.17
CA SER B 325 48.95 25.99 -11.43
C SER B 325 49.85 25.88 -10.21
N GLY B 326 51.14 25.70 -10.48
CA GLY B 326 52.16 25.68 -9.44
C GLY B 326 52.70 27.04 -9.06
N PHE B 327 52.14 28.12 -9.62
CA PHE B 327 52.59 29.48 -9.35
C PHE B 327 54.09 29.62 -9.67
N GLY B 328 54.45 29.24 -10.89
CA GLY B 328 55.83 29.41 -11.33
C GLY B 328 56.20 30.88 -11.47
N LEU B 329 57.48 31.15 -11.31
CA LEU B 329 57.98 32.52 -11.37
C LEU B 329 57.83 33.05 -12.79
N GLY B 330 57.04 34.11 -12.95
CA GLY B 330 56.84 34.73 -14.25
C GLY B 330 55.63 34.25 -15.02
N VAL B 331 55.00 33.14 -14.61
CA VAL B 331 53.82 32.65 -15.31
C VAL B 331 52.62 32.63 -14.38
N GLY B 332 52.86 32.42 -13.08
CA GLY B 332 51.76 32.22 -12.15
C GLY B 332 50.90 33.46 -11.96
N SER B 333 51.53 34.63 -11.85
CA SER B 333 50.78 35.85 -11.61
C SER B 333 49.79 36.13 -12.73
N PHE B 334 50.20 35.88 -13.98
CA PHE B 334 49.37 36.26 -15.11
C PHE B 334 48.26 35.26 -15.37
N VAL B 335 48.47 33.96 -15.12
CA VAL B 335 47.35 33.03 -15.16
C VAL B 335 46.37 33.34 -14.04
N ILE B 336 46.89 33.75 -12.87
CA ILE B 336 46.00 34.17 -11.79
C ILE B 336 45.18 35.38 -12.23
N ASN B 337 45.82 36.35 -12.89
CA ASN B 337 45.09 37.54 -13.35
C ASN B 337 44.03 37.17 -14.38
N GLY B 338 44.36 36.25 -15.30
CA GLY B 338 43.38 35.82 -16.27
C GLY B 338 42.18 35.14 -15.63
N VAL B 339 42.44 34.25 -14.67
CA VAL B 339 41.34 33.58 -13.96
C VAL B 339 40.50 34.59 -13.21
N LEU B 340 41.14 35.57 -12.57
CA LEU B 340 40.40 36.59 -11.83
C LEU B 340 39.53 37.43 -12.76
N GLU B 341 40.07 37.81 -13.92
CA GLU B 341 39.27 38.57 -14.88
C GLU B 341 38.09 37.74 -15.39
N GLU B 342 38.31 36.46 -15.64
CA GLU B 342 37.22 35.62 -16.15
C GLU B 342 36.15 35.38 -15.08
N LEU B 343 36.54 35.30 -13.81
CA LEU B 343 35.61 34.94 -12.75
C LEU B 343 34.96 36.16 -12.09
N TYR B 344 35.71 37.25 -11.92
CA TYR B 344 35.16 38.46 -11.28
C TYR B 344 34.27 39.17 -12.28
N MET B 345 33.02 38.71 -12.37
CA MET B 345 32.04 39.28 -13.28
C MET B 345 30.65 39.26 -12.67
N GLY B 348 32.00 38.75 -7.99
CA GLY B 348 32.16 37.31 -7.95
C GLY B 348 33.26 36.85 -7.01
N THR B 349 33.32 35.54 -6.77
CA THR B 349 34.31 34.95 -5.89
C THR B 349 35.07 33.87 -6.64
N ILE B 350 36.23 33.50 -6.09
CA ILE B 350 37.07 32.47 -6.69
C ILE B 350 36.55 31.11 -6.24
N ASP B 351 35.93 30.38 -7.18
CA ASP B 351 35.51 29.02 -6.88
C ASP B 351 36.74 28.13 -6.69
N ASP B 352 36.68 27.26 -5.68
CA ASP B 352 37.84 26.43 -5.38
C ASP B 352 38.13 25.44 -6.49
N ASP B 353 37.11 25.02 -7.24
CA ASP B 353 37.31 24.05 -8.31
C ASP B 353 37.95 24.70 -9.55
N ARG B 354 37.57 25.95 -9.85
CA ARG B 354 38.03 26.58 -11.08
C ARG B 354 39.53 26.83 -11.06
N LEU B 355 40.08 27.27 -9.93
CA LEU B 355 41.50 27.60 -9.84
C LEU B 355 42.06 27.01 -8.56
N ILE B 356 42.98 26.06 -8.70
CA ILE B 356 43.72 25.49 -7.57
C ILE B 356 45.14 25.98 -7.65
N LEU B 357 45.58 26.76 -6.66
CA LEU B 357 46.92 27.33 -6.64
C LEU B 357 47.76 26.58 -5.63
N ARG B 358 48.93 26.12 -6.06
CA ARG B 358 49.85 25.34 -5.23
C ARG B 358 51.25 25.93 -5.33
N PRO B 359 51.49 27.09 -4.72
CA PRO B 359 52.85 27.64 -4.71
C PRO B 359 53.81 26.70 -3.97
N PHE B 360 55.01 26.57 -4.50
CA PHE B 360 55.98 25.66 -3.89
C PHE B 360 56.59 26.29 -2.63
N PRO B 361 56.73 25.51 -1.57
CA PRO B 361 57.42 26.01 -0.38
C PRO B 361 58.86 26.37 -0.69
N GLN B 362 59.33 27.44 -0.07
CA GLN B 362 60.68 27.97 -0.31
C GLN B 362 61.56 27.64 0.89
N GLY B 363 62.72 27.06 0.62
CA GLY B 363 63.68 26.69 1.63
C GLY B 363 64.13 25.26 1.49
N LYS B 364 65.00 24.85 2.41
CA LYS B 364 65.52 23.49 2.37
C LYS B 364 64.46 22.47 2.75
N LYS B 365 63.57 22.83 3.68
CA LYS B 365 62.52 21.90 4.10
C LYS B 365 61.52 21.66 2.97
N GLY B 366 61.19 22.70 2.20
CA GLY B 366 60.24 22.53 1.12
C GLY B 366 60.73 21.63 0.01
N GLU B 367 62.01 21.77 -0.36
CA GLU B 367 62.56 20.98 -1.46
C GLU B 367 62.58 19.49 -1.15
N GLU B 368 62.55 19.10 0.13
CA GLU B 368 62.50 17.69 0.47
C GLU B 368 61.19 17.05 0.00
N GLN B 369 60.07 17.75 0.19
CA GLN B 369 58.76 17.27 -0.21
C GLN B 369 58.29 17.85 -1.53
N TRP B 370 59.15 18.61 -2.22
CA TRP B 370 58.78 19.19 -3.51
C TRP B 370 58.30 18.14 -4.51
N ASP B 371 58.93 16.97 -4.52
CA ASP B 371 58.55 15.95 -5.49
C ASP B 371 57.13 15.43 -5.24
N LYS B 372 56.84 15.11 -3.98
CA LYS B 372 55.49 14.63 -3.65
C LYS B 372 54.46 15.75 -3.84
N TYR B 373 54.84 16.99 -3.55
CA TYR B 373 53.96 18.13 -3.80
C TYR B 373 53.62 18.25 -5.28
N ARG B 374 54.64 18.11 -6.13
CA ARG B 374 54.43 18.18 -7.57
C ARG B 374 53.55 17.04 -8.07
N ARG B 375 53.79 15.83 -7.56
CA ARG B 375 52.98 14.69 -7.98
C ARG B 375 51.53 14.85 -7.56
N ASP B 376 51.29 15.30 -6.32
CA ASP B 376 49.93 15.54 -5.85
C ASP B 376 49.26 16.63 -6.67
N MET B 377 50.00 17.70 -7.00
CA MET B 377 49.43 18.77 -7.80
C MET B 377 49.05 18.27 -9.19
N ILE B 378 49.90 17.47 -9.82
CA ILE B 378 49.61 17.00 -11.17
C ILE B 378 48.50 15.96 -11.18
N THR B 379 48.37 15.17 -10.11
CA THR B 379 47.37 14.10 -10.09
C THR B 379 45.95 14.65 -10.25
N ARG B 380 45.71 15.90 -9.83
CA ARG B 380 44.40 16.49 -9.94
C ARG B 380 43.98 16.78 -11.39
N THR B 381 44.91 16.72 -12.33
CA THR B 381 44.66 17.14 -13.70
C THR B 381 44.74 15.95 -14.65
N GLY B 382 44.29 16.19 -15.88
CA GLY B 382 44.36 15.19 -16.93
C GLY B 382 45.03 15.71 -18.18
N VAL B 383 45.20 17.03 -18.27
CA VAL B 383 45.88 17.67 -19.38
C VAL B 383 46.95 18.60 -18.82
N SER B 384 48.15 18.52 -19.37
CA SER B 384 49.27 19.36 -18.96
C SER B 384 49.66 20.29 -20.09
N ILE B 385 49.71 21.59 -19.81
CA ILE B 385 50.11 22.61 -20.78
C ILE B 385 51.39 23.24 -20.28
N PHE B 386 52.41 23.25 -21.13
CA PHE B 386 53.74 23.75 -20.78
C PHE B 386 54.02 25.02 -21.56
N LEU B 387 54.51 26.04 -20.87
CA LEU B 387 54.84 27.33 -21.47
C LEU B 387 56.23 27.75 -21.04
N TYR B 388 57.07 28.12 -22.00
CA TYR B 388 58.41 28.65 -21.76
C TYR B 388 59.21 27.62 -20.98
N GLY B 389 59.68 27.90 -19.77
CA GLY B 389 60.48 26.95 -19.02
C GLY B 389 61.89 27.45 -18.78
N ASN B 390 62.04 28.76 -18.62
CA ASN B 390 63.34 29.38 -18.42
C ASN B 390 63.38 30.12 -17.09
N LYS B 391 64.47 29.93 -16.35
CA LYS B 391 64.68 30.58 -15.06
C LYS B 391 66.02 31.30 -15.09
N ILE B 392 66.37 31.92 -13.97
CA ILE B 392 67.66 32.59 -13.81
C ILE B 392 68.37 31.95 -12.63
N ASP B 393 69.60 31.47 -12.86
CA ASP B 393 70.40 30.82 -11.83
C ASP B 393 71.60 31.63 -11.41
N LYS B 394 72.44 32.05 -12.36
CA LYS B 394 73.63 32.84 -12.08
C LYS B 394 73.67 34.10 -12.93
N GLY B 395 72.52 34.75 -13.10
CA GLY B 395 72.43 35.95 -13.92
C GLY B 395 72.15 35.70 -15.38
N GLN B 396 72.10 34.44 -15.82
CA GLN B 396 71.85 34.10 -17.21
C GLN B 396 70.61 33.23 -17.31
N VAL B 397 69.88 33.38 -18.42
CA VAL B 397 68.66 32.61 -18.66
C VAL B 397 69.05 31.17 -18.93
N VAL B 398 68.61 30.25 -18.08
CA VAL B 398 68.88 28.82 -18.21
C VAL B 398 67.55 28.09 -18.23
N LYS B 399 67.42 27.13 -19.15
CA LYS B 399 66.19 26.34 -19.23
C LYS B 399 65.95 25.62 -17.90
N ALA B 400 64.70 25.67 -17.43
CA ALA B 400 64.36 25.16 -16.11
C ALA B 400 64.38 23.63 -16.09
N LYS B 401 64.45 23.08 -14.87
CA LYS B 401 64.41 21.64 -14.67
C LYS B 401 63.13 21.16 -14.00
N GLY B 402 62.40 22.03 -13.32
CA GLY B 402 61.13 21.63 -12.74
C GLY B 402 60.09 21.30 -13.78
N VAL B 403 60.09 22.02 -14.90
CA VAL B 403 59.14 21.74 -15.97
C VAL B 403 59.38 20.35 -16.56
N GLN B 404 60.64 19.94 -16.66
CA GLN B 404 60.93 18.59 -17.14
C GLN B 404 60.38 17.53 -16.19
N SER B 405 60.53 17.76 -14.88
CA SER B 405 59.97 16.84 -13.90
C SER B 405 58.45 16.80 -13.99
N GLU B 406 57.82 17.94 -14.22
CA GLU B 406 56.39 17.99 -14.37
C GLU B 406 55.96 17.23 -15.59
N PHE B 407 56.67 17.36 -16.70
CA PHE B 407 56.37 16.60 -17.90
C PHE B 407 56.52 15.10 -17.66
N ASN B 408 57.57 14.69 -16.95
CA ASN B 408 57.76 13.27 -16.64
C ASN B 408 56.61 12.74 -15.79
N ILE B 409 56.21 13.50 -14.77
CA ILE B 409 55.10 13.07 -13.92
C ILE B 409 53.81 12.99 -14.72
N SER B 410 53.57 13.97 -15.59
CA SER B 410 52.37 13.95 -16.42
C SER B 410 52.34 12.71 -17.32
N PHE B 411 53.48 12.38 -17.92
CA PHE B 411 53.53 11.18 -18.76
C PHE B 411 53.32 9.92 -17.93
N GLU B 412 53.92 9.86 -16.74
CA GLU B 412 53.75 8.68 -15.89
C GLU B 412 52.31 8.48 -15.46
N GLN B 413 51.54 9.57 -15.36
CA GLN B 413 50.13 9.50 -14.99
C GLN B 413 49.21 9.40 -16.20
N ASN B 414 49.76 9.21 -17.40
CA ASN B 414 49.01 9.07 -18.64
C ASN B 414 48.21 10.34 -18.96
N ASN B 415 48.69 11.49 -18.49
CA ASN B 415 48.06 12.76 -18.80
C ASN B 415 48.46 13.24 -20.19
N TYR B 416 47.53 13.91 -20.87
CA TYR B 416 47.84 14.52 -22.15
C TYR B 416 48.79 15.69 -21.94
N VAL B 417 49.83 15.76 -22.77
CA VAL B 417 50.84 16.81 -22.70
C VAL B 417 50.68 17.72 -23.91
N VAL B 418 50.64 19.03 -23.67
CA VAL B 418 50.48 20.00 -24.75
C VAL B 418 51.61 21.01 -24.66
N PRO B 419 52.83 20.65 -25.07
CA PRO B 419 53.93 21.63 -25.03
C PRO B 419 53.81 22.63 -26.17
N VAL B 420 53.84 23.91 -25.83
CA VAL B 420 53.75 24.98 -26.81
C VAL B 420 55.18 25.34 -27.21
N GLY B 421 55.59 24.90 -28.40
CA GLY B 421 56.95 25.14 -28.85
C GLY B 421 57.23 26.58 -29.20
N ALA B 422 56.20 27.36 -29.53
CA ALA B 422 56.40 28.76 -29.85
C ALA B 422 56.95 29.53 -28.65
N THR B 423 56.65 29.07 -27.43
CA THR B 423 57.17 29.73 -26.24
C THR B 423 58.64 29.42 -26.00
N GLY B 424 59.14 28.32 -26.56
CA GLY B 424 60.57 28.03 -26.51
C GLY B 424 61.02 27.40 -25.22
N TYR B 425 62.35 27.22 -25.13
CA TYR B 425 63.04 26.72 -23.94
C TYR B 425 62.58 25.29 -23.68
N ILE B 426 62.25 24.92 -22.44
CA ILE B 426 61.85 23.54 -22.14
C ILE B 426 60.57 23.17 -22.86
N ALA B 427 59.69 24.15 -23.10
CA ALA B 427 58.49 23.87 -23.88
C ALA B 427 58.84 23.44 -25.30
N LYS B 428 59.79 24.13 -25.93
CA LYS B 428 60.23 23.74 -27.27
C LYS B 428 60.93 22.39 -27.25
N ASP B 429 61.76 22.13 -26.24
CA ASP B 429 62.41 20.83 -26.14
C ASP B 429 61.39 19.71 -25.99
N LEU B 430 60.36 19.92 -25.17
CA LEU B 430 59.32 18.93 -24.98
C LEU B 430 58.51 18.73 -26.26
N TRP B 431 58.23 19.81 -26.98
CA TRP B 431 57.52 19.69 -28.26
C TRP B 431 58.34 18.88 -29.25
N ASN B 432 59.65 19.12 -29.32
CA ASN B 432 60.51 18.34 -30.20
C ASN B 432 60.53 16.87 -29.79
N LYS B 433 60.58 16.62 -28.48
CA LYS B 433 60.57 15.24 -27.99
C LYS B 433 59.27 14.53 -28.35
N VAL B 434 58.13 15.23 -28.20
CA VAL B 434 56.85 14.63 -28.54
C VAL B 434 56.76 14.37 -30.04
N ASN B 435 57.21 15.32 -30.86
CA ASN B 435 57.18 15.13 -32.29
C ASN B 435 58.14 14.02 -32.74
N GLU B 436 59.18 13.76 -31.95
CA GLU B 436 60.10 12.66 -32.27
C GLU B 436 59.38 11.32 -32.26
N GLU B 437 58.54 11.09 -31.25
CA GLU B 437 57.71 9.88 -31.15
C GLU B 437 56.28 10.34 -30.89
N PHE B 438 55.55 10.65 -31.97
CA PHE B 438 54.20 11.16 -31.83
C PHE B 438 53.19 10.07 -31.51
N GLU B 439 53.38 8.87 -32.07
CA GLU B 439 52.43 7.78 -31.83
C GLU B 439 52.49 7.29 -30.40
N THR B 440 53.64 7.43 -29.73
CA THR B 440 53.77 6.98 -28.35
C THR B 440 52.89 7.82 -27.43
N TYR B 441 52.82 9.13 -27.67
CA TYR B 441 52.06 10.03 -26.81
C TYR B 441 50.62 10.24 -27.29
N TYR B 442 50.40 10.20 -28.60
CA TYR B 442 49.08 10.38 -29.18
C TYR B 442 48.78 9.24 -30.15
N PRO B 443 48.52 8.04 -29.65
CA PRO B 443 48.21 6.92 -30.54
C PRO B 443 46.85 7.12 -31.21
N GLY B 444 46.78 6.77 -32.49
CA GLY B 444 45.55 6.92 -33.26
C GLY B 444 45.09 8.35 -33.40
N ALA B 445 46.02 9.28 -33.60
CA ALA B 445 45.67 10.68 -33.75
C ALA B 445 45.15 10.97 -35.15
N ASP B 446 44.20 11.91 -35.23
CA ASP B 446 43.62 12.30 -36.50
C ASP B 446 44.51 13.32 -37.21
N ALA B 447 44.12 13.67 -38.43
CA ALA B 447 44.86 14.67 -39.19
C ALA B 447 44.78 16.04 -38.53
N ARG B 448 43.61 16.41 -38.02
CA ARG B 448 43.45 17.71 -37.38
C ARG B 448 44.30 17.81 -36.13
N MET B 449 44.39 16.73 -35.34
CA MET B 449 45.23 16.74 -34.16
C MET B 449 46.70 16.92 -34.52
N LYS B 450 47.16 16.22 -35.55
CA LYS B 450 48.55 16.39 -35.99
C LYS B 450 48.80 17.80 -36.49
N LYS B 451 47.86 18.37 -37.24
CA LYS B 451 48.02 19.73 -37.73
C LYS B 451 48.08 20.74 -36.58
N LEU B 452 47.23 20.57 -35.58
CA LEU B 452 47.26 21.47 -34.42
C LEU B 452 48.57 21.32 -33.65
N PHE B 453 49.04 20.09 -33.47
CA PHE B 453 50.29 19.89 -32.75
C PHE B 453 51.46 20.53 -33.51
N GLY B 454 51.47 20.39 -34.85
CA GLY B 454 52.50 21.04 -35.63
C GLY B 454 52.41 22.56 -35.56
N GLU B 455 51.19 23.09 -35.59
CA GLU B 455 50.99 24.54 -35.50
C GLU B 455 51.34 25.08 -34.12
N LEU B 456 51.35 24.23 -33.09
CA LEU B 456 51.73 24.68 -31.75
C LEU B 456 53.15 25.24 -31.71
N ASN B 457 54.02 24.86 -32.65
CA ASN B 457 55.39 25.33 -32.69
C ASN B 457 55.61 26.37 -33.79
N ASN B 458 54.63 27.24 -34.01
CA ASN B 458 54.71 28.29 -35.02
C ASN B 458 54.90 29.63 -34.32
N GLU B 459 56.03 30.30 -34.62
CA GLU B 459 56.30 31.60 -34.05
C GLU B 459 55.65 32.73 -34.82
N ALA B 460 55.09 32.46 -35.99
CA ALA B 460 54.42 33.49 -36.79
C ALA B 460 52.99 33.75 -36.35
N LEU B 461 52.43 32.89 -35.49
CA LEU B 461 51.07 33.09 -35.02
C LEU B 461 51.01 34.25 -34.03
N SER B 462 49.89 34.97 -34.05
CA SER B 462 49.65 36.02 -33.09
C SER B 462 49.20 35.41 -31.76
N ILE B 463 48.86 36.28 -30.80
CA ILE B 463 48.35 35.80 -29.51
C ILE B 463 47.03 35.07 -29.71
N GLU B 464 46.11 35.67 -30.45
CA GLU B 464 44.79 35.07 -30.65
C GLU B 464 44.90 33.74 -31.39
N GLU B 465 45.71 33.69 -32.44
CA GLU B 465 45.82 32.46 -33.23
C GLU B 465 46.43 31.32 -32.41
N LEU B 466 47.51 31.61 -31.67
CA LEU B 466 48.13 30.58 -30.85
C LEU B 466 47.19 30.10 -29.74
N ILE B 467 46.48 31.05 -29.11
CA ILE B 467 45.53 30.68 -28.06
C ILE B 467 44.41 29.82 -28.62
N ASN B 468 43.89 30.18 -29.80
CA ASN B 468 42.84 29.38 -30.42
C ASN B 468 43.34 27.99 -30.77
N THR B 469 44.57 27.89 -31.28
CA THR B 469 45.14 26.57 -31.57
C THR B 469 45.25 25.72 -30.31
N ILE B 470 45.75 26.31 -29.22
CA ILE B 470 45.87 25.57 -27.96
C ILE B 470 44.50 25.13 -27.46
N ILE B 471 43.52 26.04 -27.51
CA ILE B 471 42.17 25.74 -27.02
C ILE B 471 41.56 24.62 -27.84
N GLU B 472 41.69 24.68 -29.17
CA GLU B 472 41.12 23.64 -30.02
C GLU B 472 41.78 22.30 -29.77
N PHE B 473 43.11 22.29 -29.59
CA PHE B 473 43.81 21.04 -29.30
C PHE B 473 43.32 20.44 -27.98
N VAL B 474 43.22 21.28 -26.94
CA VAL B 474 42.78 20.79 -25.64
C VAL B 474 41.33 20.31 -25.70
N GLU B 475 40.50 20.99 -26.51
CA GLU B 475 39.09 20.59 -26.60
C GLU B 475 38.94 19.27 -27.35
N ILE B 476 39.70 19.07 -28.43
CA ILE B 476 39.60 17.78 -29.12
C ILE B 476 40.22 16.68 -28.26
N LEU B 477 41.16 17.03 -27.38
CA LEU B 477 41.63 16.05 -26.40
C LEU B 477 40.53 15.70 -25.40
N SER B 478 39.79 16.69 -24.92
CA SER B 478 38.77 16.46 -23.90
C SER B 478 37.47 15.95 -24.50
N ASN B 479 36.86 16.73 -25.38
CA ASN B 479 35.59 16.36 -25.99
C ASN B 479 35.78 15.24 -27.02
N LYS C 5 -45.95 6.02 17.07
CA LYS C 5 -45.29 6.64 15.94
C LYS C 5 -44.16 7.56 16.39
N MET C 6 -43.14 7.67 15.55
CA MET C 6 -41.97 8.51 15.82
C MET C 6 -41.83 9.56 14.72
N ASN C 7 -40.71 10.27 14.73
CA ASN C 7 -40.49 11.35 13.78
C ASN C 7 -40.51 10.82 12.35
N PRO C 8 -40.96 11.64 11.39
CA PRO C 8 -40.99 11.18 9.99
C PRO C 8 -39.64 10.74 9.47
N ILE C 9 -38.56 11.39 9.90
CA ILE C 9 -37.21 10.93 9.54
C ILE C 9 -36.97 9.54 10.10
N VAL C 10 -37.36 9.32 11.36
CA VAL C 10 -37.21 8.01 11.97
C VAL C 10 -38.06 6.97 11.26
N GLU C 11 -39.27 7.36 10.84
CA GLU C 11 -40.13 6.42 10.13
C GLU C 11 -39.54 6.04 8.77
N LEU C 12 -39.01 7.02 8.04
CA LEU C 12 -38.36 6.72 6.78
C LEU C 12 -37.15 5.81 6.97
N PHE C 13 -36.35 6.09 8.00
CA PHE C 13 -35.21 5.22 8.28
C PHE C 13 -35.66 3.82 8.64
N ILE C 14 -36.73 3.69 9.43
CA ILE C 14 -37.22 2.38 9.80
C ILE C 14 -37.68 1.60 8.57
N LYS C 15 -38.42 2.26 7.69
CA LYS C 15 -38.86 1.60 6.46
C LYS C 15 -37.67 1.15 5.62
N ASP C 16 -36.72 2.05 5.38
CA ASP C 16 -35.58 1.72 4.53
C ASP C 16 -34.73 0.61 5.14
N PHE C 17 -34.49 0.66 6.44
CA PHE C 17 -33.63 -0.35 7.06
C PHE C 17 -34.35 -1.69 7.21
N THR C 18 -35.66 -1.68 7.43
CA THR C 18 -36.41 -2.93 7.38
C THR C 18 -36.33 -3.56 6.00
N LYS C 19 -36.44 -2.73 4.96
CA LYS C 19 -36.27 -3.22 3.60
C LYS C 19 -34.87 -3.82 3.41
N GLU C 20 -33.85 -3.16 3.94
CA GLU C 20 -32.49 -3.66 3.80
C GLU C 20 -32.30 -4.98 4.55
N VAL C 21 -32.84 -5.09 5.77
CA VAL C 21 -32.63 -6.29 6.56
C VAL C 21 -33.40 -7.46 5.98
N MET C 22 -34.62 -7.23 5.49
CA MET C 22 -35.38 -8.32 4.90
C MET C 22 -34.70 -8.91 3.68
N GLU C 23 -33.85 -8.15 3.01
CA GLU C 23 -33.03 -8.66 1.91
C GLU C 23 -31.74 -9.32 2.39
N GLU C 24 -31.50 -9.31 3.71
CA GLU C 24 -30.30 -9.92 4.30
C GLU C 24 -29.03 -9.30 3.73
N ASN C 25 -29.04 -7.99 3.51
CA ASN C 25 -27.88 -7.25 3.04
C ASN C 25 -27.53 -6.11 3.98
N ALA C 26 -27.86 -6.28 5.26
CA ALA C 26 -27.62 -5.25 6.28
C ALA C 26 -26.62 -5.75 7.30
N ALA C 27 -25.77 -4.85 7.76
CA ALA C 27 -24.77 -5.14 8.78
C ALA C 27 -24.92 -4.15 9.92
N ILE C 28 -24.48 -4.55 11.10
CA ILE C 28 -24.56 -3.71 12.29
C ILE C 28 -23.15 -3.39 12.75
N PHE C 29 -22.84 -2.11 12.88
CA PHE C 29 -21.58 -1.66 13.46
C PHE C 29 -21.86 -1.12 14.85
N ALA C 30 -21.46 -1.87 15.86
CA ALA C 30 -21.70 -1.52 17.25
C ALA C 30 -20.43 -0.97 17.88
N GLY C 31 -20.53 0.22 18.46
CA GLY C 31 -19.45 0.80 19.22
C GLY C 31 -19.49 0.39 20.67
N ALA C 32 -18.59 0.99 21.46
CA ALA C 32 -18.58 0.72 22.89
C ALA C 32 -19.81 1.30 23.57
N GLY C 33 -20.40 2.35 23.00
CA GLY C 33 -21.56 2.97 23.64
C GLY C 33 -22.76 2.06 23.72
N LEU C 34 -22.84 1.07 22.84
CA LEU C 34 -23.93 0.11 22.92
C LEU C 34 -23.84 -0.77 24.16
N SER C 35 -22.66 -0.85 24.77
CA SER C 35 -22.47 -1.66 25.97
C SER C 35 -22.30 -0.82 27.23
N MET C 36 -22.53 0.50 27.14
CA MET C 36 -22.38 1.37 28.30
C MET C 36 -23.61 1.39 29.19
N SER C 37 -24.75 0.91 28.70
CA SER C 37 -25.95 0.81 29.51
C SER C 37 -26.10 -0.55 30.19
N VAL C 38 -25.17 -1.47 29.94
CA VAL C 38 -25.30 -2.82 30.47
C VAL C 38 -24.85 -2.89 31.92
N GLY C 39 -23.83 -2.12 32.28
CA GLY C 39 -23.32 -2.14 33.64
C GLY C 39 -21.82 -2.01 33.72
N TYR C 40 -21.15 -2.10 32.59
CA TYR C 40 -19.71 -1.88 32.55
C TYR C 40 -19.39 -0.43 32.87
N VAL C 41 -18.41 -0.22 33.75
CA VAL C 41 -18.01 1.14 34.09
C VAL C 41 -17.32 1.79 32.89
N SER C 42 -17.34 3.12 32.87
CA SER C 42 -16.79 3.86 31.75
C SER C 42 -15.28 3.67 31.65
N TRP C 43 -14.78 3.71 30.41
CA TRP C 43 -13.34 3.55 30.18
C TRP C 43 -12.54 4.66 30.83
N ALA C 44 -13.09 5.88 30.88
CA ALA C 44 -12.43 6.96 31.59
C ALA C 44 -12.33 6.66 33.09
N LYS C 45 -13.37 6.04 33.66
CA LYS C 45 -13.31 5.67 35.06
C LYS C 45 -12.22 4.63 35.30
N LEU C 46 -12.06 3.68 34.38
CA LEU C 46 -10.99 2.70 34.49
C LEU C 46 -9.62 3.36 34.38
N LEU C 47 -9.49 4.33 33.49
CA LEU C 47 -8.22 5.02 33.29
C LEU C 47 -7.93 6.08 34.34
N GLU C 48 -8.90 6.39 35.20
CA GLU C 48 -8.68 7.41 36.23
C GLU C 48 -7.46 7.12 37.10
N PRO C 49 -7.29 5.92 37.69
CA PRO C 49 -6.02 5.65 38.37
C PRO C 49 -4.83 5.65 37.44
N ILE C 50 -5.02 5.22 36.19
CA ILE C 50 -3.95 5.25 35.20
C ILE C 50 -3.52 6.70 34.95
N ALA C 51 -4.49 7.60 34.79
CA ALA C 51 -4.16 9.01 34.62
C ALA C 51 -3.50 9.59 35.85
N GLN C 52 -3.97 9.20 37.04
CA GLN C 52 -3.38 9.71 38.28
C GLN C 52 -1.94 9.25 38.46
N GLU C 53 -1.57 8.11 37.96
CA GLU C 53 -0.22 7.64 38.14
C GLU C 53 0.79 8.43 37.34
N ILE C 54 0.39 8.95 36.19
CA ILE C 54 1.31 9.74 35.37
C ILE C 54 1.12 11.23 35.66
N GLY C 55 0.34 11.54 36.69
CA GLY C 55 0.16 12.91 37.10
C GLY C 55 -0.90 13.69 36.35
N LEU C 56 -1.68 13.03 35.50
CA LEU C 56 -2.74 13.69 34.76
C LEU C 56 -4.09 13.42 35.43
N ASP C 57 -5.15 13.98 34.86
CA ASP C 57 -6.51 13.82 35.35
C ASP C 57 -7.39 13.39 34.19
N VAL C 58 -8.05 12.24 34.34
CA VAL C 58 -8.81 11.67 33.23
C VAL C 58 -10.01 12.56 32.89
N ASN C 59 -10.53 13.32 33.85
CA ASN C 59 -11.65 14.21 33.58
C ASN C 59 -11.22 15.36 32.68
N LYS C 60 -9.98 15.82 32.81
CA LYS C 60 -9.45 16.90 31.97
C LYS C 60 -8.91 16.39 30.64
N GLU C 61 -9.00 15.10 30.39
CA GLU C 61 -8.47 14.51 29.18
C GLU C 61 -9.59 14.04 28.35
N ASN C 62 -9.50 14.29 27.07
CA ASN C 62 -10.51 13.79 26.13
C ASN C 62 -9.99 12.65 25.26
N ASP C 63 -8.72 12.68 24.89
CA ASP C 63 -8.10 11.62 24.08
C ASP C 63 -7.52 10.59 25.03
N LEU C 64 -8.31 9.56 25.34
CA LEU C 64 -7.86 8.51 26.25
C LEU C 64 -6.83 7.60 25.62
N VAL C 65 -6.78 7.52 24.29
CA VAL C 65 -5.75 6.73 23.63
C VAL C 65 -4.38 7.32 23.92
N SER C 66 -4.25 8.65 23.81
CA SER C 66 -3.00 9.30 24.15
C SER C 66 -2.68 9.19 25.62
N LEU C 67 -3.69 9.18 26.48
CA LEU C 67 -3.46 8.98 27.91
C LEU C 67 -2.87 7.61 28.19
N ALA C 68 -3.44 6.57 27.59
CA ALA C 68 -2.90 5.22 27.76
C ALA C 68 -1.50 5.11 27.16
N GLN C 69 -1.27 5.78 26.03
CA GLN C 69 0.06 5.77 25.44
C GLN C 69 1.08 6.45 26.36
N TYR C 70 0.69 7.56 26.99
CA TYR C 70 1.58 8.21 27.95
C TYR C 70 1.88 7.31 29.13
N TYR C 71 0.85 6.61 29.63
CA TYR C 71 1.07 5.68 30.73
C TYR C 71 2.05 4.58 30.34
N CYS C 72 1.90 4.03 29.12
CA CYS C 72 2.82 3.01 28.65
C CYS C 72 4.23 3.57 28.48
N ASN C 73 4.35 4.82 28.02
CA ASN C 73 5.65 5.45 27.89
C ASN C 73 6.33 5.60 29.24
N GLU C 74 5.55 5.95 30.28
CA GLU C 74 6.10 6.08 31.62
C GLU C 74 6.51 4.74 32.22
N ASN C 75 6.15 3.62 31.59
CA ASN C 75 6.46 2.29 32.10
C ASN C 75 7.21 1.44 31.08
N GLN C 76 8.03 2.10 30.24
CA GLN C 76 8.87 1.43 29.25
C GLN C 76 8.05 0.60 28.26
N GLY C 77 6.83 1.04 27.96
CA GLY C 77 6.00 0.36 26.99
C GLY C 77 5.25 -0.85 27.51
N ASN C 78 5.19 -1.05 28.82
CA ASN C 78 4.52 -2.22 29.37
C ASN C 78 3.02 -1.96 29.50
N ARG C 79 2.23 -2.95 29.10
CA ARG C 79 0.77 -2.85 29.09
C ARG C 79 0.09 -3.76 30.10
N GLY C 80 0.86 -4.37 31.01
CA GLY C 80 0.27 -5.34 31.92
C GLY C 80 -0.87 -4.77 32.76
N ARG C 81 -0.70 -3.55 33.26
CA ARG C 81 -1.72 -2.94 34.09
C ARG C 81 -3.01 -2.70 33.31
N ILE C 82 -2.89 -2.16 32.09
CA ILE C 82 -4.07 -1.89 31.29
C ILE C 82 -4.75 -3.19 30.86
N ASN C 83 -3.94 -4.20 30.52
CA ASN C 83 -4.50 -5.51 30.17
C ASN C 83 -5.28 -6.09 31.34
N GLN C 84 -4.72 -6.01 32.54
CA GLN C 84 -5.42 -6.51 33.72
C GLN C 84 -6.70 -5.72 33.96
N ILE C 85 -6.65 -4.40 33.77
CA ILE C 85 -7.84 -3.57 34.00
C ILE C 85 -8.97 -3.97 33.05
N ILE C 86 -8.65 -4.10 31.76
CA ILE C 86 -9.71 -4.41 30.80
C ILE C 86 -10.22 -5.84 30.99
N LEU C 87 -9.32 -6.77 31.33
CA LEU C 87 -9.75 -8.14 31.60
C LEU C 87 -10.66 -8.21 32.81
N ASP C 88 -10.33 -7.46 33.87
CA ASP C 88 -11.16 -7.46 35.07
C ASP C 88 -12.51 -6.81 34.81
N GLU C 89 -12.54 -5.74 34.02
CA GLU C 89 -13.80 -5.01 33.84
C GLU C 89 -14.71 -5.69 32.83
N PHE C 90 -14.23 -5.89 31.61
CA PHE C 90 -15.12 -6.27 30.52
C PHE C 90 -15.41 -7.77 30.46
N SER C 91 -14.81 -8.57 31.34
CA SER C 91 -15.13 -9.99 31.39
C SER C 91 -16.14 -10.34 32.47
N ARG C 92 -16.69 -9.33 33.16
CA ARG C 92 -17.68 -9.59 34.19
C ARG C 92 -18.99 -10.10 33.58
N LYS C 93 -19.75 -10.81 34.40
CA LYS C 93 -21.04 -11.36 33.97
C LYS C 93 -22.12 -10.29 34.19
N VAL C 94 -22.71 -9.83 33.10
CA VAL C 94 -23.73 -8.79 33.13
C VAL C 94 -24.93 -9.25 32.31
N ASP C 95 -26.12 -8.91 32.77
CA ASP C 95 -27.33 -9.26 32.03
C ASP C 95 -27.41 -8.46 30.74
N LEU C 96 -27.81 -9.14 29.67
CA LEU C 96 -27.91 -8.51 28.36
C LEU C 96 -29.00 -7.44 28.36
N THR C 97 -28.72 -6.34 27.66
CA THR C 97 -29.73 -5.32 27.46
C THR C 97 -30.68 -5.72 26.34
N GLU C 98 -31.77 -4.97 26.22
CA GLU C 98 -32.78 -5.30 25.22
C GLU C 98 -32.25 -5.09 23.80
N ASN C 99 -31.36 -4.12 23.61
CA ASN C 99 -30.82 -3.86 22.27
C ASN C 99 -30.07 -5.06 21.72
N HIS C 100 -29.24 -5.70 22.54
CA HIS C 100 -28.49 -6.87 22.07
C HIS C 100 -29.43 -8.01 21.71
N LYS C 101 -30.47 -8.23 22.53
CA LYS C 101 -31.41 -9.30 22.24
C LYS C 101 -32.19 -9.02 20.95
N ILE C 102 -32.61 -7.79 20.74
CA ILE C 102 -33.33 -7.46 19.50
C ILE C 102 -32.42 -7.64 18.30
N LEU C 103 -31.17 -7.16 18.40
CA LEU C 103 -30.23 -7.32 17.29
C LEU C 103 -29.96 -8.79 16.99
N ALA C 104 -29.88 -9.62 18.04
CA ALA C 104 -29.72 -11.06 17.84
C ALA C 104 -30.94 -11.65 17.15
N ARG C 105 -32.13 -11.19 17.51
CA ARG C 105 -33.34 -11.70 16.88
C ARG C 105 -33.49 -11.28 15.42
N LEU C 106 -32.85 -10.17 15.03
CA LEU C 106 -32.97 -9.70 13.65
C LEU C 106 -32.14 -10.57 12.72
N PRO C 107 -32.58 -10.73 11.46
CA PRO C 107 -31.82 -11.53 10.50
C PRO C 107 -30.58 -10.80 9.97
N ILE C 108 -29.68 -10.42 10.87
CA ILE C 108 -28.46 -9.70 10.51
C ILE C 108 -27.30 -10.68 10.63
N HIS C 109 -26.55 -10.83 9.54
CA HIS C 109 -25.48 -11.82 9.45
C HIS C 109 -24.10 -11.23 9.63
N THR C 110 -23.98 -9.93 9.81
CA THR C 110 -22.67 -9.28 9.91
C THR C 110 -22.70 -8.26 11.03
N TYR C 111 -21.81 -8.44 12.00
CA TYR C 111 -21.59 -7.47 13.07
C TYR C 111 -20.11 -7.06 13.06
N TRP C 112 -19.88 -5.76 13.21
CA TRP C 112 -18.53 -5.22 13.38
C TRP C 112 -18.53 -4.44 14.69
N THR C 113 -17.65 -4.83 15.61
CA THR C 113 -17.65 -4.26 16.95
C THR C 113 -16.28 -3.69 17.28
N THR C 114 -16.28 -2.52 17.93
CA THR C 114 -15.09 -1.96 18.53
C THR C 114 -15.04 -2.20 20.03
N ALA C 115 -16.00 -2.93 20.58
CA ALA C 115 -16.04 -3.25 22.00
C ALA C 115 -15.38 -4.60 22.24
N TYR C 116 -14.73 -4.72 23.40
CA TYR C 116 -14.02 -5.94 23.75
C TYR C 116 -14.92 -6.98 24.42
N ASP C 117 -16.05 -6.56 24.98
CA ASP C 117 -16.94 -7.49 25.66
C ASP C 117 -17.58 -8.46 24.68
N ARG C 118 -18.21 -9.50 25.23
CA ARG C 118 -18.83 -10.55 24.45
C ARG C 118 -20.37 -10.49 24.52
N LEU C 119 -20.93 -9.29 24.58
CA LEU C 119 -22.38 -9.15 24.73
C LEU C 119 -23.10 -9.56 23.46
N ILE C 120 -22.58 -9.20 22.29
CA ILE C 120 -23.18 -9.62 21.03
C ILE C 120 -23.13 -11.13 20.89
N GLU C 121 -21.98 -11.73 21.24
CA GLU C 121 -21.85 -13.18 21.17
C GLU C 121 -22.84 -13.87 22.08
N LYS C 122 -22.99 -13.37 23.32
CA LYS C 122 -23.93 -13.98 24.25
C LYS C 122 -25.37 -13.80 23.79
N ALA C 123 -25.69 -12.64 23.22
CA ALA C 123 -27.03 -12.42 22.70
C ALA C 123 -27.34 -13.36 21.54
N LEU C 124 -26.36 -13.60 20.67
CA LEU C 124 -26.56 -14.55 19.57
C LEU C 124 -26.67 -15.98 20.10
N GLU C 125 -25.90 -16.31 21.13
CA GLU C 125 -25.99 -17.65 21.72
C GLU C 125 -27.34 -17.90 22.35
N GLU C 126 -27.87 -16.92 23.08
CA GLU C 126 -29.16 -17.10 23.75
C GLU C 126 -30.33 -17.18 22.77
N GLU C 127 -30.12 -16.85 21.50
CA GLU C 127 -31.13 -17.02 20.47
C GLU C 127 -30.95 -18.31 19.69
N ASN C 128 -30.11 -19.22 20.18
CA ASN C 128 -29.81 -20.48 19.50
C ASN C 128 -29.27 -20.23 18.10
N LYS C 129 -28.44 -19.21 17.96
CA LYS C 129 -27.80 -18.86 16.71
C LYS C 129 -26.31 -19.15 16.80
N ILE C 130 -25.75 -19.66 15.70
CA ILE C 130 -24.32 -19.95 15.65
C ILE C 130 -23.58 -18.68 15.23
N ALA C 131 -22.70 -18.20 16.11
CA ALA C 131 -21.95 -16.98 15.89
C ALA C 131 -20.49 -17.32 15.61
N ASP C 132 -19.95 -16.77 14.52
CA ASP C 132 -18.56 -16.96 14.15
C ASP C 132 -17.81 -15.69 14.53
N VAL C 133 -17.17 -15.71 15.69
CA VAL C 133 -16.51 -14.54 16.24
C VAL C 133 -15.08 -14.48 15.73
N LYS C 134 -14.69 -13.32 15.20
CA LYS C 134 -13.38 -13.14 14.60
C LYS C 134 -12.70 -11.92 15.21
N TYR C 135 -11.53 -12.13 15.82
CA TYR C 135 -10.71 -11.01 16.28
C TYR C 135 -9.24 -11.24 15.98
N THR C 136 -8.91 -12.30 15.25
CA THR C 136 -7.54 -12.61 14.85
C THR C 136 -7.50 -12.77 13.32
N VAL C 137 -6.36 -12.41 12.73
CA VAL C 137 -6.20 -12.53 11.29
C VAL C 137 -6.35 -13.98 10.85
N LYS C 138 -5.83 -14.91 11.66
CA LYS C 138 -5.95 -16.33 11.32
C LYS C 138 -7.40 -16.77 11.28
N GLN C 139 -8.22 -16.28 12.22
CA GLN C 139 -9.63 -16.69 12.30
C GLN C 139 -10.41 -16.35 11.04
N LEU C 140 -9.92 -15.40 10.23
CA LEU C 140 -10.58 -15.08 8.98
C LEU C 140 -10.51 -16.21 7.97
N ALA C 141 -9.55 -17.12 8.12
CA ALA C 141 -9.36 -18.20 7.16
C ALA C 141 -10.26 -19.40 7.41
N THR C 142 -10.99 -19.43 8.53
CA THR C 142 -11.89 -20.51 8.87
C THR C 142 -13.30 -19.98 9.07
N THR C 143 -14.28 -20.68 8.53
CA THR C 143 -15.68 -20.31 8.63
C THR C 143 -16.44 -21.41 9.37
N LYS C 144 -17.25 -21.02 10.35
CA LYS C 144 -18.10 -21.98 11.04
C LYS C 144 -19.20 -22.48 10.10
N VAL C 145 -19.52 -23.76 10.20
CA VAL C 145 -20.54 -24.36 9.35
C VAL C 145 -21.92 -24.01 9.91
N LYS C 146 -22.83 -23.63 9.02
CA LYS C 146 -24.20 -23.26 9.36
C LYS C 146 -24.25 -22.09 10.34
N ARG C 147 -23.33 -21.15 10.19
CA ARG C 147 -23.33 -19.98 11.06
C ARG C 147 -24.45 -19.02 10.68
N ASP C 148 -25.04 -18.38 11.68
CA ASP C 148 -26.10 -17.42 11.43
C ASP C 148 -25.55 -16.01 11.22
N ALA C 149 -24.52 -15.63 11.97
CA ALA C 149 -23.90 -14.32 11.86
C ALA C 149 -22.42 -14.44 12.12
N VAL C 150 -21.65 -13.47 11.60
CA VAL C 150 -20.22 -13.39 11.84
C VAL C 150 -19.95 -12.07 12.56
N VAL C 151 -19.21 -12.14 13.66
CA VAL C 151 -18.88 -10.98 14.48
C VAL C 151 -17.39 -10.70 14.32
N TYR C 152 -17.07 -9.53 13.79
CA TYR C 152 -15.68 -9.08 13.66
C TYR C 152 -15.40 -8.12 14.81
N LYS C 153 -14.66 -8.61 15.80
CA LYS C 153 -14.19 -7.76 16.90
C LYS C 153 -12.88 -7.15 16.44
N MET C 154 -12.98 -5.97 15.83
CA MET C 154 -11.84 -5.36 15.15
C MET C 154 -10.88 -4.67 16.11
N HIS C 155 -11.24 -4.53 17.39
CA HIS C 155 -10.33 -3.98 18.38
C HIS C 155 -9.84 -5.02 19.38
N GLY C 156 -10.12 -6.30 19.13
CA GLY C 156 -9.67 -7.37 19.99
C GLY C 156 -10.78 -7.88 20.90
N ASP C 157 -10.44 -8.95 21.61
CA ASP C 157 -11.35 -9.61 22.54
C ASP C 157 -10.95 -9.30 23.97
N VAL C 158 -11.92 -9.46 24.88
CA VAL C 158 -11.65 -9.23 26.30
C VAL C 158 -10.73 -10.31 26.85
N GLU C 159 -10.89 -11.56 26.39
CA GLU C 159 -10.06 -12.65 26.89
C GLU C 159 -8.65 -12.61 26.35
N HIS C 160 -8.35 -11.70 25.43
CA HIS C 160 -6.98 -11.50 24.91
C HIS C 160 -6.63 -10.03 25.07
N PRO C 161 -6.43 -9.58 26.31
CA PRO C 161 -6.20 -8.14 26.54
C PRO C 161 -4.96 -7.59 25.87
N SER C 162 -3.94 -8.41 25.66
CA SER C 162 -2.69 -7.91 25.09
C SER C 162 -2.83 -7.50 23.63
N GLU C 163 -3.85 -7.98 22.94
CA GLU C 163 -4.07 -7.66 21.54
C GLU C 163 -5.17 -6.62 21.34
N ALA C 164 -5.68 -6.03 22.42
CA ALA C 164 -6.69 -5.00 22.32
C ALA C 164 -6.07 -3.69 21.83
N VAL C 165 -6.82 -2.97 21.00
CA VAL C 165 -6.37 -1.69 20.45
C VAL C 165 -6.75 -0.61 21.46
N LEU C 166 -5.78 -0.14 22.25
CA LEU C 166 -6.05 0.82 23.30
C LEU C 166 -5.15 2.05 23.22
N ILE C 167 -3.90 1.84 22.82
CA ILE C 167 -2.88 2.89 22.85
C ILE C 167 -2.59 3.33 21.42
N LYS C 168 -1.84 4.44 21.31
CA LYS C 168 -1.52 4.99 19.99
C LYS C 168 -0.66 4.04 19.18
N ASP C 169 0.18 3.24 19.84
CA ASP C 169 0.98 2.27 19.11
C ASP C 169 0.11 1.24 18.40
N ASP C 170 -0.96 0.80 19.07
CA ASP C 170 -1.87 -0.15 18.45
C ASP C 170 -2.55 0.44 17.22
N TYR C 171 -2.98 1.70 17.31
CA TYR C 171 -3.62 2.35 16.16
C TYR C 171 -2.62 2.55 15.04
N GLU C 172 -1.37 2.82 15.33
CA GLU C 172 -0.36 3.07 14.34
C GLU C 172 0.14 1.84 13.69
N LYS C 173 0.03 0.70 14.34
CA LYS C 173 0.38 -0.57 13.74
C LYS C 173 -0.82 -1.37 13.27
N TYR C 174 -2.04 -0.84 13.44
CA TYR C 174 -3.23 -1.55 13.00
C TYR C 174 -3.25 -1.72 11.49
N SER C 175 -2.86 -0.68 10.74
CA SER C 175 -2.91 -0.74 9.29
C SER C 175 -2.01 -1.80 8.71
N ILE C 176 -0.99 -2.23 9.44
CA ILE C 176 -0.08 -3.29 9.00
C ILE C 176 -0.47 -4.64 9.57
N LYS C 177 -0.70 -4.70 10.89
CA LYS C 177 -1.01 -5.97 11.53
C LYS C 177 -2.39 -6.48 11.14
N MET C 178 -3.40 -5.60 11.17
CA MET C 178 -4.78 -5.98 10.96
C MET C 178 -5.30 -5.49 9.60
N ASP C 179 -4.42 -5.50 8.59
CA ASP C 179 -4.83 -5.12 7.24
C ASP C 179 -5.95 -5.98 6.67
N PRO C 180 -5.97 -7.31 6.84
CA PRO C 180 -7.12 -8.08 6.35
C PRO C 180 -8.45 -7.63 6.92
N TYR C 181 -8.48 -7.20 8.18
CA TYR C 181 -9.72 -6.68 8.76
C TYR C 181 -10.11 -5.36 8.10
N ILE C 182 -9.13 -4.52 7.76
CA ILE C 182 -9.42 -3.29 7.03
C ILE C 182 -10.02 -3.61 5.68
N LYS C 183 -9.45 -4.59 4.97
CA LYS C 183 -9.98 -4.97 3.66
C LYS C 183 -11.39 -5.53 3.80
N ALA C 184 -11.64 -6.36 4.81
CA ALA C 184 -12.97 -6.92 5.03
C ALA C 184 -13.98 -5.83 5.33
N LEU C 185 -13.61 -4.86 6.18
CA LEU C 185 -14.54 -3.79 6.52
C LEU C 185 -14.81 -2.89 5.32
N SER C 186 -13.79 -2.65 4.49
CA SER C 186 -14.03 -1.89 3.26
C SER C 186 -14.99 -2.63 2.33
N GLY C 187 -14.78 -3.94 2.18
CA GLY C 187 -15.69 -4.71 1.34
C GLY C 187 -17.12 -4.72 1.86
N ASP C 188 -17.28 -4.83 3.18
CA ASP C 188 -18.62 -4.77 3.77
C ASP C 188 -19.24 -3.39 3.59
N LEU C 189 -18.45 -2.32 3.77
CA LEU C 189 -18.98 -0.97 3.61
C LEU C 189 -19.39 -0.69 2.17
N VAL C 190 -18.74 -1.31 1.20
CA VAL C 190 -19.13 -1.12 -0.19
C VAL C 190 -20.20 -2.11 -0.65
N SER C 191 -20.39 -3.22 0.07
CA SER C 191 -21.33 -4.25 -0.35
C SER C 191 -22.53 -4.41 0.58
N LYS C 192 -22.51 -3.82 1.77
CA LYS C 192 -23.59 -3.98 2.72
C LYS C 192 -24.03 -2.62 3.25
N THR C 193 -25.27 -2.57 3.72
CA THR C 193 -25.83 -1.36 4.31
C THR C 193 -25.63 -1.41 5.82
N PHE C 194 -24.80 -0.52 6.34
CA PHE C 194 -24.42 -0.52 7.75
C PHE C 194 -25.34 0.38 8.57
N LEU C 195 -25.53 -0.03 9.83
CA LEU C 195 -26.17 0.80 10.85
C LEU C 195 -25.19 0.96 11.99
N PHE C 196 -24.76 2.19 12.25
CA PHE C 196 -23.82 2.48 13.31
C PHE C 196 -24.60 2.80 14.58
N VAL C 197 -24.44 1.97 15.61
CA VAL C 197 -25.11 2.14 16.89
C VAL C 197 -24.05 2.23 17.98
N GLY C 198 -24.13 3.26 18.80
CA GLY C 198 -23.18 3.43 19.88
C GLY C 198 -21.80 3.86 19.46
N PHE C 199 -21.63 4.35 18.23
CA PHE C 199 -20.34 4.72 17.69
C PHE C 199 -20.23 6.24 17.65
N SER C 200 -19.12 6.76 18.18
CA SER C 200 -18.89 8.19 18.23
C SER C 200 -18.14 8.73 17.02
N PHE C 201 -17.67 7.86 16.14
CA PHE C 201 -16.95 8.26 14.92
C PHE C 201 -15.70 9.09 15.24
N THR C 202 -15.06 8.77 16.36
CA THR C 202 -13.78 9.37 16.74
C THR C 202 -12.65 8.35 16.71
N ASP C 203 -12.87 7.20 16.08
CA ASP C 203 -11.87 6.15 16.01
C ASP C 203 -10.96 6.39 14.81
N PRO C 204 -9.64 6.48 15.02
CA PRO C 204 -8.74 6.72 13.87
C PRO C 204 -8.82 5.64 12.81
N ASN C 205 -8.99 4.38 13.21
CA ASN C 205 -9.07 3.30 12.22
C ASN C 205 -10.31 3.43 11.35
N LEU C 206 -11.45 3.72 11.96
CA LEU C 206 -12.69 3.89 11.19
C LEU C 206 -12.60 5.12 10.29
N ASP C 207 -12.00 6.21 10.79
CA ASP C 207 -11.79 7.38 9.95
C ASP C 207 -10.93 7.04 8.75
N TYR C 208 -9.84 6.29 8.96
CA TYR C 208 -8.97 5.88 7.88
C TYR C 208 -9.71 5.03 6.85
N ILE C 209 -10.48 4.06 7.33
CA ILE C 209 -11.20 3.16 6.42
C ILE C 209 -12.25 3.93 5.62
N LEU C 210 -13.01 4.80 6.30
CA LEU C 210 -14.01 5.60 5.60
C LEU C 210 -13.39 6.55 4.59
N SER C 211 -12.24 7.13 4.93
CA SER C 211 -11.55 8.01 3.99
C SER C 211 -11.08 7.23 2.77
N ARG C 212 -10.58 6.00 2.98
CA ARG C 212 -10.17 5.18 1.84
C ARG C 212 -11.36 4.82 0.95
N VAL C 213 -12.48 4.44 1.56
CA VAL C 213 -13.67 4.08 0.79
C VAL C 213 -14.17 5.30 0.02
N ARG C 214 -14.16 6.48 0.65
CA ARG C 214 -14.59 7.69 -0.03
C ARG C 214 -13.67 8.02 -1.20
N SER C 215 -12.35 7.93 -0.98
CA SER C 215 -11.41 8.17 -2.06
C SER C 215 -11.61 7.19 -3.22
N ALA C 216 -12.00 5.96 -2.90
CA ALA C 216 -12.18 4.96 -3.94
C ALA C 216 -13.50 5.15 -4.70
N TYR C 217 -14.56 5.61 -4.05
CA TYR C 217 -15.88 5.58 -4.67
C TYR C 217 -16.51 6.94 -4.93
N GLU C 218 -15.87 8.04 -4.53
CA GLU C 218 -16.30 9.41 -4.85
C GLU C 218 -17.75 9.58 -4.38
N ARG C 219 -18.65 10.05 -5.23
CA ARG C 219 -20.04 10.31 -4.87
C ARG C 219 -20.91 9.07 -4.96
N ASP C 220 -20.35 7.94 -5.38
CA ASP C 220 -21.10 6.71 -5.56
C ASP C 220 -20.98 5.79 -4.35
N GLN C 221 -20.67 6.35 -3.20
CA GLN C 221 -20.59 5.56 -1.97
C GLN C 221 -21.98 5.04 -1.59
N ARG C 222 -21.99 3.85 -1.00
CA ARG C 222 -23.22 3.25 -0.52
C ARG C 222 -23.73 4.00 0.70
N ARG C 223 -25.00 4.25 0.80
CA ARG C 223 -25.53 4.91 1.93
C ARG C 223 -25.61 4.05 3.11
N HIS C 224 -25.21 4.58 4.24
CA HIS C 224 -25.22 3.92 5.54
C HIS C 224 -25.99 4.77 6.52
N TYR C 225 -26.30 4.20 7.67
CA TYR C 225 -27.06 4.90 8.70
C TYR C 225 -26.32 4.86 10.03
N CYS C 226 -26.50 5.93 10.80
CA CYS C 226 -25.97 6.03 12.15
C CYS C 226 -27.07 6.55 13.06
N LEU C 227 -27.01 6.17 14.33
CA LEU C 227 -27.95 6.66 15.34
C LEU C 227 -27.16 7.46 16.37
N ILE C 228 -27.45 8.75 16.49
CA ILE C 228 -26.73 9.64 17.39
C ILE C 228 -27.74 10.39 18.25
N LYS C 229 -27.48 10.44 19.56
CA LYS C 229 -28.34 11.19 20.46
C LYS C 229 -27.99 12.67 20.41
N LYS C 230 -29.01 13.52 20.49
CA LYS C 230 -28.80 14.96 20.45
C LYS C 230 -28.13 15.43 21.75
N GLU C 231 -27.49 16.59 21.66
CA GLU C 231 -26.82 17.17 22.82
C GLU C 231 -27.84 17.59 23.88
N GLU C 232 -27.50 17.34 25.14
CA GLU C 232 -28.36 17.69 26.26
C GLU C 232 -27.69 18.78 27.09
N ARG C 233 -28.51 19.71 27.59
CA ARG C 233 -28.00 20.84 28.36
C ARG C 233 -27.51 20.34 29.72
N ARG C 234 -26.21 20.44 29.97
CA ARG C 234 -25.67 20.06 31.25
C ARG C 234 -26.09 21.06 32.33
N PRO C 235 -26.24 20.61 33.58
CA PRO C 235 -26.67 21.53 34.64
C PRO C 235 -25.75 22.73 34.83
N ASP C 236 -24.44 22.53 34.72
CA ASP C 236 -23.51 23.62 34.91
C ASP C 236 -23.43 24.54 33.69
N GLU C 237 -23.73 24.02 32.51
CA GLU C 237 -23.54 24.78 31.28
C GLU C 237 -24.60 25.88 31.14
N LEU C 238 -24.24 26.91 30.39
CA LEU C 238 -25.14 28.01 30.05
C LEU C 238 -25.85 27.72 28.72
N GLU C 239 -26.79 28.60 28.37
CA GLU C 239 -27.52 28.44 27.12
C GLU C 239 -26.60 28.60 25.92
N ALA C 240 -25.67 29.55 25.97
CA ALA C 240 -24.77 29.79 24.83
C ALA C 240 -23.87 28.58 24.59
N ASP C 241 -23.35 27.98 25.65
CA ASP C 241 -22.50 26.79 25.50
C ASP C 241 -23.31 25.62 24.94
N PHE C 242 -24.55 25.46 25.39
CA PHE C 242 -25.40 24.40 24.85
C PHE C 242 -25.68 24.61 23.37
N GLU C 243 -25.97 25.86 22.96
CA GLU C 243 -26.20 26.12 21.55
C GLU C 243 -24.94 25.90 20.72
N TYR C 244 -23.77 26.25 21.28
CA TYR C 244 -22.51 26.00 20.60
C TYR C 244 -22.28 24.49 20.42
N ARG C 245 -22.60 23.70 21.45
CA ARG C 245 -22.46 22.25 21.34
C ARG C 245 -23.43 21.68 20.31
N VAL C 246 -24.65 22.22 20.25
CA VAL C 246 -25.62 21.76 19.26
C VAL C 246 -25.12 22.06 17.85
N ARG C 247 -24.59 23.27 17.63
CA ARG C 247 -24.04 23.61 16.32
C ARG C 247 -22.84 22.73 15.97
N LYS C 248 -21.99 22.46 16.95
CA LYS C 248 -20.84 21.58 16.72
C LYS C 248 -21.30 20.18 16.33
N GLN C 249 -22.35 19.67 16.98
CA GLN C 249 -22.88 18.36 16.62
C GLN C 249 -23.49 18.38 15.22
N GLU C 250 -24.16 19.47 14.85
CA GLU C 250 -24.71 19.57 13.50
C GLU C 250 -23.60 19.54 12.46
N LEU C 251 -22.51 20.27 12.70
CA LEU C 251 -21.38 20.23 11.77
C LEU C 251 -20.74 18.84 11.73
N PHE C 252 -20.69 18.15 12.88
CA PHE C 252 -20.20 16.78 12.92
C PHE C 252 -21.10 15.87 12.08
N ILE C 253 -22.39 15.99 12.10
CA ILE C 253 -23.28 15.14 11.38
C ILE C 253 -23.23 15.40 9.92
N SER C 254 -23.00 16.63 9.51
CA SER C 254 -22.81 16.98 8.14
C SER C 254 -21.48 16.50 7.57
N ASP C 255 -20.43 16.37 8.35
CA ASP C 255 -19.20 15.83 7.87
C ASP C 255 -19.37 14.37 7.83
N LEU C 256 -20.04 13.79 8.78
CA LEU C 256 -20.38 12.38 8.67
C LEU C 256 -21.11 12.06 7.37
N SER C 257 -22.06 12.92 6.99
CA SER C 257 -22.75 12.76 5.71
C SER C 257 -21.80 12.92 4.55
N ARG C 258 -20.54 13.32 4.69
CA ARG C 258 -19.55 13.39 3.58
C ARG C 258 -19.14 12.07 3.24
N PHE C 259 -19.34 11.17 4.18
CA PHE C 259 -19.09 9.79 3.85
C PHE C 259 -20.37 9.03 3.48
N ASN C 260 -21.43 9.75 3.09
CA ASN C 260 -22.72 9.16 2.73
C ASN C 260 -23.32 8.36 3.88
N ILE C 261 -23.08 8.81 5.11
CA ILE C 261 -23.64 8.19 6.31
C ILE C 261 -24.70 9.15 6.86
N LYS C 262 -25.96 8.77 6.72
CA LYS C 262 -27.06 9.59 7.22
C LYS C 262 -27.24 9.34 8.71
N THR C 263 -27.38 10.42 9.47
CA THR C 263 -27.47 10.35 10.92
C THR C 263 -28.91 10.59 11.36
N ILE C 264 -29.41 9.70 12.22
CA ILE C 264 -30.72 9.86 12.85
C ILE C 264 -30.50 10.39 14.24
N VAL C 265 -31.01 11.59 14.50
CA VAL C 265 -30.84 12.25 15.78
C VAL C 265 -31.96 11.80 16.71
N LEU C 266 -31.58 11.28 17.87
CA LEU C 266 -32.52 10.71 18.82
C LEU C 266 -32.53 11.54 20.10
N ASN C 267 -33.72 11.67 20.70
CA ASN C 267 -33.83 12.46 21.92
C ASN C 267 -33.13 11.78 23.09
N ASN C 268 -33.23 10.47 23.18
CA ASN C 268 -32.61 9.70 24.26
C ASN C 268 -32.17 8.35 23.72
N TYR C 269 -31.49 7.59 24.58
CA TYR C 269 -30.94 6.31 24.17
C TYR C 269 -31.97 5.19 24.15
N ASN C 270 -33.14 5.38 24.77
CA ASN C 270 -34.21 4.39 24.66
C ASN C 270 -34.85 4.38 23.29
N GLU C 271 -34.71 5.47 22.52
CA GLU C 271 -35.19 5.48 21.15
C GLU C 271 -34.46 4.49 20.27
N ILE C 272 -33.22 4.13 20.62
CA ILE C 272 -32.54 3.03 19.92
C ILE C 272 -33.32 1.74 20.10
N THR C 273 -33.74 1.45 21.33
CA THR C 273 -34.55 0.27 21.60
C THR C 273 -35.89 0.34 20.88
N GLU C 274 -36.50 1.53 20.87
CA GLU C 274 -37.78 1.68 20.18
C GLU C 274 -37.64 1.42 18.68
N ILE C 275 -36.58 1.96 18.07
CA ILE C 275 -36.35 1.75 16.63
C ILE C 275 -36.09 0.27 16.34
N LEU C 276 -35.28 -0.37 17.17
CA LEU C 276 -34.99 -1.79 16.98
C LEU C 276 -36.26 -2.62 17.12
N GLN C 277 -37.10 -2.30 18.11
CA GLN C 277 -38.36 -3.00 18.27
C GLN C 277 -39.27 -2.80 17.07
N ARG C 278 -39.30 -1.58 16.52
CA ARG C 278 -40.14 -1.31 15.36
C ARG C 278 -39.65 -2.11 14.14
N ILE C 279 -38.34 -2.16 13.94
CA ILE C 279 -37.79 -2.94 12.82
C ILE C 279 -38.11 -4.42 13.01
N GLU C 280 -37.93 -4.93 14.23
CA GLU C 280 -38.25 -6.33 14.51
C GLU C 280 -39.72 -6.63 14.26
N ASN C 281 -40.60 -5.71 14.68
CA ASN C 281 -42.03 -5.90 14.44
C ASN C 281 -42.36 -5.88 12.96
N ASN C 282 -41.75 -4.96 12.21
CA ASN C 282 -42.00 -4.91 10.77
C ASN C 282 -41.54 -6.19 10.08
N ILE C 283 -40.41 -6.75 10.52
CA ILE C 283 -39.95 -8.00 9.93
C ILE C 283 -40.84 -9.16 10.33
N LYS C 284 -41.26 -9.21 11.59
CA LYS C 284 -41.99 -10.36 12.11
C LYS C 284 -43.43 -10.40 11.60
N THR C 285 -44.09 -9.26 11.52
CA THR C 285 -45.49 -9.21 11.15
C THR C 285 -45.73 -9.44 9.67
N LYS C 286 -44.68 -9.49 8.85
CA LYS C 286 -44.85 -9.79 7.43
C LYS C 286 -45.28 -11.22 7.17
N THR C 287 -45.22 -12.09 8.17
CA THR C 287 -45.68 -13.47 8.06
C THR C 287 -46.99 -13.58 8.84
N VAL C 288 -48.05 -13.96 8.15
CA VAL C 288 -49.39 -14.06 8.73
C VAL C 288 -49.78 -15.52 8.86
N PHE C 289 -50.31 -15.88 10.03
CA PHE C 289 -50.79 -17.23 10.30
C PHE C 289 -52.29 -17.26 10.03
N LEU C 290 -52.67 -17.93 8.94
CA LEU C 290 -54.08 -18.07 8.58
C LEU C 290 -54.64 -19.31 9.24
N SER C 291 -55.64 -19.13 10.09
CA SER C 291 -56.22 -20.20 10.88
C SER C 291 -57.71 -20.27 10.65
N GLY C 292 -58.25 -21.47 10.82
CA GLY C 292 -59.69 -21.66 10.77
C GLY C 292 -60.05 -22.99 10.12
N SER C 293 -61.26 -23.44 10.44
CA SER C 293 -61.86 -24.62 9.86
C SER C 293 -63.36 -24.39 9.82
N ALA C 294 -63.99 -24.71 8.69
CA ALA C 294 -65.38 -24.34 8.48
C ALA C 294 -66.10 -25.42 7.69
N VAL C 295 -67.14 -25.99 8.27
CA VAL C 295 -68.08 -26.82 7.53
C VAL C 295 -69.29 -26.00 7.09
N GLU C 296 -69.81 -25.16 7.98
CA GLU C 296 -70.87 -24.21 7.66
C GLU C 296 -70.31 -22.80 7.75
N TYR C 297 -70.46 -22.03 6.69
CA TYR C 297 -69.84 -20.71 6.59
C TYR C 297 -70.75 -19.59 7.08
N ASN C 298 -71.32 -19.77 8.28
CA ASN C 298 -72.14 -18.76 8.97
C ASN C 298 -73.24 -18.30 8.02
N HIS C 299 -73.43 -16.99 7.82
CA HIS C 299 -74.51 -16.52 6.97
C HIS C 299 -74.19 -16.70 5.49
N TRP C 300 -72.92 -16.52 5.11
CA TRP C 300 -72.53 -16.61 3.72
C TRP C 300 -72.68 -18.04 3.19
N GLU C 301 -72.94 -18.16 1.90
CA GLU C 301 -73.03 -19.45 1.25
C GLU C 301 -71.65 -20.09 1.13
N THR C 302 -71.64 -21.36 0.76
CA THR C 302 -70.37 -22.09 0.64
C THR C 302 -69.49 -21.47 -0.45
N GLU C 303 -70.02 -21.30 -1.66
CA GLU C 303 -69.24 -20.78 -2.76
C GLU C 303 -68.78 -19.34 -2.49
N HIS C 304 -69.68 -18.53 -1.91
CA HIS C 304 -69.33 -17.15 -1.60
C HIS C 304 -68.17 -17.09 -0.60
N ALA C 305 -68.22 -17.91 0.44
CA ALA C 305 -67.15 -17.92 1.44
C ALA C 305 -65.85 -18.46 0.84
N GLU C 306 -65.95 -19.47 -0.03
CA GLU C 306 -64.74 -19.98 -0.69
C GLU C 306 -64.08 -18.91 -1.53
N GLN C 307 -64.89 -18.15 -2.30
CA GLN C 307 -64.36 -17.06 -3.09
C GLN C 307 -63.75 -15.98 -2.20
N PHE C 308 -64.40 -15.71 -1.07
CA PHE C 308 -63.87 -14.72 -0.13
C PHE C 308 -62.50 -15.13 0.39
N ILE C 309 -62.36 -16.39 0.81
CA ILE C 309 -61.08 -16.87 1.32
C ILE C 309 -60.02 -16.86 0.22
N HIS C 310 -60.40 -17.28 -0.99
CA HIS C 310 -59.47 -17.28 -2.11
C HIS C 310 -58.94 -15.88 -2.39
N GLN C 311 -59.85 -14.90 -2.49
CA GLN C 311 -59.42 -13.54 -2.78
C GLN C 311 -58.66 -12.92 -1.61
N LEU C 312 -59.01 -13.28 -0.37
CA LEU C 312 -58.25 -12.79 0.78
C LEU C 312 -56.81 -13.29 0.73
N SER C 313 -56.63 -14.57 0.43
CA SER C 313 -55.28 -15.12 0.32
C SER C 313 -54.52 -14.52 -0.85
N LYS C 314 -55.21 -14.28 -1.97
CA LYS C 314 -54.57 -13.64 -3.11
C LYS C 314 -54.11 -12.23 -2.76
N GLU C 315 -54.93 -11.47 -2.03
CA GLU C 315 -54.54 -10.14 -1.61
C GLU C 315 -53.38 -10.19 -0.61
N LEU C 316 -53.41 -11.15 0.31
CA LEU C 316 -52.30 -11.29 1.26
C LEU C 316 -50.99 -11.57 0.54
N ILE C 317 -51.01 -12.46 -0.45
CA ILE C 317 -49.81 -12.71 -1.24
C ILE C 317 -49.40 -11.47 -2.02
N ARG C 318 -50.38 -10.75 -2.58
CA ARG C 318 -50.08 -9.56 -3.39
C ARG C 318 -49.50 -8.45 -2.53
N LYS C 319 -49.88 -8.36 -1.26
CA LYS C 319 -49.38 -7.33 -0.35
C LYS C 319 -48.07 -7.71 0.30
N ASP C 320 -47.32 -8.65 -0.31
CA ASP C 320 -46.00 -9.06 0.18
C ASP C 320 -46.07 -9.64 1.58
N PHE C 321 -47.04 -10.52 1.82
CA PHE C 321 -47.15 -11.26 3.06
C PHE C 321 -46.89 -12.73 2.82
N ASN C 322 -46.25 -13.37 3.79
CA ASN C 322 -45.96 -14.80 3.74
C ASN C 322 -47.01 -15.52 4.58
N ILE C 323 -47.75 -16.43 3.95
CA ILE C 323 -48.89 -17.09 4.60
C ILE C 323 -48.42 -18.42 5.16
N VAL C 324 -48.72 -18.66 6.43
CA VAL C 324 -48.51 -19.95 7.07
C VAL C 324 -49.87 -20.49 7.49
N SER C 325 -50.22 -21.66 6.97
CA SER C 325 -51.53 -22.25 7.20
C SER C 325 -51.37 -23.68 7.72
N GLY C 326 -52.27 -24.07 8.62
CA GLY C 326 -52.34 -25.41 9.13
C GLY C 326 -53.16 -26.37 8.31
N PHE C 327 -53.65 -25.93 7.14
CA PHE C 327 -54.48 -26.75 6.27
C PHE C 327 -55.71 -27.28 7.01
N GLY C 328 -56.45 -26.35 7.61
CA GLY C 328 -57.68 -26.73 8.29
C GLY C 328 -58.74 -27.20 7.31
N LEU C 329 -59.63 -28.05 7.80
CA LEU C 329 -60.67 -28.62 6.95
C LEU C 329 -61.65 -27.53 6.53
N GLY C 330 -61.74 -27.29 5.23
CA GLY C 330 -62.65 -26.30 4.69
C GLY C 330 -62.06 -24.92 4.46
N VAL C 331 -60.86 -24.65 4.99
CA VAL C 331 -60.24 -23.35 4.77
C VAL C 331 -58.91 -23.50 4.03
N GLY C 332 -58.23 -24.63 4.26
CA GLY C 332 -56.88 -24.79 3.73
C GLY C 332 -56.83 -24.86 2.22
N SER C 333 -57.78 -25.59 1.61
CA SER C 333 -57.75 -25.75 0.16
C SER C 333 -57.89 -24.42 -0.55
N PHE C 334 -58.74 -23.53 -0.03
CA PHE C 334 -59.02 -22.28 -0.73
C PHE C 334 -57.93 -21.23 -0.53
N VAL C 335 -57.29 -21.19 0.64
CA VAL C 335 -56.11 -20.34 0.77
C VAL C 335 -54.98 -20.87 -0.11
N ILE C 336 -54.87 -22.19 -0.24
CA ILE C 336 -53.89 -22.76 -1.17
C ILE C 336 -54.19 -22.31 -2.59
N ASN C 337 -55.47 -22.36 -2.98
CA ASN C 337 -55.85 -21.94 -4.33
C ASN C 337 -55.56 -20.47 -4.55
N GLY C 338 -55.83 -19.63 -3.55
CA GLY C 338 -55.53 -18.21 -3.69
C GLY C 338 -54.05 -17.95 -3.85
N VAL C 339 -53.22 -18.63 -3.05
CA VAL C 339 -51.77 -18.48 -3.17
C VAL C 339 -51.30 -18.95 -4.53
N LEU C 340 -51.85 -20.07 -5.01
CA LEU C 340 -51.44 -20.59 -6.32
C LEU C 340 -51.82 -19.62 -7.43
N GLU C 341 -53.02 -19.04 -7.37
CA GLU C 341 -53.43 -18.06 -8.37
C GLU C 341 -52.53 -16.83 -8.34
N GLU C 342 -52.17 -16.37 -7.12
CA GLU C 342 -51.33 -15.19 -7.02
C GLU C 342 -49.92 -15.46 -7.51
N LEU C 343 -49.41 -16.67 -7.31
CA LEU C 343 -48.02 -16.98 -7.62
C LEU C 343 -47.83 -17.53 -9.03
N TYR C 344 -48.76 -18.35 -9.52
CA TYR C 344 -48.65 -18.94 -10.86
C TYR C 344 -48.98 -17.87 -11.89
N MET C 345 -47.98 -17.05 -12.20
CA MET C 345 -48.15 -15.97 -13.17
C MET C 345 -46.87 -15.76 -13.98
N GLY C 348 -44.86 -20.14 -13.12
CA GLY C 348 -44.22 -19.85 -11.85
C GLY C 348 -44.18 -21.04 -10.92
N THR C 349 -43.42 -20.91 -9.83
CA THR C 349 -43.28 -21.97 -8.84
C THR C 349 -43.66 -21.44 -7.47
N ILE C 350 -43.91 -22.36 -6.54
CA ILE C 350 -44.30 -22.01 -5.18
C ILE C 350 -43.03 -21.73 -4.38
N ASP C 351 -42.78 -20.47 -4.08
CA ASP C 351 -41.66 -20.11 -3.21
C ASP C 351 -41.92 -20.63 -1.81
N ASP C 352 -40.88 -21.20 -1.19
CA ASP C 352 -41.03 -21.79 0.13
C ASP C 352 -41.36 -20.75 1.18
N ASP C 353 -40.91 -19.52 1.00
CA ASP C 353 -41.17 -18.47 1.98
C ASP C 353 -42.60 -17.95 1.89
N ARG C 354 -43.16 -17.86 0.67
CA ARG C 354 -44.47 -17.24 0.51
C ARG C 354 -45.57 -18.08 1.16
N LEU C 355 -45.51 -19.40 1.02
CA LEU C 355 -46.55 -20.28 1.54
C LEU C 355 -45.89 -21.46 2.26
N ILE C 356 -46.10 -21.54 3.58
CA ILE C 356 -45.66 -22.68 4.37
C ILE C 356 -46.90 -23.45 4.79
N LEU C 357 -47.00 -24.69 4.33
CA LEU C 357 -48.14 -25.54 4.62
C LEU C 357 -47.75 -26.59 5.65
N ARG C 358 -48.53 -26.68 6.72
CA ARG C 358 -48.28 -27.62 7.82
C ARG C 358 -49.54 -28.39 8.14
N PRO C 359 -49.93 -29.34 7.29
CA PRO C 359 -51.09 -30.18 7.61
C PRO C 359 -50.82 -31.01 8.86
N PHE C 360 -51.85 -31.15 9.69
CA PHE C 360 -51.70 -31.87 10.94
C PHE C 360 -51.69 -33.37 10.69
N PRO C 361 -50.78 -34.11 11.33
CA PRO C 361 -50.82 -35.57 11.23
C PRO C 361 -52.12 -36.13 11.77
N GLN C 362 -52.62 -37.17 11.11
CA GLN C 362 -53.88 -37.80 11.46
C GLN C 362 -53.63 -39.13 12.14
N GLY C 363 -54.25 -39.32 13.31
CA GLY C 363 -54.11 -40.54 14.07
C GLY C 363 -53.78 -40.24 15.52
N LYS C 364 -53.62 -41.33 16.28
CA LYS C 364 -53.30 -41.19 17.71
C LYS C 364 -51.88 -40.68 17.90
N LYS C 365 -50.95 -41.10 17.04
CA LYS C 365 -49.57 -40.66 17.19
C LYS C 365 -49.43 -39.17 16.90
N GLY C 366 -50.17 -38.66 15.92
CA GLY C 366 -50.07 -37.25 15.57
C GLY C 366 -50.57 -36.34 16.68
N GLU C 367 -51.70 -36.70 17.31
CA GLU C 367 -52.28 -35.85 18.35
C GLU C 367 -51.38 -35.71 19.57
N GLU C 368 -50.44 -36.63 19.78
CA GLU C 368 -49.50 -36.51 20.89
C GLU C 368 -48.60 -35.29 20.69
N GLN C 369 -48.11 -35.08 19.47
CA GLN C 369 -47.23 -33.96 19.16
C GLN C 369 -47.97 -32.81 18.49
N TRP C 370 -49.30 -32.88 18.42
CA TRP C 370 -50.08 -31.80 17.81
C TRP C 370 -49.80 -30.46 18.47
N ASP C 371 -49.64 -30.42 19.80
CA ASP C 371 -49.43 -29.15 20.48
C ASP C 371 -48.10 -28.52 20.09
N LYS C 372 -47.02 -29.31 20.11
CA LYS C 372 -45.72 -28.79 19.70
C LYS C 372 -45.71 -28.40 18.22
N TYR C 373 -46.42 -29.19 17.39
CA TYR C 373 -46.54 -28.85 15.98
C TYR C 373 -47.23 -27.51 15.79
N ARG C 374 -48.31 -27.27 16.53
CA ARG C 374 -49.02 -26.01 16.45
C ARG C 374 -48.16 -24.86 16.93
N ARG C 375 -47.42 -25.04 18.03
CA ARG C 375 -46.56 -23.99 18.54
C ARG C 375 -45.45 -23.65 17.54
N ASP C 376 -44.82 -24.68 16.95
CA ASP C 376 -43.78 -24.44 15.96
C ASP C 376 -44.35 -23.73 14.73
N MET C 377 -45.54 -24.13 14.30
CA MET C 377 -46.17 -23.49 13.16
C MET C 377 -46.46 -22.02 13.43
N ILE C 378 -46.96 -21.70 14.63
CA ILE C 378 -47.32 -20.32 14.95
C ILE C 378 -46.07 -19.47 15.16
N THR C 379 -44.98 -20.06 15.67
CA THR C 379 -43.78 -19.28 15.97
C THR C 379 -43.23 -18.59 14.73
N ARG C 380 -43.45 -19.17 13.55
CA ARG C 380 -42.94 -18.58 12.31
C ARG C 380 -43.64 -17.27 11.94
N THR C 381 -44.75 -16.94 12.58
CA THR C 381 -45.58 -15.81 12.19
C THR C 381 -45.58 -14.74 13.27
N GLY C 382 -46.10 -13.57 12.90
CA GLY C 382 -46.24 -12.46 13.84
C GLY C 382 -47.64 -11.91 13.88
N VAL C 383 -48.47 -12.29 12.91
CA VAL C 383 -49.86 -11.89 12.83
C VAL C 383 -50.71 -13.14 12.64
N SER C 384 -51.77 -13.28 13.43
CA SER C 384 -52.68 -14.40 13.34
C SER C 384 -54.05 -13.92 12.88
N ILE C 385 -54.57 -14.54 11.82
CA ILE C 385 -55.88 -14.23 11.28
C ILE C 385 -56.77 -15.46 11.45
N PHE C 386 -57.92 -15.27 12.09
CA PHE C 386 -58.83 -16.35 12.40
C PHE C 386 -60.11 -16.21 11.57
N LEU C 387 -60.55 -17.31 10.96
CA LEU C 387 -61.74 -17.32 10.13
C LEU C 387 -62.62 -18.49 10.54
N TYR C 388 -63.90 -18.23 10.78
CA TYR C 388 -64.91 -19.24 11.09
C TYR C 388 -64.47 -19.99 12.35
N GLY C 389 -64.24 -21.30 12.29
CA GLY C 389 -63.87 -22.05 13.47
C GLY C 389 -64.89 -23.10 13.85
N ASN C 390 -65.56 -23.66 12.85
CA ASN C 390 -66.62 -24.65 13.06
C ASN C 390 -66.25 -25.96 12.38
N LYS C 391 -66.44 -27.06 13.10
CA LYS C 391 -66.18 -28.40 12.61
C LYS C 391 -67.44 -29.26 12.78
N ILE C 392 -67.34 -30.51 12.39
CA ILE C 392 -68.42 -31.48 12.56
C ILE C 392 -67.90 -32.63 13.40
N ASP C 393 -68.60 -32.93 14.50
CA ASP C 393 -68.21 -33.98 15.42
C ASP C 393 -69.17 -35.15 15.42
N LYS C 394 -70.46 -34.90 15.61
CA LYS C 394 -71.48 -35.95 15.62
C LYS C 394 -72.62 -35.62 14.67
N GLY C 395 -72.29 -35.08 13.49
CA GLY C 395 -73.28 -34.70 12.52
C GLY C 395 -73.82 -33.29 12.66
N GLN C 396 -73.39 -32.56 13.69
CA GLN C 396 -73.85 -31.20 13.93
C GLN C 396 -72.66 -30.25 13.94
N VAL C 397 -72.89 -29.02 13.49
CA VAL C 397 -71.85 -28.01 13.45
C VAL C 397 -71.53 -27.57 14.87
N VAL C 398 -70.29 -27.80 15.30
CA VAL C 398 -69.83 -27.43 16.64
C VAL C 398 -68.60 -26.55 16.49
N LYS C 399 -68.56 -25.47 17.26
CA LYS C 399 -67.41 -24.58 17.21
C LYS C 399 -66.14 -25.33 17.59
N ALA C 400 -65.08 -25.11 16.82
CA ALA C 400 -63.86 -25.89 16.94
C ALA C 400 -63.09 -25.50 18.21
N LYS C 401 -62.16 -26.37 18.61
CA LYS C 401 -61.31 -26.12 19.76
C LYS C 401 -59.85 -25.90 19.39
N GLY C 402 -59.42 -26.33 18.20
CA GLY C 402 -58.06 -26.07 17.77
C GLY C 402 -57.80 -24.60 17.53
N VAL C 403 -58.81 -23.88 17.02
CA VAL C 403 -58.65 -22.45 16.78
C VAL C 403 -58.44 -21.70 18.10
N GLN C 404 -59.12 -22.13 19.16
CA GLN C 404 -58.90 -21.51 20.47
C GLN C 404 -57.47 -21.73 20.96
N SER C 405 -56.95 -22.94 20.77
CA SER C 405 -55.56 -23.20 21.14
C SER C 405 -54.59 -22.36 20.30
N GLU C 406 -54.89 -22.19 19.04
CA GLU C 406 -54.06 -21.36 18.19
C GLU C 406 -54.09 -19.93 18.65
N PHE C 407 -55.25 -19.42 19.03
CA PHE C 407 -55.36 -18.07 19.57
C PHE C 407 -54.56 -17.92 20.86
N ASN C 408 -54.65 -18.92 21.75
CA ASN C 408 -53.90 -18.87 22.99
C ASN C 408 -52.39 -18.85 22.73
N ILE C 409 -51.92 -19.70 21.80
CA ILE C 409 -50.51 -19.73 21.47
C ILE C 409 -50.06 -18.40 20.86
N SER C 410 -50.89 -17.83 19.98
CA SER C 410 -50.57 -16.55 19.37
C SER C 410 -50.45 -15.46 20.42
N PHE C 411 -51.37 -15.43 21.39
CA PHE C 411 -51.28 -14.44 22.46
C PHE C 411 -50.04 -14.66 23.32
N GLU C 412 -49.72 -15.92 23.63
CA GLU C 412 -48.55 -16.21 24.45
C GLU C 412 -47.25 -15.79 23.76
N GLN C 413 -47.24 -15.78 22.43
CA GLN C 413 -46.08 -15.37 21.66
C GLN C 413 -46.10 -13.89 21.30
N ASN C 414 -47.05 -13.13 21.86
CA ASN C 414 -47.19 -11.69 21.61
C ASN C 414 -47.48 -11.39 20.15
N ASN C 415 -48.11 -12.32 19.45
CA ASN C 415 -48.51 -12.10 18.07
C ASN C 415 -49.80 -11.31 18.00
N TYR C 416 -49.91 -10.47 16.97
CA TYR C 416 -51.15 -9.74 16.73
C TYR C 416 -52.23 -10.71 16.29
N VAL C 417 -53.41 -10.56 16.88
CA VAL C 417 -54.56 -11.42 16.59
C VAL C 417 -55.60 -10.59 15.84
N VAL C 418 -56.08 -11.13 14.73
CA VAL C 418 -57.08 -10.44 13.91
C VAL C 418 -58.28 -11.37 13.71
N PRO C 419 -59.13 -11.54 14.73
CA PRO C 419 -60.32 -12.39 14.56
C PRO C 419 -61.38 -11.66 13.73
N VAL C 420 -61.84 -12.31 12.68
CA VAL C 420 -62.88 -11.75 11.81
C VAL C 420 -64.22 -12.24 12.35
N GLY C 421 -64.94 -11.35 13.04
CA GLY C 421 -66.21 -11.72 13.63
C GLY C 421 -67.32 -11.97 12.64
N ALA C 422 -67.21 -11.40 11.43
CA ALA C 422 -68.23 -11.64 10.42
C ALA C 422 -68.29 -13.11 10.01
N THR C 423 -67.17 -13.82 10.14
CA THR C 423 -67.16 -15.24 9.81
C THR C 423 -67.84 -16.09 10.89
N GLY C 424 -67.94 -15.59 12.11
CA GLY C 424 -68.70 -16.24 13.16
C GLY C 424 -67.95 -17.36 13.85
N TYR C 425 -68.67 -18.05 14.73
CA TYR C 425 -68.21 -19.23 15.46
C TYR C 425 -67.05 -18.82 16.36
N ILE C 426 -65.94 -19.57 16.39
CA ILE C 426 -64.82 -19.25 17.27
C ILE C 426 -64.20 -17.90 16.90
N ALA C 427 -64.25 -17.54 15.62
CA ALA C 427 -63.77 -16.22 15.21
C ALA C 427 -64.58 -15.12 15.86
N LYS C 428 -65.91 -15.26 15.88
CA LYS C 428 -66.76 -14.27 16.54
C LYS C 428 -66.53 -14.26 18.04
N ASP C 429 -66.37 -15.44 18.65
CA ASP C 429 -66.09 -15.49 20.09
C ASP C 429 -64.79 -14.79 20.42
N LEU C 430 -63.76 -15.02 19.61
CA LEU C 430 -62.46 -14.37 19.82
C LEU C 430 -62.56 -12.86 19.61
N TRP C 431 -63.33 -12.43 18.60
CA TRP C 431 -63.52 -10.99 18.39
C TRP C 431 -64.21 -10.36 19.59
N ASN C 432 -65.23 -11.02 20.13
CA ASN C 432 -65.91 -10.51 21.33
C ASN C 432 -64.95 -10.45 22.51
N LYS C 433 -64.11 -11.49 22.67
CA LYS C 433 -63.15 -11.50 23.76
C LYS C 433 -62.14 -10.36 23.63
N VAL C 434 -61.66 -10.11 22.41
CA VAL C 434 -60.71 -9.02 22.19
C VAL C 434 -61.38 -7.67 22.45
N ASN C 435 -62.62 -7.50 21.98
CA ASN C 435 -63.31 -6.24 22.23
C ASN C 435 -63.64 -6.05 23.71
N GLU C 436 -63.73 -7.15 24.46
CA GLU C 436 -63.97 -7.03 25.90
C GLU C 436 -62.82 -6.32 26.60
N GLU C 437 -61.58 -6.66 26.23
CA GLU C 437 -60.39 -6.00 26.75
C GLU C 437 -59.52 -5.63 25.55
N PHE C 438 -59.82 -4.46 24.95
CA PHE C 438 -59.11 -4.03 23.75
C PHE C 438 -57.73 -3.49 24.06
N GLU C 439 -57.57 -2.80 25.19
CA GLU C 439 -56.27 -2.21 25.53
C GLU C 439 -55.24 -3.29 25.87
N THR C 440 -55.70 -4.45 26.36
CA THR C 440 -54.77 -5.52 26.70
C THR C 440 -54.08 -6.08 25.45
N TYR C 441 -54.83 -6.21 24.36
CA TYR C 441 -54.30 -6.78 23.13
C TYR C 441 -53.74 -5.73 22.18
N TYR C 442 -54.31 -4.52 22.17
CA TYR C 442 -53.87 -3.43 21.31
C TYR C 442 -53.65 -2.17 22.14
N PRO C 443 -52.60 -2.13 22.95
CA PRO C 443 -52.34 -0.93 23.75
C PRO C 443 -51.93 0.25 22.86
N GLY C 444 -52.44 1.43 23.21
CA GLY C 444 -52.14 2.61 22.44
C GLY C 444 -52.63 2.57 21.01
N ALA C 445 -53.83 2.02 20.79
CA ALA C 445 -54.38 1.93 19.44
C ALA C 445 -54.97 3.26 19.01
N ASP C 446 -54.86 3.53 17.71
CA ASP C 446 -55.41 4.77 17.15
C ASP C 446 -56.89 4.62 16.86
N ALA C 447 -57.51 5.73 16.43
CA ALA C 447 -58.92 5.70 16.09
C ALA C 447 -59.18 4.82 14.87
N ARG C 448 -58.31 4.89 13.87
CA ARG C 448 -58.49 4.07 12.67
C ARG C 448 -58.39 2.59 12.98
N MET C 449 -57.46 2.21 13.86
CA MET C 449 -57.34 0.81 14.25
C MET C 449 -58.60 0.33 14.96
N LYS C 450 -59.15 1.13 15.87
CA LYS C 450 -60.39 0.76 16.55
C LYS C 450 -61.54 0.64 15.56
N LYS C 451 -61.63 1.59 14.61
CA LYS C 451 -62.70 1.53 13.62
C LYS C 451 -62.59 0.28 12.76
N LEU C 452 -61.37 -0.07 12.34
CA LEU C 452 -61.20 -1.28 11.54
C LEU C 452 -61.53 -2.53 12.34
N PHE C 453 -61.12 -2.58 13.62
CA PHE C 453 -61.45 -3.73 14.45
C PHE C 453 -62.96 -3.88 14.64
N GLY C 454 -63.65 -2.76 14.84
CA GLY C 454 -65.09 -2.80 14.95
C GLY C 454 -65.76 -3.23 13.65
N GLU C 455 -65.23 -2.75 12.52
CA GLU C 455 -65.77 -3.12 11.21
C GLU C 455 -65.50 -4.57 10.87
N LEU C 456 -64.50 -5.19 11.50
CA LEU C 456 -64.21 -6.60 11.26
C LEU C 456 -65.39 -7.51 11.60
N ASN C 457 -66.30 -7.06 12.46
CA ASN C 457 -67.47 -7.85 12.86
C ASN C 457 -68.74 -7.34 12.21
N ASN C 458 -68.66 -6.91 10.95
CA ASN C 458 -69.81 -6.41 10.21
C ASN C 458 -70.23 -7.45 9.17
N GLU C 459 -71.45 -7.95 9.28
CA GLU C 459 -71.98 -8.92 8.32
C GLU C 459 -72.54 -8.27 7.07
N ALA C 460 -72.71 -6.95 7.07
CA ALA C 460 -73.23 -6.25 5.91
C ALA C 460 -72.17 -5.97 4.85
N LEU C 461 -70.89 -6.15 5.17
CA LEU C 461 -69.83 -5.93 4.20
C LEU C 461 -69.81 -7.02 3.15
N SER C 462 -69.45 -6.64 1.92
CA SER C 462 -69.27 -7.60 0.85
C SER C 462 -67.92 -8.30 1.01
N ILE C 463 -67.59 -9.15 0.04
CA ILE C 463 -66.29 -9.82 0.05
C ILE C 463 -65.16 -8.80 -0.07
N GLU C 464 -65.28 -7.89 -1.04
CA GLU C 464 -64.23 -6.91 -1.27
C GLU C 464 -64.05 -5.99 -0.08
N GLU C 465 -65.16 -5.52 0.50
CA GLU C 465 -65.07 -4.58 1.63
C GLU C 465 -64.43 -5.25 2.85
N LEU C 466 -64.85 -6.47 3.17
CA LEU C 466 -64.28 -7.18 4.31
C LEU C 466 -62.81 -7.49 4.08
N ILE C 467 -62.45 -7.91 2.86
CA ILE C 467 -61.05 -8.20 2.56
C ILE C 467 -60.21 -6.94 2.67
N ASN C 468 -60.71 -5.81 2.16
CA ASN C 468 -59.98 -4.56 2.26
C ASN C 468 -59.81 -4.12 3.71
N THR C 469 -60.85 -4.30 4.54
CA THR C 469 -60.73 -3.98 5.95
C THR C 469 -59.66 -4.84 6.63
N ILE C 470 -59.66 -6.14 6.35
CA ILE C 470 -58.66 -7.03 6.94
C ILE C 470 -57.28 -6.64 6.48
N ILE C 471 -57.11 -6.36 5.20
CA ILE C 471 -55.80 -6.01 4.65
C ILE C 471 -55.29 -4.71 5.26
N GLU C 472 -56.17 -3.71 5.39
CA GLU C 472 -55.75 -2.43 5.97
C GLU C 472 -55.38 -2.60 7.45
N PHE C 473 -56.15 -3.40 8.18
CA PHE C 473 -55.81 -3.64 9.59
C PHE C 473 -54.45 -4.34 9.72
N VAL C 474 -54.21 -5.35 8.89
CA VAL C 474 -52.93 -6.07 8.96
C VAL C 474 -51.79 -5.16 8.53
N GLU C 475 -52.03 -4.28 7.56
CA GLU C 475 -50.97 -3.38 7.09
C GLU C 475 -50.63 -2.33 8.14
N ILE C 476 -51.64 -1.77 8.81
CA ILE C 476 -51.32 -0.81 9.86
C ILE C 476 -50.69 -1.51 11.06
N LEU C 477 -50.98 -2.80 11.24
CA LEU C 477 -50.24 -3.56 12.24
C LEU C 477 -48.78 -3.74 11.84
N SER C 478 -48.52 -4.03 10.56
CA SER C 478 -47.16 -4.30 10.11
C SER C 478 -46.39 -3.01 9.84
N ASN C 479 -46.88 -2.20 8.91
CA ASN C 479 -46.21 -0.97 8.54
C ASN C 479 -46.36 0.08 9.64
N LYS D 5 -18.13 -44.38 -11.88
CA LYS D 5 -17.14 -44.02 -10.87
C LYS D 5 -15.86 -43.49 -11.51
N MET D 6 -15.19 -42.59 -10.81
CA MET D 6 -13.95 -41.98 -11.28
C MET D 6 -12.83 -42.28 -10.28
N ASN D 7 -11.68 -41.64 -10.48
CA ASN D 7 -10.52 -41.89 -9.64
C ASN D 7 -10.82 -41.55 -8.19
N PRO D 8 -10.20 -42.27 -7.24
CA PRO D 8 -10.46 -41.97 -5.82
C PRO D 8 -10.14 -40.54 -5.43
N ILE D 9 -9.12 -39.94 -6.03
CA ILE D 9 -8.85 -38.52 -5.80
C ILE D 9 -10.03 -37.68 -6.28
N VAL D 10 -10.55 -38.01 -7.47
CA VAL D 10 -11.71 -37.29 -8.01
C VAL D 10 -12.92 -37.51 -7.12
N GLU D 11 -13.10 -38.72 -6.59
CA GLU D 11 -14.24 -38.98 -5.72
C GLU D 11 -14.14 -38.18 -4.42
N LEU D 12 -12.94 -38.13 -3.83
CA LEU D 12 -12.75 -37.32 -2.63
C LEU D 12 -13.01 -35.85 -2.90
N PHE D 13 -12.52 -35.35 -4.03
CA PHE D 13 -12.77 -33.96 -4.39
C PHE D 13 -14.26 -33.70 -4.59
N ILE D 14 -14.96 -34.64 -5.23
CA ILE D 14 -16.40 -34.49 -5.45
C ILE D 14 -17.14 -34.43 -4.13
N LYS D 15 -16.80 -35.32 -3.20
CA LYS D 15 -17.44 -35.31 -1.89
C LYS D 15 -17.17 -33.99 -1.17
N ASP D 16 -15.92 -33.56 -1.10
CA ASP D 16 -15.57 -32.35 -0.38
C ASP D 16 -16.23 -31.12 -0.99
N PHE D 17 -16.22 -31.02 -2.33
CA PHE D 17 -16.78 -29.84 -2.97
C PHE D 17 -18.31 -29.85 -2.94
N THR D 18 -18.94 -31.01 -2.99
CA THR D 18 -20.39 -31.07 -2.78
C THR D 18 -20.73 -30.61 -1.37
N LYS D 19 -19.92 -31.02 -0.38
CA LYS D 19 -20.12 -30.54 0.98
C LYS D 19 -19.97 -29.02 1.05
N GLU D 20 -18.98 -28.48 0.35
CA GLU D 20 -18.77 -27.03 0.36
C GLU D 20 -19.92 -26.29 -0.30
N VAL D 21 -20.41 -26.79 -1.44
CA VAL D 21 -21.47 -26.10 -2.17
C VAL D 21 -22.79 -26.17 -1.41
N MET D 22 -23.09 -27.32 -0.80
CA MET D 22 -24.34 -27.44 -0.04
C MET D 22 -24.39 -26.47 1.12
N GLU D 23 -23.24 -26.04 1.64
CA GLU D 23 -23.18 -24.99 2.65
C GLU D 23 -23.21 -23.59 2.06
N GLU D 24 -23.26 -23.47 0.74
CA GLU D 24 -23.30 -22.17 0.05
C GLU D 24 -22.09 -21.30 0.42
N ASN D 25 -20.92 -21.93 0.55
CA ASN D 25 -19.68 -21.22 0.83
C ASN D 25 -18.63 -21.53 -0.23
N ALA D 26 -19.08 -21.83 -1.46
CA ALA D 26 -18.19 -22.19 -2.55
C ALA D 26 -18.29 -21.14 -3.66
N ALA D 27 -17.15 -20.85 -4.27
CA ALA D 27 -17.08 -19.91 -5.38
C ALA D 27 -16.41 -20.59 -6.56
N ILE D 28 -16.69 -20.11 -7.76
CA ILE D 28 -16.14 -20.66 -8.99
C ILE D 28 -15.26 -19.60 -9.64
N PHE D 29 -14.00 -19.96 -9.89
CA PHE D 29 -13.08 -19.10 -10.64
C PHE D 29 -12.91 -19.70 -12.03
N ALA D 30 -13.50 -19.06 -13.02
CA ALA D 30 -13.48 -19.54 -14.39
C ALA D 30 -12.48 -18.74 -15.21
N GLY D 31 -11.55 -19.43 -15.86
CA GLY D 31 -10.63 -18.81 -16.78
C GLY D 31 -11.18 -18.76 -18.18
N ALA D 32 -10.33 -18.31 -19.11
CA ALA D 32 -10.72 -18.27 -20.51
C ALA D 32 -10.88 -19.68 -21.08
N GLY D 33 -10.15 -20.66 -20.52
CA GLY D 33 -10.22 -22.01 -21.06
C GLY D 33 -11.59 -22.63 -20.94
N LEU D 34 -12.40 -22.18 -19.98
CA LEU D 34 -13.76 -22.68 -19.86
C LEU D 34 -14.63 -22.26 -21.03
N SER D 35 -14.23 -21.24 -21.78
CA SER D 35 -15.00 -20.76 -22.93
C SER D 35 -14.32 -21.12 -24.25
N MET D 36 -13.27 -21.93 -24.24
CA MET D 36 -12.57 -22.28 -25.47
C MET D 36 -13.24 -23.44 -26.20
N SER D 37 -14.12 -24.18 -25.54
CA SER D 37 -14.87 -25.25 -26.19
C SER D 37 -16.21 -24.78 -26.75
N VAL D 38 -16.56 -23.51 -26.56
CA VAL D 38 -17.87 -23.03 -26.96
C VAL D 38 -17.89 -22.70 -28.45
N GLY D 39 -16.79 -22.19 -28.98
CA GLY D 39 -16.73 -21.84 -30.39
C GLY D 39 -15.93 -20.59 -30.67
N TYR D 40 -15.55 -19.87 -29.60
CA TYR D 40 -14.69 -18.71 -29.75
C TYR D 40 -13.30 -19.15 -30.22
N VAL D 41 -12.77 -18.44 -31.21
CA VAL D 41 -11.43 -18.77 -31.70
C VAL D 41 -10.40 -18.38 -30.64
N SER D 42 -9.24 -19.02 -30.72
CA SER D 42 -8.19 -18.82 -29.73
C SER D 42 -7.65 -17.40 -29.79
N TRP D 43 -7.24 -16.89 -28.63
CA TRP D 43 -6.68 -15.55 -28.55
C TRP D 43 -5.40 -15.41 -29.38
N ALA D 44 -4.61 -16.49 -29.45
CA ALA D 44 -3.43 -16.47 -30.31
C ALA D 44 -3.82 -16.35 -31.78
N LYS D 45 -4.91 -17.01 -32.18
CA LYS D 45 -5.40 -16.87 -33.55
C LYS D 45 -5.82 -15.43 -33.84
N LEU D 46 -6.47 -14.78 -32.87
CA LEU D 46 -6.84 -13.38 -33.04
C LEU D 46 -5.61 -12.49 -33.15
N LEU D 47 -4.59 -12.76 -32.34
CA LEU D 47 -3.38 -11.95 -32.35
C LEU D 47 -2.43 -12.30 -33.49
N GLU D 48 -2.71 -13.36 -34.26
CA GLU D 48 -1.83 -13.72 -35.37
C GLU D 48 -1.63 -12.57 -36.36
N PRO D 49 -2.67 -11.90 -36.88
CA PRO D 49 -2.41 -10.70 -37.69
C PRO D 49 -1.74 -9.58 -36.90
N ILE D 50 -2.06 -9.46 -35.62
CA ILE D 50 -1.41 -8.48 -34.77
C ILE D 50 0.08 -8.76 -34.67
N ALA D 51 0.45 -10.03 -34.47
CA ALA D 51 1.85 -10.40 -34.44
C ALA D 51 2.52 -10.18 -35.79
N GLN D 52 1.82 -10.49 -36.88
CA GLN D 52 2.41 -10.30 -38.20
C GLN D 52 2.63 -8.84 -38.52
N GLU D 53 1.87 -7.93 -37.99
CA GLU D 53 2.04 -6.52 -38.25
C GLU D 53 3.26 -5.92 -37.63
N ILE D 54 3.74 -6.48 -36.52
CA ILE D 54 4.95 -6.00 -35.88
C ILE D 54 6.13 -6.90 -36.25
N GLY D 55 5.93 -7.80 -37.20
CA GLY D 55 6.99 -8.65 -37.68
C GLY D 55 7.27 -9.89 -36.87
N LEU D 56 6.43 -10.20 -35.89
CA LEU D 56 6.60 -11.39 -35.08
C LEU D 56 5.65 -12.49 -35.56
N ASP D 57 5.73 -13.64 -34.91
CA ASP D 57 4.89 -14.79 -35.23
C ASP D 57 4.24 -15.28 -33.95
N VAL D 58 2.91 -15.32 -33.93
CA VAL D 58 2.19 -15.65 -32.70
C VAL D 58 2.45 -17.09 -32.28
N ASN D 59 2.75 -17.97 -33.23
CA ASN D 59 3.05 -19.36 -32.88
C ASN D 59 4.37 -19.47 -32.12
N LYS D 60 5.33 -18.61 -32.43
CA LYS D 60 6.62 -18.59 -31.74
C LYS D 60 6.59 -17.79 -30.45
N GLU D 61 5.45 -17.23 -30.13
CA GLU D 61 5.31 -16.40 -28.96
C GLU D 61 4.47 -17.08 -27.94
N ASN D 62 4.90 -17.06 -26.70
CA ASN D 62 4.11 -17.63 -25.61
C ASN D 62 3.46 -16.58 -24.74
N ASP D 63 4.12 -15.44 -24.52
CA ASP D 63 3.57 -14.35 -23.72
C ASP D 63 2.82 -13.42 -24.65
N LEU D 64 1.51 -13.64 -24.79
CA LEU D 64 0.70 -12.82 -25.68
C LEU D 64 0.45 -11.43 -25.11
N VAL D 65 0.56 -11.26 -23.79
CA VAL D 65 0.43 -9.93 -23.20
C VAL D 65 1.56 -9.02 -23.69
N SER D 66 2.79 -9.54 -23.69
CA SER D 66 3.90 -8.77 -24.22
C SER D 66 3.77 -8.53 -25.72
N LEU D 67 3.19 -9.49 -26.44
CA LEU D 67 2.95 -9.30 -27.87
C LEU D 67 2.00 -8.14 -28.13
N ALA D 68 0.89 -8.11 -27.38
CA ALA D 68 -0.06 -7.00 -27.52
C ALA D 68 0.56 -5.68 -27.08
N GLN D 69 1.40 -5.72 -26.04
CA GLN D 69 2.08 -4.51 -25.63
C GLN D 69 3.03 -4.00 -26.69
N TYR D 70 3.75 -4.91 -27.35
CA TYR D 70 4.63 -4.52 -28.46
C TYR D 70 3.83 -3.90 -29.59
N TYR D 71 2.68 -4.51 -29.92
CA TYR D 71 1.83 -3.96 -30.96
C TYR D 71 1.37 -2.54 -30.61
N CYS D 72 0.97 -2.33 -29.36
CA CYS D 72 0.56 -0.99 -28.92
C CYS D 72 1.72 -0.02 -28.97
N ASN D 73 2.93 -0.48 -28.61
CA ASN D 73 4.10 0.38 -28.68
C ASN D 73 4.39 0.80 -30.11
N GLU D 74 4.21 -0.11 -31.06
CA GLU D 74 4.41 0.21 -32.47
C GLU D 74 3.36 1.16 -33.02
N ASN D 75 2.29 1.42 -32.28
CA ASN D 75 1.20 2.29 -32.73
C ASN D 75 0.94 3.43 -31.74
N GLN D 76 1.99 3.89 -31.05
CA GLN D 76 1.91 5.02 -30.12
C GLN D 76 0.92 4.75 -28.99
N GLY D 77 0.77 3.50 -28.58
CA GLY D 77 -0.09 3.17 -27.47
C GLY D 77 -1.56 3.04 -27.80
N ASN D 78 -1.92 3.00 -29.08
CA ASN D 78 -3.32 2.92 -29.47
C ASN D 78 -3.81 1.48 -29.45
N ARG D 79 -5.00 1.28 -28.87
CA ARG D 79 -5.59 -0.05 -28.70
C ARG D 79 -6.83 -0.27 -29.55
N GLY D 80 -7.12 0.61 -30.50
CA GLY D 80 -8.35 0.50 -31.26
C GLY D 80 -8.48 -0.82 -31.99
N ARG D 81 -7.38 -1.29 -32.60
CA ARG D 81 -7.42 -2.54 -33.35
C ARG D 81 -7.72 -3.73 -32.44
N ILE D 82 -7.06 -3.79 -31.29
CA ILE D 82 -7.27 -4.91 -30.36
C ILE D 82 -8.67 -4.84 -29.76
N ASN D 83 -9.14 -3.64 -29.45
CA ASN D 83 -10.51 -3.48 -28.95
C ASN D 83 -11.52 -3.97 -29.97
N GLN D 84 -11.33 -3.60 -31.24
CA GLN D 84 -12.23 -4.07 -32.29
C GLN D 84 -12.17 -5.58 -32.43
N ILE D 85 -10.97 -6.16 -32.34
CA ILE D 85 -10.81 -7.60 -32.49
C ILE D 85 -11.58 -8.33 -31.38
N ILE D 86 -11.39 -7.91 -30.13
CA ILE D 86 -12.04 -8.61 -29.03
C ILE D 86 -13.55 -8.40 -29.07
N LEU D 87 -13.99 -7.19 -29.43
CA LEU D 87 -15.43 -6.94 -29.55
C LEU D 87 -16.05 -7.80 -30.64
N ASP D 88 -15.37 -7.92 -31.78
CA ASP D 88 -15.90 -8.73 -32.87
C ASP D 88 -15.93 -10.22 -32.50
N GLU D 89 -14.91 -10.70 -31.78
CA GLU D 89 -14.84 -12.13 -31.52
C GLU D 89 -15.73 -12.54 -30.36
N PHE D 90 -15.54 -11.94 -29.19
CA PHE D 90 -16.16 -12.46 -27.98
C PHE D 90 -17.60 -12.00 -27.78
N SER D 91 -18.13 -11.15 -28.66
CA SER D 91 -19.53 -10.75 -28.58
C SER D 91 -20.43 -11.57 -29.50
N ARG D 92 -19.89 -12.57 -30.18
CA ARG D 92 -20.70 -13.38 -31.08
C ARG D 92 -21.68 -14.24 -30.27
N LYS D 93 -22.76 -14.64 -30.94
CA LYS D 93 -23.79 -15.48 -30.33
C LYS D 93 -23.39 -16.94 -30.49
N VAL D 94 -23.12 -17.61 -29.37
CA VAL D 94 -22.68 -19.00 -29.36
C VAL D 94 -23.55 -19.77 -28.37
N ASP D 95 -23.86 -21.02 -28.71
CA ASP D 95 -24.64 -21.86 -27.81
C ASP D 95 -23.83 -22.22 -26.57
N LEU D 96 -24.48 -22.16 -25.42
CA LEU D 96 -23.81 -22.46 -24.16
C LEU D 96 -23.39 -23.92 -24.09
N THR D 97 -22.21 -24.15 -23.52
CA THR D 97 -21.75 -25.50 -23.27
C THR D 97 -22.41 -26.07 -22.02
N GLU D 98 -22.25 -27.37 -21.83
CA GLU D 98 -22.89 -28.03 -20.69
C GLU D 98 -22.29 -27.57 -19.37
N ASN D 99 -21.00 -27.23 -19.36
CA ASN D 99 -20.36 -26.79 -18.12
C ASN D 99 -21.01 -25.52 -17.57
N HIS D 100 -21.27 -24.54 -18.44
CA HIS D 100 -21.90 -23.30 -17.98
C HIS D 100 -23.29 -23.56 -17.43
N LYS D 101 -24.06 -24.42 -18.10
CA LYS D 101 -25.41 -24.72 -17.62
C LYS D 101 -25.38 -25.43 -16.27
N ILE D 102 -24.47 -26.39 -16.10
CA ILE D 102 -24.37 -27.07 -14.81
C ILE D 102 -23.95 -26.11 -13.72
N LEU D 103 -22.97 -25.24 -14.01
CA LEU D 103 -22.54 -24.27 -13.00
C LEU D 103 -23.67 -23.31 -12.64
N ALA D 104 -24.47 -22.92 -13.63
CA ALA D 104 -25.64 -22.08 -13.34
C ALA D 104 -26.65 -22.82 -12.46
N ARG D 105 -26.84 -24.12 -12.71
CA ARG D 105 -27.78 -24.89 -11.91
C ARG D 105 -27.30 -25.11 -10.48
N LEU D 106 -25.99 -25.05 -10.24
CA LEU D 106 -25.47 -25.29 -8.91
C LEU D 106 -25.73 -24.07 -8.01
N PRO D 107 -25.92 -24.29 -6.70
CA PRO D 107 -26.16 -23.17 -5.79
C PRO D 107 -24.88 -22.41 -5.47
N ILE D 108 -24.23 -21.86 -6.49
CA ILE D 108 -22.99 -21.10 -6.33
C ILE D 108 -23.33 -19.63 -6.51
N HIS D 109 -22.97 -18.82 -5.50
CA HIS D 109 -23.34 -17.42 -5.48
C HIS D 109 -22.20 -16.49 -5.86
N THR D 110 -21.02 -17.01 -6.16
CA THR D 110 -19.86 -16.19 -6.45
C THR D 110 -19.11 -16.77 -7.63
N TYR D 111 -18.96 -15.98 -8.69
CA TYR D 111 -18.14 -16.32 -9.84
C TYR D 111 -17.10 -15.23 -10.04
N TRP D 112 -15.86 -15.63 -10.30
CA TRP D 112 -14.78 -14.73 -10.68
C TRP D 112 -14.25 -15.19 -12.03
N THR D 113 -14.29 -14.30 -13.02
CA THR D 113 -13.95 -14.67 -14.38
C THR D 113 -12.86 -13.77 -14.91
N THR D 114 -11.91 -14.37 -15.64
CA THR D 114 -10.93 -13.63 -16.42
C THR D 114 -11.30 -13.58 -17.89
N ALA D 115 -12.45 -14.12 -18.28
CA ALA D 115 -12.93 -14.10 -19.65
C ALA D 115 -13.83 -12.90 -19.87
N TYR D 116 -13.76 -12.34 -21.08
CA TYR D 116 -14.56 -11.17 -21.42
C TYR D 116 -15.96 -11.51 -21.91
N ASP D 117 -16.19 -12.74 -22.36
CA ASP D 117 -17.49 -13.14 -22.87
C ASP D 117 -18.53 -13.16 -21.74
N ARG D 118 -19.79 -13.25 -22.14
CA ARG D 118 -20.92 -13.25 -21.21
C ARG D 118 -21.59 -14.62 -21.11
N LEU D 119 -20.79 -15.69 -21.19
CA LEU D 119 -21.37 -17.04 -21.17
C LEU D 119 -21.93 -17.39 -19.80
N ILE D 120 -21.21 -17.02 -18.73
CA ILE D 120 -21.72 -17.27 -17.38
C ILE D 120 -23.00 -16.49 -17.15
N GLU D 121 -23.03 -15.22 -17.58
CA GLU D 121 -24.23 -14.41 -17.42
C GLU D 121 -25.41 -15.01 -18.16
N LYS D 122 -25.19 -15.47 -19.40
CA LYS D 122 -26.26 -16.07 -20.17
C LYS D 122 -26.73 -17.38 -19.55
N ALA D 123 -25.79 -18.18 -19.02
CA ALA D 123 -26.16 -19.43 -18.37
C ALA D 123 -27.00 -19.17 -17.12
N LEU D 124 -26.64 -18.13 -16.36
CA LEU D 124 -27.44 -17.78 -15.18
C LEU D 124 -28.81 -17.23 -15.59
N GLU D 125 -28.87 -16.47 -16.68
CA GLU D 125 -30.15 -15.95 -17.15
C GLU D 125 -31.08 -17.07 -17.61
N GLU D 126 -30.55 -18.06 -18.33
CA GLU D 126 -31.38 -19.15 -18.83
C GLU D 126 -31.88 -20.06 -17.72
N GLU D 127 -31.34 -19.94 -16.51
CA GLU D 127 -31.84 -20.68 -15.36
C GLU D 127 -32.80 -19.85 -14.51
N ASN D 128 -33.27 -18.72 -15.03
CA ASN D 128 -34.15 -17.81 -14.31
C ASN D 128 -33.51 -17.35 -13.00
N LYS D 129 -32.20 -17.10 -13.03
CA LYS D 129 -31.46 -16.61 -11.88
C LYS D 129 -31.02 -15.17 -12.13
N ILE D 130 -31.07 -14.36 -11.08
CA ILE D 130 -30.67 -12.96 -11.17
C ILE D 130 -29.15 -12.89 -10.95
N ALA D 131 -28.44 -12.40 -11.95
CA ALA D 131 -26.98 -12.31 -11.91
C ALA D 131 -26.57 -10.86 -11.78
N ASP D 132 -25.71 -10.57 -10.81
CA ASP D 132 -25.18 -9.23 -10.59
C ASP D 132 -23.76 -9.20 -11.15
N VAL D 133 -23.62 -8.72 -12.38
CA VAL D 133 -22.35 -8.74 -13.09
C VAL D 133 -21.58 -7.47 -12.74
N LYS D 134 -20.32 -7.64 -12.35
CA LYS D 134 -19.47 -6.52 -11.93
C LYS D 134 -18.16 -6.57 -12.70
N TYR D 135 -17.87 -5.49 -13.43
CA TYR D 135 -16.57 -5.33 -14.06
C TYR D 135 -16.04 -3.90 -13.92
N THR D 136 -16.73 -3.05 -13.16
CA THR D 136 -16.32 -1.69 -12.90
C THR D 136 -16.26 -1.47 -11.40
N VAL D 137 -15.34 -0.59 -10.97
CA VAL D 137 -15.21 -0.30 -9.54
C VAL D 137 -16.49 0.30 -8.99
N LYS D 138 -17.16 1.13 -9.78
CA LYS D 138 -18.43 1.73 -9.34
C LYS D 138 -19.49 0.67 -9.09
N GLN D 139 -19.54 -0.35 -9.96
CA GLN D 139 -20.56 -1.38 -9.84
C GLN D 139 -20.47 -2.15 -8.52
N LEU D 140 -19.33 -2.11 -7.86
CA LEU D 140 -19.21 -2.77 -6.55
C LEU D 140 -20.05 -2.09 -5.49
N ALA D 141 -20.41 -0.83 -5.68
CA ALA D 141 -21.15 -0.07 -4.68
C ALA D 141 -22.65 -0.32 -4.73
N THR D 142 -23.15 -1.01 -5.76
CA THR D 142 -24.56 -1.31 -5.91
C THR D 142 -24.77 -2.82 -5.98
N THR D 143 -25.79 -3.31 -5.27
CA THR D 143 -26.12 -4.73 -5.24
C THR D 143 -27.53 -4.92 -5.79
N LYS D 144 -27.68 -5.88 -6.69
CA LYS D 144 -29.00 -6.22 -7.20
C LYS D 144 -29.83 -6.89 -6.10
N VAL D 145 -31.12 -6.56 -6.08
CA VAL D 145 -32.02 -7.11 -5.09
C VAL D 145 -32.42 -8.52 -5.50
N LYS D 146 -32.40 -9.44 -4.52
CA LYS D 146 -32.76 -10.84 -4.72
C LYS D 146 -31.87 -11.51 -5.77
N ARG D 147 -30.60 -11.14 -5.81
CA ARG D 147 -29.68 -11.75 -6.75
C ARG D 147 -29.31 -13.17 -6.30
N ASP D 148 -29.15 -14.06 -7.28
CA ASP D 148 -28.76 -15.43 -6.98
C ASP D 148 -27.26 -15.60 -6.93
N ALA D 149 -26.53 -14.93 -7.82
CA ALA D 149 -25.09 -15.02 -7.87
C ALA D 149 -24.52 -13.67 -8.31
N VAL D 150 -23.26 -13.42 -7.95
CA VAL D 150 -22.55 -12.23 -8.37
C VAL D 150 -21.36 -12.66 -9.21
N VAL D 151 -21.21 -12.06 -10.38
CA VAL D 151 -20.13 -12.37 -11.31
C VAL D 151 -19.17 -11.19 -11.35
N TYR D 152 -17.93 -11.42 -10.95
CA TYR D 152 -16.86 -10.42 -11.01
C TYR D 152 -16.04 -10.70 -12.25
N LYS D 153 -16.24 -9.90 -13.28
CA LYS D 153 -15.42 -9.97 -14.49
C LYS D 153 -14.21 -9.08 -14.24
N MET D 154 -13.15 -9.68 -13.70
CA MET D 154 -12.00 -8.93 -13.22
C MET D 154 -11.06 -8.48 -14.32
N HIS D 155 -11.26 -8.94 -15.56
CA HIS D 155 -10.47 -8.48 -16.69
C HIS D 155 -11.28 -7.63 -17.66
N GLY D 156 -12.49 -7.25 -17.30
CA GLY D 156 -13.33 -6.41 -18.12
C GLY D 156 -14.40 -7.20 -18.85
N ASP D 157 -15.27 -6.45 -19.52
CA ASP D 157 -16.39 -6.99 -20.28
C ASP D 157 -16.10 -6.89 -21.77
N VAL D 158 -16.80 -7.74 -22.54
CA VAL D 158 -16.64 -7.71 -23.99
C VAL D 158 -17.22 -6.43 -24.58
N GLU D 159 -18.32 -5.94 -24.00
CA GLU D 159 -18.97 -4.74 -24.53
C GLU D 159 -18.20 -3.47 -24.17
N HIS D 160 -17.16 -3.57 -23.36
CA HIS D 160 -16.29 -2.44 -23.02
C HIS D 160 -14.85 -2.83 -23.32
N PRO D 161 -14.51 -2.96 -24.61
CA PRO D 161 -13.17 -3.47 -24.96
C PRO D 161 -12.03 -2.59 -24.48
N SER D 162 -12.25 -1.29 -24.34
CA SER D 162 -11.16 -0.39 -23.97
C SER D 162 -10.70 -0.60 -22.53
N GLU D 163 -11.52 -1.23 -21.69
CA GLU D 163 -11.16 -1.47 -20.30
C GLU D 163 -10.73 -2.91 -20.05
N ALA D 164 -10.59 -3.71 -21.09
CA ALA D 164 -10.13 -5.08 -20.95
C ALA D 164 -8.65 -5.13 -20.64
N VAL D 165 -8.26 -6.07 -19.77
CA VAL D 165 -6.87 -6.25 -19.38
C VAL D 165 -6.22 -7.16 -20.40
N LEU D 166 -5.45 -6.59 -21.32
CA LEU D 166 -4.86 -7.36 -22.42
C LEU D 166 -3.35 -7.14 -22.52
N ILE D 167 -2.90 -5.92 -22.27
CA ILE D 167 -1.52 -5.53 -22.49
C ILE D 167 -0.81 -5.38 -21.14
N LYS D 168 0.51 -5.24 -21.20
CA LYS D 168 1.30 -5.14 -19.97
C LYS D 168 0.97 -3.86 -19.21
N ASP D 169 0.58 -2.80 -19.90
CA ASP D 169 0.19 -1.57 -19.20
C ASP D 169 -1.03 -1.81 -18.33
N ASP D 170 -2.00 -2.58 -18.83
CA ASP D 170 -3.19 -2.88 -18.04
C ASP D 170 -2.83 -3.67 -16.78
N TYR D 171 -1.95 -4.66 -16.91
CA TYR D 171 -1.53 -5.44 -15.75
C TYR D 171 -0.75 -4.58 -14.76
N GLU D 172 0.04 -3.66 -15.21
CA GLU D 172 0.83 -2.83 -14.37
C GLU D 172 0.02 -1.79 -13.67
N LYS D 173 -1.06 -1.33 -14.26
CA LYS D 173 -1.94 -0.38 -13.61
C LYS D 173 -3.15 -1.02 -12.94
N TYR D 174 -3.27 -2.35 -13.01
CA TYR D 174 -4.39 -3.02 -12.37
C TYR D 174 -4.37 -2.86 -10.86
N SER D 175 -3.18 -2.95 -10.25
CA SER D 175 -3.09 -2.88 -8.80
C SER D 175 -3.54 -1.52 -8.26
N ILE D 176 -3.53 -0.48 -9.07
CA ILE D 176 -3.97 0.85 -8.67
C ILE D 176 -5.41 1.09 -9.09
N LYS D 177 -5.72 0.84 -10.37
CA LYS D 177 -7.06 1.13 -10.88
C LYS D 177 -8.10 0.19 -10.29
N MET D 178 -7.81 -1.12 -10.27
CA MET D 178 -8.76 -2.14 -9.85
C MET D 178 -8.40 -2.73 -8.48
N ASP D 179 -7.88 -1.88 -7.59
CA ASP D 179 -7.58 -2.32 -6.23
C ASP D 179 -8.79 -2.86 -5.47
N PRO D 180 -9.99 -2.26 -5.55
CA PRO D 180 -11.14 -2.87 -4.86
C PRO D 180 -11.43 -4.29 -5.31
N TYR D 181 -11.22 -4.60 -6.59
CA TYR D 181 -11.41 -5.98 -7.04
C TYR D 181 -10.35 -6.90 -6.43
N ILE D 182 -9.12 -6.42 -6.28
CA ILE D 182 -8.09 -7.21 -5.62
C ILE D 182 -8.49 -7.48 -4.17
N LYS D 183 -9.00 -6.46 -3.47
CA LYS D 183 -9.43 -6.66 -2.09
C LYS D 183 -10.59 -7.65 -2.00
N ALA D 184 -11.55 -7.54 -2.93
CA ALA D 184 -12.68 -8.45 -2.93
C ALA D 184 -12.24 -9.88 -3.20
N LEU D 185 -11.32 -10.07 -4.15
CA LEU D 185 -10.85 -11.42 -4.45
C LEU D 185 -10.04 -12.00 -3.30
N SER D 186 -9.25 -11.17 -2.62
CA SER D 186 -8.55 -11.64 -1.43
C SER D 186 -9.53 -12.07 -0.34
N GLY D 187 -10.57 -11.26 -0.11
CA GLY D 187 -11.58 -11.62 0.87
C GLY D 187 -12.30 -12.90 0.53
N ASP D 188 -12.63 -13.09 -0.75
CA ASP D 188 -13.27 -14.34 -1.17
C ASP D 188 -12.34 -15.53 -1.03
N LEU D 189 -11.06 -15.35 -1.37
CA LEU D 189 -10.10 -16.44 -1.25
C LEU D 189 -9.88 -16.84 0.20
N VAL D 190 -10.00 -15.90 1.13
CA VAL D 190 -9.84 -16.24 2.54
C VAL D 190 -11.15 -16.67 3.20
N SER D 191 -12.31 -16.36 2.59
CA SER D 191 -13.60 -16.67 3.19
C SER D 191 -14.40 -17.72 2.43
N LYS D 192 -14.02 -18.05 1.20
CA LYS D 192 -14.78 -19.00 0.39
C LYS D 192 -13.85 -20.07 -0.17
N THR D 193 -14.44 -21.21 -0.49
CA THR D 193 -13.71 -22.32 -1.10
C THR D 193 -13.84 -22.23 -2.62
N PHE D 194 -12.73 -21.97 -3.30
CA PHE D 194 -12.73 -21.73 -4.73
C PHE D 194 -12.47 -23.02 -5.50
N LEU D 195 -13.07 -23.09 -6.69
CA LEU D 195 -12.76 -24.12 -7.68
C LEU D 195 -12.30 -23.41 -8.95
N PHE D 196 -11.05 -23.63 -9.34
CA PHE D 196 -10.48 -23.02 -10.53
C PHE D 196 -10.71 -23.95 -11.72
N VAL D 197 -11.49 -23.49 -12.69
CA VAL D 197 -11.80 -24.25 -13.90
C VAL D 197 -11.37 -23.44 -15.11
N GLY D 198 -10.60 -24.06 -15.99
CA GLY D 198 -10.14 -23.38 -17.18
C GLY D 198 -9.06 -22.35 -16.95
N PHE D 199 -8.42 -22.35 -15.79
CA PHE D 199 -7.43 -21.35 -15.44
C PHE D 199 -6.03 -21.96 -15.51
N SER D 200 -5.12 -21.28 -16.21
CA SER D 200 -3.76 -21.77 -16.40
C SER D 200 -2.80 -21.28 -15.32
N PHE D 201 -3.24 -20.38 -14.44
CA PHE D 201 -2.40 -19.85 -13.35
C PHE D 201 -1.15 -19.18 -13.88
N THR D 202 -1.25 -18.55 -15.04
CA THR D 202 -0.18 -17.74 -15.60
C THR D 202 -0.54 -16.26 -15.64
N ASP D 203 -1.58 -15.86 -14.91
CA ASP D 203 -2.03 -14.48 -14.88
C ASP D 203 -1.25 -13.70 -13.82
N PRO D 204 -0.58 -12.61 -14.19
CA PRO D 204 0.18 -11.85 -13.18
C PRO D 204 -0.66 -11.32 -12.04
N ASN D 205 -1.91 -10.91 -12.32
CA ASN D 205 -2.77 -10.40 -11.26
C ASN D 205 -3.13 -11.49 -10.26
N LEU D 206 -3.47 -12.68 -10.75
CA LEU D 206 -3.80 -13.78 -9.84
C LEU D 206 -2.58 -14.23 -9.06
N ASP D 207 -1.41 -14.24 -9.70
CA ASP D 207 -0.19 -14.56 -8.98
C ASP D 207 0.07 -13.55 -7.87
N TYR D 208 -0.12 -12.26 -8.16
CA TYR D 208 0.07 -11.22 -7.15
C TYR D 208 -0.91 -11.40 -5.99
N ILE D 209 -2.18 -11.64 -6.29
CA ILE D 209 -3.18 -11.78 -5.25
C ILE D 209 -2.91 -13.02 -4.39
N LEU D 210 -2.57 -14.15 -5.03
CA LEU D 210 -2.27 -15.36 -4.29
C LEU D 210 -1.02 -15.18 -3.43
N SER D 211 -0.01 -14.48 -3.94
CA SER D 211 1.19 -14.23 -3.15
C SER D 211 0.88 -13.36 -1.94
N ARG D 212 0.01 -12.36 -2.11
CA ARG D 212 -0.38 -11.52 -0.98
C ARG D 212 -1.16 -12.33 0.06
N VAL D 213 -2.09 -13.17 -0.38
CA VAL D 213 -2.85 -14.00 0.55
C VAL D 213 -1.93 -14.96 1.28
N ARG D 214 -0.97 -15.56 0.57
CA ARG D 214 -0.02 -16.45 1.21
C ARG D 214 0.84 -15.72 2.23
N SER D 215 1.34 -14.53 1.87
CA SER D 215 2.13 -13.75 2.82
C SER D 215 1.30 -13.38 4.05
N ALA D 216 0.00 -13.15 3.87
CA ALA D 216 -0.83 -12.78 5.00
C ALA D 216 -1.18 -13.96 5.90
N TYR D 217 -1.36 -15.16 5.34
CA TYR D 217 -1.94 -16.25 6.11
C TYR D 217 -0.99 -17.43 6.36
N GLU D 218 0.22 -17.42 5.79
CA GLU D 218 1.26 -18.43 6.06
C GLU D 218 0.69 -19.81 5.76
N ARG D 219 0.78 -20.77 6.68
CA ARG D 219 0.31 -22.14 6.46
C ARG D 219 -1.17 -22.30 6.75
N ASP D 220 -1.85 -21.24 7.18
CA ASP D 220 -3.26 -21.30 7.54
C ASP D 220 -4.16 -20.85 6.39
N GLN D 221 -3.65 -20.92 5.17
CA GLN D 221 -4.45 -20.58 4.01
C GLN D 221 -5.61 -21.56 3.83
N ARG D 222 -6.72 -21.05 3.33
CA ARG D 222 -7.88 -21.88 3.04
C ARG D 222 -7.61 -22.78 1.84
N ARG D 223 -8.02 -24.01 1.86
CA ARG D 223 -7.85 -24.89 0.76
C ARG D 223 -8.77 -24.65 -0.35
N HIS D 224 -8.21 -24.59 -1.52
CA HIS D 224 -8.95 -24.38 -2.76
C HIS D 224 -8.66 -25.54 -3.71
N TYR D 225 -9.46 -25.61 -4.77
CA TYR D 225 -9.33 -26.68 -5.75
C TYR D 225 -9.16 -26.11 -7.15
N CYS D 226 -8.40 -26.83 -7.96
CA CYS D 226 -8.24 -26.51 -9.38
C CYS D 226 -8.39 -27.79 -10.18
N LEU D 227 -8.85 -27.65 -11.42
CA LEU D 227 -8.98 -28.77 -12.34
C LEU D 227 -8.04 -28.53 -13.51
N ILE D 228 -7.05 -29.41 -13.69
CA ILE D 228 -6.05 -29.26 -14.74
C ILE D 228 -5.96 -30.57 -15.52
N LYS D 229 -5.95 -30.46 -16.84
CA LYS D 229 -5.80 -31.64 -17.69
C LYS D 229 -4.33 -32.03 -17.80
N LYS D 230 -4.07 -33.33 -17.80
CA LYS D 230 -2.71 -33.82 -17.90
C LYS D 230 -2.14 -33.55 -19.29
N GLU D 231 -0.81 -33.54 -19.37
CA GLU D 231 -0.14 -33.30 -20.64
C GLU D 231 -0.36 -34.48 -21.59
N GLU D 232 -0.57 -34.16 -22.86
CA GLU D 232 -0.80 -35.15 -23.90
C GLU D 232 0.37 -35.15 -24.88
N ARG D 233 0.74 -36.33 -25.34
CA ARG D 233 1.88 -36.48 -26.25
C ARG D 233 1.50 -35.92 -27.61
N ARG D 234 2.17 -34.84 -28.02
CA ARG D 234 1.93 -34.27 -29.34
C ARG D 234 2.49 -35.20 -30.42
N PRO D 235 1.87 -35.20 -31.61
CA PRO D 235 2.36 -36.10 -32.67
C PRO D 235 3.80 -35.87 -33.06
N ASP D 236 4.25 -34.62 -33.09
CA ASP D 236 5.64 -34.33 -33.46
C ASP D 236 6.61 -34.62 -32.33
N GLU D 237 6.16 -34.54 -31.09
CA GLU D 237 7.07 -34.66 -29.95
C GLU D 237 7.56 -36.09 -29.77
N LEU D 238 8.72 -36.22 -29.13
CA LEU D 238 9.29 -37.50 -28.76
C LEU D 238 8.88 -37.88 -27.35
N GLU D 239 9.25 -39.11 -26.96
CA GLU D 239 8.91 -39.58 -25.62
C GLU D 239 9.63 -38.77 -24.54
N ALA D 240 10.89 -38.41 -24.77
CA ALA D 240 11.64 -37.66 -23.78
C ALA D 240 11.03 -36.27 -23.55
N ASP D 241 10.63 -35.60 -24.63
CA ASP D 241 9.99 -34.29 -24.49
C ASP D 241 8.66 -34.39 -23.75
N PHE D 242 7.90 -35.45 -24.04
CA PHE D 242 6.63 -35.66 -23.33
C PHE D 242 6.86 -35.89 -21.84
N GLU D 243 7.86 -36.70 -21.50
CA GLU D 243 8.16 -36.93 -20.08
C GLU D 243 8.65 -35.66 -19.42
N TYR D 244 9.44 -34.84 -20.12
CA TYR D 244 9.88 -33.56 -19.58
C TYR D 244 8.69 -32.64 -19.32
N ARG D 245 7.73 -32.61 -20.25
CA ARG D 245 6.53 -31.80 -20.05
C ARG D 245 5.70 -32.30 -18.87
N VAL D 246 5.61 -33.63 -18.71
CA VAL D 246 4.89 -34.19 -17.58
C VAL D 246 5.55 -33.78 -16.26
N ARG D 247 6.88 -33.88 -16.20
CA ARG D 247 7.59 -33.47 -14.99
C ARG D 247 7.42 -31.98 -14.72
N LYS D 248 7.45 -31.16 -15.78
CA LYS D 248 7.24 -29.73 -15.62
C LYS D 248 5.86 -29.44 -15.08
N GLN D 249 4.84 -30.16 -15.57
CA GLN D 249 3.49 -29.98 -15.05
C GLN D 249 3.38 -30.42 -13.60
N GLU D 250 4.07 -31.50 -13.24
CA GLU D 250 4.07 -31.93 -11.84
C GLU D 250 4.69 -30.87 -10.93
N LEU D 251 5.80 -30.28 -11.34
CA LEU D 251 6.40 -29.21 -10.56
C LEU D 251 5.49 -27.99 -10.50
N PHE D 252 4.77 -27.70 -11.60
CA PHE D 252 3.79 -26.62 -11.59
C PHE D 252 2.68 -26.91 -10.59
N ILE D 253 2.19 -28.11 -10.45
CA ILE D 253 1.10 -28.42 -9.60
C ILE D 253 1.50 -28.39 -8.17
N SER D 254 2.71 -28.76 -7.85
CA SER D 254 3.24 -28.75 -6.53
C SER D 254 3.54 -27.35 -6.04
N ASP D 255 3.69 -26.42 -6.92
CA ASP D 255 3.90 -25.06 -6.57
C ASP D 255 2.63 -24.32 -6.42
N LEU D 256 1.51 -24.90 -6.77
CA LEU D 256 0.28 -24.28 -6.55
C LEU D 256 -0.16 -24.73 -5.23
N SER D 257 0.29 -25.87 -4.75
CA SER D 257 0.08 -26.34 -3.38
C SER D 257 0.74 -25.47 -2.41
N ARG D 258 1.80 -24.82 -2.79
CA ARG D 258 2.42 -23.77 -1.98
C ARG D 258 1.40 -22.77 -1.71
N PHE D 259 0.56 -22.49 -2.68
CA PHE D 259 -0.63 -21.64 -2.29
C PHE D 259 -1.84 -22.37 -1.65
N ASN D 260 -1.78 -23.65 -1.21
CA ASN D 260 -2.84 -24.47 -0.66
C ASN D 260 -3.97 -24.70 -1.67
N ILE D 261 -3.61 -24.79 -2.95
CA ILE D 261 -4.55 -25.08 -4.02
C ILE D 261 -4.27 -26.49 -4.51
N LYS D 262 -5.17 -27.42 -4.20
CA LYS D 262 -5.03 -28.82 -4.62
C LYS D 262 -5.52 -28.95 -6.05
N THR D 263 -4.73 -29.64 -6.87
CA THR D 263 -5.01 -29.79 -8.29
C THR D 263 -5.51 -31.20 -8.57
N ILE D 264 -6.62 -31.28 -9.29
CA ILE D 264 -7.17 -32.54 -9.76
C ILE D 264 -6.76 -32.70 -11.22
N VAL D 265 -5.98 -33.74 -11.50
CA VAL D 265 -5.48 -33.99 -12.84
C VAL D 265 -6.50 -34.83 -13.59
N LEU D 266 -6.92 -34.34 -14.74
CA LEU D 266 -7.97 -34.95 -15.54
C LEU D 266 -7.41 -35.45 -16.86
N ASN D 267 -7.91 -36.60 -17.32
CA ASN D 267 -7.42 -37.16 -18.58
C ASN D 267 -7.82 -36.30 -19.77
N ASN D 268 -9.04 -35.77 -19.75
CA ASN D 268 -9.54 -34.95 -20.84
C ASN D 268 -10.46 -33.87 -20.27
N TYR D 269 -10.92 -32.98 -21.13
CA TYR D 269 -11.75 -31.86 -20.71
C TYR D 269 -13.20 -32.24 -20.48
N ASN D 270 -13.65 -33.39 -20.97
CA ASN D 270 -15.00 -33.85 -20.66
C ASN D 270 -15.13 -34.31 -19.23
N GLU D 271 -14.02 -34.64 -18.56
CA GLU D 271 -14.08 -34.98 -17.14
C GLU D 271 -14.50 -33.79 -16.29
N ILE D 272 -14.28 -32.56 -16.77
CA ILE D 272 -14.84 -31.40 -16.08
C ILE D 272 -16.36 -31.50 -16.07
N THR D 273 -16.96 -31.80 -17.22
CA THR D 273 -18.40 -31.96 -17.29
C THR D 273 -18.87 -33.13 -16.43
N GLU D 274 -18.12 -34.23 -16.43
CA GLU D 274 -18.50 -35.38 -15.61
C GLU D 274 -18.49 -35.02 -14.12
N ILE D 275 -17.45 -34.30 -13.68
CA ILE D 275 -17.36 -33.90 -12.28
C ILE D 275 -18.49 -32.96 -11.91
N LEU D 276 -18.78 -31.99 -12.79
CA LEU D 276 -19.87 -31.05 -12.52
C LEU D 276 -21.20 -31.77 -12.46
N GLN D 277 -21.43 -32.73 -13.36
CA GLN D 277 -22.66 -33.53 -13.31
C GLN D 277 -22.75 -34.33 -12.03
N ARG D 278 -21.62 -34.90 -11.57
CA ARG D 278 -21.64 -35.67 -10.34
C ARG D 278 -21.97 -34.79 -9.14
N ILE D 279 -21.39 -33.59 -9.08
CA ILE D 279 -21.68 -32.67 -7.99
C ILE D 279 -23.15 -32.25 -8.03
N GLU D 280 -23.66 -31.95 -9.22
CA GLU D 280 -25.07 -31.57 -9.36
C GLU D 280 -25.98 -32.71 -8.92
N ASN D 281 -25.64 -33.94 -9.29
CA ASN D 281 -26.44 -35.09 -8.88
C ASN D 281 -26.40 -35.28 -7.37
N ASN D 282 -25.22 -35.13 -6.77
CA ASN D 282 -25.12 -35.27 -5.32
C ASN D 282 -25.95 -34.22 -4.60
N ILE D 283 -25.97 -33.00 -5.12
CA ILE D 283 -26.77 -31.94 -4.51
C ILE D 283 -28.27 -32.20 -4.71
N LYS D 284 -28.64 -32.64 -5.91
CA LYS D 284 -30.06 -32.76 -6.26
C LYS D 284 -30.71 -33.96 -5.58
N THR D 285 -30.00 -35.09 -5.50
CA THR D 285 -30.58 -36.32 -4.97
C THR D 285 -30.70 -36.32 -3.46
N LYS D 286 -30.16 -35.31 -2.77
CA LYS D 286 -30.33 -35.22 -1.32
C LYS D 286 -31.75 -34.89 -0.91
N THR D 287 -32.60 -34.49 -1.85
CA THR D 287 -34.02 -34.24 -1.59
C THR D 287 -34.83 -35.39 -2.20
N VAL D 288 -35.57 -36.10 -1.36
CA VAL D 288 -36.34 -37.26 -1.76
C VAL D 288 -37.82 -36.92 -1.74
N PHE D 289 -38.52 -37.29 -2.81
CA PHE D 289 -39.96 -37.10 -2.93
C PHE D 289 -40.66 -38.37 -2.47
N LEU D 290 -41.29 -38.32 -1.31
CA LEU D 290 -42.03 -39.45 -0.77
C LEU D 290 -43.46 -39.41 -1.27
N SER D 291 -43.86 -40.44 -2.01
CA SER D 291 -45.16 -40.49 -2.65
C SER D 291 -45.90 -41.75 -2.22
N GLY D 292 -47.23 -41.66 -2.25
CA GLY D 292 -48.05 -42.82 -2.01
C GLY D 292 -49.30 -42.46 -1.24
N SER D 293 -50.30 -43.33 -1.37
CA SER D 293 -51.55 -43.26 -0.64
C SER D 293 -52.04 -44.69 -0.44
N ALA D 294 -52.48 -45.00 0.77
CA ALA D 294 -52.77 -46.38 1.12
C ALA D 294 -53.96 -46.44 2.07
N VAL D 295 -55.02 -47.12 1.65
CA VAL D 295 -56.09 -47.51 2.56
C VAL D 295 -55.89 -48.92 3.09
N GLU D 296 -55.50 -49.84 2.21
CA GLU D 296 -55.12 -51.20 2.58
C GLU D 296 -53.63 -51.39 2.32
N TYR D 297 -52.90 -51.81 3.34
CA TYR D 297 -51.44 -51.88 3.26
C TYR D 297 -50.95 -53.25 2.81
N ASN D 298 -51.50 -53.74 1.70
CA ASN D 298 -51.08 -55.00 1.04
C ASN D 298 -51.08 -56.11 2.08
N HIS D 299 -50.00 -56.89 2.21
CA HIS D 299 -49.98 -58.00 3.15
C HIS D 299 -49.82 -57.52 4.59
N TRP D 300 -49.03 -56.48 4.80
CA TRP D 300 -48.76 -55.99 6.14
C TRP D 300 -50.02 -55.41 6.78
N GLU D 301 -50.08 -55.48 8.10
CA GLU D 301 -51.19 -54.91 8.84
C GLU D 301 -51.09 -53.38 8.85
N THR D 302 -52.15 -52.73 9.31
CA THR D 302 -52.18 -51.27 9.33
C THR D 302 -51.10 -50.71 10.25
N GLU D 303 -51.07 -51.17 11.50
CA GLU D 303 -50.10 -50.65 12.46
C GLU D 303 -48.67 -50.96 12.03
N HIS D 304 -48.43 -52.17 11.51
CA HIS D 304 -47.10 -52.54 11.06
C HIS D 304 -46.63 -51.63 9.93
N ALA D 305 -47.50 -51.36 8.96
CA ALA D 305 -47.13 -50.48 7.85
C ALA D 305 -46.93 -49.05 8.32
N GLU D 306 -47.75 -48.59 9.27
CA GLU D 306 -47.56 -47.25 9.81
C GLU D 306 -46.21 -47.12 10.49
N GLN D 307 -45.84 -48.13 11.29
CA GLN D 307 -44.53 -48.12 11.93
C GLN D 307 -43.42 -48.17 10.91
N PHE D 308 -43.61 -48.95 9.84
CA PHE D 308 -42.60 -49.01 8.78
C PHE D 308 -42.39 -47.66 8.13
N ILE D 309 -43.48 -46.96 7.79
CA ILE D 309 -43.37 -45.65 7.16
C ILE D 309 -42.73 -44.66 8.13
N HIS D 310 -43.14 -44.70 9.39
CA HIS D 310 -42.57 -43.79 10.40
C HIS D 310 -41.06 -43.98 10.52
N GLN D 311 -40.62 -45.23 10.64
CA GLN D 311 -39.19 -45.49 10.79
C GLN D 311 -38.42 -45.19 9.50
N LEU D 312 -39.05 -45.42 8.33
CA LEU D 312 -38.41 -45.07 7.08
C LEU D 312 -38.18 -43.56 6.98
N SER D 313 -39.18 -42.77 7.35
CA SER D 313 -39.01 -41.32 7.33
C SER D 313 -37.99 -40.86 8.36
N LYS D 314 -37.97 -41.50 9.53
CA LYS D 314 -36.98 -41.17 10.54
C LYS D 314 -35.57 -41.46 10.04
N GLU D 315 -35.38 -42.58 9.36
CA GLU D 315 -34.07 -42.91 8.81
C GLU D 315 -33.69 -41.94 7.69
N LEU D 316 -34.67 -41.56 6.85
CA LEU D 316 -34.39 -40.60 5.79
C LEU D 316 -33.93 -39.26 6.36
N ILE D 317 -34.59 -38.79 7.42
CA ILE D 317 -34.16 -37.55 8.07
C ILE D 317 -32.79 -37.74 8.70
N ARG D 318 -32.56 -38.90 9.32
CA ARG D 318 -31.28 -39.15 10.00
C ARG D 318 -30.13 -39.22 9.00
N LYS D 319 -30.38 -39.69 7.78
CA LYS D 319 -29.35 -39.80 6.75
C LYS D 319 -29.16 -38.51 5.98
N ASP D 320 -29.55 -37.37 6.55
CA ASP D 320 -29.36 -36.05 5.94
C ASP D 320 -30.07 -35.94 4.60
N PHE D 321 -31.32 -36.39 4.55
CA PHE D 321 -32.18 -36.23 3.38
C PHE D 321 -33.31 -35.28 3.70
N ASN D 322 -33.69 -34.47 2.71
CA ASN D 322 -34.80 -33.55 2.82
C ASN D 322 -36.02 -34.17 2.16
N ILE D 323 -37.08 -34.36 2.94
CA ILE D 323 -38.27 -35.09 2.49
C ILE D 323 -39.29 -34.09 1.97
N VAL D 324 -39.79 -34.32 0.76
CA VAL D 324 -40.90 -33.58 0.19
C VAL D 324 -42.06 -34.54 -0.01
N SER D 325 -43.19 -34.25 0.62
CA SER D 325 -44.34 -35.13 0.59
C SER D 325 -45.59 -34.35 0.16
N GLY D 326 -46.45 -35.03 -0.60
CA GLY D 326 -47.72 -34.48 -1.00
C GLY D 326 -48.84 -34.69 -0.02
N PHE D 327 -48.55 -35.24 1.16
CA PHE D 327 -49.55 -35.52 2.19
C PHE D 327 -50.67 -36.40 1.64
N GLY D 328 -50.28 -37.54 1.06
CA GLY D 328 -51.26 -38.47 0.57
C GLY D 328 -52.04 -39.11 1.70
N LEU D 329 -53.27 -39.52 1.38
CA LEU D 329 -54.15 -40.11 2.38
C LEU D 329 -53.60 -41.45 2.83
N GLY D 330 -53.28 -41.56 4.12
CA GLY D 330 -52.77 -42.79 4.69
C GLY D 330 -51.26 -42.90 4.75
N VAL D 331 -50.53 -42.02 4.07
CA VAL D 331 -49.07 -42.08 4.11
C VAL D 331 -48.50 -40.78 4.69
N GLY D 332 -49.20 -39.68 4.47
CA GLY D 332 -48.65 -38.38 4.85
C GLY D 332 -48.51 -38.20 6.35
N SER D 333 -49.51 -38.63 7.11
CA SER D 333 -49.47 -38.43 8.56
C SER D 333 -48.27 -39.14 9.18
N PHE D 334 -47.96 -40.33 8.70
CA PHE D 334 -46.91 -41.13 9.34
C PHE D 334 -45.51 -40.69 8.93
N VAL D 335 -45.31 -40.22 7.70
CA VAL D 335 -44.03 -39.60 7.37
C VAL D 335 -43.87 -38.31 8.14
N ILE D 336 -44.95 -37.56 8.35
CA ILE D 336 -44.88 -36.37 9.19
C ILE D 336 -44.48 -36.75 10.61
N ASN D 337 -45.06 -37.81 11.15
CA ASN D 337 -44.71 -38.26 12.50
C ASN D 337 -43.25 -38.68 12.58
N GLY D 338 -42.76 -39.39 11.57
CA GLY D 338 -41.36 -39.80 11.56
C GLY D 338 -40.42 -38.60 11.53
N VAL D 339 -40.73 -37.61 10.68
CA VAL D 339 -39.91 -36.41 10.62
C VAL D 339 -39.95 -35.67 11.95
N LEU D 340 -41.12 -35.58 12.57
CA LEU D 340 -41.23 -34.90 13.85
C LEU D 340 -40.42 -35.61 14.93
N GLU D 341 -40.48 -36.94 14.97
CA GLU D 341 -39.69 -37.68 15.94
C GLU D 341 -38.20 -37.48 15.71
N GLU D 342 -37.78 -37.48 14.44
CA GLU D 342 -36.36 -37.31 14.15
C GLU D 342 -35.87 -35.90 14.48
N LEU D 343 -36.73 -34.90 14.31
CA LEU D 343 -36.32 -33.50 14.48
C LEU D 343 -36.54 -32.98 15.89
N TYR D 344 -37.65 -33.38 16.54
CA TYR D 344 -37.94 -32.89 17.89
C TYR D 344 -37.03 -33.62 18.88
N MET D 345 -35.82 -33.12 19.01
CA MET D 345 -34.83 -33.70 19.92
C MET D 345 -33.96 -32.62 20.54
N GLY D 348 -36.96 -28.84 19.77
CA GLY D 348 -36.56 -28.51 18.41
C GLY D 348 -37.70 -27.97 17.57
N THR D 349 -37.37 -27.46 16.39
CA THR D 349 -38.34 -26.89 15.47
C THR D 349 -38.22 -27.58 14.12
N ILE D 350 -39.25 -27.43 13.30
CA ILE D 350 -39.29 -28.03 11.97
C ILE D 350 -38.55 -27.11 11.01
N ASP D 351 -37.35 -27.51 10.60
CA ASP D 351 -36.63 -26.76 9.58
C ASP D 351 -37.37 -26.84 8.25
N ASP D 352 -37.46 -25.70 7.56
CA ASP D 352 -38.21 -25.64 6.31
C ASP D 352 -37.58 -26.51 5.23
N ASP D 353 -36.26 -26.68 5.27
CA ASP D 353 -35.58 -27.48 4.26
C ASP D 353 -35.79 -28.98 4.48
N ARG D 354 -35.82 -29.41 5.75
CA ARG D 354 -35.87 -30.84 6.03
C ARG D 354 -37.19 -31.47 5.58
N LEU D 355 -38.31 -30.77 5.79
CA LEU D 355 -39.62 -31.31 5.45
C LEU D 355 -40.43 -30.22 4.75
N ILE D 356 -40.75 -30.45 3.48
CA ILE D 356 -41.64 -29.59 2.72
C ILE D 356 -42.95 -30.33 2.51
N LEU D 357 -44.04 -29.80 3.07
CA LEU D 357 -45.35 -30.42 2.98
C LEU D 357 -46.21 -29.65 1.99
N ARG D 358 -46.78 -30.36 1.03
CA ARG D 358 -47.60 -29.77 -0.03
C ARG D 358 -48.92 -30.54 -0.14
N PRO D 359 -49.83 -30.38 0.82
CA PRO D 359 -51.15 -31.01 0.70
C PRO D 359 -51.90 -30.48 -0.51
N PHE D 360 -52.59 -31.37 -1.20
CA PHE D 360 -53.30 -30.98 -2.40
C PHE D 360 -54.58 -30.24 -2.05
N PRO D 361 -54.88 -29.14 -2.74
CA PRO D 361 -56.17 -28.46 -2.54
C PRO D 361 -57.33 -29.39 -2.88
N GLN D 362 -58.40 -29.27 -2.09
CA GLN D 362 -59.58 -30.12 -2.24
C GLN D 362 -60.71 -29.30 -2.85
N GLY D 363 -61.31 -29.84 -3.91
CA GLY D 363 -62.40 -29.20 -4.60
C GLY D 363 -62.16 -29.16 -6.10
N LYS D 364 -63.12 -28.55 -6.80
CA LYS D 364 -63.03 -28.44 -8.25
C LYS D 364 -61.94 -27.45 -8.65
N LYS D 365 -61.78 -26.37 -7.89
CA LYS D 365 -60.76 -25.38 -8.21
C LYS D 365 -59.36 -25.94 -8.05
N GLY D 366 -59.14 -26.76 -7.03
CA GLY D 366 -57.82 -27.33 -6.81
C GLY D 366 -57.39 -28.28 -7.91
N GLU D 367 -58.30 -29.13 -8.37
CA GLU D 367 -57.95 -30.12 -9.38
C GLU D 367 -57.55 -29.48 -10.71
N GLU D 368 -57.95 -28.24 -10.96
CA GLU D 368 -57.53 -27.56 -12.19
C GLU D 368 -56.02 -27.33 -12.19
N GLN D 369 -55.47 -26.91 -11.05
CA GLN D 369 -54.04 -26.65 -10.93
C GLN D 369 -53.29 -27.80 -10.26
N TRP D 370 -53.96 -28.92 -10.02
CA TRP D 370 -53.30 -30.08 -9.40
C TRP D 370 -52.07 -30.52 -10.19
N ASP D 371 -52.13 -30.49 -11.52
CA ASP D 371 -51.00 -30.96 -12.32
C ASP D 371 -49.78 -30.06 -12.13
N LYS D 372 -49.97 -28.75 -12.22
CA LYS D 372 -48.86 -27.82 -12.01
C LYS D 372 -48.35 -27.90 -10.57
N TYR D 373 -49.26 -28.08 -9.62
CA TYR D 373 -48.86 -28.25 -8.22
C TYR D 373 -47.97 -29.47 -8.05
N ARG D 374 -48.36 -30.59 -8.67
CA ARG D 374 -47.57 -31.81 -8.60
C ARG D 374 -46.21 -31.64 -9.26
N ARG D 375 -46.18 -30.97 -10.42
CA ARG D 375 -44.90 -30.75 -11.10
C ARG D 375 -43.97 -29.87 -10.27
N ASP D 376 -44.52 -28.80 -9.69
CA ASP D 376 -43.70 -27.92 -8.85
C ASP D 376 -43.20 -28.67 -7.61
N MET D 377 -44.06 -29.50 -7.02
CA MET D 377 -43.65 -30.28 -5.86
C MET D 377 -42.52 -31.25 -6.20
N ILE D 378 -42.62 -31.92 -7.34
CA ILE D 378 -41.61 -32.91 -7.72
C ILE D 378 -40.31 -32.24 -8.14
N THR D 379 -40.39 -31.04 -8.74
CA THR D 379 -39.18 -30.38 -9.23
C THR D 379 -38.16 -30.13 -8.12
N ARG D 380 -38.63 -29.97 -6.88
CA ARG D 380 -37.73 -29.72 -5.76
C ARG D 380 -36.86 -30.92 -5.41
N THR D 381 -37.17 -32.10 -5.93
CA THR D 381 -36.51 -33.33 -5.52
C THR D 381 -35.71 -33.92 -6.67
N GLY D 382 -34.88 -34.90 -6.33
CA GLY D 382 -34.09 -35.62 -7.32
C GLY D 382 -34.27 -37.11 -7.23
N VAL D 383 -34.87 -37.58 -6.14
CA VAL D 383 -35.15 -39.00 -5.93
C VAL D 383 -36.62 -39.13 -5.54
N SER D 384 -37.32 -40.06 -6.19
CA SER D 384 -38.73 -40.32 -5.92
C SER D 384 -38.90 -41.71 -5.33
N ILE D 385 -39.55 -41.79 -4.18
CA ILE D 385 -39.82 -43.05 -3.50
C ILE D 385 -41.33 -43.26 -3.48
N PHE D 386 -41.78 -44.41 -3.99
CA PHE D 386 -43.20 -44.71 -4.11
C PHE D 386 -43.56 -45.84 -3.15
N LEU D 387 -44.65 -45.66 -2.42
CA LEU D 387 -45.13 -46.64 -1.46
C LEU D 387 -46.61 -46.88 -1.67
N TYR D 388 -46.99 -48.15 -1.77
CA TYR D 388 -48.40 -48.57 -1.88
C TYR D 388 -49.00 -47.92 -3.13
N GLY D 389 -50.03 -47.09 -3.00
CA GLY D 389 -50.65 -46.50 -4.17
C GLY D 389 -52.10 -46.93 -4.34
N ASN D 390 -52.79 -47.17 -3.23
CA ASN D 390 -54.16 -47.65 -3.25
C ASN D 390 -55.06 -46.65 -2.52
N LYS D 391 -56.21 -46.35 -3.13
CA LYS D 391 -57.20 -45.44 -2.57
C LYS D 391 -58.55 -46.15 -2.54
N ILE D 392 -59.57 -45.44 -2.08
CA ILE D 392 -60.94 -45.95 -2.05
C ILE D 392 -61.81 -45.00 -2.87
N ASP D 393 -62.52 -45.55 -3.84
CA ASP D 393 -63.37 -44.77 -4.73
C ASP D 393 -64.85 -45.06 -4.53
N LYS D 394 -65.25 -46.32 -4.59
CA LYS D 394 -66.65 -46.72 -4.40
C LYS D 394 -66.78 -47.81 -3.33
N GLY D 395 -66.01 -47.69 -2.25
CA GLY D 395 -66.02 -48.68 -1.19
C GLY D 395 -65.05 -49.82 -1.38
N GLN D 396 -64.34 -49.87 -2.50
CA GLN D 396 -63.38 -50.94 -2.78
C GLN D 396 -62.00 -50.33 -3.00
N VAL D 397 -60.97 -51.10 -2.61
CA VAL D 397 -59.59 -50.66 -2.76
C VAL D 397 -59.23 -50.69 -4.25
N VAL D 398 -58.92 -49.53 -4.81
CA VAL D 398 -58.53 -49.40 -6.21
C VAL D 398 -57.17 -48.73 -6.27
N LYS D 399 -56.29 -49.25 -7.12
CA LYS D 399 -54.96 -48.66 -7.28
C LYS D 399 -55.08 -47.22 -7.74
N ALA D 400 -54.30 -46.34 -7.11
CA ALA D 400 -54.44 -44.91 -7.33
C ALA D 400 -53.88 -44.51 -8.70
N LYS D 401 -54.26 -43.32 -9.15
CA LYS D 401 -53.78 -42.77 -10.40
C LYS D 401 -52.87 -41.57 -10.23
N GLY D 402 -52.91 -40.90 -9.07
CA GLY D 402 -51.99 -39.80 -8.83
C GLY D 402 -50.55 -40.26 -8.73
N VAL D 403 -50.33 -41.44 -8.16
CA VAL D 403 -48.97 -41.96 -8.04
C VAL D 403 -48.37 -42.23 -9.41
N GLN D 404 -49.20 -42.69 -10.36
CA GLN D 404 -48.71 -42.90 -11.72
C GLN D 404 -48.30 -41.57 -12.35
N SER D 405 -49.09 -40.52 -12.15
CA SER D 405 -48.72 -39.21 -12.66
C SER D 405 -47.44 -38.70 -12.02
N GLU D 406 -47.27 -38.98 -10.74
CA GLU D 406 -46.06 -38.59 -10.04
C GLU D 406 -44.87 -39.31 -10.59
N PHE D 407 -45.00 -40.59 -10.89
CA PHE D 407 -43.92 -41.36 -11.50
C PHE D 407 -43.59 -40.82 -12.89
N ASN D 408 -44.60 -40.49 -13.68
CA ASN D 408 -44.36 -39.94 -15.01
C ASN D 408 -43.62 -38.61 -14.93
N ILE D 409 -44.02 -37.73 -14.00
CA ILE D 409 -43.35 -36.46 -13.84
C ILE D 409 -41.91 -36.65 -13.38
N SER D 410 -41.69 -37.60 -12.46
CA SER D 410 -40.34 -37.87 -11.99
C SER D 410 -39.45 -38.36 -13.12
N PHE D 411 -39.97 -39.25 -13.97
CA PHE D 411 -39.19 -39.71 -15.10
C PHE D 411 -38.91 -38.58 -16.09
N GLU D 412 -39.91 -37.73 -16.35
CA GLU D 412 -39.71 -36.62 -17.27
C GLU D 412 -38.66 -35.64 -16.77
N GLN D 413 -38.49 -35.53 -15.46
CA GLN D 413 -37.49 -34.64 -14.86
C GLN D 413 -36.16 -35.35 -14.61
N ASN D 414 -36.00 -36.59 -15.11
CA ASN D 414 -34.78 -37.38 -14.95
C ASN D 414 -34.47 -37.67 -13.49
N ASN D 415 -35.51 -37.73 -12.66
CA ASN D 415 -35.32 -38.07 -11.26
C ASN D 415 -35.22 -39.59 -11.09
N TYR D 416 -34.42 -40.01 -10.12
CA TYR D 416 -34.32 -41.41 -9.79
C TYR D 416 -35.63 -41.89 -9.15
N VAL D 417 -36.12 -43.03 -9.61
CA VAL D 417 -37.37 -43.60 -9.11
C VAL D 417 -37.04 -44.86 -8.31
N VAL D 418 -37.60 -44.95 -7.12
CA VAL D 418 -37.36 -46.09 -6.23
C VAL D 418 -38.71 -46.69 -5.83
N PRO D 419 -39.39 -47.43 -6.72
CA PRO D 419 -40.65 -48.05 -6.35
C PRO D 419 -40.42 -49.27 -5.47
N VAL D 420 -41.08 -49.30 -4.31
CA VAL D 420 -40.96 -50.41 -3.37
C VAL D 420 -42.08 -51.40 -3.71
N GLY D 421 -41.72 -52.49 -4.37
CA GLY D 421 -42.71 -53.47 -4.79
C GLY D 421 -43.33 -54.26 -3.65
N ALA D 422 -42.62 -54.35 -2.51
CA ALA D 422 -43.18 -55.05 -1.37
C ALA D 422 -44.46 -54.39 -0.87
N THR D 423 -44.58 -53.07 -1.05
CA THR D 423 -45.79 -52.36 -0.63
C THR D 423 -46.97 -52.64 -1.56
N GLY D 424 -46.72 -53.05 -2.80
CA GLY D 424 -47.78 -53.48 -3.69
C GLY D 424 -48.50 -52.33 -4.38
N TYR D 425 -49.53 -52.70 -5.12
CA TYR D 425 -50.44 -51.79 -5.82
C TYR D 425 -49.64 -51.02 -6.88
N ILE D 426 -49.79 -49.70 -6.99
CA ILE D 426 -49.09 -48.94 -8.01
C ILE D 426 -47.59 -49.01 -7.81
N ALA D 427 -47.13 -49.13 -6.57
CA ALA D 427 -45.71 -49.30 -6.32
C ALA D 427 -45.19 -50.60 -6.94
N LYS D 428 -45.95 -51.69 -6.79
CA LYS D 428 -45.55 -52.95 -7.41
C LYS D 428 -45.61 -52.87 -8.93
N ASP D 429 -46.64 -52.20 -9.47
CA ASP D 429 -46.73 -52.04 -10.91
C ASP D 429 -45.55 -51.25 -11.45
N LEU D 430 -45.17 -50.18 -10.75
CA LEU D 430 -44.02 -49.37 -11.16
C LEU D 430 -42.72 -50.16 -11.05
N TRP D 431 -42.58 -50.96 -10.00
CA TRP D 431 -41.39 -51.81 -9.87
C TRP D 431 -41.29 -52.79 -11.02
N ASN D 432 -42.42 -53.41 -11.39
CA ASN D 432 -42.42 -54.33 -12.52
C ASN D 432 -42.08 -53.60 -13.82
N LYS D 433 -42.61 -52.39 -14.00
CA LYS D 433 -42.29 -51.61 -15.20
C LYS D 433 -40.81 -51.27 -15.26
N VAL D 434 -40.22 -50.87 -14.13
CA VAL D 434 -38.80 -50.55 -14.10
C VAL D 434 -37.96 -51.78 -14.38
N ASN D 435 -38.33 -52.92 -13.79
CA ASN D 435 -37.57 -54.14 -14.03
C ASN D 435 -37.74 -54.63 -15.47
N GLU D 436 -38.84 -54.25 -16.13
CA GLU D 436 -39.02 -54.61 -17.54
C GLU D 436 -37.94 -53.99 -18.41
N GLU D 437 -37.62 -52.71 -18.17
CA GLU D 437 -36.54 -52.02 -18.87
C GLU D 437 -35.67 -51.36 -17.82
N PHE D 438 -34.72 -52.12 -17.27
CA PHE D 438 -33.87 -51.62 -16.20
C PHE D 438 -32.78 -50.68 -16.71
N GLU D 439 -32.24 -50.95 -17.90
CA GLU D 439 -31.16 -50.12 -18.43
C GLU D 439 -31.67 -48.73 -18.81
N THR D 440 -32.96 -48.61 -19.16
CA THR D 440 -33.50 -47.31 -19.53
C THR D 440 -33.52 -46.37 -18.33
N TYR D 441 -33.86 -46.88 -17.15
CA TYR D 441 -33.96 -46.05 -15.96
C TYR D 441 -32.66 -45.99 -15.16
N TYR D 442 -31.88 -47.06 -15.18
CA TYR D 442 -30.61 -47.13 -14.45
C TYR D 442 -29.51 -47.61 -15.38
N PRO D 443 -29.08 -46.76 -16.32
CA PRO D 443 -27.99 -47.15 -17.23
C PRO D 443 -26.67 -47.29 -16.48
N GLY D 444 -25.91 -48.33 -16.84
CA GLY D 444 -24.63 -48.58 -16.20
C GLY D 444 -24.73 -48.88 -14.72
N ALA D 445 -25.74 -49.65 -14.33
CA ALA D 445 -25.92 -49.99 -12.93
C ALA D 445 -24.97 -51.12 -12.51
N ASP D 446 -24.53 -51.07 -11.26
CA ASP D 446 -23.64 -52.08 -10.73
C ASP D 446 -24.43 -53.30 -10.26
N ALA D 447 -23.69 -54.33 -9.84
CA ALA D 447 -24.33 -55.54 -9.33
C ALA D 447 -25.08 -55.26 -8.03
N ARG D 448 -24.50 -54.45 -7.14
CA ARG D 448 -25.14 -54.14 -5.88
C ARG D 448 -26.44 -53.37 -6.09
N MET D 449 -26.44 -52.44 -7.05
CA MET D 449 -27.66 -51.69 -7.35
C MET D 449 -28.76 -52.62 -7.87
N LYS D 450 -28.41 -53.54 -8.77
CA LYS D 450 -29.40 -54.50 -9.26
C LYS D 450 -29.91 -55.39 -8.13
N LYS D 451 -29.02 -55.84 -7.25
CA LYS D 451 -29.45 -56.69 -6.14
C LYS D 451 -30.40 -55.94 -5.21
N LEU D 452 -30.09 -54.67 -4.91
CA LEU D 452 -30.98 -53.88 -4.06
C LEU D 452 -32.32 -53.65 -4.72
N PHE D 453 -32.32 -53.35 -6.03
CA PHE D 453 -33.59 -53.14 -6.73
C PHE D 453 -34.42 -54.42 -6.72
N GLY D 454 -33.80 -55.57 -6.93
CA GLY D 454 -34.53 -56.83 -6.85
C GLY D 454 -35.05 -57.11 -5.46
N GLU D 455 -34.25 -56.80 -4.43
CA GLU D 455 -34.67 -57.01 -3.05
C GLU D 455 -35.78 -56.05 -2.64
N LEU D 456 -35.93 -54.92 -3.34
CA LEU D 456 -37.00 -53.98 -3.03
C LEU D 456 -38.39 -54.62 -3.17
N ASN D 457 -38.53 -55.69 -3.94
CA ASN D 457 -39.81 -56.36 -4.15
C ASN D 457 -39.88 -57.68 -3.38
N ASN D 458 -39.31 -57.72 -2.18
CA ASN D 458 -39.33 -58.92 -1.34
C ASN D 458 -40.30 -58.71 -0.19
N GLU D 459 -41.33 -59.55 -0.12
CA GLU D 459 -42.30 -59.48 0.97
C GLU D 459 -41.85 -60.20 2.22
N ALA D 460 -40.76 -60.97 2.15
CA ALA D 460 -40.25 -61.68 3.32
C ALA D 460 -39.39 -60.82 4.21
N LEU D 461 -39.00 -59.62 3.76
CA LEU D 461 -38.18 -58.73 4.57
C LEU D 461 -39.01 -58.12 5.69
N SER D 462 -38.37 -57.89 6.83
CA SER D 462 -39.00 -57.20 7.94
C SER D 462 -39.00 -55.70 7.67
N ILE D 463 -39.48 -54.93 8.66
CA ILE D 463 -39.45 -53.48 8.54
C ILE D 463 -38.03 -52.97 8.45
N GLU D 464 -37.17 -53.44 9.37
CA GLU D 464 -35.79 -52.96 9.40
C GLU D 464 -35.04 -53.33 8.13
N GLU D 465 -35.21 -54.57 7.65
CA GLU D 465 -34.50 -55.01 6.46
C GLU D 465 -34.92 -54.22 5.22
N LEU D 466 -36.23 -54.04 5.04
CA LEU D 466 -36.72 -53.28 3.89
C LEU D 466 -36.27 -51.83 3.96
N ILE D 467 -36.33 -51.23 5.16
CA ILE D 467 -35.90 -49.84 5.32
C ILE D 467 -34.42 -49.71 5.01
N ASN D 468 -33.60 -50.65 5.50
CA ASN D 468 -32.17 -50.60 5.22
C ASN D 468 -31.89 -50.76 3.73
N THR D 469 -32.62 -51.65 3.06
CA THR D 469 -32.45 -51.81 1.62
C THR D 469 -32.78 -50.50 0.88
N ILE D 470 -33.90 -49.86 1.25
CA ILE D 470 -34.29 -48.61 0.61
C ILE D 470 -33.24 -47.53 0.86
N ILE D 471 -32.76 -47.44 2.11
CA ILE D 471 -31.78 -46.42 2.47
C ILE D 471 -30.48 -46.64 1.70
N GLU D 472 -30.02 -47.89 1.61
CA GLU D 472 -28.78 -48.16 0.89
C GLU D 472 -28.93 -47.87 -0.59
N PHE D 473 -30.08 -48.21 -1.18
CA PHE D 473 -30.30 -47.90 -2.59
C PHE D 473 -30.29 -46.39 -2.83
N VAL D 474 -30.97 -45.64 -1.97
CA VAL D 474 -31.02 -44.18 -2.14
C VAL D 474 -29.64 -43.58 -1.91
N GLU D 475 -28.86 -44.15 -0.99
CA GLU D 475 -27.53 -43.61 -0.72
C GLU D 475 -26.56 -43.88 -1.87
N ILE D 476 -26.62 -45.08 -2.45
CA ILE D 476 -25.76 -45.34 -3.60
C ILE D 476 -26.22 -44.54 -4.81
N LEU D 477 -27.51 -44.19 -4.87
CA LEU D 477 -27.95 -43.25 -5.89
C LEU D 477 -27.38 -41.86 -5.66
N SER D 478 -27.36 -41.41 -4.40
CA SER D 478 -26.91 -40.05 -4.10
C SER D 478 -25.39 -39.96 -4.01
N ASN D 479 -24.80 -40.72 -3.08
CA ASN D 479 -23.36 -40.68 -2.89
C ASN D 479 -22.64 -41.39 -4.03
N LYS E 5 65.38 -13.92 25.54
CA LYS E 5 64.69 -14.81 26.45
C LYS E 5 63.75 -14.02 27.38
N MET E 6 62.67 -14.67 27.79
CA MET E 6 61.68 -14.09 28.67
C MET E 6 61.56 -14.93 29.94
N ASN E 7 60.56 -14.62 30.76
CA ASN E 7 60.39 -15.28 32.04
C ASN E 7 60.17 -16.78 31.83
N PRO E 8 60.61 -17.62 32.77
CA PRO E 8 60.43 -19.07 32.62
C PRO E 8 58.97 -19.48 32.46
N ILE E 9 58.05 -18.77 33.13
CA ILE E 9 56.63 -19.02 32.92
C ILE E 9 56.25 -18.72 31.47
N VAL E 10 56.74 -17.60 30.94
CA VAL E 10 56.48 -17.24 29.56
C VAL E 10 57.09 -18.26 28.61
N GLU E 11 58.29 -18.75 28.94
CA GLU E 11 58.92 -19.76 28.08
C GLU E 11 58.14 -21.06 28.07
N LEU E 12 57.66 -21.50 29.24
CA LEU E 12 56.84 -22.71 29.30
C LEU E 12 55.55 -22.53 28.51
N PHE E 13 54.91 -21.35 28.65
CA PHE E 13 53.70 -21.10 27.88
C PHE E 13 53.98 -21.08 26.39
N ILE E 14 55.11 -20.50 25.97
CA ILE E 14 55.46 -20.46 24.55
C ILE E 14 55.65 -21.88 24.02
N LYS E 15 56.38 -22.72 24.76
CA LYS E 15 56.57 -24.10 24.32
C LYS E 15 55.24 -24.83 24.22
N ASP E 16 54.41 -24.74 25.25
CA ASP E 16 53.15 -25.49 25.24
C ASP E 16 52.22 -24.99 24.13
N PHE E 17 52.14 -23.67 23.92
CA PHE E 17 51.22 -23.17 22.92
C PHE E 17 51.76 -23.38 21.51
N THR E 18 53.08 -23.35 21.32
CA THR E 18 53.63 -23.74 20.02
C THR E 18 53.31 -25.20 19.72
N LYS E 19 53.41 -26.06 20.73
CA LYS E 19 53.01 -27.46 20.56
C LYS E 19 51.54 -27.56 20.19
N GLU E 20 50.69 -26.77 20.84
CA GLU E 20 49.26 -26.81 20.53
C GLU E 20 48.97 -26.33 19.11
N VAL E 21 49.62 -25.24 18.69
CA VAL E 21 49.34 -24.67 17.37
C VAL E 21 49.86 -25.58 16.27
N MET E 22 51.05 -26.18 16.46
CA MET E 22 51.58 -27.09 15.45
C MET E 22 50.68 -28.29 15.21
N GLU E 23 49.87 -28.67 16.19
CA GLU E 23 48.87 -29.72 16.02
C GLU E 23 47.58 -29.20 15.43
N GLU E 24 47.48 -27.88 15.18
CA GLU E 24 46.28 -27.26 14.61
C GLU E 24 45.05 -27.51 15.46
N ASN E 25 45.22 -27.47 16.78
CA ASN E 25 44.13 -27.62 17.74
C ASN E 25 44.06 -26.42 18.68
N ALA E 26 44.50 -25.26 18.21
CA ALA E 26 44.54 -24.05 19.02
C ALA E 26 43.61 -23.00 18.42
N ALA E 27 42.94 -22.26 19.29
CA ALA E 27 42.04 -21.20 18.90
C ALA E 27 42.45 -19.92 19.61
N ILE E 28 42.09 -18.78 19.01
CA ILE E 28 42.43 -17.46 19.57
C ILE E 28 41.14 -16.76 19.93
N PHE E 29 41.02 -16.34 21.19
CA PHE E 29 39.91 -15.53 21.65
C PHE E 29 40.43 -14.11 21.84
N ALA E 30 40.04 -13.20 20.94
CA ALA E 30 40.49 -11.83 20.95
C ALA E 30 39.39 -10.92 21.49
N GLY E 31 39.72 -10.14 22.52
CA GLY E 31 38.83 -9.14 23.04
C GLY E 31 38.98 -7.81 22.32
N ALA E 32 38.27 -6.81 22.84
CA ALA E 32 38.38 -5.47 22.27
C ALA E 32 39.76 -4.86 22.54
N GLY E 33 40.42 -5.29 23.62
CA GLY E 33 41.71 -4.72 23.97
C GLY E 33 42.77 -4.98 22.92
N LEU E 34 42.63 -6.05 22.14
CA LEU E 34 43.56 -6.32 21.07
C LEU E 34 43.49 -5.28 19.97
N SER E 35 42.38 -4.53 19.87
CA SER E 35 42.21 -3.50 18.87
C SER E 35 42.33 -2.09 19.43
N MET E 36 42.72 -1.95 20.70
CA MET E 36 42.81 -0.63 21.31
C MET E 36 44.14 0.07 21.00
N SER E 37 45.13 -0.66 20.51
CA SER E 37 46.40 -0.07 20.10
C SER E 37 46.42 0.30 18.62
N VAL E 38 45.35 0.01 17.89
CA VAL E 38 45.36 0.23 16.44
C VAL E 38 45.07 1.69 16.12
N GLY E 39 44.21 2.33 16.90
CA GLY E 39 43.87 3.72 16.66
C GLY E 39 42.42 4.04 16.93
N TYR E 40 41.61 3.02 17.16
CA TYR E 40 40.23 3.22 17.54
C TYR E 40 40.15 3.87 18.92
N VAL E 41 39.31 4.90 19.05
CA VAL E 41 39.15 5.56 20.34
C VAL E 41 38.43 4.62 21.31
N SER E 42 38.63 4.86 22.60
CA SER E 42 38.07 4.00 23.63
C SER E 42 36.55 4.07 23.63
N TRP E 43 35.92 2.96 24.00
CA TRP E 43 34.46 2.90 24.05
C TRP E 43 33.90 3.86 25.09
N ALA E 44 34.62 4.07 26.19
CA ALA E 44 34.21 5.08 27.16
C ALA E 44 34.24 6.48 26.56
N LYS E 45 35.24 6.76 25.73
CA LYS E 45 35.29 8.06 25.06
C LYS E 45 34.09 8.24 24.13
N LEU E 46 33.70 7.17 23.43
CA LEU E 46 32.52 7.24 22.57
C LEU E 46 31.26 7.45 23.39
N LEU E 47 31.16 6.80 24.55
CA LEU E 47 29.97 6.93 25.39
C LEU E 47 29.97 8.19 26.23
N GLU E 48 31.07 8.95 26.25
CA GLU E 48 31.10 10.18 27.04
C GLU E 48 29.97 11.15 26.70
N PRO E 49 29.70 11.50 25.44
CA PRO E 49 28.49 12.29 25.17
C PRO E 49 27.21 11.55 25.51
N ILE E 50 27.20 10.23 25.33
CA ILE E 50 26.04 9.43 25.70
C ILE E 50 25.79 9.53 27.21
N ALA E 51 26.85 9.42 28.00
CA ALA E 51 26.72 9.58 29.45
C ALA E 51 26.28 10.99 29.82
N GLN E 52 26.82 12.00 29.13
CA GLN E 52 26.45 13.38 29.44
C GLN E 52 24.99 13.67 29.11
N GLU E 53 24.43 13.06 28.10
CA GLU E 53 23.03 13.28 27.82
C GLU E 53 22.11 12.84 28.90
N ILE E 54 22.40 11.73 29.57
CA ILE E 54 21.52 11.22 30.62
C ILE E 54 21.94 11.77 31.97
N GLY E 55 22.87 12.73 31.98
CA GLY E 55 23.29 13.37 33.20
C GLY E 55 24.36 12.65 33.99
N LEU E 56 24.94 11.58 33.44
CA LEU E 56 25.99 10.84 34.11
C LEU E 56 27.36 11.25 33.55
N ASP E 57 28.40 10.66 34.11
CA ASP E 57 29.77 10.91 33.69
C ASP E 57 30.45 9.57 33.42
N VAL E 58 30.95 9.40 32.20
CA VAL E 58 31.50 8.10 31.80
C VAL E 58 32.77 7.78 32.59
N ASN E 59 33.49 8.80 33.05
CA ASN E 59 34.68 8.53 33.85
C ASN E 59 34.33 7.96 35.21
N LYS E 60 33.18 8.35 35.78
CA LYS E 60 32.71 7.82 37.05
C LYS E 60 31.97 6.51 36.91
N GLU E 61 31.77 6.03 35.70
CA GLU E 61 31.07 4.79 35.44
C GLU E 61 32.03 3.72 35.05
N ASN E 62 31.84 2.55 35.58
CA ASN E 62 32.65 1.40 35.18
C ASN E 62 31.88 0.40 34.32
N ASP E 63 30.59 0.23 34.57
CA ASP E 63 29.75 -0.68 33.79
C ASP E 63 29.14 0.12 32.65
N LEU E 64 29.81 0.09 31.49
CA LEU E 64 29.33 0.85 30.33
C LEU E 64 28.11 0.20 29.70
N VAL E 65 27.90 -1.10 29.92
CA VAL E 65 26.70 -1.76 29.41
C VAL E 65 25.46 -1.17 30.09
N SER E 66 25.51 -0.99 31.40
CA SER E 66 24.41 -0.36 32.12
C SER E 66 24.24 1.09 31.72
N LEU E 67 25.34 1.78 31.40
CA LEU E 67 25.25 3.17 30.94
C LEU E 67 24.51 3.25 29.61
N ALA E 68 24.85 2.38 28.67
CA ALA E 68 24.15 2.35 27.38
C ALA E 68 22.69 1.94 27.58
N GLN E 69 22.43 1.02 28.49
CA GLN E 69 21.05 0.63 28.76
C GLN E 69 20.25 1.79 29.34
N TYR E 70 20.86 2.58 30.23
CA TYR E 70 20.19 3.76 30.77
C TYR E 70 19.90 4.77 29.67
N TYR E 71 20.80 4.98 28.77
CA TYR E 71 20.55 5.85 27.66
C TYR E 71 19.46 5.39 26.78
N CYS E 72 19.42 4.11 26.49
CA CYS E 72 18.32 3.58 25.70
C CYS E 72 16.99 3.74 26.45
N ASN E 73 17.00 3.55 27.77
CA ASN E 73 15.79 3.72 28.56
C ASN E 73 15.29 5.17 28.50
N GLU E 74 16.23 6.13 28.52
CA GLU E 74 15.86 7.53 28.41
C GLU E 74 15.34 7.91 27.04
N ASN E 75 15.46 7.03 26.04
CA ASN E 75 15.03 7.30 24.68
C ASN E 75 14.05 6.24 24.17
N GLN E 76 13.24 5.68 25.07
CA GLN E 76 12.21 4.70 24.73
C GLN E 76 12.79 3.46 24.05
N GLY E 77 14.02 3.09 24.40
CA GLY E 77 14.62 1.90 23.85
C GLY E 77 15.25 2.05 22.48
N ASN E 78 15.44 3.28 22.00
CA ASN E 78 15.99 3.49 20.68
C ASN E 78 17.51 3.46 20.72
N ARG E 79 18.11 2.76 19.76
CA ARG E 79 19.55 2.56 19.70
C ARG E 79 20.20 3.26 18.52
N GLY E 80 19.47 4.14 17.81
CA GLY E 80 20.02 4.74 16.61
C GLY E 80 21.31 5.51 16.84
N ARG E 81 21.37 6.26 17.95
CA ARG E 81 22.56 7.05 18.25
C ARG E 81 23.77 6.15 18.50
N ILE E 82 23.59 5.10 19.30
CA ILE E 82 24.70 4.19 19.60
C ILE E 82 25.13 3.43 18.36
N ASN E 83 24.17 3.01 17.54
CA ASN E 83 24.48 2.34 16.28
C ASN E 83 25.31 3.25 15.38
N GLN E 84 24.90 4.51 15.26
CA GLN E 84 25.66 5.45 14.44
C GLN E 84 27.05 5.67 15.00
N ILE E 85 27.17 5.75 16.33
CA ILE E 85 28.48 5.97 16.95
C ILE E 85 29.42 4.82 16.65
N ILE E 86 28.95 3.57 16.83
CA ILE E 86 29.83 2.43 16.62
C ILE E 86 30.15 2.28 15.14
N LEU E 87 29.18 2.54 14.26
CA LEU E 87 29.44 2.46 12.83
C LEU E 87 30.47 3.50 12.40
N ASP E 88 30.36 4.72 12.93
CA ASP E 88 31.31 5.77 12.57
C ASP E 88 32.71 5.46 13.10
N GLU E 89 32.79 4.90 14.31
CA GLU E 89 34.12 4.69 14.91
C GLU E 89 34.81 3.45 14.37
N PHE E 90 34.17 2.29 14.49
CA PHE E 90 34.86 1.03 14.25
C PHE E 90 34.93 0.64 12.79
N SER E 91 34.33 1.41 11.88
CA SER E 91 34.44 1.14 10.45
C SER E 91 35.52 1.97 9.78
N ARG E 92 36.27 2.77 10.53
CA ARG E 92 37.33 3.57 9.94
C ARG E 92 38.47 2.70 9.44
N LYS E 93 39.22 3.24 8.49
CA LYS E 93 40.36 2.54 7.89
C LYS E 93 41.59 2.81 8.76
N VAL E 94 42.11 1.77 9.38
CA VAL E 94 43.27 1.86 10.26
C VAL E 94 44.28 0.80 9.86
N ASP E 95 45.56 1.15 9.96
CA ASP E 95 46.61 0.19 9.63
C ASP E 95 46.67 -0.92 10.67
N LEU E 96 46.84 -2.15 10.20
CA LEU E 96 46.87 -3.30 11.08
C LEU E 96 48.09 -3.26 11.99
N THR E 97 47.90 -3.67 13.24
CA THR E 97 49.01 -3.80 14.17
C THR E 97 49.76 -5.10 13.91
N GLU E 98 50.94 -5.23 14.53
CA GLU E 98 51.75 -6.41 14.32
C GLU E 98 51.11 -7.66 14.88
N ASN E 99 50.34 -7.53 15.96
CA ASN E 99 49.70 -8.70 16.57
C ASN E 99 48.74 -9.37 15.60
N HIS E 100 47.91 -8.58 14.91
CA HIS E 100 46.96 -9.15 13.96
C HIS E 100 47.69 -9.87 12.82
N LYS E 101 48.77 -9.27 12.32
CA LYS E 101 49.51 -9.89 11.23
C LYS E 101 50.15 -11.20 11.68
N ILE E 102 50.74 -11.23 12.88
CA ILE E 102 51.35 -12.46 13.38
C ILE E 102 50.29 -13.53 13.57
N LEU E 103 49.13 -13.17 14.14
CA LEU E 103 48.07 -14.14 14.34
C LEU E 103 47.56 -14.68 13.01
N ALA E 104 47.48 -13.82 12.00
CA ALA E 104 47.10 -14.28 10.67
C ALA E 104 48.13 -15.24 10.10
N ARG E 105 49.42 -14.96 10.33
CA ARG E 105 50.46 -15.84 9.82
C ARG E 105 50.49 -17.19 10.54
N LEU E 106 49.98 -17.27 11.76
CA LEU E 106 50.01 -18.52 12.49
C LEU E 106 48.95 -19.49 11.96
N PRO E 107 49.22 -20.80 12.02
CA PRO E 107 48.25 -21.78 11.54
C PRO E 107 47.09 -21.97 12.49
N ILE E 108 46.35 -20.90 12.78
CA ILE E 108 45.22 -20.93 13.69
C ILE E 108 43.95 -20.86 12.84
N HIS E 109 43.06 -21.83 13.03
CA HIS E 109 41.87 -21.97 12.20
C HIS E 109 40.60 -21.48 12.89
N THR E 110 40.70 -21.03 14.14
CA THR E 110 39.51 -20.62 14.90
C THR E 110 39.80 -19.33 15.64
N TYR E 111 39.02 -18.29 15.36
CA TYR E 111 39.06 -17.04 16.09
C TYR E 111 37.68 -16.76 16.66
N TRP E 112 37.64 -16.33 17.91
CA TRP E 112 36.41 -15.86 18.56
C TRP E 112 36.66 -14.44 19.03
N THR E 113 35.85 -13.50 18.56
CA THR E 113 36.09 -12.09 18.83
C THR E 113 34.86 -11.46 19.46
N THR E 114 35.10 -10.60 20.45
CA THR E 114 34.07 -9.73 21.01
C THR E 114 34.15 -8.32 20.46
N ALA E 115 35.07 -8.07 19.54
CA ALA E 115 35.22 -6.77 18.90
C ALA E 115 34.41 -6.70 17.61
N TYR E 116 33.88 -5.51 17.33
CA TYR E 116 33.05 -5.31 16.14
C TYR E 116 33.87 -5.00 14.90
N ASP E 117 35.10 -4.54 15.05
CA ASP E 117 35.93 -4.17 13.92
C ASP E 117 36.31 -5.42 13.10
N ARG E 118 36.83 -5.18 11.91
CA ARG E 118 37.22 -6.23 10.98
C ARG E 118 38.73 -6.36 10.84
N LEU E 119 39.46 -6.14 11.93
CA LEU E 119 40.93 -6.18 11.86
C LEU E 119 41.45 -7.59 11.66
N ILE E 120 40.84 -8.58 12.32
CA ILE E 120 41.23 -9.97 12.12
C ILE E 120 40.95 -10.39 10.68
N GLU E 121 39.78 -10.01 10.16
CA GLU E 121 39.43 -10.36 8.79
C GLU E 121 40.41 -9.74 7.81
N LYS E 122 40.77 -8.48 8.01
CA LYS E 122 41.72 -7.82 7.12
C LYS E 122 43.11 -8.44 7.22
N ALA E 123 43.52 -8.81 8.43
CA ALA E 123 44.82 -9.45 8.61
C ALA E 123 44.85 -10.80 7.90
N LEU E 124 43.76 -11.56 7.97
CA LEU E 124 43.70 -12.83 7.27
C LEU E 124 43.67 -12.63 5.75
N GLU E 125 42.98 -11.58 5.29
CA GLU E 125 42.94 -11.29 3.86
C GLU E 125 44.30 -10.91 3.32
N GLU E 126 45.06 -10.09 4.07
CA GLU E 126 46.37 -9.66 3.60
C GLU E 126 47.40 -10.79 3.59
N GLU E 127 47.10 -11.92 4.21
CA GLU E 127 47.94 -13.10 4.15
C GLU E 127 47.50 -14.09 3.09
N ASN E 128 46.59 -13.67 2.20
CA ASN E 128 46.05 -14.54 1.15
C ASN E 128 45.39 -15.77 1.76
N LYS E 129 44.70 -15.59 2.88
CA LYS E 129 43.97 -16.65 3.56
C LYS E 129 42.48 -16.40 3.43
N ILE E 130 41.72 -17.49 3.23
CA ILE E 130 40.28 -17.40 3.12
C ILE E 130 39.69 -17.44 4.53
N ALA E 131 38.99 -16.37 4.90
CA ALA E 131 38.39 -16.25 6.23
C ALA E 131 36.88 -16.37 6.13
N ASP E 132 36.31 -17.25 6.94
CA ASP E 132 34.86 -17.46 7.00
C ASP E 132 34.35 -16.73 8.24
N VAL E 133 33.85 -15.51 8.04
CA VAL E 133 33.44 -14.65 9.14
C VAL E 133 31.98 -14.93 9.46
N LYS E 134 31.69 -15.16 10.74
CA LYS E 134 30.36 -15.52 11.19
C LYS E 134 29.94 -14.59 12.33
N TYR E 135 28.83 -13.88 12.14
CA TYR E 135 28.23 -13.10 13.20
C TYR E 135 26.72 -13.23 13.22
N THR E 136 26.16 -14.10 12.39
CA THR E 136 24.72 -14.36 12.34
C THR E 136 24.49 -15.85 12.51
N VAL E 137 23.35 -16.20 13.11
CA VAL E 137 23.01 -17.60 13.32
C VAL E 137 22.91 -18.34 11.99
N LYS E 138 22.35 -17.67 10.97
CA LYS E 138 22.23 -18.29 9.66
C LYS E 138 23.60 -18.62 9.07
N GLN E 139 24.58 -17.73 9.25
CA GLN E 139 25.90 -17.94 8.68
C GLN E 139 26.59 -19.19 9.20
N LEU E 140 26.15 -19.72 10.34
CA LEU E 140 26.70 -20.96 10.85
C LEU E 140 26.35 -22.17 9.97
N ALA E 141 25.30 -22.06 9.17
CA ALA E 141 24.84 -23.18 8.35
C ALA E 141 25.60 -23.30 7.02
N THR E 142 26.43 -22.31 6.69
CA THR E 142 27.20 -22.34 5.44
C THR E 142 28.68 -22.23 5.77
N THR E 143 29.49 -23.03 5.08
CA THR E 143 30.93 -23.04 5.26
C THR E 143 31.61 -22.66 3.96
N LYS E 144 32.57 -21.75 4.03
CA LYS E 144 33.35 -21.40 2.85
C LYS E 144 34.26 -22.56 2.45
N VAL E 145 34.40 -22.76 1.14
CA VAL E 145 35.23 -23.83 0.62
C VAL E 145 36.69 -23.42 0.69
N LYS E 146 37.54 -24.34 1.15
CA LYS E 146 38.98 -24.13 1.27
C LYS E 146 39.31 -22.96 2.19
N ARG E 147 38.52 -22.78 3.25
CA ARG E 147 38.77 -21.71 4.20
C ARG E 147 39.97 -22.06 5.07
N ASP E 148 40.77 -21.03 5.41
CA ASP E 148 41.91 -21.23 6.28
C ASP E 148 41.54 -21.08 7.76
N ALA E 149 40.67 -20.14 8.08
CA ALA E 149 40.23 -19.91 9.45
C ALA E 149 38.79 -19.46 9.44
N VAL E 150 38.11 -19.67 10.57
CA VAL E 150 36.74 -19.21 10.78
C VAL E 150 36.75 -18.22 11.93
N VAL E 151 36.13 -17.06 11.71
CA VAL E 151 36.06 -15.99 12.70
C VAL E 151 34.62 -15.88 13.17
N TYR E 152 34.40 -16.12 14.46
CA TYR E 152 33.10 -15.96 15.09
C TYR E 152 33.08 -14.62 15.79
N LYS E 153 32.40 -13.64 15.19
CA LYS E 153 32.19 -12.34 15.83
C LYS E 153 30.93 -12.49 16.67
N MET E 154 31.13 -12.87 17.94
CA MET E 154 30.01 -13.23 18.80
C MET E 154 29.27 -12.03 19.38
N HIS E 155 29.79 -10.82 19.20
CA HIS E 155 29.09 -9.62 19.62
C HIS E 155 28.58 -8.79 18.46
N GLY E 156 28.65 -9.32 17.24
CA GLY E 156 28.15 -8.64 16.06
C GLY E 156 29.26 -8.01 15.25
N ASP E 157 28.87 -7.48 14.10
CA ASP E 157 29.76 -6.84 13.15
C ASP E 157 29.59 -5.33 13.18
N VAL E 158 30.62 -4.62 12.73
CA VAL E 158 30.56 -3.17 12.68
C VAL E 158 29.56 -2.71 11.62
N GLU E 159 29.48 -3.42 10.50
CA GLU E 159 28.58 -3.04 9.42
C GLU E 159 27.12 -3.35 9.74
N HIS E 160 26.84 -4.03 10.84
CA HIS E 160 25.49 -4.30 11.31
C HIS E 160 25.36 -3.80 12.74
N PRO E 161 25.37 -2.48 12.94
CA PRO E 161 25.37 -1.94 14.31
C PRO E 161 24.16 -2.32 15.13
N SER E 162 23.01 -2.53 14.50
CA SER E 162 21.78 -2.81 15.24
C SER E 162 21.81 -4.16 15.93
N GLU E 163 22.67 -5.08 15.50
CA GLU E 163 22.77 -6.40 16.09
C GLU E 163 23.98 -6.54 17.02
N ALA E 164 24.69 -5.44 17.30
CA ALA E 164 25.81 -5.49 18.22
C ALA E 164 25.34 -5.61 19.66
N VAL E 165 26.08 -6.38 20.45
CA VAL E 165 25.75 -6.60 21.86
C VAL E 165 26.40 -5.46 22.65
N LEU E 166 25.59 -4.47 23.04
CA LEU E 166 26.12 -3.29 23.72
C LEU E 166 25.39 -3.01 25.03
N ILE E 167 24.08 -3.24 25.06
CA ILE E 167 23.24 -2.87 26.18
C ILE E 167 22.85 -4.13 26.95
N LYS E 168 22.26 -3.91 28.14
CA LYS E 168 21.87 -5.03 28.99
C LYS E 168 20.80 -5.89 28.34
N ASP E 169 19.93 -5.30 27.52
CA ASP E 169 18.92 -6.08 26.81
C ASP E 169 19.56 -7.09 25.88
N ASP E 170 20.62 -6.68 25.19
CA ASP E 170 21.32 -7.60 24.29
C ASP E 170 21.93 -8.77 25.06
N TYR E 171 22.55 -8.49 26.20
CA TYR E 171 23.12 -9.57 27.00
C TYR E 171 22.05 -10.48 27.57
N GLU E 172 20.92 -9.95 27.96
CA GLU E 172 19.85 -10.74 28.47
C GLU E 172 19.16 -11.58 27.44
N LYS E 173 19.09 -11.15 26.23
CA LYS E 173 18.50 -11.93 25.15
C LYS E 173 19.52 -12.72 24.35
N TYR E 174 20.82 -12.61 24.67
CA TYR E 174 21.84 -13.35 23.95
C TYR E 174 21.66 -14.86 24.10
N SER E 175 21.33 -15.32 25.32
CA SER E 175 21.22 -16.75 25.56
C SER E 175 20.11 -17.40 24.76
N ILE E 176 19.13 -16.63 24.31
CA ILE E 176 18.04 -17.13 23.48
C ILE E 176 18.31 -16.90 22.00
N LYS E 177 18.66 -15.67 21.64
CA LYS E 177 18.86 -15.34 20.23
C LYS E 177 20.10 -16.01 19.67
N MET E 178 21.21 -15.95 20.39
CA MET E 178 22.51 -16.43 19.91
C MET E 178 22.92 -17.73 20.62
N ASP E 179 21.95 -18.58 20.93
CA ASP E 179 22.25 -19.86 21.55
C ASP E 179 23.16 -20.75 20.69
N PRO E 180 23.02 -20.85 19.37
CA PRO E 180 23.99 -21.64 18.60
C PRO E 180 25.42 -21.18 18.76
N TYR E 181 25.65 -19.88 18.90
CA TYR E 181 27.01 -19.40 19.15
C TYR E 181 27.50 -19.83 20.52
N ILE E 182 26.62 -19.85 21.52
CA ILE E 182 26.99 -20.35 22.83
C ILE E 182 27.38 -21.83 22.74
N LYS E 183 26.60 -22.62 22.02
CA LYS E 183 26.93 -24.03 21.85
C LYS E 183 28.26 -24.22 21.13
N ALA E 184 28.50 -23.43 20.08
CA ALA E 184 29.74 -23.53 19.34
C ALA E 184 30.94 -23.15 20.22
N LEU E 185 30.80 -22.09 21.02
CA LEU E 185 31.90 -21.68 21.87
C LEU E 185 32.16 -22.70 22.98
N SER E 186 31.10 -23.31 23.51
CA SER E 186 31.30 -24.39 24.48
C SER E 186 32.02 -25.56 23.85
N GLY E 187 31.63 -25.95 22.63
CA GLY E 187 32.31 -27.04 21.96
C GLY E 187 33.77 -26.74 21.68
N ASP E 188 34.07 -25.50 21.28
CA ASP E 188 35.45 -25.12 21.05
C ASP E 188 36.25 -25.10 22.36
N LEU E 189 35.64 -24.60 23.44
CA LEU E 189 36.33 -24.57 24.72
C LEU E 189 36.61 -25.97 25.25
N VAL E 190 35.76 -26.93 24.93
CA VAL E 190 36.03 -28.30 25.38
C VAL E 190 36.88 -29.10 24.40
N SER E 191 37.00 -28.65 23.14
CA SER E 191 37.74 -29.39 22.13
C SER E 191 38.99 -28.70 21.63
N LYS E 192 39.19 -27.41 21.96
CA LYS E 192 40.34 -26.67 21.47
C LYS E 192 41.02 -25.95 22.63
N THR E 193 42.31 -25.66 22.43
CA THR E 193 43.09 -24.92 23.42
C THR E 193 43.06 -23.44 23.07
N PHE E 194 42.44 -22.65 23.92
CA PHE E 194 42.22 -21.23 23.66
C PHE E 194 43.35 -20.38 24.23
N LEU E 195 43.62 -19.27 23.56
CA LEU E 195 44.49 -18.22 24.07
C LEU E 195 43.67 -16.93 24.09
N PHE E 196 43.45 -16.38 25.28
CA PHE E 196 42.69 -15.15 25.43
C PHE E 196 43.64 -13.97 25.40
N VAL E 197 43.49 -13.11 24.39
CA VAL E 197 44.32 -11.93 24.20
C VAL E 197 43.41 -10.71 24.17
N GLY E 198 43.73 -9.71 24.98
CA GLY E 198 42.94 -8.49 25.02
C GLY E 198 41.60 -8.63 25.69
N PHE E 199 41.37 -9.71 26.44
CA PHE E 199 40.08 -9.97 27.07
C PHE E 199 40.17 -9.70 28.56
N SER E 200 39.23 -8.92 29.08
CA SER E 200 39.21 -8.56 30.50
C SER E 200 38.41 -9.51 31.35
N PHE E 201 37.71 -10.48 30.75
CA PHE E 201 36.93 -11.48 31.47
C PHE E 201 35.87 -10.83 32.36
N THR E 202 35.30 -9.71 31.88
CA THR E 202 34.18 -9.05 32.53
C THR E 202 32.92 -9.13 31.68
N ASP E 203 32.90 -9.99 30.68
CA ASP E 203 31.76 -10.12 29.78
C ASP E 203 30.76 -11.10 30.38
N PRO E 204 29.50 -10.70 30.57
CA PRO E 204 28.52 -11.65 31.15
C PRO E 204 28.31 -12.90 30.32
N ASN E 205 28.36 -12.80 28.99
CA ASN E 205 28.17 -13.97 28.15
C ASN E 205 29.31 -14.96 28.32
N LEU E 206 30.56 -14.47 28.35
CA LEU E 206 31.69 -15.37 28.54
C LEU E 206 31.70 -15.98 29.93
N ASP E 207 31.30 -15.19 30.94
CA ASP E 207 31.17 -15.75 32.28
C ASP E 207 30.13 -16.87 32.32
N TYR E 208 28.98 -16.65 31.66
CA TYR E 208 27.93 -17.66 31.60
C TYR E 208 28.43 -18.93 30.90
N ILE E 209 29.12 -18.77 29.77
CA ILE E 209 29.58 -19.93 29.02
C ILE E 209 30.64 -20.70 29.81
N LEU E 210 31.58 -19.98 30.43
CA LEU E 210 32.61 -20.63 31.24
C LEU E 210 32.01 -21.33 32.44
N SER E 211 31.00 -20.73 33.07
CA SER E 211 30.35 -21.38 34.20
C SER E 211 29.62 -22.64 33.76
N ARG E 212 28.99 -22.62 32.59
CA ARG E 212 28.34 -23.82 32.08
C ARG E 212 29.36 -24.92 31.78
N VAL E 213 30.47 -24.56 31.16
CA VAL E 213 31.51 -25.55 30.84
C VAL E 213 32.09 -26.13 32.13
N ARG E 214 32.31 -25.28 33.13
CA ARG E 214 32.82 -25.76 34.41
C ARG E 214 31.82 -26.69 35.08
N SER E 215 30.55 -26.32 35.10
CA SER E 215 29.53 -27.20 35.68
C SER E 215 29.47 -28.53 34.95
N ALA E 216 29.70 -28.53 33.64
CA ALA E 216 29.63 -29.76 32.88
C ALA E 216 30.85 -30.65 33.08
N TYR E 217 32.05 -30.07 33.25
CA TYR E 217 33.27 -30.87 33.20
C TYR E 217 34.05 -30.93 34.52
N GLU E 218 33.61 -30.24 35.57
CA GLU E 218 34.19 -30.33 36.91
C GLU E 218 35.70 -30.05 36.82
N ARG E 219 36.56 -30.91 37.36
CA ARG E 219 37.99 -30.70 37.36
C ARG E 219 38.67 -31.16 36.09
N ASP E 220 37.91 -31.72 35.14
CA ASP E 220 38.45 -32.25 33.90
C ASP E 220 38.35 -31.24 32.76
N GLN E 221 38.25 -29.95 33.10
CA GLN E 221 38.21 -28.91 32.07
C GLN E 221 39.54 -28.84 31.33
N ARG E 222 39.44 -28.50 30.05
CA ARG E 222 40.62 -28.33 29.21
C ARG E 222 41.38 -27.08 29.62
N ARG E 223 42.70 -27.12 29.62
CA ARG E 223 43.46 -25.96 29.94
C ARG E 223 43.54 -24.96 28.87
N HIS E 224 43.32 -23.74 29.25
CA HIS E 224 43.38 -22.61 28.34
C HIS E 224 44.37 -21.59 28.88
N TYR E 225 44.73 -20.63 28.02
CA TYR E 225 45.70 -19.60 28.40
C TYR E 225 45.11 -18.22 28.16
N CYS E 226 45.51 -17.29 29.01
CA CYS E 226 45.18 -15.88 28.87
C CYS E 226 46.44 -15.05 29.07
N LEU E 227 46.46 -13.88 28.45
CA LEU E 227 47.57 -12.94 28.59
C LEU E 227 47.02 -11.67 29.22
N ILE E 228 47.51 -11.34 30.43
CA ILE E 228 47.02 -10.19 31.17
C ILE E 228 48.22 -9.35 31.59
N LYS E 229 48.12 -8.04 31.40
CA LYS E 229 49.18 -7.14 31.84
C LYS E 229 49.04 -6.83 33.33
N LYS E 230 50.17 -6.75 34.02
CA LYS E 230 50.16 -6.46 35.44
C LYS E 230 49.71 -5.01 35.69
N GLU E 231 49.24 -4.77 36.91
CA GLU E 231 48.79 -3.45 37.30
C GLU E 231 49.97 -2.48 37.37
N GLU E 232 49.76 -1.26 36.90
CA GLU E 232 50.78 -0.22 36.89
C GLU E 232 50.37 0.89 37.85
N ARG E 233 51.36 1.44 38.55
CA ARG E 233 51.09 2.49 39.53
C ARG E 233 50.71 3.78 38.82
N ARG E 234 49.47 4.23 39.02
CA ARG E 234 49.03 5.48 38.42
C ARG E 234 49.71 6.65 39.12
N PRO E 235 49.94 7.76 38.40
CA PRO E 235 50.62 8.90 39.01
C PRO E 235 49.90 9.46 40.23
N ASP E 236 48.56 9.50 40.21
CA ASP E 236 47.83 10.03 41.35
C ASP E 236 47.75 9.04 42.51
N GLU E 237 47.82 7.75 42.23
CA GLU E 237 47.62 6.73 43.25
C GLU E 237 48.79 6.67 44.23
N LEU E 238 48.50 6.19 45.43
CA LEU E 238 49.50 5.95 46.45
C LEU E 238 49.99 4.51 46.39
N GLU E 239 51.01 4.21 47.20
CA GLU E 239 51.56 2.86 47.24
C GLU E 239 50.54 1.85 47.74
N ALA E 240 49.77 2.22 48.77
CA ALA E 240 48.79 1.30 49.33
C ALA E 240 47.71 0.95 48.32
N ASP E 241 47.22 1.94 47.57
CA ASP E 241 46.22 1.67 46.55
C ASP E 241 46.78 0.78 45.45
N PHE E 242 48.03 1.01 45.06
CA PHE E 242 48.66 0.16 44.05
C PHE E 242 48.79 -1.28 44.53
N GLU E 243 49.20 -1.47 45.80
CA GLU E 243 49.30 -2.82 46.33
C GLU E 243 47.93 -3.48 46.44
N TYR E 244 46.91 -2.71 46.79
CA TYR E 244 45.55 -3.25 46.83
C TYR E 244 45.10 -3.68 45.44
N ARG E 245 45.41 -2.88 44.41
CA ARG E 245 45.06 -3.26 43.05
C ARG E 245 45.81 -4.52 42.61
N VAL E 246 47.08 -4.63 43.00
CA VAL E 246 47.85 -5.82 42.66
C VAL E 246 47.24 -7.06 43.31
N ARG E 247 46.87 -6.96 44.60
CA ARG E 247 46.23 -8.08 45.27
C ARG E 247 44.88 -8.43 44.62
N LYS E 248 44.12 -7.40 44.25
CA LYS E 248 42.84 -7.64 43.57
C LYS E 248 43.06 -8.37 42.25
N GLN E 249 44.09 -7.98 41.50
CA GLN E 249 44.38 -8.67 40.24
C GLN E 249 44.83 -10.10 40.48
N GLU E 250 45.60 -10.35 41.54
CA GLU E 250 46.00 -11.71 41.87
C GLU E 250 44.78 -12.58 42.20
N LEU E 251 43.84 -12.04 42.97
CA LEU E 251 42.61 -12.78 43.26
C LEU E 251 41.79 -13.01 41.99
N PHE E 252 41.78 -12.02 41.10
CA PHE E 252 41.11 -12.20 39.81
C PHE E 252 41.75 -13.32 39.00
N ILE E 253 43.09 -13.39 39.01
CA ILE E 253 43.79 -14.44 38.30
C ILE E 253 43.45 -15.81 38.91
N SER E 254 43.33 -16.00 40.20
CA SER E 254 43.03 -17.35 40.71
C SER E 254 41.60 -17.81 40.42
N ASP E 255 40.73 -16.85 40.33
CA ASP E 255 39.38 -17.16 39.97
C ASP E 255 39.25 -17.66 38.57
N LEU E 256 40.06 -17.19 37.66
CA LEU E 256 40.07 -17.67 36.32
C LEU E 256 40.55 -19.07 36.27
N SER E 257 41.45 -19.43 37.14
CA SER E 257 41.95 -20.77 37.26
C SER E 257 40.86 -21.63 37.70
N ARG E 258 39.96 -21.08 38.48
CA ARG E 258 38.77 -21.86 38.75
C ARG E 258 38.21 -22.33 37.45
N PHE E 259 38.48 -21.66 36.34
CA PHE E 259 37.99 -22.22 35.09
C PHE E 259 39.09 -22.91 34.29
N ASN E 260 40.19 -23.28 34.95
CA ASN E 260 41.34 -23.93 34.31
C ASN E 260 41.95 -23.06 33.23
N ILE E 261 41.92 -21.75 33.42
CA ILE E 261 42.52 -20.80 32.51
C ILE E 261 43.75 -20.22 33.19
N LYS E 262 44.93 -20.61 32.71
CA LYS E 262 46.18 -20.11 33.27
C LYS E 262 46.50 -18.75 32.68
N THR E 263 46.87 -17.80 33.55
CA THR E 263 47.11 -16.43 33.16
C THR E 263 48.62 -16.16 33.13
N ILE E 264 49.09 -15.57 32.04
CA ILE E 264 50.46 -15.13 31.91
C ILE E 264 50.48 -13.63 32.15
N VAL E 265 51.19 -13.21 33.20
CA VAL E 265 51.25 -11.81 33.59
C VAL E 265 52.40 -11.16 32.82
N LEU E 266 52.09 -10.08 32.11
CA LEU E 266 53.03 -9.40 31.24
C LEU E 266 53.31 -8.01 31.77
N ASN E 267 54.56 -7.56 31.64
CA ASN E 267 54.93 -6.24 32.12
C ASN E 267 54.27 -5.14 31.30
N ASN E 268 54.19 -5.33 29.99
CA ASN E 268 53.60 -4.34 29.10
C ASN E 268 52.91 -5.07 27.95
N TYR E 269 52.23 -4.29 27.10
CA TYR E 269 51.47 -4.87 26.00
C TYR E 269 52.33 -5.25 24.80
N ASN E 270 53.58 -4.78 24.72
CA ASN E 270 54.47 -5.23 23.67
C ASN E 270 54.94 -6.66 23.89
N GLU E 271 54.86 -7.16 25.12
CA GLU E 271 55.19 -8.56 25.36
C GLU E 271 54.22 -9.51 24.68
N ILE E 272 52.99 -9.06 24.40
CA ILE E 272 52.09 -9.85 23.56
C ILE E 272 52.71 -10.05 22.18
N THR E 273 53.21 -8.97 21.59
CA THR E 273 53.87 -9.06 20.29
C THR E 273 55.11 -9.93 20.36
N GLU E 274 55.89 -9.80 21.44
CA GLU E 274 57.09 -10.61 21.59
C GLU E 274 56.74 -12.10 21.68
N ILE E 275 55.70 -12.45 22.44
CA ILE E 275 55.29 -13.84 22.58
C ILE E 275 54.80 -14.38 21.24
N LEU E 276 53.99 -13.58 20.54
CA LEU E 276 53.50 -14.02 19.23
C LEU E 276 54.63 -14.22 18.25
N GLN E 277 55.62 -13.32 18.25
CA GLN E 277 56.78 -13.48 17.39
C GLN E 277 57.57 -14.74 17.75
N ARG E 278 57.70 -15.02 19.05
CA ARG E 278 58.43 -16.22 19.45
C ARG E 278 57.71 -17.48 19.01
N ILE E 279 56.38 -17.51 19.14
CA ILE E 279 55.61 -18.67 18.68
C ILE E 279 55.73 -18.83 17.17
N GLU E 280 55.64 -17.72 16.44
CA GLU E 280 55.77 -17.77 14.99
C GLU E 280 57.14 -18.28 14.59
N ASN E 281 58.19 -17.81 15.28
CA ASN E 281 59.54 -18.28 14.98
C ASN E 281 59.69 -19.76 15.28
N ASN E 282 59.14 -20.23 16.40
CA ASN E 282 59.23 -21.65 16.74
C ASN E 282 58.53 -22.50 15.70
N ILE E 283 57.39 -22.03 15.18
CA ILE E 283 56.68 -22.79 14.15
C ILE E 283 57.45 -22.75 12.84
N LYS E 284 57.99 -21.59 12.48
CA LYS E 284 58.60 -21.42 11.16
C LYS E 284 59.95 -22.12 11.06
N THR E 285 60.76 -22.07 12.13
CA THR E 285 62.11 -22.62 12.08
C THR E 285 62.14 -24.14 12.16
N LYS E 286 61.00 -24.79 12.39
CA LYS E 286 60.97 -26.25 12.40
C LYS E 286 61.15 -26.85 11.01
N THR E 287 61.09 -26.03 9.96
CA THR E 287 61.35 -26.48 8.60
C THR E 287 62.69 -25.93 8.16
N VAL E 288 63.62 -26.83 7.83
CA VAL E 288 64.98 -26.48 7.46
C VAL E 288 65.17 -26.69 5.97
N PHE E 289 65.78 -25.71 5.30
CA PHE E 289 66.09 -25.78 3.88
C PHE E 289 67.52 -26.26 3.74
N LEU E 290 67.68 -27.50 3.27
CA LEU E 290 68.99 -28.08 3.06
C LEU E 290 69.45 -27.77 1.65
N SER E 291 70.56 -27.03 1.53
CA SER E 291 71.07 -26.56 0.25
C SER E 291 72.50 -27.02 0.05
N GLY E 292 72.88 -27.17 -1.20
CA GLY E 292 74.26 -27.46 -1.53
C GLY E 292 74.35 -28.40 -2.72
N SER E 293 75.52 -28.34 -3.37
CA SER E 293 75.89 -29.23 -4.46
C SER E 293 77.39 -29.43 -4.39
N ALA E 294 77.82 -30.69 -4.54
CA ALA E 294 79.22 -31.01 -4.29
C ALA E 294 79.68 -32.09 -5.25
N VAL E 295 80.70 -31.78 -6.05
CA VAL E 295 81.42 -32.80 -6.81
C VAL E 295 82.68 -33.23 -6.05
N GLU E 296 83.42 -32.28 -5.49
CA GLU E 296 84.55 -32.55 -4.62
C GLU E 296 84.20 -32.10 -3.21
N TYR E 297 84.34 -33.01 -2.24
CA TYR E 297 83.90 -32.74 -0.88
C TYR E 297 85.02 -32.18 -0.01
N ASN E 298 85.68 -31.13 -0.49
CA ASN E 298 86.71 -30.38 0.24
C ASN E 298 87.75 -31.37 0.77
N HIS E 299 88.10 -31.33 2.06
CA HIS E 299 89.14 -32.22 2.58
C HIS E 299 88.62 -33.64 2.75
N TRP E 300 87.36 -33.79 3.16
CA TRP E 300 86.81 -35.11 3.41
C TRP E 300 86.69 -35.91 2.12
N GLU E 301 86.77 -37.24 2.26
CA GLU E 301 86.61 -38.13 1.12
C GLU E 301 85.15 -38.17 0.70
N THR E 302 84.91 -38.80 -0.46
CA THR E 302 83.55 -38.87 -0.99
C THR E 302 82.65 -39.68 -0.07
N GLU E 303 83.06 -40.90 0.30
CA GLU E 303 82.23 -41.75 1.14
C GLU E 303 82.02 -41.13 2.52
N HIS E 304 83.08 -40.54 3.08
CA HIS E 304 82.97 -39.91 4.39
C HIS E 304 81.96 -38.77 4.38
N ALA E 305 82.00 -37.93 3.34
CA ALA E 305 81.06 -36.82 3.25
C ALA E 305 79.64 -37.31 2.99
N GLU E 306 79.49 -38.37 2.19
CA GLU E 306 78.17 -38.94 1.97
C GLU E 306 77.58 -39.46 3.28
N GLN E 307 78.39 -40.17 4.06
CA GLN E 307 77.92 -40.65 5.37
C GLN E 307 77.58 -39.48 6.29
N PHE E 308 78.39 -38.42 6.25
CA PHE E 308 78.12 -37.24 7.06
C PHE E 308 76.77 -36.63 6.71
N ILE E 309 76.50 -36.45 5.41
CA ILE E 309 75.23 -35.86 4.98
C ILE E 309 74.07 -36.78 5.34
N HIS E 310 74.24 -38.09 5.15
CA HIS E 310 73.20 -39.05 5.50
C HIS E 310 72.84 -38.98 6.98
N GLN E 311 73.86 -38.99 7.84
CA GLN E 311 73.60 -38.94 9.28
C GLN E 311 73.06 -37.59 9.71
N LEU E 312 73.51 -36.50 9.07
CA LEU E 312 72.96 -35.19 9.37
C LEU E 312 71.47 -35.12 9.06
N SER E 313 71.07 -35.65 7.90
CA SER E 313 69.66 -35.67 7.54
C SER E 313 68.87 -36.58 8.48
N LYS E 314 69.45 -37.72 8.87
CA LYS E 314 68.78 -38.61 9.81
C LYS E 314 68.57 -37.92 11.15
N GLU E 315 69.57 -37.18 11.63
CA GLU E 315 69.41 -36.45 12.88
C GLU E 315 68.39 -35.34 12.76
N LEU E 316 68.37 -34.63 11.61
CA LEU E 316 67.38 -33.59 11.40
C LEU E 316 65.96 -34.16 11.45
N ILE E 317 65.75 -35.30 10.79
CA ILE E 317 64.43 -35.94 10.85
C ILE E 317 64.12 -36.39 12.28
N ARG E 318 65.13 -36.94 12.98
CA ARG E 318 64.92 -37.43 14.33
C ARG E 318 64.58 -36.30 15.31
N LYS E 319 65.13 -35.11 15.07
CA LYS E 319 64.88 -33.96 15.93
C LYS E 319 63.60 -33.21 15.57
N ASP E 320 62.67 -33.87 14.88
CA ASP E 320 61.37 -33.30 14.53
C ASP E 320 61.52 -32.06 13.64
N PHE E 321 62.38 -32.16 12.64
CA PHE E 321 62.53 -31.11 11.64
C PHE E 321 62.03 -31.60 10.29
N ASN E 322 61.42 -30.68 9.54
CA ASN E 322 60.93 -30.98 8.20
C ASN E 322 61.95 -30.45 7.19
N ILE E 323 62.49 -31.34 6.37
CA ILE E 323 63.59 -31.02 5.46
C ILE E 323 63.00 -30.67 4.10
N VAL E 324 63.41 -29.52 3.56
CA VAL E 324 63.09 -29.12 2.19
C VAL E 324 64.40 -29.02 1.43
N SER E 325 64.52 -29.80 0.36
CA SER E 325 65.75 -29.87 -0.41
C SER E 325 65.45 -29.64 -1.89
N GLY E 326 66.38 -28.97 -2.55
CA GLY E 326 66.32 -28.73 -3.98
C GLY E 326 66.91 -29.85 -4.82
N PHE E 327 67.31 -30.97 -4.21
CA PHE E 327 67.91 -32.10 -4.91
C PHE E 327 69.13 -31.66 -5.72
N GLY E 328 70.05 -30.98 -5.04
CA GLY E 328 71.29 -30.58 -5.69
C GLY E 328 72.14 -31.77 -6.05
N LEU E 329 72.96 -31.59 -7.09
CA LEU E 329 73.81 -32.67 -7.58
C LEU E 329 74.87 -33.00 -6.54
N GLY E 330 74.86 -34.23 -6.04
CA GLY E 330 75.83 -34.68 -5.07
C GLY E 330 75.41 -34.55 -3.62
N VAL E 331 74.34 -33.82 -3.33
CA VAL E 331 73.88 -33.69 -1.95
C VAL E 331 72.46 -34.24 -1.79
N GLY E 332 71.67 -34.15 -2.86
CA GLY E 332 70.26 -34.50 -2.75
C GLY E 332 70.03 -35.99 -2.48
N SER E 333 70.78 -36.86 -3.16
CA SER E 333 70.57 -38.28 -3.00
C SER E 333 70.81 -38.72 -1.57
N PHE E 334 71.83 -38.17 -0.92
CA PHE E 334 72.21 -38.64 0.41
C PHE E 334 71.31 -38.08 1.50
N VAL E 335 70.82 -36.84 1.37
CA VAL E 335 69.79 -36.38 2.29
C VAL E 335 68.52 -37.19 2.11
N ILE E 336 68.18 -37.55 0.86
CA ILE E 336 67.05 -38.42 0.62
C ILE E 336 67.24 -39.76 1.33
N ASN E 337 68.45 -40.33 1.22
CA ASN E 337 68.74 -41.61 1.87
C ASN E 337 68.63 -41.50 3.38
N GLY E 338 69.13 -40.40 3.95
CA GLY E 338 69.02 -40.21 5.40
C GLY E 338 67.57 -40.11 5.84
N VAL E 339 66.76 -39.34 5.10
CA VAL E 339 65.34 -39.23 5.45
C VAL E 339 64.66 -40.58 5.34
N LEU E 340 64.97 -41.34 4.29
CA LEU E 340 64.36 -42.66 4.11
C LEU E 340 64.74 -43.59 5.25
N GLU E 341 66.01 -43.59 5.66
CA GLU E 341 66.43 -44.42 6.77
C GLU E 341 65.72 -44.01 8.07
N GLU E 342 65.58 -42.71 8.29
CA GLU E 342 64.93 -42.25 9.52
C GLU E 342 63.44 -42.58 9.52
N LEU E 343 62.79 -42.55 8.35
CA LEU E 343 61.35 -42.73 8.29
C LEU E 343 60.92 -44.18 8.07
N TYR E 344 61.67 -44.94 7.28
CA TYR E 344 61.33 -46.34 7.00
C TYR E 344 61.69 -47.18 8.23
N MET E 345 60.78 -47.17 9.21
CA MET E 345 60.99 -47.93 10.44
C MET E 345 59.67 -48.48 10.96
N GLY E 348 57.16 -48.24 6.77
CA GLY E 348 56.73 -46.86 6.84
C GLY E 348 56.63 -46.18 5.49
N THR E 349 56.02 -45.00 5.47
CA THR E 349 55.84 -44.22 4.25
C THR E 349 56.46 -42.84 4.42
N ILE E 350 56.68 -42.16 3.30
CA ILE E 350 57.26 -40.82 3.31
C ILE E 350 56.14 -39.82 3.55
N ASP E 351 56.11 -39.24 4.75
CA ASP E 351 55.16 -38.18 5.03
C ASP E 351 55.50 -36.95 4.19
N ASP E 352 54.47 -36.31 3.63
CA ASP E 352 54.69 -35.17 2.75
C ASP E 352 55.28 -33.99 3.50
N ASP E 353 54.98 -33.86 4.79
CA ASP E 353 55.50 -32.74 5.57
C ASP E 353 56.98 -32.93 5.93
N ARG E 354 57.39 -34.16 6.20
CA ARG E 354 58.75 -34.40 6.69
C ARG E 354 59.79 -34.09 5.61
N LEU E 355 59.52 -34.47 4.37
CA LEU E 355 60.49 -34.27 3.29
C LEU E 355 59.77 -33.72 2.06
N ILE E 356 60.10 -32.49 1.68
CA ILE E 356 59.59 -31.89 0.46
C ILE E 356 60.75 -31.80 -0.53
N LEU E 357 60.63 -32.51 -1.64
CA LEU E 357 61.66 -32.56 -2.67
C LEU E 357 61.24 -31.71 -3.85
N ARG E 358 62.13 -30.81 -4.27
CA ARG E 358 61.86 -29.89 -5.37
C ARG E 358 63.03 -29.91 -6.34
N PRO E 359 63.19 -30.98 -7.12
CA PRO E 359 64.25 -30.99 -8.14
C PRO E 359 64.02 -29.91 -9.18
N PHE E 360 65.09 -29.28 -9.60
CA PHE E 360 64.98 -28.18 -10.56
C PHE E 360 64.74 -28.73 -11.97
N PRO E 361 63.81 -28.12 -12.71
CA PRO E 361 63.63 -28.51 -14.11
C PRO E 361 64.89 -28.28 -14.92
N GLN E 362 65.15 -29.19 -15.85
CA GLN E 362 66.36 -29.16 -16.67
C GLN E 362 66.00 -28.73 -18.08
N GLY E 363 66.71 -27.73 -18.59
CA GLY E 363 66.50 -27.20 -19.92
C GLY E 363 66.37 -25.69 -19.91
N LYS E 364 66.15 -25.13 -21.10
CA LYS E 364 66.02 -23.69 -21.23
C LYS E 364 64.71 -23.19 -20.63
N LYS E 365 63.65 -23.98 -20.74
CA LYS E 365 62.36 -23.57 -20.18
C LYS E 365 62.40 -23.53 -18.66
N GLY E 366 63.09 -24.49 -18.04
CA GLY E 366 63.15 -24.52 -16.59
C GLY E 366 63.91 -23.34 -16.00
N GLU E 367 65.02 -22.96 -16.62
CA GLU E 367 65.84 -21.87 -16.09
C GLU E 367 65.10 -20.53 -16.10
N GLU E 368 64.09 -20.38 -16.94
CA GLU E 368 63.31 -19.14 -16.93
C GLU E 368 62.57 -18.96 -15.62
N GLN E 369 61.97 -20.04 -15.09
CA GLN E 369 61.23 -19.99 -13.84
C GLN E 369 62.05 -20.51 -12.67
N TRP E 370 63.34 -20.79 -12.87
CA TRP E 370 64.19 -21.27 -11.78
C TRP E 370 64.18 -20.33 -10.58
N ASP E 371 64.17 -19.01 -10.82
CA ASP E 371 64.23 -18.07 -9.71
C ASP E 371 62.96 -18.14 -8.86
N LYS E 372 61.79 -18.13 -9.50
CA LYS E 372 60.54 -18.23 -8.76
C LYS E 372 60.43 -19.59 -8.08
N TYR E 373 60.91 -20.65 -8.74
CA TYR E 373 60.92 -21.98 -8.13
C TYR E 373 61.76 -21.99 -6.86
N ARG E 374 62.94 -21.37 -6.91
CA ARG E 374 63.80 -21.29 -5.75
C ARG E 374 63.18 -20.48 -4.63
N ARG E 375 62.55 -19.35 -4.98
CA ARG E 375 61.91 -18.53 -3.95
C ARG E 375 60.75 -19.27 -3.29
N ASP E 376 59.92 -19.95 -4.08
CA ASP E 376 58.82 -20.73 -3.52
C ASP E 376 59.33 -21.86 -2.64
N MET E 377 60.42 -22.53 -3.08
CA MET E 377 60.99 -23.60 -2.28
C MET E 377 61.51 -23.08 -0.93
N ILE E 378 62.19 -21.93 -0.95
CA ILE E 378 62.77 -21.40 0.28
C ILE E 378 61.68 -20.84 1.20
N THR E 379 60.59 -20.31 0.65
CA THR E 379 59.55 -19.70 1.47
C THR E 379 58.96 -20.68 2.47
N ARG E 380 58.96 -21.98 2.15
CA ARG E 380 58.41 -22.98 3.03
C ARG E 380 59.24 -23.18 4.30
N THR E 381 60.45 -22.66 4.36
CA THR E 381 61.38 -22.93 5.45
C THR E 381 61.65 -21.66 6.26
N GLY E 382 62.28 -21.86 7.41
CA GLY E 382 62.68 -20.75 8.26
C GLY E 382 64.16 -20.80 8.63
N VAL E 383 64.79 -21.94 8.38
CA VAL E 383 66.22 -22.13 8.62
C VAL E 383 66.84 -22.69 7.35
N SER E 384 67.96 -22.10 6.94
CA SER E 384 68.70 -22.53 5.76
C SER E 384 70.05 -23.08 6.16
N ILE E 385 70.36 -24.30 5.73
CA ILE E 385 71.63 -24.95 6.00
C ILE E 385 72.35 -25.15 4.67
N PHE E 386 73.58 -24.66 4.58
CA PHE E 386 74.36 -24.70 3.36
C PHE E 386 75.54 -25.65 3.53
N LEU E 387 75.74 -26.52 2.55
CA LEU E 387 76.82 -27.50 2.57
C LEU E 387 77.56 -27.46 1.25
N TYR E 388 78.88 -27.35 1.31
CA TYR E 388 79.77 -27.40 0.15
C TYR E 388 79.37 -26.27 -0.80
N GLY E 389 78.96 -26.55 -2.03
CA GLY E 389 78.62 -25.50 -2.98
C GLY E 389 79.53 -25.48 -4.19
N ASN E 390 80.00 -26.66 -4.60
CA ASN E 390 80.92 -26.80 -5.72
C ASN E 390 80.29 -27.66 -6.81
N LYS E 391 80.41 -27.21 -8.05
CA LYS E 391 79.91 -27.92 -9.22
C LYS E 391 81.04 -28.10 -10.21
N ILE E 392 80.72 -28.71 -11.35
CA ILE E 392 81.67 -28.90 -12.44
C ILE E 392 81.09 -28.22 -13.68
N ASP E 393 81.86 -27.32 -14.28
CA ASP E 393 81.43 -26.57 -15.45
C ASP E 393 82.21 -26.95 -16.70
N LYS E 394 83.54 -26.89 -16.65
CA LYS E 394 84.40 -27.24 -17.78
C LYS E 394 85.45 -28.26 -17.39
N GLY E 395 85.08 -29.24 -16.58
CA GLY E 395 86.00 -30.25 -16.11
C GLY E 395 86.73 -29.91 -14.83
N GLN E 396 86.54 -28.70 -14.30
CA GLN E 396 87.20 -28.28 -13.08
C GLN E 396 86.16 -27.90 -12.03
N VAL E 397 86.52 -28.13 -10.76
CA VAL E 397 85.63 -27.83 -9.65
C VAL E 397 85.54 -26.31 -9.51
N VAL E 398 84.34 -25.76 -9.68
CA VAL E 398 84.09 -24.33 -9.56
C VAL E 398 82.99 -24.13 -8.53
N LYS E 399 83.19 -23.15 -7.63
CA LYS E 399 82.18 -22.86 -6.63
C LYS E 399 80.86 -22.47 -7.30
N ALA E 400 79.77 -23.03 -6.79
CA ALA E 400 78.46 -22.89 -7.43
C ALA E 400 77.91 -21.48 -7.24
N LYS E 401 76.93 -21.12 -8.07
CA LYS E 401 76.25 -19.84 -7.98
C LYS E 401 74.81 -19.95 -7.52
N GLY E 402 74.19 -21.14 -7.63
CA GLY E 402 72.84 -21.30 -7.13
C GLY E 402 72.76 -21.21 -5.62
N VAL E 403 73.80 -21.70 -4.93
CA VAL E 403 73.81 -21.63 -3.47
C VAL E 403 73.87 -20.18 -2.99
N GLN E 404 74.59 -19.33 -3.73
CA GLN E 404 74.62 -17.91 -3.39
C GLN E 404 73.24 -17.28 -3.53
N SER E 405 72.52 -17.63 -4.60
CA SER E 405 71.17 -17.12 -4.78
C SER E 405 70.25 -17.62 -3.68
N GLU E 406 70.41 -18.87 -3.30
CA GLU E 406 69.63 -19.40 -2.21
C GLU E 406 69.90 -18.58 -0.96
N PHE E 407 71.16 -18.37 -0.62
CA PHE E 407 71.52 -17.59 0.57
C PHE E 407 70.90 -16.20 0.51
N ASN E 408 70.95 -15.55 -0.66
CA ASN E 408 70.35 -14.23 -0.78
C ASN E 408 68.85 -14.27 -0.55
N ILE E 409 68.17 -15.27 -1.11
CA ILE E 409 66.72 -15.39 -0.91
C ILE E 409 66.42 -15.66 0.56
N SER E 410 67.20 -16.52 1.21
CA SER E 410 66.99 -16.81 2.62
C SER E 410 67.15 -15.55 3.47
N PHE E 411 68.17 -14.74 3.18
CA PHE E 411 68.35 -13.50 3.93
C PHE E 411 67.19 -12.53 3.67
N GLU E 412 66.74 -12.44 2.41
CA GLU E 412 65.63 -11.54 2.09
C GLU E 412 64.34 -11.94 2.79
N GLN E 413 64.18 -13.23 3.09
CA GLN E 413 63.00 -13.73 3.80
C GLN E 413 63.20 -13.79 5.29
N ASN E 414 64.31 -13.23 5.80
CA ASN E 414 64.61 -13.20 7.24
C ASN E 414 64.78 -14.60 7.81
N ASN E 415 65.19 -15.55 6.98
CA ASN E 415 65.44 -16.90 7.45
C ASN E 415 66.83 -16.99 8.09
N TYR E 416 66.93 -17.85 9.10
CA TYR E 416 68.23 -18.10 9.73
C TYR E 416 69.11 -18.88 8.76
N VAL E 417 70.35 -18.44 8.63
CA VAL E 417 71.33 -19.06 7.74
C VAL E 417 72.37 -19.76 8.58
N VAL E 418 72.66 -21.03 8.25
CA VAL E 418 73.64 -21.82 8.98
C VAL E 418 74.66 -22.36 7.98
N PRO E 419 75.60 -21.53 7.50
CA PRO E 419 76.63 -22.04 6.58
C PRO E 419 77.67 -22.83 7.34
N VAL E 420 77.92 -24.05 6.88
CA VAL E 420 78.92 -24.93 7.49
C VAL E 420 80.23 -24.69 6.75
N GLY E 421 81.14 -23.95 7.38
CA GLY E 421 82.41 -23.62 6.76
C GLY E 421 83.35 -24.79 6.60
N ALA E 422 83.18 -25.84 7.42
CA ALA E 422 84.03 -27.02 7.30
C ALA E 422 83.85 -27.69 5.95
N THR E 423 82.66 -27.57 5.36
CA THR E 423 82.41 -28.16 4.04
C THR E 423 83.09 -27.38 2.92
N GLY E 424 83.39 -26.11 3.14
CA GLY E 424 84.16 -25.33 2.18
C GLY E 424 83.34 -24.78 1.04
N TYR E 425 84.06 -24.17 0.09
CA TYR E 425 83.51 -23.63 -1.15
C TYR E 425 82.53 -22.51 -0.81
N ILE E 426 81.35 -22.47 -1.42
CA ILE E 426 80.39 -21.39 -1.17
C ILE E 426 79.93 -21.40 0.28
N ALA E 427 79.88 -22.58 0.91
CA ALA E 427 79.55 -22.64 2.32
C ALA E 427 80.58 -21.90 3.16
N LYS E 428 81.87 -22.11 2.87
CA LYS E 428 82.92 -21.40 3.59
C LYS E 428 82.87 -19.90 3.30
N ASP E 429 82.62 -19.52 2.04
CA ASP E 429 82.50 -18.10 1.71
C ASP E 429 81.35 -17.46 2.49
N LEU E 430 80.21 -18.15 2.55
CA LEU E 430 79.06 -17.63 3.28
C LEU E 430 79.34 -17.54 4.77
N TRP E 431 80.04 -18.54 5.33
CA TRP E 431 80.41 -18.48 6.73
C TRP E 431 81.31 -17.29 7.02
N ASN E 432 82.29 -17.04 6.14
CA ASN E 432 83.15 -15.88 6.31
C ASN E 432 82.36 -14.58 6.21
N LYS E 433 81.41 -14.52 5.27
CA LYS E 433 80.59 -13.32 5.14
C LYS E 433 79.74 -13.09 6.39
N VAL E 434 79.17 -14.15 6.94
CA VAL E 434 78.36 -14.02 8.16
C VAL E 434 79.23 -13.59 9.34
N ASN E 435 80.42 -14.19 9.47
CA ASN E 435 81.31 -13.80 10.56
C ASN E 435 81.83 -12.37 10.38
N GLU E 436 81.85 -11.87 9.14
CA GLU E 436 82.26 -10.49 8.92
C GLU E 436 81.32 -9.50 9.59
N GLU E 437 80.00 -9.75 9.48
CA GLU E 437 78.98 -8.95 10.15
C GLU E 437 78.05 -9.92 10.87
N PHE E 438 78.44 -10.31 12.09
CA PHE E 438 77.67 -11.29 12.84
C PHE E 438 76.41 -10.69 13.46
N GLU E 439 76.48 -9.43 13.91
CA GLU E 439 75.33 -8.80 14.54
C GLU E 439 74.20 -8.54 13.55
N THR E 440 74.54 -8.36 12.28
CA THR E 440 73.52 -8.11 11.27
C THR E 440 72.63 -9.34 11.07
N TYR E 441 73.22 -10.53 11.09
CA TYR E 441 72.47 -11.76 10.86
C TYR E 441 71.96 -12.39 12.15
N TYR E 442 72.70 -12.25 13.25
CA TYR E 442 72.31 -12.80 14.56
C TYR E 442 72.38 -11.71 15.62
N PRO E 443 71.44 -10.77 15.61
CA PRO E 443 71.44 -9.72 16.64
C PRO E 443 71.10 -10.30 18.01
N GLY E 444 71.81 -9.80 19.01
CA GLY E 444 71.60 -10.26 20.38
C GLY E 444 71.91 -11.73 20.58
N ALA E 445 72.98 -12.22 19.96
CA ALA E 445 73.36 -13.62 20.09
C ALA E 445 74.08 -13.86 21.41
N ASP E 446 73.87 -15.05 21.97
CA ASP E 446 74.51 -15.43 23.23
C ASP E 446 75.92 -15.95 22.96
N ALA E 447 76.63 -16.24 24.06
CA ALA E 447 77.98 -16.77 23.94
C ALA E 447 77.98 -18.16 23.33
N ARG E 448 77.01 -19.00 23.71
CA ARG E 448 76.93 -20.35 23.16
C ARG E 448 76.66 -20.33 21.67
N MET E 449 75.80 -19.41 21.22
CA MET E 449 75.53 -19.29 19.78
C MET E 449 76.78 -18.89 19.01
N LYS E 450 77.53 -17.92 19.54
CA LYS E 450 78.77 -17.50 18.89
C LYS E 450 79.78 -18.64 18.87
N LYS E 451 79.89 -19.40 19.97
CA LYS E 451 80.82 -20.52 20.01
C LYS E 451 80.44 -21.59 18.99
N LEU E 452 79.15 -21.90 18.87
CA LEU E 452 78.71 -22.89 17.89
C LEU E 452 78.96 -22.39 16.47
N PHE E 453 78.69 -21.11 16.20
CA PHE E 453 78.94 -20.59 14.86
C PHE E 453 80.43 -20.65 14.52
N GLY E 454 81.29 -20.32 15.48
CA GLY E 454 82.72 -20.43 15.24
C GLY E 454 83.16 -21.87 15.04
N GLU E 455 82.58 -22.80 15.80
CA GLU E 455 82.91 -24.21 15.66
C GLU E 455 82.40 -24.79 14.35
N LEU E 456 81.41 -24.16 13.73
CA LEU E 456 80.89 -24.64 12.45
C LEU E 456 81.96 -24.65 11.36
N ASN E 457 83.02 -23.85 11.51
CA ASN E 457 84.10 -23.79 10.53
C ASN E 457 85.35 -24.50 11.01
N ASN E 458 85.20 -25.63 11.71
CA ASN E 458 86.32 -26.40 12.22
C ASN E 458 86.45 -27.68 11.39
N GLU E 459 87.60 -27.84 10.73
CA GLU E 459 87.86 -29.03 9.94
C GLU E 459 88.37 -30.19 10.78
N ALA E 460 88.72 -29.97 12.04
CA ALA E 460 89.21 -31.03 12.92
C ALA E 460 88.08 -31.85 13.54
N LEU E 461 86.84 -31.40 13.42
CA LEU E 461 85.71 -32.14 13.98
C LEU E 461 85.41 -33.37 13.14
N SER E 462 84.97 -34.43 13.82
CA SER E 462 84.53 -35.64 13.14
C SER E 462 83.13 -35.44 12.57
N ILE E 463 82.57 -36.50 11.99
CA ILE E 463 81.20 -36.43 11.49
C ILE E 463 80.23 -36.20 12.64
N GLU E 464 80.36 -36.97 13.71
CA GLU E 464 79.44 -36.86 14.84
C GLU E 464 79.53 -35.49 15.50
N GLU E 465 80.75 -34.98 15.69
CA GLU E 465 80.92 -33.70 16.37
C GLU E 465 80.34 -32.56 15.55
N LEU E 466 80.63 -32.55 14.24
CA LEU E 466 80.10 -31.50 13.38
C LEU E 466 78.57 -31.57 13.30
N ILE E 467 78.02 -32.79 13.18
CA ILE E 467 76.57 -32.94 13.13
C ILE E 467 75.94 -32.47 14.43
N ASN E 468 76.53 -32.80 15.57
CA ASN E 468 75.99 -32.36 16.85
C ASN E 468 76.05 -30.85 16.97
N THR E 469 77.14 -30.23 16.50
CA THR E 469 77.24 -28.77 16.53
C THR E 469 76.14 -28.13 15.68
N ILE E 470 75.93 -28.66 14.47
CA ILE E 470 74.89 -28.13 13.60
C ILE E 470 73.51 -28.29 14.23
N ILE E 471 73.25 -29.47 14.80
CA ILE E 471 71.95 -29.75 15.41
C ILE E 471 71.71 -28.81 16.59
N GLU E 472 72.72 -28.62 17.43
CA GLU E 472 72.56 -27.75 18.59
C GLU E 472 72.34 -26.30 18.16
N PHE E 473 73.06 -25.84 17.14
CA PHE E 473 72.86 -24.49 16.64
C PHE E 473 71.44 -24.31 16.11
N VAL E 474 70.96 -25.28 15.31
CA VAL E 474 69.62 -25.18 14.75
C VAL E 474 68.57 -25.25 15.85
N GLU E 475 68.82 -26.04 16.89
CA GLU E 475 67.85 -26.17 17.98
C GLU E 475 67.79 -24.90 18.82
N ILE E 476 68.93 -24.28 19.10
CA ILE E 476 68.88 -23.03 19.85
C ILE E 476 68.30 -21.92 18.98
N LEU E 477 68.41 -22.04 17.65
CA LEU E 477 67.70 -21.11 16.78
C LEU E 477 66.19 -21.32 16.87
N SER E 478 65.75 -22.58 16.89
CA SER E 478 64.32 -22.89 16.87
C SER E 478 63.72 -22.78 18.27
N ASN E 479 64.20 -23.60 19.20
CA ASN E 479 63.68 -23.62 20.56
C ASN E 479 64.10 -22.37 21.33
N LYS F 5 27.63 -48.05 -14.00
CA LYS F 5 26.83 -46.87 -13.74
C LYS F 5 25.58 -47.21 -12.95
N MET F 6 25.12 -46.26 -12.15
CA MET F 6 23.93 -46.41 -11.32
C MET F 6 22.91 -45.34 -11.69
N ASN F 7 21.85 -45.24 -10.89
CA ASN F 7 20.77 -44.32 -11.19
C ASN F 7 21.27 -42.88 -11.21
N PRO F 8 20.67 -42.02 -12.03
CA PRO F 8 21.13 -40.62 -12.09
C PRO F 8 21.07 -39.91 -10.74
N ILE F 9 20.07 -40.23 -9.91
CA ILE F 9 20.04 -39.70 -8.55
C ILE F 9 21.26 -40.17 -7.77
N VAL F 10 21.60 -41.46 -7.90
CA VAL F 10 22.77 -42.00 -7.21
C VAL F 10 24.04 -41.35 -7.75
N GLU F 11 24.10 -41.10 -9.06
CA GLU F 11 25.28 -40.47 -9.63
C GLU F 11 25.44 -39.04 -9.13
N LEU F 12 24.35 -38.28 -9.06
CA LEU F 12 24.41 -36.92 -8.52
C LEU F 12 24.84 -36.94 -7.06
N PHE F 13 24.30 -37.87 -6.27
CA PHE F 13 24.70 -37.98 -4.88
C PHE F 13 26.18 -38.33 -4.75
N ILE F 14 26.66 -39.24 -5.61
CA ILE F 14 28.07 -39.62 -5.57
C ILE F 14 28.95 -38.43 -5.88
N LYS F 15 28.60 -37.66 -6.92
CA LYS F 15 29.39 -36.47 -7.25
C LYS F 15 29.40 -35.48 -6.10
N ASP F 16 28.22 -35.16 -5.56
CA ASP F 16 28.14 -34.16 -4.49
C ASP F 16 28.89 -34.62 -3.25
N PHE F 17 28.74 -35.89 -2.87
CA PHE F 17 29.39 -36.35 -1.64
C PHE F 17 30.89 -36.54 -1.83
N THR F 18 31.34 -36.91 -3.03
CA THR F 18 32.78 -36.92 -3.29
C THR F 18 33.34 -35.51 -3.18
N LYS F 19 32.61 -34.52 -3.71
CA LYS F 19 33.02 -33.13 -3.55
C LYS F 19 33.10 -32.75 -2.08
N GLU F 20 32.11 -33.17 -1.28
CA GLU F 20 32.12 -32.85 0.15
C GLU F 20 33.28 -33.51 0.88
N VAL F 21 33.56 -34.78 0.57
CA VAL F 21 34.62 -35.50 1.28
C VAL F 21 35.99 -34.97 0.90
N MET F 22 36.20 -34.64 -0.39
CA MET F 22 37.49 -34.10 -0.80
C MET F 22 37.81 -32.79 -0.12
N GLU F 23 36.81 -32.05 0.33
CA GLU F 23 37.00 -30.84 1.12
C GLU F 23 37.17 -31.14 2.61
N GLU F 24 37.07 -32.40 3.01
CA GLU F 24 37.22 -32.83 4.40
C GLU F 24 36.21 -32.13 5.31
N ASN F 25 34.98 -31.96 4.80
CA ASN F 25 33.89 -31.37 5.57
C ASN F 25 32.69 -32.32 5.61
N ALA F 26 32.94 -33.63 5.54
CA ALA F 26 31.91 -34.64 5.53
C ALA F 26 32.02 -35.51 6.77
N ALA F 27 30.88 -35.90 7.31
CA ALA F 27 30.80 -36.77 8.47
C ALA F 27 29.91 -37.96 8.14
N ILE F 28 30.12 -39.06 8.84
CA ILE F 28 29.35 -40.28 8.63
C ILE F 28 28.56 -40.58 9.89
N PHE F 29 27.25 -40.72 9.74
CA PHE F 29 26.39 -41.15 10.84
C PHE F 29 25.97 -42.59 10.57
N ALA F 30 26.53 -43.51 11.34
CA ALA F 30 26.28 -44.93 11.18
C ALA F 30 25.32 -45.42 12.24
N GLY F 31 24.24 -46.06 11.81
CA GLY F 31 23.30 -46.69 12.71
C GLY F 31 23.70 -48.12 13.01
N ALA F 32 22.82 -48.82 13.74
CA ALA F 32 23.06 -50.23 14.02
C ALA F 32 22.94 -51.09 12.77
N GLY F 33 22.16 -50.63 11.78
CA GLY F 33 21.97 -51.42 10.57
C GLY F 33 23.24 -51.63 9.79
N LEU F 34 24.22 -50.72 9.94
CA LEU F 34 25.49 -50.89 9.26
C LEU F 34 26.27 -52.08 9.82
N SER F 35 25.94 -52.54 11.02
CA SER F 35 26.61 -53.67 11.64
C SER F 35 25.76 -54.94 11.65
N MET F 36 24.61 -54.92 10.98
CA MET F 36 23.74 -56.09 10.98
C MET F 36 24.14 -57.12 9.94
N SER F 37 24.99 -56.76 8.98
CA SER F 37 25.50 -57.71 8.00
C SER F 37 26.82 -58.34 8.42
N VAL F 38 27.36 -57.95 9.57
CA VAL F 38 28.67 -58.43 9.98
C VAL F 38 28.57 -59.82 10.61
N GLY F 39 27.49 -60.07 11.35
CA GLY F 39 27.33 -61.36 12.00
C GLY F 39 26.67 -61.27 13.36
N TYR F 40 26.54 -60.05 13.88
CA TYR F 40 25.83 -59.84 15.13
C TYR F 40 24.36 -60.18 14.97
N VAL F 41 23.82 -60.93 15.93
CA VAL F 41 22.40 -61.28 15.87
C VAL F 41 21.56 -60.03 16.13
N SER F 42 20.32 -60.07 15.65
CA SER F 42 19.43 -58.91 15.76
C SER F 42 19.09 -58.62 17.22
N TRP F 43 18.88 -57.34 17.51
CA TRP F 43 18.54 -56.92 18.86
C TRP F 43 17.21 -57.51 19.31
N ALA F 44 16.27 -57.68 18.38
CA ALA F 44 15.02 -58.34 18.71
C ALA F 44 15.26 -59.80 19.10
N LYS F 45 16.18 -60.47 18.42
CA LYS F 45 16.51 -61.84 18.79
C LYS F 45 17.10 -61.90 20.20
N LEU F 46 17.95 -60.92 20.55
CA LEU F 46 18.50 -60.87 21.90
C LEU F 46 17.40 -60.62 22.92
N LEU F 47 16.44 -59.74 22.61
CA LEU F 47 15.36 -59.43 23.53
C LEU F 47 14.26 -60.48 23.55
N GLU F 48 14.30 -61.46 22.66
CA GLU F 48 13.26 -62.49 22.65
C GLU F 48 13.11 -63.20 23.99
N PRO F 49 14.16 -63.71 24.63
CA PRO F 49 13.97 -64.23 26.00
C PRO F 49 13.56 -63.14 26.99
N ILE F 50 14.05 -61.91 26.80
CA ILE F 50 13.64 -60.80 27.66
C ILE F 50 12.14 -60.55 27.52
N ALA F 51 11.63 -60.57 26.29
CA ALA F 51 10.20 -60.40 26.08
C ALA F 51 9.42 -61.57 26.66
N GLN F 52 9.95 -62.79 26.51
CA GLN F 52 9.24 -63.96 27.04
C GLN F 52 9.18 -63.95 28.57
N GLU F 53 10.17 -63.35 29.22
CA GLU F 53 10.16 -63.31 30.68
C GLU F 53 9.00 -62.50 31.22
N ILE F 54 8.66 -61.39 30.54
CA ILE F 54 7.60 -60.50 31.02
C ILE F 54 6.28 -60.87 30.37
N GLY F 55 6.25 -61.99 29.67
CA GLY F 55 5.02 -62.48 29.07
C GLY F 55 4.67 -61.89 27.72
N LEU F 56 5.56 -61.12 27.11
CA LEU F 56 5.32 -60.55 25.80
C LEU F 56 6.05 -61.37 24.73
N ASP F 57 5.87 -60.95 23.48
CA ASP F 57 6.50 -61.61 22.34
C ASP F 57 7.22 -60.55 21.52
N VAL F 58 8.53 -60.73 21.32
CA VAL F 58 9.32 -59.70 20.66
C VAL F 58 8.91 -59.55 19.20
N ASN F 59 8.38 -60.60 18.58
CA ASN F 59 7.93 -60.49 17.20
C ASN F 59 6.70 -59.59 17.08
N LYS F 60 5.85 -59.59 18.09
CA LYS F 60 4.66 -58.74 18.11
C LYS F 60 4.96 -57.33 18.61
N GLU F 61 6.19 -57.05 19.02
CA GLU F 61 6.58 -55.74 19.55
C GLU F 61 7.47 -55.02 18.62
N ASN F 62 7.15 -53.79 18.32
CA ASN F 62 7.98 -52.96 17.44
C ASN F 62 8.86 -51.99 18.20
N ASP F 63 8.40 -51.46 19.33
CA ASP F 63 9.19 -50.54 20.15
C ASP F 63 9.95 -51.37 21.18
N LEU F 64 11.19 -51.73 20.83
CA LEU F 64 12.00 -52.55 21.73
C LEU F 64 12.50 -51.75 22.94
N VAL F 65 12.58 -50.43 22.82
CA VAL F 65 12.95 -49.61 23.97
C VAL F 65 11.92 -49.75 25.07
N SER F 66 10.64 -49.68 24.72
CA SER F 66 9.59 -49.88 25.70
C SER F 66 9.57 -51.30 26.24
N LEU F 67 9.93 -52.28 25.41
CA LEU F 67 10.03 -53.67 25.87
C LEU F 67 11.10 -53.81 26.94
N ALA F 68 12.29 -53.24 26.69
CA ALA F 68 13.36 -53.29 27.68
C ALA F 68 12.97 -52.52 28.93
N GLN F 69 12.27 -51.40 28.78
CA GLN F 69 11.82 -50.65 29.94
C GLN F 69 10.82 -51.46 30.77
N TYR F 70 9.92 -52.18 30.11
CA TYR F 70 8.99 -53.04 30.82
C TYR F 70 9.73 -54.15 31.57
N TYR F 71 10.73 -54.74 30.93
CA TYR F 71 11.53 -55.77 31.59
C TYR F 71 12.22 -55.20 32.83
N CYS F 72 12.79 -54.01 32.72
CA CYS F 72 13.43 -53.38 33.87
C CYS F 72 12.42 -53.07 34.97
N ASN F 73 11.22 -52.64 34.58
CA ASN F 73 10.17 -52.38 35.56
C ASN F 73 9.78 -53.64 36.32
N GLU F 74 9.72 -54.77 35.61
CA GLU F 74 9.40 -56.04 36.25
C GLU F 74 10.51 -56.53 37.17
N ASN F 75 11.69 -55.91 37.14
CA ASN F 75 12.83 -56.33 37.95
C ASN F 75 13.36 -55.18 38.81
N GLN F 76 12.47 -54.28 39.23
CA GLN F 76 12.81 -53.16 40.12
C GLN F 76 13.88 -52.25 39.51
N GLY F 77 13.89 -52.13 38.19
CA GLY F 77 14.83 -51.24 37.53
C GLY F 77 16.21 -51.79 37.32
N ASN F 78 16.42 -53.10 37.50
CA ASN F 78 17.74 -53.69 37.35
C ASN F 78 18.03 -54.01 35.89
N ARG F 79 19.23 -53.67 35.44
CA ARG F 79 19.63 -53.83 34.05
C ARG F 79 20.72 -54.89 33.87
N GLY F 80 21.03 -55.68 34.90
CA GLY F 80 22.14 -56.61 34.81
C GLY F 80 21.99 -57.61 33.67
N ARG F 81 20.78 -58.12 33.47
CA ARG F 81 20.55 -59.11 32.42
C ARG F 81 20.79 -58.49 31.03
N ILE F 82 20.25 -57.30 30.79
CA ILE F 82 20.41 -56.65 29.50
C ILE F 82 21.87 -56.26 29.26
N ASN F 83 22.54 -55.78 30.32
CA ASN F 83 23.95 -55.46 30.21
C ASN F 83 24.77 -56.69 29.83
N GLN F 84 24.48 -57.82 30.48
CA GLN F 84 25.19 -59.05 30.16
C GLN F 84 24.90 -59.49 28.73
N ILE F 85 23.65 -59.34 28.29
CA ILE F 85 23.28 -59.75 26.94
C ILE F 85 24.05 -58.93 25.90
N ILE F 86 24.07 -57.61 26.07
CA ILE F 86 24.74 -56.77 25.07
C ILE F 86 26.25 -56.97 25.12
N LEU F 87 26.81 -57.15 26.31
CA LEU F 87 28.25 -57.42 26.42
C LEU F 87 28.61 -58.74 25.76
N ASP F 88 27.79 -59.77 25.95
CA ASP F 88 28.07 -61.06 25.34
C ASP F 88 27.94 -61.00 23.82
N GLU F 89 26.95 -60.27 23.31
CA GLU F 89 26.70 -60.27 21.87
C GLU F 89 27.66 -59.36 21.13
N PHE F 90 27.69 -58.07 21.48
CA PHE F 90 28.36 -57.09 20.65
C PHE F 90 29.87 -57.01 20.89
N SER F 91 30.41 -57.76 21.82
CA SER F 91 31.85 -57.81 22.04
C SER F 91 32.52 -58.99 21.36
N ARG F 92 31.77 -59.78 20.58
CA ARG F 92 32.35 -60.91 19.89
C ARG F 92 33.28 -60.44 18.77
N LYS F 93 34.21 -61.33 18.40
CA LYS F 93 35.17 -61.05 17.35
C LYS F 93 34.55 -61.44 16.01
N VAL F 94 34.32 -60.45 15.16
CA VAL F 94 33.70 -60.65 13.85
C VAL F 94 34.55 -59.96 12.79
N ASP F 95 34.65 -60.57 11.62
CA ASP F 95 35.40 -59.98 10.53
C ASP F 95 34.69 -58.74 10.00
N LEU F 96 35.47 -57.70 9.73
CA LEU F 96 34.92 -56.44 9.25
C LEU F 96 34.30 -56.61 7.87
N THR F 97 33.18 -55.93 7.66
CA THR F 97 32.56 -55.90 6.35
C THR F 97 33.28 -54.89 5.45
N GLU F 98 32.96 -54.94 4.16
CA GLU F 98 33.62 -54.05 3.21
C GLU F 98 33.25 -52.60 3.44
N ASN F 99 32.04 -52.33 3.92
CA ASN F 99 31.60 -50.95 4.15
C ASN F 99 32.48 -50.27 5.19
N HIS F 100 32.78 -50.95 6.30
CA HIS F 100 33.62 -50.35 7.32
C HIS F 100 35.02 -50.06 6.81
N LYS F 101 35.58 -50.98 6.03
CA LYS F 101 36.92 -50.77 5.47
C LYS F 101 36.94 -49.60 4.50
N ILE F 102 35.93 -49.49 3.65
CA ILE F 102 35.88 -48.36 2.70
C ILE F 102 35.73 -47.05 3.46
N LEU F 103 34.86 -47.01 4.47
CA LEU F 103 34.69 -45.80 5.25
C LEU F 103 35.96 -45.41 5.97
N ALA F 104 36.72 -46.41 6.47
CA ALA F 104 38.00 -46.13 7.09
C ALA F 104 38.99 -45.57 6.07
N ARG F 105 38.97 -46.10 4.84
CA ARG F 105 39.88 -45.60 3.81
C ARG F 105 39.54 -44.19 3.35
N LEU F 106 38.28 -43.76 3.51
CA LEU F 106 37.89 -42.44 3.06
C LEU F 106 38.43 -41.37 4.01
N PRO F 107 38.72 -40.17 3.49
CA PRO F 107 39.22 -39.09 4.35
C PRO F 107 38.11 -38.45 5.17
N ILE F 108 37.43 -39.24 6.00
CA ILE F 108 36.34 -38.76 6.84
C ILE F 108 36.86 -38.69 8.27
N HIS F 109 36.74 -37.52 8.88
CA HIS F 109 37.31 -37.26 10.20
C HIS F 109 36.27 -37.28 11.31
N THR F 110 34.99 -37.51 10.99
CA THR F 110 33.93 -37.47 12.00
C THR F 110 32.98 -38.62 11.77
N TYR F 111 32.83 -39.47 12.78
CA TYR F 111 31.84 -40.54 12.79
C TYR F 111 30.95 -40.37 14.01
N TRP F 112 29.65 -40.53 13.81
CA TRP F 112 28.68 -40.56 14.89
C TRP F 112 27.93 -41.88 14.80
N THR F 113 27.98 -42.67 15.86
CA THR F 113 27.44 -44.02 15.84
C THR F 113 26.42 -44.21 16.96
N THR F 114 25.33 -44.89 16.64
CA THR F 114 24.38 -45.37 17.64
C THR F 114 24.57 -46.84 17.96
N ALA F 115 25.59 -47.48 17.38
CA ALA F 115 25.91 -48.87 17.65
C ALA F 115 26.94 -48.98 18.75
N TYR F 116 26.82 -50.04 19.55
CA TYR F 116 27.71 -50.26 20.68
C TYR F 116 29.00 -50.99 20.29
N ASP F 117 28.99 -51.70 19.17
CA ASP F 117 30.16 -52.46 18.74
C ASP F 117 31.31 -51.51 18.36
N ARG F 118 32.49 -52.10 18.21
CA ARG F 118 33.71 -51.36 17.89
C ARG F 118 34.18 -51.62 16.46
N LEU F 119 33.25 -51.80 15.52
CA LEU F 119 33.62 -52.13 14.15
C LEU F 119 34.27 -50.95 13.45
N ILE F 120 33.75 -49.74 13.66
CA ILE F 120 34.36 -48.55 13.08
C ILE F 120 35.76 -48.35 13.64
N GLU F 121 35.92 -48.53 14.95
CA GLU F 121 37.23 -48.37 15.58
C GLU F 121 38.22 -49.38 15.01
N LYS F 122 37.80 -50.63 14.86
CA LYS F 122 38.69 -51.66 14.31
C LYS F 122 39.03 -51.38 12.85
N ALA F 123 38.05 -50.90 12.08
CA ALA F 123 38.32 -50.56 10.68
C ALA F 123 39.32 -49.41 10.57
N LEU F 124 39.20 -48.42 11.46
CA LEU F 124 40.16 -47.33 11.46
C LEU F 124 41.55 -47.80 11.92
N GLU F 125 41.59 -48.73 12.87
CA GLU F 125 42.86 -49.26 13.34
C GLU F 125 43.57 -50.05 12.25
N GLU F 126 42.82 -50.87 11.51
CA GLU F 126 43.43 -51.68 10.46
C GLU F 126 43.92 -50.86 9.28
N GLU F 127 43.55 -49.58 9.19
CA GLU F 127 44.07 -48.69 8.17
C GLU F 127 45.23 -47.83 8.69
N ASN F 128 45.78 -48.18 9.85
CA ASN F 128 46.86 -47.42 10.48
C ASN F 128 46.45 -45.97 10.72
N LYS F 129 45.20 -45.78 11.11
CA LYS F 129 44.66 -44.46 11.43
C LYS F 129 44.42 -44.35 12.93
N ILE F 130 44.70 -43.18 13.48
CA ILE F 130 44.47 -42.94 14.90
C ILE F 130 43.03 -42.49 15.09
N ALA F 131 42.27 -43.27 15.86
CA ALA F 131 40.86 -43.00 16.11
C ALA F 131 40.68 -42.53 17.54
N ASP F 132 39.98 -41.41 17.71
CA ASP F 132 39.68 -40.86 19.02
C ASP F 132 38.23 -41.20 19.33
N VAL F 133 38.02 -42.27 20.08
CA VAL F 133 36.69 -42.78 20.35
C VAL F 133 36.14 -42.10 21.60
N LYS F 134 34.92 -41.57 21.50
CA LYS F 134 34.30 -40.82 22.59
C LYS F 134 32.92 -41.38 22.85
N TYR F 135 32.70 -41.84 24.09
CA TYR F 135 31.37 -42.24 24.54
C TYR F 135 31.07 -41.75 25.95
N THR F 136 31.95 -40.94 26.53
CA THR F 136 31.76 -40.36 27.86
C THR F 136 31.91 -38.85 27.74
N VAL F 137 31.19 -38.13 28.61
CA VAL F 137 31.25 -36.67 28.61
C VAL F 137 32.66 -36.19 28.92
N LYS F 138 33.35 -36.89 29.82
CA LYS F 138 34.72 -36.52 30.16
C LYS F 138 35.65 -36.65 28.95
N GLN F 139 35.47 -37.69 28.14
CA GLN F 139 36.34 -37.93 27.00
C GLN F 139 36.29 -36.80 25.98
N LEU F 140 35.24 -35.97 26.01
CA LEU F 140 35.17 -34.82 25.11
C LEU F 140 36.22 -33.77 25.44
N ALA F 141 36.74 -33.76 26.67
CA ALA F 141 37.69 -32.74 27.10
C ALA F 141 39.12 -33.07 26.70
N THR F 142 39.39 -34.26 26.19
CA THR F 142 40.73 -34.67 25.76
C THR F 142 40.71 -35.06 24.31
N THR F 143 41.72 -34.62 23.56
CA THR F 143 41.86 -34.92 22.14
C THR F 143 43.15 -35.69 21.91
N LYS F 144 43.05 -36.77 21.16
CA LYS F 144 44.25 -37.52 20.78
C LYS F 144 45.10 -36.71 19.81
N VAL F 145 46.41 -36.79 19.97
CA VAL F 145 47.34 -36.06 19.11
C VAL F 145 47.49 -36.80 17.79
N LYS F 146 47.45 -36.04 16.70
CA LYS F 146 47.58 -36.56 15.34
C LYS F 146 46.49 -37.58 15.01
N ARG F 147 45.29 -37.36 15.52
CA ARG F 147 44.18 -38.27 15.24
C ARG F 147 43.68 -38.07 13.81
N ASP F 148 43.29 -39.16 13.16
CA ASP F 148 42.74 -39.09 11.82
C ASP F 148 41.24 -38.86 11.82
N ALA F 149 40.52 -39.49 12.74
CA ALA F 149 39.08 -39.35 12.85
C ALA F 149 38.67 -39.43 14.31
N VAL F 150 37.51 -38.85 14.61
CA VAL F 150 36.93 -38.92 15.94
C VAL F 150 35.60 -39.65 15.83
N VAL F 151 35.39 -40.65 16.69
CA VAL F 151 34.18 -41.47 16.70
C VAL F 151 33.41 -41.13 17.97
N TYR F 152 32.20 -40.62 17.80
CA TYR F 152 31.29 -40.32 18.90
C TYR F 152 30.30 -41.47 18.99
N LYS F 153 30.49 -42.35 19.97
CA LYS F 153 29.52 -43.41 20.26
C LYS F 153 28.50 -42.82 21.21
N MET F 154 27.43 -42.27 20.62
CA MET F 154 26.46 -41.49 21.39
C MET F 154 25.47 -42.34 22.16
N HIS F 155 25.47 -43.66 21.95
CA HIS F 155 24.62 -44.55 22.74
C HIS F 155 25.43 -45.44 23.68
N GLY F 156 26.72 -45.18 23.82
CA GLY F 156 27.57 -45.92 24.72
C GLY F 156 28.42 -46.95 24.00
N ASP F 157 29.30 -47.58 24.77
CA ASP F 157 30.24 -48.57 24.28
C ASP F 157 29.80 -49.97 24.72
N VAL F 158 30.28 -50.98 23.99
CA VAL F 158 29.96 -52.36 24.35
C VAL F 158 30.65 -52.75 25.64
N GLU F 159 31.86 -52.25 25.87
CA GLU F 159 32.61 -52.60 27.07
C GLU F 159 32.08 -51.91 28.31
N HIS F 160 31.13 -50.99 28.17
CA HIS F 160 30.47 -50.32 29.29
C HIS F 160 28.97 -50.48 29.13
N PRO F 161 28.47 -51.71 29.31
CA PRO F 161 27.04 -51.97 29.06
C PRO F 161 26.10 -51.16 29.93
N SER F 162 26.51 -50.80 31.15
CA SER F 162 25.61 -50.11 32.07
C SER F 162 25.29 -48.69 31.61
N GLU F 163 26.10 -48.11 30.72
CA GLU F 163 25.87 -46.76 30.23
C GLU F 163 25.29 -46.74 28.83
N ALA F 164 24.91 -47.90 28.29
CA ALA F 164 24.28 -47.97 26.98
C ALA F 164 22.85 -47.46 27.04
N VAL F 165 22.44 -46.74 25.99
CA VAL F 165 21.09 -46.21 25.89
C VAL F 165 20.20 -47.29 25.29
N LEU F 166 19.42 -47.97 26.13
CA LEU F 166 18.60 -49.09 25.69
C LEU F 166 17.13 -48.94 26.10
N ILE F 167 16.90 -48.38 27.28
CA ILE F 167 15.57 -48.33 27.87
C ILE F 167 15.06 -46.90 27.80
N LYS F 168 13.75 -46.73 28.09
CA LYS F 168 13.14 -45.41 28.03
C LYS F 168 13.73 -44.46 29.06
N ASP F 169 14.19 -44.98 30.19
CA ASP F 169 14.83 -44.12 31.19
C ASP F 169 16.09 -43.49 30.63
N ASP F 170 16.89 -44.26 29.89
CA ASP F 170 18.10 -43.73 29.29
C ASP F 170 17.78 -42.61 28.29
N TYR F 171 16.75 -42.81 27.46
CA TYR F 171 16.37 -41.77 26.50
C TYR F 171 15.83 -40.54 27.22
N GLU F 172 15.17 -40.69 28.32
CA GLU F 172 14.57 -39.60 29.03
C GLU F 172 15.59 -38.82 29.79
N LYS F 173 16.65 -39.45 30.23
CA LYS F 173 17.72 -38.76 30.92
C LYS F 173 18.90 -38.41 30.01
N TYR F 174 18.83 -38.76 28.72
CA TYR F 174 19.92 -38.43 27.79
C TYR F 174 20.09 -36.93 27.64
N SER F 175 18.98 -36.18 27.56
CA SER F 175 19.06 -34.75 27.32
C SER F 175 19.76 -34.02 28.47
N ILE F 176 19.79 -34.60 29.66
CA ILE F 176 20.47 -34.01 30.81
C ILE F 176 21.87 -34.58 30.98
N LYS F 177 22.00 -35.90 30.96
CA LYS F 177 23.29 -36.53 31.20
C LYS F 177 24.25 -36.29 30.04
N MET F 178 23.78 -36.48 28.81
CA MET F 178 24.61 -36.42 27.62
C MET F 178 24.35 -35.16 26.80
N ASP F 179 24.05 -34.05 27.49
CA ASP F 179 23.85 -32.78 26.80
C ASP F 179 25.05 -32.31 25.98
N PRO F 180 26.30 -32.45 26.44
CA PRO F 180 27.43 -32.07 25.57
C PRO F 180 27.46 -32.81 24.26
N TYR F 181 27.06 -34.09 24.25
CA TYR F 181 27.00 -34.82 22.99
C TYR F 181 25.90 -34.28 22.07
N ILE F 182 24.78 -33.86 22.66
CA ILE F 182 23.73 -33.22 21.87
C ILE F 182 24.24 -31.92 21.25
N LYS F 183 24.97 -31.12 22.03
CA LYS F 183 25.52 -29.88 21.50
C LYS F 183 26.54 -30.15 20.39
N ALA F 184 27.39 -31.17 20.59
CA ALA F 184 28.38 -31.52 19.57
C ALA F 184 27.71 -32.00 18.28
N LEU F 185 26.66 -32.82 18.41
CA LEU F 185 25.98 -33.31 17.22
C LEU F 185 25.24 -32.19 16.51
N SER F 186 24.66 -31.25 17.25
CA SER F 186 24.04 -30.10 16.62
C SER F 186 25.07 -29.27 15.86
N GLY F 187 26.23 -29.04 16.48
CA GLY F 187 27.28 -28.29 15.80
C GLY F 187 27.78 -28.98 14.54
N ASP F 188 27.92 -30.31 14.60
CA ASP F 188 28.33 -31.05 13.42
C ASP F 188 27.25 -31.02 12.33
N LEU F 189 25.98 -31.13 12.72
CA LEU F 189 24.90 -31.10 11.74
C LEU F 189 24.79 -29.73 11.08
N VAL F 190 25.15 -28.66 11.77
CA VAL F 190 25.12 -27.34 11.16
C VAL F 190 26.42 -26.96 10.46
N SER F 191 27.52 -27.66 10.76
CA SER F 191 28.81 -27.32 10.18
C SER F 191 29.37 -28.39 9.24
N LYS F 192 28.81 -29.59 9.21
CA LYS F 192 29.33 -30.67 8.38
C LYS F 192 28.20 -31.30 7.58
N THR F 193 28.58 -31.92 6.46
CA THR F 193 27.64 -32.62 5.61
C THR F 193 27.61 -34.09 6.00
N PHE F 194 26.48 -34.54 6.53
CA PHE F 194 26.35 -35.89 7.06
C PHE F 194 25.81 -36.85 6.01
N LEU F 195 26.25 -38.11 6.13
CA LEU F 195 25.70 -39.22 5.38
C LEU F 195 25.20 -40.25 6.39
N PHE F 196 23.89 -40.49 6.39
CA PHE F 196 23.28 -41.45 7.31
C PHE F 196 23.24 -42.82 6.64
N VAL F 197 23.97 -43.78 7.21
CA VAL F 197 24.03 -45.14 6.69
C VAL F 197 23.57 -46.09 7.79
N GLY F 198 22.62 -46.97 7.46
CA GLY F 198 22.13 -47.93 8.43
C GLY F 198 21.25 -47.34 9.51
N PHE F 199 20.75 -46.13 9.33
CA PHE F 199 19.95 -45.45 10.34
C PHE F 199 18.49 -45.45 9.91
N SER F 200 17.61 -45.86 10.83
CA SER F 200 16.18 -45.94 10.56
C SER F 200 15.43 -44.67 10.91
N PHE F 201 16.09 -43.70 11.54
CA PHE F 201 15.47 -42.42 11.91
C PHE F 201 14.26 -42.62 12.81
N THR F 202 14.33 -43.64 13.67
CA THR F 202 13.32 -43.87 14.70
C THR F 202 13.88 -43.67 16.10
N ASP F 203 15.04 -43.02 16.21
CA ASP F 203 15.68 -42.79 17.50
C ASP F 203 15.14 -41.51 18.11
N PRO F 204 14.60 -41.54 19.33
CA PRO F 204 14.07 -40.31 19.92
C PRO F 204 15.12 -39.21 20.10
N ASN F 205 16.36 -39.58 20.42
CA ASN F 205 17.40 -38.57 20.59
C ASN F 205 17.71 -37.87 19.28
N LEU F 206 17.83 -38.63 18.18
CA LEU F 206 18.11 -38.01 16.89
C LEU F 206 16.93 -37.17 16.43
N ASP F 207 15.70 -37.63 16.68
CA ASP F 207 14.54 -36.81 16.35
C ASP F 207 14.55 -35.50 17.13
N TYR F 208 14.89 -35.55 18.42
CA TYR F 208 14.97 -34.35 19.24
C TYR F 208 16.03 -33.39 18.71
N ILE F 209 17.21 -33.93 18.38
CA ILE F 209 18.31 -33.08 17.91
C ILE F 209 17.96 -32.45 16.56
N LEU F 210 17.38 -33.24 15.65
CA LEU F 210 17.01 -32.72 14.34
C LEU F 210 15.90 -31.67 14.47
N SER F 211 14.95 -31.89 15.38
CA SER F 211 13.90 -30.90 15.59
C SER F 211 14.46 -29.60 16.15
N ARG F 212 15.45 -29.70 17.05
CA ARG F 212 16.07 -28.49 17.57
C ARG F 212 16.84 -27.75 16.48
N VAL F 213 17.59 -28.48 15.65
CA VAL F 213 18.33 -27.83 14.56
C VAL F 213 17.37 -27.19 13.58
N ARG F 214 16.26 -27.86 13.26
CA ARG F 214 15.27 -27.29 12.36
C ARG F 214 14.66 -26.03 12.95
N SER F 215 14.28 -26.07 14.24
CA SER F 215 13.73 -24.89 14.88
C SER F 215 14.73 -23.74 14.88
N ALA F 216 16.02 -24.05 15.00
CA ALA F 216 17.02 -22.99 15.02
C ALA F 216 17.30 -22.40 13.64
N TYR F 217 17.24 -23.21 12.58
CA TYR F 217 17.74 -22.76 11.29
C TYR F 217 16.67 -22.63 10.19
N GLU F 218 15.42 -22.99 10.47
CA GLU F 218 14.29 -22.78 9.55
C GLU F 218 14.62 -23.43 8.21
N ARG F 219 14.50 -22.72 7.10
CA ARG F 219 14.74 -23.26 5.77
C ARG F 219 16.21 -23.23 5.37
N ASP F 220 17.08 -22.70 6.22
CA ASP F 220 18.50 -22.56 5.93
C ASP F 220 19.31 -23.71 6.52
N GLN F 221 18.66 -24.85 6.76
CA GLN F 221 19.37 -26.01 7.25
C GLN F 221 20.34 -26.54 6.21
N ARG F 222 21.45 -27.08 6.68
CA ARG F 222 22.44 -27.69 5.81
C ARG F 222 21.91 -28.99 5.23
N ARG F 223 22.13 -29.27 3.95
CA ARG F 223 21.71 -30.50 3.32
C ARG F 223 22.52 -31.66 3.71
N HIS F 224 21.87 -32.70 4.11
CA HIS F 224 22.47 -33.96 4.51
C HIS F 224 21.93 -35.07 3.61
N TYR F 225 22.57 -36.24 3.68
CA TYR F 225 22.18 -37.37 2.87
C TYR F 225 21.95 -38.59 3.74
N CYS F 226 21.00 -39.42 3.30
CA CYS F 226 20.72 -40.70 3.93
C CYS F 226 20.60 -41.76 2.85
N LEU F 227 20.92 -43.00 3.20
CA LEU F 227 20.78 -44.13 2.29
C LEU F 227 19.76 -45.09 2.88
N ILE F 228 18.65 -45.29 2.18
CA ILE F 228 17.56 -46.14 2.66
C ILE F 228 17.21 -47.14 1.58
N LYS F 229 17.07 -48.40 1.96
CA LYS F 229 16.65 -49.43 1.02
C LYS F 229 15.14 -49.40 0.83
N LYS F 230 14.70 -49.63 -0.40
CA LYS F 230 13.28 -49.64 -0.70
C LYS F 230 12.60 -50.85 -0.07
N GLU F 231 11.28 -50.74 0.11
CA GLU F 231 10.51 -51.82 0.68
C GLU F 231 10.45 -53.01 -0.27
N GLU F 232 10.57 -54.21 0.28
CA GLU F 232 10.53 -55.44 -0.48
C GLU F 232 9.27 -56.23 -0.13
N ARG F 233 8.68 -56.86 -1.15
CA ARG F 233 7.44 -57.60 -0.96
C ARG F 233 7.72 -58.88 -0.16
N ARG F 234 7.17 -58.96 1.03
CA ARG F 234 7.34 -60.16 1.84
C ARG F 234 6.54 -61.31 1.24
N PRO F 235 7.01 -62.55 1.42
CA PRO F 235 6.29 -63.70 0.83
C PRO F 235 4.85 -63.82 1.31
N ASP F 236 4.58 -63.54 2.58
CA ASP F 236 3.22 -63.66 3.09
C ASP F 236 2.34 -62.47 2.68
N GLU F 237 2.95 -61.31 2.44
CA GLU F 237 2.17 -60.11 2.18
C GLU F 237 1.50 -60.15 0.81
N LEU F 238 0.42 -59.38 0.69
CA LEU F 238 -0.29 -59.21 -0.57
C LEU F 238 0.23 -57.97 -1.30
N GLU F 239 -0.26 -57.77 -2.52
CA GLU F 239 0.15 -56.62 -3.31
C GLU F 239 -0.31 -55.31 -2.67
N ALA F 240 -1.53 -55.28 -2.12
CA ALA F 240 -2.05 -54.06 -1.52
C ALA F 240 -1.23 -53.66 -0.30
N ASP F 241 -0.86 -54.63 0.54
CA ASP F 241 -0.04 -54.32 1.71
C ASP F 241 1.34 -53.82 1.30
N PHE F 242 1.91 -54.41 0.24
CA PHE F 242 3.21 -53.95 -0.25
C PHE F 242 3.12 -52.51 -0.76
N GLU F 243 2.06 -52.20 -1.52
CA GLU F 243 1.89 -50.83 -2.01
C GLU F 243 1.68 -49.86 -0.86
N TYR F 244 0.94 -50.28 0.18
CA TYR F 244 0.75 -49.43 1.35
C TYR F 244 2.07 -49.17 2.05
N ARG F 245 2.91 -50.20 2.18
CA ARG F 245 4.23 -50.02 2.79
C ARG F 245 5.10 -49.09 1.94
N VAL F 246 5.02 -49.21 0.61
CA VAL F 246 5.79 -48.32 -0.26
C VAL F 246 5.35 -46.88 -0.08
N ARG F 247 4.03 -46.64 -0.03
CA ARG F 247 3.53 -45.29 0.20
C ARG F 247 3.94 -44.76 1.57
N LYS F 248 3.89 -45.62 2.59
CA LYS F 248 4.33 -45.21 3.92
C LYS F 248 5.80 -44.83 3.92
N GLN F 249 6.63 -45.58 3.21
CA GLN F 249 8.06 -45.23 3.13
C GLN F 249 8.26 -43.93 2.37
N GLU F 250 7.47 -43.68 1.32
CA GLU F 250 7.57 -42.42 0.60
C GLU F 250 7.22 -41.24 1.50
N LEU F 251 6.16 -41.38 2.30
CA LEU F 251 5.81 -40.32 3.25
C LEU F 251 6.90 -40.15 4.31
N PHE F 252 7.50 -41.25 4.74
CA PHE F 252 8.62 -41.18 5.67
C PHE F 252 9.80 -40.41 5.06
N ILE F 253 10.09 -40.51 3.79
CA ILE F 253 11.17 -39.77 3.20
C ILE F 253 10.96 -38.26 3.07
N SER F 254 9.77 -37.86 2.76
CA SER F 254 9.43 -36.47 2.71
C SER F 254 9.49 -35.78 4.09
N ASP F 255 9.11 -36.48 5.12
CA ASP F 255 9.25 -35.96 6.42
C ASP F 255 10.70 -35.77 6.76
N LEU F 256 11.57 -36.62 6.30
CA LEU F 256 13.00 -36.46 6.51
C LEU F 256 13.49 -35.26 5.79
N SER F 257 12.94 -34.98 4.63
CA SER F 257 13.28 -33.74 3.94
C SER F 257 12.86 -32.57 4.66
N ARG F 258 11.86 -32.71 5.50
CA ARG F 258 11.51 -31.60 6.36
C ARG F 258 12.68 -31.25 7.13
N PHE F 259 13.64 -32.17 7.28
CA PHE F 259 14.86 -31.76 7.95
C PHE F 259 16.01 -31.53 6.99
N ASN F 260 15.70 -31.30 5.70
CA ASN F 260 16.71 -31.08 4.66
C ASN F 260 17.65 -32.27 4.52
N ILE F 261 17.14 -33.47 4.74
CA ILE F 261 17.91 -34.71 4.59
C ILE F 261 17.38 -35.41 3.36
N LYS F 262 18.18 -35.42 2.29
CA LYS F 262 17.79 -36.08 1.05
C LYS F 262 18.08 -37.58 1.16
N THR F 263 17.11 -38.39 0.76
CA THR F 263 17.20 -39.84 0.89
C THR F 263 17.47 -40.46 -0.47
N ILE F 264 18.47 -41.33 -0.53
CA ILE F 264 18.78 -42.12 -1.71
C ILE F 264 18.18 -43.51 -1.51
N VAL F 265 17.24 -43.87 -2.36
CA VAL F 265 16.55 -45.15 -2.27
C VAL F 265 17.35 -46.19 -3.03
N LEU F 266 17.71 -47.27 -2.36
CA LEU F 266 18.56 -48.31 -2.90
C LEU F 266 17.78 -49.61 -3.04
N ASN F 267 18.06 -50.36 -4.11
CA ASN F 267 17.36 -51.62 -4.33
C ASN F 267 17.74 -52.66 -3.29
N ASN F 268 19.02 -52.70 -2.92
CA ASN F 268 19.50 -53.67 -1.94
C ASN F 268 20.62 -53.02 -1.12
N TYR F 269 21.10 -53.77 -0.12
CA TYR F 269 22.12 -53.24 0.77
C TYR F 269 23.52 -53.31 0.19
N ASN F 270 23.74 -54.07 -0.88
CA ASN F 270 25.04 -54.06 -1.54
C ASN F 270 25.28 -52.77 -2.30
N GLU F 271 24.21 -52.03 -2.65
CA GLU F 271 24.39 -50.74 -3.28
C GLU F 271 25.06 -49.73 -2.36
N ILE F 272 24.96 -49.91 -1.04
CA ILE F 272 25.76 -49.10 -0.13
C ILE F 272 27.24 -49.32 -0.39
N THR F 273 27.65 -50.59 -0.52
CA THR F 273 29.04 -50.90 -0.82
C THR F 273 29.44 -50.36 -2.19
N GLU F 274 28.55 -50.47 -3.18
CA GLU F 274 28.85 -49.95 -4.50
C GLU F 274 29.05 -48.44 -4.47
N ILE F 275 28.19 -47.72 -3.75
CA ILE F 275 28.31 -46.26 -3.66
C ILE F 275 29.61 -45.89 -2.94
N LEU F 276 29.92 -46.58 -1.84
CA LEU F 276 31.15 -46.29 -1.13
C LEU F 276 32.37 -46.56 -2.00
N GLN F 277 32.35 -47.65 -2.76
CA GLN F 277 33.46 -47.94 -3.68
C GLN F 277 33.58 -46.87 -4.74
N ARG F 278 32.45 -46.38 -5.26
CA ARG F 278 32.50 -45.34 -6.28
C ARG F 278 33.08 -44.05 -5.71
N ILE F 279 32.68 -43.68 -4.50
CA ILE F 279 33.23 -42.47 -3.87
C ILE F 279 34.73 -42.63 -3.62
N GLU F 280 35.14 -43.81 -3.14
CA GLU F 280 36.55 -44.06 -2.90
C GLU F 280 37.35 -43.99 -4.20
N ASN F 281 36.80 -44.55 -5.28
CA ASN F 281 37.47 -44.48 -6.57
C ASN F 281 37.58 -43.05 -7.08
N ASN F 282 36.51 -42.28 -6.93
CA ASN F 282 36.56 -40.88 -7.37
C ASN F 282 37.60 -40.09 -6.59
N ILE F 283 37.73 -40.36 -5.29
CA ILE F 283 38.74 -39.67 -4.49
C ILE F 283 40.15 -40.13 -4.88
N LYS F 284 40.32 -41.43 -5.09
CA LYS F 284 41.66 -41.99 -5.29
C LYS F 284 42.20 -41.67 -6.68
N THR F 285 41.34 -41.71 -7.70
CA THR F 285 41.81 -41.52 -9.08
C THR F 285 42.10 -40.07 -9.41
N LYS F 286 41.80 -39.13 -8.53
CA LYS F 286 42.14 -37.73 -8.76
C LYS F 286 43.63 -37.46 -8.69
N THR F 287 44.42 -38.42 -8.21
CA THR F 287 45.87 -38.32 -8.18
C THR F 287 46.43 -39.26 -9.25
N VAL F 288 47.15 -38.68 -10.21
CA VAL F 288 47.71 -39.41 -11.34
C VAL F 288 49.22 -39.53 -11.17
N PHE F 289 49.74 -40.74 -11.40
CA PHE F 289 51.16 -41.02 -11.34
C PHE F 289 51.72 -40.93 -12.76
N LEU F 290 52.49 -39.88 -13.02
CA LEU F 290 53.11 -39.68 -14.32
C LEU F 290 54.46 -40.36 -14.34
N SER F 291 54.63 -41.34 -15.22
CA SER F 291 55.83 -42.16 -15.29
C SER F 291 56.43 -42.10 -16.67
N GLY F 292 57.73 -42.29 -16.74
CA GLY F 292 58.41 -42.40 -18.02
C GLY F 292 59.78 -41.76 -17.97
N SER F 293 60.62 -42.21 -18.91
CA SER F 293 61.95 -41.66 -19.14
C SER F 293 62.24 -41.82 -20.62
N ALA F 294 62.78 -40.76 -21.23
CA ALA F 294 62.91 -40.73 -22.68
C ALA F 294 64.18 -40.00 -23.07
N VAL F 295 65.07 -40.69 -23.77
CA VAL F 295 66.18 -40.03 -24.46
C VAL F 295 65.84 -39.78 -25.93
N GLU F 296 65.22 -40.76 -26.59
CA GLU F 296 64.71 -40.61 -27.94
C GLU F 296 63.19 -40.69 -27.89
N TYR F 297 62.52 -39.68 -28.43
CA TYR F 297 61.07 -39.56 -28.31
C TYR F 297 60.34 -40.20 -29.50
N ASN F 298 60.69 -41.45 -29.80
CA ASN F 298 60.02 -42.27 -30.82
C ASN F 298 59.99 -41.49 -32.14
N HIS F 299 58.83 -41.37 -32.79
CA HIS F 299 58.76 -40.67 -34.07
C HIS F 299 58.83 -39.16 -33.89
N TRP F 300 58.23 -38.64 -32.83
CA TRP F 300 58.18 -37.20 -32.62
C TRP F 300 59.58 -36.65 -32.33
N GLU F 301 59.78 -35.38 -32.70
CA GLU F 301 61.04 -34.72 -32.42
C GLU F 301 61.15 -34.39 -30.93
N THR F 302 62.35 -33.96 -30.53
CA THR F 302 62.58 -33.66 -29.12
C THR F 302 61.71 -32.50 -28.65
N GLU F 303 61.74 -31.38 -29.36
CA GLU F 303 60.98 -30.20 -28.95
C GLU F 303 59.48 -30.48 -28.99
N HIS F 304 59.03 -31.20 -30.03
CA HIS F 304 57.61 -31.52 -30.13
C HIS F 304 57.13 -32.36 -28.96
N ALA F 305 57.93 -33.37 -28.58
CA ALA F 305 57.55 -34.23 -27.46
C ALA F 305 57.62 -33.46 -26.14
N GLU F 306 58.59 -32.57 -25.99
CA GLU F 306 58.66 -31.75 -24.78
C GLU F 306 57.43 -30.86 -24.66
N GLN F 307 57.02 -30.24 -25.76
CA GLN F 307 55.80 -29.42 -25.74
C GLN F 307 54.57 -30.28 -25.43
N PHE F 308 54.53 -31.49 -25.99
CA PHE F 308 53.42 -32.40 -25.72
C PHE F 308 53.33 -32.72 -24.23
N ILE F 309 54.46 -33.06 -23.61
CA ILE F 309 54.46 -33.41 -22.19
C ILE F 309 54.09 -32.18 -21.35
N HIS F 310 54.62 -31.01 -21.71
CA HIS F 310 54.31 -29.79 -21.00
C HIS F 310 52.81 -29.49 -21.03
N GLN F 311 52.21 -29.56 -22.21
CA GLN F 311 50.78 -29.27 -22.32
C GLN F 311 49.94 -30.35 -21.68
N LEU F 312 50.38 -31.61 -21.73
CA LEU F 312 49.65 -32.68 -21.04
C LEU F 312 49.62 -32.44 -19.54
N SER F 313 50.77 -32.06 -18.96
CA SER F 313 50.80 -31.77 -17.53
C SER F 313 49.98 -30.54 -17.19
N LYS F 314 50.02 -29.52 -18.06
CA LYS F 314 49.20 -28.33 -17.84
C LYS F 314 47.72 -28.68 -17.84
N GLU F 315 47.29 -29.53 -18.77
CA GLU F 315 45.89 -29.95 -18.82
C GLU F 315 45.52 -30.80 -17.60
N LEU F 316 46.45 -31.68 -17.16
CA LEU F 316 46.19 -32.47 -15.97
C LEU F 316 45.98 -31.58 -14.74
N ILE F 317 46.83 -30.57 -14.58
CA ILE F 317 46.65 -29.63 -13.47
C ILE F 317 45.35 -28.86 -13.64
N ARG F 318 45.03 -28.44 -14.86
CA ARG F 318 43.82 -27.67 -15.11
C ARG F 318 42.56 -28.48 -14.83
N LYS F 319 42.60 -29.79 -15.06
CA LYS F 319 41.46 -30.67 -14.83
C LYS F 319 41.36 -31.14 -13.39
N ASP F 320 41.97 -30.41 -12.44
CA ASP F 320 41.90 -30.71 -11.02
C ASP F 320 42.47 -32.10 -10.70
N PHE F 321 43.62 -32.40 -11.27
CA PHE F 321 44.35 -33.63 -10.96
C PHE F 321 45.64 -33.29 -10.24
N ASN F 322 46.02 -34.15 -9.29
CA ASN F 322 47.25 -34.01 -8.54
C ASN F 322 48.29 -34.95 -9.15
N ILE F 323 49.40 -34.39 -9.62
CA ILE F 323 50.41 -35.13 -10.36
C ILE F 323 51.49 -35.58 -9.40
N VAL F 324 51.80 -36.88 -9.43
CA VAL F 324 52.94 -37.44 -8.70
C VAL F 324 53.91 -37.99 -9.73
N SER F 325 55.14 -37.47 -9.71
CA SER F 325 56.15 -37.85 -10.69
C SER F 325 57.43 -38.28 -9.99
N GLY F 326 58.09 -39.27 -10.57
CA GLY F 326 59.38 -39.74 -10.10
C GLY F 326 60.56 -38.98 -10.65
N PHE F 327 60.33 -37.90 -11.40
CA PHE F 327 61.40 -37.10 -12.01
C PHE F 327 62.31 -37.96 -12.87
N GLY F 328 61.70 -38.70 -13.80
CA GLY F 328 62.47 -39.50 -14.72
C GLY F 328 63.29 -38.65 -15.67
N LEU F 329 64.40 -39.21 -16.14
CA LEU F 329 65.30 -38.47 -17.02
C LEU F 329 64.62 -38.22 -18.36
N GLY F 330 64.43 -36.95 -18.70
CA GLY F 330 63.82 -36.57 -19.95
C GLY F 330 62.33 -36.32 -19.91
N VAL F 331 61.65 -36.70 -18.83
CA VAL F 331 60.22 -36.46 -18.73
C VAL F 331 59.91 -35.56 -17.53
N GLY F 332 60.72 -35.66 -16.48
CA GLY F 332 60.42 -34.97 -15.24
C GLY F 332 60.46 -33.45 -15.37
N SER F 333 61.48 -32.93 -16.07
CA SER F 333 61.63 -31.49 -16.17
C SER F 333 60.43 -30.85 -16.86
N PHE F 334 59.89 -31.51 -17.89
CA PHE F 334 58.83 -30.90 -18.68
C PHE F 334 57.46 -31.01 -18.00
N VAL F 335 57.20 -32.10 -17.26
CA VAL F 335 55.99 -32.11 -16.44
C VAL F 335 56.09 -31.07 -15.33
N ILE F 336 57.30 -30.88 -14.77
CA ILE F 336 57.49 -29.82 -13.79
C ILE F 336 57.19 -28.46 -14.42
N ASN F 337 57.69 -28.23 -15.64
CA ASN F 337 57.44 -26.96 -16.32
C ASN F 337 55.95 -26.75 -16.58
N GLY F 338 55.24 -27.81 -17.00
CA GLY F 338 53.81 -27.70 -17.22
C GLY F 338 53.05 -27.37 -15.95
N VAL F 339 53.41 -28.03 -14.85
CA VAL F 339 52.76 -27.74 -13.57
C VAL F 339 53.04 -26.31 -13.14
N LEU F 340 54.29 -25.86 -13.32
CA LEU F 340 54.64 -24.49 -12.94
C LEU F 340 53.87 -23.47 -13.77
N GLU F 341 53.74 -23.71 -15.08
CA GLU F 341 52.98 -22.80 -15.92
C GLU F 341 51.51 -22.78 -15.51
N GLU F 342 50.95 -23.94 -15.18
CA GLU F 342 49.54 -23.99 -14.79
C GLU F 342 49.31 -23.32 -13.44
N LEU F 343 50.27 -23.41 -12.52
CA LEU F 343 50.07 -22.91 -11.17
C LEU F 343 50.54 -21.47 -10.98
N TYR F 344 51.63 -21.07 -11.64
CA TYR F 344 52.14 -19.71 -11.50
C TYR F 344 51.27 -18.76 -12.32
N MET F 345 50.15 -18.36 -11.71
CA MET F 345 49.21 -17.47 -12.36
C MET F 345 48.57 -16.52 -11.35
N GLY F 348 51.97 -16.95 -7.85
CA GLY F 348 51.48 -18.14 -7.19
C GLY F 348 52.57 -19.02 -6.62
N THR F 349 52.18 -20.01 -5.83
CA THR F 349 53.12 -20.93 -5.20
C THR F 349 52.74 -22.35 -5.56
N ILE F 350 53.68 -23.27 -5.36
CA ILE F 350 53.48 -24.68 -5.66
C ILE F 350 52.78 -25.33 -4.47
N ASP F 351 51.50 -25.64 -4.64
CA ASP F 351 50.77 -26.37 -3.61
C ASP F 351 51.34 -27.78 -3.49
N ASP F 352 51.51 -28.24 -2.24
CA ASP F 352 52.12 -29.55 -2.02
C ASP F 352 51.24 -30.68 -2.54
N ASP F 353 49.93 -30.48 -2.57
CA ASP F 353 49.03 -31.53 -3.05
C ASP F 353 49.04 -31.63 -4.57
N ARG F 354 49.16 -30.51 -5.27
CA ARG F 354 49.04 -30.52 -6.73
C ARG F 354 50.21 -31.27 -7.38
N LEU F 355 51.42 -31.08 -6.88
CA LEU F 355 52.60 -31.70 -7.48
C LEU F 355 53.47 -32.28 -6.38
N ILE F 356 53.62 -33.60 -6.36
CA ILE F 356 54.52 -34.29 -5.46
C ILE F 356 55.68 -34.84 -6.28
N LEU F 357 56.88 -34.34 -6.00
CA LEU F 357 58.08 -34.73 -6.74
C LEU F 357 58.91 -35.66 -5.88
N ARG F 358 59.27 -36.82 -6.44
CA ARG F 358 60.04 -37.84 -5.73
C ARG F 358 61.21 -38.28 -6.60
N PRO F 359 62.24 -37.45 -6.75
CA PRO F 359 63.43 -37.87 -7.49
C PRO F 359 64.10 -39.05 -6.80
N PHE F 360 64.59 -40.00 -7.60
CA PHE F 360 65.20 -41.19 -7.04
C PHE F 360 66.61 -40.88 -6.55
N PRO F 361 66.98 -41.37 -5.37
CA PRO F 361 68.36 -41.22 -4.90
C PRO F 361 69.33 -41.91 -5.85
N GLN F 362 70.50 -41.27 -6.04
CA GLN F 362 71.51 -41.75 -6.96
C GLN F 362 72.67 -42.34 -6.17
N GLY F 363 73.07 -43.56 -6.53
CA GLY F 363 74.15 -44.25 -5.88
C GLY F 363 73.75 -45.66 -5.49
N LYS F 364 74.70 -46.35 -4.86
CA LYS F 364 74.45 -47.73 -4.44
C LYS F 364 73.49 -47.78 -3.26
N LYS F 365 73.56 -46.79 -2.36
CA LYS F 365 72.67 -46.77 -1.22
C LYS F 365 71.22 -46.53 -1.63
N GLY F 366 71.01 -45.66 -2.63
CA GLY F 366 69.65 -45.37 -3.07
C GLY F 366 68.97 -46.56 -3.71
N GLU F 367 69.69 -47.32 -4.54
CA GLU F 367 69.10 -48.45 -5.25
C GLU F 367 68.63 -49.54 -4.30
N GLU F 368 69.18 -49.61 -3.08
CA GLU F 368 68.72 -50.60 -2.12
C GLU F 368 67.27 -50.35 -1.72
N GLN F 369 66.91 -49.08 -1.49
CA GLN F 369 65.56 -48.70 -1.10
C GLN F 369 64.74 -48.18 -2.27
N TRP F 370 65.26 -48.27 -3.50
CA TRP F 370 64.52 -47.81 -4.67
C TRP F 370 63.16 -48.48 -4.79
N ASP F 371 63.07 -49.77 -4.49
CA ASP F 371 61.81 -50.48 -4.63
C ASP F 371 60.76 -49.95 -3.67
N LYS F 372 61.12 -49.80 -2.40
CA LYS F 372 60.18 -49.25 -1.42
C LYS F 372 59.83 -47.80 -1.73
N TYR F 373 60.81 -47.04 -2.23
CA TYR F 373 60.56 -45.66 -2.64
C TYR F 373 59.53 -45.61 -3.76
N ARG F 374 59.68 -46.49 -4.75
CA ARG F 374 58.74 -46.55 -5.87
C ARG F 374 57.35 -46.97 -5.40
N ARG F 375 57.28 -47.96 -4.50
CA ARG F 375 55.97 -48.39 -4.00
C ARG F 375 55.28 -47.29 -3.22
N ASP F 376 56.03 -46.59 -2.36
CA ASP F 376 55.46 -45.48 -1.60
C ASP F 376 55.00 -44.36 -2.53
N MET F 377 55.78 -44.07 -3.57
CA MET F 377 55.41 -43.03 -4.52
C MET F 377 54.12 -43.40 -5.26
N ILE F 378 54.00 -44.66 -5.68
CA ILE F 378 52.83 -45.07 -6.45
C ILE F 378 51.59 -45.18 -5.55
N THR F 379 51.77 -45.52 -4.27
CA THR F 379 50.62 -45.70 -3.38
C THR F 379 49.78 -44.42 -3.27
N ARG F 380 50.41 -43.25 -3.43
CA ARG F 380 49.68 -41.99 -3.32
C ARG F 380 48.71 -41.77 -4.47
N THR F 381 48.78 -42.55 -5.54
CA THR F 381 48.01 -42.31 -6.74
C THR F 381 46.99 -43.43 -6.97
N GLY F 382 46.08 -43.17 -7.90
CA GLY F 382 45.09 -44.15 -8.30
C GLY F 382 45.07 -44.39 -9.78
N VAL F 383 45.71 -43.51 -10.54
CA VAL F 383 45.82 -43.62 -12.00
C VAL F 383 47.29 -43.49 -12.37
N SER F 384 47.78 -44.40 -13.21
CA SER F 384 49.15 -44.38 -13.68
C SER F 384 49.18 -44.12 -15.18
N ILE F 385 49.95 -43.10 -15.58
CA ILE F 385 50.12 -42.74 -16.98
C ILE F 385 51.57 -42.96 -17.36
N PHE F 386 51.80 -43.75 -18.41
CA PHE F 386 53.14 -44.13 -18.85
C PHE F 386 53.44 -43.48 -20.19
N LEU F 387 54.63 -42.88 -20.29
CA LEU F 387 55.06 -42.21 -21.50
C LEU F 387 56.46 -42.68 -21.86
N TYR F 388 56.64 -43.08 -23.12
CA TYR F 388 57.95 -43.47 -23.66
C TYR F 388 58.50 -44.63 -22.83
N GLY F 389 59.64 -44.49 -22.17
CA GLY F 389 60.20 -45.59 -21.42
C GLY F 389 61.54 -46.05 -21.96
N ASN F 390 62.31 -45.12 -22.51
CA ASN F 390 63.60 -45.42 -23.12
C ASN F 390 64.71 -44.65 -22.41
N LYS F 391 65.81 -45.35 -22.13
CA LYS F 391 66.98 -44.77 -21.48
C LYS F 391 68.21 -45.06 -22.34
N ILE F 392 69.37 -44.61 -21.85
CA ILE F 392 70.64 -44.87 -22.51
C ILE F 392 71.53 -45.61 -21.52
N ASP F 393 72.04 -46.76 -21.92
CA ASP F 393 72.89 -47.60 -21.08
C ASP F 393 74.33 -47.65 -21.56
N LYS F 394 74.54 -48.02 -22.83
CA LYS F 394 75.87 -48.12 -23.41
C LYS F 394 75.97 -47.32 -24.71
N GLY F 395 75.36 -46.14 -24.74
CA GLY F 395 75.35 -45.31 -25.93
C GLY F 395 74.21 -45.57 -26.88
N GLN F 396 73.37 -46.58 -26.61
CA GLN F 396 72.25 -46.92 -27.47
C GLN F 396 70.95 -46.83 -26.69
N VAL F 397 69.88 -46.45 -27.40
CA VAL F 397 68.57 -46.31 -26.78
C VAL F 397 68.04 -47.71 -26.45
N VAL F 398 67.83 -47.98 -25.16
CA VAL F 398 67.31 -49.25 -24.69
C VAL F 398 66.05 -48.99 -23.87
N LYS F 399 65.02 -49.80 -24.10
CA LYS F 399 63.79 -49.64 -23.35
C LYS F 399 64.05 -49.83 -21.86
N ALA F 400 63.48 -48.93 -21.05
CA ALA F 400 63.78 -48.88 -19.63
C ALA F 400 63.14 -50.06 -18.89
N LYS F 401 63.64 -50.30 -17.68
CA LYS F 401 63.10 -51.35 -16.82
C LYS F 401 62.39 -50.81 -15.60
N GLY F 402 62.65 -49.56 -15.20
CA GLY F 402 61.94 -48.99 -14.08
C GLY F 402 60.46 -48.77 -14.38
N VAL F 403 60.14 -48.42 -15.62
CA VAL F 403 58.75 -48.21 -16.00
C VAL F 403 57.97 -49.52 -15.90
N GLN F 404 58.60 -50.64 -16.23
CA GLN F 404 57.94 -51.93 -16.08
C GLN F 404 57.65 -52.23 -14.62
N SER F 405 58.59 -51.93 -13.73
CA SER F 405 58.36 -52.12 -12.30
C SER F 405 57.24 -51.21 -11.80
N GLU F 406 57.16 -49.99 -12.31
CA GLU F 406 56.10 -49.09 -11.91
C GLU F 406 54.76 -49.61 -12.39
N PHE F 407 54.71 -50.15 -13.61
CA PHE F 407 53.47 -50.74 -14.09
C PHE F 407 53.05 -51.93 -13.24
N ASN F 408 54.01 -52.78 -12.86
CA ASN F 408 53.70 -53.93 -12.01
C ASN F 408 53.16 -53.48 -10.66
N ILE F 409 53.79 -52.47 -10.05
CA ILE F 409 53.34 -51.96 -8.77
C ILE F 409 51.95 -51.35 -8.90
N SER F 410 51.70 -50.61 -9.98
CA SER F 410 50.39 -50.01 -10.20
C SER F 410 49.31 -51.09 -10.33
N PHE F 411 49.60 -52.16 -11.06
CA PHE F 411 48.64 -53.25 -11.18
C PHE F 411 48.41 -53.94 -9.84
N GLU F 412 49.48 -54.16 -9.07
CA GLU F 412 49.34 -54.80 -7.77
C GLU F 412 48.50 -53.98 -6.81
N GLN F 413 48.50 -52.66 -6.97
CA GLN F 413 47.71 -51.77 -6.14
C GLN F 413 46.33 -51.48 -6.71
N ASN F 414 45.95 -52.18 -7.78
CA ASN F 414 44.65 -52.00 -8.44
C ASN F 414 44.47 -50.60 -9.00
N ASN F 415 45.58 -49.94 -9.36
CA ASN F 415 45.51 -48.64 -9.98
C ASN F 415 45.21 -48.76 -11.47
N TYR F 416 44.47 -47.79 -11.99
CA TYR F 416 44.22 -47.74 -13.42
C TYR F 416 45.51 -47.39 -14.16
N VAL F 417 45.79 -48.13 -15.23
CA VAL F 417 46.99 -47.95 -16.03
C VAL F 417 46.58 -47.37 -17.38
N VAL F 418 47.25 -46.31 -17.80
CA VAL F 418 46.96 -45.64 -19.07
C VAL F 418 48.25 -45.56 -19.89
N PRO F 419 48.70 -46.66 -20.49
CA PRO F 419 49.91 -46.60 -21.32
C PRO F 419 49.59 -45.94 -22.66
N VAL F 420 50.38 -44.94 -23.01
CA VAL F 420 50.21 -44.23 -24.27
C VAL F 420 51.14 -44.91 -25.29
N GLY F 421 50.55 -45.71 -26.17
CA GLY F 421 51.33 -46.45 -27.14
C GLY F 421 51.96 -45.58 -28.22
N ALA F 422 51.39 -44.39 -28.47
CA ALA F 422 51.98 -43.50 -29.46
C ALA F 422 53.38 -43.07 -29.06
N THR F 423 53.66 -43.02 -27.77
CA THR F 423 55.00 -42.64 -27.31
C THR F 423 56.02 -43.76 -27.51
N GLY F 424 55.56 -45.00 -27.61
CA GLY F 424 56.44 -46.10 -27.96
C GLY F 424 57.23 -46.65 -26.78
N TYR F 425 58.11 -47.59 -27.11
CA TYR F 425 59.06 -48.20 -26.16
C TYR F 425 58.26 -48.98 -25.11
N ILE F 426 58.58 -48.83 -23.82
CA ILE F 426 57.89 -49.59 -22.78
C ILE F 426 56.42 -49.19 -22.73
N ALA F 427 56.10 -47.94 -23.05
CA ALA F 427 54.69 -47.54 -23.11
C ALA F 427 53.94 -48.32 -24.17
N LYS F 428 54.54 -48.49 -25.35
CA LYS F 428 53.91 -49.29 -26.40
C LYS F 428 53.81 -50.76 -26.00
N ASP F 429 54.85 -51.29 -25.36
CA ASP F 429 54.79 -52.68 -24.90
C ASP F 429 53.68 -52.88 -23.89
N LEU F 430 53.54 -51.93 -22.95
CA LEU F 430 52.47 -52.01 -21.95
C LEU F 430 51.11 -51.87 -22.59
N TRP F 431 50.96 -50.99 -23.59
CA TRP F 431 49.69 -50.87 -24.29
C TRP F 431 49.33 -52.16 -24.98
N ASN F 432 50.30 -52.79 -25.64
CA ASN F 432 50.05 -54.08 -26.28
C ASN F 432 49.67 -55.15 -25.26
N LYS F 433 50.34 -55.16 -24.11
CA LYS F 433 50.00 -56.11 -23.06
C LYS F 433 48.59 -55.90 -22.54
N VAL F 434 48.19 -54.65 -22.34
CA VAL F 434 46.84 -54.36 -21.86
C VAL F 434 45.81 -54.75 -22.90
N ASN F 435 46.07 -54.45 -24.17
CA ASN F 435 45.13 -54.82 -25.23
C ASN F 435 45.07 -56.34 -25.41
N GLU F 436 46.12 -57.06 -25.02
CA GLU F 436 46.09 -58.52 -25.10
C GLU F 436 45.02 -59.09 -24.18
N GLU F 437 44.91 -58.56 -22.96
CA GLU F 437 43.87 -58.95 -22.00
C GLU F 437 43.22 -57.68 -21.50
N PHE F 438 42.24 -57.17 -22.24
CA PHE F 438 41.60 -55.91 -21.88
C PHE F 438 40.61 -56.06 -20.74
N GLU F 439 39.90 -57.19 -20.70
CA GLU F 439 38.90 -57.39 -19.64
C GLU F 439 39.55 -57.55 -18.27
N THR F 440 40.78 -58.05 -18.23
CA THR F 440 41.47 -58.22 -16.95
C THR F 440 41.76 -56.88 -16.29
N TYR F 441 42.15 -55.89 -17.09
CA TYR F 441 42.50 -54.58 -16.55
C TYR F 441 41.33 -53.62 -16.52
N TYR F 442 40.41 -53.73 -17.46
CA TYR F 442 39.23 -52.86 -17.54
C TYR F 442 37.97 -53.70 -17.67
N PRO F 443 37.56 -54.38 -16.60
CA PRO F 443 36.33 -55.18 -16.67
C PRO F 443 35.10 -54.30 -16.81
N GLY F 444 34.17 -54.75 -17.64
CA GLY F 444 32.95 -54.00 -17.88
C GLY F 444 33.17 -52.64 -18.50
N ALA F 445 34.10 -52.54 -19.45
CA ALA F 445 34.39 -51.28 -20.11
C ALA F 445 33.35 -50.97 -21.17
N ASP F 446 33.06 -49.69 -21.34
CA ASP F 446 32.10 -49.25 -22.34
C ASP F 446 32.76 -49.14 -23.71
N ALA F 447 31.94 -48.83 -24.72
CA ALA F 447 32.46 -48.67 -26.07
C ALA F 447 33.38 -47.45 -26.17
N ARG F 448 33.01 -46.36 -25.50
CA ARG F 448 33.84 -45.16 -25.55
C ARG F 448 35.21 -45.40 -24.90
N MET F 449 35.23 -46.14 -23.80
CA MET F 449 36.50 -46.45 -23.15
C MET F 449 37.39 -47.30 -24.05
N LYS F 450 36.82 -48.29 -24.73
CA LYS F 450 37.60 -49.11 -25.66
C LYS F 450 38.11 -48.27 -26.83
N LYS F 451 37.27 -47.38 -27.35
CA LYS F 451 37.68 -46.52 -28.45
C LYS F 451 38.83 -45.61 -28.03
N LEU F 452 38.75 -45.03 -26.83
CA LEU F 452 39.82 -44.16 -26.36
C LEU F 452 41.11 -44.95 -26.14
N PHE F 453 41.00 -46.16 -25.58
CA PHE F 453 42.19 -46.97 -25.37
C PHE F 453 42.84 -47.34 -26.69
N GLY F 454 42.03 -47.68 -27.70
CA GLY F 454 42.58 -47.96 -29.02
C GLY F 454 43.21 -46.73 -29.65
N GLU F 455 42.59 -45.57 -29.48
CA GLU F 455 43.13 -44.33 -30.02
C GLU F 455 44.40 -43.89 -29.31
N LEU F 456 44.63 -44.38 -28.09
CA LEU F 456 45.85 -44.04 -27.36
C LEU F 456 47.12 -44.49 -28.10
N ASN F 457 47.01 -45.47 -28.99
CA ASN F 457 48.15 -45.99 -29.75
C ASN F 457 48.12 -45.51 -31.20
N ASN F 458 47.70 -44.28 -31.44
CA ASN F 458 47.64 -43.71 -32.77
C ASN F 458 48.75 -42.68 -32.92
N GLU F 459 49.65 -42.93 -33.88
CA GLU F 459 50.75 -42.00 -34.15
C GLU F 459 50.34 -40.86 -35.07
N ALA F 460 49.15 -40.92 -35.68
CA ALA F 460 48.70 -39.86 -36.56
C ALA F 460 48.07 -38.70 -35.81
N LEU F 461 47.80 -38.85 -34.52
CA LEU F 461 47.22 -37.77 -33.74
C LEU F 461 48.25 -36.68 -33.47
N SER F 462 47.77 -35.44 -33.42
CA SER F 462 48.62 -34.32 -33.06
C SER F 462 48.81 -34.28 -31.55
N ILE F 463 49.49 -33.24 -31.07
CA ILE F 463 49.66 -33.06 -29.63
C ILE F 463 48.32 -32.84 -28.96
N GLU F 464 47.52 -31.92 -29.50
CA GLU F 464 46.23 -31.60 -28.89
C GLU F 464 45.29 -32.80 -28.90
N GLU F 465 45.24 -33.54 -30.01
CA GLU F 465 44.33 -34.68 -30.10
C GLU F 465 44.72 -35.78 -29.12
N LEU F 466 46.01 -36.11 -29.05
CA LEU F 466 46.46 -37.14 -28.13
C LEU F 466 46.24 -36.73 -26.69
N ILE F 467 46.53 -35.46 -26.37
CA ILE F 467 46.31 -34.97 -25.01
C ILE F 467 44.84 -35.03 -24.64
N ASN F 468 43.96 -34.62 -25.57
CA ASN F 468 42.52 -34.69 -25.30
C ASN F 468 42.05 -36.12 -25.10
N THR F 469 42.58 -37.05 -25.90
CA THR F 469 42.22 -38.45 -25.72
C THR F 469 42.65 -38.96 -24.35
N ILE F 470 43.88 -38.64 -23.93
CA ILE F 470 44.36 -39.06 -22.62
C ILE F 470 43.51 -38.45 -21.52
N ILE F 471 43.20 -37.16 -21.63
CA ILE F 471 42.41 -36.47 -20.60
C ILE F 471 41.02 -37.07 -20.50
N GLU F 472 40.38 -37.34 -21.64
CA GLU F 472 39.04 -37.92 -21.62
C GLU F 472 39.06 -39.32 -21.03
N PHE F 473 40.07 -40.13 -21.36
CA PHE F 473 40.18 -41.47 -20.79
C PHE F 473 40.34 -41.39 -19.27
N VAL F 474 41.23 -40.51 -18.81
CA VAL F 474 41.46 -40.39 -17.36
C VAL F 474 40.20 -39.85 -16.67
N GLU F 475 39.47 -38.96 -17.32
CA GLU F 475 38.26 -38.41 -16.70
C GLU F 475 37.15 -39.44 -16.62
N ILE F 476 36.97 -40.26 -17.66
CA ILE F 476 35.96 -41.29 -17.57
C ILE F 476 36.39 -42.38 -16.59
N LEU F 477 37.69 -42.54 -16.38
CA LEU F 477 38.15 -43.41 -15.30
C LEU F 477 37.81 -42.83 -13.94
N SER F 478 37.99 -41.52 -13.76
CA SER F 478 37.78 -40.89 -12.46
C SER F 478 36.31 -40.57 -12.22
N ASN F 479 35.73 -39.74 -13.08
CA ASN F 479 34.33 -39.35 -12.93
C ASN F 479 33.39 -40.49 -13.29
N LYS G 5 -2.00 10.96 56.06
CA LYS G 5 -1.91 10.82 54.62
C LYS G 5 -0.47 10.89 54.14
N MET G 6 -0.19 10.20 53.03
CA MET G 6 1.13 10.16 52.43
C MET G 6 1.05 10.68 51.00
N ASN G 7 2.15 10.53 50.26
CA ASN G 7 2.24 11.06 48.91
C ASN G 7 1.17 10.42 48.02
N PRO G 8 0.67 11.16 47.03
CA PRO G 8 -0.36 10.58 46.13
C PRO G 8 0.08 9.31 45.43
N ILE G 9 1.37 9.21 45.08
CA ILE G 9 1.89 7.97 44.53
C ILE G 9 1.77 6.85 45.55
N VAL G 10 2.13 7.14 46.80
CA VAL G 10 2.01 6.15 47.86
C VAL G 10 0.56 5.77 48.09
N GLU G 11 -0.35 6.75 48.01
CA GLU G 11 -1.76 6.45 48.20
C GLU G 11 -2.30 5.56 47.08
N LEU G 12 -1.92 5.85 45.83
CA LEU G 12 -2.33 5.00 44.72
C LEU G 12 -1.78 3.58 44.88
N PHE G 13 -0.52 3.47 45.28
CA PHE G 13 0.07 2.15 45.51
C PHE G 13 -0.66 1.41 46.62
N ILE G 14 -1.01 2.12 47.70
CA ILE G 14 -1.72 1.49 48.81
C ILE G 14 -3.06 0.97 48.35
N LYS G 15 -3.81 1.79 47.59
CA LYS G 15 -5.10 1.34 47.09
C LYS G 15 -4.96 0.11 46.20
N ASP G 16 -4.04 0.17 45.23
CA ASP G 16 -3.88 -0.93 44.30
C ASP G 16 -3.44 -2.21 45.00
N PHE G 17 -2.49 -2.10 45.94
CA PHE G 17 -1.99 -3.30 46.60
C PHE G 17 -2.98 -3.84 47.62
N THR G 18 -3.77 -2.99 48.27
CA THR G 18 -4.86 -3.48 49.10
C THR G 18 -5.87 -4.24 48.25
N LYS G 19 -6.18 -3.72 47.07
CA LYS G 19 -7.06 -4.44 46.15
C LYS G 19 -6.47 -5.79 45.77
N GLU G 20 -5.16 -5.83 45.51
CA GLU G 20 -4.51 -7.09 45.14
C GLU G 20 -4.54 -8.09 46.30
N VAL G 21 -4.26 -7.63 47.52
CA VAL G 21 -4.18 -8.54 48.66
C VAL G 21 -5.56 -9.06 49.03
N MET G 22 -6.58 -8.20 48.97
CA MET G 22 -7.93 -8.65 49.29
C MET G 22 -8.41 -9.74 48.35
N GLU G 23 -7.88 -9.81 47.13
CA GLU G 23 -8.15 -10.90 46.20
C GLU G 23 -7.29 -12.12 46.45
N GLU G 24 -6.36 -12.04 47.40
CA GLU G 24 -5.45 -13.15 47.73
C GLU G 24 -4.62 -13.58 46.52
N ASN G 25 -4.19 -12.60 45.72
CA ASN G 25 -3.33 -12.83 44.57
C ASN G 25 -2.04 -12.02 44.66
N ALA G 26 -1.60 -11.72 45.88
CA ALA G 26 -0.43 -10.91 46.12
C ALA G 26 0.63 -11.74 46.82
N ALA G 27 1.89 -11.51 46.45
CA ALA G 27 3.03 -12.19 47.05
C ALA G 27 4.02 -11.13 47.54
N ILE G 28 4.83 -11.52 48.52
CA ILE G 28 5.82 -10.62 49.11
C ILE G 28 7.20 -11.18 48.81
N PHE G 29 8.05 -10.37 48.19
CA PHE G 29 9.45 -10.71 47.97
C PHE G 29 10.29 -9.89 48.94
N ALA G 30 10.82 -10.55 49.97
CA ALA G 30 11.59 -9.89 51.00
C ALA G 30 13.08 -10.16 50.78
N GLY G 31 13.87 -9.09 50.72
CA GLY G 31 15.31 -9.18 50.65
C GLY G 31 15.92 -9.23 52.04
N ALA G 32 17.27 -9.19 52.06
CA ALA G 32 17.97 -9.17 53.32
C ALA G 32 17.77 -7.83 54.05
N GLY G 33 17.50 -6.76 53.30
CA GLY G 33 17.33 -5.46 53.92
C GLY G 33 16.16 -5.39 54.87
N LEU G 34 15.14 -6.24 54.66
CA LEU G 34 14.01 -6.28 55.58
C LEU G 34 14.41 -6.80 56.96
N SER G 35 15.54 -7.50 57.06
CA SER G 35 16.02 -8.03 58.33
C SER G 35 17.21 -7.27 58.88
N MET G 36 17.58 -6.15 58.26
CA MET G 36 18.73 -5.38 58.73
C MET G 36 18.40 -4.44 59.88
N SER G 37 17.12 -4.18 60.13
CA SER G 37 16.70 -3.37 61.26
C SER G 37 16.40 -4.20 62.50
N VAL G 38 16.50 -5.52 62.40
CA VAL G 38 16.11 -6.38 63.52
C VAL G 38 17.23 -6.47 64.55
N GLY G 39 18.48 -6.46 64.10
CA GLY G 39 19.59 -6.55 65.02
C GLY G 39 20.75 -7.38 64.48
N TYR G 40 20.52 -8.06 63.37
CA TYR G 40 21.59 -8.80 62.71
C TYR G 40 22.63 -7.84 62.16
N VAL G 41 23.91 -8.14 62.41
CA VAL G 41 24.97 -7.29 61.89
C VAL G 41 25.05 -7.43 60.37
N SER G 42 25.61 -6.41 59.74
CA SER G 42 25.68 -6.38 58.28
C SER G 42 26.58 -7.48 57.74
N TRP G 43 26.24 -7.97 56.55
CA TRP G 43 27.02 -9.03 55.92
C TRP G 43 28.44 -8.57 55.62
N ALA G 44 28.61 -7.29 55.28
CA ALA G 44 29.96 -6.75 55.11
C ALA G 44 30.75 -6.78 56.41
N LYS G 45 30.09 -6.50 57.53
CA LYS G 45 30.77 -6.60 58.82
C LYS G 45 31.21 -8.02 59.11
N LEU G 46 30.37 -9.01 58.76
CA LEU G 46 30.75 -10.40 58.93
C LEU G 46 31.93 -10.77 58.04
N LEU G 47 31.93 -10.27 56.79
CA LEU G 47 33.00 -10.58 55.85
C LEU G 47 34.27 -9.75 56.09
N GLU G 48 34.22 -8.77 56.98
CA GLU G 48 35.41 -7.95 57.24
C GLU G 48 36.63 -8.79 57.64
N PRO G 49 36.55 -9.71 58.62
CA PRO G 49 37.71 -10.59 58.84
C PRO G 49 38.00 -11.49 57.65
N ILE G 50 36.96 -11.92 56.94
CA ILE G 50 37.15 -12.72 55.73
C ILE G 50 37.93 -11.94 54.69
N ALA G 51 37.57 -10.67 54.49
CA ALA G 51 38.32 -9.82 53.56
C ALA G 51 39.74 -9.59 54.03
N GLN G 52 39.92 -9.39 55.34
CA GLN G 52 41.27 -9.16 55.87
C GLN G 52 42.16 -10.37 55.72
N GLU G 53 41.59 -11.58 55.75
CA GLU G 53 42.40 -12.79 55.62
C GLU G 53 43.06 -12.86 54.24
N ILE G 54 42.35 -12.44 53.19
CA ILE G 54 42.85 -12.56 51.83
C ILE G 54 43.54 -11.26 51.41
N GLY G 55 43.73 -10.35 52.38
CA GLY G 55 44.44 -9.12 52.13
C GLY G 55 43.62 -7.99 51.54
N LEU G 56 42.30 -8.15 51.45
CA LEU G 56 41.42 -7.12 50.93
C LEU G 56 40.76 -6.37 52.09
N ASP G 57 39.95 -5.37 51.74
CA ASP G 57 39.22 -4.56 52.71
C ASP G 57 37.76 -4.54 52.30
N VAL G 58 36.88 -4.99 53.20
CA VAL G 58 35.46 -5.12 52.86
C VAL G 58 34.82 -3.77 52.60
N ASN G 59 35.35 -2.70 53.21
CA ASN G 59 34.81 -1.38 52.96
C ASN G 59 35.09 -0.91 51.54
N LYS G 60 36.23 -1.31 50.97
CA LYS G 60 36.59 -0.97 49.60
C LYS G 60 35.97 -1.92 48.58
N GLU G 61 35.26 -2.94 49.01
CA GLU G 61 34.66 -3.94 48.13
C GLU G 61 33.18 -3.81 48.10
N ASN G 62 32.60 -3.76 46.93
CA ASN G 62 31.15 -3.67 46.78
C ASN G 62 30.51 -5.01 46.43
N ASP G 63 31.19 -5.85 45.66
CA ASP G 63 30.69 -7.17 45.30
C ASP G 63 31.19 -8.17 46.34
N LEU G 64 30.36 -8.41 47.36
CA LEU G 64 30.74 -9.32 48.43
C LEU G 64 30.70 -10.78 47.98
N VAL G 65 29.93 -11.09 46.94
CA VAL G 65 29.92 -12.45 46.40
C VAL G 65 31.29 -12.81 45.86
N SER G 66 31.90 -11.89 45.10
CA SER G 66 33.25 -12.12 44.58
C SER G 66 34.27 -12.15 45.72
N LEU G 67 34.05 -11.38 46.79
CA LEU G 67 34.95 -11.42 47.94
C LEU G 67 34.92 -12.80 48.60
N ALA G 68 33.72 -13.34 48.82
CA ALA G 68 33.60 -14.68 49.40
C ALA G 68 34.18 -15.73 48.47
N GLN G 69 33.98 -15.56 47.16
CA GLN G 69 34.57 -16.49 46.20
C GLN G 69 36.09 -16.46 46.25
N TYR G 70 36.67 -15.26 46.37
CA TYR G 70 38.13 -15.15 46.51
C TYR G 70 38.61 -15.83 47.78
N TYR G 71 37.88 -15.63 48.88
CA TYR G 71 38.25 -16.30 50.12
C TYR G 71 38.22 -17.81 49.98
N CYS G 72 37.18 -18.34 49.31
CA CYS G 72 37.11 -19.78 49.10
C CYS G 72 38.24 -20.25 48.18
N ASN G 73 38.59 -19.45 47.18
CA ASN G 73 39.70 -19.82 46.30
C ASN G 73 41.01 -19.89 47.06
N GLU G 74 41.22 -18.96 48.00
CA GLU G 74 42.42 -18.98 48.82
C GLU G 74 42.46 -20.16 49.80
N ASN G 75 41.37 -20.89 49.95
CA ASN G 75 41.28 -22.01 50.88
C ASN G 75 40.86 -23.29 50.19
N GLN G 76 41.22 -23.45 48.91
CA GLN G 76 40.94 -24.65 48.13
C GLN G 76 39.45 -24.94 48.03
N GLY G 77 38.62 -23.90 48.03
CA GLY G 77 37.19 -24.07 47.87
C GLY G 77 36.44 -24.42 49.13
N ASN G 78 37.07 -24.32 50.30
CA ASN G 78 36.40 -24.70 51.55
C ASN G 78 35.56 -23.54 52.07
N ARG G 79 34.34 -23.88 52.50
CA ARG G 79 33.37 -22.89 52.97
C ARG G 79 33.09 -23.01 54.46
N GLY G 80 33.87 -23.78 55.21
CA GLY G 80 33.55 -24.00 56.62
C GLY G 80 33.50 -22.72 57.42
N ARG G 81 34.44 -21.80 57.17
CA ARG G 81 34.47 -20.55 57.93
C ARG G 81 33.24 -19.70 57.66
N ILE G 82 32.85 -19.58 56.38
CA ILE G 82 31.69 -18.77 56.03
C ILE G 82 30.41 -19.42 56.55
N ASN G 83 30.33 -20.75 56.47
CA ASN G 83 29.18 -21.45 57.02
C ASN G 83 29.05 -21.21 58.51
N GLN G 84 30.17 -21.30 59.23
CA GLN G 84 30.13 -21.04 60.67
C GLN G 84 29.73 -19.60 60.96
N ILE G 85 30.23 -18.65 60.16
CA ILE G 85 29.90 -17.24 60.38
C ILE G 85 28.41 -17.00 60.21
N ILE G 86 27.83 -17.51 59.12
CA ILE G 86 26.41 -17.26 58.88
C ILE G 86 25.55 -18.00 59.90
N LEU G 87 25.95 -19.21 60.29
CA LEU G 87 25.20 -19.94 61.31
C LEU G 87 25.25 -19.22 62.65
N ASP G 88 26.40 -18.67 63.02
CA ASP G 88 26.52 -17.96 64.29
C ASP G 88 25.72 -16.66 64.26
N GLU G 89 25.71 -15.96 63.12
CA GLU G 89 25.06 -14.65 63.09
C GLU G 89 23.55 -14.77 62.94
N PHE G 90 23.09 -15.43 61.87
CA PHE G 90 21.68 -15.35 61.51
C PHE G 90 20.80 -16.33 62.27
N SER G 91 21.35 -17.16 63.14
CA SER G 91 20.55 -18.04 63.98
C SER G 91 20.31 -17.48 65.38
N ARG G 92 20.76 -16.26 65.65
CA ARG G 92 20.56 -15.67 66.96
C ARG G 92 19.09 -15.34 67.18
N LYS G 93 18.70 -15.27 68.46
CA LYS G 93 17.33 -14.95 68.85
C LYS G 93 17.18 -13.44 68.90
N VAL G 94 16.35 -12.90 68.02
CA VAL G 94 16.12 -11.46 67.92
C VAL G 94 14.62 -11.21 67.91
N ASP G 95 14.20 -10.12 68.55
CA ASP G 95 12.80 -9.76 68.57
C ASP G 95 12.34 -9.32 67.18
N LEU G 96 11.15 -9.77 66.79
CA LEU G 96 10.61 -9.45 65.48
C LEU G 96 10.32 -7.97 65.36
N THR G 97 10.59 -7.42 64.18
CA THR G 97 10.24 -6.04 63.89
C THR G 97 8.75 -5.95 63.53
N GLU G 98 8.26 -4.71 63.49
CA GLU G 98 6.84 -4.50 63.20
C GLU G 98 6.49 -4.92 61.77
N ASN G 99 7.42 -4.78 60.83
CA ASN G 99 7.14 -5.13 59.45
C ASN G 99 6.82 -6.61 59.31
N HIS G 100 7.59 -7.47 59.95
CA HIS G 100 7.33 -8.91 59.87
C HIS G 100 5.96 -9.26 60.47
N LYS G 101 5.62 -8.65 61.60
CA LYS G 101 4.33 -8.92 62.22
C LYS G 101 3.17 -8.45 61.34
N ILE G 102 3.29 -7.27 60.72
CA ILE G 102 2.23 -6.79 59.84
C ILE G 102 2.09 -7.70 58.63
N LEU G 103 3.22 -8.10 58.04
CA LEU G 103 3.17 -8.99 56.88
C LEU G 103 2.55 -10.33 57.25
N ALA G 104 2.84 -10.83 58.45
CA ALA G 104 2.21 -12.06 58.90
C ALA G 104 0.71 -11.88 59.09
N ARG G 105 0.28 -10.71 59.58
CA ARG G 105 -1.14 -10.47 59.77
C ARG G 105 -1.88 -10.30 58.45
N LEU G 106 -1.19 -9.92 57.38
CA LEU G 106 -1.85 -9.72 56.10
C LEU G 106 -2.20 -11.06 55.45
N PRO G 107 -3.28 -11.12 54.68
CA PRO G 107 -3.65 -12.38 54.01
C PRO G 107 -2.79 -12.68 52.80
N ILE G 108 -1.48 -12.79 53.01
CA ILE G 108 -0.53 -13.07 51.94
C ILE G 108 -0.09 -14.52 52.07
N HIS G 109 -0.26 -15.28 51.00
CA HIS G 109 -0.01 -16.72 51.02
C HIS G 109 1.33 -17.11 50.38
N THR G 110 2.09 -16.15 49.86
CA THR G 110 3.32 -16.46 49.16
C THR G 110 4.40 -15.48 49.58
N TYR G 111 5.49 -16.00 50.12
CA TYR G 111 6.68 -15.21 50.43
C TYR G 111 7.87 -15.81 49.70
N TRP G 112 8.69 -14.95 49.11
CA TRP G 112 9.96 -15.34 48.52
C TRP G 112 11.06 -14.54 49.18
N THR G 113 12.02 -15.21 49.78
CA THR G 113 13.03 -14.56 50.60
C THR G 113 14.42 -14.91 50.10
N THR G 114 15.31 -13.92 50.05
CA THR G 114 16.73 -14.13 49.84
C THR G 114 17.51 -14.09 51.14
N ALA G 115 16.85 -13.94 52.27
CA ALA G 115 17.48 -13.93 53.58
C ALA G 115 17.49 -15.33 54.18
N TYR G 116 18.55 -15.63 54.92
CA TYR G 116 18.70 -16.94 55.53
C TYR G 116 18.02 -17.06 56.88
N ASP G 117 17.73 -15.95 57.54
CA ASP G 117 17.11 -15.97 58.84
C ASP G 117 15.67 -16.49 58.76
N ARG G 118 15.10 -16.80 59.92
CA ARG G 118 13.76 -17.35 60.02
C ARG G 118 12.77 -16.33 60.61
N LEU G 119 12.94 -15.05 60.29
CA LEU G 119 12.08 -14.02 60.87
C LEU G 119 10.67 -14.09 60.32
N ILE G 120 10.53 -14.34 59.01
CA ILE G 120 9.20 -14.50 58.42
C ILE G 120 8.50 -15.72 59.00
N GLU G 121 9.23 -16.82 59.15
CA GLU G 121 8.64 -18.02 59.73
C GLU G 121 8.18 -17.78 61.16
N LYS G 122 9.00 -17.10 61.96
CA LYS G 122 8.62 -16.82 63.34
C LYS G 122 7.43 -15.86 63.40
N ALA G 123 7.39 -14.87 62.51
CA ALA G 123 6.26 -13.96 62.48
C ALA G 123 4.97 -14.68 62.11
N LEU G 124 5.05 -15.62 61.17
CA LEU G 124 3.86 -16.40 60.83
C LEU G 124 3.46 -17.34 61.96
N GLU G 125 4.44 -17.90 62.67
CA GLU G 125 4.13 -18.76 63.80
C GLU G 125 3.45 -18.00 64.93
N GLU G 126 3.92 -16.79 65.24
CA GLU G 126 3.34 -16.02 66.32
C GLU G 126 1.94 -15.52 66.00
N GLU G 127 1.49 -15.61 64.75
CA GLU G 127 0.13 -15.29 64.37
C GLU G 127 -0.76 -16.51 64.29
N ASN G 128 -0.29 -17.65 64.82
CA ASN G 128 -1.03 -18.92 64.76
C ASN G 128 -1.35 -19.30 63.32
N LYS G 129 -0.40 -19.06 62.42
CA LYS G 129 -0.53 -19.41 61.02
C LYS G 129 0.43 -20.55 60.68
N ILE G 130 -0.03 -21.47 59.85
CA ILE G 130 0.80 -22.59 59.42
C ILE G 130 1.64 -22.16 58.22
N ALA G 131 2.95 -22.19 58.37
CA ALA G 131 3.89 -21.77 57.34
C ALA G 131 4.59 -22.98 56.75
N ASP G 132 4.57 -23.08 55.43
CA ASP G 132 5.24 -24.16 54.71
C ASP G 132 6.54 -23.60 54.14
N VAL G 133 7.63 -23.81 54.86
CA VAL G 133 8.92 -23.22 54.50
C VAL G 133 9.64 -24.16 53.55
N LYS G 134 10.12 -23.62 52.43
CA LYS G 134 10.76 -24.40 51.39
C LYS G 134 12.11 -23.78 51.04
N TYR G 135 13.18 -24.57 51.21
CA TYR G 135 14.50 -24.15 50.75
C TYR G 135 15.24 -25.30 50.08
N THR G 136 14.60 -26.44 49.88
CA THR G 136 15.17 -27.59 49.20
C THR G 136 14.27 -27.99 48.05
N VAL G 137 14.88 -28.54 47.00
CA VAL G 137 14.10 -28.96 45.83
C VAL G 137 13.11 -30.06 46.23
N LYS G 138 13.52 -30.95 47.13
CA LYS G 138 12.63 -32.03 47.57
C LYS G 138 11.41 -31.46 48.29
N GLN G 139 11.59 -30.42 49.10
CA GLN G 139 10.49 -29.85 49.86
C GLN G 139 9.38 -29.31 48.98
N LEU G 140 9.66 -29.02 47.71
CA LEU G 140 8.62 -28.57 46.79
C LEU G 140 7.60 -29.66 46.49
N ALA G 141 7.95 -30.93 46.69
CA ALA G 141 7.06 -32.04 46.37
C ALA G 141 6.05 -32.34 47.48
N THR G 142 6.19 -31.72 48.64
CA THR G 142 5.28 -31.94 49.75
C THR G 142 4.66 -30.61 50.17
N THR G 143 3.36 -30.63 50.43
CA THR G 143 2.62 -29.45 50.85
C THR G 143 2.02 -29.69 52.23
N LYS G 144 2.19 -28.72 53.12
CA LYS G 144 1.57 -28.81 54.44
C LYS G 144 0.06 -28.66 54.33
N VAL G 145 -0.66 -29.43 55.13
CA VAL G 145 -2.12 -29.39 55.11
C VAL G 145 -2.60 -28.17 55.89
N LYS G 146 -3.58 -27.46 55.31
CA LYS G 146 -4.17 -26.27 55.92
C LYS G 146 -3.13 -25.17 56.17
N ARG G 147 -2.16 -25.06 55.26
CA ARG G 147 -1.15 -24.02 55.41
C ARG G 147 -1.73 -22.65 55.04
N ASP G 148 -1.29 -21.62 55.77
CA ASP G 148 -1.73 -20.27 55.49
C ASP G 148 -0.86 -19.57 54.44
N ALA G 149 0.44 -19.80 54.50
CA ALA G 149 1.37 -19.20 53.56
C ALA G 149 2.51 -20.18 53.29
N VAL G 150 3.16 -20.00 52.14
CA VAL G 150 4.33 -20.79 51.77
C VAL G 150 5.50 -19.83 51.62
N VAL G 151 6.62 -20.16 52.28
CA VAL G 151 7.83 -19.34 52.25
C VAL G 151 8.89 -20.09 51.45
N TYR G 152 9.32 -19.48 50.36
CA TYR G 152 10.40 -20.01 49.53
C TYR G 152 11.68 -19.27 49.90
N LYS G 153 12.54 -19.94 50.66
CA LYS G 153 13.87 -19.39 50.97
C LYS G 153 14.78 -19.82 49.83
N MET G 154 14.88 -18.96 48.81
CA MET G 154 15.55 -19.32 47.58
C MET G 154 17.06 -19.23 47.66
N HIS G 155 17.61 -18.69 48.75
CA HIS G 155 19.05 -18.66 48.96
C HIS G 155 19.50 -19.60 50.07
N GLY G 156 18.61 -20.43 50.58
CA GLY G 156 18.94 -21.39 51.62
C GLY G 156 18.48 -20.93 52.99
N ASP G 157 18.65 -21.84 53.95
CA ASP G 157 18.26 -21.62 55.33
C ASP G 157 19.49 -21.39 56.19
N VAL G 158 19.28 -20.74 57.34
CA VAL G 158 20.36 -20.50 58.28
C VAL G 158 20.85 -21.80 58.90
N GLU G 159 19.93 -22.73 59.17
CA GLU G 159 20.31 -23.99 59.80
C GLU G 159 21.01 -24.94 58.84
N HIS G 160 21.09 -24.60 57.55
CA HIS G 160 21.81 -25.38 56.55
C HIS G 160 22.80 -24.44 55.85
N PRO G 161 23.84 -24.01 56.55
CA PRO G 161 24.76 -23.01 55.98
C PRO G 161 25.48 -23.49 54.72
N SER G 162 25.71 -24.79 54.57
CA SER G 162 26.46 -25.28 53.43
C SER G 162 25.72 -25.13 52.12
N GLU G 163 24.39 -24.97 52.16
CA GLU G 163 23.58 -24.82 50.96
C GLU G 163 23.16 -23.39 50.71
N ALA G 164 23.69 -22.44 51.47
CA ALA G 164 23.38 -21.04 51.27
C ALA G 164 24.11 -20.51 50.04
N VAL G 165 23.42 -19.63 49.29
CA VAL G 165 23.99 -19.03 48.09
C VAL G 165 24.77 -17.80 48.52
N LEU G 166 26.09 -17.91 48.57
CA LEU G 166 26.94 -16.82 49.06
C LEU G 166 28.05 -16.48 48.09
N ILE G 167 28.61 -17.48 47.41
CA ILE G 167 29.78 -17.30 46.57
C ILE G 167 29.36 -17.40 45.10
N LYS G 168 30.29 -17.03 44.22
CA LYS G 168 30.01 -17.03 42.78
C LYS G 168 29.72 -18.43 42.26
N ASP G 169 30.32 -19.46 42.87
CA ASP G 169 30.04 -20.83 42.46
C ASP G 169 28.58 -21.19 42.70
N ASP G 170 28.03 -20.74 43.84
CA ASP G 170 26.62 -21.01 44.13
C ASP G 170 25.71 -20.34 43.10
N TYR G 171 26.02 -19.09 42.74
CA TYR G 171 25.20 -18.40 41.73
C TYR G 171 25.34 -19.06 40.36
N GLU G 172 26.48 -19.59 40.04
CA GLU G 172 26.73 -20.19 38.75
C GLU G 172 26.09 -21.52 38.63
N LYS G 173 25.97 -22.24 39.73
CA LYS G 173 25.30 -23.53 39.73
C LYS G 173 23.85 -23.47 40.17
N TYR G 174 23.34 -22.28 40.50
CA TYR G 174 21.95 -22.16 40.91
C TYR G 174 20.99 -22.53 39.78
N SER G 175 21.30 -22.11 38.56
CA SER G 175 20.39 -22.36 37.43
C SER G 175 20.23 -23.84 37.15
N ILE G 176 21.17 -24.68 37.57
CA ILE G 176 21.08 -26.13 37.39
C ILE G 176 20.54 -26.81 38.64
N LYS G 177 21.12 -26.49 39.80
CA LYS G 177 20.72 -27.16 41.04
C LYS G 177 19.31 -26.76 41.46
N MET G 178 19.01 -25.45 41.43
CA MET G 178 17.76 -24.91 41.94
C MET G 178 16.85 -24.46 40.80
N ASP G 179 16.87 -25.18 39.69
CA ASP G 179 15.98 -24.86 38.57
C ASP G 179 14.50 -24.92 38.93
N PRO G 180 14.00 -25.89 39.71
CA PRO G 180 12.59 -25.84 40.10
C PRO G 180 12.19 -24.57 40.83
N TYR G 181 13.08 -24.02 41.64
CA TYR G 181 12.78 -22.75 42.29
C TYR G 181 12.70 -21.61 41.29
N ILE G 182 13.56 -21.64 40.26
CA ILE G 182 13.49 -20.64 39.20
C ILE G 182 12.14 -20.74 38.48
N LYS G 183 11.71 -21.97 38.17
CA LYS G 183 10.42 -22.15 37.51
C LYS G 183 9.27 -21.67 38.38
N ALA G 184 9.33 -21.98 39.69
CA ALA G 184 8.28 -21.53 40.60
C ALA G 184 8.24 -20.02 40.70
N LEU G 185 9.40 -19.37 40.78
CA LEU G 185 9.42 -17.91 40.88
C LEU G 185 8.94 -17.27 39.59
N SER G 186 9.27 -17.85 38.44
CA SER G 186 8.74 -17.35 37.18
C SER G 186 7.23 -17.47 37.13
N GLY G 187 6.69 -18.62 37.56
CA GLY G 187 5.25 -18.79 37.59
C GLY G 187 4.56 -17.82 38.52
N ASP G 188 5.16 -17.57 39.69
CA ASP G 188 4.59 -16.60 40.62
C ASP G 188 4.67 -15.18 40.05
N LEU G 189 5.78 -14.83 39.40
CA LEU G 189 5.91 -13.50 38.82
C LEU G 189 4.92 -13.27 37.69
N VAL G 190 4.55 -14.32 36.96
CA VAL G 190 3.56 -14.16 35.90
C VAL G 190 2.12 -14.34 36.39
N SER G 191 1.92 -14.94 37.56
CA SER G 191 0.57 -15.21 38.06
C SER G 191 0.21 -14.42 39.31
N LYS G 192 1.16 -13.79 39.98
CA LYS G 192 0.90 -13.07 41.21
C LYS G 192 1.49 -11.67 41.14
N THR G 193 0.92 -10.76 41.94
CA THR G 193 1.40 -9.40 42.04
C THR G 193 2.38 -9.31 43.21
N PHE G 194 3.65 -9.06 42.90
CA PHE G 194 4.71 -9.04 43.89
C PHE G 194 4.93 -7.66 44.46
N LEU G 195 5.35 -7.62 45.73
CA LEU G 195 5.84 -6.42 46.38
C LEU G 195 7.25 -6.72 46.87
N PHE G 196 8.24 -6.01 46.33
CA PHE G 196 9.63 -6.19 46.71
C PHE G 196 9.97 -5.24 47.86
N VAL G 197 10.29 -5.80 49.01
CA VAL G 197 10.64 -5.03 50.20
C VAL G 197 12.04 -5.44 50.65
N GLY G 198 12.91 -4.46 50.85
CA GLY G 198 14.26 -4.74 51.29
C GLY G 198 15.16 -5.35 50.24
N PHE G 199 14.77 -5.29 48.97
CA PHE G 199 15.53 -5.91 47.89
C PHE G 199 16.25 -4.82 47.09
N SER G 200 17.55 -5.02 46.87
CA SER G 200 18.36 -4.06 46.15
C SER G 200 18.43 -4.33 44.65
N PHE G 201 17.86 -5.44 44.18
CA PHE G 201 17.85 -5.79 42.76
C PHE G 201 19.25 -5.88 42.18
N THR G 202 20.20 -6.33 42.99
CA THR G 202 21.56 -6.60 42.54
C THR G 202 21.89 -8.09 42.59
N ASP G 203 20.86 -8.94 42.71
CA ASP G 203 21.05 -10.38 42.80
C ASP G 203 21.12 -10.97 41.40
N PRO G 204 22.18 -11.69 41.03
CA PRO G 204 22.25 -12.26 39.68
C PRO G 204 21.12 -13.22 39.36
N ASN G 205 20.66 -14.00 40.34
CA ASN G 205 19.58 -14.95 40.10
C ASN G 205 18.28 -14.22 39.79
N LEU G 206 17.96 -13.17 40.55
CA LEU G 206 16.74 -12.42 40.30
C LEU G 206 16.83 -11.68 38.97
N ASP G 207 18.00 -11.15 38.63
CA ASP G 207 18.18 -10.53 37.33
C ASP G 207 17.94 -11.53 36.21
N TYR G 208 18.49 -12.74 36.34
CA TYR G 208 18.29 -13.78 35.34
C TYR G 208 16.83 -14.14 35.20
N ILE G 209 16.13 -14.32 36.33
CA ILE G 209 14.72 -14.72 36.28
C ILE G 209 13.87 -13.61 35.67
N LEU G 210 14.11 -12.36 36.06
CA LEU G 210 13.37 -11.23 35.50
C LEU G 210 13.64 -11.08 34.00
N SER G 211 14.89 -11.29 33.58
CA SER G 211 15.20 -11.21 32.16
C SER G 211 14.49 -12.30 31.38
N ARG G 212 14.42 -13.52 31.94
CA ARG G 212 13.70 -14.59 31.27
C ARG G 212 12.20 -14.29 31.17
N VAL G 213 11.61 -13.77 32.26
CA VAL G 213 10.19 -13.43 32.23
C VAL G 213 9.93 -12.31 31.22
N ARG G 214 10.81 -11.31 31.17
CA ARG G 214 10.67 -10.24 30.19
C ARG G 214 10.78 -10.77 28.77
N SER G 215 11.77 -11.62 28.51
CA SER G 215 11.91 -12.21 27.18
C SER G 215 10.68 -13.02 26.80
N ALA G 216 10.05 -13.67 27.78
CA ALA G 216 8.88 -14.49 27.48
C ALA G 216 7.62 -13.66 27.24
N TYR G 217 7.46 -12.54 27.95
CA TYR G 217 6.18 -11.85 27.95
C TYR G 217 6.19 -10.45 27.31
N GLU G 218 7.35 -9.95 26.88
CA GLU G 218 7.47 -8.69 26.13
C GLU G 218 6.82 -7.57 26.95
N ARG G 219 5.91 -6.79 26.37
CA ARG G 219 5.26 -5.68 27.04
C ARG G 219 4.06 -6.10 27.87
N ASP G 220 3.71 -7.37 27.87
CA ASP G 220 2.55 -7.89 28.58
C ASP G 220 2.92 -8.45 29.95
N GLN G 221 4.05 -8.02 30.50
CA GLN G 221 4.46 -8.45 31.82
C GLN G 221 3.49 -7.93 32.88
N ARG G 222 3.30 -8.73 33.92
CA ARG G 222 2.46 -8.34 35.04
C ARG G 222 3.13 -7.24 35.85
N ARG G 223 2.39 -6.22 36.30
CA ARG G 223 2.92 -5.16 37.11
C ARG G 223 3.20 -5.55 38.50
N HIS G 224 4.38 -5.27 38.95
CA HIS G 224 4.83 -5.55 40.30
C HIS G 224 5.24 -4.24 40.96
N TYR G 225 5.44 -4.29 42.28
CA TYR G 225 5.80 -3.11 43.04
C TYR G 225 7.07 -3.38 43.85
N CYS G 226 7.84 -2.32 44.03
CA CYS G 226 9.02 -2.34 44.87
C CYS G 226 9.02 -1.10 45.75
N LEU G 227 9.63 -1.20 46.93
CA LEU G 227 9.77 -0.07 47.84
C LEU G 227 11.25 0.21 48.01
N ILE G 228 11.68 1.40 47.59
CA ILE G 228 13.09 1.78 47.63
C ILE G 228 13.21 3.13 48.33
N LYS G 229 14.16 3.24 49.26
CA LYS G 229 14.40 4.50 49.93
C LYS G 229 15.27 5.40 49.06
N LYS G 230 14.98 6.69 49.09
CA LYS G 230 15.74 7.66 48.31
C LYS G 230 17.15 7.81 48.87
N GLU G 231 18.05 8.29 48.03
CA GLU G 231 19.42 8.51 48.44
C GLU G 231 19.52 9.65 49.45
N GLU G 232 20.36 9.46 50.46
CA GLU G 232 20.57 10.46 51.50
C GLU G 232 21.98 11.01 51.41
N ARG G 233 22.11 12.31 51.66
CA ARG G 233 23.40 12.99 51.55
C ARG G 233 24.29 12.54 52.71
N ARG G 234 25.38 11.85 52.39
CA ARG G 234 26.33 11.44 53.40
C ARG G 234 27.09 12.64 53.94
N PRO G 235 27.50 12.61 55.21
CA PRO G 235 28.21 13.77 55.79
C PRO G 235 29.48 14.14 55.03
N ASP G 236 30.24 13.15 54.56
CA ASP G 236 31.49 13.44 53.86
C ASP G 236 31.24 13.88 52.42
N GLU G 237 30.13 13.47 51.82
CA GLU G 237 29.89 13.73 50.41
C GLU G 237 29.56 15.20 50.16
N LEU G 238 29.82 15.63 48.93
CA LEU G 238 29.48 16.97 48.47
C LEU G 238 28.11 16.96 47.79
N GLU G 239 27.65 18.16 47.43
CA GLU G 239 26.34 18.28 46.77
C GLU G 239 26.36 17.62 45.41
N ALA G 240 27.45 17.78 44.65
CA ALA G 240 27.53 17.21 43.31
C ALA G 240 27.47 15.68 43.36
N ASP G 241 28.19 15.08 44.31
CA ASP G 241 28.16 13.61 44.44
C ASP G 241 26.78 13.13 44.84
N PHE G 242 26.11 13.87 45.73
CA PHE G 242 24.75 13.50 46.11
C PHE G 242 23.79 13.57 44.92
N GLU G 243 23.90 14.63 44.11
CA GLU G 243 23.06 14.74 42.93
C GLU G 243 23.36 13.64 41.92
N TYR G 244 24.64 13.28 41.78
CA TYR G 244 25.00 12.18 40.89
C TYR G 244 24.41 10.86 41.39
N ARG G 245 24.43 10.62 42.69
CA ARG G 245 23.83 9.42 43.25
C ARG G 245 22.32 9.41 43.05
N VAL G 246 21.68 10.58 43.19
CA VAL G 246 20.23 10.66 42.96
C VAL G 246 19.91 10.33 41.50
N ARG G 247 20.68 10.89 40.57
CA ARG G 247 20.46 10.58 39.15
C ARG G 247 20.70 9.11 38.85
N LYS G 248 21.73 8.53 39.46
CA LYS G 248 22.01 7.11 39.29
C LYS G 248 20.85 6.26 39.80
N GLN G 249 20.28 6.64 40.94
CA GLN G 249 19.13 5.90 41.47
C GLN G 249 17.91 6.06 40.57
N GLU G 250 17.71 7.25 39.99
CA GLU G 250 16.60 7.44 39.06
C GLU G 250 16.76 6.54 37.84
N LEU G 251 17.98 6.46 37.29
CA LEU G 251 18.21 5.57 36.15
C LEU G 251 18.02 4.10 36.55
N PHE G 252 18.42 3.76 37.77
CA PHE G 252 18.17 2.41 38.28
C PHE G 252 16.67 2.11 38.37
N ILE G 253 15.89 3.09 38.82
CA ILE G 253 14.44 2.92 38.89
C ILE G 253 13.85 2.74 37.50
N SER G 254 14.27 3.42 36.46
CA SER G 254 13.69 3.17 35.16
C SER G 254 14.03 1.81 34.50
N ASP G 255 15.20 1.31 34.79
CA ASP G 255 15.55 0.04 34.31
C ASP G 255 14.70 -1.02 34.93
N LEU G 256 14.23 -0.82 36.14
CA LEU G 256 13.34 -1.74 36.79
C LEU G 256 12.01 -1.80 36.12
N SER G 257 11.53 -0.72 35.57
CA SER G 257 10.31 -0.65 34.84
C SER G 257 10.49 -1.32 33.58
N ARG G 258 11.72 -1.41 33.16
CA ARG G 258 11.94 -2.24 32.00
C ARG G 258 11.41 -3.56 32.34
N PHE G 259 11.30 -3.90 33.63
CA PHE G 259 10.67 -5.18 33.93
C PHE G 259 9.25 -5.02 34.46
N ASN G 260 8.62 -3.87 34.19
CA ASN G 260 7.26 -3.58 34.65
C ASN G 260 7.15 -3.62 36.17
N ILE G 261 8.22 -3.21 36.86
CA ILE G 261 8.24 -3.13 38.32
C ILE G 261 8.25 -1.65 38.68
N LYS G 262 7.12 -1.17 39.21
CA LYS G 262 7.00 0.22 39.62
C LYS G 262 7.63 0.39 40.99
N THR G 263 8.43 1.43 41.15
CA THR G 263 9.17 1.68 42.38
C THR G 263 8.54 2.83 43.13
N ILE G 264 8.29 2.63 44.42
CA ILE G 264 7.81 3.66 45.32
C ILE G 264 9.00 4.17 46.11
N VAL G 265 9.32 5.45 45.94
CA VAL G 265 10.46 6.07 46.58
C VAL G 265 10.02 6.58 47.95
N LEU G 266 10.71 6.14 48.99
CA LEU G 266 10.37 6.45 50.37
C LEU G 266 11.45 7.31 51.00
N ASN G 267 11.04 8.26 51.85
CA ASN G 267 12.00 9.14 52.50
C ASN G 267 12.86 8.38 53.50
N ASN G 268 12.26 7.45 54.23
CA ASN G 268 12.97 6.67 55.23
C ASN G 268 12.39 5.27 55.28
N TYR G 269 13.01 4.41 56.09
CA TYR G 269 12.59 3.02 56.18
C TYR G 269 11.37 2.81 57.07
N ASN G 270 11.00 3.79 57.89
CA ASN G 270 9.77 3.68 58.67
C ASN G 270 8.53 3.84 57.79
N GLU G 271 8.68 4.45 56.61
CA GLU G 271 7.55 4.52 55.69
C GLU G 271 7.12 3.16 55.19
N ILE G 272 8.03 2.17 55.19
CA ILE G 272 7.62 0.80 54.90
C ILE G 272 6.62 0.33 55.95
N THR G 273 6.91 0.58 57.22
CA THR G 273 5.98 0.22 58.29
C THR G 273 4.68 1.00 58.17
N GLU G 274 4.76 2.28 57.81
CA GLU G 274 3.55 3.08 57.66
C GLU G 274 2.67 2.53 56.52
N ILE G 275 3.28 2.18 55.40
CA ILE G 275 2.53 1.63 54.26
C ILE G 275 1.90 0.30 54.63
N LEU G 276 2.66 -0.56 55.31
CA LEU G 276 2.12 -1.85 55.72
C LEU G 276 0.96 -1.68 56.69
N GLN G 277 1.09 -0.74 57.64
CA GLN G 277 -0.01 -0.46 58.57
C GLN G 277 -1.23 0.06 57.82
N ARG G 278 -1.03 0.91 56.82
CA ARG G 278 -2.16 1.44 56.06
C ARG G 278 -2.87 0.33 55.29
N ILE G 279 -2.09 -0.58 54.68
CA ILE G 279 -2.71 -1.70 53.96
C ILE G 279 -3.47 -2.61 54.92
N GLU G 280 -2.87 -2.89 56.09
CA GLU G 280 -3.54 -3.72 57.08
C GLU G 280 -4.83 -3.06 57.56
N ASN G 281 -4.80 -1.75 57.78
CA ASN G 281 -6.00 -1.04 58.20
C ASN G 281 -7.07 -1.07 57.12
N ASN G 282 -6.69 -0.88 55.86
CA ASN G 282 -7.65 -0.93 54.77
C ASN G 282 -8.30 -2.30 54.67
N ILE G 283 -7.51 -3.36 54.87
CA ILE G 283 -8.07 -4.71 54.83
C ILE G 283 -8.97 -4.97 56.03
N LYS G 284 -8.55 -4.52 57.21
CA LYS G 284 -9.26 -4.87 58.44
C LYS G 284 -10.57 -4.09 58.57
N THR G 285 -10.58 -2.81 58.20
CA THR G 285 -11.75 -1.96 58.39
C THR G 285 -12.86 -2.24 57.39
N LYS G 286 -12.63 -3.08 56.39
CA LYS G 286 -13.68 -3.44 55.45
C LYS G 286 -14.75 -4.32 56.08
N THR G 287 -14.51 -4.84 57.28
CA THR G 287 -15.51 -5.61 58.01
C THR G 287 -16.01 -4.76 59.17
N VAL G 288 -17.32 -4.50 59.18
CA VAL G 288 -17.95 -3.64 60.17
C VAL G 288 -18.79 -4.49 61.11
N PHE G 289 -18.64 -4.24 62.41
CA PHE G 289 -19.40 -4.92 63.45
C PHE G 289 -20.62 -4.06 63.78
N LEU G 290 -21.80 -4.52 63.37
CA LEU G 290 -23.04 -3.81 63.65
C LEU G 290 -23.60 -4.30 64.98
N SER G 291 -23.72 -3.39 65.94
CA SER G 291 -24.13 -3.71 67.30
C SER G 291 -25.34 -2.87 67.69
N GLY G 292 -26.14 -3.42 68.58
CA GLY G 292 -27.25 -2.68 69.15
C GLY G 292 -28.44 -3.57 69.40
N SER G 293 -29.29 -3.12 70.30
CA SER G 293 -30.58 -3.73 70.61
C SER G 293 -31.53 -2.62 71.02
N ALA G 294 -32.76 -2.69 70.50
CA ALA G 294 -33.67 -1.56 70.65
C ALA G 294 -35.10 -2.08 70.80
N VAL G 295 -35.73 -1.76 71.92
CA VAL G 295 -37.17 -1.93 72.05
C VAL G 295 -37.91 -0.63 71.75
N GLU G 296 -37.39 0.49 72.26
CA GLU G 296 -37.89 1.82 71.93
C GLU G 296 -36.83 2.56 71.13
N TYR G 297 -37.21 3.06 69.96
CA TYR G 297 -36.25 3.66 69.04
C TYR G 297 -36.12 5.16 69.23
N ASN G 298 -35.90 5.60 70.47
CA ASN G 298 -35.62 6.99 70.84
C ASN G 298 -36.74 7.87 70.26
N HIS G 299 -36.41 8.95 69.55
CA HIS G 299 -37.44 9.84 69.03
C HIS G 299 -38.14 9.25 67.81
N TRP G 300 -37.41 8.53 66.97
CA TRP G 300 -37.98 7.98 65.75
C TRP G 300 -39.00 6.89 66.07
N GLU G 301 -39.97 6.75 65.17
CA GLU G 301 -40.97 5.71 65.32
C GLU G 301 -40.37 4.34 65.02
N THR G 302 -41.13 3.29 65.32
CA THR G 302 -40.64 1.93 65.10
C THR G 302 -40.37 1.66 63.63
N GLU G 303 -41.37 1.92 62.77
CA GLU G 303 -41.22 1.64 61.34
C GLU G 303 -40.13 2.51 60.73
N HIS G 304 -40.05 3.77 61.12
CA HIS G 304 -39.03 4.66 60.59
C HIS G 304 -37.63 4.16 60.94
N ALA G 305 -37.43 3.74 62.19
CA ALA G 305 -36.13 3.24 62.60
C ALA G 305 -35.80 1.91 61.92
N GLU G 306 -36.80 1.05 61.72
CA GLU G 306 -36.58 -0.20 61.01
C GLU G 306 -36.14 0.07 59.58
N GLN G 307 -36.80 1.01 58.90
CA GLN G 307 -36.41 1.37 57.54
C GLN G 307 -35.01 1.97 57.53
N PHE G 308 -34.69 2.79 58.54
CA PHE G 308 -33.35 3.37 58.63
C PHE G 308 -32.27 2.28 58.75
N ILE G 309 -32.50 1.31 59.64
CA ILE G 309 -31.53 0.23 59.81
C ILE G 309 -31.41 -0.60 58.54
N HIS G 310 -32.56 -0.89 57.91
CA HIS G 310 -32.56 -1.68 56.67
C HIS G 310 -31.74 -0.98 55.59
N GLN G 311 -31.98 0.32 55.37
CA GLN G 311 -31.26 1.04 54.34
C GLN G 311 -29.80 1.24 54.70
N LEU G 312 -29.49 1.40 55.99
CA LEU G 312 -28.09 1.49 56.41
C LEU G 312 -27.34 0.20 56.09
N SER G 313 -27.95 -0.95 56.39
CA SER G 313 -27.31 -2.22 56.08
C SER G 313 -27.20 -2.43 54.57
N LYS G 314 -28.21 -2.01 53.82
CA LYS G 314 -28.14 -2.11 52.36
C LYS G 314 -27.00 -1.27 51.80
N GLU G 315 -26.82 -0.05 52.33
CA GLU G 315 -25.72 0.79 51.89
C GLU G 315 -24.37 0.20 52.29
N LEU G 316 -24.29 -0.36 53.50
CA LEU G 316 -23.04 -1.00 53.93
C LEU G 316 -22.66 -2.14 52.99
N ILE G 317 -23.64 -2.99 52.63
CA ILE G 317 -23.36 -4.06 51.69
C ILE G 317 -22.98 -3.50 50.32
N ARG G 318 -23.67 -2.44 49.89
CA ARG G 318 -23.41 -1.85 48.58
C ARG G 318 -22.02 -1.22 48.51
N LYS G 319 -21.52 -0.69 49.64
CA LYS G 319 -20.21 -0.07 49.68
C LYS G 319 -19.09 -1.08 49.91
N ASP G 320 -19.32 -2.35 49.60
CA ASP G 320 -18.31 -3.41 49.71
C ASP G 320 -17.81 -3.57 51.14
N PHE G 321 -18.74 -3.59 52.09
CA PHE G 321 -18.43 -3.87 53.49
C PHE G 321 -19.02 -5.21 53.90
N ASN G 322 -18.30 -5.93 54.75
CA ASN G 322 -18.76 -7.20 55.29
C ASN G 322 -19.32 -6.96 56.68
N ILE G 323 -20.59 -7.29 56.87
CA ILE G 323 -21.30 -6.98 58.12
C ILE G 323 -21.23 -8.19 59.04
N VAL G 324 -20.81 -7.97 60.28
CA VAL G 324 -20.86 -8.97 61.33
C VAL G 324 -21.81 -8.46 62.40
N SER G 325 -22.86 -9.23 62.67
CA SER G 325 -23.89 -8.83 63.62
C SER G 325 -24.12 -9.93 64.65
N GLY G 326 -24.39 -9.50 65.88
CA GLY G 326 -24.73 -10.40 66.97
C GLY G 326 -26.20 -10.75 67.05
N PHE G 327 -27.01 -10.32 66.10
CA PHE G 327 -28.45 -10.58 66.07
C PHE G 327 -29.10 -10.08 67.37
N GLY G 328 -28.86 -8.82 67.68
CA GLY G 328 -29.49 -8.22 68.84
C GLY G 328 -30.99 -8.09 68.66
N LEU G 329 -31.70 -8.10 69.79
CA LEU G 329 -33.15 -8.03 69.76
C LEU G 329 -33.59 -6.65 69.26
N GLY G 330 -34.30 -6.64 68.13
CA GLY G 330 -34.81 -5.41 67.56
C GLY G 330 -33.93 -4.77 66.51
N VAL G 331 -32.68 -5.21 66.36
CA VAL G 331 -31.80 -4.64 65.34
C VAL G 331 -31.37 -5.72 64.35
N GLY G 332 -31.27 -6.96 64.82
CA GLY G 332 -30.71 -8.02 63.99
C GLY G 332 -31.58 -8.36 62.78
N SER G 333 -32.88 -8.43 62.98
CA SER G 333 -33.77 -8.82 61.89
C SER G 333 -33.70 -7.83 60.74
N PHE G 334 -33.59 -6.55 61.04
CA PHE G 334 -33.64 -5.53 59.99
C PHE G 334 -32.31 -5.38 59.26
N VAL G 335 -31.18 -5.55 59.94
CA VAL G 335 -29.91 -5.61 59.22
C VAL G 335 -29.88 -6.86 58.34
N ILE G 336 -30.44 -7.97 58.84
CA ILE G 336 -30.54 -9.17 58.00
C ILE G 336 -31.38 -8.88 56.76
N ASN G 337 -32.51 -8.18 56.94
CA ASN G 337 -33.37 -7.86 55.80
C ASN G 337 -32.64 -6.96 54.81
N GLY G 338 -31.90 -5.97 55.31
CA GLY G 338 -31.14 -5.11 54.41
C GLY G 338 -30.09 -5.86 53.63
N VAL G 339 -29.35 -6.75 54.30
CA VAL G 339 -28.35 -7.56 53.61
C VAL G 339 -29.01 -8.45 52.56
N LEU G 340 -30.16 -9.05 52.90
CA LEU G 340 -30.86 -9.91 51.96
C LEU G 340 -31.34 -9.13 50.74
N GLU G 341 -31.87 -7.93 50.95
CA GLU G 341 -32.30 -7.10 49.83
C GLU G 341 -31.12 -6.72 48.95
N GLU G 342 -29.98 -6.38 49.57
CA GLU G 342 -28.81 -5.98 48.78
C GLU G 342 -28.23 -7.16 48.01
N LEU G 343 -28.30 -8.37 48.57
CA LEU G 343 -27.65 -9.53 47.95
C LEU G 343 -28.57 -10.31 47.02
N TYR G 344 -29.85 -10.43 47.36
CA TYR G 344 -30.80 -11.18 46.53
C TYR G 344 -31.15 -10.32 45.31
N MET G 345 -30.27 -10.38 44.30
CA MET G 345 -30.48 -9.62 43.07
C MET G 345 -29.97 -10.39 41.86
N GLY G 348 -30.00 -14.85 43.90
CA GLY G 348 -28.70 -14.81 44.55
C GLY G 348 -28.66 -15.58 45.85
N THR G 349 -27.45 -15.77 46.39
CA THR G 349 -27.25 -16.49 47.64
C THR G 349 -26.49 -15.61 48.62
N ILE G 350 -26.55 -16.00 49.90
CA ILE G 350 -25.88 -15.27 50.96
C ILE G 350 -24.42 -15.71 51.00
N ASP G 351 -23.52 -14.83 50.55
CA ASP G 351 -22.10 -15.12 50.68
C ASP G 351 -21.69 -15.12 52.15
N ASP G 352 -20.87 -16.10 52.52
CA ASP G 352 -20.48 -16.22 53.92
C ASP G 352 -19.65 -15.04 54.40
N ASP G 353 -18.89 -14.42 53.50
CA ASP G 353 -18.06 -13.29 53.88
C ASP G 353 -18.87 -12.02 54.07
N ARG G 354 -19.92 -11.81 53.26
CA ARG G 354 -20.66 -10.56 53.31
C ARG G 354 -21.41 -10.39 54.62
N LEU G 355 -22.01 -11.46 55.13
CA LEU G 355 -22.82 -11.39 56.34
C LEU G 355 -22.47 -12.57 57.24
N ILE G 356 -21.90 -12.28 58.40
CA ILE G 356 -21.64 -13.29 59.43
C ILE G 356 -22.59 -13.04 60.58
N LEU G 357 -23.47 -14.01 60.84
CA LEU G 357 -24.47 -13.89 61.88
C LEU G 357 -24.07 -14.76 63.07
N ARG G 358 -24.04 -14.16 64.25
CA ARG G 358 -23.64 -14.84 65.48
C ARG G 358 -24.67 -14.59 66.58
N PRO G 359 -25.85 -15.21 66.48
CA PRO G 359 -26.83 -15.08 67.56
C PRO G 359 -26.29 -15.66 68.85
N PHE G 360 -26.59 -14.98 69.95
CA PHE G 360 -26.08 -15.42 71.25
C PHE G 360 -26.87 -16.62 71.76
N PRO G 361 -26.21 -17.64 72.30
CA PRO G 361 -26.92 -18.75 72.92
C PRO G 361 -27.76 -18.27 74.10
N GLN G 362 -28.93 -18.87 74.24
CA GLN G 362 -29.89 -18.49 75.27
C GLN G 362 -29.91 -19.55 76.37
N GLY G 363 -29.75 -19.12 77.61
CA GLY G 363 -29.76 -19.99 78.76
C GLY G 363 -28.57 -19.74 79.65
N LYS G 364 -28.48 -20.53 80.73
CA LYS G 364 -27.40 -20.38 81.68
C LYS G 364 -26.07 -20.85 81.09
N LYS G 365 -26.11 -21.89 80.26
CA LYS G 365 -24.88 -22.39 79.65
C LYS G 365 -24.29 -21.39 78.67
N GLY G 366 -25.15 -20.70 77.91
CA GLY G 366 -24.65 -19.76 76.93
C GLY G 366 -23.97 -18.55 77.57
N GLU G 367 -24.54 -18.02 78.66
CA GLU G 367 -23.99 -16.84 79.29
C GLU G 367 -22.60 -17.08 79.87
N GLU G 368 -22.23 -18.34 80.14
CA GLU G 368 -20.89 -18.63 80.62
C GLU G 368 -19.84 -18.29 79.57
N GLN G 369 -20.11 -18.66 78.31
CA GLN G 369 -19.19 -18.40 77.21
C GLN G 369 -19.57 -17.17 76.40
N TRP G 370 -20.57 -16.41 76.85
CA TRP G 370 -20.99 -15.20 76.14
C TRP G 370 -19.82 -14.24 75.92
N ASP G 371 -18.94 -14.09 76.91
CA ASP G 371 -17.85 -13.14 76.78
C ASP G 371 -16.87 -13.55 75.69
N LYS G 372 -16.47 -14.83 75.68
CA LYS G 372 -15.57 -15.30 74.63
C LYS G 372 -16.25 -15.26 73.27
N TYR G 373 -17.55 -15.56 73.23
CA TYR G 373 -18.30 -15.48 71.99
C TYR G 373 -18.30 -14.05 71.44
N ARG G 374 -18.52 -13.07 72.32
CA ARG G 374 -18.51 -11.68 71.92
C ARG G 374 -17.12 -11.26 71.43
N ARG G 375 -16.07 -11.67 72.14
CA ARG G 375 -14.72 -11.32 71.73
C ARG G 375 -14.37 -11.92 70.37
N ASP G 376 -14.72 -13.19 70.15
CA ASP G 376 -14.47 -13.83 68.86
C ASP G 376 -15.25 -13.15 67.76
N MET G 377 -16.51 -12.77 68.03
CA MET G 377 -17.32 -12.09 67.03
C MET G 377 -16.71 -10.74 66.66
N ILE G 378 -16.24 -9.98 67.65
CA ILE G 378 -15.69 -8.65 67.38
C ILE G 378 -14.33 -8.75 66.70
N THR G 379 -13.55 -9.79 67.00
CA THR G 379 -12.21 -9.89 66.43
C THR G 379 -12.23 -9.92 64.90
N ARG G 380 -13.30 -10.42 64.31
CA ARG G 380 -13.41 -10.50 62.85
C ARG G 380 -13.53 -9.13 62.19
N THR G 381 -13.79 -8.08 62.95
CA THR G 381 -14.09 -6.76 62.39
C THR G 381 -13.01 -5.76 62.76
N GLY G 382 -13.06 -4.61 62.09
CA GLY G 382 -12.14 -3.53 62.37
C GLY G 382 -12.85 -2.22 62.65
N VAL G 383 -14.15 -2.16 62.35
CA VAL G 383 -14.98 -1.00 62.60
C VAL G 383 -16.23 -1.46 63.35
N SER G 384 -16.56 -0.77 64.43
CA SER G 384 -17.74 -1.07 65.23
C SER G 384 -18.74 0.07 65.12
N ILE G 385 -19.98 -0.26 64.76
CA ILE G 385 -21.06 0.71 64.65
C ILE G 385 -22.12 0.35 65.70
N PHE G 386 -22.46 1.32 66.54
CA PHE G 386 -23.40 1.12 67.63
C PHE G 386 -24.69 1.88 67.36
N LEU G 387 -25.82 1.21 67.55
CA LEU G 387 -27.13 1.80 67.32
C LEU G 387 -28.01 1.53 68.53
N TYR G 388 -28.65 2.57 69.06
CA TYR G 388 -29.61 2.47 70.15
C TYR G 388 -28.92 1.84 71.36
N GLY G 389 -29.37 0.69 71.86
CA GLY G 389 -28.76 0.08 73.02
C GLY G 389 -29.71 -0.01 74.20
N ASN G 390 -31.00 -0.19 73.91
CA ASN G 390 -32.04 -0.25 74.92
C ASN G 390 -32.74 -1.60 74.87
N LYS G 391 -32.95 -2.20 76.04
CA LYS G 391 -33.65 -3.47 76.19
C LYS G 391 -34.78 -3.29 77.18
N ILE G 392 -35.50 -4.39 77.44
CA ILE G 392 -36.57 -4.42 78.42
C ILE G 392 -36.22 -5.48 79.46
N ASP G 393 -36.20 -5.08 80.74
CA ASP G 393 -35.87 -5.97 81.83
C ASP G 393 -37.06 -6.27 82.73
N LYS G 394 -37.73 -5.24 83.24
CA LYS G 394 -38.89 -5.40 84.11
C LYS G 394 -40.08 -4.61 83.60
N GLY G 395 -40.29 -4.60 82.29
CA GLY G 395 -41.37 -3.85 81.68
C GLY G 395 -41.04 -2.42 81.32
N GLN G 396 -39.83 -1.95 81.65
CA GLN G 396 -39.41 -0.58 81.35
C GLN G 396 -38.16 -0.60 80.48
N VAL G 397 -38.05 0.40 79.62
CA VAL G 397 -36.91 0.51 78.72
C VAL G 397 -35.68 0.89 79.55
N VAL G 398 -34.68 0.02 79.56
CA VAL G 398 -33.43 0.24 80.29
C VAL G 398 -32.28 0.12 79.30
N LYS G 399 -31.33 1.06 79.38
CA LYS G 399 -30.17 1.01 78.51
C LYS G 399 -29.40 -0.30 78.71
N ALA G 400 -29.02 -0.92 77.60
CA ALA G 400 -28.44 -2.26 77.62
C ALA G 400 -27.02 -2.21 78.17
N LYS G 401 -26.53 -3.39 78.58
CA LYS G 401 -25.17 -3.54 79.07
C LYS G 401 -24.27 -4.34 78.14
N GLY G 402 -24.85 -5.14 77.24
CA GLY G 402 -24.04 -5.86 76.27
C GLY G 402 -23.34 -4.94 75.29
N VAL G 403 -24.01 -3.85 74.90
CA VAL G 403 -23.42 -2.90 73.97
C VAL G 403 -22.20 -2.23 74.59
N GLN G 404 -22.25 -1.96 75.90
CA GLN G 404 -21.08 -1.40 76.58
C GLN G 404 -19.91 -2.37 76.55
N SER G 405 -20.18 -3.66 76.77
CA SER G 405 -19.12 -4.67 76.70
C SER G 405 -18.56 -4.76 75.29
N GLU G 406 -19.40 -4.65 74.27
CA GLU G 406 -18.93 -4.69 72.91
C GLU G 406 -18.07 -3.49 72.62
N PHE G 407 -18.45 -2.32 73.11
CA PHE G 407 -17.63 -1.13 72.93
C PHE G 407 -16.27 -1.30 73.61
N ASN G 408 -16.26 -1.86 74.82
CA ASN G 408 -15.00 -2.08 75.52
C ASN G 408 -14.11 -3.05 74.77
N ILE G 409 -14.68 -4.14 74.26
CA ILE G 409 -13.90 -5.11 73.48
C ILE G 409 -13.37 -4.46 72.20
N SER G 410 -14.20 -3.67 71.53
CA SER G 410 -13.76 -3.00 70.31
C SER G 410 -12.59 -2.06 70.59
N PHE G 411 -12.66 -1.30 71.69
CA PHE G 411 -11.55 -0.42 72.04
C PHE G 411 -10.30 -1.21 72.39
N GLU G 412 -10.46 -2.32 73.12
CA GLU G 412 -9.30 -3.14 73.48
C GLU G 412 -8.62 -3.74 72.26
N GLN G 413 -9.36 -3.96 71.19
CA GLN G 413 -8.82 -4.51 69.95
C GLN G 413 -8.39 -3.42 68.97
N ASN G 414 -8.41 -2.16 69.41
CA ASN G 414 -8.01 -1.02 68.57
C ASN G 414 -8.91 -0.86 67.36
N ASN G 415 -10.16 -1.29 67.47
CA ASN G 415 -11.13 -1.12 66.40
C ASN G 415 -11.71 0.28 66.44
N TYR G 416 -12.01 0.82 65.26
CA TYR G 416 -12.69 2.10 65.16
C TYR G 416 -14.12 1.98 65.67
N VAL G 417 -14.54 2.92 66.51
CA VAL G 417 -15.87 2.93 67.08
C VAL G 417 -16.66 4.07 66.47
N VAL G 418 -17.87 3.79 66.01
CA VAL G 418 -18.72 4.79 65.39
C VAL G 418 -20.07 4.80 66.11
N PRO G 419 -20.15 5.37 67.31
CA PRO G 419 -21.45 5.44 68.00
C PRO G 419 -22.33 6.51 67.38
N VAL G 420 -23.55 6.13 67.03
CA VAL G 420 -24.52 7.05 66.44
C VAL G 420 -25.35 7.61 67.58
N GLY G 421 -25.06 8.86 67.97
CA GLY G 421 -25.76 9.47 69.09
C GLY G 421 -27.21 9.79 68.81
N ALA G 422 -27.58 9.95 67.53
CA ALA G 422 -28.97 10.23 67.19
C ALA G 422 -29.89 9.09 67.61
N THR G 423 -29.36 7.86 67.64
CA THR G 423 -30.16 6.72 68.05
C THR G 423 -30.39 6.68 69.55
N GLY G 424 -29.53 7.34 70.33
CA GLY G 424 -29.75 7.48 71.76
C GLY G 424 -29.32 6.27 72.56
N TYR G 425 -29.61 6.35 73.86
CA TYR G 425 -29.40 5.29 74.84
C TYR G 425 -27.89 5.03 74.95
N ILE G 426 -27.44 3.78 74.93
CA ILE G 426 -26.01 3.48 75.08
C ILE G 426 -25.22 4.05 73.92
N ALA G 427 -25.82 4.14 72.72
CA ALA G 427 -25.14 4.77 71.61
C ALA G 427 -24.85 6.23 71.90
N LYS G 428 -25.83 6.96 72.46
CA LYS G 428 -25.61 8.36 72.82
C LYS G 428 -24.58 8.48 73.95
N ASP G 429 -24.63 7.58 74.93
CA ASP G 429 -23.65 7.62 76.01
C ASP G 429 -22.24 7.40 75.47
N LEU G 430 -22.09 6.44 74.55
CA LEU G 430 -20.79 6.17 73.94
C LEU G 430 -20.32 7.34 73.09
N TRP G 431 -21.23 7.98 72.36
CA TRP G 431 -20.86 9.15 71.59
C TRP G 431 -20.36 10.27 72.49
N ASN G 432 -21.06 10.50 73.62
CA ASN G 432 -20.61 11.51 74.57
C ASN G 432 -19.25 11.16 75.15
N LYS G 433 -19.03 9.87 75.47
CA LYS G 433 -17.74 9.45 75.99
C LYS G 433 -16.63 9.67 74.98
N VAL G 434 -16.89 9.35 73.70
CA VAL G 434 -15.88 9.55 72.67
C VAL G 434 -15.59 11.04 72.48
N ASN G 435 -16.63 11.87 72.46
CA ASN G 435 -16.43 13.30 72.31
C ASN G 435 -15.74 13.90 73.53
N GLU G 436 -15.84 13.25 74.70
CA GLU G 436 -15.14 13.73 75.88
C GLU G 436 -13.63 13.68 75.69
N GLU G 437 -13.12 12.58 75.11
CA GLU G 437 -11.71 12.43 74.77
C GLU G 437 -11.64 11.98 73.32
N PHE G 438 -11.67 12.95 72.39
CA PHE G 438 -11.69 12.63 70.97
C PHE G 438 -10.31 12.23 70.46
N GLU G 439 -9.24 12.85 70.97
CA GLU G 439 -7.91 12.54 70.50
C GLU G 439 -7.46 11.14 70.91
N THR G 440 -8.00 10.63 72.02
CA THR G 440 -7.64 9.28 72.46
C THR G 440 -8.13 8.22 71.49
N TYR G 441 -9.33 8.40 70.94
CA TYR G 441 -9.91 7.42 70.03
C TYR G 441 -9.61 7.71 68.57
N TYR G 442 -9.47 8.99 68.19
CA TYR G 442 -9.19 9.39 66.82
C TYR G 442 -8.01 10.37 66.82
N PRO G 443 -6.80 9.88 67.06
CA PRO G 443 -5.63 10.77 67.03
C PRO G 443 -5.35 11.26 65.62
N GLY G 444 -4.99 12.53 65.52
CA GLY G 444 -4.69 13.13 64.22
C GLY G 444 -5.88 13.15 63.28
N ALA G 445 -7.07 13.44 63.79
CA ALA G 445 -8.26 13.49 62.96
C ALA G 445 -8.34 14.80 62.20
N ASP G 446 -8.89 14.72 60.99
CA ASP G 446 -9.04 15.90 60.16
C ASP G 446 -10.31 16.67 60.53
N ALA G 447 -10.50 17.82 59.88
CA ALA G 447 -11.69 18.62 60.14
C ALA G 447 -12.95 17.92 59.67
N ARG G 448 -12.88 17.25 58.51
CA ARG G 448 -14.06 16.54 58.00
C ARG G 448 -14.46 15.40 58.92
N MET G 449 -13.47 14.68 59.48
CA MET G 449 -13.78 13.60 60.41
C MET G 449 -14.47 14.13 61.66
N LYS G 450 -13.96 15.25 62.21
CA LYS G 450 -14.60 15.84 63.37
C LYS G 450 -16.01 16.31 63.06
N LYS G 451 -16.21 16.92 61.89
CA LYS G 451 -17.53 17.38 61.50
C LYS G 451 -18.50 16.21 61.37
N LEU G 452 -18.06 15.11 60.76
CA LEU G 452 -18.92 13.94 60.63
C LEU G 452 -19.24 13.33 61.99
N PHE G 453 -18.26 13.26 62.88
CA PHE G 453 -18.51 12.72 64.22
C PHE G 453 -19.50 13.59 64.97
N GLY G 454 -19.37 14.91 64.86
CA GLY G 454 -20.34 15.79 65.50
C GLY G 454 -21.72 15.66 64.89
N GLU G 455 -21.80 15.50 63.57
CA GLU G 455 -23.08 15.34 62.90
C GLU G 455 -23.73 14.00 63.22
N LEU G 456 -22.95 13.01 63.65
CA LEU G 456 -23.51 11.71 64.03
C LEU G 456 -24.52 11.81 65.15
N ASN G 457 -24.46 12.87 65.96
CA ASN G 457 -25.38 13.07 67.08
C ASN G 457 -26.42 14.14 66.78
N ASN G 458 -26.90 14.21 65.54
CA ASN G 458 -27.91 15.18 65.13
C ASN G 458 -29.24 14.46 64.94
N GLU G 459 -30.23 14.86 65.71
CA GLU G 459 -31.57 14.28 65.59
C GLU G 459 -32.40 14.92 64.49
N ALA G 460 -31.93 16.03 63.91
CA ALA G 460 -32.67 16.70 62.83
C ALA G 460 -32.42 16.07 61.47
N LEU G 461 -31.43 15.19 61.36
CA LEU G 461 -31.15 14.54 60.09
C LEU G 461 -32.21 13.50 59.76
N SER G 462 -32.49 13.36 58.46
CA SER G 462 -33.40 12.33 57.99
C SER G 462 -32.69 10.98 57.97
N ILE G 463 -33.39 9.95 57.47
CA ILE G 463 -32.78 8.64 57.33
C ILE G 463 -31.62 8.71 56.33
N GLU G 464 -31.86 9.29 55.17
CA GLU G 464 -30.83 9.35 54.13
C GLU G 464 -29.62 10.15 54.59
N GLU G 465 -29.84 11.30 55.24
CA GLU G 465 -28.73 12.14 55.65
C GLU G 465 -27.88 11.45 56.72
N LEU G 466 -28.53 10.84 57.71
CA LEU G 466 -27.79 10.13 58.75
C LEU G 466 -27.03 8.94 58.19
N ILE G 467 -27.66 8.19 57.28
CA ILE G 467 -27.00 7.04 56.67
C ILE G 467 -25.80 7.50 55.86
N ASN G 468 -25.95 8.59 55.09
CA ASN G 468 -24.83 9.10 54.31
C ASN G 468 -23.70 9.57 55.20
N THR G 469 -24.02 10.22 56.33
CA THR G 469 -22.99 10.64 57.26
C THR G 469 -22.23 9.44 57.83
N ILE G 470 -22.97 8.39 58.22
CA ILE G 470 -22.32 7.19 58.76
C ILE G 470 -21.44 6.54 57.70
N ILE G 471 -21.95 6.44 56.47
CA ILE G 471 -21.20 5.79 55.39
C ILE G 471 -19.93 6.58 55.09
N GLU G 472 -20.02 7.91 55.03
CA GLU G 472 -18.85 8.72 54.74
C GLU G 472 -17.82 8.61 55.86
N PHE G 473 -18.27 8.60 57.11
CA PHE G 473 -17.35 8.44 58.23
C PHE G 473 -16.64 7.10 58.17
N VAL G 474 -17.39 6.02 57.91
CA VAL G 474 -16.78 4.70 57.84
C VAL G 474 -15.83 4.61 56.65
N GLU G 475 -16.17 5.26 55.54
CA GLU G 475 -15.32 5.21 54.36
C GLU G 475 -14.02 5.97 54.57
N ILE G 476 -14.08 7.14 55.21
CA ILE G 476 -12.84 7.87 55.47
C ILE G 476 -12.03 7.14 56.54
N LEU G 477 -12.68 6.36 57.40
CA LEU G 477 -11.94 5.49 58.31
C LEU G 477 -11.23 4.38 57.54
N SER G 478 -11.90 3.78 56.56
CA SER G 478 -11.34 2.65 55.84
C SER G 478 -10.40 3.10 54.73
N ASN G 479 -10.92 3.87 53.77
CA ASN G 479 -10.12 4.33 52.64
C ASN G 479 -9.14 5.41 53.07
N LYS H 5 -21.39 -49.80 46.74
CA LYS H 5 -19.96 -49.96 47.01
C LYS H 5 -19.22 -50.46 45.78
N MET H 6 -17.96 -50.08 45.67
CA MET H 6 -17.09 -50.47 44.56
C MET H 6 -15.88 -51.22 45.11
N ASN H 7 -14.91 -51.48 44.22
CA ASN H 7 -13.75 -52.26 44.58
C ASN H 7 -12.97 -51.56 45.71
N PRO H 8 -12.30 -52.33 46.57
CA PRO H 8 -11.55 -51.71 47.67
C PRO H 8 -10.48 -50.73 47.19
N ILE H 9 -9.85 -51.02 46.04
CA ILE H 9 -8.91 -50.06 45.46
C ILE H 9 -9.64 -48.77 45.10
N VAL H 10 -10.82 -48.90 44.49
CA VAL H 10 -11.62 -47.73 44.14
C VAL H 10 -12.04 -46.98 45.39
N GLU H 11 -12.39 -47.70 46.46
CA GLU H 11 -12.79 -47.04 47.69
C GLU H 11 -11.63 -46.28 48.32
N LEU H 12 -10.43 -46.88 48.34
CA LEU H 12 -9.26 -46.18 48.85
C LEU H 12 -8.95 -44.95 48.02
N PHE H 13 -9.04 -45.05 46.69
CA PHE H 13 -8.82 -43.90 45.84
C PHE H 13 -9.85 -42.81 46.10
N ILE H 14 -11.12 -43.19 46.28
CA ILE H 14 -12.17 -42.21 46.56
C ILE H 14 -11.89 -41.49 47.86
N LYS H 15 -11.52 -42.23 48.90
CA LYS H 15 -11.21 -41.59 50.19
C LYS H 15 -10.04 -40.63 50.04
N ASP H 16 -8.94 -41.09 49.43
CA ASP H 16 -7.75 -40.24 49.31
C ASP H 16 -8.03 -39.00 48.46
N PHE H 17 -8.74 -39.16 47.36
CA PHE H 17 -8.97 -38.01 46.48
C PHE H 17 -10.01 -37.06 47.06
N THR H 18 -11.00 -37.57 47.80
CA THR H 18 -11.89 -36.68 48.52
C THR H 18 -11.12 -35.87 49.55
N LYS H 19 -10.19 -36.51 50.25
CA LYS H 19 -9.34 -35.79 51.18
C LYS H 19 -8.52 -34.71 50.47
N GLU H 20 -7.99 -35.04 49.29
CA GLU H 20 -7.21 -34.07 48.52
C GLU H 20 -8.07 -32.89 48.06
N VAL H 21 -9.28 -33.16 47.58
CA VAL H 21 -10.13 -32.10 47.03
C VAL H 21 -10.64 -31.20 48.15
N MET H 22 -11.00 -31.79 49.30
CA MET H 22 -11.48 -30.98 50.42
C MET H 22 -10.42 -30.00 50.91
N GLU H 23 -9.15 -30.29 50.70
CA GLU H 23 -8.06 -29.37 50.99
C GLU H 23 -7.81 -28.38 49.87
N GLU H 24 -8.54 -28.49 48.76
CA GLU H 24 -8.40 -27.59 47.61
C GLU H 24 -6.98 -27.60 47.06
N ASN H 25 -6.37 -28.80 47.04
CA ASN H 25 -5.04 -28.99 46.48
C ASN H 25 -5.06 -30.07 45.39
N ALA H 26 -6.19 -30.21 44.72
CA ALA H 26 -6.36 -31.22 43.69
C ALA H 26 -6.60 -30.56 42.34
N ALA H 27 -6.05 -31.15 41.28
CA ALA H 27 -6.22 -30.67 39.93
C ALA H 27 -6.72 -31.81 39.06
N ILE H 28 -7.40 -31.46 37.96
CA ILE H 28 -7.96 -32.44 37.05
C ILE H 28 -7.26 -32.30 35.70
N PHE H 29 -6.68 -33.38 35.22
CA PHE H 29 -6.10 -33.43 33.88
C PHE H 29 -7.05 -34.24 33.00
N ALA H 30 -7.74 -33.55 32.11
CA ALA H 30 -8.73 -34.17 31.22
C ALA H 30 -8.15 -34.32 29.82
N GLY H 31 -8.18 -35.53 29.29
CA GLY H 31 -7.79 -35.80 27.93
C GLY H 31 -8.97 -35.64 26.98
N ALA H 32 -8.71 -36.00 25.72
CA ALA H 32 -9.77 -35.96 24.73
C ALA H 32 -10.82 -37.04 24.97
N GLY H 33 -10.43 -38.13 25.63
CA GLY H 33 -11.36 -39.21 25.88
C GLY H 33 -12.53 -38.82 26.76
N LEU H 34 -12.34 -37.81 27.61
CA LEU H 34 -13.43 -37.32 28.44
C LEU H 34 -14.52 -36.67 27.61
N SER H 35 -14.22 -36.24 26.38
CA SER H 35 -15.20 -35.62 25.51
C SER H 35 -15.65 -36.53 24.38
N MET H 36 -15.27 -37.81 24.39
CA MET H 36 -15.65 -38.71 23.33
C MET H 36 -17.03 -39.31 23.53
N SER H 37 -17.60 -39.21 24.72
CA SER H 37 -18.96 -39.67 24.98
C SER H 37 -19.99 -38.58 24.80
N VAL H 38 -19.57 -37.35 24.48
CA VAL H 38 -20.50 -36.23 24.40
C VAL H 38 -21.23 -36.22 23.06
N GLY H 39 -20.54 -36.61 21.99
CA GLY H 39 -21.15 -36.63 20.67
C GLY H 39 -20.20 -36.21 19.57
N TYR H 40 -19.03 -35.72 19.93
CA TYR H 40 -18.01 -35.40 18.96
C TYR H 40 -17.50 -36.67 18.29
N VAL H 41 -17.40 -36.64 16.96
CA VAL H 41 -16.89 -37.80 16.24
C VAL H 41 -15.40 -37.98 16.54
N SER H 42 -14.92 -39.20 16.35
CA SER H 42 -13.54 -39.53 16.68
C SER H 42 -12.58 -38.79 15.75
N TRP H 43 -11.40 -38.47 16.28
CA TRP H 43 -10.38 -37.77 15.50
C TRP H 43 -9.91 -38.61 14.33
N ALA H 44 -9.86 -39.93 14.49
CA ALA H 44 -9.54 -40.80 13.36
C ALA H 44 -10.60 -40.72 12.27
N LYS H 45 -11.88 -40.60 12.66
CA LYS H 45 -12.93 -40.44 11.67
C LYS H 45 -12.76 -39.12 10.91
N LEU H 46 -12.38 -38.06 11.61
CA LEU H 46 -12.12 -36.78 10.94
C LEU H 46 -10.94 -36.89 9.99
N LEU H 47 -9.88 -37.60 10.39
CA LEU H 47 -8.70 -37.74 9.56
C LEU H 47 -8.85 -38.79 8.47
N GLU H 48 -9.95 -39.55 8.46
CA GLU H 48 -10.14 -40.56 7.41
C GLU H 48 -10.06 -39.97 6.01
N PRO H 49 -10.78 -38.91 5.65
CA PRO H 49 -10.54 -38.30 4.33
C PRO H 49 -9.13 -37.73 4.19
N ILE H 50 -8.57 -37.22 5.28
CA ILE H 50 -7.20 -36.72 5.25
C ILE H 50 -6.23 -37.86 4.92
N ALA H 51 -6.43 -39.02 5.56
CA ALA H 51 -5.58 -40.18 5.26
C ALA H 51 -5.80 -40.65 3.83
N GLN H 52 -7.05 -40.64 3.35
CA GLN H 52 -7.32 -41.09 1.99
C GLN H 52 -6.71 -40.17 0.95
N GLU H 53 -6.60 -38.89 1.19
CA GLU H 53 -5.95 -38.02 0.24
C GLU H 53 -4.50 -38.32 0.00
N ILE H 54 -3.77 -38.72 1.03
CA ILE H 54 -2.34 -38.99 0.88
C ILE H 54 -2.13 -40.46 0.58
N GLY H 55 -3.21 -41.19 0.32
CA GLY H 55 -3.12 -42.60 -0.05
C GLY H 55 -3.01 -43.57 1.09
N LEU H 56 -3.16 -43.12 2.33
CA LEU H 56 -3.11 -43.99 3.49
C LEU H 56 -4.52 -44.32 3.97
N ASP H 57 -4.59 -45.15 5.01
CA ASP H 57 -5.86 -45.56 5.60
C ASP H 57 -5.79 -45.30 7.11
N VAL H 58 -6.72 -44.50 7.62
CA VAL H 58 -6.66 -44.10 9.02
C VAL H 58 -6.86 -45.28 9.94
N ASN H 59 -7.59 -46.31 9.50
CA ASN H 59 -7.79 -47.49 10.33
C ASN H 59 -6.50 -48.26 10.51
N LYS H 60 -5.62 -48.26 9.50
CA LYS H 60 -4.33 -48.93 9.58
C LYS H 60 -3.26 -48.07 10.24
N GLU H 61 -3.57 -46.85 10.59
CA GLU H 61 -2.65 -45.95 11.25
C GLU H 61 -2.96 -45.80 12.69
N ASN H 62 -1.96 -45.82 13.52
CA ASN H 62 -2.14 -45.58 14.94
C ASN H 62 -1.63 -44.23 15.38
N ASP H 63 -0.55 -43.73 14.78
CA ASP H 63 0.01 -42.42 15.11
C ASP H 63 -0.64 -41.40 14.18
N LEU H 64 -1.72 -40.78 14.65
CA LEU H 64 -2.42 -39.80 13.85
C LEU H 64 -1.66 -38.49 13.72
N VAL H 65 -0.76 -38.20 14.67
CA VAL H 65 0.07 -37.01 14.55
C VAL H 65 0.97 -37.10 13.33
N SER H 66 1.59 -38.26 13.13
CA SER H 66 2.41 -38.46 11.92
C SER H 66 1.55 -38.46 10.66
N LEU H 67 0.30 -38.94 10.74
CA LEU H 67 -0.59 -38.89 9.59
C LEU H 67 -0.88 -37.46 9.18
N ALA H 68 -1.21 -36.61 10.16
CA ALA H 68 -1.46 -35.21 9.88
C ALA H 68 -0.20 -34.51 9.37
N GLN H 69 0.96 -34.88 9.91
CA GLN H 69 2.20 -34.31 9.43
C GLN H 69 2.47 -34.71 7.99
N TYR H 70 2.18 -35.96 7.63
CA TYR H 70 2.34 -36.39 6.24
C TYR H 70 1.39 -35.62 5.33
N TYR H 71 0.18 -35.40 5.72
CA TYR H 71 -0.71 -34.60 4.94
C TYR H 71 -0.25 -33.20 4.76
N CYS H 72 0.25 -32.59 5.81
CA CYS H 72 0.79 -31.25 5.67
C CYS H 72 2.00 -31.23 4.74
N ASN H 73 2.83 -32.28 4.81
CA ASN H 73 3.99 -32.36 3.92
C ASN H 73 3.55 -32.47 2.47
N GLU H 74 2.48 -33.22 2.21
CA GLU H 74 1.96 -33.33 0.85
C GLU H 74 1.32 -32.05 0.34
N ASN H 75 1.13 -31.05 1.21
CA ASN H 75 0.49 -29.80 0.83
C ASN H 75 1.38 -28.59 1.18
N GLN H 76 2.69 -28.78 1.12
CA GLN H 76 3.67 -27.71 1.37
C GLN H 76 3.52 -27.10 2.75
N GLY H 77 3.10 -27.89 3.73
CA GLY H 77 3.00 -27.42 5.09
C GLY H 77 1.73 -26.66 5.41
N ASN H 78 0.73 -26.69 4.54
CA ASN H 78 -0.50 -25.93 4.78
C ASN H 78 -1.45 -26.72 5.66
N ARG H 79 -2.04 -26.03 6.64
CA ARG H 79 -2.92 -26.65 7.63
C ARG H 79 -4.37 -26.20 7.50
N GLY H 80 -4.73 -25.50 6.42
CA GLY H 80 -6.07 -24.95 6.31
C GLY H 80 -7.15 -26.00 6.40
N ARG H 81 -6.95 -27.15 5.75
CA ARG H 81 -7.96 -28.21 5.75
C ARG H 81 -8.15 -28.77 7.16
N ILE H 82 -7.06 -29.04 7.87
CA ILE H 82 -7.17 -29.59 9.22
C ILE H 82 -7.77 -28.58 10.17
N ASN H 83 -7.39 -27.31 10.02
CA ASN H 83 -7.98 -26.25 10.84
C ASN H 83 -9.48 -26.17 10.62
N GLN H 84 -9.91 -26.22 9.37
CA GLN H 84 -11.34 -26.19 9.07
C GLN H 84 -12.05 -27.40 9.65
N ILE H 85 -11.41 -28.58 9.56
CA ILE H 85 -12.02 -29.80 10.07
C ILE H 85 -12.24 -29.70 11.58
N ILE H 86 -11.21 -29.28 12.32
CA ILE H 86 -11.33 -29.23 13.77
C ILE H 86 -12.30 -28.12 14.18
N LEU H 87 -12.30 -26.99 13.48
CA LEU H 87 -13.24 -25.92 13.79
C LEU H 87 -14.68 -26.38 13.55
N ASP H 88 -14.92 -27.09 12.45
CA ASP H 88 -16.26 -27.57 12.16
C ASP H 88 -16.72 -28.61 13.16
N GLU H 89 -15.81 -29.49 13.59
CA GLU H 89 -16.24 -30.59 14.47
C GLU H 89 -16.37 -30.15 15.92
N PHE H 90 -15.31 -29.60 16.50
CA PHE H 90 -15.27 -29.41 17.94
C PHE H 90 -15.94 -28.12 18.41
N SER H 91 -16.45 -27.30 17.49
CA SER H 91 -17.20 -26.11 17.87
C SER H 91 -18.70 -26.33 17.85
N ARG H 92 -19.17 -27.54 17.57
CA ARG H 92 -20.59 -27.81 17.54
C ARG H 92 -21.19 -27.72 18.95
N LYS H 93 -22.49 -27.46 19.00
CA LYS H 93 -23.23 -27.35 20.26
C LYS H 93 -23.68 -28.75 20.67
N VAL H 94 -23.14 -29.24 21.79
CA VAL H 94 -23.45 -30.57 22.30
C VAL H 94 -23.80 -30.44 23.77
N ASP H 95 -24.77 -31.26 24.21
CA ASP H 95 -25.16 -31.26 25.61
C ASP H 95 -24.05 -31.83 26.48
N LEU H 96 -23.81 -31.19 27.62
CA LEU H 96 -22.76 -31.61 28.53
C LEU H 96 -23.07 -32.98 29.12
N THR H 97 -22.03 -33.79 29.26
CA THR H 97 -22.16 -35.07 29.93
C THR H 97 -22.15 -34.87 31.45
N GLU H 98 -22.50 -35.94 32.17
CA GLU H 98 -22.58 -35.85 33.62
C GLU H 98 -21.21 -35.64 34.24
N ASN H 99 -20.15 -36.18 33.62
CA ASN H 99 -18.81 -36.03 34.18
C ASN H 99 -18.38 -34.57 34.26
N HIS H 100 -18.63 -33.82 33.19
CA HIS H 100 -18.27 -32.40 33.18
C HIS H 100 -19.03 -31.63 34.25
N LYS H 101 -20.31 -31.92 34.41
CA LYS H 101 -21.11 -31.22 35.43
C LYS H 101 -20.63 -31.56 36.83
N ILE H 102 -20.31 -32.84 37.09
CA ILE H 102 -19.81 -33.20 38.42
C ILE H 102 -18.47 -32.53 38.69
N LEU H 103 -17.58 -32.53 37.69
CA LEU H 103 -16.27 -31.89 37.87
C LEU H 103 -16.43 -30.39 38.12
N ALA H 104 -17.39 -29.76 37.44
CA ALA H 104 -17.66 -28.35 37.69
C ALA H 104 -18.18 -28.14 39.11
N ARG H 105 -19.03 -29.05 39.59
CA ARG H 105 -19.56 -28.91 40.94
C ARG H 105 -18.50 -29.14 42.02
N LEU H 106 -17.43 -29.86 41.71
CA LEU H 106 -16.40 -30.13 42.70
C LEU H 106 -15.54 -28.90 42.94
N PRO H 107 -15.02 -28.73 44.16
CA PRO H 107 -14.17 -27.57 44.45
C PRO H 107 -12.76 -27.72 43.88
N ILE H 108 -12.66 -27.88 42.57
CA ILE H 108 -11.39 -28.05 41.88
C ILE H 108 -11.07 -26.75 41.16
N HIS H 109 -9.90 -26.19 41.44
CA HIS H 109 -9.52 -24.87 40.93
C HIS H 109 -8.54 -24.94 39.76
N THR H 110 -8.12 -26.14 39.36
CA THR H 110 -7.12 -26.27 38.31
C THR H 110 -7.54 -27.39 37.36
N TYR H 111 -7.70 -27.05 36.09
CA TYR H 111 -7.93 -28.02 35.03
C TYR H 111 -6.85 -27.88 33.98
N TRP H 112 -6.33 -29.00 33.51
CA TRP H 112 -5.40 -29.05 32.39
C TRP H 112 -6.00 -29.96 31.34
N THR H 113 -6.21 -29.43 30.13
CA THR H 113 -6.92 -30.15 29.09
C THR H 113 -6.07 -30.23 27.83
N THR H 114 -6.09 -31.40 27.20
CA THR H 114 -5.54 -31.59 25.86
C THR H 114 -6.61 -31.56 24.79
N ALA H 115 -7.86 -31.34 25.16
CA ALA H 115 -8.97 -31.25 24.23
C ALA H 115 -9.20 -29.81 23.80
N TYR H 116 -9.61 -29.63 22.54
CA TYR H 116 -9.84 -28.30 21.99
C TYR H 116 -11.23 -27.78 22.28
N ASP H 117 -12.18 -28.65 22.59
CA ASP H 117 -13.55 -28.22 22.84
C ASP H 117 -13.64 -27.41 24.13
N ARG H 118 -14.78 -26.75 24.32
CA ARG H 118 -15.03 -25.89 25.46
C ARG H 118 -16.04 -26.50 26.44
N LEU H 119 -16.01 -27.82 26.60
CA LEU H 119 -16.98 -28.49 27.46
C LEU H 119 -16.73 -28.18 28.93
N ILE H 120 -15.47 -28.16 29.35
CA ILE H 120 -15.15 -27.80 30.73
C ILE H 120 -15.56 -26.37 31.02
N GLU H 121 -15.28 -25.46 30.07
CA GLU H 121 -15.66 -24.06 30.26
C GLU H 121 -17.17 -23.92 30.37
N LYS H 122 -17.92 -24.61 29.52
CA LYS H 122 -19.38 -24.54 29.58
C LYS H 122 -19.91 -25.14 30.87
N ALA H 123 -19.32 -26.24 31.32
CA ALA H 123 -19.74 -26.85 32.59
C ALA H 123 -19.49 -25.92 33.76
N LEU H 124 -18.36 -25.22 33.75
CA LEU H 124 -18.08 -24.25 34.82
C LEU H 124 -19.01 -23.06 34.73
N GLU H 125 -19.36 -22.62 33.51
CA GLU H 125 -20.28 -21.50 33.35
C GLU H 125 -21.68 -21.85 33.85
N GLU H 126 -22.15 -23.06 33.55
CA GLU H 126 -23.49 -23.46 33.97
C GLU H 126 -23.60 -23.66 35.48
N GLU H 127 -22.48 -23.70 36.20
CA GLU H 127 -22.50 -23.75 37.65
C GLU H 127 -22.31 -22.38 38.28
N ASN H 128 -22.43 -21.31 37.49
CA ASN H 128 -22.23 -19.94 37.97
C ASN H 128 -20.84 -19.76 38.57
N LYS H 129 -19.85 -20.40 37.94
CA LYS H 129 -18.46 -20.30 38.36
C LYS H 129 -17.67 -19.50 37.32
N ILE H 130 -16.75 -18.67 37.80
CA ILE H 130 -15.90 -17.89 36.90
C ILE H 130 -14.70 -18.73 36.51
N ALA H 131 -14.56 -18.98 35.21
CA ALA H 131 -13.49 -19.81 34.68
C ALA H 131 -12.49 -18.93 33.94
N ASP H 132 -11.21 -19.09 34.27
CA ASP H 132 -10.14 -18.35 33.62
C ASP H 132 -9.46 -19.31 32.64
N VAL H 133 -9.86 -19.24 31.38
CA VAL H 133 -9.39 -20.17 30.36
C VAL H 133 -8.11 -19.62 29.75
N LYS H 134 -7.09 -20.47 29.68
CA LYS H 134 -5.77 -20.07 29.18
C LYS H 134 -5.32 -21.05 28.11
N TYR H 135 -5.06 -20.53 26.91
CA TYR H 135 -4.45 -21.34 25.85
C TYR H 135 -3.39 -20.55 25.10
N THR H 136 -3.06 -19.35 25.56
CA THR H 136 -2.02 -18.51 24.95
C THR H 136 -1.01 -18.14 26.04
N VAL H 137 0.24 -17.96 25.63
CA VAL H 137 1.28 -17.58 26.59
C VAL H 137 0.97 -16.23 27.22
N LYS H 138 0.42 -15.31 26.43
CA LYS H 138 0.06 -13.99 26.95
C LYS H 138 -1.01 -14.10 28.04
N GLN H 139 -1.99 -14.99 27.85
CA GLN H 139 -3.08 -15.12 28.81
C GLN H 139 -2.60 -15.54 30.19
N LEU H 140 -1.40 -16.11 30.30
CA LEU H 140 -0.86 -16.46 31.61
C LEU H 140 -0.53 -15.23 32.45
N ALA H 141 -0.34 -14.08 31.82
CA ALA H 141 0.05 -12.87 32.54
C ALA H 141 -1.14 -12.13 33.15
N THR H 142 -2.37 -12.53 32.84
CA THR H 142 -3.56 -11.89 33.38
C THR H 142 -4.40 -12.93 34.11
N THR H 143 -4.91 -12.55 35.28
CA THR H 143 -5.75 -13.42 36.10
C THR H 143 -7.13 -12.79 36.26
N LYS H 144 -8.17 -13.57 36.05
CA LYS H 144 -9.52 -13.09 36.28
C LYS H 144 -9.77 -12.90 37.77
N VAL H 145 -10.50 -11.84 38.11
CA VAL H 145 -10.79 -11.53 39.50
C VAL H 145 -11.92 -12.42 39.99
N LYS H 146 -11.76 -12.97 41.19
CA LYS H 146 -12.73 -13.86 41.83
C LYS H 146 -13.01 -15.10 40.99
N ARG H 147 -11.99 -15.62 40.32
CA ARG H 147 -12.16 -16.83 39.52
C ARG H 147 -12.27 -18.05 40.42
N ASP H 148 -13.10 -19.00 40.01
CA ASP H 148 -13.26 -20.24 40.76
C ASP H 148 -12.27 -21.31 40.32
N ALA H 149 -11.98 -21.39 39.03
CA ALA H 149 -11.04 -22.36 38.50
C ALA H 149 -10.31 -21.76 37.31
N VAL H 150 -9.13 -22.30 37.03
CA VAL H 150 -8.36 -21.90 35.86
C VAL H 150 -8.20 -23.12 34.97
N VAL H 151 -8.50 -22.96 33.69
CA VAL H 151 -8.43 -24.03 32.70
C VAL H 151 -7.27 -23.73 31.76
N TYR H 152 -6.28 -24.61 31.74
CA TYR H 152 -5.15 -24.52 30.83
C TYR H 152 -5.41 -25.46 29.67
N LYS H 153 -5.79 -24.89 28.53
CA LYS H 153 -5.93 -25.67 27.30
C LYS H 153 -4.56 -25.70 26.64
N MET H 154 -3.78 -26.73 26.98
CA MET H 154 -2.38 -26.78 26.59
C MET H 154 -2.17 -27.21 25.14
N HIS H 155 -3.22 -27.66 24.45
CA HIS H 155 -3.12 -28.00 23.03
C HIS H 155 -3.86 -27.01 22.15
N GLY H 156 -4.33 -25.90 22.70
CA GLY H 156 -5.00 -24.87 21.94
C GLY H 156 -6.51 -24.93 22.11
N ASP H 157 -7.17 -23.93 21.54
CA ASP H 157 -8.62 -23.78 21.60
C ASP H 157 -9.23 -24.13 20.24
N VAL H 158 -10.53 -24.48 20.28
CA VAL H 158 -11.23 -24.81 19.05
C VAL H 158 -11.42 -23.57 18.19
N GLU H 159 -11.64 -22.41 18.80
CA GLU H 159 -11.86 -21.18 18.06
C GLU H 159 -10.57 -20.62 17.46
N HIS H 160 -9.42 -21.21 17.78
CA HIS H 160 -8.13 -20.84 17.20
C HIS H 160 -7.48 -22.09 16.62
N PRO H 161 -8.04 -22.62 15.53
CA PRO H 161 -7.54 -23.90 14.99
C PRO H 161 -6.08 -23.86 14.55
N SER H 162 -5.58 -22.70 14.12
CA SER H 162 -4.22 -22.63 13.61
C SER H 162 -3.17 -22.83 14.68
N GLU H 163 -3.53 -22.66 15.96
CA GLU H 163 -2.60 -22.82 17.06
C GLU H 163 -2.79 -24.15 17.80
N ALA H 164 -3.64 -25.04 17.27
CA ALA H 164 -3.84 -26.34 17.88
C ALA H 164 -2.64 -27.25 17.61
N VAL H 165 -2.29 -28.06 18.61
CA VAL H 165 -1.18 -28.99 18.51
C VAL H 165 -1.73 -30.28 17.89
N LEU H 166 -1.47 -30.47 16.60
CA LEU H 166 -2.02 -31.62 15.87
C LEU H 166 -0.93 -32.41 15.14
N ILE H 167 0.05 -31.71 14.59
CA ILE H 167 1.05 -32.32 13.74
C ILE H 167 2.37 -32.41 14.48
N LYS H 168 3.33 -33.14 13.90
CA LYS H 168 4.62 -33.34 14.54
C LYS H 168 5.39 -32.03 14.68
N ASP H 169 5.18 -31.09 13.75
CA ASP H 169 5.84 -29.80 13.86
C ASP H 169 5.40 -29.07 15.13
N ASP H 170 4.11 -29.14 15.45
CA ASP H 170 3.60 -28.50 16.66
C ASP H 170 4.23 -29.11 17.90
N TYR H 171 4.33 -30.44 17.95
CA TYR H 171 4.95 -31.08 19.10
C TYR H 171 6.43 -30.75 19.20
N GLU H 172 7.13 -30.66 18.11
CA GLU H 172 8.51 -30.32 18.10
C GLU H 172 8.80 -28.91 18.50
N LYS H 173 7.93 -28.00 18.17
CA LYS H 173 8.11 -26.60 18.56
C LYS H 173 7.36 -26.24 19.83
N TYR H 174 6.66 -27.18 20.46
CA TYR H 174 5.95 -26.88 21.69
C TYR H 174 6.91 -26.51 22.81
N SER H 175 8.04 -27.22 22.92
CA SER H 175 8.97 -26.97 24.01
C SER H 175 9.57 -25.57 23.97
N ILE H 176 9.57 -24.92 22.81
CA ILE H 176 10.06 -23.56 22.67
C ILE H 176 8.93 -22.55 22.73
N LYS H 177 7.87 -22.76 21.95
CA LYS H 177 6.78 -21.80 21.88
C LYS H 177 5.98 -21.77 23.19
N MET H 178 5.63 -22.94 23.72
CA MET H 178 4.77 -23.06 24.88
C MET H 178 5.54 -23.49 26.12
N ASP H 179 6.77 -23.02 26.25
CA ASP H 179 7.57 -23.32 27.44
C ASP H 179 6.94 -22.84 28.74
N PRO H 180 6.33 -21.65 28.83
CA PRO H 180 5.66 -21.28 30.08
C PRO H 180 4.58 -22.25 30.51
N TYR H 181 3.86 -22.85 29.56
CA TYR H 181 2.86 -23.85 29.92
C TYR H 181 3.53 -25.11 30.46
N ILE H 182 4.69 -25.48 29.91
CA ILE H 182 5.44 -26.61 30.44
C ILE H 182 5.87 -26.33 31.87
N LYS H 183 6.37 -25.12 32.13
CA LYS H 183 6.77 -24.76 33.50
C LYS H 183 5.58 -24.78 34.44
N ALA H 184 4.44 -24.26 34.00
CA ALA H 184 3.25 -24.25 34.85
C ALA H 184 2.77 -25.66 35.15
N LEU H 185 2.79 -26.54 34.15
CA LEU H 185 2.35 -27.92 34.38
C LEU H 185 3.31 -28.66 35.28
N SER H 186 4.62 -28.40 35.14
CA SER H 186 5.57 -29.00 36.07
C SER H 186 5.33 -28.52 37.51
N GLY H 187 5.09 -27.21 37.68
CA GLY H 187 4.81 -26.71 39.00
C GLY H 187 3.54 -27.29 39.61
N ASP H 188 2.50 -27.45 38.79
CA ASP H 188 1.27 -28.06 39.27
C ASP H 188 1.48 -29.54 39.61
N LEU H 189 2.25 -30.26 38.79
CA LEU H 189 2.51 -31.67 39.06
C LEU H 189 3.31 -31.86 40.34
N VAL H 190 4.18 -30.91 40.68
CA VAL H 190 4.94 -31.02 41.92
C VAL H 190 4.22 -30.42 43.12
N SER H 191 3.22 -29.57 42.90
CA SER H 191 2.53 -28.90 43.99
C SER H 191 1.08 -29.32 44.17
N LYS H 192 0.48 -30.04 43.21
CA LYS H 192 -0.91 -30.42 43.29
C LYS H 192 -1.07 -31.91 43.01
N THR H 193 -2.15 -32.47 43.51
CA THR H 193 -2.49 -33.87 43.28
C THR H 193 -3.41 -33.98 42.07
N PHE H 194 -2.91 -34.59 41.00
CA PHE H 194 -3.63 -34.66 39.74
C PHE H 194 -4.46 -35.93 39.63
N LEU H 195 -5.58 -35.82 38.93
CA LEU H 195 -6.38 -36.96 38.51
C LEU H 195 -6.48 -36.93 37.00
N PHE H 196 -5.94 -37.94 36.34
CA PHE H 196 -5.97 -38.03 34.89
C PHE H 196 -7.20 -38.80 34.46
N VAL H 197 -8.10 -38.12 33.74
CA VAL H 197 -9.34 -38.72 33.26
C VAL H 197 -9.38 -38.58 31.74
N GLY H 198 -9.62 -39.68 31.04
CA GLY H 198 -9.69 -39.66 29.60
C GLY H 198 -8.36 -39.50 28.90
N PHE H 199 -7.25 -39.70 29.60
CA PHE H 199 -5.92 -39.50 29.05
C PHE H 199 -5.27 -40.84 28.77
N SER H 200 -4.75 -41.01 27.56
CA SER H 200 -4.11 -42.26 27.15
C SER H 200 -2.62 -42.31 27.43
N PHE H 201 -2.02 -41.20 27.88
CA PHE H 201 -0.60 -41.13 28.19
C PHE H 201 0.27 -41.50 26.99
N THR H 202 -0.19 -41.13 25.80
CA THR H 202 0.58 -41.29 24.57
C THR H 202 0.96 -39.94 23.98
N ASP H 203 0.84 -38.87 24.75
CA ASP H 203 1.14 -37.53 24.28
C ASP H 203 2.62 -37.24 24.46
N PRO H 204 3.36 -36.89 23.42
CA PRO H 204 4.80 -36.61 23.59
C PRO H 204 5.10 -35.48 24.56
N ASN H 205 4.25 -34.44 24.59
CA ASN H 205 4.49 -33.33 25.51
C ASN H 205 4.33 -33.76 26.96
N LEU H 206 3.29 -34.54 27.26
CA LEU H 206 3.11 -35.02 28.62
C LEU H 206 4.20 -36.00 29.02
N ASP H 207 4.64 -36.85 28.10
CA ASP H 207 5.77 -37.73 28.38
C ASP H 207 7.02 -36.93 28.70
N TYR H 208 7.28 -35.88 27.92
CA TYR H 208 8.45 -35.02 28.16
C TYR H 208 8.37 -34.35 29.53
N ILE H 209 7.20 -33.81 29.86
CA ILE H 209 7.04 -33.10 31.14
C ILE H 209 7.18 -34.07 32.31
N LEU H 210 6.56 -35.25 32.20
CA LEU H 210 6.67 -36.24 33.28
C LEU H 210 8.10 -36.74 33.43
N SER H 211 8.82 -36.92 32.31
CA SER H 211 10.20 -37.34 32.39
C SER H 211 11.06 -36.27 33.06
N ARG H 212 10.80 -34.99 32.77
CA ARG H 212 11.54 -33.92 33.41
C ARG H 212 11.25 -33.88 34.91
N VAL H 213 9.98 -34.02 35.30
CA VAL H 213 9.62 -34.01 36.71
C VAL H 213 10.26 -35.20 37.43
N ARG H 214 10.26 -36.36 36.80
CA ARG H 214 10.89 -37.54 37.39
C ARG H 214 12.38 -37.34 37.55
N SER H 215 13.05 -36.81 36.51
CA SER H 215 14.48 -36.53 36.61
C SER H 215 14.78 -35.54 37.71
N ALA H 216 13.88 -34.58 37.94
CA ALA H 216 14.11 -33.58 38.97
C ALA H 216 13.87 -34.12 40.37
N TYR H 217 12.90 -35.01 40.56
CA TYR H 217 12.46 -35.36 41.91
C TYR H 217 12.73 -36.80 42.32
N GLU H 218 13.26 -37.64 41.44
CA GLU H 218 13.69 -39.02 41.75
C GLU H 218 12.52 -39.77 42.37
N ARG H 219 12.69 -40.40 43.53
CA ARG H 219 11.64 -41.18 44.17
C ARG H 219 10.71 -40.34 45.02
N ASP H 220 10.95 -39.03 45.11
CA ASP H 220 10.15 -38.13 45.94
C ASP H 220 9.08 -37.43 45.12
N GLN H 221 8.68 -38.01 44.00
CA GLN H 221 7.62 -37.44 43.19
C GLN H 221 6.28 -37.52 43.93
N ARG H 222 5.45 -36.51 43.70
CA ARG H 222 4.13 -36.47 44.28
C ARG H 222 3.23 -37.52 43.64
N ARG H 223 2.39 -38.17 44.43
CA ARG H 223 1.49 -39.13 43.89
C ARG H 223 0.33 -38.57 43.20
N HIS H 224 0.09 -39.11 42.03
CA HIS H 224 -1.04 -38.70 41.21
C HIS H 224 -1.90 -39.92 40.89
N TYR H 225 -3.09 -39.66 40.36
CA TYR H 225 -4.02 -40.74 40.04
C TYR H 225 -4.46 -40.63 38.58
N CYS H 226 -4.72 -41.79 38.00
CA CYS H 226 -5.27 -41.90 36.66
C CYS H 226 -6.40 -42.92 36.68
N LEU H 227 -7.36 -42.74 35.78
CA LEU H 227 -8.48 -43.67 35.62
C LEU H 227 -8.39 -44.27 34.23
N ILE H 228 -8.19 -45.59 34.15
CA ILE H 228 -8.03 -46.27 32.88
C ILE H 228 -9.00 -47.45 32.84
N LYS H 229 -9.70 -47.61 31.73
CA LYS H 229 -10.59 -48.75 31.56
C LYS H 229 -9.80 -49.98 31.12
N LYS H 230 -10.21 -51.14 31.65
CA LYS H 230 -9.53 -52.38 31.30
C LYS H 230 -9.82 -52.76 29.85
N GLU H 231 -8.94 -53.59 29.30
CA GLU H 231 -9.08 -54.05 27.93
C GLU H 231 -10.31 -54.97 27.80
N GLU H 232 -11.05 -54.81 26.71
CA GLU H 232 -12.22 -55.60 26.43
C GLU H 232 -11.97 -56.49 25.22
N ARG H 233 -12.50 -57.72 25.28
CA ARG H 233 -12.29 -58.68 24.20
C ARG H 233 -13.10 -58.26 22.98
N ARG H 234 -12.40 -57.92 21.90
CA ARG H 234 -13.06 -57.57 20.67
C ARG H 234 -13.71 -58.80 20.04
N PRO H 235 -14.82 -58.62 19.30
CA PRO H 235 -15.48 -59.78 18.71
C PRO H 235 -14.60 -60.59 17.77
N ASP H 236 -13.76 -59.92 16.98
CA ASP H 236 -12.89 -60.62 16.04
C ASP H 236 -11.69 -61.25 16.73
N GLU H 237 -11.26 -60.70 17.86
CA GLU H 237 -10.04 -61.16 18.50
C GLU H 237 -10.22 -62.53 19.14
N LEU H 238 -9.10 -63.24 19.29
CA LEU H 238 -9.06 -64.52 19.98
C LEU H 238 -8.70 -64.31 21.46
N GLU H 239 -8.75 -65.41 22.22
CA GLU H 239 -8.42 -65.34 23.64
C GLU H 239 -6.95 -64.97 23.86
N ALA H 240 -6.06 -65.52 23.05
CA ALA H 240 -4.63 -65.25 23.21
C ALA H 240 -4.32 -63.78 22.95
N ASP H 241 -4.93 -63.19 21.92
CA ASP H 241 -4.70 -61.78 21.64
C ASP H 241 -5.26 -60.90 22.75
N PHE H 242 -6.42 -61.27 23.30
CA PHE H 242 -6.97 -60.52 24.42
C PHE H 242 -6.07 -60.59 25.65
N GLU H 243 -5.53 -61.78 25.96
CA GLU H 243 -4.61 -61.90 27.08
C GLU H 243 -3.33 -61.11 26.84
N TYR H 244 -2.84 -61.10 25.60
CA TYR H 244 -1.66 -60.31 25.28
C TYR H 244 -1.93 -58.82 25.46
N ARG H 245 -3.12 -58.36 25.06
CA ARG H 245 -3.48 -56.95 25.26
C ARG H 245 -3.60 -56.62 26.75
N VAL H 246 -4.14 -57.56 27.54
CA VAL H 246 -4.24 -57.33 28.98
C VAL H 246 -2.86 -57.22 29.60
N ARG H 247 -1.93 -58.11 29.21
CA ARG H 247 -0.57 -58.03 29.73
C ARG H 247 0.11 -56.73 29.29
N LYS H 248 -0.11 -56.32 28.05
CA LYS H 248 0.46 -55.07 27.56
C LYS H 248 -0.06 -53.89 28.38
N GLN H 249 -1.36 -53.89 28.70
CA GLN H 249 -1.91 -52.82 29.51
C GLN H 249 -1.36 -52.84 30.93
N GLU H 250 -1.14 -54.03 31.48
CA GLU H 250 -0.53 -54.13 32.81
C GLU H 250 0.88 -53.54 32.81
N LEU H 251 1.67 -53.85 31.78
CA LEU H 251 3.01 -53.28 31.68
C LEU H 251 2.94 -51.77 31.48
N PHE H 252 1.94 -51.30 30.73
CA PHE H 252 1.74 -49.86 30.59
C PHE H 252 1.42 -49.20 31.92
N ILE H 253 0.70 -49.83 32.81
CA ILE H 253 0.43 -49.26 34.11
C ILE H 253 1.62 -49.17 35.06
N SER H 254 2.47 -50.18 35.09
CA SER H 254 3.67 -50.14 35.90
C SER H 254 4.61 -49.06 35.45
N ASP H 255 4.67 -48.84 34.17
CA ASP H 255 5.46 -47.77 33.66
C ASP H 255 4.99 -46.41 34.08
N LEU H 256 3.71 -46.20 34.16
CA LEU H 256 3.15 -44.98 34.65
C LEU H 256 3.48 -44.85 36.08
N SER H 257 3.52 -45.95 36.79
CA SER H 257 3.95 -45.90 38.18
C SER H 257 5.35 -45.43 38.27
N ARG H 258 6.16 -45.74 37.30
CA ARG H 258 7.48 -45.14 37.28
C ARG H 258 7.37 -43.67 37.43
N PHE H 259 6.24 -43.08 37.09
CA PHE H 259 6.12 -41.65 37.36
C PHE H 259 5.30 -41.36 38.61
N ASN H 260 5.13 -42.35 39.49
CA ASN H 260 4.35 -42.22 40.72
C ASN H 260 2.89 -41.87 40.43
N ILE H 261 2.38 -42.38 39.32
CA ILE H 261 0.97 -42.19 38.94
C ILE H 261 0.27 -43.52 39.11
N LYS H 262 -0.58 -43.62 40.13
CA LYS H 262 -1.33 -44.83 40.41
C LYS H 262 -2.55 -44.89 39.49
N THR H 263 -2.77 -46.05 38.89
CA THR H 263 -3.84 -46.23 37.92
C THR H 263 -4.98 -47.03 38.55
N ILE H 264 -6.20 -46.53 38.41
CA ILE H 264 -7.39 -47.23 38.83
C ILE H 264 -8.02 -47.85 37.59
N VAL H 265 -8.09 -49.19 37.57
CA VAL H 265 -8.62 -49.92 36.44
C VAL H 265 -10.13 -50.04 36.61
N LEU H 266 -10.87 -49.61 35.60
CA LEU H 266 -12.32 -49.55 35.63
C LEU H 266 -12.89 -50.51 34.61
N ASN H 267 -14.01 -51.15 34.96
CA ASN H 267 -14.64 -52.10 34.06
C ASN H 267 -15.22 -51.40 32.83
N ASN H 268 -15.82 -50.23 33.04
CA ASN H 268 -16.44 -49.47 31.96
C ASN H 268 -16.27 -47.99 32.24
N TYR H 269 -16.70 -47.17 31.27
CA TYR H 269 -16.53 -45.73 31.39
C TYR H 269 -17.58 -45.06 32.28
N ASN H 270 -18.68 -45.75 32.60
CA ASN H 270 -19.64 -45.21 33.54
C ASN H 270 -19.11 -45.23 34.97
N GLU H 271 -18.10 -46.06 35.26
CA GLU H 271 -17.49 -46.04 36.57
C GLU H 271 -16.76 -44.73 36.85
N ILE H 272 -16.34 -44.01 35.81
CA ILE H 272 -15.83 -42.66 36.01
C ILE H 272 -16.92 -41.77 36.61
N THR H 273 -18.13 -41.84 36.05
CA THR H 273 -19.25 -41.07 36.59
C THR H 273 -19.59 -41.52 38.00
N GLU H 274 -19.55 -42.83 38.26
CA GLU H 274 -19.83 -43.32 39.60
C GLU H 274 -18.82 -42.81 40.61
N ILE H 275 -17.54 -42.83 40.26
CA ILE H 275 -16.48 -42.34 41.16
C ILE H 275 -16.65 -40.86 41.41
N LEU H 276 -16.92 -40.08 40.35
CA LEU H 276 -17.12 -38.65 40.52
C LEU H 276 -18.32 -38.35 41.40
N GLN H 277 -19.42 -39.10 41.21
CA GLN H 277 -20.59 -38.93 42.06
C GLN H 277 -20.27 -39.27 43.52
N ARG H 278 -19.48 -40.32 43.74
CA ARG H 278 -19.13 -40.69 45.10
C ARG H 278 -18.27 -39.61 45.77
N ILE H 279 -17.31 -39.05 45.03
CA ILE H 279 -16.49 -37.97 45.57
C ILE H 279 -17.34 -36.75 45.87
N GLU H 280 -18.24 -36.41 44.96
CA GLU H 280 -19.14 -35.26 45.18
C GLU H 280 -20.02 -35.48 46.39
N ASN H 281 -20.53 -36.69 46.57
CA ASN H 281 -21.36 -37.00 47.73
C ASN H 281 -20.55 -36.92 49.02
N ASN H 282 -19.32 -37.44 49.01
CA ASN H 282 -18.47 -37.37 50.20
C ASN H 282 -18.18 -35.92 50.58
N ILE H 283 -17.96 -35.06 49.57
CA ILE H 283 -17.70 -33.65 49.86
C ILE H 283 -18.96 -32.96 50.36
N LYS H 284 -20.11 -33.26 49.74
CA LYS H 284 -21.34 -32.54 50.05
C LYS H 284 -21.93 -32.93 51.39
N THR H 285 -21.87 -34.22 51.74
CA THR H 285 -22.51 -34.71 52.95
C THR H 285 -21.73 -34.36 54.22
N LYS H 286 -20.53 -33.81 54.09
CA LYS H 286 -19.77 -33.39 55.27
C LYS H 286 -20.38 -32.18 55.96
N THR H 287 -21.33 -31.51 55.32
CA THR H 287 -22.05 -30.40 55.93
C THR H 287 -23.46 -30.86 56.28
N VAL H 288 -23.81 -30.80 57.55
CA VAL H 288 -25.08 -31.28 58.07
C VAL H 288 -25.95 -30.09 58.46
N PHE H 289 -27.21 -30.12 58.03
CA PHE H 289 -28.19 -29.10 58.37
C PHE H 289 -28.97 -29.55 59.59
N LEU H 290 -28.71 -28.91 60.72
CA LEU H 290 -29.41 -29.24 61.96
C LEU H 290 -30.67 -28.39 62.05
N SER H 291 -31.82 -29.05 62.10
CA SER H 291 -33.12 -28.38 62.08
C SER H 291 -33.94 -28.81 63.29
N GLY H 292 -34.82 -27.94 63.71
CA GLY H 292 -35.77 -28.26 64.75
C GLY H 292 -36.04 -27.07 65.66
N SER H 293 -37.19 -27.14 66.31
CA SER H 293 -37.60 -26.19 67.33
C SER H 293 -38.45 -26.94 68.35
N ALA H 294 -38.19 -26.68 69.63
CA ALA H 294 -38.80 -27.50 70.67
C ALA H 294 -39.11 -26.64 71.89
N VAL H 295 -40.39 -26.58 72.26
CA VAL H 295 -40.77 -26.04 73.56
C VAL H 295 -40.95 -27.16 74.58
N GLU H 296 -41.59 -28.26 74.18
CA GLU H 296 -41.71 -29.46 74.98
C GLU H 296 -40.91 -30.58 74.31
N TYR H 297 -40.00 -31.19 75.07
CA TYR H 297 -39.07 -32.16 74.51
C TYR H 297 -39.59 -33.58 74.63
N ASN H 298 -40.82 -33.80 74.17
CA ASN H 298 -41.45 -35.14 74.09
C ASN H 298 -41.35 -35.82 75.46
N HIS H 299 -40.86 -37.06 75.53
CA HIS H 299 -40.80 -37.76 76.81
C HIS H 299 -39.65 -37.25 77.68
N TRP H 300 -38.53 -36.91 77.06
CA TRP H 300 -37.36 -36.48 77.81
C TRP H 300 -37.61 -35.13 78.49
N GLU H 301 -36.92 -34.93 79.62
CA GLU H 301 -37.02 -33.67 80.33
C GLU H 301 -36.28 -32.57 79.58
N THR H 302 -36.46 -31.33 80.03
CA THR H 302 -35.83 -30.19 79.36
C THR H 302 -34.32 -30.29 79.44
N GLU H 303 -33.78 -30.45 80.65
CA GLU H 303 -32.33 -30.50 80.81
C GLU H 303 -31.72 -31.70 80.10
N HIS H 304 -32.39 -32.85 80.17
CA HIS H 304 -31.89 -34.04 79.50
C HIS H 304 -31.81 -33.83 77.99
N ALA H 305 -32.84 -33.24 77.40
CA ALA H 305 -32.83 -33.00 75.97
C ALA H 305 -31.80 -31.94 75.58
N GLU H 306 -31.62 -30.92 76.42
CA GLU H 306 -30.60 -29.92 76.15
C GLU H 306 -29.21 -30.55 76.15
N GLN H 307 -28.94 -31.41 77.14
CA GLN H 307 -27.66 -32.11 77.18
C GLN H 307 -27.50 -33.02 75.97
N PHE H 308 -28.58 -33.69 75.56
CA PHE H 308 -28.53 -34.55 74.37
C PHE H 308 -28.15 -33.75 73.13
N ILE H 309 -28.81 -32.59 72.92
CA ILE H 309 -28.51 -31.77 71.75
C ILE H 309 -27.08 -31.24 71.82
N HIS H 310 -26.65 -30.80 73.01
CA HIS H 310 -25.29 -30.31 73.18
C HIS H 310 -24.26 -31.37 72.82
N GLN H 311 -24.42 -32.58 73.34
CA GLN H 311 -23.47 -33.64 73.06
C GLN H 311 -23.55 -34.10 71.61
N LEU H 312 -24.75 -34.09 71.02
CA LEU H 312 -24.88 -34.44 69.61
C LEU H 312 -24.11 -33.45 68.73
N SER H 313 -24.24 -32.15 69.02
CA SER H 313 -23.50 -31.15 68.25
C SER H 313 -22.00 -31.27 68.49
N LYS H 314 -21.60 -31.56 69.73
CA LYS H 314 -20.18 -31.76 70.01
C LYS H 314 -19.62 -32.94 69.23
N GLU H 315 -20.37 -34.04 69.16
CA GLU H 315 -19.93 -35.20 68.39
C GLU H 315 -19.89 -34.88 66.90
N LEU H 316 -20.87 -34.13 66.40
CA LEU H 316 -20.87 -33.75 64.99
C LEU H 316 -19.63 -32.93 64.65
N ILE H 317 -19.28 -31.96 65.51
CA ILE H 317 -18.07 -31.18 65.29
C ILE H 317 -16.83 -32.07 65.39
N ARG H 318 -16.82 -32.99 66.36
CA ARG H 318 -15.67 -33.86 66.54
C ARG H 318 -15.47 -34.81 65.37
N LYS H 319 -16.55 -35.22 64.71
CA LYS H 319 -16.47 -36.12 63.57
C LYS H 319 -16.23 -35.39 62.25
N ASP H 320 -15.67 -34.18 62.31
CA ASP H 320 -15.30 -33.39 61.14
C ASP H 320 -16.52 -33.09 60.25
N PHE H 321 -17.61 -32.67 60.89
CA PHE H 321 -18.79 -32.21 60.19
C PHE H 321 -18.99 -30.72 60.40
N ASN H 322 -19.47 -30.04 59.36
CA ASN H 322 -19.77 -28.62 59.42
C ASN H 322 -21.26 -28.45 59.63
N ILE H 323 -21.64 -27.80 60.72
CA ILE H 323 -23.03 -27.69 61.14
C ILE H 323 -23.60 -26.38 60.62
N VAL H 324 -24.74 -26.46 59.94
CA VAL H 324 -25.50 -25.28 59.52
C VAL H 324 -26.84 -25.34 60.24
N SER H 325 -27.14 -24.30 61.03
CA SER H 325 -28.35 -24.26 61.83
C SER H 325 -29.11 -22.97 61.57
N GLY H 326 -30.44 -23.07 61.60
CA GLY H 326 -31.31 -21.93 61.47
C GLY H 326 -31.62 -21.23 62.78
N PHE H 327 -30.97 -21.63 63.87
CA PHE H 327 -31.20 -21.04 65.19
C PHE H 327 -32.68 -21.11 65.58
N GLY H 328 -33.24 -22.31 65.50
CA GLY H 328 -34.62 -22.51 65.92
C GLY H 328 -34.79 -22.30 67.41
N LEU H 329 -36.00 -21.91 67.79
CA LEU H 329 -36.30 -21.64 69.19
C LEU H 329 -36.23 -22.93 69.99
N GLY H 330 -35.33 -22.99 70.96
CA GLY H 330 -35.18 -24.14 71.81
C GLY H 330 -34.16 -25.17 71.37
N VAL H 331 -33.65 -25.08 70.14
CA VAL H 331 -32.63 -26.02 69.68
C VAL H 331 -31.35 -25.28 69.32
N GLY H 332 -31.47 -24.04 68.87
CA GLY H 332 -30.32 -23.32 68.35
C GLY H 332 -29.26 -23.02 69.42
N SER H 333 -29.71 -22.60 70.61
CA SER H 333 -28.77 -22.21 71.65
C SER H 333 -27.89 -23.40 72.04
N PHE H 334 -28.47 -24.60 72.12
CA PHE H 334 -27.73 -25.74 72.63
C PHE H 334 -26.80 -26.35 71.59
N VAL H 335 -27.17 -26.32 70.30
CA VAL H 335 -26.21 -26.71 69.27
C VAL H 335 -25.07 -25.70 69.23
N ILE H 336 -25.39 -24.41 69.43
CA ILE H 336 -24.34 -23.40 69.51
C ILE H 336 -23.40 -23.71 70.68
N ASN H 337 -23.97 -24.06 71.84
CA ASN H 337 -23.15 -24.39 73.00
C ASN H 337 -22.27 -25.61 72.74
N GLY H 338 -22.82 -26.63 72.09
CA GLY H 338 -22.03 -27.81 71.77
C GLY H 338 -20.88 -27.49 70.82
N VAL H 339 -21.15 -26.69 69.79
CA VAL H 339 -20.09 -26.29 68.88
C VAL H 339 -19.02 -25.48 69.60
N LEU H 340 -19.45 -24.57 70.48
CA LEU H 340 -18.48 -23.77 71.22
C LEU H 340 -17.62 -24.62 72.13
N GLU H 341 -18.22 -25.59 72.81
CA GLU H 341 -17.44 -26.49 73.66
C GLU H 341 -16.46 -27.30 72.84
N GLU H 342 -16.88 -27.78 71.67
CA GLU H 342 -16.00 -28.59 70.84
C GLU H 342 -14.85 -27.76 70.27
N LEU H 343 -15.11 -26.48 69.96
CA LEU H 343 -14.11 -25.65 69.29
C LEU H 343 -13.23 -24.87 70.25
N TYR H 344 -13.79 -24.38 71.36
CA TYR H 344 -13.01 -23.59 72.33
C TYR H 344 -12.14 -24.55 73.13
N MET H 345 -11.00 -24.90 72.56
CA MET H 345 -10.06 -25.81 73.20
C MET H 345 -8.62 -25.42 72.87
N GLY H 348 -9.48 -20.79 71.54
CA GLY H 348 -9.84 -21.02 70.15
C GLY H 348 -10.88 -20.05 69.64
N THR H 349 -11.09 -20.06 68.32
CA THR H 349 -12.05 -19.18 67.67
C THR H 349 -13.04 -20.01 66.87
N ILE H 350 -14.16 -19.38 66.52
CA ILE H 350 -15.21 -20.05 65.75
C ILE H 350 -14.83 -19.97 64.27
N ASP H 351 -14.43 -21.10 63.69
CA ASP H 351 -14.19 -21.15 62.26
C ASP H 351 -15.50 -20.97 61.51
N ASP H 352 -15.45 -20.17 60.44
CA ASP H 352 -16.67 -19.87 59.69
C ASP H 352 -17.22 -21.11 59.01
N ASP H 353 -16.36 -22.06 58.64
CA ASP H 353 -16.82 -23.26 57.96
C ASP H 353 -17.49 -24.23 58.92
N ARG H 354 -16.98 -24.33 60.15
CA ARG H 354 -17.48 -25.34 61.09
C ARG H 354 -18.92 -25.07 61.49
N LEU H 355 -19.28 -23.81 61.74
CA LEU H 355 -20.61 -23.46 62.21
C LEU H 355 -21.10 -22.25 61.42
N ILE H 356 -22.16 -22.43 60.64
CA ILE H 356 -22.82 -21.35 59.94
C ILE H 356 -24.18 -21.13 60.58
N LEU H 357 -24.38 -19.96 61.18
CA LEU H 357 -25.61 -19.63 61.87
C LEU H 357 -26.43 -18.68 61.03
N ARG H 358 -27.70 -19.03 60.81
CA ARG H 358 -28.61 -18.24 59.98
C ARG H 358 -29.92 -18.03 60.73
N PRO H 359 -29.93 -17.17 61.76
CA PRO H 359 -31.19 -16.86 62.43
C PRO H 359 -32.17 -16.19 61.48
N PHE H 360 -33.43 -16.56 61.61
CA PHE H 360 -34.45 -16.01 60.71
C PHE H 360 -34.81 -14.59 61.11
N PRO H 361 -34.93 -13.68 60.14
CA PRO H 361 -35.41 -12.33 60.45
C PRO H 361 -36.81 -12.36 61.03
N GLN H 362 -37.06 -11.48 62.00
CA GLN H 362 -38.33 -11.42 62.71
C GLN H 362 -39.10 -10.20 62.24
N GLY H 363 -40.36 -10.42 61.87
CA GLY H 363 -41.24 -9.36 61.40
C GLY H 363 -41.91 -9.73 60.09
N LYS H 364 -42.71 -8.78 59.60
CA LYS H 364 -43.42 -9.02 58.34
C LYS H 364 -42.47 -9.00 57.15
N LYS H 365 -41.44 -8.15 57.20
CA LYS H 365 -40.49 -8.08 56.09
C LYS H 365 -39.67 -9.36 55.98
N GLY H 366 -39.29 -9.95 57.12
CA GLY H 366 -38.50 -11.17 57.09
C GLY H 366 -39.24 -12.36 56.49
N GLU H 367 -40.53 -12.51 56.86
CA GLU H 367 -41.30 -13.65 56.39
C GLU H 367 -41.49 -13.64 54.88
N GLU H 368 -41.38 -12.49 54.23
CA GLU H 368 -41.48 -12.45 52.78
C GLU H 368 -40.34 -13.21 52.11
N GLN H 369 -39.12 -13.04 52.63
CA GLN H 369 -37.95 -13.71 52.09
C GLN H 369 -37.55 -14.94 52.89
N TRP H 370 -38.37 -15.34 53.87
CA TRP H 370 -38.07 -16.53 54.66
C TRP H 370 -37.86 -17.77 53.81
N ASP H 371 -38.65 -17.93 52.74
CA ASP H 371 -38.52 -19.13 51.91
C ASP H 371 -37.18 -19.17 51.20
N LYS H 372 -36.79 -18.06 50.57
CA LYS H 372 -35.49 -18.02 49.90
C LYS H 372 -34.35 -18.15 50.90
N TYR H 373 -34.52 -17.56 52.09
CA TYR H 373 -33.51 -17.70 53.14
C TYR H 373 -33.33 -19.16 53.54
N ARG H 374 -34.45 -19.87 53.70
CA ARG H 374 -34.40 -21.28 54.06
C ARG H 374 -33.75 -22.11 52.95
N ARG H 375 -34.10 -21.82 51.70
CA ARG H 375 -33.52 -22.57 50.59
C ARG H 375 -32.02 -22.33 50.49
N ASP H 376 -31.58 -21.08 50.64
CA ASP H 376 -30.16 -20.78 50.61
C ASP H 376 -29.42 -21.44 51.77
N MET H 377 -30.04 -21.45 52.96
CA MET H 377 -29.43 -22.10 54.11
C MET H 377 -29.27 -23.60 53.89
N ILE H 378 -30.29 -24.24 53.33
CA ILE H 378 -30.24 -25.69 53.12
C ILE H 378 -29.29 -26.05 52.00
N THR H 379 -29.16 -25.20 50.99
CA THR H 379 -28.31 -25.53 49.83
C THR H 379 -26.86 -25.78 50.24
N ARG H 380 -26.41 -25.16 51.33
CA ARG H 380 -25.03 -25.33 51.77
C ARG H 380 -24.75 -26.73 52.32
N THR H 381 -25.78 -27.54 52.57
CA THR H 381 -25.63 -28.81 53.24
C THR H 381 -25.99 -29.96 52.31
N GLY H 382 -25.65 -31.17 52.75
CA GLY H 382 -25.98 -32.37 52.01
C GLY H 382 -26.72 -33.39 52.86
N VAL H 383 -26.71 -33.19 54.17
CA VAL H 383 -27.41 -34.05 55.12
C VAL H 383 -28.27 -33.17 56.02
N SER H 384 -29.52 -33.55 56.20
CA SER H 384 -30.46 -32.82 57.05
C SER H 384 -30.84 -33.69 58.24
N ILE H 385 -30.68 -33.15 59.44
CA ILE H 385 -31.03 -33.83 60.69
C ILE H 385 -32.15 -33.04 61.35
N PHE H 386 -33.25 -33.72 61.65
CA PHE H 386 -34.44 -33.09 62.21
C PHE H 386 -34.64 -33.56 63.65
N LEU H 387 -34.89 -32.62 64.54
CA LEU H 387 -35.10 -32.90 65.96
C LEU H 387 -36.36 -32.20 66.44
N TYR H 388 -37.24 -32.94 67.09
CA TYR H 388 -38.45 -32.41 67.71
C TYR H 388 -39.30 -31.75 66.63
N GLY H 389 -39.58 -30.45 66.70
CA GLY H 389 -40.42 -29.80 65.72
C GLY H 389 -41.71 -29.27 66.30
N ASN H 390 -41.66 -28.83 67.56
CA ASN H 390 -42.83 -28.33 68.28
C ASN H 390 -42.60 -26.90 68.70
N LYS H 391 -43.61 -26.06 68.49
CA LYS H 391 -43.58 -24.65 68.86
C LYS H 391 -44.80 -24.35 69.72
N ILE H 392 -44.93 -23.09 70.12
CA ILE H 392 -46.09 -22.62 70.89
C ILE H 392 -46.74 -21.49 70.09
N ASP H 393 -48.04 -21.64 69.83
CA ASP H 393 -48.79 -20.66 69.05
C ASP H 393 -49.82 -19.92 69.89
N LYS H 394 -50.69 -20.65 70.59
CA LYS H 394 -51.73 -20.05 71.44
C LYS H 394 -51.69 -20.62 72.85
N GLY H 395 -50.48 -20.82 73.38
CA GLY H 395 -50.32 -21.39 74.70
C GLY H 395 -50.25 -22.90 74.75
N GLN H 396 -50.42 -23.57 73.62
CA GLN H 396 -50.39 -25.02 73.55
C GLN H 396 -49.29 -25.48 72.59
N VAL H 397 -48.69 -26.62 72.90
CA VAL H 397 -47.63 -27.17 72.06
C VAL H 397 -48.25 -27.68 70.76
N VAL H 398 -47.84 -27.09 69.64
CA VAL H 398 -48.32 -27.46 68.32
C VAL H 398 -47.11 -27.81 67.45
N LYS H 399 -47.22 -28.90 66.71
CA LYS H 399 -46.13 -29.31 65.82
C LYS H 399 -45.85 -28.21 64.80
N ALA H 400 -44.57 -27.93 64.61
CA ALA H 400 -44.15 -26.78 63.79
C ALA H 400 -44.38 -27.06 62.31
N LYS H 401 -44.39 -25.98 61.52
CA LYS H 401 -44.53 -26.08 60.07
C LYS H 401 -43.27 -25.70 59.32
N GLY H 402 -42.34 -24.97 59.94
CA GLY H 402 -41.09 -24.66 59.28
C GLY H 402 -40.23 -25.89 59.05
N VAL H 403 -40.26 -26.84 59.99
CA VAL H 403 -39.48 -28.06 59.85
C VAL H 403 -39.98 -28.88 58.66
N GLN H 404 -41.29 -28.88 58.42
CA GLN H 404 -41.83 -29.57 57.24
C GLN H 404 -41.32 -28.93 55.96
N SER H 405 -41.29 -27.59 55.91
CA SER H 405 -40.76 -26.91 54.74
C SER H 405 -39.27 -27.21 54.55
N GLU H 406 -38.54 -27.26 55.64
CA GLU H 406 -37.15 -27.62 55.57
C GLU H 406 -37.02 -29.01 54.96
N PHE H 407 -37.76 -29.98 55.47
CA PHE H 407 -37.72 -31.34 54.96
C PHE H 407 -38.04 -31.38 53.46
N ASN H 408 -39.05 -30.62 53.04
CA ASN H 408 -39.40 -30.58 51.62
C ASN H 408 -38.26 -30.02 50.80
N ILE H 409 -37.63 -28.94 51.27
CA ILE H 409 -36.51 -28.34 50.54
C ILE H 409 -35.34 -29.33 50.48
N SER H 410 -35.06 -30.01 51.59
CA SER H 410 -33.98 -31.00 51.61
C SER H 410 -34.23 -32.11 50.60
N PHE H 411 -35.47 -32.61 50.54
CA PHE H 411 -35.78 -33.65 49.56
C PHE H 411 -35.66 -33.13 48.13
N GLU H 412 -36.12 -31.89 47.89
CA GLU H 412 -36.02 -31.33 46.54
C GLU H 412 -34.58 -31.15 46.09
N GLN H 413 -33.66 -30.96 47.04
CA GLN H 413 -32.24 -30.81 46.73
C GLN H 413 -31.49 -32.14 46.79
N ASN H 414 -32.21 -33.25 46.92
CA ASN H 414 -31.61 -34.58 46.98
C ASN H 414 -30.69 -34.75 48.18
N ASN H 415 -30.95 -34.01 49.25
CA ASN H 415 -30.18 -34.15 50.48
C ASN H 415 -30.68 -35.34 51.29
N TYR H 416 -29.75 -35.99 51.97
CA TYR H 416 -30.11 -37.08 52.88
C TYR H 416 -30.85 -36.51 54.08
N VAL H 417 -31.96 -37.16 54.44
CA VAL H 417 -32.79 -36.73 55.56
C VAL H 417 -32.65 -37.75 56.68
N VAL H 418 -32.39 -37.28 57.89
CA VAL H 418 -32.23 -38.14 59.05
C VAL H 418 -33.19 -37.69 60.13
N PRO H 419 -34.49 -37.99 60.02
CA PRO H 419 -35.43 -37.61 61.09
C PRO H 419 -35.29 -38.53 62.28
N VAL H 420 -35.11 -37.94 63.46
CA VAL H 420 -34.97 -38.70 64.70
C VAL H 420 -36.37 -38.81 65.30
N GLY H 421 -36.97 -39.99 65.16
CA GLY H 421 -38.33 -40.20 65.66
C GLY H 421 -38.44 -40.22 67.16
N ALA H 422 -37.34 -40.52 67.86
CA ALA H 422 -37.38 -40.52 69.32
C ALA H 422 -37.69 -39.13 69.87
N THR H 423 -37.31 -38.08 69.13
CA THR H 423 -37.60 -36.71 69.57
C THR H 423 -39.06 -36.35 69.39
N GLY H 424 -39.77 -37.03 68.50
CA GLY H 424 -41.20 -36.84 68.37
C GLY H 424 -41.60 -35.65 67.52
N TYR H 425 -42.91 -35.41 67.50
CA TYR H 425 -43.54 -34.25 66.83
C TYR H 425 -43.25 -34.36 65.33
N ILE H 426 -42.84 -33.28 64.67
CA ILE H 426 -42.61 -33.30 63.23
C ILE H 426 -41.49 -34.26 62.88
N ALA H 427 -40.51 -34.42 63.77
CA ALA H 427 -39.45 -35.40 63.53
C ALA H 427 -40.02 -36.81 63.46
N LYS H 428 -40.93 -37.16 64.37
CA LYS H 428 -41.57 -38.47 64.33
C LYS H 428 -42.44 -38.62 63.10
N ASP H 429 -43.18 -37.57 62.73
CA ASP H 429 -44.00 -37.63 61.52
C ASP H 429 -43.14 -37.86 60.28
N LEU H 430 -42.01 -37.16 60.20
CA LEU H 430 -41.10 -37.33 59.07
C LEU H 430 -40.48 -38.72 59.06
N TRP H 431 -40.13 -39.25 60.24
CA TRP H 431 -39.60 -40.61 60.31
C TRP H 431 -40.62 -41.62 59.82
N ASN H 432 -41.88 -41.46 60.23
CA ASN H 432 -42.94 -42.34 59.76
C ASN H 432 -43.11 -42.23 58.25
N LYS H 433 -43.06 -41.00 57.72
CA LYS H 433 -43.19 -40.81 56.28
C LYS H 433 -42.05 -41.48 55.52
N VAL H 434 -40.82 -41.35 56.03
CA VAL H 434 -39.68 -41.98 55.38
C VAL H 434 -39.79 -43.50 55.44
N ASN H 435 -40.20 -44.04 56.59
CA ASN H 435 -40.36 -45.49 56.70
C ASN H 435 -41.51 -46.00 55.84
N GLU H 436 -42.48 -45.13 55.53
CA GLU H 436 -43.58 -45.54 54.65
C GLU H 436 -43.06 -45.88 53.25
N GLU H 437 -42.14 -45.07 52.72
CA GLU H 437 -41.49 -45.33 51.43
C GLU H 437 -39.99 -45.19 51.65
N PHE H 438 -39.36 -46.27 52.10
CA PHE H 438 -37.93 -46.23 52.42
C PHE H 438 -37.06 -46.29 51.17
N GLU H 439 -37.48 -47.04 50.15
CA GLU H 439 -36.67 -47.16 48.94
C GLU H 439 -36.65 -45.85 48.16
N THR H 440 -37.67 -45.02 48.29
CA THR H 440 -37.69 -43.75 47.57
C THR H 440 -36.62 -42.81 48.08
N TYR H 441 -36.40 -42.78 49.40
CA TYR H 441 -35.42 -41.88 50.00
C TYR H 441 -34.04 -42.52 50.14
N TYR H 442 -33.97 -43.83 50.36
CA TYR H 442 -32.70 -44.55 50.51
C TYR H 442 -32.69 -45.75 49.58
N PRO H 443 -32.55 -45.53 48.27
CA PRO H 443 -32.49 -46.67 47.35
C PRO H 443 -31.21 -47.48 47.53
N GLY H 444 -31.34 -48.79 47.45
CA GLY H 444 -30.20 -49.67 47.62
C GLY H 444 -29.55 -49.59 48.99
N ALA H 445 -30.36 -49.48 50.04
CA ALA H 445 -29.84 -49.40 51.39
C ALA H 445 -29.44 -50.77 51.91
N ASP H 446 -28.40 -50.80 52.73
CA ASP H 446 -27.92 -52.04 53.32
C ASP H 446 -28.73 -52.39 54.56
N ALA H 447 -28.42 -53.57 55.12
CA ALA H 447 -29.10 -53.99 56.33
C ALA H 447 -28.75 -53.10 57.52
N ARG H 448 -27.48 -52.70 57.63
CA ARG H 448 -27.08 -51.85 58.73
C ARG H 448 -27.76 -50.49 58.67
N MET H 449 -27.90 -49.93 57.45
CA MET H 449 -28.59 -48.65 57.30
C MET H 449 -30.06 -48.76 57.73
N LYS H 450 -30.73 -49.84 57.32
CA LYS H 450 -32.12 -50.03 57.74
C LYS H 450 -32.23 -50.20 59.25
N LYS H 451 -31.29 -50.95 59.85
CA LYS H 451 -31.31 -51.14 61.29
C LYS H 451 -31.11 -49.82 62.02
N LEU H 452 -30.18 -49.00 61.55
CA LEU H 452 -29.96 -47.70 62.18
C LEU H 452 -31.17 -46.79 62.03
N PHE H 453 -31.79 -46.78 60.83
CA PHE H 453 -32.97 -45.96 60.64
C PHE H 453 -34.11 -46.41 61.55
N GLY H 454 -34.30 -47.72 61.70
CA GLY H 454 -35.32 -48.20 62.62
C GLY H 454 -35.00 -47.86 64.07
N GLU H 455 -33.72 -47.94 64.45
CA GLU H 455 -33.31 -47.60 65.81
C GLU H 455 -33.42 -46.11 66.09
N LEU H 456 -33.44 -45.28 65.04
CA LEU H 456 -33.59 -43.84 65.24
C LEU H 456 -34.91 -43.48 65.92
N ASN H 457 -35.91 -44.34 65.86
CA ASN H 457 -37.21 -44.10 66.49
C ASN H 457 -37.40 -44.92 67.75
N ASN H 458 -36.34 -45.10 68.53
CA ASN H 458 -36.39 -45.87 69.78
C ASN H 458 -36.31 -44.90 70.95
N GLU H 459 -37.36 -44.90 71.78
CA GLU H 459 -37.38 -44.05 72.97
C GLU H 459 -36.66 -44.67 74.15
N ALA H 460 -36.28 -45.94 74.08
CA ALA H 460 -35.59 -46.60 75.17
C ALA H 460 -34.08 -46.32 75.15
N LEU H 461 -33.56 -45.74 74.09
CA LEU H 461 -32.13 -45.43 74.02
C LEU H 461 -31.80 -44.25 74.92
N SER H 462 -30.59 -44.29 75.49
CA SER H 462 -30.09 -43.18 76.28
C SER H 462 -29.59 -42.07 75.36
N ILE H 463 -29.02 -41.02 75.95
CA ILE H 463 -28.44 -39.95 75.15
C ILE H 463 -27.27 -40.47 74.33
N GLU H 464 -26.37 -41.20 74.97
CA GLU H 464 -25.18 -41.69 74.28
C GLU H 464 -25.55 -42.66 73.16
N GLU H 465 -26.48 -43.58 73.42
CA GLU H 465 -26.86 -44.57 72.42
C GLU H 465 -27.52 -43.91 71.21
N LEU H 466 -28.45 -42.98 71.46
CA LEU H 466 -29.12 -42.30 70.35
C LEU H 466 -28.13 -41.45 69.55
N ILE H 467 -27.23 -40.75 70.25
CA ILE H 467 -26.23 -39.94 69.55
C ILE H 467 -25.32 -40.82 68.72
N ASN H 468 -24.89 -41.96 69.25
CA ASN H 468 -24.03 -42.86 68.49
C ASN H 468 -24.76 -43.42 67.28
N THR H 469 -26.05 -43.75 67.42
CA THR H 469 -26.82 -44.21 66.28
C THR H 469 -26.90 -43.15 65.19
N ILE H 470 -27.19 -41.91 65.59
CA ILE H 470 -27.27 -40.81 64.62
C ILE H 470 -25.92 -40.60 63.93
N ILE H 471 -24.84 -40.61 64.71
CA ILE H 471 -23.51 -40.39 64.15
C ILE H 471 -23.15 -41.49 63.17
N GLU H 472 -23.43 -42.74 63.53
CA GLU H 472 -23.10 -43.85 62.64
C GLU H 472 -23.92 -43.79 61.36
N PHE H 473 -25.21 -43.44 61.46
CA PHE H 473 -26.03 -43.30 60.27
C PHE H 473 -25.50 -42.20 59.36
N VAL H 474 -25.15 -41.04 59.93
CA VAL H 474 -24.64 -39.95 59.13
C VAL H 474 -23.29 -40.30 58.52
N GLU H 475 -22.46 -41.07 59.24
CA GLU H 475 -21.16 -41.43 58.73
C GLU H 475 -21.27 -42.44 57.58
N ILE H 476 -22.17 -43.42 57.70
CA ILE H 476 -22.34 -44.36 56.59
C ILE H 476 -23.01 -43.66 55.41
N LEU H 477 -23.78 -42.60 55.66
CA LEU H 477 -24.26 -41.77 54.56
C LEU H 477 -23.12 -41.03 53.87
N SER H 478 -22.19 -40.48 54.66
CA SER H 478 -21.12 -39.67 54.10
C SER H 478 -19.97 -40.54 53.57
N ASN H 479 -19.36 -41.33 54.46
CA ASN H 479 -18.24 -42.18 54.08
C ASN H 479 -18.70 -43.37 53.24
N LYS I 5 -27.63 48.05 13.98
CA LYS I 5 -26.99 46.76 13.74
C LYS I 5 -27.97 45.77 13.13
N MET I 6 -27.45 44.85 12.32
CA MET I 6 -28.23 43.83 11.65
C MET I 6 -27.72 42.44 12.06
N ASN I 7 -28.23 41.41 11.39
CA ASN I 7 -27.89 40.04 11.75
C ASN I 7 -26.39 39.81 11.60
N PRO I 8 -25.81 38.94 12.43
CA PRO I 8 -24.37 38.67 12.32
C PRO I 8 -23.94 38.18 10.96
N ILE I 9 -24.77 37.40 10.27
CA ILE I 9 -24.48 37.03 8.89
C ILE I 9 -24.42 38.26 8.01
N VAL I 10 -25.38 39.17 8.18
CA VAL I 10 -25.39 40.41 7.40
C VAL I 10 -24.17 41.25 7.74
N GLU I 11 -23.76 41.28 9.01
CA GLU I 11 -22.59 42.06 9.39
C GLU I 11 -21.32 41.48 8.77
N LEU I 12 -21.18 40.16 8.78
CA LEU I 12 -20.03 39.53 8.14
C LEU I 12 -20.01 39.81 6.65
N PHE I 13 -21.18 39.72 6.00
CA PHE I 13 -21.24 40.03 4.57
C PHE I 13 -20.89 41.49 4.31
N ILE I 14 -21.35 42.40 5.16
CA ILE I 14 -21.04 43.81 4.98
C ILE I 14 -19.54 44.05 5.10
N LYS I 15 -18.91 43.45 6.11
CA LYS I 15 -17.46 43.60 6.26
C LYS I 15 -16.73 43.05 5.05
N ASP I 16 -17.05 41.83 4.63
CA ASP I 16 -16.35 41.21 3.52
C ASP I 16 -16.54 41.98 2.22
N PHE I 17 -17.77 42.43 1.95
CA PHE I 17 -18.01 43.14 0.70
C PHE I 17 -17.47 44.55 0.72
N THR I 18 -17.44 45.22 1.87
CA THR I 18 -16.73 46.49 1.97
C THR I 18 -15.26 46.32 1.69
N LYS I 19 -14.67 45.24 2.23
CA LYS I 19 -13.28 44.93 1.93
C LYS I 19 -13.08 44.71 0.43
N GLU I 20 -14.01 43.99 -0.21
CA GLU I 20 -13.90 43.74 -1.65
C GLU I 20 -14.01 45.01 -2.46
N VAL I 21 -14.96 45.89 -2.10
CA VAL I 21 -15.19 47.10 -2.88
C VAL I 21 -14.03 48.09 -2.70
N MET I 22 -13.50 48.20 -1.48
CA MET I 22 -12.38 49.11 -1.26
C MET I 22 -11.15 48.72 -2.07
N GLU I 23 -11.03 47.44 -2.44
CA GLU I 23 -9.97 47.00 -3.34
C GLU I 23 -10.33 47.18 -4.81
N GLU I 24 -11.54 47.67 -5.10
CA GLU I 24 -12.01 47.90 -6.47
C GLU I 24 -11.97 46.61 -7.29
N ASN I 25 -12.33 45.50 -6.66
CA ASN I 25 -12.42 44.20 -7.32
C ASN I 25 -13.81 43.60 -7.17
N ALA I 26 -14.83 44.45 -7.03
CA ALA I 26 -16.19 44.01 -6.82
C ALA I 26 -17.06 44.45 -8.00
N ALA I 27 -17.99 43.58 -8.37
CA ALA I 27 -18.94 43.85 -9.45
C ALA I 27 -20.35 43.66 -8.94
N ILE I 28 -21.30 44.33 -9.57
CA ILE I 28 -22.71 44.25 -9.18
C ILE I 28 -23.49 43.60 -10.32
N PHE I 29 -24.20 42.53 -10.02
CA PHE I 29 -25.11 41.90 -10.97
C PHE I 29 -26.53 42.24 -10.55
N ALA I 30 -27.18 43.10 -11.31
CA ALA I 30 -28.52 43.58 -11.01
C ALA I 30 -29.52 42.89 -11.92
N GLY I 31 -30.53 42.28 -11.32
CA GLY I 31 -31.63 41.70 -12.05
C GLY I 31 -32.74 42.70 -12.29
N ALA I 32 -33.84 42.20 -12.87
CA ALA I 32 -35.00 43.06 -13.08
C ALA I 32 -35.65 43.46 -11.76
N GLY I 33 -35.51 42.62 -10.72
CA GLY I 33 -36.14 42.92 -9.45
C GLY I 33 -35.63 44.19 -8.81
N LEU I 34 -34.41 44.60 -9.13
CA LEU I 34 -33.88 45.86 -8.61
C LEU I 34 -34.63 47.07 -9.16
N SER I 35 -35.33 46.90 -10.28
CA SER I 35 -36.07 47.99 -10.89
C SER I 35 -37.58 47.84 -10.72
N MET I 36 -38.04 46.87 -9.92
CA MET I 36 -39.46 46.66 -9.73
C MET I 36 -40.06 47.58 -8.67
N SER I 37 -39.23 48.22 -7.85
CA SER I 37 -39.70 49.19 -6.87
C SER I 37 -39.70 50.61 -7.40
N VAL I 38 -39.24 50.82 -8.64
CA VAL I 38 -39.10 52.17 -9.16
C VAL I 38 -40.44 52.69 -9.68
N GLY I 39 -41.25 51.82 -10.26
CA GLY I 39 -42.54 52.24 -10.78
C GLY I 39 -42.92 51.53 -12.07
N TYR I 40 -41.98 50.79 -12.64
CA TYR I 40 -42.27 49.98 -13.82
C TYR I 40 -43.23 48.86 -13.46
N VAL I 41 -44.26 48.67 -14.29
CA VAL I 41 -45.21 47.61 -14.04
C VAL I 41 -44.55 46.26 -14.28
N SER I 42 -45.10 45.23 -13.66
CA SER I 42 -44.51 43.89 -13.75
C SER I 42 -44.59 43.35 -15.17
N TRP I 43 -43.59 42.54 -15.52
CA TRP I 43 -43.55 41.94 -16.86
C TRP I 43 -44.74 41.02 -17.10
N ALA I 44 -45.21 40.34 -16.05
CA ALA I 44 -46.42 39.53 -16.18
C ALA I 44 -47.63 40.40 -16.49
N LYS I 45 -47.70 41.59 -15.88
CA LYS I 45 -48.81 42.51 -16.20
C LYS I 45 -48.75 42.96 -17.65
N LEU I 46 -47.54 43.20 -18.17
CA LEU I 46 -47.40 43.56 -19.57
C LEU I 46 -47.81 42.41 -20.48
N LEU I 47 -47.45 41.18 -20.11
CA LEU I 47 -47.78 40.01 -20.91
C LEU I 47 -49.22 39.53 -20.74
N GLU I 48 -49.95 40.10 -19.79
CA GLU I 48 -51.34 39.68 -19.58
C GLU I 48 -52.19 39.79 -20.84
N PRO I 49 -52.23 40.92 -21.57
CA PRO I 49 -52.93 40.89 -22.86
C PRO I 49 -52.29 39.95 -23.87
N ILE I 50 -50.96 39.81 -23.83
CA ILE I 50 -50.27 38.86 -24.70
C ILE I 50 -50.74 37.44 -24.41
N ALA I 51 -50.84 37.08 -23.12
CA ALA I 51 -51.35 35.77 -22.76
C ALA I 51 -52.81 35.59 -23.16
N GLN I 52 -53.62 36.65 -22.99
CA GLN I 52 -55.02 36.55 -23.35
C GLN I 52 -55.22 36.37 -24.85
N GLU I 53 -54.32 36.92 -25.66
CA GLU I 53 -54.45 36.80 -27.11
C GLU I 53 -54.34 35.34 -27.56
N ILE I 54 -53.45 34.57 -26.93
CA ILE I 54 -53.22 33.19 -27.34
C ILE I 54 -54.09 32.24 -26.50
N GLY I 55 -55.01 32.80 -25.73
CA GLY I 55 -55.93 32.00 -24.96
C GLY I 55 -55.43 31.51 -23.62
N LEU I 56 -54.26 31.96 -23.18
CA LEU I 56 -53.71 31.57 -21.89
C LEU I 56 -53.97 32.67 -20.86
N ASP I 57 -53.53 32.42 -19.63
CA ASP I 57 -53.68 33.37 -18.53
C ASP I 57 -52.32 33.55 -17.88
N VAL I 58 -51.85 34.79 -17.83
CA VAL I 58 -50.50 35.06 -17.33
C VAL I 58 -50.37 34.72 -15.86
N ASN I 59 -51.48 34.80 -15.10
CA ASN I 59 -51.42 34.46 -13.69
C ASN I 59 -51.20 32.96 -13.48
N LYS I 60 -51.71 32.13 -14.39
CA LYS I 60 -51.51 30.69 -14.32
C LYS I 60 -50.20 30.24 -14.95
N GLU I 61 -49.42 31.17 -15.44
CA GLU I 61 -48.18 30.85 -16.11
C GLU I 61 -47.05 31.31 -15.29
N ASN I 62 -46.03 30.50 -15.18
CA ASN I 62 -44.82 30.89 -14.47
C ASN I 62 -43.65 31.16 -15.39
N ASP I 63 -43.54 30.41 -16.50
CA ASP I 63 -42.46 30.61 -17.47
C ASP I 63 -42.96 31.60 -18.51
N LEU I 64 -42.65 32.88 -18.30
CA LEU I 64 -43.10 33.92 -19.22
C LEU I 64 -42.32 33.90 -20.53
N VAL I 65 -41.10 33.34 -20.53
CA VAL I 65 -40.34 33.20 -21.76
C VAL I 65 -41.08 32.28 -22.73
N SER I 66 -41.58 31.15 -22.23
CA SER I 66 -42.36 30.24 -23.07
C SER I 66 -43.67 30.88 -23.49
N LEU I 67 -44.27 31.72 -22.64
CA LEU I 67 -45.49 32.43 -23.01
C LEU I 67 -45.25 33.37 -24.19
N ALA I 68 -44.17 34.15 -24.11
CA ALA I 68 -43.83 35.04 -25.22
C ALA I 68 -43.49 34.25 -26.48
N GLN I 69 -42.81 33.11 -26.32
CA GLN I 69 -42.50 32.27 -27.47
C GLN I 69 -43.77 31.74 -28.12
N TYR I 70 -44.74 31.32 -27.30
CA TYR I 70 -46.03 30.87 -27.84
C TYR I 70 -46.73 31.99 -28.58
N TYR I 71 -46.71 33.20 -28.03
CA TYR I 71 -47.31 34.33 -28.71
C TYR I 71 -46.65 34.59 -30.06
N CYS I 72 -45.32 34.51 -30.10
CA CYS I 72 -44.61 34.71 -31.37
C CYS I 72 -44.93 33.59 -32.35
N ASN I 73 -45.08 32.35 -31.85
CA ASN I 73 -45.45 31.25 -32.73
C ASN I 73 -46.83 31.46 -33.33
N GLU I 74 -47.76 31.99 -32.54
CA GLU I 74 -49.10 32.27 -33.04
C GLU I 74 -49.12 33.41 -34.05
N ASN I 75 -48.03 34.15 -34.21
CA ASN I 75 -47.96 35.28 -35.12
C ASN I 75 -46.81 35.14 -36.11
N GLN I 76 -46.48 33.91 -36.50
CA GLN I 76 -45.45 33.62 -37.49
C GLN I 76 -44.08 34.15 -37.08
N GLY I 77 -43.81 34.21 -35.77
CA GLY I 77 -42.52 34.65 -35.31
C GLY I 77 -42.34 36.15 -35.21
N ASN I 78 -43.40 36.94 -35.33
CA ASN I 78 -43.29 38.38 -35.30
C ASN I 78 -43.27 38.88 -33.86
N ARG I 79 -42.35 39.81 -33.59
CA ARG I 79 -42.15 40.35 -32.25
C ARG I 79 -42.54 41.81 -32.13
N GLY I 80 -43.21 42.38 -33.12
CA GLY I 80 -43.50 43.81 -33.10
C GLY I 80 -44.30 44.23 -31.88
N ARG I 81 -45.30 43.43 -31.49
CA ARG I 81 -46.14 43.78 -30.35
C ARG I 81 -45.34 43.79 -29.06
N ILE I 82 -44.50 42.77 -28.85
CA ILE I 82 -43.71 42.69 -27.62
C ILE I 82 -42.67 43.80 -27.60
N ASN I 83 -42.06 44.09 -28.76
CA ASN I 83 -41.09 45.19 -28.85
C ASN I 83 -41.76 46.51 -28.48
N GLN I 84 -42.95 46.76 -29.01
CA GLN I 84 -43.67 47.98 -28.69
C GLN I 84 -44.01 48.03 -27.20
N ILE I 85 -44.42 46.89 -26.62
CA ILE I 85 -44.78 46.86 -25.21
C ILE I 85 -43.58 47.22 -24.34
N ILE I 86 -42.44 46.60 -24.60
CA ILE I 86 -41.27 46.85 -23.76
C ILE I 86 -40.75 48.27 -23.97
N LEU I 87 -40.79 48.77 -25.20
CA LEU I 87 -40.37 50.14 -25.46
C LEU I 87 -41.27 51.14 -24.75
N ASP I 88 -42.58 50.90 -24.77
CA ASP I 88 -43.51 51.81 -24.10
C ASP I 88 -43.34 51.76 -22.59
N GLU I 89 -43.09 50.58 -22.02
CA GLU I 89 -43.05 50.48 -20.57
C GLU I 89 -41.71 50.94 -20.00
N PHE I 90 -40.62 50.32 -20.45
CA PHE I 90 -39.34 50.50 -19.78
C PHE I 90 -38.59 51.77 -20.20
N SER I 91 -39.12 52.54 -21.15
CA SER I 91 -38.51 53.81 -21.53
C SER I 91 -39.15 55.00 -20.84
N ARG I 92 -40.10 54.77 -19.93
CA ARG I 92 -40.75 55.88 -19.23
C ARG I 92 -39.77 56.55 -18.27
N LYS I 93 -40.06 57.80 -17.96
CA LYS I 93 -39.24 58.59 -17.04
C LYS I 93 -39.72 58.33 -15.62
N VAL I 94 -38.85 57.72 -14.81
CA VAL I 94 -39.16 57.37 -13.44
C VAL I 94 -38.03 57.85 -12.54
N ASP I 95 -38.39 58.31 -11.35
CA ASP I 95 -37.39 58.77 -10.39
C ASP I 95 -36.56 57.60 -9.88
N LEU I 96 -35.27 57.81 -9.78
CA LEU I 96 -34.36 56.76 -9.32
C LEU I 96 -34.63 56.39 -7.87
N THR I 97 -34.54 55.10 -7.58
CA THR I 97 -34.63 54.64 -6.20
C THR I 97 -33.31 54.85 -5.48
N GLU I 98 -33.35 54.69 -4.16
CA GLU I 98 -32.16 54.91 -3.35
C GLU I 98 -31.07 53.88 -3.65
N ASN I 99 -31.46 52.65 -3.99
CA ASN I 99 -30.48 51.61 -4.26
C ASN I 99 -29.59 51.97 -5.45
N HIS I 100 -30.18 52.48 -6.53
CA HIS I 100 -29.39 52.86 -7.69
C HIS I 100 -28.42 53.99 -7.36
N LYS I 101 -28.88 54.98 -6.59
CA LYS I 101 -28.01 56.08 -6.22
C LYS I 101 -26.86 55.62 -5.34
N ILE I 102 -27.13 54.74 -4.38
CA ILE I 102 -26.05 54.23 -3.53
C ILE I 102 -25.06 53.43 -4.35
N LEU I 103 -25.55 52.57 -5.24
CA LEU I 103 -24.66 51.78 -6.09
C LEU I 103 -23.81 52.67 -6.99
N ALA I 104 -24.40 53.76 -7.49
CA ALA I 104 -23.62 54.72 -8.28
C ALA I 104 -22.56 55.39 -7.43
N ARG I 105 -22.88 55.70 -6.18
CA ARG I 105 -21.90 56.34 -5.30
C ARG I 105 -20.77 55.41 -4.89
N LEU I 106 -20.99 54.09 -4.93
CA LEU I 106 -19.95 53.15 -4.54
C LEU I 106 -18.89 53.04 -5.62
N PRO I 107 -17.63 52.78 -5.23
CA PRO I 107 -16.56 52.63 -6.22
C PRO I 107 -16.61 51.30 -6.94
N ILE I 108 -17.71 51.02 -7.63
CA ILE I 108 -17.91 49.78 -8.36
C ILE I 108 -17.78 50.09 -9.85
N HIS I 109 -16.87 49.38 -10.51
CA HIS I 109 -16.54 49.66 -11.91
C HIS I 109 -17.18 48.69 -12.88
N THR I 110 -17.93 47.70 -12.40
CA THR I 110 -18.51 46.68 -13.28
C THR I 110 -19.93 46.41 -12.85
N TYR I 111 -20.87 46.61 -13.77
CA TYR I 111 -22.27 46.25 -13.60
C TYR I 111 -22.68 45.29 -14.70
N TRP I 112 -23.40 44.24 -14.34
CA TRP I 112 -24.02 43.33 -15.29
C TRP I 112 -25.51 43.31 -15.01
N THR I 113 -26.30 43.66 -16.03
CA THR I 113 -27.74 43.83 -15.83
C THR I 113 -28.50 42.95 -16.81
N THR I 114 -29.58 42.34 -16.32
CA THR I 114 -30.55 41.66 -17.15
C THR I 114 -31.79 42.51 -17.39
N ALA I 115 -31.81 43.74 -16.90
CA ALA I 115 -32.92 44.66 -17.10
C ALA I 115 -32.66 45.54 -18.31
N TYR I 116 -33.74 45.88 -19.01
CA TYR I 116 -33.65 46.69 -20.21
C TYR I 116 -33.65 48.18 -19.94
N ASP I 117 -34.14 48.61 -18.77
CA ASP I 117 -34.21 50.01 -18.44
C ASP I 117 -32.81 50.60 -18.26
N ARG I 118 -32.74 51.93 -18.21
CA ARG I 118 -31.49 52.66 -18.09
C ARG I 118 -31.33 53.31 -16.71
N LEU I 119 -31.81 52.64 -15.66
CA LEU I 119 -31.77 53.23 -14.33
C LEU I 119 -30.34 53.28 -13.79
N ILE I 120 -29.55 52.23 -14.03
CA ILE I 120 -28.15 52.24 -13.61
C ILE I 120 -27.38 53.34 -14.34
N GLU I 121 -27.62 53.46 -15.65
CA GLU I 121 -26.96 54.50 -16.43
C GLU I 121 -27.31 55.88 -15.92
N LYS I 122 -28.60 56.13 -15.63
CA LYS I 122 -29.01 57.43 -15.12
C LYS I 122 -28.44 57.70 -13.74
N ALA I 123 -28.37 56.67 -12.88
CA ALA I 123 -27.79 56.84 -11.56
C ALA I 123 -26.31 57.18 -11.65
N LEU I 124 -25.59 56.55 -12.58
CA LEU I 124 -24.18 56.87 -12.78
C LEU I 124 -24.01 58.28 -13.36
N GLU I 125 -24.92 58.68 -14.26
CA GLU I 125 -24.84 60.02 -14.83
C GLU I 125 -25.08 61.09 -13.77
N GLU I 126 -26.06 60.88 -12.89
CA GLU I 126 -26.36 61.88 -11.87
C GLU I 126 -25.27 62.00 -10.82
N GLU I 127 -24.32 61.07 -10.78
CA GLU I 127 -23.17 61.17 -9.90
C GLU I 127 -21.95 61.74 -10.60
N ASN I 128 -22.13 62.31 -11.79
CA ASN I 128 -21.03 62.86 -12.60
C ASN I 128 -19.98 61.78 -12.89
N LYS I 129 -20.44 60.57 -13.14
CA LYS I 129 -19.57 59.45 -13.49
C LYS I 129 -19.77 59.08 -14.95
N ILE I 130 -18.68 58.73 -15.62
CA ILE I 130 -18.74 58.32 -17.02
C ILE I 130 -19.04 56.83 -17.06
N ALA I 131 -20.17 56.47 -17.67
CA ALA I 131 -20.62 55.09 -17.78
C ALA I 131 -20.47 54.60 -19.21
N ASP I 132 -19.82 53.45 -19.37
CA ASP I 132 -19.64 52.83 -20.67
C ASP I 132 -20.65 51.70 -20.78
N VAL I 133 -21.78 51.97 -21.42
CA VAL I 133 -22.88 51.02 -21.50
C VAL I 133 -22.68 50.13 -22.72
N LYS I 134 -22.77 48.82 -22.51
CA LYS I 134 -22.53 47.84 -23.56
C LYS I 134 -23.70 46.88 -23.63
N TYR I 135 -24.34 46.81 -24.79
CA TYR I 135 -25.37 45.81 -25.05
C TYR I 135 -25.24 45.21 -26.44
N THR I 136 -24.20 45.55 -27.19
CA THR I 136 -23.93 45.02 -28.51
C THR I 136 -22.53 44.44 -28.53
N VAL I 137 -22.35 43.40 -29.35
CA VAL I 137 -21.03 42.76 -29.46
C VAL I 137 -19.99 43.76 -29.97
N LYS I 138 -20.39 44.62 -30.90
CA LYS I 138 -19.47 45.63 -31.42
C LYS I 138 -19.00 46.59 -30.32
N GLN I 139 -19.91 46.97 -29.43
CA GLN I 139 -19.58 47.94 -28.38
C GLN I 139 -18.49 47.43 -27.45
N LEU I 140 -18.25 46.12 -27.41
CA LEU I 140 -17.17 45.58 -26.59
C LEU I 140 -15.80 45.97 -27.13
N ALA I 141 -15.69 46.33 -28.40
CA ALA I 141 -14.41 46.65 -29.01
C ALA I 141 -13.98 48.09 -28.76
N THR I 142 -14.84 48.94 -28.21
CA THR I 142 -14.52 50.32 -27.92
C THR I 142 -14.71 50.60 -26.44
N THR I 143 -13.75 51.32 -25.86
CA THR I 143 -13.78 51.69 -24.45
C THR I 143 -13.83 53.20 -24.31
N LYS I 144 -14.73 53.69 -23.48
CA LYS I 144 -14.78 55.12 -23.19
C LYS I 144 -13.57 55.55 -22.39
N VAL I 145 -13.05 56.74 -22.71
CA VAL I 145 -11.88 57.26 -22.02
C VAL I 145 -12.29 57.83 -20.67
N LYS I 146 -11.51 57.51 -19.64
CA LYS I 146 -11.75 57.98 -18.27
C LYS I 146 -13.11 57.52 -17.74
N ARG I 147 -13.55 56.34 -18.13
CA ARG I 147 -14.83 55.82 -17.64
C ARG I 147 -14.70 55.39 -16.18
N ASP I 148 -15.77 55.60 -15.43
CA ASP I 148 -15.80 55.19 -14.03
C ASP I 148 -16.31 53.75 -13.86
N ALA I 149 -17.30 53.36 -14.65
CA ALA I 149 -17.86 52.03 -14.59
C ALA I 149 -18.30 51.60 -15.99
N VAL I 150 -18.37 50.29 -16.18
CA VAL I 150 -18.86 49.71 -17.43
C VAL I 150 -20.10 48.90 -17.11
N VAL I 151 -21.17 49.14 -17.87
CA VAL I 151 -22.46 48.47 -17.68
C VAL I 151 -22.68 47.54 -18.86
N TYR I 152 -22.76 46.24 -18.58
CA TYR I 152 -23.06 45.23 -19.59
C TYR I 152 -24.55 44.89 -19.48
N LYS I 153 -25.34 45.41 -20.41
CA LYS I 153 -26.75 45.05 -20.50
C LYS I 153 -26.82 43.80 -21.36
N MET I 154 -26.77 42.65 -20.70
CA MET I 154 -26.62 41.38 -21.40
C MET I 154 -27.93 40.86 -21.98
N HIS I 155 -29.07 41.48 -21.69
CA HIS I 155 -30.33 41.11 -22.29
C HIS I 155 -30.84 42.17 -23.25
N GLY I 156 -30.03 43.18 -23.57
CA GLY I 156 -30.40 44.21 -24.52
C GLY I 156 -30.81 45.50 -23.83
N ASP I 157 -31.04 46.52 -24.65
CA ASP I 157 -31.42 47.84 -24.20
C ASP I 157 -32.90 48.09 -24.49
N VAL I 158 -33.48 49.04 -23.76
CA VAL I 158 -34.88 49.39 -23.97
C VAL I 158 -35.06 50.09 -25.31
N GLU I 159 -34.09 50.90 -25.71
CA GLU I 159 -34.19 51.64 -26.97
C GLU I 159 -33.98 50.75 -28.19
N HIS I 160 -33.59 49.49 -27.99
CA HIS I 160 -33.45 48.52 -29.07
C HIS I 160 -34.27 47.29 -28.73
N PRO I 161 -35.60 47.42 -28.76
CA PRO I 161 -36.46 46.31 -28.32
C PRO I 161 -36.30 45.04 -29.12
N SER I 162 -35.93 45.13 -30.41
CA SER I 162 -35.85 43.96 -31.26
C SER I 162 -34.71 43.03 -30.87
N GLU I 163 -33.72 43.53 -30.13
CA GLU I 163 -32.58 42.73 -29.70
C GLU I 163 -32.66 42.31 -28.25
N ALA I 164 -33.80 42.56 -27.59
CA ALA I 164 -33.99 42.14 -26.22
C ALA I 164 -34.22 40.64 -26.14
N VAL I 165 -33.67 40.01 -25.10
CA VAL I 165 -33.81 38.57 -24.88
C VAL I 165 -35.10 38.37 -24.11
N LEU I 166 -36.15 37.94 -24.79
CA LEU I 166 -37.47 37.78 -24.18
C LEU I 166 -38.06 36.41 -24.42
N ILE I 167 -37.83 35.84 -25.60
CA ILE I 167 -38.47 34.61 -26.02
C ILE I 167 -37.44 33.48 -26.00
N LYS I 168 -37.94 32.24 -26.15
CA LYS I 168 -37.06 31.08 -26.10
C LYS I 168 -36.07 31.07 -27.26
N ASP I 169 -36.44 31.64 -28.41
CA ASP I 169 -35.52 31.72 -29.53
C ASP I 169 -34.31 32.57 -29.18
N ASP I 170 -34.53 33.69 -28.47
CA ASP I 170 -33.42 34.53 -28.05
C ASP I 170 -32.48 33.80 -27.12
N TYR I 171 -33.03 33.05 -26.15
CA TYR I 171 -32.18 32.29 -25.24
C TYR I 171 -31.44 31.19 -25.97
N GLU I 172 -32.01 30.58 -26.97
CA GLU I 172 -31.41 29.50 -27.70
C GLU I 172 -30.38 29.95 -28.66
N LYS I 173 -30.46 31.17 -29.12
CA LYS I 173 -29.44 31.73 -29.98
C LYS I 173 -28.47 32.66 -29.25
N TYR I 174 -28.66 32.85 -27.95
CA TYR I 174 -27.76 33.71 -27.18
C TYR I 174 -26.34 33.16 -27.15
N SER I 175 -26.19 31.85 -26.99
CA SER I 175 -24.86 31.26 -26.87
C SER I 175 -24.04 31.43 -28.15
N ILE I 176 -24.68 31.66 -29.28
CA ILE I 176 -23.98 31.88 -30.54
C ILE I 176 -23.85 33.37 -30.83
N LYS I 177 -24.95 34.12 -30.74
CA LYS I 177 -24.92 35.53 -31.08
C LYS I 177 -24.13 36.34 -30.07
N MET I 178 -24.36 36.10 -28.78
CA MET I 178 -23.79 36.89 -27.70
C MET I 178 -22.71 36.12 -26.95
N ASP I 179 -21.96 35.29 -27.68
CA ASP I 179 -20.85 34.55 -27.07
C ASP I 179 -19.79 35.45 -26.43
N PRO I 180 -19.37 36.57 -27.03
CA PRO I 180 -18.41 37.43 -26.32
C PRO I 180 -18.90 37.92 -24.97
N TYR I 181 -20.20 38.17 -24.82
CA TYR I 181 -20.72 38.55 -23.52
C TYR I 181 -20.65 37.40 -22.53
N ILE I 182 -20.87 36.18 -23.00
CA ILE I 182 -20.71 35.01 -22.14
C ILE I 182 -19.25 34.89 -21.68
N LYS I 183 -18.30 35.09 -22.59
CA LYS I 183 -16.90 35.02 -22.22
C LYS I 183 -16.54 36.12 -21.22
N ALA I 184 -17.05 37.34 -21.44
CA ALA I 184 -16.78 38.44 -20.52
C ALA I 184 -17.36 38.17 -19.15
N LEU I 185 -18.57 37.63 -19.09
CA LEU I 185 -19.19 37.36 -17.79
C LEU I 185 -18.47 36.23 -17.07
N SER I 186 -18.00 35.22 -17.81
CA SER I 186 -17.20 34.18 -17.20
C SER I 186 -15.90 34.74 -16.63
N GLY I 187 -15.24 35.60 -17.39
CA GLY I 187 -14.01 36.21 -16.90
C GLY I 187 -14.23 37.06 -15.67
N ASP I 188 -15.33 37.81 -15.64
CA ASP I 188 -15.66 38.62 -14.46
C ASP I 188 -15.99 37.73 -13.27
N LEU I 189 -16.74 36.64 -13.48
CA LEU I 189 -17.10 35.75 -12.40
C LEU I 189 -15.86 35.05 -11.82
N VAL I 190 -14.84 34.81 -12.64
CA VAL I 190 -13.63 34.19 -12.11
C VAL I 190 -12.62 35.21 -11.60
N SER I 191 -12.75 36.49 -11.97
CA SER I 191 -11.78 37.50 -11.58
C SER I 191 -12.33 38.56 -10.64
N LYS I 192 -13.65 38.63 -10.46
CA LYS I 192 -14.26 39.67 -9.63
C LYS I 192 -15.23 39.03 -8.65
N THR I 193 -15.47 39.74 -7.54
CA THR I 193 -16.43 39.31 -6.53
C THR I 193 -17.78 39.96 -6.82
N PHE I 194 -18.76 39.14 -7.18
CA PHE I 194 -20.07 39.62 -7.60
C PHE I 194 -21.03 39.70 -6.41
N LEU I 195 -21.95 40.67 -6.50
CA LEU I 195 -23.10 40.77 -5.61
C LEU I 195 -24.34 40.75 -6.48
N PHE I 196 -25.16 39.72 -6.32
CA PHE I 196 -26.39 39.57 -7.07
C PHE I 196 -27.53 40.23 -6.31
N VAL I 197 -28.12 41.28 -6.89
CA VAL I 197 -29.22 42.02 -6.29
C VAL I 197 -30.39 42.01 -7.26
N GLY I 198 -31.56 41.60 -6.76
CA GLY I 198 -32.74 41.56 -7.59
C GLY I 198 -32.77 40.43 -8.59
N PHE I 199 -31.92 39.42 -8.44
CA PHE I 199 -31.82 38.33 -9.40
C PHE I 199 -32.45 37.08 -8.80
N SER I 200 -33.32 36.44 -9.58
CA SER I 200 -34.03 35.24 -9.13
C SER I 200 -33.30 33.95 -9.48
N PHE I 201 -32.23 34.03 -10.25
CA PHE I 201 -31.43 32.85 -10.63
C PHE I 201 -32.28 31.82 -11.37
N THR I 202 -33.24 32.30 -12.16
CA THR I 202 -34.04 31.45 -13.04
C THR I 202 -33.77 31.75 -14.51
N ASP I 203 -32.67 32.45 -14.79
CA ASP I 203 -32.33 32.81 -16.16
C ASP I 203 -31.52 31.69 -16.79
N PRO I 204 -31.95 31.14 -17.94
CA PRO I 204 -31.19 30.04 -18.55
C PRO I 204 -29.77 30.43 -18.93
N ASN I 205 -29.54 31.67 -19.36
CA ASN I 205 -28.20 32.10 -19.73
C ASN I 205 -27.28 32.12 -18.53
N LEU I 206 -27.75 32.67 -17.40
CA LEU I 206 -26.94 32.71 -16.19
C LEU I 206 -26.69 31.32 -15.65
N ASP I 207 -27.69 30.44 -15.73
CA ASP I 207 -27.49 29.04 -15.33
C ASP I 207 -26.42 28.39 -16.19
N TYR I 208 -26.46 28.62 -17.50
CA TYR I 208 -25.46 28.05 -18.40
C TYR I 208 -24.07 28.57 -18.08
N ILE I 209 -23.94 29.88 -17.86
CA ILE I 209 -22.63 30.46 -17.57
C ILE I 209 -22.09 29.96 -16.25
N LEU I 210 -22.94 29.90 -15.21
CA LEU I 210 -22.50 29.41 -13.92
C LEU I 210 -22.11 27.94 -13.99
N SER I 211 -22.86 27.14 -14.75
CA SER I 211 -22.51 25.74 -14.91
C SER I 211 -21.17 25.58 -15.62
N ARG I 212 -20.91 26.41 -16.63
CA ARG I 212 -19.61 26.36 -17.30
C ARG I 212 -18.47 26.75 -16.37
N VAL I 213 -18.67 27.81 -15.58
CA VAL I 213 -17.63 28.23 -14.64
C VAL I 213 -17.39 27.15 -13.58
N ARG I 214 -18.45 26.53 -13.10
CA ARG I 214 -18.31 25.45 -12.13
C ARG I 214 -17.57 24.27 -12.73
N SER I 215 -17.93 23.87 -13.96
CA SER I 215 -17.22 22.77 -14.61
C SER I 215 -15.75 23.11 -14.82
N ALA I 216 -15.44 24.38 -15.07
CA ALA I 216 -14.05 24.76 -15.28
C ALA I 216 -13.24 24.82 -13.99
N TYR I 217 -13.84 25.22 -12.87
CA TYR I 217 -13.06 25.53 -11.68
C TYR I 217 -13.31 24.62 -10.49
N GLU I 218 -14.25 23.68 -10.59
CA GLU I 218 -14.49 22.65 -9.56
C GLU I 218 -14.74 23.35 -8.22
N ARG I 219 -14.04 22.98 -7.15
CA ARG I 219 -14.25 23.55 -5.82
C ARG I 219 -13.49 24.84 -5.61
N ASP I 220 -12.71 25.29 -6.60
CA ASP I 220 -11.90 26.49 -6.49
C ASP I 220 -12.60 27.71 -7.09
N GLN I 221 -13.93 27.67 -7.16
CA GLN I 221 -14.68 28.80 -7.65
C GLN I 221 -14.57 29.98 -6.69
N ARG I 222 -14.58 31.18 -7.26
CA ARG I 222 -14.54 32.40 -6.47
C ARG I 222 -15.87 32.60 -5.74
N ARG I 223 -15.86 32.99 -4.51
CA ARG I 223 -17.05 33.23 -3.79
C ARG I 223 -17.73 34.47 -4.19
N HIS I 224 -19.01 34.39 -4.37
CA HIS I 224 -19.88 35.50 -4.74
C HIS I 224 -21.00 35.61 -3.72
N TYR I 225 -21.72 36.73 -3.77
CA TYR I 225 -22.81 36.98 -2.84
C TYR I 225 -24.09 37.29 -3.58
N CYS I 226 -25.21 36.89 -2.98
CA CYS I 226 -26.53 37.20 -3.48
C CYS I 226 -27.39 37.68 -2.32
N LEU I 227 -28.36 38.53 -2.61
CA LEU I 227 -29.32 39.02 -1.62
C LEU I 227 -30.70 38.53 -2.02
N ILE I 228 -31.31 37.70 -1.17
CA ILE I 228 -32.62 37.11 -1.47
C ILE I 228 -33.54 37.35 -0.27
N LYS I 229 -34.76 37.79 -0.55
CA LYS I 229 -35.75 37.99 0.51
C LYS I 229 -36.40 36.67 0.87
N LYS I 230 -36.66 36.48 2.16
CA LYS I 230 -37.28 35.26 2.63
C LYS I 230 -38.74 35.19 2.18
N GLU I 231 -39.28 33.97 2.15
CA GLU I 231 -40.65 33.77 1.75
C GLU I 231 -41.61 34.35 2.79
N GLU I 232 -42.67 34.98 2.31
CA GLU I 232 -43.68 35.59 3.15
C GLU I 232 -45.00 34.84 3.03
N ARG I 233 -45.71 34.69 4.13
CA ARG I 233 -46.97 33.94 4.15
C ARG I 233 -48.03 34.74 3.43
N ARG I 234 -48.51 34.22 2.30
CA ARG I 234 -49.58 34.87 1.57
C ARG I 234 -50.90 34.76 2.34
N PRO I 235 -51.79 35.75 2.19
CA PRO I 235 -53.05 35.70 2.95
C PRO I 235 -53.89 34.47 2.66
N ASP I 236 -53.92 34.00 1.41
CA ASP I 236 -54.71 32.82 1.07
C ASP I 236 -54.03 31.53 1.49
N GLU I 237 -52.71 31.52 1.58
CA GLU I 237 -51.98 30.29 1.84
C GLU I 237 -52.16 29.82 3.29
N LEU I 238 -51.99 28.52 3.48
CA LEU I 238 -52.01 27.90 4.80
C LEU I 238 -50.60 27.82 5.37
N GLU I 239 -50.51 27.38 6.63
CA GLU I 239 -49.21 27.25 7.27
C GLU I 239 -48.36 26.18 6.60
N ALA I 240 -48.96 25.07 6.20
CA ALA I 240 -48.21 23.98 5.58
C ALA I 240 -47.62 24.42 4.25
N ASP I 241 -48.39 25.15 3.44
CA ASP I 241 -47.87 25.64 2.16
C ASP I 241 -46.75 26.64 2.37
N PHE I 242 -46.87 27.50 3.38
CA PHE I 242 -45.81 28.44 3.68
C PHE I 242 -44.53 27.72 4.11
N GLU I 243 -44.66 26.70 4.95
CA GLU I 243 -43.48 25.93 5.36
C GLU I 243 -42.87 25.20 4.18
N TYR I 244 -43.70 24.67 3.28
CA TYR I 244 -43.19 24.03 2.08
C TYR I 244 -42.42 25.02 1.21
N ARG I 245 -42.94 26.23 1.06
CA ARG I 245 -42.24 27.26 0.29
C ARG I 245 -40.92 27.65 0.95
N VAL I 246 -40.91 27.72 2.28
CA VAL I 246 -39.67 28.04 2.99
C VAL I 246 -38.62 26.95 2.76
N ARG I 247 -39.04 25.68 2.84
CA ARG I 247 -38.12 24.58 2.60
C ARG I 247 -37.63 24.59 1.15
N LYS I 248 -38.52 24.89 0.21
CA LYS I 248 -38.13 24.97 -1.19
C LYS I 248 -37.10 26.08 -1.40
N GLN I 249 -37.29 27.23 -0.74
CA GLN I 249 -36.31 28.31 -0.85
C GLN I 249 -34.99 27.93 -0.22
N GLU I 250 -35.01 27.19 0.90
CA GLU I 250 -33.77 26.73 1.50
C GLU I 250 -33.00 25.80 0.56
N LEU I 251 -33.72 24.87 -0.08
CA LEU I 251 -33.06 24.00 -1.05
C LEU I 251 -32.53 24.79 -2.24
N PHE I 252 -33.17 25.85 -2.69
CA PHE I 252 -32.64 26.73 -3.72
C PHE I 252 -31.32 27.40 -3.36
N ILE I 253 -31.18 27.90 -2.16
CA ILE I 253 -29.99 28.52 -1.69
C ILE I 253 -28.80 27.59 -1.61
N SER I 254 -28.99 26.36 -1.18
CA SER I 254 -27.96 25.38 -1.18
C SER I 254 -27.52 25.00 -2.61
N ASP I 255 -28.45 24.95 -3.52
CA ASP I 255 -28.06 24.72 -4.86
C ASP I 255 -27.25 25.86 -5.38
N LEU I 256 -27.55 27.06 -4.98
CA LEU I 256 -26.76 28.19 -5.35
C LEU I 256 -25.40 28.09 -4.79
N SER I 257 -25.25 27.58 -3.59
CA SER I 257 -23.93 27.31 -3.03
C SER I 257 -23.18 26.34 -3.82
N ARG I 258 -23.86 25.44 -4.47
CA ARG I 258 -23.14 24.62 -5.41
C ARG I 258 -22.39 25.44 -6.35
N PHE I 259 -22.76 26.70 -6.55
CA PHE I 259 -21.90 27.53 -7.40
C PHE I 259 -21.04 28.49 -6.59
N ASN I 260 -20.84 28.21 -5.30
CA ASN I 260 -20.06 29.05 -4.41
C ASN I 260 -20.64 30.47 -4.30
N ILE I 261 -21.95 30.57 -4.38
CA ILE I 261 -22.66 31.84 -4.23
C ILE I 261 -23.39 31.81 -2.89
N LYS I 262 -22.90 32.58 -1.93
CA LYS I 262 -23.50 32.65 -0.61
C LYS I 262 -24.70 33.60 -0.65
N THR I 263 -25.81 33.17 -0.08
CA THR I 263 -27.05 33.93 -0.11
C THR I 263 -27.31 34.55 1.25
N ILE I 264 -27.61 35.85 1.24
CA ILE I 264 -28.02 36.58 2.44
C ILE I 264 -29.53 36.71 2.40
N VAL I 265 -30.18 36.12 3.40
CA VAL I 265 -31.64 36.11 3.47
C VAL I 265 -32.08 37.36 4.21
N LEU I 266 -32.95 38.14 3.58
CA LEU I 266 -33.39 39.42 4.09
C LEU I 266 -34.89 39.36 4.40
N ASN I 267 -35.28 40.03 5.48
CA ASN I 267 -36.69 40.04 5.88
C ASN I 267 -37.54 40.79 4.88
N ASN I 268 -37.04 41.91 4.36
CA ASN I 268 -37.78 42.72 3.41
C ASN I 268 -36.79 43.34 2.42
N TYR I 269 -37.33 44.03 1.42
CA TYR I 269 -36.51 44.62 0.37
C TYR I 269 -35.84 45.92 0.78
N ASN I 270 -36.29 46.55 1.87
CA ASN I 270 -35.59 47.73 2.37
C ASN I 270 -34.26 47.38 3.02
N GLU I 271 -34.07 46.12 3.42
CA GLU I 271 -32.78 45.70 3.95
C GLU I 271 -31.69 45.76 2.88
N ILE I 272 -32.05 45.66 1.59
CA ILE I 272 -31.07 45.91 0.54
C ILE I 272 -30.55 47.33 0.64
N THR I 273 -31.45 48.30 0.80
CA THR I 273 -31.04 49.69 0.95
C THR I 273 -30.22 49.88 2.23
N GLU I 274 -30.61 49.21 3.32
CA GLU I 274 -29.86 49.33 4.56
C GLU I 274 -28.44 48.78 4.40
N ILE I 275 -28.29 47.63 3.74
CA ILE I 275 -26.98 47.05 3.53
C ILE I 275 -26.13 47.95 2.64
N LEU I 276 -26.72 48.49 1.57
CA LEU I 276 -25.98 49.38 0.69
C LEU I 276 -25.54 50.64 1.41
N GLN I 277 -26.41 51.20 2.25
CA GLN I 277 -26.05 52.36 3.05
C GLN I 277 -24.92 52.04 4.01
N ARG I 278 -24.96 50.85 4.63
CA ARG I 278 -23.90 50.47 5.56
C ARG I 278 -22.56 50.33 4.83
N ILE I 279 -22.57 49.71 3.65
CA ILE I 279 -21.33 49.58 2.88
C ILE I 279 -20.81 50.95 2.47
N GLU I 280 -21.71 51.83 2.02
CA GLU I 280 -21.30 53.18 1.64
C GLU I 280 -20.71 53.93 2.82
N ASN I 281 -21.32 53.79 4.00
CA ASN I 281 -20.81 54.44 5.19
C ASN I 281 -19.44 53.89 5.58
N ASN I 282 -19.27 52.58 5.50
CA ASN I 282 -17.98 51.98 5.83
C ASN I 282 -16.89 52.47 4.88
N ILE I 283 -17.22 52.61 3.60
CA ILE I 283 -16.24 53.13 2.65
C ILE I 283 -15.95 54.60 2.89
N LYS I 284 -16.98 55.39 3.17
CA LYS I 284 -16.82 56.83 3.25
C LYS I 284 -16.12 57.26 4.53
N THR I 285 -16.43 56.61 5.66
CA THR I 285 -15.89 57.01 6.95
C THR I 285 -14.44 56.61 7.14
N LYS I 286 -13.86 55.82 6.23
CA LYS I 286 -12.45 55.48 6.33
C LYS I 286 -11.52 56.66 6.06
N THR I 287 -12.06 57.77 5.56
CA THR I 287 -11.29 59.00 5.35
C THR I 287 -11.72 60.01 6.41
N VAL I 288 -10.77 60.44 7.23
CA VAL I 288 -11.02 61.35 8.34
C VAL I 288 -10.44 62.72 8.00
N PHE I 289 -11.23 63.76 8.24
CA PHE I 289 -10.82 65.15 8.04
C PHE I 289 -10.31 65.69 9.37
N LEU I 290 -9.00 65.87 9.46
CA LEU I 290 -8.39 66.42 10.66
C LEU I 290 -8.35 67.94 10.56
N SER I 291 -9.02 68.60 11.49
CA SER I 291 -9.17 70.05 11.46
C SER I 291 -8.68 70.65 12.78
N GLY I 292 -8.23 71.90 12.69
CA GLY I 292 -7.87 72.64 13.89
C GLY I 292 -6.67 73.53 13.64
N SER I 293 -6.56 74.54 14.49
CA SER I 293 -5.43 75.46 14.52
C SER I 293 -5.25 75.90 15.96
N ALA I 294 -4.00 75.91 16.43
CA ALA I 294 -3.74 76.12 17.85
C ALA I 294 -2.46 76.90 18.03
N VAL I 295 -2.57 78.07 18.68
CA VAL I 295 -1.40 78.78 19.18
C VAL I 295 -1.16 78.47 20.64
N GLU I 296 -2.22 78.44 21.44
CA GLU I 296 -2.18 78.00 22.83
C GLU I 296 -2.96 76.72 22.97
N TYR I 297 -2.32 75.69 23.52
CA TYR I 297 -2.91 74.35 23.56
C TYR I 297 -3.67 74.09 24.87
N ASN I 298 -4.56 75.02 25.21
CA ASN I 298 -5.47 74.91 26.36
C ASN I 298 -4.65 74.59 27.61
N HIS I 299 -5.00 73.56 28.39
CA HIS I 299 -4.27 73.26 29.61
C HIS I 299 -2.93 72.59 29.32
N TRP I 300 -2.88 71.74 28.31
CA TRP I 300 -1.67 71.00 28.00
C TRP I 300 -0.57 71.94 27.52
N GLU I 301 0.67 71.54 27.76
CA GLU I 301 1.82 72.31 27.28
C GLU I 301 1.97 72.14 25.78
N THR I 302 2.86 72.96 25.20
CA THR I 302 3.07 72.93 23.75
C THR I 302 3.62 71.57 23.31
N GLU I 303 4.71 71.13 23.94
CA GLU I 303 5.32 69.87 23.54
C GLU I 303 4.40 68.69 23.78
N HIS I 304 3.68 68.69 24.91
CA HIS I 304 2.75 67.61 25.21
C HIS I 304 1.65 67.52 24.16
N ALA I 305 1.09 68.66 23.76
CA ALA I 305 0.03 68.66 22.75
C ALA I 305 0.57 68.26 21.39
N GLU I 306 1.80 68.68 21.06
CA GLU I 306 2.41 68.27 19.79
C GLU I 306 2.60 66.77 19.75
N GLN I 307 3.08 66.18 20.86
CA GLN I 307 3.22 64.73 20.92
C GLN I 307 1.87 64.03 20.83
N PHE I 308 0.85 64.61 21.47
CA PHE I 308 -0.49 64.05 21.39
C PHE I 308 -1.00 64.01 19.95
N ILE I 309 -0.85 65.13 19.23
CA ILE I 309 -1.31 65.19 17.85
C ILE I 309 -0.52 64.22 16.98
N HIS I 310 0.80 64.17 17.19
CA HIS I 310 1.65 63.25 16.42
C HIS I 310 1.21 61.80 16.61
N GLN I 311 1.02 61.39 17.86
CA GLN I 311 0.62 60.01 18.13
C GLN I 311 -0.80 59.73 17.67
N LEU I 312 -1.70 60.72 17.74
CA LEU I 312 -3.04 60.54 17.23
C LEU I 312 -3.04 60.30 15.72
N SER I 313 -2.24 61.08 14.99
CA SER I 313 -2.14 60.88 13.56
C SER I 313 -1.48 59.55 13.23
N LYS I 314 -0.47 59.15 14.01
CA LYS I 314 0.16 57.85 13.80
C LYS I 314 -0.83 56.71 14.01
N GLU I 315 -1.67 56.82 15.04
CA GLU I 315 -2.68 55.79 15.28
C GLU I 315 -3.73 55.79 14.18
N LEU I 316 -4.12 56.98 13.70
CA LEU I 316 -5.09 57.04 12.60
C LEU I 316 -4.55 56.36 11.35
N ILE I 317 -3.28 56.60 11.03
CA ILE I 317 -2.68 55.92 9.88
C ILE I 317 -2.58 54.43 10.14
N ARG I 318 -2.23 54.04 11.37
CA ARG I 318 -2.08 52.62 11.69
C ARG I 318 -3.42 51.89 11.63
N LYS I 319 -4.52 52.56 11.94
CA LYS I 319 -5.85 51.96 11.92
C LYS I 319 -6.48 52.00 10.53
N ASP I 320 -5.66 52.12 9.48
CA ASP I 320 -6.14 52.10 8.09
C ASP I 320 -7.12 53.23 7.80
N PHE I 321 -6.79 54.43 8.26
CA PHE I 321 -7.56 55.63 7.95
C PHE I 321 -6.75 56.55 7.05
N ASN I 322 -7.45 57.22 6.13
CA ASN I 322 -6.83 58.18 5.24
C ASN I 322 -7.10 59.57 5.79
N ILE I 323 -6.03 60.31 6.07
CA ILE I 323 -6.12 61.61 6.74
C ILE I 323 -6.13 62.71 5.69
N VAL I 324 -7.11 63.60 5.76
CA VAL I 324 -7.16 64.81 4.96
C VAL I 324 -7.07 66.00 5.89
N SER I 325 -6.05 66.82 5.69
CA SER I 325 -5.79 67.95 6.57
C SER I 325 -5.66 69.23 5.76
N GLY I 326 -6.15 70.33 6.32
CA GLY I 326 -6.01 71.64 5.74
C GLY I 326 -4.74 72.37 6.09
N PHE I 327 -3.81 71.71 6.78
CA PHE I 327 -2.54 72.30 7.20
C PHE I 327 -2.77 73.58 8.01
N GLY I 328 -3.58 73.45 9.05
CA GLY I 328 -3.82 74.58 9.93
C GLY I 328 -2.57 74.95 10.71
N LEU I 329 -2.49 76.22 11.08
CA LEU I 329 -1.33 76.73 11.80
C LEU I 329 -1.26 76.11 13.18
N GLY I 330 -0.20 75.37 13.45
CA GLY I 330 0.01 74.74 14.75
C GLY I 330 -0.47 73.32 14.86
N VAL I 331 -1.26 72.82 13.90
CA VAL I 331 -1.73 71.44 13.95
C VAL I 331 -1.23 70.66 12.73
N GLY I 332 -1.05 71.35 11.61
CA GLY I 332 -0.73 70.65 10.37
C GLY I 332 0.63 69.99 10.38
N SER I 333 1.65 70.68 10.92
CA SER I 333 2.99 70.14 10.90
C SER I 333 3.07 68.84 11.68
N PHE I 334 2.36 68.75 12.80
CA PHE I 334 2.50 67.58 13.67
C PHE I 334 1.69 66.38 13.17
N VAL I 335 0.53 66.61 12.55
CA VAL I 335 -0.15 65.50 11.88
C VAL I 335 0.68 65.02 10.69
N ILE I 336 1.34 65.95 9.99
CA ILE I 336 2.25 65.54 8.92
C ILE I 336 3.37 64.68 9.48
N ASN I 337 3.95 65.09 10.61
CA ASN I 337 5.02 64.31 11.22
C ASN I 337 4.54 62.93 11.64
N GLY I 338 3.34 62.85 12.21
CA GLY I 338 2.80 61.55 12.59
C GLY I 338 2.59 60.64 11.41
N VAL I 339 2.02 61.18 10.32
CA VAL I 339 1.83 60.39 9.11
C VAL I 339 3.17 59.93 8.55
N LEU I 340 4.17 60.81 8.55
CA LEU I 340 5.49 60.45 8.04
C LEU I 340 6.12 59.35 8.88
N GLU I 341 6.01 59.44 10.20
CA GLU I 341 6.55 58.40 11.07
C GLU I 341 5.84 57.07 10.82
N GLU I 342 4.52 57.11 10.65
CA GLU I 342 3.77 55.87 10.44
C GLU I 342 4.09 55.25 9.08
N LEU I 343 4.35 56.07 8.07
CA LEU I 343 4.53 55.57 6.71
C LEU I 343 5.99 55.28 6.37
N TYR I 344 6.93 56.09 6.86
CA TYR I 344 8.35 55.89 6.56
C TYR I 344 8.85 54.73 7.41
N MET I 345 8.62 53.52 6.91
CA MET I 345 9.04 52.30 7.61
C MET I 345 9.45 51.23 6.61
N GLY I 348 10.25 54.16 2.77
CA GLY I 348 8.89 54.24 2.26
C GLY I 348 8.57 55.58 1.63
N THR I 349 7.43 55.65 0.96
CA THR I 349 6.98 56.87 0.30
C THR I 349 5.59 57.24 0.80
N ILE I 350 5.21 58.49 0.54
CA ILE I 350 3.92 59.01 0.97
C ILE I 350 2.88 58.60 -0.08
N ASP I 351 2.02 57.65 0.26
CA ASP I 351 0.93 57.29 -0.61
C ASP I 351 -0.06 58.45 -0.70
N ASP I 352 -0.53 58.73 -1.92
CA ASP I 352 -1.42 59.86 -2.13
C ASP I 352 -2.76 59.67 -1.42
N ASP I 353 -3.20 58.43 -1.25
CA ASP I 353 -4.48 58.17 -0.59
C ASP I 353 -4.38 58.34 0.92
N ARG I 354 -3.26 57.95 1.52
CA ARG I 354 -3.15 57.96 2.97
C ARG I 354 -3.18 59.38 3.54
N LEU I 355 -2.51 60.33 2.88
CA LEU I 355 -2.44 61.70 3.38
C LEU I 355 -2.67 62.66 2.22
N ILE I 356 -3.77 63.41 2.29
CA ILE I 356 -4.06 64.47 1.33
C ILE I 356 -3.89 65.80 2.05
N LEU I 357 -2.93 66.60 1.60
CA LEU I 357 -2.63 67.89 2.21
C LEU I 357 -3.16 69.01 1.33
N ARG I 358 -3.94 69.90 1.92
CA ARG I 358 -4.56 71.02 1.20
C ARG I 358 -4.31 72.32 1.96
N PRO I 359 -3.08 72.83 1.92
CA PRO I 359 -2.81 74.13 2.54
C PRO I 359 -3.61 75.23 1.86
N PHE I 360 -4.11 76.15 2.67
CA PHE I 360 -4.94 77.22 2.12
C PHE I 360 -4.07 78.28 1.44
N PRO I 361 -4.48 78.75 0.26
CA PRO I 361 -3.75 79.86 -0.37
C PRO I 361 -3.78 81.11 0.50
N GLN I 362 -2.66 81.83 0.50
CA GLN I 362 -2.50 83.01 1.33
C GLN I 362 -2.57 84.26 0.45
N GLY I 363 -3.41 85.21 0.84
CA GLY I 363 -3.60 86.44 0.13
C GLY I 363 -5.07 86.73 -0.11
N LYS I 364 -5.31 87.86 -0.80
CA LYS I 364 -6.68 88.26 -1.09
C LYS I 364 -7.31 87.34 -2.14
N LYS I 365 -6.52 86.89 -3.11
CA LYS I 365 -7.06 86.01 -4.14
C LYS I 365 -7.46 84.66 -3.57
N GLY I 366 -6.69 84.13 -2.62
CA GLY I 366 -7.01 82.84 -2.04
C GLY I 366 -8.30 82.85 -1.25
N GLU I 367 -8.52 83.90 -0.45
CA GLU I 367 -9.71 83.96 0.39
C GLU I 367 -11.00 84.01 -0.41
N GLU I 368 -10.94 84.43 -1.68
CA GLU I 368 -12.14 84.43 -2.51
C GLU I 368 -12.64 83.02 -2.75
N GLN I 369 -11.73 82.08 -3.02
CA GLN I 369 -12.07 80.69 -3.28
C GLN I 369 -11.86 79.80 -2.05
N TRP I 370 -11.54 80.40 -0.90
CA TRP I 370 -11.34 79.61 0.32
C TRP I 370 -12.55 78.74 0.65
N ASP I 371 -13.76 79.26 0.45
CA ASP I 371 -14.96 78.49 0.79
C ASP I 371 -15.10 77.25 -0.07
N LYS I 372 -14.94 77.40 -1.39
CA LYS I 372 -15.03 76.25 -2.28
C LYS I 372 -13.87 75.28 -2.02
N TYR I 373 -12.68 75.81 -1.71
CA TYR I 373 -11.55 74.96 -1.37
C TYR I 373 -11.85 74.12 -0.14
N ARG I 374 -12.44 74.74 0.89
CA ARG I 374 -12.79 74.03 2.11
C ARG I 374 -13.85 72.97 1.84
N ARG I 375 -14.87 73.31 1.04
CA ARG I 375 -15.92 72.34 0.72
C ARG I 375 -15.36 71.15 -0.05
N ASP I 376 -14.51 71.42 -1.04
CA ASP I 376 -13.90 70.33 -1.80
C ASP I 376 -13.01 69.46 -0.90
N MET I 377 -12.27 70.09 0.01
CA MET I 377 -11.43 69.33 0.92
C MET I 377 -12.25 68.44 1.83
N ILE I 378 -13.36 68.96 2.35
CA ILE I 378 -14.18 68.18 3.28
C ILE I 378 -14.95 67.08 2.56
N THR I 379 -15.33 67.30 1.29
CA THR I 379 -16.11 66.32 0.56
C THR I 379 -15.41 64.98 0.44
N ARG I 380 -14.07 64.98 0.45
CA ARG I 380 -13.32 63.74 0.35
C ARG I 380 -13.43 62.85 1.57
N THR I 381 -13.97 63.36 2.68
CA THR I 381 -13.97 62.66 3.95
C THR I 381 -15.39 62.32 4.39
N GLY I 382 -15.48 61.47 5.39
CA GLY I 382 -16.76 61.09 5.97
C GLY I 382 -16.80 61.29 7.47
N VAL I 383 -15.64 61.49 8.07
CA VAL I 383 -15.51 61.75 9.51
C VAL I 383 -14.66 62.99 9.69
N SER I 384 -15.14 63.91 10.53
CA SER I 384 -14.42 65.15 10.84
C SER I 384 -13.99 65.15 12.29
N ILE I 385 -12.71 65.37 12.52
CA ILE I 385 -12.14 65.45 13.87
C ILE I 385 -11.62 66.86 14.10
N PHE I 386 -12.08 67.50 15.16
CA PHE I 386 -11.74 68.88 15.45
C PHE I 386 -10.86 68.94 16.70
N LEU I 387 -9.77 69.70 16.62
CA LEU I 387 -8.83 69.85 17.72
C LEU I 387 -8.55 71.33 17.94
N TYR I 388 -8.66 71.77 19.19
CA TYR I 388 -8.34 73.14 19.60
C TYR I 388 -9.20 74.11 18.80
N GLY I 389 -8.63 75.00 18.01
CA GLY I 389 -9.41 75.96 17.26
C GLY I 389 -9.13 77.40 17.68
N ASN I 390 -7.89 77.67 18.06
CA ASN I 390 -7.48 78.98 18.53
C ASN I 390 -6.38 79.54 17.66
N LYS I 391 -6.51 80.81 17.28
CA LYS I 391 -5.53 81.51 16.47
C LYS I 391 -5.12 82.79 17.18
N ILE I 392 -4.24 83.56 16.54
CA ILE I 392 -3.80 84.85 17.05
C ILE I 392 -4.15 85.92 16.02
N ASP I 393 -4.88 86.94 16.44
CA ASP I 393 -5.30 88.02 15.55
C ASP I 393 -4.64 89.34 15.88
N LYS I 394 -4.70 89.80 17.12
CA LYS I 394 -4.10 91.05 17.55
C LYS I 394 -3.20 90.85 18.77
N GLY I 395 -2.45 89.75 18.79
CA GLY I 395 -1.58 89.43 19.90
C GLY I 395 -2.24 88.62 21.01
N GLN I 396 -3.53 88.35 20.91
CA GLN I 396 -4.25 87.59 21.92
C GLN I 396 -4.86 86.35 21.29
N VAL I 397 -4.95 85.28 22.09
CA VAL I 397 -5.52 84.02 21.63
C VAL I 397 -7.02 84.20 21.46
N VAL I 398 -7.52 84.05 20.24
CA VAL I 398 -8.93 84.17 19.93
C VAL I 398 -9.38 82.89 19.24
N LYS I 399 -10.55 82.38 19.65
CA LYS I 399 -11.08 81.16 19.04
C LYS I 399 -11.29 81.38 17.54
N ALA I 400 -10.87 80.40 16.76
CA ALA I 400 -10.85 80.53 15.31
C ALA I 400 -12.27 80.48 14.73
N LYS I 401 -12.40 80.95 13.49
CA LYS I 401 -13.66 80.91 12.77
C LYS I 401 -13.67 79.94 11.60
N GLY I 402 -12.50 79.55 11.10
CA GLY I 402 -12.46 78.57 10.03
C GLY I 402 -12.92 77.19 10.49
N VAL I 403 -12.62 76.84 11.73
CA VAL I 403 -13.04 75.54 12.25
C VAL I 403 -14.56 75.47 12.34
N GLN I 404 -15.21 76.59 12.68
CA GLN I 404 -16.67 76.61 12.71
C GLN I 404 -17.24 76.39 11.31
N SER I 405 -16.64 77.01 10.29
CA SER I 405 -17.08 76.80 8.92
C SER I 405 -16.87 75.35 8.50
N GLU I 406 -15.77 74.75 8.91
CA GLU I 406 -15.51 73.37 8.61
C GLU I 406 -16.53 72.48 9.26
N PHE I 407 -16.90 72.76 10.51
CA PHE I 407 -17.94 71.98 11.18
C PHE I 407 -19.28 72.13 10.46
N ASN I 408 -19.62 73.34 10.04
CA ASN I 408 -20.88 73.55 9.32
C ASN I 408 -20.89 72.77 8.01
N ILE I 409 -19.78 72.81 7.26
CA ILE I 409 -19.70 72.06 6.00
C ILE I 409 -19.81 70.57 6.26
N SER I 410 -19.14 70.08 7.31
CA SER I 410 -19.20 68.66 7.63
C SER I 410 -20.63 68.24 7.96
N PHE I 411 -21.34 69.05 8.74
CA PHE I 411 -22.74 68.73 9.04
C PHE I 411 -23.60 68.76 7.80
N GLU I 412 -23.39 69.75 6.93
CA GLU I 412 -24.18 69.84 5.70
C GLU I 412 -23.96 68.64 4.79
N GLN I 413 -22.78 68.03 4.85
CA GLN I 413 -22.48 66.85 4.05
C GLN I 413 -22.79 65.54 4.78
N ASN I 414 -23.45 65.61 5.93
CA ASN I 414 -23.83 64.44 6.72
C ASN I 414 -22.61 63.66 7.20
N ASN I 415 -21.49 64.35 7.37
CA ASN I 415 -20.30 63.71 7.90
C ASN I 415 -20.36 63.62 9.43
N TYR I 416 -19.79 62.54 9.96
CA TYR I 416 -19.69 62.40 11.40
C TYR I 416 -18.71 63.41 11.96
N VAL I 417 -19.09 64.08 13.03
CA VAL I 417 -18.27 65.11 13.67
C VAL I 417 -17.80 64.57 15.02
N VAL I 418 -16.50 64.69 15.27
CA VAL I 418 -15.90 64.20 16.52
C VAL I 418 -15.15 65.35 17.17
N PRO I 419 -15.83 66.31 17.79
CA PRO I 419 -15.11 67.40 18.46
C PRO I 419 -14.52 66.92 19.78
N VAL I 420 -13.23 67.15 19.97
CA VAL I 420 -12.53 66.77 21.18
C VAL I 420 -12.57 67.96 22.13
N GLY I 421 -13.46 67.89 23.13
CA GLY I 421 -13.62 69.00 24.05
C GLY I 421 -12.44 69.22 24.98
N ALA I 422 -11.64 68.18 25.21
CA ALA I 422 -10.46 68.33 26.07
C ALA I 422 -9.48 69.33 25.48
N THR I 423 -9.45 69.45 24.15
CA THR I 423 -8.55 70.41 23.51
C THR I 423 -9.03 71.86 23.67
N GLY I 424 -10.32 72.06 23.91
CA GLY I 424 -10.84 73.37 24.23
C GLY I 424 -11.09 74.24 23.01
N TYR I 425 -11.46 75.49 23.29
CA TYR I 425 -11.67 76.54 22.29
C TYR I 425 -12.85 76.14 21.40
N ILE I 426 -12.73 76.26 20.07
CA ILE I 426 -13.84 75.93 19.18
C ILE I 426 -14.18 74.44 19.27
N ALA I 427 -13.19 73.60 19.55
CA ALA I 427 -13.49 72.18 19.74
C ALA I 427 -14.40 71.96 20.94
N LYS I 428 -14.13 72.66 22.04
CA LYS I 428 -15.00 72.55 23.21
C LYS I 428 -16.38 73.13 22.93
N ASP I 429 -16.44 74.26 22.21
CA ASP I 429 -17.73 74.84 21.87
C ASP I 429 -18.55 73.88 21.00
N LEU I 430 -17.90 73.24 20.03
CA LEU I 430 -18.58 72.28 19.17
C LEU I 430 -19.02 71.05 19.95
N TRP I 431 -18.20 70.59 20.89
CA TRP I 431 -18.60 69.45 21.73
C TRP I 431 -19.82 69.80 22.57
N ASN I 432 -19.85 71.01 23.14
CA ASN I 432 -21.02 71.45 23.89
C ASN I 432 -22.25 71.53 23.00
N LYS I 433 -22.08 72.05 21.78
CA LYS I 433 -23.21 72.14 20.86
C LYS I 433 -23.75 70.76 20.49
N VAL I 434 -22.84 69.80 20.25
CA VAL I 434 -23.27 68.44 19.92
C VAL I 434 -23.98 67.80 21.11
N ASN I 435 -23.43 67.98 22.31
CA ASN I 435 -24.08 67.41 23.49
C ASN I 435 -25.41 68.09 23.78
N GLU I 436 -25.60 69.32 23.33
CA GLU I 436 -26.89 69.99 23.51
C GLU I 436 -27.99 69.26 22.77
N GLU I 437 -27.73 68.82 21.54
CA GLU I 437 -28.68 68.04 20.75
C GLU I 437 -27.91 66.82 20.23
N PHE I 438 -27.84 65.77 21.05
CA PHE I 438 -27.07 64.59 20.68
C PHE I 438 -27.81 63.71 19.68
N GLU I 439 -29.14 63.62 19.79
CA GLU I 439 -29.90 62.77 18.89
C GLU I 439 -29.91 63.31 17.46
N THR I 440 -29.77 64.63 17.31
CA THR I 440 -29.76 65.22 15.98
C THR I 440 -28.53 64.80 15.19
N TYR I 441 -27.37 64.71 15.86
CA TYR I 441 -26.13 64.37 15.20
C TYR I 441 -25.84 62.88 15.23
N TYR I 442 -26.25 62.18 16.29
CA TYR I 442 -26.02 60.75 16.44
C TYR I 442 -27.34 60.06 16.78
N PRO I 443 -28.24 59.94 15.82
CA PRO I 443 -29.51 59.25 16.09
C PRO I 443 -29.30 57.76 16.31
N GLY I 444 -30.03 57.21 17.29
CA GLY I 444 -29.91 55.80 17.61
C GLY I 444 -28.53 55.40 18.10
N ALA I 445 -27.91 56.24 18.92
CA ALA I 445 -26.59 55.93 19.44
C ALA I 445 -26.67 54.96 20.61
N ASP I 446 -25.66 54.10 20.72
CA ASP I 446 -25.60 53.12 21.79
C ASP I 446 -25.04 53.74 23.06
N ALA I 447 -25.03 52.95 24.13
CA ALA I 447 -24.49 53.43 25.40
C ALA I 447 -22.98 53.67 25.30
N ARG I 448 -22.26 52.78 24.61
CA ARG I 448 -20.82 52.94 24.47
C ARG I 448 -20.48 54.20 23.69
N MET I 449 -21.25 54.50 22.64
CA MET I 449 -21.01 55.71 21.87
C MET I 449 -21.22 56.96 22.72
N LYS I 450 -22.29 56.98 23.52
CA LYS I 450 -22.52 58.11 24.41
C LYS I 450 -21.41 58.24 25.45
N LYS I 451 -20.96 57.12 26.00
CA LYS I 451 -19.88 57.17 26.98
C LYS I 451 -18.60 57.70 26.37
N LEU I 452 -18.27 57.26 25.15
CA LEU I 452 -17.07 57.77 24.49
C LEU I 452 -17.19 59.25 24.17
N PHE I 453 -18.36 59.69 23.71
CA PHE I 453 -18.56 61.11 23.42
C PHE I 453 -18.41 61.95 24.69
N GLY I 454 -18.96 61.47 25.81
CA GLY I 454 -18.80 62.18 27.06
C GLY I 454 -17.35 62.20 27.52
N GLU I 455 -16.64 61.08 27.35
CA GLU I 455 -15.24 61.01 27.73
C GLU I 455 -14.35 61.87 26.84
N LEU I 456 -14.81 62.21 25.64
CA LEU I 456 -14.03 63.07 24.76
C LEU I 456 -13.75 64.44 25.37
N ASN I 457 -14.57 64.88 26.33
CA ASN I 457 -14.39 66.18 26.98
C ASN I 457 -13.81 66.02 28.38
N ASN I 458 -12.90 65.09 28.59
CA ASN I 458 -12.27 64.86 29.87
C ASN I 458 -10.83 65.37 29.82
N GLU I 459 -10.52 66.34 30.67
CA GLU I 459 -9.16 66.88 30.75
C GLU I 459 -8.24 66.04 31.63
N ALA I 460 -8.77 65.08 32.38
CA ALA I 460 -7.95 64.23 33.23
C ALA I 460 -7.31 63.07 32.48
N LEU I 461 -7.73 62.82 31.23
CA LEU I 461 -7.15 61.74 30.46
C LEU I 461 -5.74 62.10 29.99
N SER I 462 -4.88 61.09 29.91
CA SER I 462 -3.54 61.27 29.37
C SER I 462 -3.61 61.31 27.85
N ILE I 463 -2.43 61.38 27.22
CA ILE I 463 -2.37 61.35 25.77
C ILE I 463 -2.88 60.02 25.24
N GLU I 464 -2.39 58.92 25.82
CA GLU I 464 -2.77 57.60 25.34
C GLU I 464 -4.26 57.34 25.54
N GLU I 465 -4.80 57.72 26.70
CA GLU I 465 -6.21 57.48 26.98
C GLU I 465 -7.11 58.28 26.05
N LEU I 466 -6.80 59.56 25.85
CA LEU I 466 -7.61 60.38 24.95
C LEU I 466 -7.52 59.88 23.52
N ILE I 467 -6.31 59.49 23.08
CA ILE I 467 -6.15 58.99 21.72
C ILE I 467 -6.93 57.69 21.54
N ASN I 468 -6.87 56.80 22.53
CA ASN I 468 -7.63 55.56 22.44
C ASN I 468 -9.12 55.81 22.40
N THR I 469 -9.61 56.76 23.20
CA THR I 469 -11.02 57.11 23.16
C THR I 469 -11.43 57.63 21.79
N ILE I 470 -10.62 58.52 21.21
CA ILE I 470 -10.92 59.05 19.88
C ILE I 470 -10.92 57.94 18.84
N ILE I 471 -9.91 57.06 18.90
CA ILE I 471 -9.80 55.97 17.93
C ILE I 471 -10.99 55.03 18.04
N GLU I 472 -11.39 54.68 19.27
CA GLU I 472 -12.53 53.78 19.44
C GLU I 472 -13.82 54.42 18.96
N PHE I 473 -14.01 55.71 19.22
CA PHE I 473 -15.20 56.40 18.74
C PHE I 473 -15.24 56.40 17.21
N VAL I 474 -14.11 56.73 16.58
CA VAL I 474 -14.07 56.76 15.11
C VAL I 474 -14.27 55.37 14.54
N GLU I 475 -13.75 54.33 15.21
CA GLU I 475 -13.90 52.97 14.71
C GLU I 475 -15.33 52.48 14.82
N ILE I 476 -16.01 52.78 15.93
CA ILE I 476 -17.40 52.38 16.04
C ILE I 476 -18.27 53.21 15.09
N LEU I 477 -17.83 54.41 14.74
CA LEU I 477 -18.51 55.15 13.68
C LEU I 477 -18.31 54.48 12.33
N SER I 478 -17.11 54.01 12.04
CA SER I 478 -16.81 53.43 10.72
C SER I 478 -17.24 51.97 10.66
N ASN I 479 -16.68 51.13 11.51
CA ASN I 479 -17.00 49.71 11.50
C ASN I 479 -18.40 49.45 12.06
N LYS J 5 15.19 62.16 -32.08
CA LYS J 5 13.97 61.92 -32.84
C LYS J 5 14.11 60.66 -33.70
N MET J 6 13.00 59.99 -33.93
CA MET J 6 12.94 58.77 -34.72
C MET J 6 11.99 58.98 -35.91
N ASN J 7 11.71 57.89 -36.62
CA ASN J 7 10.88 57.97 -37.82
C ASN J 7 9.49 58.50 -37.48
N PRO J 8 8.86 59.22 -38.40
CA PRO J 8 7.51 59.75 -38.13
C PRO J 8 6.50 58.68 -37.78
N ILE J 9 6.61 57.49 -38.37
CA ILE J 9 5.75 56.38 -37.98
C ILE J 9 6.02 56.01 -36.51
N VAL J 10 7.30 55.95 -36.14
CA VAL J 10 7.65 55.64 -34.75
C VAL J 10 7.16 56.73 -33.82
N GLU J 11 7.24 58.00 -34.25
CA GLU J 11 6.75 59.09 -33.41
C GLU J 11 5.25 59.02 -33.20
N LEU J 12 4.50 58.73 -34.28
CA LEU J 12 3.06 58.58 -34.15
C LEU J 12 2.70 57.41 -33.23
N PHE J 13 3.42 56.29 -33.37
CA PHE J 13 3.19 55.16 -32.48
C PHE J 13 3.49 55.50 -31.04
N ILE J 14 4.58 56.24 -30.81
CA ILE J 14 4.95 56.63 -29.45
C ILE J 14 3.86 57.52 -28.85
N LYS J 15 3.37 58.50 -29.60
CA LYS J 15 2.31 59.35 -29.10
C LYS J 15 1.06 58.55 -28.78
N ASP J 16 0.62 57.70 -29.70
CA ASP J 16 -0.61 56.94 -29.50
C ASP J 16 -0.49 55.98 -28.32
N PHE J 17 0.66 55.29 -28.20
CA PHE J 17 0.80 54.32 -27.13
C PHE J 17 1.04 54.99 -25.78
N THR J 18 1.69 56.15 -25.76
CA THR J 18 1.76 56.91 -24.51
C THR J 18 0.36 57.34 -24.07
N LYS J 19 -0.46 57.77 -25.03
CA LYS J 19 -1.84 58.10 -24.71
C LYS J 19 -2.58 56.89 -24.15
N GLU J 20 -2.37 55.71 -24.75
CA GLU J 20 -3.03 54.50 -24.28
C GLU J 20 -2.56 54.12 -22.87
N VAL J 21 -1.26 54.21 -22.60
CA VAL J 21 -0.74 53.78 -21.31
C VAL J 21 -1.16 54.75 -20.21
N MET J 22 -1.16 56.06 -20.50
CA MET J 22 -1.58 57.03 -19.50
C MET J 22 -3.02 56.83 -19.06
N GLU J 23 -3.85 56.23 -19.92
CA GLU J 23 -5.21 55.86 -19.56
C GLU J 23 -5.29 54.51 -18.84
N GLU J 24 -4.15 53.83 -18.69
CA GLU J 24 -4.10 52.53 -18.02
C GLU J 24 -4.99 51.50 -18.70
N ASN J 25 -5.03 51.54 -20.04
CA ASN J 25 -5.79 50.59 -20.84
C ASN J 25 -4.88 49.89 -21.85
N ALA J 26 -3.60 49.76 -21.51
CA ALA J 26 -2.62 49.15 -22.41
C ALA J 26 -2.07 47.89 -21.78
N ALA J 27 -1.83 46.88 -22.62
CA ALA J 27 -1.26 45.61 -22.20
C ALA J 27 -0.03 45.32 -23.04
N ILE J 28 0.86 44.50 -22.49
CA ILE J 28 2.10 44.14 -23.17
C ILE J 28 2.08 42.64 -23.43
N PHE J 29 2.24 42.26 -24.69
CA PHE J 29 2.40 40.87 -25.08
C PHE J 29 3.85 40.63 -25.43
N ALA J 30 4.56 39.92 -24.56
CA ALA J 30 5.98 39.66 -24.72
C ALA J 30 6.19 38.23 -25.18
N GLY J 31 6.93 38.08 -26.29
CA GLY J 31 7.32 36.78 -26.78
C GLY J 31 8.64 36.33 -26.18
N ALA J 32 9.12 35.20 -26.68
CA ALA J 32 10.42 34.70 -26.24
C ALA J 32 11.56 35.59 -26.70
N GLY J 33 11.36 36.30 -27.82
CA GLY J 33 12.42 37.14 -28.36
C GLY J 33 12.82 38.27 -27.42
N LEU J 34 11.90 38.70 -26.56
CA LEU J 34 12.24 39.74 -25.59
C LEU J 34 13.24 39.26 -24.56
N SER J 35 13.40 37.94 -24.40
CA SER J 35 14.35 37.37 -23.45
C SER J 35 15.56 36.75 -24.13
N MET J 36 15.72 36.94 -25.44
CA MET J 36 16.84 36.35 -26.14
C MET J 36 18.10 37.21 -26.04
N SER J 37 17.99 38.47 -25.63
CA SER J 37 19.15 39.32 -25.41
C SER J 37 19.66 39.27 -23.99
N VAL J 38 18.99 38.52 -23.10
CA VAL J 38 19.36 38.52 -21.69
C VAL J 38 20.54 37.60 -21.44
N GLY J 39 20.62 36.49 -22.16
CA GLY J 39 21.71 35.55 -21.97
C GLY J 39 21.28 34.10 -22.10
N TYR J 40 19.97 33.87 -22.17
CA TYR J 40 19.46 32.52 -22.39
C TYR J 40 19.84 32.06 -23.79
N VAL J 41 20.33 30.82 -23.90
CA VAL J 41 20.67 30.28 -25.20
C VAL J 41 19.40 30.02 -26.00
N SER J 42 19.56 29.98 -27.32
CA SER J 42 18.42 29.83 -28.20
C SER J 42 17.78 28.45 -28.04
N TRP J 43 16.46 28.42 -28.24
CA TRP J 43 15.73 27.16 -28.12
C TRP J 43 16.18 26.14 -29.15
N ALA J 44 16.57 26.60 -30.34
CA ALA J 44 17.14 25.69 -31.33
C ALA J 44 18.46 25.09 -30.84
N LYS J 45 19.27 25.89 -30.15
CA LYS J 45 20.51 25.35 -29.59
C LYS J 45 20.23 24.29 -28.53
N LEU J 46 19.20 24.50 -27.72
CA LEU J 46 18.81 23.50 -26.74
C LEU J 46 18.31 22.23 -27.41
N LEU J 47 17.55 22.37 -28.50
CA LEU J 47 17.01 21.21 -29.20
C LEU J 47 18.02 20.55 -30.13
N GLU J 48 19.19 21.15 -30.32
CA GLU J 48 20.19 20.55 -31.20
C GLU J 48 20.56 19.12 -30.80
N PRO J 49 20.89 18.80 -29.54
CA PRO J 49 21.05 17.38 -29.19
C PRO J 49 19.77 16.58 -29.32
N ILE J 50 18.62 17.21 -29.04
CA ILE J 50 17.33 16.55 -29.22
C ILE J 50 17.12 16.18 -30.69
N ALA J 51 17.43 17.10 -31.60
CA ALA J 51 17.33 16.80 -33.02
C ALA J 51 18.32 15.72 -33.43
N GLN J 52 19.54 15.78 -32.90
CA GLN J 52 20.54 14.77 -33.25
C GLN J 52 20.16 13.38 -32.77
N GLU J 53 19.43 13.24 -31.70
CA GLU J 53 19.03 11.95 -31.19
C GLU J 53 18.01 11.25 -32.04
N ILE J 54 17.20 11.99 -32.79
CA ILE J 54 16.21 11.38 -33.68
C ILE J 54 16.74 11.40 -35.11
N GLY J 55 18.00 11.76 -35.29
CA GLY J 55 18.61 11.74 -36.59
C GLY J 55 18.38 12.96 -37.45
N LEU J 56 17.78 14.02 -36.91
CA LEU J 56 17.55 15.25 -37.65
C LEU J 56 18.60 16.28 -37.29
N ASP J 57 18.51 17.45 -37.91
CA ASP J 57 19.43 18.56 -37.67
C ASP J 57 18.60 19.80 -37.39
N VAL J 58 18.82 20.41 -36.23
CA VAL J 58 17.99 21.53 -35.82
C VAL J 58 18.19 22.74 -36.72
N ASN J 59 19.37 22.86 -37.35
CA ASN J 59 19.60 23.98 -38.26
C ASN J 59 18.76 23.84 -39.53
N LYS J 60 18.51 22.61 -39.97
CA LYS J 60 17.68 22.36 -41.14
C LYS J 60 16.19 22.34 -40.82
N GLU J 61 15.85 22.54 -39.57
CA GLU J 61 14.48 22.48 -39.13
C GLU J 61 14.00 23.84 -38.75
N ASN J 62 12.82 24.22 -39.20
CA ASN J 62 12.23 25.49 -38.82
C ASN J 62 11.11 25.35 -37.81
N ASP J 63 10.32 24.29 -37.89
CA ASP J 63 9.23 24.04 -36.95
C ASP J 63 9.78 23.20 -35.80
N LEU J 64 10.21 23.88 -34.74
CA LEU J 64 10.78 23.18 -33.59
C LEU J 64 9.72 22.46 -32.76
N VAL J 65 8.46 22.89 -32.86
CA VAL J 65 7.39 22.18 -32.18
C VAL J 65 7.24 20.77 -32.73
N SER J 66 7.27 20.64 -34.06
CA SER J 66 7.22 19.31 -34.68
C SER J 66 8.47 18.51 -34.36
N LEU J 67 9.63 19.17 -34.23
CA LEU J 67 10.85 18.47 -33.86
C LEU J 67 10.74 17.86 -32.47
N ALA J 68 10.25 18.65 -31.50
CA ALA J 68 10.05 18.14 -30.16
C ALA J 68 8.99 17.04 -30.14
N GLN J 69 7.94 17.18 -30.95
CA GLN J 69 6.93 16.13 -31.03
C GLN J 69 7.51 14.85 -31.58
N TYR J 70 8.37 14.94 -32.60
CA TYR J 70 9.03 13.75 -33.13
C TYR J 70 9.92 13.10 -32.08
N TYR J 71 10.65 13.92 -31.32
CA TYR J 71 11.48 13.37 -30.25
C TYR J 71 10.64 12.64 -29.22
N CYS J 72 9.50 13.21 -28.84
CA CYS J 72 8.61 12.55 -27.89
C CYS J 72 8.04 11.27 -28.46
N ASN J 73 7.73 11.27 -29.77
CA ASN J 73 7.22 10.06 -30.42
C ASN J 73 8.26 8.96 -30.40
N GLU J 74 9.54 9.31 -30.60
CA GLU J 74 10.60 8.33 -30.56
C GLU J 74 10.86 7.80 -29.15
N ASN J 75 10.26 8.39 -28.13
CA ASN J 75 10.47 7.98 -26.74
C ASN J 75 9.14 7.66 -26.04
N GLN J 76 8.17 7.15 -26.80
CA GLN J 76 6.87 6.74 -26.27
C GLN J 76 6.14 7.89 -25.58
N GLY J 77 6.34 9.11 -26.04
CA GLY J 77 5.64 10.25 -25.48
C GLY J 77 6.23 10.82 -24.22
N ASN J 78 7.44 10.43 -23.85
CA ASN J 78 8.05 10.92 -22.62
C ASN J 78 8.72 12.26 -22.84
N ARG J 79 8.51 13.19 -21.91
CA ARG J 79 9.01 14.55 -22.01
C ARG J 79 10.07 14.87 -20.96
N GLY J 80 10.59 13.87 -20.25
CA GLY J 80 11.52 14.15 -19.16
C GLY J 80 12.75 14.89 -19.61
N ARG J 81 13.30 14.52 -20.76
CA ARG J 81 14.51 15.17 -21.26
C ARG J 81 14.27 16.64 -21.59
N ILE J 82 13.16 16.92 -22.27
CA ILE J 82 12.86 18.30 -22.64
C ILE J 82 12.53 19.13 -21.41
N ASN J 83 11.81 18.53 -20.45
CA ASN J 83 11.52 19.22 -19.20
C ASN J 83 12.81 19.58 -18.46
N GLN J 84 13.74 18.63 -18.39
CA GLN J 84 15.02 18.90 -17.74
C GLN J 84 15.79 19.99 -18.48
N ILE J 85 15.76 19.96 -19.81
CA ILE J 85 16.48 20.96 -20.60
C ILE J 85 15.94 22.35 -20.32
N ILE J 86 14.62 22.52 -20.36
CA ILE J 86 14.05 23.85 -20.18
C ILE J 86 14.23 24.31 -18.74
N LEU J 87 14.12 23.39 -17.76
CA LEU J 87 14.35 23.77 -16.37
C LEU J 87 15.78 24.20 -16.15
N ASP J 88 16.74 23.48 -16.75
CA ASP J 88 18.15 23.85 -16.59
C ASP J 88 18.46 25.19 -17.25
N GLU J 89 17.87 25.45 -18.41
CA GLU J 89 18.23 26.65 -19.15
C GLU J 89 17.53 27.90 -18.61
N PHE J 90 16.19 27.87 -18.57
CA PHE J 90 15.44 29.10 -18.33
C PHE J 90 15.30 29.44 -16.86
N SER J 91 15.81 28.61 -15.95
CA SER J 91 15.80 28.94 -14.53
C SER J 91 17.11 29.54 -14.05
N ARG J 92 18.06 29.77 -14.94
CA ARG J 92 19.34 30.36 -14.54
C ARG J 92 19.16 31.81 -14.12
N LYS J 93 20.09 32.28 -13.30
CA LYS J 93 20.08 33.66 -12.80
C LYS J 93 20.79 34.54 -13.82
N VAL J 94 20.04 35.46 -14.43
CA VAL J 94 20.55 36.36 -15.44
C VAL J 94 20.15 37.78 -15.08
N ASP J 95 21.04 38.74 -15.35
CA ASP J 95 20.72 40.14 -15.10
C ASP J 95 19.65 40.63 -16.05
N LEU J 96 18.71 41.39 -15.52
CA LEU J 96 17.61 41.91 -16.31
C LEU J 96 18.12 42.90 -17.36
N THR J 97 17.51 42.84 -18.55
CA THR J 97 17.79 43.80 -19.59
C THR J 97 17.03 45.10 -19.33
N GLU J 98 17.40 46.15 -20.08
CA GLU J 98 16.78 47.44 -19.88
C GLU J 98 15.30 47.43 -20.27
N ASN J 99 14.93 46.62 -21.26
CA ASN J 99 13.54 46.56 -21.70
C ASN J 99 12.62 46.11 -20.58
N HIS J 100 13.00 45.07 -19.85
CA HIS J 100 12.17 44.57 -18.76
C HIS J 100 12.02 45.62 -17.66
N LYS J 101 13.11 46.32 -17.34
CA LYS J 101 13.04 47.35 -16.30
C LYS J 101 12.14 48.51 -16.73
N ILE J 102 12.24 48.94 -17.99
CA ILE J 102 11.39 50.02 -18.47
C ILE J 102 9.93 49.59 -18.45
N LEU J 103 9.65 48.36 -18.91
CA LEU J 103 8.27 47.88 -18.91
C LEU J 103 7.72 47.78 -17.49
N ALA J 104 8.57 47.38 -16.54
CA ALA J 104 8.14 47.35 -15.15
C ALA J 104 7.85 48.75 -14.63
N ARG J 105 8.65 49.74 -15.04
CA ARG J 105 8.43 51.11 -14.59
C ARG J 105 7.18 51.73 -15.22
N LEU J 106 6.73 51.22 -16.36
CA LEU J 106 5.55 51.79 -17.00
C LEU J 106 4.28 51.38 -16.27
N PRO J 107 3.25 52.22 -16.27
CA PRO J 107 1.99 51.87 -15.60
C PRO J 107 1.17 50.87 -16.40
N ILE J 108 1.73 49.70 -16.67
CA ILE J 108 1.06 48.65 -17.43
C ILE J 108 0.64 47.57 -16.46
N HIS J 109 -0.65 47.24 -16.46
CA HIS J 109 -1.22 46.31 -15.49
C HIS J 109 -1.46 44.92 -16.06
N THR J 110 -1.18 44.70 -17.34
CA THR J 110 -1.46 43.42 -17.97
C THR J 110 -0.28 43.01 -18.83
N TYR J 111 0.29 41.85 -18.53
CA TYR J 111 1.32 41.23 -19.37
C TYR J 111 0.86 39.85 -19.77
N TRP J 112 1.07 39.52 -21.05
CA TRP J 112 0.83 38.18 -21.57
C TRP J 112 2.14 37.68 -22.18
N THR J 113 2.64 36.56 -21.68
CA THR J 113 3.96 36.08 -22.07
C THR J 113 3.87 34.65 -22.60
N THR J 114 4.61 34.39 -23.66
CA THR J 114 4.82 33.03 -24.16
C THR J 114 6.17 32.47 -23.72
N ALA J 115 6.93 33.23 -22.94
CA ALA J 115 8.21 32.79 -22.42
C ALA J 115 8.05 32.13 -21.05
N TYR J 116 8.88 31.13 -20.79
CA TYR J 116 8.81 30.39 -19.53
C TYR J 116 9.61 31.04 -18.42
N ASP J 117 10.58 31.89 -18.76
CA ASP J 117 11.41 32.53 -17.75
C ASP J 117 10.59 33.51 -16.90
N ARG J 118 11.20 33.94 -15.80
CA ARG J 118 10.56 34.85 -14.85
C ARG J 118 11.18 36.25 -14.88
N LEU J 119 11.57 36.71 -16.07
CA LEU J 119 12.23 38.01 -16.17
C LEU J 119 11.25 39.16 -15.93
N ILE J 120 10.03 39.04 -16.45
CA ILE J 120 9.01 40.06 -16.19
C ILE J 120 8.68 40.12 -14.70
N GLU J 121 8.53 38.95 -14.08
CA GLU J 121 8.23 38.90 -12.65
C GLU J 121 9.34 39.54 -11.84
N LYS J 122 10.61 39.24 -12.18
CA LYS J 122 11.73 39.82 -11.44
C LYS J 122 11.81 41.33 -11.67
N ALA J 123 11.54 41.78 -12.89
CA ALA J 123 11.55 43.21 -13.18
C ALA J 123 10.47 43.94 -12.39
N LEU J 124 9.29 43.33 -12.27
CA LEU J 124 8.23 43.92 -11.47
C LEU J 124 8.57 43.91 -9.99
N GLU J 125 9.23 42.84 -9.52
CA GLU J 125 9.63 42.77 -8.12
C GLU J 125 10.67 43.83 -7.77
N GLU J 126 11.65 44.05 -8.66
CA GLU J 126 12.70 45.03 -8.39
C GLU J 126 12.19 46.45 -8.43
N GLU J 127 10.97 46.69 -8.91
CA GLU J 127 10.34 48.00 -8.88
C GLU J 127 9.39 48.15 -7.70
N ASN J 128 9.45 47.23 -6.73
CA ASN J 128 8.55 47.24 -5.58
C ASN J 128 7.09 47.20 -6.01
N LYS J 129 6.81 46.44 -7.05
CA LYS J 129 5.46 46.24 -7.56
C LYS J 129 4.98 44.84 -7.26
N ILE J 130 3.71 44.71 -6.91
CA ILE J 130 3.13 43.40 -6.64
C ILE J 130 2.65 42.80 -7.95
N ALA J 131 3.21 41.65 -8.32
CA ALA J 131 2.90 40.97 -9.56
C ALA J 131 2.09 39.71 -9.27
N ASP J 132 0.96 39.57 -9.96
CA ASP J 132 0.10 38.39 -9.82
C ASP J 132 0.35 37.50 -11.04
N VAL J 133 1.21 36.51 -10.88
CA VAL J 133 1.64 35.66 -11.97
C VAL J 133 0.67 34.49 -12.10
N LYS J 134 0.19 34.26 -13.32
CA LYS J 134 -0.81 33.22 -13.58
C LYS J 134 -0.32 32.35 -14.72
N TYR J 135 -0.19 31.05 -14.45
CA TYR J 135 0.10 30.07 -15.49
C TYR J 135 -0.73 28.80 -15.31
N THR J 136 -1.66 28.78 -14.36
CA THR J 136 -2.54 27.65 -14.12
C THR J 136 -3.98 28.14 -14.17
N VAL J 137 -4.89 27.26 -14.59
CA VAL J 137 -6.31 27.63 -14.67
C VAL J 137 -6.84 27.97 -13.28
N LYS J 138 -6.39 27.25 -12.26
CA LYS J 138 -6.83 27.52 -10.90
C LYS J 138 -6.41 28.92 -10.45
N GLN J 139 -5.20 29.35 -10.82
CA GLN J 139 -4.70 30.64 -10.38
C GLN J 139 -5.54 31.81 -10.89
N LEU J 140 -6.35 31.58 -11.93
CA LEU J 140 -7.24 32.63 -12.41
C LEU J 140 -8.34 32.95 -11.41
N ALA J 141 -8.66 32.04 -10.51
CA ALA J 141 -9.75 32.23 -9.56
C ALA J 141 -9.34 33.05 -8.33
N THR J 142 -8.05 33.33 -8.15
CA THR J 142 -7.56 34.10 -7.02
C THR J 142 -6.81 35.33 -7.52
N THR J 143 -7.07 36.47 -6.89
CA THR J 143 -6.43 37.73 -7.24
C THR J 143 -5.63 38.24 -6.05
N LYS J 144 -4.38 38.65 -6.30
CA LYS J 144 -3.57 39.25 -5.26
C LYS J 144 -4.12 40.62 -4.88
N VAL J 145 -4.08 40.92 -3.59
CA VAL J 145 -4.57 42.20 -3.10
C VAL J 145 -3.54 43.29 -3.37
N LYS J 146 -4.01 44.44 -3.86
CA LYS J 146 -3.16 45.59 -4.17
C LYS J 146 -2.10 45.26 -5.21
N ARG J 147 -2.43 44.39 -6.16
CA ARG J 147 -1.49 44.05 -7.21
C ARG J 147 -1.33 45.20 -8.20
N ASP J 148 -0.11 45.38 -8.70
CA ASP J 148 0.15 46.43 -9.69
C ASP J 148 -0.07 45.93 -11.11
N ALA J 149 0.32 44.68 -11.39
CA ALA J 149 0.15 44.10 -12.71
C ALA J 149 -0.12 42.61 -12.57
N VAL J 150 -0.75 42.04 -13.60
CA VAL J 150 -1.01 40.62 -13.66
C VAL J 150 -0.28 40.06 -14.88
N VAL J 151 0.48 38.99 -14.66
CA VAL J 151 1.26 38.34 -15.71
C VAL J 151 0.63 36.99 -16.01
N TYR J 152 0.17 36.82 -17.26
CA TYR J 152 -0.38 35.57 -17.73
C TYR J 152 0.72 34.85 -18.52
N LYS J 153 1.32 33.84 -17.92
CA LYS J 153 2.28 32.99 -18.61
C LYS J 153 1.47 31.90 -19.30
N MET J 154 1.08 32.16 -20.55
CA MET J 154 0.14 31.30 -21.23
C MET J 154 0.77 30.04 -21.81
N HIS J 155 2.10 29.92 -21.78
CA HIS J 155 2.77 28.71 -22.20
C HIS J 155 3.40 27.95 -21.04
N GLY J 156 3.12 28.35 -19.81
CA GLY J 156 3.62 27.68 -18.63
C GLY J 156 4.80 28.41 -18.00
N ASP J 157 5.21 27.89 -16.85
CA ASP J 157 6.29 28.44 -16.07
C ASP J 157 7.54 27.57 -16.19
N VAL J 158 8.69 28.16 -15.91
CA VAL J 158 9.95 27.42 -15.97
C VAL J 158 10.01 26.41 -14.83
N GLU J 159 9.48 26.76 -13.65
CA GLU J 159 9.53 25.87 -12.51
C GLU J 159 8.54 24.71 -12.62
N HIS J 160 7.69 24.71 -13.64
CA HIS J 160 6.76 23.61 -13.91
C HIS J 160 6.96 23.16 -15.36
N PRO J 161 8.11 22.53 -15.65
CA PRO J 161 8.42 22.19 -17.04
C PRO J 161 7.43 21.23 -17.69
N SER J 162 6.77 20.37 -16.91
CA SER J 162 5.87 19.38 -17.48
C SER J 162 4.61 19.99 -18.07
N GLU J 163 4.27 21.22 -17.68
CA GLU J 163 3.08 21.90 -18.18
C GLU J 163 3.41 22.95 -19.23
N ALA J 164 4.66 23.02 -19.67
CA ALA J 164 5.04 23.98 -20.71
C ALA J 164 4.54 23.51 -22.07
N VAL J 165 4.11 24.47 -22.89
CA VAL J 165 3.61 24.18 -24.23
C VAL J 165 4.82 24.16 -25.17
N LEU J 166 5.26 22.96 -25.54
CA LEU J 166 6.46 22.81 -26.35
C LEU J 166 6.21 21.94 -27.58
N ILE J 167 5.38 20.91 -27.43
CA ILE J 167 5.18 19.91 -28.48
C ILE J 167 3.81 20.10 -29.11
N LYS J 168 3.58 19.41 -30.22
CA LYS J 168 2.32 19.55 -30.94
C LYS J 168 1.14 19.04 -30.12
N ASP J 169 1.37 18.06 -29.24
CA ASP J 169 0.29 17.59 -28.37
C ASP J 169 -0.19 18.70 -27.45
N ASP J 170 0.75 19.50 -26.91
CA ASP J 170 0.37 20.61 -26.04
C ASP J 170 -0.46 21.63 -26.79
N TYR J 171 -0.07 21.97 -28.01
CA TYR J 171 -0.83 22.93 -28.80
C TYR J 171 -2.21 22.38 -29.16
N GLU J 172 -2.33 21.10 -29.42
CA GLU J 172 -3.57 20.50 -29.78
C GLU J 172 -4.50 20.36 -28.63
N LYS J 173 -4.00 20.20 -27.44
CA LYS J 173 -4.84 20.12 -26.25
C LYS J 173 -4.96 21.46 -25.51
N TYR J 174 -4.30 22.51 -26.00
CA TYR J 174 -4.39 23.81 -25.35
C TYR J 174 -5.82 24.36 -25.38
N SER J 175 -6.51 24.21 -26.50
CA SER J 175 -7.85 24.77 -26.64
C SER J 175 -8.84 24.16 -25.65
N ILE J 176 -8.56 22.97 -25.15
CA ILE J 176 -9.42 22.31 -24.17
C ILE J 176 -8.91 22.54 -22.75
N LYS J 177 -7.62 22.29 -22.52
CA LYS J 177 -7.07 22.41 -21.17
C LYS J 177 -7.02 23.87 -20.71
N MET J 178 -6.53 24.76 -21.57
CA MET J 178 -6.29 26.15 -21.22
C MET J 178 -7.33 27.08 -21.87
N ASP J 179 -8.56 26.60 -22.00
CA ASP J 179 -9.62 27.44 -22.55
C ASP J 179 -9.88 28.72 -21.76
N PRO J 180 -9.87 28.74 -20.42
CA PRO J 180 -10.02 30.02 -19.72
C PRO J 180 -8.97 31.05 -20.08
N TYR J 181 -7.74 30.62 -20.35
CA TYR J 181 -6.71 31.56 -20.78
C TYR J 181 -7.02 32.11 -22.17
N ILE J 182 -7.57 31.27 -23.05
CA ILE J 182 -8.00 31.74 -24.36
C ILE J 182 -9.09 32.79 -24.22
N LYS J 183 -10.07 32.54 -23.34
CA LYS J 183 -11.14 33.50 -23.12
C LYS J 183 -10.60 34.81 -22.55
N ALA J 184 -9.67 34.72 -21.59
CA ALA J 184 -9.09 35.91 -21.00
C ALA J 184 -8.30 36.71 -22.03
N LEU J 185 -7.53 36.04 -22.89
CA LEU J 185 -6.76 36.74 -23.90
C LEU J 185 -7.67 37.38 -24.94
N SER J 186 -8.76 36.70 -25.31
CA SER J 186 -9.73 37.31 -26.22
C SER J 186 -10.35 38.56 -25.59
N GLY J 187 -10.73 38.48 -24.32
CA GLY J 187 -11.29 39.65 -23.64
C GLY J 187 -10.31 40.80 -23.57
N ASP J 188 -9.04 40.51 -23.30
CA ASP J 188 -8.02 41.56 -23.27
C ASP J 188 -7.79 42.15 -24.65
N LEU J 189 -7.78 41.31 -25.69
CA LEU J 189 -7.57 41.80 -27.04
C LEU J 189 -8.73 42.68 -27.51
N VAL J 190 -9.94 42.42 -27.02
CA VAL J 190 -11.06 43.27 -27.40
C VAL J 190 -11.25 44.45 -26.46
N SER J 191 -10.66 44.43 -25.26
CA SER J 191 -10.84 45.50 -24.29
C SER J 191 -9.59 46.32 -24.01
N LYS J 192 -8.42 45.86 -24.44
CA LYS J 192 -7.16 46.55 -24.14
C LYS J 192 -6.36 46.73 -25.43
N THR J 193 -5.48 47.73 -25.42
CA THR J 193 -4.59 48.00 -26.53
C THR J 193 -3.26 47.28 -26.28
N PHE J 194 -2.95 46.29 -27.11
CA PHE J 194 -1.77 45.46 -26.93
C PHE J 194 -0.58 46.00 -27.70
N LEU J 195 0.60 45.76 -27.14
CA LEU J 195 1.87 45.98 -27.83
C LEU J 195 2.62 44.65 -27.84
N PHE J 196 2.85 44.12 -29.02
CA PHE J 196 3.56 42.85 -29.18
C PHE J 196 5.05 43.12 -29.34
N VAL J 197 5.84 42.66 -28.38
CA VAL J 197 7.29 42.83 -28.39
C VAL J 197 7.95 41.46 -28.33
N GLY J 198 8.87 41.22 -29.25
CA GLY J 198 9.56 39.95 -29.28
C GLY J 198 8.73 38.78 -29.77
N PHE J 199 7.60 39.03 -30.40
CA PHE J 199 6.69 37.99 -30.86
C PHE J 199 6.80 37.83 -32.37
N SER J 200 6.98 36.59 -32.82
CA SER J 200 7.12 36.31 -34.24
C SER J 200 5.81 36.00 -34.93
N PHE J 201 4.71 35.89 -34.18
CA PHE J 201 3.38 35.62 -34.74
C PHE J 201 3.35 34.32 -35.53
N THR J 202 4.13 33.34 -35.07
CA THR J 202 4.10 31.98 -35.63
C THR J 202 3.55 30.98 -34.63
N ASP J 203 2.90 31.45 -33.57
CA ASP J 203 2.36 30.58 -32.54
C ASP J 203 0.97 30.12 -32.93
N PRO J 204 0.70 28.81 -33.02
CA PRO J 204 -0.65 28.36 -33.40
C PRO J 204 -1.74 28.82 -32.47
N ASN J 205 -1.47 28.92 -31.16
CA ASN J 205 -2.49 29.37 -30.22
C ASN J 205 -2.85 30.82 -30.46
N LEU J 206 -1.84 31.68 -30.67
CA LEU J 206 -2.12 33.09 -30.93
C LEU J 206 -2.82 33.28 -32.26
N ASP J 207 -2.45 32.49 -33.28
CA ASP J 207 -3.15 32.54 -34.55
C ASP J 207 -4.61 32.15 -34.38
N TYR J 208 -4.87 31.09 -33.60
CA TYR J 208 -6.25 30.66 -33.35
C TYR J 208 -7.05 31.75 -32.63
N ILE J 209 -6.46 32.36 -31.60
CA ILE J 209 -7.16 33.37 -30.83
C ILE J 209 -7.43 34.60 -31.68
N LEU J 210 -6.44 35.04 -32.46
CA LEU J 210 -6.63 36.19 -33.33
C LEU J 210 -7.67 35.92 -34.40
N SER J 211 -7.68 34.71 -34.95
CA SER J 211 -8.70 34.36 -35.94
C SER J 211 -10.09 34.36 -35.33
N ARG J 212 -10.22 33.88 -34.10
CA ARG J 212 -11.52 33.91 -33.43
C ARG J 212 -11.98 35.34 -33.17
N VAL J 213 -11.06 36.19 -32.71
CA VAL J 213 -11.42 37.60 -32.46
C VAL J 213 -11.81 38.30 -33.76
N ARG J 214 -11.07 38.01 -34.84
CA ARG J 214 -11.40 38.60 -36.13
C ARG J 214 -12.77 38.12 -36.61
N SER J 215 -13.05 36.83 -36.50
CA SER J 215 -14.35 36.31 -36.90
C SER J 215 -15.46 36.92 -36.07
N ALA J 216 -15.19 37.22 -34.80
CA ALA J 216 -16.22 37.81 -33.95
C ALA J 216 -16.45 39.29 -34.23
N TYR J 217 -15.42 40.05 -34.59
CA TYR J 217 -15.53 41.51 -34.63
C TYR J 217 -15.40 42.13 -36.01
N GLU J 218 -15.11 41.34 -37.05
CA GLU J 218 -15.08 41.79 -38.45
C GLU J 218 -14.12 42.99 -38.56
N ARG J 219 -14.54 44.12 -39.13
CA ARG J 219 -13.68 45.27 -39.32
C ARG J 219 -13.63 46.17 -38.09
N ASP J 220 -14.35 45.84 -37.04
CA ASP J 220 -14.41 46.65 -35.83
C ASP J 220 -13.44 46.16 -34.76
N GLN J 221 -12.40 45.45 -35.17
CA GLN J 221 -11.39 44.99 -34.23
C GLN J 221 -10.63 46.17 -33.66
N ARG J 222 -10.22 46.02 -32.40
CA ARG J 222 -9.41 47.03 -31.74
C ARG J 222 -8.00 47.06 -32.32
N ARG J 223 -7.43 48.22 -32.52
CA ARG J 223 -6.10 48.32 -33.02
C ARG J 223 -5.07 48.02 -32.03
N HIS J 224 -4.14 47.20 -32.42
CA HIS J 224 -3.01 46.79 -31.61
C HIS J 224 -1.72 47.14 -32.33
N TYR J 225 -0.60 47.06 -31.60
CA TYR J 225 0.70 47.39 -32.15
C TYR J 225 1.66 46.23 -31.95
N CYS J 226 2.58 46.09 -32.90
CA CYS J 226 3.66 45.13 -32.83
C CYS J 226 4.95 45.82 -33.24
N LEU J 227 6.07 45.34 -32.70
CA LEU J 227 7.39 45.85 -33.04
C LEU J 227 8.17 44.73 -33.70
N ILE J 228 8.54 44.91 -34.97
CA ILE J 228 9.24 43.88 -35.73
C ILE J 228 10.49 44.51 -36.36
N LYS J 229 11.62 43.82 -36.25
CA LYS J 229 12.85 44.28 -36.87
C LYS J 229 12.87 43.91 -38.34
N LYS J 230 13.39 44.81 -39.17
CA LYS J 230 13.47 44.56 -40.60
C LYS J 230 14.48 43.46 -40.91
N GLU J 231 14.34 42.85 -42.07
CA GLU J 231 15.25 41.79 -42.49
C GLU J 231 16.63 42.37 -42.78
N GLU J 232 17.67 41.64 -42.37
CA GLU J 232 19.04 42.03 -42.56
C GLU J 232 19.72 41.08 -43.54
N ARG J 233 20.58 41.64 -44.39
CA ARG J 233 21.26 40.84 -45.41
C ARG J 233 22.30 39.95 -44.75
N ARG J 234 22.08 38.63 -44.82
CA ARG J 234 23.05 37.69 -44.28
C ARG J 234 24.32 37.68 -45.13
N PRO J 235 25.47 37.40 -44.52
CA PRO J 235 26.72 37.41 -45.30
C PRO J 235 26.73 36.43 -46.47
N ASP J 236 26.14 35.24 -46.28
CA ASP J 236 26.13 34.26 -47.36
C ASP J 236 25.09 34.58 -48.42
N GLU J 237 24.01 35.28 -48.06
CA GLU J 237 22.92 35.51 -48.98
C GLU J 237 23.29 36.49 -50.08
N LEU J 238 22.59 36.39 -51.20
CA LEU J 238 22.72 37.30 -52.32
C LEU J 238 21.70 38.43 -52.21
N GLU J 239 21.81 39.40 -53.12
CA GLU J 239 20.88 40.52 -53.12
C GLU J 239 19.46 40.08 -53.43
N ALA J 240 19.31 39.15 -54.37
CA ALA J 240 17.97 38.69 -54.75
C ALA J 240 17.28 37.98 -53.59
N ASP J 241 18.01 37.14 -52.86
CA ASP J 241 17.42 36.46 -51.71
C ASP J 241 17.04 37.44 -50.63
N PHE J 242 17.87 38.46 -50.41
CA PHE J 242 17.54 39.49 -49.43
C PHE J 242 16.28 40.25 -49.82
N GLU J 243 16.15 40.61 -51.09
CA GLU J 243 14.95 41.30 -51.55
C GLU J 243 13.72 40.41 -51.43
N TYR J 244 13.88 39.12 -51.72
CA TYR J 244 12.76 38.18 -51.56
C TYR J 244 12.34 38.09 -50.10
N ARG J 245 13.31 38.05 -49.18
CA ARG J 245 12.98 38.03 -47.76
C ARG J 245 12.29 39.31 -47.32
N VAL J 246 12.73 40.45 -47.86
CA VAL J 246 12.08 41.73 -47.53
C VAL J 246 10.64 41.73 -48.00
N ARG J 247 10.40 41.25 -49.23
CA ARG J 247 9.04 41.19 -49.75
C ARG J 247 8.19 40.22 -48.93
N LYS J 248 8.77 39.08 -48.52
CA LYS J 248 8.05 38.14 -47.69
C LYS J 248 7.67 38.75 -46.36
N GLN J 249 8.57 39.53 -45.76
CA GLN J 249 8.26 40.20 -44.51
C GLN J 249 7.18 41.26 -44.69
N GLU J 250 7.21 41.96 -45.83
CA GLU J 250 6.15 42.94 -46.10
C GLU J 250 4.79 42.27 -46.21
N LEU J 251 4.73 41.13 -46.90
CA LEU J 251 3.48 40.39 -46.99
C LEU J 251 3.04 39.87 -45.62
N PHE J 252 4.00 39.45 -44.80
CA PHE J 252 3.69 39.04 -43.44
C PHE J 252 3.12 40.19 -42.63
N ILE J 253 3.51 41.43 -42.79
CA ILE J 253 2.98 42.54 -42.04
C ILE J 253 1.57 42.93 -42.46
N SER J 254 1.24 42.87 -43.72
CA SER J 254 -0.09 43.13 -44.21
C SER J 254 -1.09 42.09 -43.71
N ASP J 255 -0.66 40.87 -43.63
CA ASP J 255 -1.49 39.87 -43.08
C ASP J 255 -1.77 40.08 -41.64
N LEU J 256 -0.83 40.60 -40.91
CA LEU J 256 -1.06 40.93 -39.53
C LEU J 256 -2.02 42.05 -39.45
N SER J 257 -1.98 42.98 -40.38
CA SER J 257 -2.97 44.05 -40.44
C SER J 257 -4.31 43.51 -40.65
N ARG J 258 -4.42 42.38 -41.29
CA ARG J 258 -5.71 41.72 -41.37
C ARG J 258 -6.26 41.50 -40.04
N PHE J 259 -5.42 41.47 -39.01
CA PHE J 259 -5.99 41.40 -37.68
C PHE J 259 -5.98 42.75 -36.97
N ASN J 260 -5.88 43.85 -37.72
CA ASN J 260 -5.84 45.21 -37.18
C ASN J 260 -4.66 45.40 -36.24
N ILE J 261 -3.55 44.74 -36.53
CA ILE J 261 -2.32 44.88 -35.76
C ILE J 261 -1.32 45.63 -36.62
N LYS J 262 -1.05 46.89 -36.27
CA LYS J 262 -0.11 47.71 -37.00
C LYS J 262 1.32 47.38 -36.56
N THR J 263 2.20 47.20 -37.52
CA THR J 263 3.57 46.79 -37.26
C THR J 263 4.51 47.98 -37.44
N ILE J 264 5.37 48.19 -36.45
CA ILE J 264 6.43 49.20 -36.51
C ILE J 264 7.72 48.47 -36.87
N VAL J 265 8.29 48.82 -38.02
CA VAL J 265 9.50 48.19 -38.51
C VAL J 265 10.69 48.95 -37.94
N LEU J 266 11.58 48.21 -37.27
CA LEU J 266 12.72 48.78 -36.57
C LEU J 266 14.01 48.31 -37.23
N ASN J 267 14.99 49.22 -37.29
CA ASN J 267 16.28 48.87 -37.90
C ASN J 267 17.03 47.84 -37.09
N ASN J 268 16.98 47.94 -35.76
CA ASN J 268 17.68 47.02 -34.87
C ASN J 268 16.85 46.84 -33.61
N TYR J 269 17.33 45.95 -32.75
CA TYR J 269 16.60 45.62 -31.53
C TYR J 269 16.80 46.65 -30.41
N ASN J 270 17.80 47.51 -30.52
CA ASN J 270 17.96 48.60 -29.55
C ASN J 270 16.89 49.67 -29.72
N GLU J 271 16.26 49.75 -30.89
CA GLU J 271 15.17 50.68 -31.07
C GLU J 271 13.97 50.34 -30.20
N ILE J 272 13.82 49.07 -29.81
CA ILE J 272 12.80 48.72 -28.83
C ILE J 272 13.09 49.44 -27.51
N THR J 273 14.34 49.41 -27.07
CA THR J 273 14.71 50.12 -25.85
C THR J 273 14.53 51.63 -26.01
N GLU J 274 14.87 52.16 -27.19
CA GLU J 274 14.69 53.60 -27.42
C GLU J 274 13.22 53.99 -27.35
N ILE J 275 12.34 53.19 -27.97
CA ILE J 275 10.91 53.48 -27.95
C ILE J 275 10.37 53.40 -26.53
N LEU J 276 10.78 52.36 -25.79
CA LEU J 276 10.32 52.23 -24.41
C LEU J 276 10.80 53.40 -23.56
N GLN J 277 12.04 53.83 -23.74
CA GLN J 277 12.55 54.99 -23.01
C GLN J 277 11.77 56.25 -23.38
N ARG J 278 11.43 56.41 -24.65
CA ARG J 278 10.66 57.59 -25.06
C ARG J 278 9.26 57.59 -24.44
N ILE J 279 8.62 56.43 -24.41
CA ILE J 279 7.29 56.33 -23.78
C ILE J 279 7.39 56.63 -22.30
N GLU J 280 8.41 56.06 -21.63
CA GLU J 280 8.59 56.30 -20.21
C GLU J 280 8.84 57.78 -19.93
N ASN J 281 9.64 58.43 -20.77
CA ASN J 281 9.91 59.86 -20.62
C ASN J 281 8.64 60.68 -20.82
N ASN J 282 7.84 60.34 -21.83
CA ASN J 282 6.60 61.07 -22.08
C ASN J 282 5.64 60.93 -20.90
N ILE J 283 5.59 59.73 -20.30
CA ILE J 283 4.72 59.55 -19.13
C ILE J 283 5.26 60.30 -17.92
N LYS J 284 6.58 60.26 -17.71
CA LYS J 284 7.17 60.80 -16.49
C LYS J 284 7.19 62.33 -16.50
N THR J 285 7.49 62.94 -17.66
CA THR J 285 7.64 64.38 -17.73
C THR J 285 6.31 65.13 -17.71
N LYS J 286 5.18 64.42 -17.76
CA LYS J 286 3.89 65.09 -17.66
C LYS J 286 3.61 65.63 -16.26
N THR J 287 4.43 65.26 -15.27
CA THR J 287 4.31 65.79 -13.92
C THR J 287 5.48 66.75 -13.69
N VAL J 288 5.16 68.00 -13.40
CA VAL J 288 6.15 69.07 -13.23
C VAL J 288 6.22 69.43 -11.76
N PHE J 289 7.44 69.55 -11.24
CA PHE J 289 7.71 69.96 -9.86
C PHE J 289 7.96 71.46 -9.86
N LEU J 290 7.00 72.21 -9.33
CA LEU J 290 7.14 73.66 -9.24
C LEU J 290 7.80 74.01 -7.91
N SER J 291 8.96 74.65 -7.98
CA SER J 291 9.76 74.95 -6.81
C SER J 291 10.06 76.44 -6.76
N GLY J 292 10.25 76.94 -5.55
CA GLY J 292 10.68 78.31 -5.36
C GLY J 292 10.05 78.93 -4.12
N SER J 293 10.71 79.96 -3.63
CA SER J 293 10.23 80.79 -2.53
C SER J 293 10.74 82.19 -2.77
N ALA J 294 9.87 83.19 -2.58
CA ALA J 294 10.20 84.55 -2.97
C ALA J 294 9.59 85.53 -1.99
N VAL J 295 10.42 86.33 -1.34
CA VAL J 295 9.95 87.50 -0.61
C VAL J 295 10.07 88.75 -1.47
N GLU J 296 11.18 88.90 -2.19
CA GLU J 296 11.37 89.97 -3.16
C GLU J 296 11.44 89.36 -4.56
N TYR J 297 10.59 89.84 -5.46
CA TYR J 297 10.45 89.22 -6.78
C TYR J 297 11.36 89.88 -7.81
N ASN J 298 12.65 89.99 -7.48
CA ASN J 298 13.70 90.48 -8.39
C ASN J 298 13.26 91.84 -8.97
N HIS J 299 13.29 92.03 -10.29
CA HIS J 299 12.94 93.33 -10.86
C HIS J 299 11.42 93.53 -10.87
N TRP J 300 10.66 92.47 -11.11
CA TRP J 300 9.21 92.60 -11.20
C TRP J 300 8.61 92.96 -9.85
N GLU J 301 7.47 93.66 -9.91
CA GLU J 301 6.75 94.02 -8.70
C GLU J 301 6.08 92.80 -8.09
N THR J 302 5.57 92.96 -6.88
CA THR J 302 4.92 91.85 -6.19
C THR J 302 3.69 91.36 -6.94
N GLU J 303 2.77 92.28 -7.26
CA GLU J 303 1.53 91.90 -7.93
C GLU J 303 1.82 91.33 -9.31
N HIS J 304 2.76 91.93 -10.04
CA HIS J 304 3.10 91.44 -11.37
C HIS J 304 3.64 90.01 -11.32
N ALA J 305 4.52 89.73 -10.36
CA ALA J 305 5.07 88.38 -10.23
C ALA J 305 4.00 87.39 -9.78
N GLU J 306 3.10 87.82 -8.89
CA GLU J 306 2.01 86.94 -8.47
C GLU J 306 1.12 86.58 -9.66
N GLN J 307 0.78 87.56 -10.49
CA GLN J 307 -0.01 87.29 -11.69
C GLN J 307 0.74 86.37 -12.65
N PHE J 308 2.06 86.58 -12.78
CA PHE J 308 2.87 85.72 -13.63
C PHE J 308 2.82 84.28 -13.15
N ILE J 309 3.01 84.05 -11.85
CA ILE J 309 2.98 82.69 -11.32
C ILE J 309 1.59 82.07 -11.49
N HIS J 310 0.54 82.86 -11.22
CA HIS J 310 -0.82 82.38 -11.36
C HIS J 310 -1.09 81.93 -12.79
N GLN J 311 -0.74 82.77 -13.77
CA GLN J 311 -1.00 82.42 -15.16
C GLN J 311 -0.10 81.28 -15.63
N LEU J 312 1.13 81.19 -15.12
CA LEU J 312 1.99 80.06 -15.45
C LEU J 312 1.40 78.75 -14.97
N SER J 313 0.89 78.74 -13.74
CA SER J 313 0.25 77.52 -13.22
C SER J 313 -1.03 77.20 -13.98
N LYS J 314 -1.80 78.23 -14.35
CA LYS J 314 -3.00 77.99 -15.14
C LYS J 314 -2.66 77.38 -16.49
N GLU J 315 -1.60 77.88 -17.14
CA GLU J 315 -1.18 77.30 -18.41
C GLU J 315 -0.67 75.88 -18.24
N LEU J 316 0.08 75.62 -17.17
CA LEU J 316 0.55 74.26 -16.91
C LEU J 316 -0.60 73.30 -16.75
N ILE J 317 -1.64 73.68 -16.00
CA ILE J 317 -2.81 72.84 -15.85
C ILE J 317 -3.53 72.68 -17.19
N ARG J 318 -3.62 73.77 -17.96
CA ARG J 318 -4.31 73.72 -19.24
C ARG J 318 -3.59 72.83 -20.25
N LYS J 319 -2.26 72.74 -20.17
CA LYS J 319 -1.47 71.93 -21.07
C LYS J 319 -1.37 70.47 -20.61
N ASP J 320 -2.30 70.02 -19.77
CA ASP J 320 -2.37 68.63 -19.31
C ASP J 320 -1.10 68.24 -18.54
N PHE J 321 -0.66 69.11 -17.64
CA PHE J 321 0.45 68.82 -16.75
C PHE J 321 -0.06 68.70 -15.31
N ASN J 322 0.55 67.80 -14.56
CA ASN J 322 0.23 67.59 -13.15
C ASN J 322 1.29 68.32 -12.32
N ILE J 323 0.85 69.27 -11.51
CA ILE J 323 1.75 70.13 -10.75
C ILE J 323 1.95 69.55 -9.36
N VAL J 324 3.21 69.40 -8.96
CA VAL J 324 3.57 69.03 -7.60
C VAL J 324 4.36 70.19 -7.01
N SER J 325 3.86 70.74 -5.92
CA SER J 325 4.46 71.91 -5.28
C SER J 325 4.71 71.64 -3.81
N GLY J 326 5.81 72.20 -3.30
CA GLY J 326 6.15 72.13 -1.90
C GLY J 326 5.54 73.23 -1.05
N PHE J 327 4.69 74.07 -1.63
CA PHE J 327 4.05 75.19 -0.93
C PHE J 327 5.11 76.10 -0.30
N GLY J 328 6.04 76.54 -1.13
CA GLY J 328 7.05 77.48 -0.67
C GLY J 328 6.45 78.82 -0.32
N LEU J 329 7.11 79.52 0.60
CA LEU J 329 6.62 80.82 1.05
C LEU J 329 6.70 81.84 -0.08
N GLY J 330 5.55 82.37 -0.48
CA GLY J 330 5.49 83.36 -1.53
C GLY J 330 5.24 82.84 -2.92
N VAL J 331 5.34 81.53 -3.14
CA VAL J 331 5.09 80.97 -4.46
C VAL J 331 3.93 79.98 -4.41
N GLY J 332 3.76 79.31 -3.27
CA GLY J 332 2.78 78.24 -3.18
C GLY J 332 1.35 78.72 -3.31
N SER J 333 1.02 79.83 -2.67
CA SER J 333 -0.36 80.32 -2.69
C SER J 333 -0.80 80.64 -4.11
N PHE J 334 0.09 81.21 -4.91
CA PHE J 334 -0.31 81.68 -6.24
C PHE J 334 -0.37 80.55 -7.25
N VAL J 335 0.49 79.54 -7.14
CA VAL J 335 0.31 78.36 -7.98
C VAL J 335 -0.97 77.62 -7.58
N ILE J 336 -1.29 77.61 -6.28
CA ILE J 336 -2.56 77.04 -5.85
C ILE J 336 -3.72 77.80 -6.47
N ASN J 337 -3.65 79.13 -6.46
CA ASN J 337 -4.71 79.94 -7.05
C ASN J 337 -4.85 79.69 -8.56
N GLY J 338 -3.72 79.56 -9.25
CA GLY J 338 -3.78 79.27 -10.68
C GLY J 338 -4.40 77.92 -10.97
N VAL J 339 -4.03 76.90 -10.19
CA VAL J 339 -4.62 75.58 -10.36
C VAL J 339 -6.12 75.63 -10.07
N LEU J 340 -6.52 76.35 -9.02
CA LEU J 340 -7.93 76.45 -8.69
C LEU J 340 -8.72 77.14 -9.79
N GLU J 341 -8.16 78.23 -10.35
CA GLU J 341 -8.84 78.91 -11.44
C GLU J 341 -8.97 78.01 -12.66
N GLU J 342 -7.91 77.24 -12.97
CA GLU J 342 -7.96 76.37 -14.13
C GLU J 342 -8.94 75.22 -13.93
N LEU J 343 -9.08 74.72 -12.70
CA LEU J 343 -9.89 73.53 -12.45
C LEU J 343 -11.33 73.87 -12.08
N TYR J 344 -11.56 74.94 -11.33
CA TYR J 344 -12.92 75.32 -10.92
C TYR J 344 -13.63 75.95 -12.12
N MET J 345 -14.16 75.09 -12.98
CA MET J 345 -14.88 75.53 -14.17
C MET J 345 -16.04 74.61 -14.48
N GLY J 348 -16.49 72.60 -10.05
CA GLY J 348 -15.50 71.55 -10.17
C GLY J 348 -14.79 71.23 -8.87
N THR J 349 -14.02 70.15 -8.86
CA THR J 349 -13.28 69.70 -7.69
C THR J 349 -11.81 69.57 -8.03
N ILE J 350 -10.98 69.53 -7.00
CA ILE J 350 -9.54 69.40 -7.16
C ILE J 350 -9.21 67.92 -7.35
N ASP J 351 -8.85 67.54 -8.58
CA ASP J 351 -8.39 66.18 -8.81
C ASP J 351 -7.06 65.95 -8.11
N ASP J 352 -6.92 64.78 -7.48
CA ASP J 352 -5.71 64.50 -6.72
C ASP J 352 -4.49 64.41 -7.61
N ASP J 353 -4.67 64.00 -8.87
CA ASP J 353 -3.53 63.86 -9.77
C ASP J 353 -3.05 65.21 -10.29
N ARG J 354 -3.97 66.15 -10.53
CA ARG J 354 -3.61 67.41 -11.15
C ARG J 354 -2.72 68.26 -10.24
N LEU J 355 -3.03 68.29 -8.94
CA LEU J 355 -2.29 69.13 -7.99
C LEU J 355 -1.98 68.31 -6.75
N ILE J 356 -0.71 68.05 -6.49
CA ILE J 356 -0.26 67.41 -5.26
C ILE J 356 0.46 68.45 -4.43
N LEU J 357 -0.09 68.76 -3.25
CA LEU J 357 0.47 69.76 -2.37
C LEU J 357 1.17 69.08 -1.20
N ARG J 358 2.42 69.45 -0.96
CA ARG J 358 3.23 68.86 0.09
C ARG J 358 3.89 69.97 0.92
N PRO J 359 3.10 70.67 1.75
CA PRO J 359 3.70 71.68 2.63
C PRO J 359 4.67 71.03 3.61
N PHE J 360 5.78 71.71 3.85
CA PHE J 360 6.81 71.16 4.74
C PHE J 360 6.38 71.29 6.20
N PRO J 361 6.57 70.25 7.01
CA PRO J 361 6.31 70.38 8.44
C PRO J 361 7.20 71.43 9.07
N GLN J 362 6.63 72.17 10.03
CA GLN J 362 7.32 73.27 10.69
C GLN J 362 7.70 72.84 12.11
N GLY J 363 8.97 73.03 12.45
CA GLY J 363 9.48 72.68 13.76
C GLY J 363 10.75 71.86 13.65
N LYS J 364 11.27 71.48 14.82
CA LYS J 364 12.49 70.70 14.86
C LYS J 364 12.25 69.27 14.38
N LYS J 365 11.08 68.71 14.68
CA LYS J 365 10.78 67.35 14.25
C LYS J 365 10.65 67.26 12.73
N GLY J 366 10.05 68.28 12.10
CA GLY J 366 9.89 68.25 10.67
C GLY J 366 11.20 68.30 9.91
N GLU J 367 12.13 69.15 10.36
CA GLU J 367 13.40 69.31 9.65
C GLU J 367 14.23 68.03 9.66
N GLU J 368 13.99 67.12 10.60
CA GLU J 368 14.71 65.85 10.60
C GLU J 368 14.37 65.02 9.37
N GLN J 369 13.10 64.97 9.01
CA GLN J 369 12.63 64.22 7.85
C GLN J 369 12.42 65.09 6.62
N TRP J 370 12.80 66.37 6.70
CA TRP J 370 12.64 67.26 5.55
C TRP J 370 13.32 66.72 4.29
N ASP J 371 14.50 66.12 4.44
CA ASP J 371 15.22 65.63 3.26
C ASP J 371 14.47 64.48 2.58
N LYS J 372 14.01 63.50 3.36
CA LYS J 372 13.25 62.41 2.77
C LYS J 372 11.92 62.91 2.22
N TYR J 373 11.29 63.87 2.88
CA TYR J 373 10.06 64.47 2.38
C TYR J 373 10.29 65.12 1.01
N ARG J 374 11.39 65.87 0.88
CA ARG J 374 11.72 66.52 -0.37
C ARG J 374 12.00 65.49 -1.46
N ARG J 375 12.75 64.43 -1.14
CA ARG J 375 13.05 63.41 -2.12
C ARG J 375 11.78 62.70 -2.59
N ASP J 376 10.89 62.35 -1.66
CA ASP J 376 9.63 61.72 -2.03
C ASP J 376 8.78 62.64 -2.88
N MET J 377 8.74 63.93 -2.54
CA MET J 377 7.98 64.89 -3.33
C MET J 377 8.52 65.00 -4.74
N ILE J 378 9.84 65.06 -4.90
CA ILE J 378 10.43 65.21 -6.22
C ILE J 378 10.31 63.94 -7.04
N THR J 379 10.33 62.76 -6.39
CA THR J 379 10.28 61.51 -7.14
C THR J 379 9.02 61.38 -7.99
N ARG J 380 7.93 62.02 -7.57
CA ARG J 380 6.68 61.96 -8.31
C ARG J 380 6.74 62.69 -9.66
N THR J 381 7.76 63.49 -9.89
CA THR J 381 7.83 64.36 -11.07
C THR J 381 8.97 63.94 -11.99
N GLY J 382 8.95 64.51 -13.19
CA GLY J 382 10.00 64.27 -14.16
C GLY J 382 10.60 65.56 -14.70
N VAL J 383 9.92 66.68 -14.44
CA VAL J 383 10.40 68.00 -14.83
C VAL J 383 10.35 68.91 -13.61
N SER J 384 11.44 69.64 -13.38
CA SER J 384 11.54 70.56 -12.26
C SER J 384 11.64 71.99 -12.79
N ILE J 385 10.76 72.86 -12.31
CA ILE J 385 10.76 74.28 -12.68
C ILE J 385 11.07 75.09 -11.44
N PHE J 386 12.09 75.95 -11.54
CA PHE J 386 12.55 76.74 -10.41
C PHE J 386 12.25 78.21 -10.66
N LEU J 387 11.70 78.87 -9.65
CA LEU J 387 11.34 80.28 -9.72
C LEU J 387 11.88 81.01 -8.50
N TYR J 388 12.58 82.11 -8.74
CA TYR J 388 13.10 83.00 -7.68
C TYR J 388 14.02 82.18 -6.78
N GLY J 389 13.73 82.03 -5.49
CA GLY J 389 14.60 81.30 -4.60
C GLY J 389 15.18 82.18 -3.50
N ASN J 390 14.41 83.18 -3.06
CA ASN J 390 14.85 84.12 -2.06
C ASN J 390 13.94 84.07 -0.84
N LYS J 391 14.53 84.05 0.34
CA LYS J 391 13.82 84.02 1.60
C LYS J 391 14.31 85.18 2.47
N ILE J 392 13.76 85.27 3.68
CA ILE J 392 14.16 86.27 4.66
C ILE J 392 14.63 85.53 5.91
N ASP J 393 15.86 85.81 6.35
CA ASP J 393 16.45 85.17 7.51
C ASP J 393 16.63 86.13 8.68
N LYS J 394 17.30 87.26 8.46
CA LYS J 394 17.53 88.25 9.51
C LYS J 394 17.08 89.64 9.07
N GLY J 395 15.94 89.71 8.38
CA GLY J 395 15.43 90.97 7.87
C GLY J 395 15.92 91.36 6.50
N GLN J 396 16.82 90.58 5.91
CA GLN J 396 17.37 90.87 4.59
C GLN J 396 17.08 89.71 3.65
N VAL J 397 16.90 90.04 2.36
CA VAL J 397 16.61 89.02 1.35
C VAL J 397 17.89 88.22 1.10
N VAL J 398 17.83 86.92 1.38
CA VAL J 398 18.96 86.02 1.19
C VAL J 398 18.50 84.88 0.29
N LYS J 399 19.33 84.53 -0.69
CA LYS J 399 19.00 83.43 -1.59
C LYS J 399 18.82 82.14 -0.80
N ALA J 400 17.75 81.42 -1.12
CA ALA J 400 17.35 80.24 -0.35
C ALA J 400 18.31 79.08 -0.57
N LYS J 401 18.26 78.11 0.34
CA LYS J 401 19.06 76.90 0.24
C LYS J 401 18.23 75.65 -0.03
N GLY J 402 16.93 75.68 0.24
CA GLY J 402 16.08 74.54 -0.09
C GLY J 402 15.96 74.32 -1.59
N VAL J 403 15.91 75.41 -2.36
CA VAL J 403 15.81 75.28 -3.81
C VAL J 403 17.05 74.61 -4.38
N GLN J 404 18.22 74.89 -3.81
CA GLN J 404 19.44 74.22 -4.26
C GLN J 404 19.37 72.72 -3.99
N SER J 405 18.86 72.34 -2.82
CA SER J 405 18.69 70.92 -2.51
C SER J 405 17.69 70.27 -3.46
N GLU J 406 16.64 70.99 -3.81
CA GLU J 406 15.66 70.49 -4.72
C GLU J 406 16.27 70.28 -6.08
N PHE J 407 17.10 71.21 -6.55
CA PHE J 407 17.80 71.07 -7.82
C PHE J 407 18.74 69.87 -7.79
N ASN J 408 19.47 69.68 -6.70
CA ASN J 408 20.38 68.54 -6.58
C ASN J 408 19.61 67.23 -6.64
N ILE J 409 18.49 67.15 -5.93
CA ILE J 409 17.67 65.93 -5.95
C ILE J 409 17.12 65.67 -7.35
N SER J 410 16.66 66.73 -8.01
CA SER J 410 16.15 66.58 -9.37
C SER J 410 17.22 66.06 -10.32
N PHE J 411 18.43 66.59 -10.21
CA PHE J 411 19.52 66.10 -11.06
C PHE J 411 19.86 64.65 -10.73
N GLU J 412 19.88 64.30 -9.44
CA GLU J 412 20.20 62.92 -9.06
C GLU J 412 19.16 61.93 -9.57
N GLN J 413 17.91 62.38 -9.75
CA GLN J 413 16.85 61.53 -10.28
C GLN J 413 16.70 61.63 -11.79
N ASN J 414 17.64 62.30 -12.46
CA ASN J 414 17.65 62.45 -13.91
C ASN J 414 16.42 63.22 -14.41
N ASN J 415 15.88 64.08 -13.56
CA ASN J 415 14.75 64.92 -13.96
C ASN J 415 15.24 66.13 -14.76
N TYR J 416 14.43 66.55 -15.71
CA TYR J 416 14.73 67.76 -16.46
C TYR J 416 14.58 68.98 -15.55
N VAL J 417 15.55 69.88 -15.61
CA VAL J 417 15.57 71.09 -14.79
C VAL J 417 15.34 72.29 -15.71
N VAL J 418 14.41 73.15 -15.31
CA VAL J 418 14.08 74.33 -16.09
C VAL J 418 14.21 75.56 -15.19
N PRO J 419 15.41 76.02 -14.89
CA PRO J 419 15.56 77.23 -14.07
C PRO J 419 15.26 78.47 -14.88
N VAL J 420 14.37 79.30 -14.37
CA VAL J 420 13.99 80.54 -15.03
C VAL J 420 14.90 81.64 -14.47
N GLY J 421 15.89 82.05 -15.26
CA GLY J 421 16.85 83.04 -14.81
C GLY J 421 16.27 84.43 -14.68
N ALA J 422 15.18 84.73 -15.40
CA ALA J 422 14.56 86.04 -15.30
C ALA J 422 14.04 86.30 -13.89
N THR J 423 13.66 85.24 -13.16
CA THR J 423 13.18 85.40 -11.80
C THR J 423 14.32 85.70 -10.82
N GLY J 424 15.55 85.35 -11.17
CA GLY J 424 16.70 85.72 -10.36
C GLY J 424 16.94 84.82 -9.18
N TYR J 425 17.94 85.22 -8.38
CA TYR J 425 18.30 84.58 -7.11
C TYR J 425 18.78 83.16 -7.41
N ILE J 426 18.34 82.15 -6.67
CA ILE J 426 18.81 80.78 -6.89
C ILE J 426 18.41 80.29 -8.27
N ALA J 427 17.28 80.75 -8.80
CA ALA J 427 16.90 80.38 -10.15
C ALA J 427 17.93 80.89 -11.17
N LYS J 428 18.39 82.13 -11.00
CA LYS J 428 19.41 82.65 -11.90
C LYS J 428 20.74 81.93 -11.71
N ASP J 429 21.10 81.61 -10.47
CA ASP J 429 22.33 80.86 -10.23
C ASP J 429 22.27 79.49 -10.90
N LEU J 430 21.13 78.81 -10.79
CA LEU J 430 20.96 77.50 -11.41
C LEU J 430 20.98 77.61 -12.93
N TRP J 431 20.37 78.65 -13.48
CA TRP J 431 20.42 78.86 -14.93
C TRP J 431 21.85 79.06 -15.40
N ASN J 432 22.63 79.85 -14.66
CA ASN J 432 24.04 80.05 -15.01
C ASN J 432 24.82 78.75 -14.92
N LYS J 433 24.55 77.95 -13.88
CA LYS J 433 25.22 76.66 -13.73
C LYS J 433 24.88 75.72 -14.89
N VAL J 434 23.61 75.69 -15.30
CA VAL J 434 23.21 74.83 -16.41
C VAL J 434 23.85 75.30 -17.71
N ASN J 435 23.87 76.61 -17.94
CA ASN J 435 24.50 77.14 -19.14
C ASN J 435 26.00 76.93 -19.14
N GLU J 436 26.61 76.80 -17.96
CA GLU J 436 28.05 76.52 -17.88
C GLU J 436 28.37 75.17 -18.50
N GLU J 437 27.57 74.16 -18.22
CA GLU J 437 27.71 72.82 -18.82
C GLU J 437 26.34 72.42 -19.35
N PHE J 438 26.03 72.85 -20.57
CA PHE J 438 24.72 72.59 -21.16
C PHE J 438 24.60 71.16 -21.67
N GLU J 439 25.68 70.59 -22.21
CA GLU J 439 25.61 69.24 -22.74
C GLU J 439 25.44 68.20 -21.65
N THR J 440 25.92 68.50 -20.43
CA THR J 440 25.77 67.55 -19.33
C THR J 440 24.30 67.37 -18.94
N TYR J 441 23.53 68.46 -18.96
CA TYR J 441 22.14 68.40 -18.55
C TYR J 441 21.19 68.17 -19.72
N TYR J 442 21.53 68.65 -20.91
CA TYR J 442 20.71 68.49 -22.11
C TYR J 442 21.56 67.95 -23.24
N PRO J 443 21.95 66.68 -23.19
CA PRO J 443 22.75 66.11 -24.28
C PRO J 443 21.93 65.99 -25.56
N GLY J 444 22.57 66.31 -26.68
CA GLY J 444 21.90 66.25 -27.97
C GLY J 444 20.73 67.19 -28.10
N ALA J 445 20.88 68.42 -27.58
CA ALA J 445 19.81 69.40 -27.66
C ALA J 445 19.77 70.06 -29.03
N ASP J 446 18.57 70.40 -29.47
CA ASP J 446 18.39 71.04 -30.77
C ASP J 446 18.62 72.55 -30.64
N ALA J 447 18.57 73.23 -31.79
CA ALA J 447 18.74 74.68 -31.81
C ALA J 447 17.59 75.38 -31.09
N ARG J 448 16.37 74.90 -31.29
CA ARG J 448 15.21 75.52 -30.64
C ARG J 448 15.29 75.38 -29.13
N MET J 449 15.73 74.21 -28.64
CA MET J 449 15.88 74.03 -27.21
C MET J 449 16.91 74.98 -26.62
N LYS J 450 18.05 75.13 -27.30
CA LYS J 450 19.06 76.08 -26.84
C LYS J 450 18.54 77.51 -26.84
N LYS J 451 17.80 77.88 -27.89
CA LYS J 451 17.25 79.22 -27.97
C LYS J 451 16.25 79.47 -26.84
N LEU J 452 15.39 78.49 -26.55
CA LEU J 452 14.44 78.65 -25.45
C LEU J 452 15.16 78.74 -24.11
N PHE J 453 16.19 77.92 -23.91
CA PHE J 453 16.93 77.98 -22.64
C PHE J 453 17.61 79.33 -22.48
N GLY J 454 18.18 79.87 -23.56
CA GLY J 454 18.77 81.19 -23.48
C GLY J 454 17.75 82.28 -23.22
N GLU J 455 16.57 82.16 -23.86
CA GLU J 455 15.50 83.13 -23.66
C GLU J 455 14.91 83.05 -22.25
N LEU J 456 15.07 81.91 -21.56
CA LEU J 456 14.57 81.79 -20.20
C LEU J 456 15.18 82.81 -19.26
N ASN J 457 16.36 83.35 -19.58
CA ASN J 457 17.04 84.34 -18.74
C ASN J 457 16.93 85.75 -19.32
N ASN J 458 15.80 86.09 -19.91
CA ASN J 458 15.57 87.40 -20.49
C ASN J 458 14.61 88.17 -19.59
N GLU J 459 15.08 89.32 -19.08
CA GLU J 459 14.25 90.17 -18.23
C GLU J 459 13.37 91.11 -19.03
N ALA J 460 13.58 91.21 -20.34
CA ALA J 460 12.77 92.08 -21.19
C ALA J 460 11.46 91.44 -21.62
N LEU J 461 11.29 90.14 -21.39
CA LEU J 461 10.05 89.47 -21.76
C LEU J 461 8.92 89.86 -20.80
N SER J 462 7.72 89.92 -21.34
CA SER J 462 6.54 90.16 -20.53
C SER J 462 6.13 88.87 -19.82
N ILE J 463 5.00 88.93 -19.10
CA ILE J 463 4.48 87.73 -18.45
C ILE J 463 4.10 86.69 -19.48
N GLU J 464 3.35 87.09 -20.50
CA GLU J 464 2.89 86.14 -21.51
C GLU J 464 4.06 85.53 -22.28
N GLU J 465 5.04 86.36 -22.66
CA GLU J 465 6.17 85.84 -23.44
C GLU J 465 6.99 84.85 -22.63
N LEU J 466 7.29 85.19 -21.37
CA LEU J 466 8.06 84.29 -20.53
C LEU J 466 7.31 82.99 -20.26
N ILE J 467 6.00 83.09 -20.00
CA ILE J 467 5.19 81.90 -19.76
C ILE J 467 5.16 81.02 -21.01
N ASN J 468 5.00 81.62 -22.18
CA ASN J 468 4.99 80.85 -23.42
C ASN J 468 6.34 80.17 -23.66
N THR J 469 7.43 80.87 -23.37
CA THR J 469 8.75 80.25 -23.51
C THR J 469 8.90 79.06 -22.58
N ILE J 470 8.48 79.21 -21.32
CA ILE J 470 8.58 78.11 -20.37
C ILE J 470 7.72 76.93 -20.82
N ILE J 471 6.49 77.22 -21.27
CA ILE J 471 5.57 76.16 -21.69
C ILE J 471 6.13 75.42 -22.90
N GLU J 472 6.68 76.16 -23.87
CA GLU J 472 7.23 75.52 -25.07
C GLU J 472 8.44 74.66 -24.72
N PHE J 473 9.30 75.16 -23.81
CA PHE J 473 10.46 74.37 -23.40
C PHE J 473 10.01 73.08 -22.71
N VAL J 474 9.05 73.18 -21.80
CA VAL J 474 8.57 71.99 -21.09
C VAL J 474 7.89 71.02 -22.06
N GLU J 475 7.18 71.56 -23.06
CA GLU J 475 6.49 70.69 -24.01
C GLU J 475 7.47 69.97 -24.92
N ILE J 476 8.52 70.65 -25.38
CA ILE J 476 9.50 69.96 -26.21
C ILE J 476 10.31 68.98 -25.36
N LEU J 477 10.42 69.24 -24.06
CA LEU J 477 11.01 68.23 -23.17
C LEU J 477 10.11 67.00 -23.06
N SER J 478 8.79 67.21 -22.94
CA SER J 478 7.86 66.11 -22.73
C SER J 478 7.50 65.43 -24.05
N ASN J 479 6.91 66.18 -24.97
CA ASN J 479 6.48 65.63 -26.25
C ASN J 479 7.68 65.35 -27.15
N LYS K 5 -59.20 1.58 -40.19
CA LYS K 5 -58.72 2.89 -40.62
C LYS K 5 -58.66 3.86 -39.45
N MET K 6 -57.72 4.79 -39.52
CA MET K 6 -57.53 5.82 -38.49
C MET K 6 -57.68 7.20 -39.12
N ASN K 7 -57.36 8.23 -38.35
CA ASN K 7 -57.53 9.60 -38.80
C ASN K 7 -56.70 9.87 -40.05
N PRO K 8 -57.17 10.75 -40.93
CA PRO K 8 -56.40 11.05 -42.15
C PRO K 8 -55.00 11.56 -41.87
N ILE K 9 -54.82 12.32 -40.79
CA ILE K 9 -53.47 12.74 -40.39
C ILE K 9 -52.64 11.51 -40.03
N VAL K 10 -53.23 10.57 -39.29
CA VAL K 10 -52.53 9.35 -38.93
C VAL K 10 -52.21 8.52 -40.17
N GLU K 11 -53.14 8.49 -41.13
CA GLU K 11 -52.90 7.74 -42.37
C GLU K 11 -51.75 8.34 -43.17
N LEU K 12 -51.73 9.67 -43.29
CA LEU K 12 -50.63 10.34 -43.99
C LEU K 12 -49.30 10.07 -43.29
N PHE K 13 -49.29 10.14 -41.96
CA PHE K 13 -48.07 9.85 -41.22
C PHE K 13 -47.63 8.41 -41.43
N ILE K 14 -48.58 7.47 -41.44
CA ILE K 14 -48.24 6.07 -41.65
C ILE K 14 -47.62 5.86 -43.02
N LYS K 15 -48.23 6.47 -44.06
CA LYS K 15 -47.67 6.34 -45.40
C LYS K 15 -46.26 6.93 -45.46
N ASP K 16 -46.08 8.15 -44.95
CA ASP K 16 -44.79 8.80 -45.05
C ASP K 16 -43.72 8.03 -44.27
N PHE K 17 -44.06 7.55 -43.06
CA PHE K 17 -43.05 6.87 -42.25
C PHE K 17 -42.77 5.47 -42.76
N THR K 18 -43.77 4.79 -43.36
CA THR K 18 -43.49 3.52 -44.03
C THR K 18 -42.55 3.74 -45.20
N LYS K 19 -42.76 4.82 -45.95
CA LYS K 19 -41.84 5.17 -47.02
C LYS K 19 -40.44 5.41 -46.49
N GLU K 20 -40.33 6.12 -45.36
CA GLU K 20 -39.02 6.39 -44.77
C GLU K 20 -38.33 5.12 -44.30
N VAL K 21 -39.08 4.22 -43.65
CA VAL K 21 -38.48 3.01 -43.09
C VAL K 21 -38.06 2.05 -44.20
N MET K 22 -38.88 1.93 -45.25
CA MET K 22 -38.52 1.05 -46.35
C MET K 22 -37.23 1.47 -47.04
N GLU K 23 -36.87 2.75 -46.96
CA GLU K 23 -35.58 3.23 -47.45
C GLU K 23 -34.47 3.06 -46.45
N GLU K 24 -34.77 2.56 -45.25
CA GLU K 24 -33.79 2.34 -44.19
C GLU K 24 -33.07 3.63 -43.81
N ASN K 25 -33.83 4.74 -43.77
CA ASN K 25 -33.31 6.03 -43.36
C ASN K 25 -34.13 6.60 -42.21
N ALA K 26 -34.71 5.73 -41.40
CA ALA K 26 -35.56 6.13 -40.28
C ALA K 26 -34.93 5.70 -38.97
N ALA K 27 -35.06 6.54 -37.96
CA ALA K 27 -34.55 6.26 -36.62
C ALA K 27 -35.69 6.43 -35.62
N ILE K 28 -35.56 5.74 -34.49
CA ILE K 28 -36.57 5.79 -33.43
C ILE K 28 -35.95 6.43 -32.20
N PHE K 29 -36.60 7.48 -31.70
CA PHE K 29 -36.21 8.11 -30.45
C PHE K 29 -37.25 7.73 -29.40
N ALA K 30 -36.86 6.85 -28.48
CA ALA K 30 -37.75 6.35 -27.45
C ALA K 30 -37.44 7.03 -26.12
N GLY K 31 -38.46 7.61 -25.51
CA GLY K 31 -38.35 8.18 -24.19
C GLY K 31 -38.64 7.15 -23.12
N ALA K 32 -38.68 7.63 -21.87
CA ALA K 32 -39.04 6.75 -20.76
C ALA K 32 -40.49 6.32 -20.81
N GLY K 33 -41.35 7.14 -21.43
CA GLY K 33 -42.77 6.82 -21.48
C GLY K 33 -43.06 5.55 -22.25
N LEU K 34 -42.19 5.17 -23.18
CA LEU K 34 -42.37 3.92 -23.91
C LEU K 34 -42.21 2.71 -23.00
N SER K 35 -41.56 2.86 -21.85
CA SER K 35 -41.36 1.77 -20.91
C SER K 35 -42.23 1.89 -19.68
N MET K 36 -43.17 2.83 -19.65
CA MET K 36 -44.02 3.01 -18.48
C MET K 36 -45.21 2.06 -18.47
N SER K 37 -45.53 1.44 -19.60
CA SER K 37 -46.59 0.44 -19.66
C SER K 37 -46.10 -0.97 -19.43
N VAL K 38 -44.78 -1.16 -19.25
CA VAL K 38 -44.22 -2.50 -19.14
C VAL K 38 -44.40 -3.04 -17.72
N GLY K 39 -44.29 -2.19 -16.72
CA GLY K 39 -44.43 -2.62 -15.35
C GLY K 39 -43.50 -1.90 -14.39
N TYR K 40 -42.56 -1.14 -14.93
CA TYR K 40 -41.68 -0.32 -14.10
C TYR K 40 -42.49 0.77 -13.42
N VAL K 41 -42.25 0.95 -12.12
CA VAL K 41 -42.95 2.00 -11.38
C VAL K 41 -42.44 3.36 -11.84
N SER K 42 -43.28 4.37 -11.63
CA SER K 42 -42.95 5.72 -12.09
C SER K 42 -41.76 6.27 -11.34
N TRP K 43 -40.98 7.11 -12.03
CA TRP K 43 -39.81 7.73 -11.43
C TRP K 43 -40.18 8.63 -10.26
N ALA K 44 -41.33 9.29 -10.33
CA ALA K 44 -41.82 10.06 -9.19
C ALA K 44 -42.10 9.17 -8.00
N LYS K 45 -42.64 7.98 -8.24
CA LYS K 45 -42.87 7.04 -7.14
C LYS K 45 -41.56 6.62 -6.49
N LEU K 46 -40.53 6.40 -7.31
CA LEU K 46 -39.21 6.06 -6.77
C LEU K 46 -38.63 7.22 -5.97
N LEU K 47 -38.82 8.45 -6.44
CA LEU K 47 -38.29 9.62 -5.75
C LEU K 47 -39.15 10.06 -4.57
N GLU K 48 -40.32 9.47 -4.38
CA GLU K 48 -41.17 9.85 -3.25
C GLU K 48 -40.46 9.74 -1.90
N PRO K 49 -39.81 8.63 -1.55
CA PRO K 49 -39.00 8.65 -0.31
C PRO K 49 -37.85 9.62 -0.38
N ILE K 50 -37.25 9.80 -1.56
CA ILE K 50 -36.18 10.77 -1.74
C ILE K 50 -36.68 12.17 -1.45
N ALA K 51 -37.86 12.51 -1.97
CA ALA K 51 -38.46 13.81 -1.68
C ALA K 51 -38.81 13.96 -0.20
N GLN K 52 -39.32 12.89 0.41
CA GLN K 52 -39.68 12.96 1.83
C GLN K 52 -38.46 13.14 2.72
N GLU K 53 -37.30 12.66 2.34
CA GLU K 53 -36.10 12.81 3.13
C GLU K 53 -35.57 14.20 3.19
N ILE K 54 -35.83 15.02 2.17
CA ILE K 54 -35.39 16.41 2.18
C ILE K 54 -36.55 17.32 2.56
N GLY K 55 -37.66 16.73 3.00
CA GLY K 55 -38.80 17.50 3.45
C GLY K 55 -39.74 17.99 2.37
N LEU K 56 -39.56 17.55 1.13
CA LEU K 56 -40.45 17.93 0.04
C LEU K 56 -41.44 16.81 -0.24
N ASP K 57 -42.32 17.07 -1.21
CA ASP K 57 -43.35 16.10 -1.61
C ASP K 57 -43.27 15.94 -3.12
N VAL K 58 -43.06 14.71 -3.58
CA VAL K 58 -42.84 14.47 -5.01
C VAL K 58 -44.09 14.78 -5.81
N ASN K 59 -45.28 14.67 -5.20
CA ASN K 59 -46.50 15.00 -5.92
C ASN K 59 -46.60 16.49 -6.19
N LYS K 60 -46.08 17.33 -5.30
CA LYS K 60 -46.07 18.77 -5.49
C LYS K 60 -44.90 19.25 -6.33
N GLU K 61 -44.08 18.34 -6.78
CA GLU K 61 -42.90 18.68 -7.54
C GLU K 61 -43.06 18.23 -8.96
N ASN K 62 -42.71 19.09 -9.89
CA ASN K 62 -42.75 18.71 -11.30
C ASN K 62 -41.37 18.49 -11.89
N ASP K 63 -40.37 19.25 -11.46
CA ASP K 63 -39.00 19.08 -11.94
C ASP K 63 -38.29 18.10 -11.02
N LEU K 64 -38.31 16.82 -11.40
CA LEU K 64 -37.68 15.80 -10.59
C LEU K 64 -36.16 15.84 -10.66
N VAL K 65 -35.60 16.43 -11.71
CA VAL K 65 -34.15 16.60 -11.80
C VAL K 65 -33.68 17.53 -10.67
N SER K 66 -34.38 18.63 -10.46
CA SER K 66 -34.03 19.53 -9.36
C SER K 66 -34.27 18.87 -8.01
N LEU K 67 -35.28 18.01 -7.91
CA LEU K 67 -35.52 17.28 -6.66
C LEU K 67 -34.36 16.37 -6.33
N ALA K 68 -33.89 15.60 -7.32
CA ALA K 68 -32.73 14.74 -7.11
C ALA K 68 -31.48 15.55 -6.81
N GLN K 69 -31.32 16.70 -7.46
CA GLN K 69 -30.18 17.56 -7.17
C GLN K 69 -30.24 18.08 -5.74
N TYR K 70 -31.42 18.46 -5.26
CA TYR K 70 -31.57 18.90 -3.88
C TYR K 70 -31.22 17.77 -2.92
N TYR K 71 -31.68 16.55 -3.22
CA TYR K 71 -31.34 15.41 -2.37
C TYR K 71 -29.84 15.19 -2.32
N CYS K 72 -29.16 15.29 -3.46
CA CYS K 72 -27.71 15.13 -3.48
C CYS K 72 -27.03 16.25 -2.72
N ASN K 73 -27.55 17.47 -2.81
CA ASN K 73 -26.99 18.59 -2.05
C ASN K 73 -27.12 18.36 -0.56
N GLU K 74 -28.24 17.79 -0.12
CA GLU K 74 -28.43 17.49 1.29
C GLU K 74 -27.53 16.36 1.78
N ASN K 75 -26.84 15.66 0.87
CA ASN K 75 -25.99 14.53 1.23
C ASN K 75 -24.57 14.71 0.70
N GLN K 76 -24.11 15.95 0.61
CA GLN K 76 -22.75 16.29 0.18
C GLN K 76 -22.45 15.76 -1.23
N GLY K 77 -23.46 15.71 -2.08
CA GLY K 77 -23.25 15.28 -3.45
C GLY K 77 -23.21 13.79 -3.67
N ASN K 78 -23.60 12.98 -2.69
CA ASN K 78 -23.55 11.54 -2.83
C ASN K 78 -24.79 11.02 -3.54
N ARG K 79 -24.57 10.11 -4.48
CA ARG K 79 -25.65 9.55 -5.31
C ARG K 79 -25.91 8.08 -5.05
N GLY K 80 -25.34 7.51 -3.97
CA GLY K 80 -25.46 6.07 -3.76
C GLY K 80 -26.90 5.62 -3.64
N ARG K 81 -27.73 6.39 -2.93
CA ARG K 81 -29.12 6.01 -2.74
C ARG K 81 -29.89 6.01 -4.07
N ILE K 82 -29.69 7.04 -4.89
CA ILE K 82 -30.39 7.12 -6.17
C ILE K 82 -29.89 6.04 -7.11
N ASN K 83 -28.58 5.78 -7.11
CA ASN K 83 -28.03 4.70 -7.92
C ASN K 83 -28.63 3.35 -7.53
N GLN K 84 -28.73 3.10 -6.23
CA GLN K 84 -29.33 1.85 -5.78
C GLN K 84 -30.80 1.76 -6.17
N ILE K 85 -31.52 2.89 -6.07
CA ILE K 85 -32.93 2.90 -6.44
C ILE K 85 -33.12 2.55 -7.90
N ILE K 86 -32.36 3.20 -8.78
CA ILE K 86 -32.55 2.96 -10.21
C ILE K 86 -32.08 1.55 -10.59
N LEU K 87 -31.00 1.08 -9.97
CA LEU K 87 -30.55 -0.28 -10.24
C LEU K 87 -31.58 -1.31 -9.79
N ASP K 88 -32.19 -1.10 -8.62
CA ASP K 88 -33.20 -2.03 -8.14
C ASP K 88 -34.45 -2.01 -9.01
N GLU K 89 -34.85 -0.83 -9.48
CA GLU K 89 -36.11 -0.74 -10.21
C GLU K 89 -35.96 -1.17 -11.67
N PHE K 90 -35.06 -0.54 -12.41
CA PHE K 90 -35.04 -0.70 -13.86
C PHE K 90 -34.29 -1.94 -14.33
N SER K 91 -33.69 -2.70 -13.42
CA SER K 91 -33.04 -3.96 -13.79
C SER K 91 -33.93 -5.17 -13.57
N ARG K 92 -35.17 -4.98 -13.16
CA ARG K 92 -36.07 -6.10 -12.94
C ARG K 92 -36.44 -6.77 -14.27
N LYS K 93 -36.84 -8.03 -14.18
CA LYS K 93 -37.23 -8.82 -15.35
C LYS K 93 -38.71 -8.58 -15.61
N VAL K 94 -39.02 -7.95 -16.74
CA VAL K 94 -40.38 -7.63 -17.12
C VAL K 94 -40.62 -8.11 -18.54
N ASP K 95 -41.83 -8.60 -18.80
CA ASP K 95 -42.18 -9.04 -20.14
C ASP K 95 -42.27 -7.85 -21.09
N LEU K 96 -41.73 -8.04 -22.30
CA LEU K 96 -41.72 -6.97 -23.29
C LEU K 96 -43.14 -6.64 -23.74
N THR K 97 -43.38 -5.35 -23.95
CA THR K 97 -44.65 -4.90 -24.51
C THR K 97 -44.65 -5.09 -26.02
N GLU K 98 -45.83 -4.95 -26.62
CA GLU K 98 -45.96 -5.16 -28.05
C GLU K 98 -45.21 -4.11 -28.85
N ASN K 99 -45.12 -2.88 -28.32
CA ASN K 99 -44.44 -1.81 -29.04
C ASN K 99 -42.97 -2.14 -29.27
N HIS K 100 -42.29 -2.65 -28.24
CA HIS K 100 -40.88 -3.00 -28.38
C HIS K 100 -40.69 -4.11 -29.41
N LYS K 101 -41.56 -5.11 -29.39
CA LYS K 101 -41.44 -6.20 -30.34
C LYS K 101 -41.67 -5.72 -31.77
N ILE K 102 -42.67 -4.86 -31.98
CA ILE K 102 -42.92 -4.34 -33.32
C ILE K 102 -41.74 -3.50 -33.80
N LEU K 103 -41.21 -2.65 -32.92
CA LEU K 103 -40.06 -1.83 -33.30
C LEU K 103 -38.85 -2.68 -33.62
N ALA K 104 -38.66 -3.78 -32.89
CA ALA K 104 -37.58 -4.70 -33.20
C ALA K 104 -37.80 -5.37 -34.55
N ARG K 105 -39.05 -5.71 -34.88
CA ARG K 105 -39.33 -6.34 -36.15
C ARG K 105 -39.18 -5.38 -37.33
N LEU K 106 -39.28 -4.08 -37.10
CA LEU K 106 -39.16 -3.12 -38.19
C LEU K 106 -37.70 -2.97 -38.62
N PRO K 107 -37.45 -2.68 -39.90
CA PRO K 107 -36.06 -2.51 -40.36
C PRO K 107 -35.48 -1.16 -39.96
N ILE K 108 -35.42 -0.89 -38.66
CA ILE K 108 -34.90 0.34 -38.12
C ILE K 108 -33.52 0.06 -37.54
N HIS K 109 -32.51 0.79 -38.01
CA HIS K 109 -31.13 0.55 -37.63
C HIS K 109 -30.59 1.52 -36.59
N THR K 110 -31.39 2.49 -36.15
CA THR K 110 -30.93 3.50 -35.22
C THR K 110 -31.99 3.73 -34.15
N TYR K 111 -31.61 3.52 -32.90
CA TYR K 111 -32.45 3.85 -31.75
C TYR K 111 -31.69 4.81 -30.85
N TRP K 112 -32.38 5.84 -30.37
CA TRP K 112 -31.85 6.75 -29.37
C TRP K 112 -32.80 6.73 -28.18
N THR K 113 -32.29 6.38 -27.01
CA THR K 113 -33.13 6.18 -25.84
C THR K 113 -32.66 7.06 -24.69
N THR K 114 -33.61 7.64 -23.97
CA THR K 114 -33.36 8.30 -22.71
C THR K 114 -33.72 7.43 -21.51
N ALA K 115 -34.14 6.19 -21.76
CA ALA K 115 -34.47 5.25 -20.70
C ALA K 115 -33.26 4.39 -20.35
N TYR K 116 -33.15 4.04 -19.07
CA TYR K 116 -32.03 3.24 -18.60
C TYR K 116 -32.24 1.75 -18.74
N ASP K 117 -33.49 1.31 -18.88
CA ASP K 117 -33.79 -0.11 -19.00
C ASP K 117 -33.26 -0.66 -20.32
N ARG K 118 -33.25 -2.00 -20.41
CA ARG K 118 -32.74 -2.71 -21.59
C ARG K 118 -33.86 -3.36 -22.38
N LEU K 119 -35.03 -2.72 -22.45
CA LEU K 119 -36.17 -3.32 -23.14
C LEU K 119 -35.96 -3.35 -24.65
N ILE K 120 -35.39 -2.28 -25.22
CA ILE K 120 -35.10 -2.27 -26.64
C ILE K 120 -34.07 -3.34 -26.98
N GLU K 121 -33.03 -3.45 -26.15
CA GLU K 121 -32.01 -4.47 -26.39
C GLU K 121 -32.59 -5.87 -26.33
N LYS K 122 -33.45 -6.14 -25.36
CA LYS K 122 -34.06 -7.46 -25.24
C LYS K 122 -35.00 -7.72 -26.41
N ALA K 123 -35.74 -6.71 -26.86
CA ALA K 123 -36.63 -6.89 -28.00
C ALA K 123 -35.84 -7.19 -29.26
N LEU K 124 -34.68 -6.53 -29.44
CA LEU K 124 -33.84 -6.82 -30.59
C LEU K 124 -33.21 -8.21 -30.48
N GLU K 125 -32.85 -8.62 -29.26
CA GLU K 125 -32.28 -9.95 -29.08
C GLU K 125 -33.30 -11.05 -29.39
N GLU K 126 -34.55 -10.87 -28.95
CA GLU K 126 -35.57 -11.88 -29.17
C GLU K 126 -35.98 -12.00 -30.63
N GLU K 127 -35.57 -11.06 -31.48
CA GLU K 127 -35.80 -11.14 -32.92
C GLU K 127 -34.59 -11.67 -33.66
N ASN K 128 -33.61 -12.23 -32.94
CA ASN K 128 -32.36 -12.74 -33.53
C ASN K 128 -31.63 -11.64 -34.31
N LYS K 129 -31.66 -10.43 -33.76
CA LYS K 129 -30.97 -9.29 -34.34
C LYS K 129 -29.79 -8.90 -33.47
N ILE K 130 -28.69 -8.52 -34.11
CA ILE K 130 -27.50 -8.09 -33.38
C ILE K 130 -27.63 -6.61 -33.07
N ALA K 131 -27.64 -6.27 -31.79
CA ALA K 131 -27.79 -4.90 -31.33
C ALA K 131 -26.47 -4.39 -30.77
N ASP K 132 -26.05 -3.22 -31.24
CA ASP K 132 -24.82 -2.58 -30.77
C ASP K 132 -25.23 -1.47 -29.82
N VAL K 133 -25.20 -1.75 -28.53
CA VAL K 133 -25.68 -0.83 -27.51
C VAL K 133 -24.54 0.08 -27.09
N LYS K 134 -24.79 1.39 -27.09
CA LYS K 134 -23.77 2.38 -26.79
C LYS K 134 -24.30 3.32 -25.71
N TYR K 135 -23.58 3.39 -24.59
CA TYR K 135 -23.86 4.37 -23.55
C TYR K 135 -22.59 5.00 -22.99
N THR K 136 -21.43 4.67 -23.57
CA THR K 136 -20.16 5.24 -23.16
C THR K 136 -19.49 5.85 -24.37
N VAL K 137 -18.70 6.90 -24.13
CA VAL K 137 -17.99 7.57 -25.24
C VAL K 137 -17.02 6.61 -25.91
N LYS K 138 -16.38 5.74 -25.14
CA LYS K 138 -15.45 4.76 -25.71
C LYS K 138 -16.17 3.80 -26.65
N GLN K 139 -17.39 3.39 -26.29
CA GLN K 139 -18.12 2.42 -27.09
C GLN K 139 -18.44 2.94 -28.49
N LEU K 140 -18.39 4.25 -28.70
CA LEU K 140 -18.60 4.80 -30.03
C LEU K 140 -17.47 4.45 -30.99
N ALA K 141 -16.30 4.11 -30.48
CA ALA K 141 -15.15 3.82 -31.32
C ALA K 141 -15.12 2.40 -31.84
N THR K 142 -16.01 1.52 -31.35
CA THR K 142 -16.07 0.13 -31.79
C THR K 142 -17.46 -0.16 -32.34
N THR K 143 -17.50 -0.88 -33.46
CA THR K 143 -18.75 -1.26 -34.11
C THR K 143 -18.86 -2.78 -34.15
N LYS K 144 -20.01 -3.30 -33.76
CA LYS K 144 -20.25 -4.73 -33.87
C LYS K 144 -20.37 -5.14 -35.33
N VAL K 145 -19.82 -6.32 -35.65
CA VAL K 145 -19.85 -6.82 -37.01
C VAL K 145 -21.22 -7.41 -37.30
N LYS K 146 -21.77 -7.09 -38.47
CA LYS K 146 -23.07 -7.58 -38.91
C LYS K 146 -24.19 -7.17 -37.97
N ARG K 147 -24.09 -5.98 -37.38
CA ARG K 147 -25.13 -5.50 -36.49
C ARG K 147 -26.37 -5.08 -37.28
N ASP K 148 -27.54 -5.33 -36.70
CA ASP K 148 -28.79 -4.93 -37.35
C ASP K 148 -29.20 -3.52 -36.96
N ALA K 149 -29.00 -3.14 -35.70
CA ALA K 149 -29.34 -1.82 -35.23
C ALA K 149 -28.34 -1.39 -34.17
N VAL K 150 -28.22 -0.07 -33.99
CA VAL K 150 -27.38 0.52 -32.96
C VAL K 150 -28.27 1.30 -32.01
N VAL K 151 -28.11 1.04 -30.71
CA VAL K 151 -28.89 1.69 -29.67
C VAL K 151 -27.98 2.62 -28.90
N TYR K 152 -28.29 3.92 -28.93
CA TYR K 152 -27.58 4.93 -28.18
C TYR K 152 -28.38 5.23 -26.92
N LYS K 153 -27.93 4.72 -25.79
CA LYS K 153 -28.53 5.04 -24.50
C LYS K 153 -27.84 6.31 -24.01
N MET K 154 -28.42 7.45 -24.35
CA MET K 154 -27.77 8.73 -24.14
C MET K 154 -27.88 9.23 -22.71
N HIS K 155 -28.67 8.57 -21.86
CA HIS K 155 -28.75 8.92 -20.46
C HIS K 155 -28.12 7.87 -19.55
N GLY K 156 -27.43 6.88 -20.12
CA GLY K 156 -26.76 5.85 -19.37
C GLY K 156 -27.54 4.54 -19.35
N ASP K 157 -26.89 3.54 -18.77
CA ASP K 157 -27.44 2.20 -18.66
C ASP K 157 -27.89 1.92 -17.23
N VAL K 158 -28.79 0.95 -17.08
CA VAL K 158 -29.26 0.57 -15.76
C VAL K 158 -28.15 -0.12 -14.97
N GLU K 159 -27.32 -0.91 -15.64
CA GLU K 159 -26.25 -1.63 -14.96
C GLU K 159 -25.09 -0.72 -14.57
N HIS K 160 -25.11 0.54 -14.98
CA HIS K 160 -24.11 1.53 -14.58
C HIS K 160 -24.84 2.74 -14.00
N PRO K 161 -25.43 2.58 -12.82
CA PRO K 161 -26.26 3.67 -12.26
C PRO K 161 -25.50 4.96 -11.99
N SER K 162 -24.19 4.88 -11.71
CA SER K 162 -23.43 6.07 -11.36
C SER K 162 -23.25 7.01 -12.55
N GLU K 163 -23.42 6.54 -13.77
CA GLU K 163 -23.27 7.35 -14.96
C GLU K 163 -24.60 7.75 -15.57
N ALA K 164 -25.71 7.48 -14.89
CA ALA K 164 -27.02 7.86 -15.38
C ALA K 164 -27.23 9.36 -15.20
N VAL K 165 -27.89 9.98 -16.17
CA VAL K 165 -28.18 11.42 -16.13
C VAL K 165 -29.49 11.59 -15.36
N LEU K 166 -29.39 12.00 -14.10
CA LEU K 166 -30.56 12.12 -13.24
C LEU K 166 -30.66 13.49 -12.58
N ILE K 167 -29.52 14.07 -12.21
CA ILE K 167 -29.48 15.29 -11.43
C ILE K 167 -29.04 16.45 -12.32
N LYS K 168 -29.18 17.67 -11.81
CA LYS K 168 -28.82 18.85 -12.58
C LYS K 168 -27.33 18.89 -12.91
N ASP K 169 -26.49 18.33 -12.03
CA ASP K 169 -25.06 18.30 -12.31
C ASP K 169 -24.78 17.46 -13.57
N ASP K 170 -25.48 16.34 -13.71
CA ASP K 170 -25.30 15.51 -14.90
C ASP K 170 -25.69 16.25 -16.17
N TYR K 171 -26.81 16.97 -16.13
CA TYR K 171 -27.24 17.74 -17.30
C TYR K 171 -26.27 18.87 -17.60
N GLU K 172 -25.70 19.50 -16.61
CA GLU K 172 -24.78 20.58 -16.80
C GLU K 172 -23.46 20.14 -17.29
N LYS K 173 -23.03 18.95 -16.95
CA LYS K 173 -21.76 18.42 -17.45
C LYS K 173 -21.94 17.51 -18.66
N TYR K 174 -23.17 17.29 -19.12
CA TYR K 174 -23.39 16.44 -20.28
C TYR K 174 -22.75 17.02 -21.54
N SER K 175 -22.85 18.33 -21.73
CA SER K 175 -22.33 18.96 -22.94
C SER K 175 -20.82 18.82 -23.06
N ILE K 176 -20.12 18.59 -21.96
CA ILE K 176 -18.68 18.40 -21.98
C ILE K 176 -18.33 16.92 -21.98
N LYS K 177 -18.91 16.15 -21.06
CA LYS K 177 -18.57 14.73 -20.93
C LYS K 177 -19.07 13.93 -22.14
N MET K 178 -20.32 14.14 -22.53
CA MET K 178 -20.97 13.35 -23.57
C MET K 178 -21.13 14.15 -24.87
N ASP K 179 -20.16 15.00 -25.16
CA ASP K 179 -20.19 15.75 -26.42
C ASP K 179 -20.22 14.88 -27.67
N PRO K 180 -19.47 13.77 -27.77
CA PRO K 180 -19.61 12.92 -28.96
C PRO K 180 -21.02 12.40 -29.19
N TYR K 181 -21.77 12.12 -28.11
CA TYR K 181 -23.16 11.70 -28.28
C TYR K 181 -24.01 12.85 -28.80
N ILE K 182 -23.73 14.08 -28.36
CA ILE K 182 -24.43 15.24 -28.91
C ILE K 182 -24.16 15.38 -30.40
N LYS K 183 -22.89 15.21 -30.80
CA LYS K 183 -22.56 15.30 -32.22
C LYS K 183 -23.24 14.20 -33.02
N ALA K 184 -23.26 12.98 -32.49
CA ALA K 184 -23.90 11.87 -33.17
C ALA K 184 -25.40 12.10 -33.32
N LEU K 185 -26.05 12.61 -32.27
CA LEU K 185 -27.48 12.86 -32.34
C LEU K 185 -27.80 14.00 -33.30
N SER K 186 -26.95 15.03 -33.34
CA SER K 186 -27.14 16.09 -34.33
C SER K 186 -27.00 15.54 -35.74
N GLY K 187 -25.99 14.70 -35.99
CA GLY K 187 -25.82 14.11 -37.30
C GLY K 187 -27.00 13.24 -37.70
N ASP K 188 -27.53 12.46 -36.75
CA ASP K 188 -28.70 11.64 -37.05
C ASP K 188 -29.93 12.50 -37.31
N LEU K 189 -30.12 13.58 -36.53
CA LEU K 189 -31.26 14.44 -36.73
C LEU K 189 -31.20 15.16 -38.08
N VAL K 190 -30.01 15.44 -38.58
CA VAL K 190 -29.91 16.08 -39.89
C VAL K 190 -29.85 15.07 -41.04
N SER K 191 -29.55 13.79 -40.76
CA SER K 191 -29.41 12.80 -41.81
C SER K 191 -30.48 11.72 -41.79
N LYS K 192 -31.27 11.60 -40.72
CA LYS K 192 -32.26 10.55 -40.59
C LYS K 192 -33.60 11.15 -40.20
N THR K 193 -34.67 10.43 -40.52
CA THR K 193 -36.02 10.82 -40.16
C THR K 193 -36.40 10.15 -38.84
N PHE K 194 -36.57 10.95 -37.79
CA PHE K 194 -36.83 10.44 -36.46
C PHE K 194 -38.31 10.33 -36.17
N LEU K 195 -38.65 9.35 -35.34
CA LEU K 195 -39.98 9.22 -34.75
C LEU K 195 -39.82 9.21 -33.24
N PHE K 196 -40.36 10.23 -32.59
CA PHE K 196 -40.29 10.35 -31.14
C PHE K 196 -41.49 9.65 -30.50
N VAL K 197 -41.23 8.60 -29.74
CA VAL K 197 -42.28 7.83 -29.07
C VAL K 197 -41.98 7.84 -27.57
N GLY K 198 -42.99 8.20 -26.78
CA GLY K 198 -42.82 8.23 -25.34
C GLY K 198 -41.97 9.37 -24.82
N PHE K 199 -41.72 10.39 -25.63
CA PHE K 199 -40.86 11.50 -25.26
C PHE K 199 -41.70 12.74 -24.96
N SER K 200 -41.46 13.36 -23.81
CA SER K 200 -42.21 14.53 -23.39
C SER K 200 -41.59 15.84 -23.84
N PHE K 201 -40.40 15.81 -24.43
CA PHE K 201 -39.71 17.00 -24.92
C PHE K 201 -39.49 18.03 -23.81
N THR K 202 -39.24 17.53 -22.60
CA THR K 202 -38.87 18.37 -21.47
C THR K 202 -37.44 18.11 -21.02
N ASP K 203 -36.65 17.43 -21.84
CA ASP K 203 -35.27 17.09 -21.50
C ASP K 203 -34.35 18.24 -21.90
N PRO K 204 -33.57 18.80 -20.96
CA PRO K 204 -32.68 19.92 -21.34
C PRO K 204 -31.66 19.57 -22.41
N ASN K 205 -31.15 18.34 -22.41
CA ASN K 205 -30.17 17.95 -23.43
C ASN K 205 -30.80 17.92 -24.81
N LEU K 206 -32.01 17.36 -24.93
CA LEU K 206 -32.68 17.31 -26.22
C LEU K 206 -33.07 18.71 -26.68
N ASP K 207 -33.50 19.56 -25.75
CA ASP K 207 -33.78 20.96 -26.11
C ASP K 207 -32.53 21.64 -26.63
N TYR K 208 -31.40 21.43 -25.97
CA TYR K 208 -30.14 22.04 -26.41
C TYR K 208 -29.75 21.55 -27.80
N ILE K 209 -29.86 20.24 -28.03
CA ILE K 209 -29.47 19.68 -29.32
C ILE K 209 -30.39 20.17 -30.42
N LEU K 210 -31.70 20.20 -30.17
CA LEU K 210 -32.64 20.68 -31.17
C LEU K 210 -32.43 22.16 -31.46
N SER K 211 -32.13 22.96 -30.43
CA SER K 211 -31.85 24.37 -30.65
C SER K 211 -30.59 24.57 -31.48
N ARG K 212 -29.57 23.75 -31.24
CA ARG K 212 -28.36 23.85 -32.05
C ARG K 212 -28.63 23.46 -33.51
N VAL K 213 -29.39 22.39 -33.72
CA VAL K 213 -29.71 21.97 -35.09
C VAL K 213 -30.54 23.04 -35.79
N ARG K 214 -31.50 23.64 -35.07
CA ARG K 214 -32.30 24.71 -35.65
C ARG K 214 -31.44 25.92 -36.00
N SER K 215 -30.55 26.32 -35.10
CA SER K 215 -29.66 27.44 -35.39
C SER K 215 -28.78 27.15 -36.58
N ALA K 216 -28.38 25.89 -36.76
CA ALA K 216 -27.52 25.54 -37.88
C ALA K 216 -28.27 25.48 -39.21
N TYR K 217 -29.53 25.04 -39.23
CA TYR K 217 -30.20 24.73 -40.48
C TYR K 217 -31.38 25.63 -40.82
N GLU K 218 -31.77 26.55 -39.94
CA GLU K 218 -32.81 27.56 -40.20
C GLU K 218 -34.09 26.85 -40.63
N ARG K 219 -34.70 27.21 -41.76
CA ARG K 219 -35.96 26.62 -42.20
C ARG K 219 -35.75 25.34 -42.99
N ASP K 220 -34.51 24.92 -43.20
CA ASP K 220 -34.19 23.74 -43.99
C ASP K 220 -33.97 22.50 -43.11
N GLN K 221 -34.53 22.53 -41.90
CA GLN K 221 -34.44 21.38 -41.02
C GLN K 221 -35.21 20.20 -41.59
N ARG K 222 -34.69 19.01 -41.32
CA ARG K 222 -35.34 17.77 -41.75
C ARG K 222 -36.61 17.54 -40.93
N ARG K 223 -37.67 17.09 -41.54
CA ARG K 223 -38.88 16.81 -40.84
C ARG K 223 -38.85 15.56 -40.08
N HIS K 224 -39.27 15.65 -38.85
CA HIS K 224 -39.34 14.54 -37.93
C HIS K 224 -40.77 14.39 -37.43
N TYR K 225 -41.03 13.25 -36.78
CA TYR K 225 -42.37 12.96 -36.28
C TYR K 225 -42.31 12.63 -34.80
N CYS K 226 -43.38 13.00 -34.09
CA CYS K 226 -43.57 12.67 -32.69
C CYS K 226 -44.99 12.16 -32.51
N LEU K 227 -45.17 11.30 -31.52
CA LEU K 227 -46.49 10.78 -31.16
C LEU K 227 -46.81 11.23 -29.75
N ILE K 228 -47.86 12.03 -29.60
CA ILE K 228 -48.24 12.60 -28.31
C ILE K 228 -49.71 12.32 -28.07
N LYS K 229 -50.05 11.85 -26.87
CA LYS K 229 -51.44 11.62 -26.51
C LYS K 229 -52.11 12.93 -26.09
N LYS K 230 -53.36 13.10 -26.48
CA LYS K 230 -54.10 14.30 -26.13
C LYS K 230 -54.39 14.34 -24.63
N GLU K 231 -54.65 15.54 -24.13
CA GLU K 231 -54.96 15.72 -22.72
C GLU K 231 -56.31 15.11 -22.39
N GLU K 232 -56.39 14.46 -21.23
CA GLU K 232 -57.61 13.81 -20.76
C GLU K 232 -58.13 14.55 -19.53
N ARG K 233 -59.45 14.66 -19.44
CA ARG K 233 -60.08 15.38 -18.33
C ARG K 233 -59.93 14.56 -17.05
N ARG K 234 -59.18 15.10 -16.09
CA ARG K 234 -59.03 14.43 -14.81
C ARG K 234 -60.33 14.49 -14.02
N PRO K 235 -60.61 13.49 -13.18
CA PRO K 235 -61.87 13.50 -12.42
C PRO K 235 -62.04 14.73 -11.54
N ASP K 236 -60.97 15.20 -10.90
CA ASP K 236 -61.07 16.37 -10.03
C ASP K 236 -61.16 17.67 -10.81
N GLU K 237 -60.60 17.71 -12.01
CA GLU K 237 -60.52 18.96 -12.77
C GLU K 237 -61.87 19.39 -13.28
N LEU K 238 -62.00 20.70 -13.52
CA LEU K 238 -63.17 21.29 -14.12
C LEU K 238 -63.01 21.41 -15.63
N GLU K 239 -64.08 21.83 -16.30
CA GLU K 239 -64.03 21.98 -17.75
C GLU K 239 -63.06 23.07 -18.17
N ALA K 240 -63.03 24.18 -17.43
CA ALA K 240 -62.14 25.29 -17.79
C ALA K 240 -60.67 24.89 -17.68
N ASP K 241 -60.32 24.15 -16.62
CA ASP K 241 -58.94 23.69 -16.47
C ASP K 241 -58.57 22.71 -17.57
N PHE K 242 -59.50 21.84 -17.96
CA PHE K 242 -59.24 20.91 -19.05
C PHE K 242 -59.02 21.65 -20.36
N GLU K 243 -59.83 22.66 -20.65
CA GLU K 243 -59.65 23.44 -21.86
C GLU K 243 -58.33 24.21 -21.83
N TYR K 244 -57.95 24.72 -20.66
CA TYR K 244 -56.67 25.40 -20.54
C TYR K 244 -55.52 24.44 -20.80
N ARG K 245 -55.62 23.21 -20.29
CA ARG K 245 -54.57 22.22 -20.55
C ARG K 245 -54.52 21.85 -22.03
N VAL K 246 -55.68 21.76 -22.68
CA VAL K 246 -55.71 21.46 -24.12
C VAL K 246 -55.04 22.57 -24.90
N ARG K 247 -55.33 23.83 -24.57
CA ARG K 247 -54.70 24.95 -25.24
C ARG K 247 -53.20 24.98 -24.99
N LYS K 248 -52.78 24.67 -23.76
CA LYS K 248 -51.36 24.60 -23.44
C LYS K 248 -50.67 23.53 -24.26
N GLN K 249 -51.31 22.37 -24.42
CA GLN K 249 -50.73 21.32 -25.23
C GLN K 249 -50.66 21.71 -26.70
N GLU K 250 -51.67 22.44 -27.19
CA GLU K 250 -51.62 22.91 -28.58
C GLU K 250 -50.46 23.87 -28.79
N LEU K 251 -50.24 24.78 -27.84
CA LEU K 251 -49.10 25.69 -27.94
C LEU K 251 -47.78 24.93 -27.84
N PHE K 252 -47.73 23.89 -27.02
CA PHE K 252 -46.56 23.04 -26.94
C PHE K 252 -46.29 22.34 -28.28
N ILE K 253 -47.25 21.93 -29.05
CA ILE K 253 -47.04 21.28 -30.33
C ILE K 253 -46.55 22.20 -31.42
N SER K 254 -47.03 23.43 -31.47
CA SER K 254 -46.57 24.41 -32.41
C SER K 254 -45.10 24.80 -32.16
N ASP K 255 -44.73 24.85 -30.92
CA ASP K 255 -43.38 25.09 -30.60
C ASP K 255 -42.48 23.99 -31.04
N LEU K 256 -42.94 22.77 -30.97
CA LEU K 256 -42.18 21.67 -31.48
C LEU K 256 -42.06 21.77 -32.94
N SER K 257 -43.09 22.26 -33.62
CA SER K 257 -43.00 22.50 -35.05
C SER K 257 -41.97 23.50 -35.36
N ARG K 258 -41.70 24.39 -34.45
CA ARG K 258 -40.56 25.29 -34.63
C ARG K 258 -39.34 24.54 -34.85
N PHE K 259 -39.29 23.29 -34.42
CA PHE K 259 -38.13 22.49 -34.77
C PHE K 259 -38.41 21.54 -35.93
N ASN K 260 -39.45 21.80 -36.72
CA ASN K 260 -39.85 20.96 -37.84
C ASN K 260 -40.19 19.54 -37.41
N ILE K 261 -40.75 19.41 -36.20
CA ILE K 261 -41.18 18.12 -35.67
C ILE K 261 -42.70 18.13 -35.67
N LYS K 262 -43.31 17.35 -36.58
CA LYS K 262 -44.75 17.25 -36.67
C LYS K 262 -45.26 16.28 -35.62
N THR K 263 -46.31 16.67 -34.90
CA THR K 263 -46.85 15.89 -33.80
C THR K 263 -48.15 15.23 -34.23
N ILE K 264 -48.26 13.94 -33.99
CA ILE K 264 -49.49 13.18 -34.21
C ILE K 264 -50.18 13.02 -32.86
N VAL K 265 -51.38 13.59 -32.75
CA VAL K 265 -52.14 13.56 -31.51
C VAL K 265 -52.97 12.28 -31.48
N LEU K 266 -52.80 11.50 -30.43
CA LEU K 266 -53.44 10.20 -30.29
C LEU K 266 -54.43 10.23 -29.14
N ASN K 267 -55.55 9.53 -29.31
CA ASN K 267 -56.57 9.49 -28.27
C ASN K 267 -56.08 8.73 -27.05
N ASN K 268 -55.36 7.63 -27.26
CA ASN K 268 -54.85 6.81 -26.17
C ASN K 268 -53.50 6.24 -26.57
N TYR K 269 -52.87 5.54 -25.62
CA TYR K 269 -51.54 4.98 -25.86
C TYR K 269 -51.55 3.69 -26.66
N ASN K 270 -52.71 3.03 -26.80
CA ASN K 270 -52.78 1.87 -27.66
C ASN K 270 -52.73 2.24 -29.14
N GLU K 271 -53.02 3.49 -29.48
CA GLU K 271 -52.88 3.94 -30.85
C GLU K 271 -51.43 3.92 -31.31
N ILE K 272 -50.47 4.02 -30.38
CA ILE K 272 -49.08 3.81 -30.74
C ILE K 272 -48.87 2.40 -31.26
N THR K 273 -49.43 1.41 -30.57
CA THR K 273 -49.34 0.03 -31.01
C THR K 273 -50.06 -0.16 -32.34
N GLU K 274 -51.22 0.48 -32.50
CA GLU K 274 -51.95 0.37 -33.77
C GLU K 274 -51.15 0.94 -34.93
N ILE K 275 -50.52 2.10 -34.73
CA ILE K 275 -49.72 2.73 -35.77
C ILE K 275 -48.52 1.86 -36.11
N LEU K 276 -47.84 1.32 -35.09
CA LEU K 276 -46.70 0.47 -35.33
C LEU K 276 -47.10 -0.80 -36.09
N GLN K 277 -48.25 -1.39 -35.72
CA GLN K 277 -48.74 -2.56 -36.43
C GLN K 277 -49.06 -2.22 -37.89
N ARG K 278 -49.65 -1.05 -38.12
CA ARG K 278 -49.96 -0.66 -39.49
C ARG K 278 -48.71 -0.47 -40.32
N ILE K 279 -47.68 0.15 -39.74
CA ILE K 279 -46.42 0.33 -40.46
C ILE K 279 -45.77 -1.03 -40.74
N GLU K 280 -45.78 -1.92 -39.75
CA GLU K 280 -45.22 -3.26 -39.95
C GLU K 280 -45.97 -4.01 -41.04
N ASN K 281 -47.29 -3.90 -41.06
CA ASN K 281 -48.09 -4.55 -42.09
C ASN K 281 -47.79 -3.98 -43.47
N ASN K 282 -47.66 -2.65 -43.57
CA ASN K 282 -47.36 -2.03 -44.85
C ASN K 282 -45.99 -2.48 -45.37
N ILE K 283 -45.02 -2.63 -44.46
CA ILE K 283 -43.70 -3.10 -44.88
C ILE K 283 -43.74 -4.57 -45.27
N LYS K 284 -44.47 -5.39 -44.50
CA LYS K 284 -44.43 -6.83 -44.70
C LYS K 284 -45.21 -7.25 -45.94
N THR K 285 -46.36 -6.62 -46.19
CA THR K 285 -47.23 -7.03 -47.29
C THR K 285 -46.72 -6.60 -48.65
N LYS K 286 -45.66 -5.80 -48.71
CA LYS K 286 -45.09 -5.42 -50.00
C LYS K 286 -44.38 -6.58 -50.69
N THR K 287 -44.17 -7.69 -50.00
CA THR K 287 -43.61 -8.89 -50.59
C THR K 287 -44.70 -9.93 -50.73
N VAL K 288 -44.97 -10.36 -51.97
CA VAL K 288 -46.04 -11.28 -52.28
C VAL K 288 -45.44 -12.64 -52.65
N PHE K 289 -46.01 -13.69 -52.09
CA PHE K 289 -45.60 -15.07 -52.36
C PHE K 289 -46.52 -15.62 -53.46
N LEU K 290 -45.97 -15.78 -54.66
CA LEU K 290 -46.72 -16.32 -55.77
C LEU K 290 -46.58 -17.85 -55.78
N SER K 291 -47.70 -18.54 -55.63
CA SER K 291 -47.71 -19.99 -55.51
C SER K 291 -48.62 -20.59 -56.57
N GLY K 292 -48.31 -21.82 -56.95
CA GLY K 292 -49.17 -22.56 -57.85
C GLY K 292 -48.36 -23.43 -58.80
N SER K 293 -49.03 -24.45 -59.31
CA SER K 293 -48.51 -25.34 -60.33
C SER K 293 -49.69 -25.80 -61.18
N ALA K 294 -49.49 -25.79 -62.49
CA ALA K 294 -50.62 -26.01 -63.41
C ALA K 294 -50.16 -26.77 -64.62
N VAL K 295 -50.74 -27.94 -64.85
CA VAL K 295 -50.60 -28.64 -66.13
C VAL K 295 -51.79 -28.34 -67.03
N GLU K 296 -53.00 -28.35 -66.48
CA GLU K 296 -54.21 -27.93 -67.18
C GLU K 296 -54.73 -26.65 -66.54
N TYR K 297 -54.93 -25.62 -67.36
CA TYR K 297 -55.29 -24.30 -66.84
C TYR K 297 -56.79 -24.08 -66.78
N ASN K 298 -57.50 -25.03 -66.18
CA ASN K 298 -58.95 -24.95 -65.93
C ASN K 298 -59.66 -24.62 -67.24
N HIS K 299 -60.54 -23.62 -67.29
CA HIS K 299 -61.27 -23.32 -68.52
C HIS K 299 -60.40 -22.62 -69.54
N TRP K 300 -59.50 -21.74 -69.08
CA TRP K 300 -58.66 -20.99 -70.00
C TRP K 300 -57.69 -21.89 -70.74
N GLU K 301 -57.32 -21.47 -71.96
CA GLU K 301 -56.35 -22.20 -72.74
C GLU K 301 -54.94 -22.02 -72.16
N THR K 302 -54.00 -22.81 -72.67
CA THR K 302 -52.64 -22.75 -72.17
C THR K 302 -52.01 -21.38 -72.42
N GLU K 303 -52.06 -20.91 -73.67
CA GLU K 303 -51.44 -19.63 -74.01
C GLU K 303 -52.13 -18.48 -73.29
N HIS K 304 -53.45 -18.52 -73.19
CA HIS K 304 -54.18 -17.46 -72.51
C HIS K 304 -53.78 -17.38 -71.04
N ALA K 305 -53.68 -18.53 -70.37
CA ALA K 305 -53.29 -18.54 -68.96
C ALA K 305 -51.84 -18.11 -68.79
N GLU K 306 -50.96 -18.50 -69.71
CA GLU K 306 -49.57 -18.05 -69.63
C GLU K 306 -49.48 -16.54 -69.76
N GLN K 307 -50.23 -15.97 -70.71
CA GLN K 307 -50.25 -14.51 -70.85
C GLN K 307 -50.83 -13.85 -69.60
N PHE K 308 -51.87 -14.46 -69.02
CA PHE K 308 -52.45 -13.91 -67.79
C PHE K 308 -51.43 -13.88 -66.66
N ILE K 309 -50.69 -14.98 -66.46
CA ILE K 309 -49.70 -15.03 -65.40
C ILE K 309 -48.58 -14.04 -65.67
N HIS K 310 -48.14 -13.95 -66.93
CA HIS K 310 -47.08 -13.01 -67.29
C HIS K 310 -47.48 -11.57 -66.98
N GLN K 311 -48.69 -11.17 -67.40
CA GLN K 311 -49.14 -9.82 -67.17
C GLN K 311 -49.42 -9.56 -65.69
N LEU K 312 -49.89 -10.57 -64.96
CA LEU K 312 -50.09 -10.42 -63.51
C LEU K 312 -48.76 -10.16 -62.81
N SER K 313 -47.72 -10.91 -63.17
CA SER K 313 -46.41 -10.68 -62.57
C SER K 313 -45.84 -9.33 -62.98
N LYS K 314 -46.06 -8.92 -64.23
CA LYS K 314 -45.60 -7.62 -64.67
C LYS K 314 -46.28 -6.50 -63.88
N GLU K 315 -47.59 -6.63 -63.64
CA GLU K 315 -48.30 -5.64 -62.85
C GLU K 315 -47.83 -5.64 -61.40
N LEU K 316 -47.58 -6.83 -60.83
CA LEU K 316 -47.07 -6.91 -59.47
C LEU K 316 -45.73 -6.19 -59.35
N ILE K 317 -44.83 -6.40 -60.30
CA ILE K 317 -43.55 -5.70 -60.28
C ILE K 317 -43.77 -4.20 -60.47
N ARG K 318 -44.68 -3.82 -61.35
CA ARG K 318 -44.93 -2.40 -61.62
C ARG K 318 -45.52 -1.69 -60.41
N LYS K 319 -46.31 -2.41 -59.60
CA LYS K 319 -46.93 -1.83 -58.42
C LYS K 319 -46.01 -1.85 -57.20
N ASP K 320 -44.70 -1.95 -57.41
CA ASP K 320 -43.71 -1.92 -56.33
C ASP K 320 -43.90 -3.07 -55.35
N PHE K 321 -44.11 -4.27 -55.88
CA PHE K 321 -44.18 -5.48 -55.07
C PHE K 321 -42.98 -6.38 -55.36
N ASN K 322 -42.49 -7.04 -54.33
CA ASN K 322 -41.39 -7.99 -54.44
C ASN K 322 -41.97 -9.39 -54.49
N ILE K 323 -41.70 -10.10 -55.58
CA ILE K 323 -42.30 -11.42 -55.83
C ILE K 323 -41.35 -12.50 -55.33
N VAL K 324 -41.87 -13.41 -54.52
CA VAL K 324 -41.15 -14.61 -54.11
C VAL K 324 -41.91 -15.81 -54.65
N SER K 325 -41.24 -16.61 -55.47
CA SER K 325 -41.85 -17.75 -56.13
C SER K 325 -41.05 -19.01 -55.87
N GLY K 326 -41.76 -20.13 -55.73
CA GLY K 326 -41.15 -21.43 -55.58
C GLY K 326 -40.83 -22.13 -56.88
N PHE K 327 -41.01 -21.46 -58.02
CA PHE K 327 -40.77 -22.03 -59.34
C PHE K 327 -41.56 -23.33 -59.54
N GLY K 328 -42.86 -23.23 -59.32
CA GLY K 328 -43.72 -24.38 -59.55
C GLY K 328 -43.81 -24.73 -61.02
N LEU K 329 -44.07 -26.01 -61.28
CA LEU K 329 -44.13 -26.49 -62.65
C LEU K 329 -45.34 -25.89 -63.36
N GLY K 330 -45.08 -25.13 -64.42
CA GLY K 330 -46.13 -24.52 -65.20
C GLY K 330 -46.49 -23.09 -64.81
N VAL K 331 -46.03 -22.61 -63.67
CA VAL K 331 -46.33 -21.24 -63.26
C VAL K 331 -45.05 -20.44 -63.11
N GLY K 332 -43.96 -21.10 -62.74
CA GLY K 332 -42.72 -20.38 -62.42
C GLY K 332 -42.10 -19.69 -63.61
N SER K 333 -42.08 -20.37 -64.76
CA SER K 333 -41.44 -19.79 -65.93
C SER K 333 -42.10 -18.49 -66.36
N PHE K 334 -43.43 -18.44 -66.27
CA PHE K 334 -44.16 -17.28 -66.78
C PHE K 334 -44.14 -16.11 -65.82
N VAL K 335 -44.13 -16.34 -64.51
CA VAL K 335 -43.89 -15.25 -63.59
C VAL K 335 -42.47 -14.73 -63.73
N ILE K 336 -41.51 -15.63 -64.00
CA ILE K 336 -40.15 -15.19 -64.27
C ILE K 336 -40.12 -14.31 -65.53
N ASN K 337 -40.84 -14.72 -66.57
CA ASN K 337 -40.87 -13.94 -67.80
C ASN K 337 -41.51 -12.56 -67.56
N GLY K 338 -42.58 -12.52 -66.78
CA GLY K 338 -43.20 -11.24 -66.46
C GLY K 338 -42.28 -10.31 -65.70
N VAL K 339 -41.58 -10.86 -64.70
CA VAL K 339 -40.63 -10.05 -63.93
C VAL K 339 -39.50 -9.55 -64.84
N LEU K 340 -39.00 -10.42 -65.73
CA LEU K 340 -37.94 -10.02 -66.64
C LEU K 340 -38.40 -8.91 -67.59
N GLU K 341 -39.61 -9.03 -68.12
CA GLU K 341 -40.14 -7.98 -68.99
C GLU K 341 -40.30 -6.67 -68.23
N GLU K 342 -40.77 -6.73 -66.99
CA GLU K 342 -40.97 -5.51 -66.22
C GLU K 342 -39.64 -4.86 -65.84
N LEU K 343 -38.60 -5.67 -65.60
CA LEU K 343 -37.33 -5.14 -65.10
C LEU K 343 -36.35 -4.82 -66.22
N TYR K 344 -36.31 -5.62 -67.29
CA TYR K 344 -35.38 -5.38 -68.39
C TYR K 344 -35.91 -4.21 -69.23
N MET K 345 -35.61 -3.01 -68.77
CA MET K 345 -36.05 -1.79 -69.45
C MET K 345 -35.00 -0.68 -69.34
N GLY K 348 -31.18 -3.56 -68.24
CA GLY K 348 -31.38 -3.66 -66.81
C GLY K 348 -30.95 -5.00 -66.24
N THR K 349 -30.90 -5.09 -64.91
CA THR K 349 -30.50 -6.30 -64.22
C THR K 349 -31.60 -6.72 -63.24
N ILE K 350 -31.53 -7.97 -62.81
CA ILE K 350 -32.51 -8.52 -61.87
C ILE K 350 -32.09 -8.13 -60.46
N ASP K 351 -32.82 -7.19 -59.86
CA ASP K 351 -32.59 -6.85 -58.46
C ASP K 351 -32.94 -8.03 -57.57
N ASP K 352 -32.09 -8.30 -56.58
CA ASP K 352 -32.31 -9.44 -55.71
C ASP K 352 -33.57 -9.30 -54.87
N ASP K 353 -33.95 -8.07 -54.56
CA ASP K 353 -35.15 -7.85 -53.74
C ASP K 353 -36.43 -8.04 -54.55
N ARG K 354 -36.43 -7.63 -55.82
CA ARG K 354 -37.65 -7.65 -56.60
C ARG K 354 -38.14 -9.08 -56.86
N LEU K 355 -37.22 -10.01 -57.15
CA LEU K 355 -37.59 -11.38 -57.47
C LEU K 355 -36.66 -12.33 -56.72
N ILE K 356 -37.23 -13.11 -55.82
CA ILE K 356 -36.50 -14.16 -55.10
C ILE K 356 -37.02 -15.49 -55.61
N LEU K 357 -36.15 -16.27 -56.26
CA LEU K 357 -36.52 -17.55 -56.83
C LEU K 357 -35.96 -18.67 -55.95
N ARG K 358 -36.84 -19.59 -55.56
CA ARG K 358 -36.48 -20.71 -54.70
C ARG K 358 -36.99 -22.02 -55.29
N PRO K 359 -36.37 -22.50 -56.36
CA PRO K 359 -36.76 -23.81 -56.91
C PRO K 359 -36.52 -24.91 -55.90
N PHE K 360 -37.44 -25.86 -55.85
CA PHE K 360 -37.33 -26.94 -54.87
C PHE K 360 -36.30 -27.97 -55.32
N PRO K 361 -35.45 -28.44 -54.41
CA PRO K 361 -34.53 -29.52 -54.77
C PRO K 361 -35.27 -30.77 -55.17
N GLN K 362 -34.73 -31.47 -56.16
CA GLN K 362 -35.34 -32.66 -56.72
C GLN K 362 -34.58 -33.90 -56.25
N GLY K 363 -35.31 -34.87 -55.71
CA GLY K 363 -34.75 -36.10 -55.22
C GLY K 363 -35.22 -36.42 -53.82
N LYS K 364 -34.71 -37.54 -53.30
CA LYS K 364 -35.10 -37.97 -51.96
C LYS K 364 -34.50 -37.06 -50.90
N LYS K 365 -33.27 -36.56 -51.13
CA LYS K 365 -32.64 -35.68 -50.15
C LYS K 365 -33.37 -34.35 -50.04
N GLY K 366 -33.85 -33.82 -51.17
CA GLY K 366 -34.53 -32.54 -51.14
C GLY K 366 -35.85 -32.59 -50.39
N GLU K 367 -36.62 -33.66 -50.59
CA GLU K 367 -37.93 -33.75 -49.95
C GLU K 367 -37.84 -33.83 -48.43
N GLU K 368 -36.69 -34.23 -47.88
CA GLU K 368 -36.53 -34.23 -46.43
C GLU K 368 -36.60 -32.83 -45.86
N GLN K 369 -35.94 -31.88 -46.52
CA GLN K 369 -35.92 -30.49 -46.08
C GLN K 369 -36.90 -29.61 -46.84
N TRP K 370 -37.75 -30.21 -47.68
CA TRP K 370 -38.75 -29.45 -48.42
C TRP K 370 -39.63 -28.61 -47.50
N ASP K 371 -40.02 -29.14 -46.34
CA ASP K 371 -40.92 -28.41 -45.46
C ASP K 371 -40.24 -27.16 -44.90
N LYS K 372 -39.01 -27.29 -44.41
CA LYS K 372 -38.29 -26.13 -43.90
C LYS K 372 -37.98 -25.14 -45.02
N TYR K 373 -37.69 -25.65 -46.22
CA TYR K 373 -37.47 -24.78 -47.36
C TYR K 373 -38.71 -23.95 -47.68
N ARG K 374 -39.87 -24.60 -47.66
CA ARG K 374 -41.14 -23.93 -47.92
C ARG K 374 -41.43 -22.88 -46.84
N ARG K 375 -41.20 -23.24 -45.58
CA ARG K 375 -41.44 -22.28 -44.49
C ARG K 375 -40.52 -21.07 -44.60
N ASP K 376 -39.24 -21.30 -44.89
CA ASP K 376 -38.30 -20.19 -45.05
C ASP K 376 -38.69 -19.32 -46.23
N MET K 377 -39.12 -19.94 -47.34
CA MET K 377 -39.54 -19.18 -48.50
C MET K 377 -40.75 -18.32 -48.20
N ILE K 378 -41.73 -18.86 -47.47
CA ILE K 378 -42.94 -18.11 -47.18
C ILE K 378 -42.70 -17.02 -46.15
N THR K 379 -41.75 -17.24 -45.22
CA THR K 379 -41.52 -16.27 -44.16
C THR K 379 -41.12 -14.90 -44.71
N ARG K 380 -40.48 -14.88 -45.89
CA ARG K 380 -40.05 -13.62 -46.49
C ARG K 380 -41.21 -12.75 -46.97
N THR K 381 -42.42 -13.29 -47.03
CA THR K 381 -43.56 -12.60 -47.63
C THR K 381 -44.63 -12.30 -46.57
N GLY K 382 -45.57 -11.46 -46.97
CA GLY K 382 -46.70 -11.12 -46.10
C GLY K 382 -48.03 -11.33 -46.78
N VAL K 383 -48.01 -11.52 -48.10
CA VAL K 383 -49.20 -11.79 -48.89
C VAL K 383 -48.94 -13.02 -49.74
N SER K 384 -49.87 -13.97 -49.74
CA SER K 384 -49.77 -15.19 -50.53
C SER K 384 -50.86 -15.19 -51.60
N ILE K 385 -50.45 -15.40 -52.85
CA ILE K 385 -51.35 -15.47 -53.99
C ILE K 385 -51.27 -16.88 -54.57
N PHE K 386 -52.41 -17.54 -54.68
CA PHE K 386 -52.48 -18.93 -55.15
C PHE K 386 -53.15 -18.97 -56.51
N LEU K 387 -52.55 -19.71 -57.44
CA LEU K 387 -53.07 -19.85 -58.79
C LEU K 387 -53.09 -21.32 -59.16
N TYR K 388 -54.24 -21.80 -59.66
CA TYR K 388 -54.42 -23.16 -60.16
C TYR K 388 -54.09 -24.13 -59.03
N GLY K 389 -53.10 -25.01 -59.16
CA GLY K 389 -52.80 -25.98 -58.14
C GLY K 389 -53.01 -27.41 -58.60
N ASN K 390 -52.75 -27.65 -59.88
CA ASN K 390 -52.94 -28.97 -60.49
C ASN K 390 -51.62 -29.49 -61.04
N LYS K 391 -51.34 -30.76 -60.76
CA LYS K 391 -50.13 -31.43 -61.24
C LYS K 391 -50.54 -32.70 -61.97
N ILE K 392 -49.55 -33.45 -62.44
CA ILE K 392 -49.76 -34.73 -63.09
C ILE K 392 -48.98 -35.78 -62.30
N ASP K 393 -49.68 -36.84 -61.88
CA ASP K 393 -49.09 -37.91 -61.10
C ASP K 393 -49.02 -39.22 -61.85
N LYS K 394 -50.15 -39.69 -62.39
CA LYS K 394 -50.20 -40.94 -63.15
C LYS K 394 -50.84 -40.73 -64.51
N GLY K 395 -50.53 -39.62 -65.17
CA GLY K 395 -51.11 -39.30 -66.46
C GLY K 395 -52.41 -38.52 -66.40
N GLN K 396 -52.94 -38.27 -65.21
CA GLN K 396 -54.19 -37.54 -65.05
C GLN K 396 -53.96 -36.30 -64.19
N VAL K 397 -54.72 -35.26 -64.48
CA VAL K 397 -54.61 -34.00 -63.74
C VAL K 397 -55.18 -34.21 -62.35
N VAL K 398 -54.34 -34.05 -61.33
CA VAL K 398 -54.73 -34.20 -59.93
C VAL K 398 -54.38 -32.93 -59.20
N LYS K 399 -55.30 -32.44 -58.37
CA LYS K 399 -55.04 -31.23 -57.60
C LYS K 399 -53.82 -31.43 -56.69
N ALA K 400 -52.95 -30.43 -56.67
CA ALA K 400 -51.67 -30.55 -56.00
C ALA K 400 -51.84 -30.51 -54.48
N LYS K 401 -50.79 -30.97 -53.78
CA LYS K 401 -50.77 -30.96 -52.33
C LYS K 401 -49.77 -29.97 -51.75
N GLY K 402 -48.77 -29.55 -52.53
CA GLY K 402 -47.83 -28.55 -52.05
C GLY K 402 -48.49 -27.19 -51.84
N VAL K 403 -49.45 -26.85 -52.71
CA VAL K 403 -50.14 -25.57 -52.56
C VAL K 403 -50.94 -25.53 -51.27
N GLN K 404 -51.52 -26.67 -50.87
CA GLN K 404 -52.23 -26.72 -49.59
C GLN K 404 -51.29 -26.49 -48.43
N SER K 405 -50.10 -27.09 -48.48
CA SER K 405 -49.10 -26.86 -47.44
C SER K 405 -48.66 -25.41 -47.40
N GLU K 406 -48.53 -24.80 -48.56
CA GLU K 406 -48.15 -23.41 -48.65
C GLU K 406 -49.23 -22.55 -48.04
N PHE K 407 -50.50 -22.83 -48.30
CA PHE K 407 -51.61 -22.11 -47.70
C PHE K 407 -51.61 -22.27 -46.18
N ASN K 408 -51.37 -23.49 -45.69
CA ASN K 408 -51.33 -23.70 -44.25
C ASN K 408 -50.20 -22.91 -43.59
N ILE K 409 -49.02 -22.91 -44.22
CA ILE K 409 -47.89 -22.16 -43.68
C ILE K 409 -48.20 -20.67 -43.68
N SER K 410 -48.80 -20.17 -44.77
CA SER K 410 -49.16 -18.76 -44.84
C SER K 410 -50.14 -18.38 -43.75
N PHE K 411 -51.14 -19.22 -43.50
CA PHE K 411 -52.08 -18.92 -42.42
C PHE K 411 -51.40 -18.97 -41.05
N GLU K 412 -50.50 -19.94 -40.85
CA GLU K 412 -49.80 -20.03 -39.56
C GLU K 412 -48.92 -18.82 -39.31
N GLN K 413 -48.43 -18.17 -40.37
CA GLN K 413 -47.61 -16.98 -40.24
C GLN K 413 -48.42 -15.69 -40.29
N ASN K 414 -49.75 -15.80 -40.26
CA ASN K 414 -50.65 -14.64 -40.29
C ASN K 414 -50.51 -13.84 -41.58
N ASN K 415 -50.12 -14.50 -42.66
CA ASN K 415 -50.02 -13.85 -43.96
C ASN K 415 -51.40 -13.77 -44.61
N TYR K 416 -51.61 -12.69 -45.36
CA TYR K 416 -52.85 -12.56 -46.13
C TYR K 416 -52.84 -13.57 -47.28
N VAL K 417 -53.95 -14.26 -47.46
CA VAL K 417 -54.11 -15.27 -48.50
C VAL K 417 -55.07 -14.74 -49.54
N VAL K 418 -54.67 -14.83 -50.82
CA VAL K 418 -55.50 -14.35 -51.91
C VAL K 418 -55.68 -15.49 -52.91
N PRO K 419 -56.53 -16.48 -52.62
CA PRO K 419 -56.76 -17.57 -53.58
C PRO K 419 -57.65 -17.08 -54.73
N VAL K 420 -57.18 -17.29 -55.95
CA VAL K 420 -57.94 -16.90 -57.14
C VAL K 420 -58.76 -18.11 -57.56
N GLY K 421 -60.06 -18.07 -57.26
CA GLY K 421 -60.93 -19.19 -57.58
C GLY K 421 -61.18 -19.40 -59.06
N ALA K 422 -61.02 -18.35 -59.87
CA ALA K 422 -61.21 -18.48 -61.31
C ALA K 422 -60.20 -19.44 -61.91
N THR K 423 -59.02 -19.56 -61.30
CA THR K 423 -58.01 -20.49 -61.79
C THR K 423 -58.34 -21.93 -61.47
N GLY K 424 -59.17 -22.17 -60.46
CA GLY K 424 -59.65 -23.51 -60.17
C GLY K 424 -58.69 -24.36 -59.37
N TYR K 425 -59.09 -25.63 -59.20
CA TYR K 425 -58.29 -26.68 -58.55
C TYR K 425 -58.07 -26.27 -57.09
N ILE K 426 -56.85 -26.38 -56.57
CA ILE K 426 -56.60 -26.06 -55.16
C ILE K 426 -56.87 -24.59 -54.87
N ALA K 427 -56.66 -23.72 -55.87
CA ALA K 427 -57.01 -22.31 -55.68
C ALA K 427 -58.50 -22.14 -55.45
N LYS K 428 -59.33 -22.84 -56.22
CA LYS K 428 -60.77 -22.77 -56.01
C LYS K 428 -61.17 -23.37 -54.67
N ASP K 429 -60.54 -24.48 -54.29
CA ASP K 429 -60.84 -25.08 -53.00
C ASP K 429 -60.48 -24.14 -51.85
N LEU K 430 -59.34 -23.47 -51.96
CA LEU K 430 -58.92 -22.51 -50.94
C LEU K 430 -59.85 -21.31 -50.91
N TRP K 431 -60.29 -20.84 -52.08
CA TRP K 431 -61.24 -19.73 -52.11
C TRP K 431 -62.54 -20.12 -51.43
N ASN K 432 -63.05 -21.33 -51.70
CA ASN K 432 -64.26 -21.80 -51.04
C ASN K 432 -64.06 -21.90 -49.53
N LYS K 433 -62.90 -22.40 -49.10
CA LYS K 433 -62.62 -22.49 -47.67
C LYS K 433 -62.58 -21.13 -47.01
N VAL K 434 -61.96 -20.14 -47.68
CA VAL K 434 -61.90 -18.80 -47.12
C VAL K 434 -63.30 -18.18 -47.06
N ASN K 435 -64.10 -18.37 -48.11
CA ASN K 435 -65.45 -17.83 -48.10
C ASN K 435 -66.33 -18.53 -47.07
N GLU K 436 -65.98 -19.78 -46.71
CA GLU K 436 -66.74 -20.47 -45.67
C GLU K 436 -66.64 -19.76 -44.33
N GLU K 437 -65.44 -19.30 -43.97
CA GLU K 437 -65.21 -18.52 -42.76
C GLU K 437 -64.41 -17.28 -43.16
N PHE K 438 -65.13 -16.23 -43.61
CA PHE K 438 -64.47 -15.03 -44.10
C PHE K 438 -63.96 -14.16 -42.96
N GLU K 439 -64.69 -14.09 -41.84
CA GLU K 439 -64.27 -13.24 -40.73
C GLU K 439 -63.01 -13.78 -40.05
N THR K 440 -62.79 -15.09 -40.11
CA THR K 440 -61.59 -15.66 -39.50
C THR K 440 -60.32 -15.20 -40.20
N TYR K 441 -60.37 -15.11 -41.53
CA TYR K 441 -59.19 -14.73 -42.30
C TYR K 441 -59.12 -13.23 -42.57
N TYR K 442 -60.26 -12.55 -42.69
CA TYR K 442 -60.32 -11.12 -42.95
C TYR K 442 -61.26 -10.46 -41.94
N PRO K 443 -60.85 -10.34 -40.68
CA PRO K 443 -61.70 -9.69 -39.69
C PRO K 443 -61.84 -8.21 -39.97
N GLY K 444 -63.04 -7.69 -39.78
CA GLY K 444 -63.31 -6.28 -40.01
C GLY K 444 -63.09 -5.86 -41.46
N ALA K 445 -63.50 -6.68 -42.41
CA ALA K 445 -63.33 -6.36 -43.82
C ALA K 445 -64.43 -5.40 -44.28
N ASP K 446 -64.06 -4.53 -45.21
CA ASP K 446 -64.99 -3.55 -45.76
C ASP K 446 -65.82 -4.19 -46.87
N ALA K 447 -66.78 -3.40 -47.38
CA ALA K 447 -67.62 -3.89 -48.47
C ALA K 447 -66.82 -4.09 -49.75
N ARG K 448 -65.89 -3.17 -50.04
CA ARG K 448 -65.07 -3.30 -51.25
C ARG K 448 -64.19 -4.55 -51.18
N MET K 449 -63.63 -4.85 -50.02
CA MET K 449 -62.81 -6.05 -49.87
C MET K 449 -63.64 -7.30 -50.11
N LYS K 450 -64.85 -7.36 -49.55
CA LYS K 450 -65.72 -8.51 -49.79
C LYS K 450 -66.10 -8.63 -51.25
N LYS K 451 -66.40 -7.50 -51.90
CA LYS K 451 -66.74 -7.53 -53.32
C LYS K 451 -65.58 -8.04 -54.16
N LEU K 452 -64.37 -7.58 -53.87
CA LEU K 452 -63.19 -8.04 -54.61
C LEU K 452 -62.94 -9.53 -54.37
N PHE K 453 -63.09 -9.98 -53.12
CA PHE K 453 -62.89 -11.40 -52.85
C PHE K 453 -63.92 -12.26 -53.57
N GLY K 454 -65.18 -11.81 -53.62
CA GLY K 454 -66.19 -12.53 -54.38
C GLY K 454 -65.91 -12.52 -55.87
N GLU K 455 -65.43 -11.40 -56.39
CA GLU K 455 -65.11 -11.29 -57.81
C GLU K 455 -63.88 -12.12 -58.18
N LEU K 456 -63.03 -12.45 -57.20
CA LEU K 456 -61.86 -13.29 -57.48
C LEU K 456 -62.25 -14.66 -58.03
N ASN K 457 -63.47 -15.12 -57.78
CA ASN K 457 -63.93 -16.42 -58.27
C ASN K 457 -64.90 -16.29 -59.43
N ASN K 458 -64.66 -15.32 -60.33
CA ASN K 458 -65.50 -15.10 -61.48
C ASN K 458 -64.76 -15.57 -62.73
N GLU K 459 -65.33 -16.55 -63.43
CA GLU K 459 -64.74 -17.06 -64.66
C GLU K 459 -65.09 -16.22 -65.88
N ALA K 460 -66.02 -15.27 -65.76
CA ALA K 460 -66.39 -14.42 -66.87
C ALA K 460 -65.46 -13.24 -67.06
N LEU K 461 -64.58 -12.98 -66.11
CA LEU K 461 -63.63 -11.87 -66.23
C LEU K 461 -62.54 -12.20 -67.25
N SER K 462 -62.10 -11.17 -67.95
CA SER K 462 -60.98 -11.31 -68.88
C SER K 462 -59.66 -11.33 -68.10
N ILE K 463 -58.55 -11.38 -68.84
CA ILE K 463 -57.24 -11.33 -68.19
C ILE K 463 -57.05 -10.00 -67.47
N GLU K 464 -57.35 -8.89 -68.16
CA GLU K 464 -57.15 -7.58 -67.58
C GLU K 464 -58.03 -7.35 -66.36
N GLU K 465 -59.30 -7.76 -66.45
CA GLU K 465 -60.23 -7.55 -65.34
C GLU K 465 -59.82 -8.35 -64.11
N LEU K 466 -59.46 -9.62 -64.31
CA LEU K 466 -59.04 -10.45 -63.19
C LEU K 466 -57.75 -9.94 -62.57
N ILE K 467 -56.80 -9.53 -63.42
CA ILE K 467 -55.54 -8.99 -62.91
C ILE K 467 -55.78 -7.71 -62.12
N ASN K 468 -56.65 -6.84 -62.63
CA ASN K 468 -56.95 -5.59 -61.91
C ASN K 468 -57.63 -5.88 -60.58
N THR K 469 -58.53 -6.87 -60.55
CA THR K 469 -59.17 -7.24 -59.29
C THR K 469 -58.14 -7.74 -58.28
N ILE K 470 -57.23 -8.61 -58.72
CA ILE K 470 -56.20 -9.13 -57.84
C ILE K 470 -55.30 -8.01 -57.33
N ILE K 471 -54.90 -7.10 -58.23
CA ILE K 471 -54.02 -6.01 -57.85
C ILE K 471 -54.69 -5.09 -56.84
N GLU K 472 -55.97 -4.77 -57.07
CA GLU K 472 -56.69 -3.89 -56.16
C GLU K 472 -56.86 -4.55 -54.79
N PHE K 473 -57.16 -5.85 -54.77
CA PHE K 473 -57.28 -6.56 -53.50
C PHE K 473 -55.97 -6.54 -52.74
N VAL K 474 -54.85 -6.83 -53.43
CA VAL K 474 -53.56 -6.85 -52.77
C VAL K 474 -53.18 -5.45 -52.30
N GLU K 475 -53.54 -4.43 -53.06
CA GLU K 475 -53.19 -3.06 -52.69
C GLU K 475 -53.99 -2.59 -51.47
N ILE K 476 -55.28 -2.93 -51.40
CA ILE K 476 -56.05 -2.55 -50.22
C ILE K 476 -55.61 -3.39 -49.02
N LEU K 477 -55.07 -4.59 -49.26
CA LEU K 477 -54.44 -5.32 -48.16
C LEU K 477 -53.17 -4.63 -47.67
N SER K 478 -52.36 -4.13 -48.60
CA SER K 478 -51.08 -3.53 -48.23
C SER K 478 -51.24 -2.08 -47.79
N ASN K 479 -51.76 -1.23 -48.68
CA ASN K 479 -51.93 0.19 -48.38
C ASN K 479 -53.08 0.41 -47.41
N LYS L 5 2.00 -10.95 -56.07
CA LYS L 5 2.09 -10.71 -54.64
C LYS L 5 2.88 -9.44 -54.34
N MET L 6 2.53 -8.79 -53.23
CA MET L 6 3.19 -7.57 -52.78
C MET L 6 3.78 -7.78 -51.40
N ASN L 7 4.24 -6.70 -50.78
CA ASN L 7 4.91 -6.78 -49.50
C ASN L 7 3.95 -7.35 -48.44
N PRO L 8 4.49 -8.07 -47.45
CA PRO L 8 3.61 -8.63 -46.40
C PRO L 8 2.80 -7.59 -45.67
N ILE L 9 3.35 -6.39 -45.47
CA ILE L 9 2.56 -5.30 -44.89
C ILE L 9 1.40 -4.95 -45.81
N VAL L 10 1.67 -4.86 -47.12
CA VAL L 10 0.63 -4.57 -48.08
C VAL L 10 -0.41 -5.67 -48.10
N GLU L 11 0.04 -6.93 -47.99
CA GLU L 11 -0.92 -8.05 -47.98
C GLU L 11 -1.81 -8.01 -46.74
N LEU L 12 -1.23 -7.73 -45.58
CA LEU L 12 -2.03 -7.61 -44.36
C LEU L 12 -3.03 -6.46 -44.48
N PHE L 13 -2.59 -5.32 -45.03
CA PHE L 13 -3.50 -4.20 -45.23
C PHE L 13 -4.62 -4.58 -46.19
N ILE L 14 -4.29 -5.28 -47.27
CA ILE L 14 -5.31 -5.69 -48.24
C ILE L 14 -6.33 -6.60 -47.59
N LYS L 15 -5.88 -7.58 -46.81
CA LYS L 15 -6.81 -8.47 -46.12
C LYS L 15 -7.70 -7.70 -45.17
N ASP L 16 -7.11 -6.84 -44.33
CA ASP L 16 -7.90 -6.12 -43.33
C ASP L 16 -8.89 -5.17 -44.00
N PHE L 17 -8.48 -4.46 -45.05
CA PHE L 17 -9.37 -3.50 -45.67
C PHE L 17 -10.43 -4.18 -46.53
N THR L 18 -10.12 -5.33 -47.13
CA THR L 18 -11.16 -6.10 -47.79
C THR L 18 -12.20 -6.57 -46.78
N LYS L 19 -11.74 -7.00 -45.61
CA LYS L 19 -12.67 -7.36 -44.54
C LYS L 19 -13.54 -6.18 -44.14
N GLU L 20 -12.94 -4.99 -44.03
CA GLU L 20 -13.70 -3.80 -43.67
C GLU L 20 -14.72 -3.43 -44.74
N VAL L 21 -14.34 -3.49 -46.01
CA VAL L 21 -15.23 -3.07 -47.08
C VAL L 21 -16.38 -4.06 -47.24
N MET L 22 -16.09 -5.36 -47.12
CA MET L 22 -17.15 -6.35 -47.24
C MET L 22 -18.22 -6.19 -46.17
N GLU L 23 -17.89 -5.60 -45.03
CA GLU L 23 -18.85 -5.27 -44.01
C GLU L 23 -19.55 -3.94 -44.26
N GLU L 24 -19.16 -3.22 -45.32
CA GLU L 24 -19.75 -1.94 -45.68
C GLU L 24 -19.60 -0.92 -44.55
N ASN L 25 -18.44 -0.94 -43.88
CA ASN L 25 -18.12 0.00 -42.82
C ASN L 25 -16.81 0.74 -43.13
N ALA L 26 -16.50 0.89 -44.41
CA ALA L 26 -15.26 1.53 -44.84
C ALA L 26 -15.58 2.80 -45.61
N ALA L 27 -14.75 3.82 -45.40
CA ALA L 27 -14.88 5.09 -46.08
C ALA L 27 -13.56 5.43 -46.76
N ILE L 28 -13.64 6.26 -47.81
CA ILE L 28 -12.46 6.66 -48.57
C ILE L 28 -12.27 8.16 -48.40
N PHE L 29 -11.09 8.56 -47.94
CA PHE L 29 -10.71 9.97 -47.87
C PHE L 29 -9.72 10.24 -48.98
N ALA L 30 -10.17 10.95 -50.02
CA ALA L 30 -9.35 11.24 -51.18
C ALA L 30 -8.87 12.68 -51.13
N GLY L 31 -7.56 12.87 -51.24
CA GLY L 31 -6.96 14.18 -51.33
C GLY L 31 -6.88 14.65 -52.77
N ALA L 32 -6.23 15.80 -52.95
CA ALA L 32 -6.02 16.32 -54.30
C ALA L 32 -5.04 15.46 -55.08
N GLY L 33 -4.14 14.76 -54.39
CA GLY L 33 -3.14 13.95 -55.08
C GLY L 33 -3.74 12.82 -55.88
N LEU L 34 -4.93 12.36 -55.49
CA LEU L 34 -5.61 11.32 -56.27
C LEU L 34 -6.04 11.82 -57.64
N SER L 35 -6.15 13.13 -57.83
CA SER L 35 -6.54 13.70 -59.10
C SER L 35 -5.39 14.36 -59.85
N MET L 36 -4.15 14.19 -59.36
CA MET L 36 -3.00 14.80 -60.01
C MET L 36 -2.47 13.98 -61.18
N SER L 37 -2.86 12.71 -61.29
CA SER L 37 -2.48 11.88 -62.42
C SER L 37 -3.50 11.92 -63.55
N VAL L 38 -4.60 12.64 -63.37
CA VAL L 38 -5.68 12.63 -64.37
C VAL L 38 -5.35 13.58 -65.52
N GLY L 39 -4.71 14.71 -65.23
CA GLY L 39 -4.38 15.67 -66.26
C GLY L 39 -4.50 17.11 -65.80
N TYR L 40 -5.07 17.31 -64.62
CA TYR L 40 -5.14 18.65 -64.05
C TYR L 40 -3.74 19.14 -63.70
N VAL L 41 -3.45 20.39 -64.07
CA VAL L 41 -2.15 20.95 -63.75
C VAL L 41 -2.05 21.20 -62.25
N SER L 42 -0.82 21.25 -61.75
CA SER L 42 -0.58 21.39 -60.33
C SER L 42 -1.07 22.74 -59.83
N TRP L 43 -1.51 22.77 -58.57
CA TRP L 43 -2.00 24.00 -57.96
C TRP L 43 -0.91 25.05 -57.86
N ALA L 44 0.34 24.62 -57.64
CA ALA L 44 1.46 25.55 -57.66
C ALA L 44 1.64 26.17 -59.05
N LYS L 45 1.44 25.38 -60.10
CA LYS L 45 1.53 25.93 -61.45
C LYS L 45 0.44 26.97 -61.68
N LEU L 46 -0.77 26.73 -61.18
CA LEU L 46 -1.83 27.71 -61.29
C LEU L 46 -1.51 28.98 -60.51
N LEU L 47 -0.92 28.84 -59.33
CA LEU L 47 -0.57 29.98 -58.50
C LEU L 47 0.71 30.69 -58.94
N GLU L 48 1.45 30.12 -59.89
CA GLU L 48 2.68 30.75 -60.34
C GLU L 48 2.48 32.19 -60.83
N PRO L 49 1.51 32.49 -61.72
CA PRO L 49 1.25 33.91 -62.01
C PRO L 49 0.74 34.68 -60.81
N ILE L 50 -0.03 34.02 -59.94
CA ILE L 50 -0.50 34.66 -58.71
C ILE L 50 0.67 35.04 -57.83
N ALA L 51 1.65 34.13 -57.68
CA ALA L 51 2.84 34.46 -56.91
C ALA L 51 3.66 35.56 -57.57
N GLN L 52 3.76 35.53 -58.90
CA GLN L 52 4.52 36.56 -59.60
C GLN L 52 3.89 37.94 -59.46
N GLU L 53 2.56 38.00 -59.35
CA GLU L 53 1.89 39.29 -59.22
C GLU L 53 2.30 40.01 -57.93
N ILE L 54 2.46 39.26 -56.84
CA ILE L 54 2.76 39.86 -55.54
C ILE L 54 4.28 39.87 -55.32
N GLY L 55 5.04 39.54 -56.35
CA GLY L 55 6.48 39.59 -56.27
C GLY L 55 7.15 38.38 -55.67
N LEU L 56 6.41 37.30 -55.42
CA LEU L 56 6.98 36.08 -54.87
C LEU L 56 7.18 35.06 -55.99
N ASP L 57 7.72 33.90 -55.62
CA ASP L 57 7.97 32.81 -56.55
C ASP L 57 7.35 31.55 -55.98
N VAL L 58 6.45 30.92 -56.74
CA VAL L 58 5.72 29.77 -56.23
C VAL L 58 6.64 28.59 -55.98
N ASN L 59 7.75 28.50 -56.72
CA ASN L 59 8.69 27.40 -56.50
C ASN L 59 9.40 27.54 -55.16
N LYS L 60 9.64 28.77 -54.71
CA LYS L 60 10.27 29.02 -53.42
C LYS L 60 9.28 29.00 -52.26
N GLU L 61 8.02 28.76 -52.54
CA GLU L 61 7.00 28.77 -51.54
C GLU L 61 6.48 27.41 -51.33
N ASN L 62 6.29 27.03 -50.10
CA ASN L 62 5.71 25.74 -49.78
C ASN L 62 4.28 25.84 -49.26
N ASP L 63 3.95 26.89 -48.52
CA ASP L 63 2.60 27.09 -48.01
C ASP L 63 1.85 27.93 -49.03
N LEU L 64 1.12 27.25 -49.92
CA LEU L 64 0.37 27.94 -50.96
C LEU L 64 -0.87 28.62 -50.41
N VAL L 65 -1.39 28.17 -49.27
CA VAL L 65 -2.51 28.85 -48.63
C VAL L 65 -2.12 30.27 -48.23
N SER L 66 -0.95 30.41 -47.61
CA SER L 66 -0.46 31.74 -47.26
C SER L 66 -0.15 32.57 -48.50
N LEU L 67 0.30 31.93 -49.59
CA LEU L 67 0.54 32.66 -50.83
C LEU L 67 -0.76 33.24 -51.38
N ALA L 68 -1.81 32.43 -51.42
CA ALA L 68 -3.11 32.92 -51.88
C ALA L 68 -3.66 34.00 -50.95
N GLN L 69 -3.44 33.84 -49.64
CA GLN L 69 -3.87 34.86 -48.70
C GLN L 69 -3.14 36.18 -48.94
N TYR L 70 -1.83 36.11 -49.20
CA TYR L 70 -1.07 37.32 -49.52
C TYR L 70 -1.59 37.98 -50.78
N TYR L 71 -1.90 37.17 -51.81
CA TYR L 71 -2.46 37.71 -53.04
C TYR L 71 -3.78 38.42 -52.78
N CYS L 72 -4.65 37.81 -51.96
CA CYS L 72 -5.92 38.45 -51.63
C CYS L 72 -5.70 39.73 -50.83
N ASN L 73 -4.71 39.73 -49.94
CA ASN L 73 -4.41 40.93 -49.17
C ASN L 73 -3.95 42.07 -50.08
N GLU L 74 -3.16 41.74 -51.10
CA GLU L 74 -2.71 42.74 -52.06
C GLU L 74 -3.83 43.26 -52.94
N ASN L 75 -5.01 42.65 -52.91
CA ASN L 75 -6.14 43.04 -53.74
C ASN L 75 -7.39 43.32 -52.91
N GLN L 76 -7.20 43.81 -51.68
CA GLN L 76 -8.30 44.20 -50.79
C GLN L 76 -9.23 43.03 -50.48
N GLY L 77 -8.70 41.81 -50.46
CA GLY L 77 -9.50 40.65 -50.12
C GLY L 77 -10.31 40.07 -51.25
N ASN L 78 -10.06 40.48 -52.50
CA ASN L 78 -10.85 40.00 -53.62
C ASN L 78 -10.30 38.66 -54.13
N ARG L 79 -11.21 37.72 -54.39
CA ARG L 79 -10.85 36.37 -54.80
C ARG L 79 -11.26 36.06 -56.23
N GLY L 80 -11.67 37.07 -57.02
CA GLY L 80 -12.17 36.80 -58.35
C GLY L 80 -11.18 36.08 -59.24
N ARG L 81 -9.90 36.49 -59.17
CA ARG L 81 -8.87 35.88 -60.02
C ARG L 81 -8.68 34.41 -59.66
N ILE L 82 -8.59 34.10 -58.35
CA ILE L 82 -8.38 32.72 -57.92
C ILE L 82 -9.61 31.87 -58.25
N ASN L 83 -10.80 32.44 -58.05
CA ASN L 83 -12.02 31.72 -58.41
C ASN L 83 -12.05 31.38 -59.90
N GLN L 84 -11.68 32.35 -60.74
CA GLN L 84 -11.65 32.10 -62.17
C GLN L 84 -10.61 31.04 -62.52
N ILE L 85 -9.45 31.09 -61.85
CA ILE L 85 -8.40 30.12 -62.13
C ILE L 85 -8.86 28.70 -61.80
N ILE L 86 -9.45 28.52 -60.63
CA ILE L 86 -9.86 27.17 -60.23
C ILE L 86 -11.03 26.69 -61.08
N LEU L 87 -11.95 27.60 -61.43
CA LEU L 87 -13.06 27.21 -62.30
C LEU L 87 -12.57 26.81 -63.68
N ASP L 88 -11.59 27.54 -64.22
CA ASP L 88 -11.06 27.21 -65.54
C ASP L 88 -10.30 25.89 -65.52
N GLU L 89 -9.56 25.63 -64.44
CA GLU L 89 -8.70 24.44 -64.43
C GLU L 89 -9.49 23.18 -64.08
N PHE L 90 -10.16 23.17 -62.93
CA PHE L 90 -10.69 21.92 -62.40
C PHE L 90 -12.05 21.56 -62.98
N SER L 91 -12.63 22.38 -63.85
CA SER L 91 -13.89 22.04 -64.52
C SER L 91 -13.67 21.46 -65.92
N ARG L 92 -12.42 21.26 -66.33
CA ARG L 92 -12.15 20.71 -67.64
C ARG L 92 -12.58 19.24 -67.71
N LYS L 93 -12.84 18.78 -68.94
CA LYS L 93 -13.25 17.40 -69.18
C LYS L 93 -12.01 16.54 -69.32
N VAL L 94 -11.81 15.61 -68.38
CA VAL L 94 -10.65 14.74 -68.36
C VAL L 94 -11.13 13.31 -68.19
N ASP L 95 -10.44 12.38 -68.86
CA ASP L 95 -10.78 10.97 -68.73
C ASP L 95 -10.45 10.46 -67.34
N LEU L 96 -11.35 9.66 -66.77
CA LEU L 96 -11.16 9.13 -65.43
C LEU L 96 -9.98 8.17 -65.39
N THR L 97 -9.22 8.24 -64.29
CA THR L 97 -8.16 7.29 -64.06
C THR L 97 -8.72 5.98 -63.53
N GLU L 98 -7.86 4.95 -63.51
CA GLU L 98 -8.30 3.64 -63.08
C GLU L 98 -8.66 3.62 -61.60
N ASN L 99 -7.99 4.44 -60.79
CA ASN L 99 -8.26 4.47 -59.35
C ASN L 99 -9.69 4.88 -59.07
N HIS L 100 -10.18 5.94 -59.75
CA HIS L 100 -11.54 6.39 -59.53
C HIS L 100 -12.54 5.33 -59.93
N LYS L 101 -12.31 4.64 -61.05
CA LYS L 101 -13.22 3.60 -61.49
C LYS L 101 -13.25 2.43 -60.52
N ILE L 102 -12.08 2.02 -60.01
CA ILE L 102 -12.05 0.92 -59.05
C ILE L 102 -12.76 1.32 -57.76
N LEU L 103 -12.52 2.55 -57.28
CA LEU L 103 -13.19 3.00 -56.06
C LEU L 103 -14.69 3.07 -56.26
N ALA L 104 -15.14 3.48 -57.44
CA ALA L 104 -16.57 3.48 -57.73
C ALA L 104 -17.13 2.06 -57.75
N ARG L 105 -16.37 1.10 -58.27
CA ARG L 105 -16.84 -0.28 -58.30
C ARG L 105 -16.87 -0.92 -56.91
N LEU L 106 -16.10 -0.41 -55.97
CA LEU L 106 -16.08 -1.00 -54.63
C LEU L 106 -17.33 -0.62 -53.86
N PRO L 107 -17.79 -1.49 -52.95
CA PRO L 107 -18.99 -1.17 -52.17
C PRO L 107 -18.70 -0.19 -51.05
N ILE L 108 -18.23 1.00 -51.40
CA ILE L 108 -17.90 2.06 -50.44
C ILE L 108 -18.98 3.12 -50.52
N HIS L 109 -19.60 3.41 -49.38
CA HIS L 109 -20.74 4.31 -49.33
C HIS L 109 -20.39 5.71 -48.82
N THR L 110 -19.13 5.96 -48.46
CA THR L 110 -18.74 7.23 -47.90
C THR L 110 -17.43 7.68 -48.52
N TYR L 111 -17.44 8.85 -49.15
CA TYR L 111 -16.24 9.49 -49.65
C TYR L 111 -16.13 10.88 -49.03
N TRP L 112 -14.92 11.23 -48.61
CA TRP L 112 -14.60 12.57 -48.13
C TRP L 112 -13.46 13.10 -48.99
N THR L 113 -13.68 14.23 -49.65
CA THR L 113 -12.72 14.74 -50.61
C THR L 113 -12.33 16.17 -50.27
N THR L 114 -11.04 16.47 -50.41
CA THR L 114 -10.55 17.83 -50.34
C THR L 114 -10.29 18.42 -51.72
N ALA L 115 -10.61 17.67 -52.78
CA ALA L 115 -10.46 18.13 -54.14
C ALA L 115 -11.75 18.76 -54.65
N TYR L 116 -11.62 19.79 -55.48
CA TYR L 116 -12.77 20.50 -56.01
C TYR L 116 -13.35 19.86 -57.27
N ASP L 117 -12.58 19.04 -57.96
CA ASP L 117 -13.05 18.40 -59.18
C ASP L 117 -14.16 17.40 -58.87
N ARG L 118 -14.83 16.95 -59.94
CA ARG L 118 -15.95 16.02 -59.84
C ARG L 118 -15.60 14.65 -60.37
N LEU L 119 -14.36 14.21 -60.17
CA LEU L 119 -13.93 12.92 -60.72
C LEU L 119 -14.58 11.75 -59.99
N ILE L 120 -14.71 11.84 -58.67
CA ILE L 120 -15.40 10.80 -57.91
C ILE L 120 -16.86 10.72 -58.33
N GLU L 121 -17.51 11.87 -58.48
CA GLU L 121 -18.91 11.89 -58.89
C GLU L 121 -19.08 11.27 -60.27
N LYS L 122 -18.19 11.60 -61.21
CA LYS L 122 -18.28 11.04 -62.55
C LYS L 122 -18.01 9.54 -62.54
N ALA L 123 -17.06 9.09 -61.72
CA ALA L 123 -16.77 7.67 -61.62
C ALA L 123 -17.96 6.90 -61.05
N LEU L 124 -18.64 7.49 -60.06
CA LEU L 124 -19.85 6.85 -59.52
C LEU L 124 -20.97 6.86 -60.53
N GLU L 125 -21.10 7.93 -61.32
CA GLU L 125 -22.14 8.00 -62.33
C GLU L 125 -21.93 6.95 -63.42
N GLU L 126 -20.68 6.77 -63.86
CA GLU L 126 -20.39 5.81 -64.92
C GLU L 126 -20.58 4.37 -64.48
N GLU L 127 -20.71 4.12 -63.18
CA GLU L 127 -21.02 2.79 -62.66
C GLU L 127 -22.50 2.60 -62.40
N ASN L 128 -23.35 3.52 -62.89
CA ASN L 128 -24.79 3.48 -62.65
C ASN L 128 -25.11 3.48 -61.16
N LYS L 129 -24.34 4.26 -60.40
CA LYS L 129 -24.55 4.41 -58.97
C LYS L 129 -25.05 5.82 -58.68
N ILE L 130 -25.98 5.92 -57.72
CA ILE L 130 -26.53 7.20 -57.32
C ILE L 130 -25.61 7.81 -56.26
N ALA L 131 -25.04 8.98 -56.57
CA ALA L 131 -24.11 9.66 -55.69
C ALA L 131 -24.78 10.90 -55.10
N ASP L 132 -24.72 11.04 -53.78
CA ASP L 132 -25.27 12.18 -53.07
C ASP L 132 -24.10 13.09 -52.71
N VAL L 133 -23.86 14.10 -53.53
CA VAL L 133 -22.71 14.98 -53.38
C VAL L 133 -23.08 16.13 -52.45
N LYS L 134 -22.25 16.37 -51.44
CA LYS L 134 -22.52 17.38 -50.43
C LYS L 134 -21.30 18.29 -50.30
N TYR L 135 -21.51 19.58 -50.52
CA TYR L 135 -20.48 20.58 -50.27
C TYR L 135 -21.05 21.83 -49.61
N THR L 136 -22.34 21.81 -49.25
CA THR L 136 -22.99 22.92 -48.57
C THR L 136 -23.63 22.40 -47.29
N VAL L 137 -23.70 23.26 -46.27
CA VAL L 137 -24.30 22.87 -45.00
C VAL L 137 -25.76 22.49 -45.19
N LYS L 138 -26.46 23.22 -46.07
CA LYS L 138 -27.87 22.91 -46.33
C LYS L 138 -28.03 21.51 -46.93
N GLN L 139 -27.13 21.12 -47.82
CA GLN L 139 -27.23 19.83 -48.49
C GLN L 139 -27.16 18.66 -47.52
N LEU L 140 -26.63 18.87 -46.31
CA LEU L 140 -26.62 17.81 -45.32
C LEU L 140 -28.01 17.45 -44.82
N ALA L 141 -28.98 18.36 -44.97
CA ALA L 141 -30.33 18.12 -44.46
C ALA L 141 -31.19 17.30 -45.42
N THR L 142 -30.73 17.04 -46.63
CA THR L 142 -31.48 16.26 -47.62
C THR L 142 -30.65 15.07 -48.05
N THR L 143 -31.30 13.91 -48.15
CA THR L 143 -30.67 12.67 -48.57
C THR L 143 -31.32 12.16 -49.84
N LYS L 144 -30.50 11.79 -50.82
CA LYS L 144 -31.02 11.19 -52.04
C LYS L 144 -31.58 9.81 -51.75
N VAL L 145 -32.68 9.48 -52.41
CA VAL L 145 -33.33 8.19 -52.23
C VAL L 145 -32.57 7.13 -53.02
N LYS L 146 -32.34 5.98 -52.38
CA LYS L 146 -31.64 4.84 -52.99
C LYS L 146 -30.23 5.21 -53.44
N ARG L 147 -29.56 6.08 -52.68
CA ARG L 147 -28.19 6.46 -53.01
C ARG L 147 -27.23 5.33 -52.69
N ASP L 148 -26.20 5.18 -53.52
CA ASP L 148 -25.20 4.15 -53.29
C ASP L 148 -24.05 4.67 -52.42
N ALA L 149 -23.65 5.92 -52.60
CA ALA L 149 -22.58 6.52 -51.83
C ALA L 149 -22.88 7.99 -51.62
N VAL L 150 -22.28 8.57 -50.59
CA VAL L 150 -22.38 9.99 -50.30
C VAL L 150 -20.97 10.57 -50.36
N VAL L 151 -20.82 11.66 -51.10
CA VAL L 151 -19.54 12.33 -51.30
C VAL L 151 -19.61 13.68 -50.58
N TYR L 152 -18.74 13.85 -49.59
CA TYR L 152 -18.62 15.11 -48.86
C TYR L 152 -17.41 15.84 -49.43
N LYS L 153 -17.68 16.87 -50.24
CA LYS L 153 -16.63 17.75 -50.74
C LYS L 153 -16.44 18.83 -49.68
N MET L 154 -15.52 18.59 -48.76
CA MET L 154 -15.38 19.43 -47.59
C MET L 154 -14.60 20.71 -47.86
N HIS L 155 -14.00 20.85 -49.04
CA HIS L 155 -13.32 22.08 -49.42
C HIS L 155 -14.07 22.85 -50.50
N GLY L 156 -15.28 22.43 -50.86
CA GLY L 156 -16.09 23.09 -51.84
C GLY L 156 -16.07 22.38 -53.18
N ASP L 157 -16.90 22.89 -54.09
CA ASP L 157 -17.06 22.35 -55.42
C ASP L 157 -16.38 23.25 -56.45
N VAL L 158 -16.06 22.68 -57.61
CA VAL L 158 -15.44 23.45 -58.67
C VAL L 158 -16.43 24.46 -59.26
N GLU L 159 -17.70 24.07 -59.35
CA GLU L 159 -18.71 24.95 -59.92
C GLU L 159 -19.11 26.09 -58.99
N HIS L 160 -18.61 26.08 -57.76
CA HIS L 160 -18.84 27.16 -56.79
C HIS L 160 -17.48 27.63 -56.28
N PRO L 161 -16.70 28.29 -57.13
CA PRO L 161 -15.33 28.66 -56.75
C PRO L 161 -15.26 29.60 -55.55
N SER L 162 -16.27 30.44 -55.34
CA SER L 162 -16.22 31.43 -54.26
C SER L 162 -16.29 30.79 -52.88
N GLU L 163 -16.76 29.54 -52.78
CA GLU L 163 -16.87 28.86 -51.50
C GLU L 163 -15.77 27.82 -51.31
N ALA L 164 -14.79 27.77 -52.20
CA ALA L 164 -13.67 26.85 -52.05
C ALA L 164 -12.72 27.31 -50.96
N VAL L 165 -12.19 26.36 -50.20
CA VAL L 165 -11.25 26.65 -49.13
C VAL L 165 -9.85 26.72 -49.73
N LEU L 166 -9.35 27.94 -49.93
CA LEU L 166 -8.06 28.12 -50.60
C LEU L 166 -7.12 29.01 -49.78
N ILE L 167 -7.66 30.01 -49.12
CA ILE L 167 -6.86 31.02 -48.43
C ILE L 167 -6.95 30.81 -46.93
N LYS L 168 -6.10 31.51 -46.18
CA LYS L 168 -6.07 31.36 -44.73
C LYS L 168 -7.36 31.81 -44.09
N ASP L 169 -8.05 32.79 -44.68
CA ASP L 169 -9.33 33.22 -44.15
C ASP L 169 -10.35 32.08 -44.18
N ASP L 170 -10.37 31.32 -45.27
CA ASP L 170 -11.28 30.18 -45.37
C ASP L 170 -11.00 29.15 -44.30
N TYR L 171 -9.72 28.84 -44.05
CA TYR L 171 -9.37 27.87 -43.02
C TYR L 171 -9.72 28.40 -41.64
N GLU L 172 -9.61 29.68 -41.39
CA GLU L 172 -9.87 30.29 -40.12
C GLU L 172 -11.32 30.43 -39.83
N LYS L 173 -12.14 30.51 -40.85
CA LYS L 173 -13.58 30.55 -40.68
C LYS L 173 -14.26 29.20 -40.94
N TYR L 174 -13.50 28.17 -41.30
CA TYR L 174 -14.09 26.86 -41.54
C TYR L 174 -14.72 26.29 -40.29
N SER L 175 -14.07 26.44 -39.14
CA SER L 175 -14.57 25.84 -37.91
C SER L 175 -15.92 26.42 -37.49
N ILE L 176 -16.25 27.62 -37.96
CA ILE L 176 -17.54 28.24 -37.67
C ILE L 176 -18.54 28.00 -38.79
N LYS L 177 -18.14 28.27 -40.04
CA LYS L 177 -19.06 28.15 -41.16
C LYS L 177 -19.41 26.69 -41.44
N MET L 178 -18.40 25.82 -41.48
CA MET L 178 -18.57 24.43 -41.87
C MET L 178 -18.46 23.49 -40.67
N ASP L 179 -18.95 23.93 -39.51
CA ASP L 179 -18.95 23.08 -38.32
C ASP L 179 -19.73 21.78 -38.50
N PRO L 180 -20.91 21.76 -39.15
CA PRO L 180 -21.58 20.47 -39.35
C PRO L 180 -20.73 19.46 -40.12
N TYR L 181 -19.92 19.92 -41.08
CA TYR L 181 -19.04 19.00 -41.78
C TYR L 181 -17.95 18.48 -40.86
N ILE L 182 -17.45 19.31 -39.95
CA ILE L 182 -16.49 18.85 -38.95
C ILE L 182 -17.11 17.77 -38.07
N LYS L 183 -18.35 17.99 -37.62
CA LYS L 183 -19.04 17.00 -36.80
C LYS L 183 -19.26 15.70 -37.57
N ALA L 184 -19.65 15.80 -38.84
CA ALA L 184 -19.87 14.60 -39.66
C ALA L 184 -18.57 13.83 -39.85
N LEU L 185 -17.46 14.55 -40.12
CA LEU L 185 -16.19 13.87 -40.33
C LEU L 185 -15.69 13.23 -39.04
N SER L 186 -15.91 13.88 -37.89
CA SER L 186 -15.57 13.26 -36.61
C SER L 186 -16.38 12.00 -36.39
N GLY L 187 -17.68 12.04 -36.66
CA GLY L 187 -18.51 10.86 -36.50
C GLY L 187 -18.08 9.73 -37.42
N ASP L 188 -17.72 10.05 -38.66
CA ASP L 188 -17.25 9.02 -39.58
C ASP L 188 -15.91 8.45 -39.12
N LEU L 189 -15.00 9.31 -38.64
CA LEU L 189 -13.70 8.83 -38.18
C LEU L 189 -13.83 7.94 -36.96
N VAL L 190 -14.84 8.17 -36.12
CA VAL L 190 -15.02 7.30 -34.96
C VAL L 190 -15.91 6.09 -35.26
N SER L 191 -16.68 6.11 -36.35
CA SER L 191 -17.60 5.02 -36.67
C SER L 191 -17.23 4.23 -37.92
N LYS L 192 -16.30 4.72 -38.74
CA LYS L 192 -15.95 4.06 -39.98
C LYS L 192 -14.45 3.92 -40.08
N THR L 193 -14.01 2.94 -40.87
CA THR L 193 -12.60 2.70 -41.14
C THR L 193 -12.20 3.43 -42.41
N PHE L 194 -11.34 4.45 -42.27
CA PHE L 194 -10.97 5.30 -43.38
C PHE L 194 -9.71 4.80 -44.08
N LEU L 195 -9.64 5.06 -45.37
CA LEU L 195 -8.44 4.87 -46.17
C LEU L 195 -8.10 6.21 -46.81
N PHE L 196 -6.95 6.78 -46.44
CA PHE L 196 -6.50 8.06 -46.97
C PHE L 196 -5.65 7.82 -48.21
N VAL L 197 -6.13 8.29 -49.35
CA VAL L 197 -5.43 8.14 -50.62
C VAL L 197 -5.20 9.53 -51.21
N GLY L 198 -3.96 9.82 -51.59
CA GLY L 198 -3.63 11.10 -52.16
C GLY L 198 -3.62 12.26 -51.18
N PHE L 199 -3.59 11.98 -49.89
CA PHE L 199 -3.65 13.01 -48.87
C PHE L 199 -2.28 13.19 -48.23
N SER L 200 -1.82 14.44 -48.15
CA SER L 200 -0.51 14.75 -47.61
C SER L 200 -0.53 15.04 -46.11
N PHE L 201 -1.72 15.11 -45.50
CA PHE L 201 -1.87 15.35 -44.07
C PHE L 201 -1.22 16.67 -43.65
N THR L 202 -1.27 17.66 -44.53
CA THR L 202 -0.82 19.01 -44.23
C THR L 202 -1.98 20.00 -44.21
N ASP L 203 -3.21 19.50 -44.15
CA ASP L 203 -4.39 20.35 -44.16
C ASP L 203 -4.72 20.78 -42.73
N PRO L 204 -4.80 22.08 -42.44
CA PRO L 204 -5.11 22.51 -41.07
C PRO L 204 -6.46 22.00 -40.55
N ASN L 205 -7.47 21.91 -41.41
CA ASN L 205 -8.77 21.42 -40.98
C ASN L 205 -8.70 19.95 -40.57
N LEU L 206 -8.02 19.13 -41.36
CA LEU L 206 -7.89 17.71 -41.01
C LEU L 206 -7.05 17.53 -39.76
N ASP L 207 -5.99 18.34 -39.61
CA ASP L 207 -5.21 18.28 -38.38
C ASP L 207 -6.06 18.64 -37.17
N TYR L 208 -6.89 19.68 -37.29
CA TYR L 208 -7.77 20.08 -36.20
C TYR L 208 -8.76 18.97 -35.86
N ILE L 209 -9.38 18.36 -36.87
CA ILE L 209 -10.37 17.32 -36.63
C ILE L 209 -9.72 16.09 -36.00
N LEU L 210 -8.55 15.69 -36.51
CA LEU L 210 -7.86 14.54 -35.95
C LEU L 210 -7.41 14.81 -34.52
N SER L 211 -6.96 16.03 -34.22
CA SER L 211 -6.58 16.37 -32.86
C SER L 211 -7.77 16.33 -31.93
N ARG L 212 -8.94 16.79 -32.39
CA ARG L 212 -10.14 16.72 -31.56
C ARG L 212 -10.55 15.27 -31.31
N VAL L 213 -10.50 14.43 -32.34
CA VAL L 213 -10.86 13.02 -32.17
C VAL L 213 -9.89 12.33 -31.22
N ARG L 214 -8.60 12.64 -31.35
CA ARG L 214 -7.61 12.08 -30.44
C ARG L 214 -7.85 12.52 -29.01
N SER L 215 -8.10 13.81 -28.80
CA SER L 215 -8.39 14.31 -27.46
C SER L 215 -9.63 13.65 -26.87
N ALA L 216 -10.62 13.33 -27.72
CA ALA L 216 -11.84 12.73 -27.24
C ALA L 216 -11.67 11.24 -26.92
N TYR L 217 -10.84 10.51 -27.67
CA TYR L 217 -10.83 9.05 -27.57
C TYR L 217 -9.54 8.46 -27.04
N GLU L 218 -8.50 9.26 -26.79
CA GLU L 218 -7.25 8.82 -26.16
C GLU L 218 -6.67 7.65 -26.95
N ARG L 219 -6.34 6.53 -26.33
CA ARG L 219 -5.74 5.39 -27.01
C ARG L 219 -6.77 4.47 -27.66
N ASP L 220 -8.05 4.78 -27.52
CA ASP L 220 -9.13 3.95 -28.05
C ASP L 220 -9.61 4.44 -29.40
N GLN L 221 -8.78 5.19 -30.12
CA GLN L 221 -9.12 5.66 -31.44
C GLN L 221 -9.24 4.49 -32.41
N ARG L 222 -10.15 4.63 -33.37
CA ARG L 222 -10.34 3.63 -34.40
C ARG L 222 -9.15 3.63 -35.37
N ARG L 223 -8.66 2.49 -35.76
CA ARG L 223 -7.59 2.45 -36.69
C ARG L 223 -8.00 2.77 -38.06
N HIS L 224 -7.22 3.58 -38.71
CA HIS L 224 -7.41 4.00 -40.08
C HIS L 224 -6.15 3.69 -40.89
N TYR L 225 -6.27 3.80 -42.21
CA TYR L 225 -5.16 3.50 -43.09
C TYR L 225 -4.90 4.68 -44.03
N CYS L 226 -3.63 4.85 -44.37
CA CYS L 226 -3.20 5.83 -45.35
C CYS L 226 -2.21 5.18 -46.30
N LEU L 227 -2.17 5.67 -47.53
CA LEU L 227 -1.22 5.20 -48.53
C LEU L 227 -0.30 6.34 -48.90
N ILE L 228 1.00 6.19 -48.63
CA ILE L 228 1.99 7.24 -48.86
C ILE L 228 3.13 6.66 -49.66
N LYS L 229 3.56 7.37 -50.70
CA LYS L 229 4.70 6.94 -51.49
C LYS L 229 6.00 7.33 -50.80
N LYS L 230 7.00 6.46 -50.89
CA LYS L 230 8.28 6.72 -50.27
C LYS L 230 9.02 7.84 -51.01
N GLU L 231 9.95 8.47 -50.31
CA GLU L 231 10.73 9.54 -50.90
C GLU L 231 11.66 9.01 -51.99
N GLU L 232 11.77 9.76 -53.08
CA GLU L 232 12.60 9.40 -54.21
C GLU L 232 13.77 10.38 -54.32
N ARG L 233 14.94 9.85 -54.68
CA ARG L 233 16.14 10.68 -54.78
C ARG L 233 16.03 11.58 -56.00
N ARG L 234 15.96 12.89 -55.76
CA ARG L 234 15.92 13.85 -56.85
C ARG L 234 17.27 13.90 -57.56
N PRO L 235 17.28 14.20 -58.87
CA PRO L 235 18.57 14.22 -59.60
C PRO L 235 19.56 15.22 -59.04
N ASP L 236 19.11 16.39 -58.59
CA ASP L 236 20.02 17.39 -58.05
C ASP L 236 20.47 17.06 -56.63
N GLU L 237 19.66 16.33 -55.87
CA GLU L 237 19.94 16.09 -54.47
C GLU L 237 21.11 15.13 -54.29
N LEU L 238 21.76 15.23 -53.13
CA LEU L 238 22.83 14.33 -52.73
C LEU L 238 22.27 13.19 -51.89
N GLU L 239 23.14 12.23 -51.58
CA GLU L 239 22.72 11.08 -50.78
C GLU L 239 22.31 11.51 -49.37
N ALA L 240 23.06 12.45 -48.77
CA ALA L 240 22.74 12.88 -47.41
C ALA L 240 21.38 13.56 -47.35
N ASP L 241 21.07 14.40 -48.33
CA ASP L 241 19.76 15.06 -48.35
C ASP L 241 18.65 14.05 -48.54
N PHE L 242 18.87 13.05 -49.39
CA PHE L 242 17.87 12.00 -49.58
C PHE L 242 17.63 11.21 -48.30
N GLU L 243 18.71 10.86 -47.58
CA GLU L 243 18.54 10.15 -46.32
C GLU L 243 17.85 11.01 -45.28
N TYR L 244 18.14 12.32 -45.27
CA TYR L 244 17.45 13.23 -44.35
C TYR L 244 15.96 13.29 -44.68
N ARG L 245 15.61 13.34 -45.96
CA ARG L 245 14.21 13.34 -46.35
C ARG L 245 13.52 12.03 -45.97
N VAL L 246 14.22 10.90 -46.12
CA VAL L 246 13.65 9.62 -45.72
C VAL L 246 13.39 9.59 -44.22
N ARG L 247 14.34 10.07 -43.42
CA ARG L 247 14.15 10.13 -41.97
C ARG L 247 13.00 11.05 -41.61
N LYS L 248 12.90 12.19 -42.29
CA LYS L 248 11.80 13.12 -42.04
C LYS L 248 10.46 12.47 -42.35
N GLN L 249 10.38 11.71 -43.44
CA GLN L 249 9.15 11.02 -43.77
C GLN L 249 8.83 9.93 -42.75
N GLU L 250 9.85 9.24 -42.24
CA GLU L 250 9.61 8.24 -41.20
C GLU L 250 9.03 8.89 -39.94
N LEU L 251 9.60 10.03 -39.54
CA LEU L 251 9.06 10.75 -38.38
C LEU L 251 7.64 11.24 -38.65
N PHE L 252 7.37 11.67 -39.88
CA PHE L 252 6.01 12.06 -40.26
C PHE L 252 5.05 10.89 -40.14
N ILE L 253 5.39 9.66 -40.44
CA ILE L 253 4.50 8.52 -40.30
C ILE L 253 4.19 8.12 -38.86
N SER L 254 5.15 8.19 -37.97
CA SER L 254 4.93 7.93 -36.58
C SER L 254 4.01 8.98 -35.93
N ASP L 255 4.13 10.21 -36.35
CA ASP L 255 3.23 11.18 -35.85
C ASP L 255 1.82 10.88 -36.27
N LEU L 256 1.61 10.34 -37.45
CA LEU L 256 0.32 9.94 -37.92
C LEU L 256 -0.16 8.82 -37.09
N SER L 257 0.73 7.94 -36.68
CA SER L 257 0.39 6.87 -35.74
C SER L 257 -0.13 7.43 -34.51
N ARG L 258 0.39 8.55 -34.08
CA ARG L 258 -0.24 9.21 -32.95
C ARG L 258 -1.67 9.37 -33.13
N PHE L 259 -2.16 9.37 -34.37
CA PHE L 259 -3.61 9.41 -34.51
C PHE L 259 -4.20 8.05 -34.87
N ASN L 260 -3.45 6.97 -34.62
CA ASN L 260 -3.89 5.60 -34.93
C ASN L 260 -4.15 5.42 -36.41
N ILE L 261 -3.38 6.11 -37.25
CA ILE L 261 -3.47 5.99 -38.71
C ILE L 261 -2.22 5.27 -39.17
N LYS L 262 -2.38 4.01 -39.59
CA LYS L 262 -1.27 3.22 -40.09
C LYS L 262 -0.99 3.58 -41.54
N THR L 263 0.28 3.79 -41.86
CA THR L 263 0.69 4.23 -43.18
C THR L 263 1.32 3.07 -43.94
N ILE L 264 0.87 2.86 -45.17
CA ILE L 264 1.45 1.88 -46.08
C ILE L 264 2.36 2.63 -47.04
N VAL L 265 3.64 2.31 -47.00
CA VAL L 265 4.65 2.98 -47.82
C VAL L 265 4.72 2.24 -49.16
N LEU L 266 4.54 2.98 -50.24
CA LEU L 266 4.49 2.44 -51.58
C LEU L 266 5.67 2.93 -52.40
N ASN L 267 6.20 2.06 -53.25
CA ASN L 267 7.34 2.43 -54.07
C ASN L 267 6.96 3.49 -55.11
N ASN L 268 5.78 3.36 -55.71
CA ASN L 268 5.31 4.27 -56.72
C ASN L 268 3.80 4.42 -56.60
N TYR L 269 3.24 5.32 -57.41
CA TYR L 269 1.81 5.61 -57.35
C TYR L 269 0.96 4.58 -58.07
N ASN L 270 1.55 3.73 -58.92
CA ASN L 270 0.78 2.64 -59.52
C ASN L 270 0.45 1.55 -58.53
N GLU L 271 1.19 1.46 -57.41
CA GLU L 271 0.85 0.51 -56.37
C GLU L 271 -0.49 0.81 -55.73
N ILE L 272 -0.93 2.07 -55.77
CA ILE L 272 -2.30 2.40 -55.34
C ILE L 272 -3.30 1.66 -56.22
N THR L 273 -3.10 1.70 -57.54
CA THR L 273 -3.97 0.98 -58.46
C THR L 273 -3.88 -0.52 -58.24
N GLU L 274 -2.68 -1.03 -57.99
CA GLU L 274 -2.53 -2.46 -57.74
C GLU L 274 -3.28 -2.89 -56.47
N ILE L 275 -3.16 -2.10 -55.41
CA ILE L 275 -3.85 -2.42 -54.16
C ILE L 275 -5.36 -2.37 -54.35
N LEU L 276 -5.85 -1.34 -55.06
CA LEU L 276 -7.28 -1.24 -55.31
C LEU L 276 -7.79 -2.40 -56.14
N GLN L 277 -7.01 -2.80 -57.15
CA GLN L 277 -7.39 -3.96 -57.96
C GLN L 277 -7.41 -5.23 -57.12
N ARG L 278 -6.45 -5.38 -56.22
CA ARG L 278 -6.44 -6.57 -55.37
C ARG L 278 -7.63 -6.61 -54.44
N ILE L 279 -8.01 -5.46 -53.86
CA ILE L 279 -9.18 -5.41 -52.99
C ILE L 279 -10.44 -5.72 -53.79
N GLU L 280 -10.55 -5.14 -55.00
CA GLU L 280 -11.70 -5.41 -55.84
C GLU L 280 -11.80 -6.87 -56.21
N ASN L 281 -10.66 -7.49 -56.52
CA ASN L 281 -10.64 -8.92 -56.85
C ASN L 281 -11.05 -9.76 -55.65
N ASN L 282 -10.54 -9.42 -54.46
CA ASN L 282 -10.91 -10.18 -53.26
C ASN L 282 -12.40 -10.08 -52.98
N ILE L 283 -12.99 -8.90 -53.20
CA ILE L 283 -14.42 -8.74 -52.99
C ILE L 283 -15.21 -9.50 -54.05
N LYS L 284 -14.77 -9.42 -55.31
CA LYS L 284 -15.55 -9.98 -56.41
C LYS L 284 -15.50 -11.50 -56.45
N THR L 285 -14.33 -12.09 -56.17
CA THR L 285 -14.15 -13.53 -56.28
C THR L 285 -14.80 -14.30 -55.14
N LYS L 286 -15.30 -13.62 -54.11
CA LYS L 286 -16.00 -14.32 -53.03
C LYS L 286 -17.34 -14.88 -53.46
N THR L 287 -17.84 -14.51 -54.64
CA THR L 287 -19.06 -15.06 -55.19
C THR L 287 -18.69 -15.99 -56.34
N VAL L 288 -19.07 -17.26 -56.22
CA VAL L 288 -18.72 -18.30 -57.18
C VAL L 288 -19.98 -18.69 -57.95
N PHE L 289 -19.84 -18.78 -59.27
CA PHE L 289 -20.92 -19.20 -60.17
C PHE L 289 -20.77 -20.70 -60.41
N LEU L 290 -21.67 -21.48 -59.83
CA LEU L 290 -21.66 -22.93 -60.01
C LEU L 290 -22.51 -23.28 -61.23
N SER L 291 -21.88 -23.89 -62.23
CA SER L 291 -22.52 -24.19 -63.50
C SER L 291 -22.39 -25.67 -63.80
N GLY L 292 -23.35 -26.18 -64.55
CA GLY L 292 -23.29 -27.54 -65.03
C GLY L 292 -24.66 -28.19 -65.07
N SER L 293 -24.76 -29.22 -65.91
CA SER L 293 -25.94 -30.07 -66.01
C SER L 293 -25.45 -31.46 -66.38
N ALA L 294 -26.01 -32.47 -65.71
CA ALA L 294 -25.48 -33.83 -65.83
C ALA L 294 -26.61 -34.83 -65.77
N VAL L 295 -26.76 -35.62 -66.83
CA VAL L 295 -27.60 -36.81 -66.78
C VAL L 295 -26.75 -38.05 -66.49
N GLU L 296 -25.59 -38.17 -67.12
CA GLU L 296 -24.63 -39.21 -66.84
C GLU L 296 -23.39 -38.58 -66.22
N TYR L 297 -22.99 -39.07 -65.06
CA TYR L 297 -21.91 -38.44 -64.30
C TYR L 297 -20.55 -39.06 -64.61
N ASN L 298 -20.23 -39.16 -65.91
CA ASN L 298 -18.92 -39.62 -66.40
C ASN L 298 -18.59 -40.97 -65.76
N HIS L 299 -17.40 -41.14 -65.17
CA HIS L 299 -17.04 -42.43 -64.60
C HIS L 299 -17.74 -42.67 -63.26
N TRP L 300 -17.92 -41.63 -62.47
CA TRP L 300 -18.53 -41.79 -61.16
C TRP L 300 -20.00 -42.19 -61.27
N GLU L 301 -20.47 -42.90 -60.25
CA GLU L 301 -21.87 -43.30 -60.21
C GLU L 301 -22.75 -42.09 -59.87
N THR L 302 -24.06 -42.29 -60.00
CA THR L 302 -25.00 -41.20 -59.76
C THR L 302 -24.93 -40.73 -58.30
N GLU L 303 -25.07 -41.66 -57.36
CA GLU L 303 -25.07 -41.29 -55.95
C GLU L 303 -23.73 -40.71 -55.52
N HIS L 304 -22.63 -41.27 -56.02
CA HIS L 304 -21.31 -40.76 -55.68
C HIS L 304 -21.14 -39.32 -56.16
N ALA L 305 -21.57 -39.03 -57.39
CA ALA L 305 -21.45 -37.68 -57.90
C ALA L 305 -22.38 -36.71 -57.18
N GLU L 306 -23.58 -37.17 -56.81
CA GLU L 306 -24.48 -36.32 -56.04
C GLU L 306 -23.87 -35.97 -54.69
N GLN L 307 -23.27 -36.95 -54.01
CA GLN L 307 -22.61 -36.68 -52.74
C GLN L 307 -21.43 -35.74 -52.94
N PHE L 308 -20.68 -35.91 -54.03
CA PHE L 308 -19.56 -35.02 -54.32
C PHE L 308 -20.03 -33.58 -54.49
N ILE L 309 -21.09 -33.37 -55.27
CA ILE L 309 -21.61 -32.01 -55.48
C ILE L 309 -22.14 -31.43 -54.18
N HIS L 310 -22.85 -32.25 -53.39
CA HIS L 310 -23.38 -31.79 -52.11
C HIS L 310 -22.26 -31.33 -51.18
N GLN L 311 -21.22 -32.14 -51.04
CA GLN L 311 -20.12 -31.78 -50.16
C GLN L 311 -19.31 -30.61 -50.70
N LEU L 312 -19.18 -30.51 -52.03
CA LEU L 312 -18.50 -29.36 -52.61
C LEU L 312 -19.24 -28.07 -52.30
N SER L 313 -20.57 -28.08 -52.44
CA SER L 313 -21.35 -26.88 -52.11
C SER L 313 -21.30 -26.58 -50.62
N LYS L 314 -21.31 -27.62 -49.78
CA LYS L 314 -21.20 -27.40 -48.34
C LYS L 314 -19.87 -26.76 -47.99
N GLU L 315 -18.78 -27.23 -48.62
CA GLU L 315 -17.47 -26.62 -48.37
C GLU L 315 -17.40 -25.19 -48.89
N LEU L 316 -18.01 -24.93 -50.05
CA LEU L 316 -18.04 -23.57 -50.58
C LEU L 316 -18.75 -22.63 -49.63
N ILE L 317 -19.90 -23.06 -49.08
CA ILE L 317 -20.60 -22.23 -48.11
C ILE L 317 -19.76 -22.08 -46.84
N ARG L 318 -19.11 -23.16 -46.40
CA ARG L 318 -18.31 -23.10 -45.18
C ARG L 318 -17.10 -22.19 -45.33
N LYS L 319 -16.54 -22.08 -46.53
CA LYS L 319 -15.39 -21.23 -46.79
C LYS L 319 -15.77 -19.78 -47.08
N ASP L 320 -16.97 -19.35 -46.65
CA ASP L 320 -17.43 -17.98 -46.80
C ASP L 320 -17.52 -17.56 -48.27
N PHE L 321 -18.08 -18.44 -49.10
CA PHE L 321 -18.35 -18.13 -50.49
C PHE L 321 -19.85 -18.06 -50.73
N ASN L 322 -20.25 -17.14 -51.61
CA ASN L 322 -21.63 -16.97 -51.99
C ASN L 322 -21.86 -17.67 -53.33
N ILE L 323 -22.76 -18.65 -53.35
CA ILE L 323 -22.96 -19.50 -54.50
C ILE L 323 -24.11 -18.94 -55.35
N VAL L 324 -23.86 -18.76 -56.63
CA VAL L 324 -24.89 -18.40 -57.60
C VAL L 324 -25.02 -19.55 -58.59
N SER L 325 -26.21 -20.13 -58.67
CA SER L 325 -26.45 -21.29 -59.52
C SER L 325 -27.64 -21.04 -60.44
N GLY L 326 -27.55 -21.57 -61.65
CA GLY L 326 -28.62 -21.51 -62.62
C GLY L 326 -29.63 -22.64 -62.50
N PHE L 327 -29.51 -23.49 -61.48
CA PHE L 327 -30.41 -24.63 -61.28
C PHE L 327 -30.42 -25.53 -62.51
N GLY L 328 -29.24 -25.94 -62.95
CA GLY L 328 -29.15 -26.86 -64.07
C GLY L 328 -29.72 -28.22 -63.72
N LEU L 329 -30.19 -28.92 -64.75
CA LEU L 329 -30.80 -30.23 -64.55
C LEU L 329 -29.74 -31.22 -64.10
N GLY L 330 -29.92 -31.79 -62.90
CA GLY L 330 -29.01 -32.76 -62.36
C GLY L 330 -27.91 -32.22 -61.47
N VAL L 331 -27.70 -30.91 -61.44
CA VAL L 331 -26.67 -30.34 -60.58
C VAL L 331 -27.30 -29.38 -59.57
N GLY L 332 -28.40 -28.73 -59.96
CA GLY L 332 -28.96 -27.68 -59.13
C GLY L 332 -29.52 -28.19 -57.80
N SER L 333 -30.21 -29.32 -57.84
CA SER L 333 -30.84 -29.84 -56.62
C SER L 333 -29.80 -30.14 -55.56
N PHE L 334 -28.66 -30.69 -55.96
CA PHE L 334 -27.68 -31.15 -55.00
C PHE L 334 -26.82 -30.01 -54.44
N VAL L 335 -26.53 -28.97 -55.25
CA VAL L 335 -25.91 -27.79 -54.67
C VAL L 335 -26.88 -27.09 -53.72
N ILE L 336 -28.17 -27.09 -54.07
CA ILE L 336 -29.17 -26.56 -53.14
C ILE L 336 -29.17 -27.35 -51.84
N ASN L 337 -29.11 -28.68 -51.92
CA ASN L 337 -29.08 -29.49 -50.71
C ASN L 337 -27.83 -29.23 -49.88
N GLY L 338 -26.68 -29.07 -50.53
CA GLY L 338 -25.46 -28.76 -49.80
C GLY L 338 -25.54 -27.42 -49.10
N VAL L 339 -26.06 -26.40 -49.77
CA VAL L 339 -26.21 -25.09 -49.15
C VAL L 339 -27.18 -25.17 -47.97
N LEU L 340 -28.28 -25.92 -48.14
CA LEU L 340 -29.25 -26.05 -47.06
C LEU L 340 -28.65 -26.75 -45.85
N GLU L 341 -27.87 -27.81 -46.09
CA GLU L 341 -27.20 -28.49 -44.99
C GLU L 341 -26.21 -27.58 -44.27
N GLU L 342 -25.46 -26.78 -45.05
CA GLU L 342 -24.48 -25.89 -44.44
C GLU L 342 -25.14 -24.77 -43.65
N LEU L 343 -26.31 -24.30 -44.12
CA LEU L 343 -26.94 -23.14 -43.50
C LEU L 343 -27.94 -23.51 -42.41
N TYR L 344 -28.69 -24.60 -42.59
CA TYR L 344 -29.68 -25.01 -41.59
C TYR L 344 -28.95 -25.63 -40.40
N MET L 345 -28.47 -24.78 -39.52
CA MET L 345 -27.75 -25.22 -38.32
C MET L 345 -28.06 -24.32 -37.14
N GLY L 348 -32.21 -22.37 -38.83
CA GLY L 348 -31.65 -21.31 -39.63
C GLY L 348 -32.46 -20.99 -40.87
N THR L 349 -32.14 -19.89 -41.54
CA THR L 349 -32.82 -19.45 -42.74
C THR L 349 -31.82 -19.28 -43.87
N ILE L 350 -32.34 -19.23 -45.09
CA ILE L 350 -31.51 -19.07 -46.28
C ILE L 350 -31.22 -17.58 -46.46
N ASP L 351 -29.99 -17.17 -46.19
CA ASP L 351 -29.59 -15.80 -46.46
C ASP L 351 -29.57 -15.55 -47.96
N ASP L 352 -30.09 -14.39 -48.37
CA ASP L 352 -30.19 -14.08 -49.79
C ASP L 352 -28.82 -13.95 -50.44
N ASP L 353 -27.81 -13.53 -49.69
CA ASP L 353 -26.48 -13.36 -50.25
C ASP L 353 -25.77 -14.69 -50.44
N ARG L 354 -25.98 -15.64 -49.53
CA ARG L 354 -25.23 -16.90 -49.57
C ARG L 354 -25.59 -17.72 -50.79
N LEU L 355 -26.88 -17.79 -51.14
CA LEU L 355 -27.33 -18.62 -52.26
C LEU L 355 -28.31 -17.81 -53.10
N ILE L 356 -27.93 -17.53 -54.34
CA ILE L 356 -28.81 -16.89 -55.31
C ILE L 356 -29.18 -17.93 -56.36
N LEU L 357 -30.46 -18.26 -56.44
CA LEU L 357 -30.96 -19.27 -57.37
C LEU L 357 -31.67 -18.58 -58.52
N ARG L 358 -31.28 -18.93 -59.74
CA ARG L 358 -31.83 -18.34 -60.96
C ARG L 358 -32.23 -19.45 -61.93
N PRO L 359 -33.31 -20.17 -61.65
CA PRO L 359 -33.78 -21.17 -62.61
C PRO L 359 -34.19 -20.52 -63.93
N PHE L 360 -33.86 -21.18 -65.03
CA PHE L 360 -34.16 -20.62 -66.33
C PHE L 360 -35.65 -20.79 -66.66
N PRO L 361 -36.29 -19.75 -67.20
CA PRO L 361 -37.67 -19.90 -67.66
C PRO L 361 -37.78 -20.95 -68.75
N GLN L 362 -38.87 -21.70 -68.71
CA GLN L 362 -39.11 -22.79 -69.65
C GLN L 362 -40.17 -22.37 -70.65
N GLY L 363 -39.88 -22.55 -71.93
CA GLY L 363 -40.79 -22.20 -73.01
C GLY L 363 -40.11 -21.35 -74.05
N LYS L 364 -40.90 -20.98 -75.07
CA LYS L 364 -40.37 -20.16 -76.16
C LYS L 364 -40.09 -18.73 -75.70
N LYS L 365 -40.92 -18.20 -74.80
CA LYS L 365 -40.72 -16.84 -74.31
C LYS L 365 -39.45 -16.74 -73.47
N GLY L 366 -39.16 -17.76 -72.67
CA GLY L 366 -37.97 -17.71 -71.82
C GLY L 366 -36.68 -17.73 -72.62
N GLU L 367 -36.62 -18.55 -73.67
CA GLU L 367 -35.40 -18.68 -74.45
C GLU L 367 -35.03 -17.39 -75.18
N GLU L 368 -35.99 -16.49 -75.40
CA GLU L 368 -35.68 -15.21 -76.01
C GLU L 368 -34.78 -14.38 -75.12
N GLN L 369 -35.07 -14.35 -73.81
CA GLN L 369 -34.28 -13.59 -72.85
C GLN L 369 -33.29 -14.45 -72.09
N TRP L 370 -33.14 -15.72 -72.47
CA TRP L 370 -32.19 -16.61 -71.80
C TRP L 370 -30.77 -16.04 -71.80
N ASP L 371 -30.36 -15.39 -72.89
CA ASP L 371 -28.99 -14.88 -72.96
C ASP L 371 -28.77 -13.75 -71.97
N LYS L 372 -29.69 -12.79 -71.91
CA LYS L 372 -29.57 -11.70 -70.95
C LYS L 372 -29.69 -12.21 -69.53
N TYR L 373 -30.56 -13.21 -69.31
CA TYR L 373 -30.68 -13.83 -67.99
C TYR L 373 -29.37 -14.46 -67.55
N ARG L 374 -28.71 -15.17 -68.47
CA ARG L 374 -27.43 -15.80 -68.17
C ARG L 374 -26.36 -14.75 -67.88
N ARG L 375 -26.32 -13.68 -68.68
CA ARG L 375 -25.33 -12.64 -68.46
C ARG L 375 -25.54 -11.96 -67.11
N ASP L 376 -26.80 -11.64 -66.77
CA ASP L 376 -27.08 -11.03 -65.48
C ASP L 376 -26.72 -11.96 -64.34
N MET L 377 -27.00 -13.25 -64.49
CA MET L 377 -26.66 -14.22 -63.45
C MET L 377 -25.15 -14.31 -63.25
N ILE L 378 -24.38 -14.32 -64.34
CA ILE L 378 -22.94 -14.45 -64.24
C ILE L 378 -22.29 -13.16 -63.72
N THR L 379 -22.88 -12.01 -64.02
CA THR L 379 -22.28 -10.73 -63.61
C THR L 379 -22.14 -10.63 -62.10
N ARG L 380 -23.01 -11.30 -61.34
CA ARG L 380 -22.95 -11.25 -59.90
C ARG L 380 -21.73 -11.96 -59.31
N THR L 381 -21.01 -12.75 -60.11
CA THR L 381 -19.93 -13.59 -59.62
C THR L 381 -18.59 -13.13 -60.18
N GLY L 382 -17.53 -13.69 -59.60
CA GLY L 382 -16.18 -13.41 -60.06
C GLY L 382 -15.40 -14.67 -60.35
N VAL L 383 -15.92 -15.82 -59.90
CA VAL L 383 -15.31 -17.12 -60.14
C VAL L 383 -16.39 -18.05 -60.70
N SER L 384 -16.07 -18.76 -61.77
CA SER L 384 -16.97 -19.69 -62.41
C SER L 384 -16.43 -21.11 -62.26
N ILE L 385 -17.25 -22.01 -61.73
CA ILE L 385 -16.90 -23.41 -61.55
C ILE L 385 -17.83 -24.24 -62.44
N PHE L 386 -17.24 -25.07 -63.30
CA PHE L 386 -17.99 -25.87 -64.26
C PHE L 386 -17.88 -27.34 -63.90
N LEU L 387 -19.02 -28.03 -63.89
CA LEU L 387 -19.09 -29.45 -63.56
C LEU L 387 -19.89 -30.18 -64.63
N TYR L 388 -19.33 -31.26 -65.15
CA TYR L 388 -19.99 -32.15 -66.12
C TYR L 388 -20.36 -31.32 -67.34
N GLY L 389 -21.64 -31.20 -67.69
CA GLY L 389 -22.03 -30.46 -68.88
C GLY L 389 -22.69 -31.34 -69.93
N ASN L 390 -23.42 -32.36 -69.47
CA ASN L 390 -24.08 -33.31 -70.35
C ASN L 390 -25.58 -33.29 -70.12
N LYS L 391 -26.34 -33.28 -71.22
CA LYS L 391 -27.79 -33.28 -71.19
C LYS L 391 -28.29 -34.44 -72.04
N ILE L 392 -29.62 -34.56 -72.14
CA ILE L 392 -30.26 -35.56 -72.98
C ILE L 392 -31.16 -34.83 -73.97
N ASP L 393 -30.94 -35.09 -75.26
CA ASP L 393 -31.70 -34.45 -76.33
C ASP L 393 -32.63 -35.41 -77.05
N LYS L 394 -32.10 -36.53 -77.56
CA LYS L 394 -32.88 -37.53 -78.26
C LYS L 394 -32.68 -38.92 -77.68
N GLY L 395 -32.62 -39.01 -76.35
CA GLY L 395 -32.39 -40.27 -75.67
C GLY L 395 -30.94 -40.63 -75.46
N GLN L 396 -30.00 -39.82 -75.96
CA GLN L 396 -28.58 -40.08 -75.81
C GLN L 396 -27.91 -38.92 -75.10
N VAL L 397 -26.87 -39.24 -74.33
CA VAL L 397 -26.12 -38.22 -73.59
C VAL L 397 -25.32 -37.39 -74.58
N VAL L 398 -25.63 -36.09 -74.65
CA VAL L 398 -24.94 -35.15 -75.53
C VAL L 398 -24.39 -34.02 -74.69
N LYS L 399 -23.14 -33.64 -74.95
CA LYS L 399 -22.53 -32.54 -74.21
C LYS L 399 -23.34 -31.26 -74.41
N ALA L 400 -23.58 -30.55 -73.31
CA ALA L 400 -24.48 -29.40 -73.31
C ALA L 400 -23.84 -28.21 -74.03
N LYS L 401 -24.70 -27.26 -74.41
CA LYS L 401 -24.26 -26.02 -75.04
C LYS L 401 -24.43 -24.79 -74.17
N GLY L 402 -25.30 -24.85 -73.15
CA GLY L 402 -25.43 -23.73 -72.25
C GLY L 402 -24.18 -23.49 -71.42
N VAL L 403 -23.50 -24.57 -71.03
CA VAL L 403 -22.27 -24.43 -70.24
C VAL L 403 -21.20 -23.72 -71.06
N GLN L 404 -21.14 -23.98 -72.36
CA GLN L 404 -20.18 -23.28 -73.22
C GLN L 404 -20.48 -21.79 -73.26
N SER L 405 -21.77 -21.43 -73.36
CA SER L 405 -22.15 -20.02 -73.34
C SER L 405 -21.80 -19.38 -72.00
N GLU L 406 -21.98 -20.10 -70.92
CA GLU L 406 -21.64 -19.60 -69.61
C GLU L 406 -20.16 -19.38 -69.50
N PHE L 407 -19.34 -20.29 -70.02
CA PHE L 407 -17.90 -20.12 -70.03
C PHE L 407 -17.50 -18.90 -70.86
N ASN L 408 -18.13 -18.71 -72.02
CA ASN L 408 -17.82 -17.56 -72.85
C ASN L 408 -18.16 -16.25 -72.13
N ILE L 409 -19.32 -16.20 -71.47
CA ILE L 409 -19.72 -15.00 -70.74
C ILE L 409 -18.76 -14.75 -69.59
N SER L 410 -18.36 -15.81 -68.88
CA SER L 410 -17.43 -15.65 -67.77
C SER L 410 -16.09 -15.09 -68.26
N PHE L 411 -15.59 -15.60 -69.39
CA PHE L 411 -14.34 -15.06 -69.93
C PHE L 411 -14.50 -13.62 -70.37
N GLU L 412 -15.63 -13.28 -71.00
CA GLU L 412 -15.85 -11.90 -71.44
C GLU L 412 -15.91 -10.93 -70.26
N GLN L 413 -16.34 -11.41 -69.09
CA GLN L 413 -16.40 -10.58 -67.89
C GLN L 413 -15.13 -10.65 -67.06
N ASN L 414 -14.08 -11.29 -67.58
CA ASN L 414 -12.80 -11.43 -66.88
C ASN L 414 -12.93 -12.21 -65.59
N ASN L 415 -13.92 -13.11 -65.51
CA ASN L 415 -14.08 -13.96 -64.35
C ASN L 415 -13.13 -15.14 -64.42
N TYR L 416 -12.66 -15.57 -63.25
CA TYR L 416 -11.83 -16.77 -63.17
C TYR L 416 -12.67 -18.00 -63.49
N VAL L 417 -12.14 -18.88 -64.34
CA VAL L 417 -12.83 -20.10 -64.74
C VAL L 417 -12.11 -21.29 -64.13
N VAL L 418 -12.87 -22.17 -63.50
CA VAL L 418 -12.32 -23.36 -62.86
C VAL L 418 -13.02 -24.59 -63.42
N PRO L 419 -12.70 -25.03 -64.64
CA PRO L 419 -13.33 -26.24 -65.17
C PRO L 419 -12.73 -27.48 -64.53
N VAL L 420 -13.59 -28.34 -64.00
CA VAL L 420 -13.16 -29.59 -63.37
C VAL L 420 -13.19 -30.66 -64.44
N GLY L 421 -12.02 -31.03 -64.95
CA GLY L 421 -11.94 -32.02 -66.02
C GLY L 421 -12.29 -33.42 -65.59
N ALA L 422 -12.17 -33.73 -64.30
CA ALA L 422 -12.53 -35.06 -63.82
C ALA L 422 -14.00 -35.35 -64.03
N THR L 423 -14.85 -34.30 -64.04
CA THR L 423 -16.27 -34.50 -64.26
C THR L 423 -16.59 -34.78 -65.73
N GLY L 424 -15.70 -34.39 -66.65
CA GLY L 424 -15.85 -34.75 -68.04
C GLY L 424 -16.81 -33.87 -68.82
N TYR L 425 -17.03 -34.26 -70.07
CA TYR L 425 -17.98 -33.63 -70.99
C TYR L 425 -17.52 -32.19 -71.25
N ILE L 426 -18.41 -31.20 -71.19
CA ILE L 426 -18.03 -29.82 -71.49
C ILE L 426 -17.01 -29.31 -70.48
N ALA L 427 -17.07 -29.80 -69.24
CA ALA L 427 -16.06 -29.42 -68.26
C ALA L 427 -14.68 -29.88 -68.68
N LYS L 428 -14.57 -31.12 -69.18
CA LYS L 428 -13.28 -31.62 -69.66
C LYS L 428 -12.83 -30.85 -70.90
N ASP L 429 -13.76 -30.55 -71.81
CA ASP L 429 -13.41 -29.77 -73.00
C ASP L 429 -12.88 -28.39 -72.61
N LEU L 430 -13.54 -27.75 -71.64
CA LEU L 430 -13.09 -26.44 -71.19
C LEU L 430 -11.74 -26.52 -70.48
N TRP L 431 -11.53 -27.57 -69.70
CA TRP L 431 -10.24 -27.75 -69.05
C TRP L 431 -9.13 -27.91 -70.09
N ASN L 432 -9.39 -28.71 -71.13
CA ASN L 432 -8.40 -28.86 -72.21
C ASN L 432 -8.15 -27.55 -72.92
N LYS L 433 -9.21 -26.77 -73.17
CA LYS L 433 -9.04 -25.47 -73.81
C LYS L 433 -8.21 -24.53 -72.96
N VAL L 434 -8.46 -24.51 -71.65
CA VAL L 434 -7.68 -23.64 -70.75
C VAL L 434 -6.22 -24.09 -70.70
N ASN L 435 -5.98 -25.40 -70.63
CA ASN L 435 -4.61 -25.89 -70.60
C ASN L 435 -3.91 -25.65 -71.93
N GLU L 436 -4.66 -25.52 -73.03
CA GLU L 436 -4.06 -25.22 -74.32
C GLU L 436 -3.39 -23.85 -74.30
N GLU L 437 -4.03 -22.85 -73.71
CA GLU L 437 -3.47 -21.51 -73.54
C GLU L 437 -3.66 -21.13 -72.07
N PHE L 438 -2.72 -21.55 -71.23
CA PHE L 438 -2.83 -21.31 -69.79
C PHE L 438 -2.48 -19.87 -69.43
N GLU L 439 -1.50 -19.28 -70.10
CA GLU L 439 -1.09 -17.92 -69.78
C GLU L 439 -2.17 -16.90 -70.13
N THR L 440 -3.00 -17.21 -71.13
CA THR L 440 -4.06 -16.28 -71.51
C THR L 440 -5.10 -16.13 -70.41
N TYR L 441 -5.43 -17.23 -69.74
CA TYR L 441 -6.46 -17.21 -68.70
C TYR L 441 -5.89 -16.98 -67.31
N TYR L 442 -4.66 -17.45 -67.05
CA TYR L 442 -4.01 -17.29 -65.75
C TYR L 442 -2.61 -16.72 -65.96
N PRO L 443 -2.50 -15.44 -66.31
CA PRO L 443 -1.17 -14.84 -66.48
C PRO L 443 -0.45 -14.72 -65.15
N GLY L 444 0.85 -15.01 -65.19
CA GLY L 444 1.67 -14.94 -63.99
C GLY L 444 1.25 -15.91 -62.90
N ALA L 445 0.89 -17.14 -63.29
CA ALA L 445 0.47 -18.15 -62.33
C ALA L 445 1.67 -18.78 -61.66
N ASP L 446 1.50 -19.14 -60.39
CA ASP L 446 2.56 -19.78 -59.63
C ASP L 446 2.60 -21.27 -59.90
N ALA L 447 3.59 -21.94 -59.32
CA ALA L 447 3.72 -23.39 -59.49
C ALA L 447 2.57 -24.13 -58.82
N ARG L 448 2.15 -23.67 -57.64
CA ARG L 448 1.05 -24.32 -56.94
C ARG L 448 -0.25 -24.19 -57.74
N MET L 449 -0.49 -23.03 -58.34
CA MET L 449 -1.69 -22.86 -59.16
C MET L 449 -1.70 -23.80 -60.35
N LYS L 450 -0.55 -23.92 -61.03
CA LYS L 450 -0.46 -24.85 -62.16
C LYS L 450 -0.67 -26.29 -61.70
N LYS L 451 -0.09 -26.67 -60.56
CA LYS L 451 -0.26 -28.02 -60.05
C LYS L 451 -1.72 -28.31 -59.74
N LEU L 452 -2.40 -27.35 -59.09
CA LEU L 452 -3.81 -27.54 -58.78
C LEU L 452 -4.66 -27.63 -60.05
N PHE L 453 -4.37 -26.78 -61.05
CA PHE L 453 -5.12 -26.85 -62.30
C PHE L 453 -4.92 -28.19 -62.99
N GLY L 454 -3.68 -28.69 -62.99
CA GLY L 454 -3.43 -30.01 -63.57
C GLY L 454 -4.13 -31.12 -62.79
N GLU L 455 -4.14 -31.02 -61.47
CA GLU L 455 -4.80 -32.02 -60.63
C GLU L 455 -6.31 -31.97 -60.77
N LEU L 456 -6.87 -30.84 -61.23
CA LEU L 456 -8.31 -30.74 -61.44
C LEU L 456 -8.83 -31.76 -62.44
N ASN L 457 -7.97 -32.27 -63.32
CA ASN L 457 -8.36 -33.26 -64.34
C ASN L 457 -7.87 -34.65 -63.99
N ASN L 458 -7.89 -35.01 -62.71
CA ASN L 458 -7.45 -36.33 -62.25
C ASN L 458 -8.68 -37.14 -61.85
N GLU L 459 -8.89 -38.26 -62.52
CA GLU L 459 -10.00 -39.15 -62.21
C GLU L 459 -9.69 -40.10 -61.06
N ALA L 460 -8.44 -40.19 -60.63
CA ALA L 460 -8.06 -41.06 -59.52
C ALA L 460 -8.33 -40.44 -58.16
N LEU L 461 -8.63 -39.15 -58.10
CA LEU L 461 -8.92 -38.50 -56.83
C LEU L 461 -10.28 -38.93 -56.29
N SER L 462 -10.38 -39.01 -54.98
CA SER L 462 -11.65 -39.28 -54.32
C SER L 462 -12.50 -38.01 -54.28
N ILE L 463 -13.67 -38.10 -53.64
CA ILE L 463 -14.51 -36.93 -53.48
C ILE L 463 -13.80 -35.88 -52.64
N GLU L 464 -13.26 -36.28 -51.49
CA GLU L 464 -12.61 -35.33 -50.60
C GLU L 464 -11.40 -34.69 -51.25
N GLU L 465 -10.58 -35.48 -51.95
CA GLU L 465 -9.36 -34.93 -52.56
C GLU L 465 -9.71 -33.93 -53.65
N LEU L 466 -10.66 -34.28 -54.52
CA LEU L 466 -11.05 -33.37 -55.59
C LEU L 466 -11.68 -32.10 -55.04
N ILE L 467 -12.53 -32.23 -54.01
CA ILE L 467 -13.15 -31.06 -53.40
C ILE L 467 -12.09 -30.17 -52.77
N ASN L 468 -11.12 -30.76 -52.07
CA ASN L 468 -10.05 -29.97 -51.47
C ASN L 468 -9.22 -29.26 -52.53
N THR L 469 -8.94 -29.93 -53.64
CA THR L 469 -8.20 -29.29 -54.73
C THR L 469 -8.97 -28.10 -55.28
N ILE L 470 -10.27 -28.28 -55.52
CA ILE L 470 -11.09 -27.19 -56.03
C ILE L 470 -11.13 -26.03 -55.05
N ILE L 471 -11.31 -26.33 -53.76
CA ILE L 471 -11.40 -25.29 -52.74
C ILE L 471 -10.09 -24.53 -52.65
N GLU L 472 -8.95 -25.24 -52.68
CA GLU L 472 -7.66 -24.57 -52.58
C GLU L 472 -7.41 -23.69 -53.81
N PHE L 473 -7.78 -24.18 -54.99
CA PHE L 473 -7.62 -23.37 -56.20
C PHE L 473 -8.46 -22.11 -56.12
N VAL L 474 -9.72 -22.23 -55.70
CA VAL L 474 -10.59 -21.07 -55.61
C VAL L 474 -10.08 -20.11 -54.54
N GLU L 475 -9.53 -20.64 -53.44
CA GLU L 475 -9.04 -19.78 -52.38
C GLU L 475 -7.79 -19.02 -52.79
N ILE L 476 -6.87 -19.67 -53.50
CA ILE L 476 -5.70 -18.95 -53.97
C ILE L 476 -6.08 -17.98 -55.07
N LEU L 477 -7.17 -18.23 -55.79
CA LEU L 477 -7.70 -17.23 -56.71
C LEU L 477 -8.25 -16.02 -55.95
N SER L 478 -8.97 -16.27 -54.87
CA SER L 478 -9.61 -15.18 -54.13
C SER L 478 -8.65 -14.49 -53.18
N ASN L 479 -8.11 -15.24 -52.22
CA ASN L 479 -7.19 -14.69 -51.23
C ASN L 479 -5.84 -14.37 -51.86
#